data_7ZDM
#
_entry.id   7ZDM
#
_cell.length_a   1.00
_cell.length_b   1.00
_cell.length_c   1.00
_cell.angle_alpha   90.00
_cell.angle_beta   90.00
_cell.angle_gamma   90.00
#
_symmetry.space_group_name_H-M   'P 1'
#
loop_
_entity.id
_entity.type
_entity.pdbx_description
1 polymer 'NADH dehydrogenase [ubiquinone] flavoprotein 1, mitochondrial'
2 polymer 'Mitochondrial complex I, 24 kDa subunit'
3 polymer 'NADH:ubiquinone oxidoreductase core subunit S1'
4 polymer 'Complex I-49kD'
5 polymer 'NADH:ubiquinone oxidoreductase core subunit S3'
6 polymer 'Complex I-20kD'
7 polymer 'Complex I-23kD'
8 polymer 'Complex I-9kD'
9 polymer 'NADH dehydrogenase [ubiquinone] iron-sulfur protein 6, mitochondrial'
10 polymer 'NADH dehydrogenase [ubiquinone] iron-sulfur protein 4, mitochondrial'
11 polymer 'NADH:ubiquinone oxidoreductase subunit A9'
12 polymer 'NADH dehydrogenase [ubiquinone] 1 alpha subcomplex subunit 2'
13 polymer 'Mitochondrial complex I, B13 subunit'
14 polymer 'NADH:ubiquinone oxidoreductase subunit A6'
15 polymer 'Mitochondrial complex I, B14.5a subunit'
16 polymer 'NADH dehydrogenase [ubiquinone] 1 alpha subcomplex subunit 12'
17 polymer 'Acyl carrier protein'
18 polymer 'NADH-ubiquinone oxidoreductase chain 3'
19 polymer 'NADH-ubiquinone oxidoreductase chain 1'
20 polymer 'NADH-ubiquinone oxidoreductase chain 6'
21 polymer 'NADH-ubiquinone oxidoreductase chain 4L'
22 polymer 'NADH-ubiquinone oxidoreductase chain 5'
23 polymer 'NADH-ubiquinone oxidoreductase chain 4'
24 polymer 'NADH-ubiquinone oxidoreductase chain 2'
25 polymer 'NADH dehydrogenase [ubiquinone] 1 alpha subcomplex subunit 11'
26 polymer 'NADH dehydrogenase [ubiquinone] 1 beta subcomplex subunit 5, mitochondrial'
27 polymer 'NADH dehydrogenase [ubiquinone] 1 alpha subcomplex subunit 8'
28 polymer 'NADH dehydrogenase [ubiquinone] 1 beta subcomplex subunit 10'
29 polymer 'NADH dehydrogenase [ubiquinone] 1 alpha subcomplex subunit 10, mitochondrial'
30 polymer 'NADH dehydrogenase [ubiquinone] iron-sulfur protein 5'
31 polymer 'NADH:ubiquinone oxidoreductase subunit A3'
32 polymer 'NADH dehydrogenase [ubiquinone] 1 beta subcomplex subunit 3'
33 polymer 'NADH dehydrogenase [ubiquinone] 1 subunit C2'
34 polymer 'NADH:ubiquinone oxidoreductase subunit B4'
35 polymer 'NADH dehydrogenase [ubiquinone] 1 alpha subcomplex subunit 13'
36 polymer 'Mitochondrial complex I, B17 subunit'
37 polymer 'NADH:ubiquinone oxidoreductase subunit B7'
38 polymer 'NADH:ubiquinone oxidoreductase subunit B9'
39 polymer 'NADH dehydrogenase [ubiquinone] 1 beta subcomplex subunit 2, mitochondrial'
40 polymer 'NADH dehydrogenase [ubiquinone] 1 beta subcomplex subunit 8, mitochondrial'
41 polymer 'Mitochondrial complex I, ESSS subunit'
42 polymer 'NADH dehydrogenase [ubiquinone] 1 subunit C1, mitochondrial'
43 polymer 'NADH dehydrogenase [ubiquinone] 1 beta subcomplex subunit 1'
44 polymer 'Complex I-MWFE'
45 non-polymer 'IRON/SULFUR CLUSTER'
46 non-polymer 'FLAVIN MONONUCLEOTIDE'
47 non-polymer '1,4-DIHYDRONICOTINAMIDE ADENINE DINUCLEOTIDE'
48 non-polymer 'FE2/S2 (INORGANIC) CLUSTER'
49 non-polymer 'POTASSIUM ION'
50 non-polymer 1,2-Distearoyl-sn-glycerophosphoethanolamine
51 non-polymer 1,2-DIACYL-SN-GLYCERO-3-PHOSPHOCHOLINE
52 non-polymer 'ZINC ION'
53 non-polymer 'NADPH DIHYDRO-NICOTINAMIDE-ADENINE-DINUCLEOTIDE PHOSPHATE'
54 non-polymer 'S-[2-({N-[(2S)-2-hydroxy-3,3-dimethyl-4-(phosphonooxy)butanoyl]-beta-alanyl}amino)ethyl] tetradecanethioate'
55 non-polymer 'ADENOSINE MONOPHOSPHATE'
56 non-polymer 'MYRISTIC ACID'
#
loop_
_entity_poly.entity_id
_entity_poly.type
_entity_poly.pdbx_seq_one_letter_code
_entity_poly.pdbx_strand_id
1 'polypeptide(L)'
;MLAARRLLGGSLPARVSVRFSGDTTAPKKTSFGSLKDEDRIFTNLYGRHDWRLKGAQSRGDWYKTKEILLKGPDWILGEV
KTSGLRGRGGAGFPTGLKWSFMNKPSDGRPKYLVVNADEGEPGTCKDREIIRHDPHKLVEGCLVGGRAMGARAAYIYIRG
EFYNEASNLQVAIREAYEAGLIGKNACGSGYDFDVFVVRGAGAYICGEETALIESIEGKQGKPRLKPPFPADVGVFGCPT
TVANVETVAVSPTICRRGGAWFASFGRERNSGTKLFNISGHVNNPCTVEEEMSVPLKELIEKHAGGVTGGWDNLLAVIPG
GSSTPLIPKSVCETVLMDFDALIQAQTGLGTAAVIVMDRSTDIVKAIARLIEFYKHESCGQCTPCREGVDWMNKVMARFV
RGDARPAEIDSLWEISKQIEGHTICALGDGAAWPVQGLIRHFRPELEERMQRFAQQHQARQAAS
;
1
2 'polypeptide(L)'
;MPVLQYEHLEECIRWGKHIRNLHKTAVQNGAGGALFVHRDTPKNNPETPFDFTPENYKRIEAIVKNYPEGHKAAAVLPVL
DLAQRQNGWLPISAMNKVAEILQVPPMRVYEVATFYTMYNRKPVGKYHIQVCTTTPCMLRNSDSILEAIQKKLGIKVGET
TPDKLFTLIEVECLGACVNAPMVQINDNYYEDLTPKDIEEIIDELKAGKIPKPGPRSGRFSCEPAGGLTSLTEPPKGPGF
GVQAGL
;
2
3 'polypeptide(L)'
;MLRIPVRKALVGLSKSSKGCVRTTATAASNLIEVFVDGQSVMVEPGTTVLQACEKVGMQIPRFCYHERLSVAGNCRMCLV
EIEKAPKVVAACAMPVMKGWNILTNSEKTKKAREGVMEFLLANHPLDCPICDQGGECDLQDQSMMFGSDRSRFLEGKRAV
EDKNIGPLVKTIMTRCIQCTRCIRFASEIAGVDDLGTTGRGNDMQVGTYIEKMFMSELSGNIIDICPVGALTSKPYAFTA
RPWETRKTESIDVMDAVGSNIVVSTRTGEVMRILPRMHEDINEEWISDKTRFAYDGLKRQRLTEPMVRNEKGLLTHTTWE
DALSRVAGMLQSCQGNDVAAIAGGLVDAEALIALKDLLNRVDSDTLCTEEVFPTAGAGTDLRSNYLLNTTIAGVEEADVV
LLVGTNPRFEAPLFNARIRKSWLHNDLKVALIGSPVDLTYRYDHLGDSPKILQDIASGSHPFSQVLQEAKKPMVVLGSSA
LQRNDGAAILAAVSNIAQKIRTSSGVTGDWKVMNILHRIASQVAALDLGYKPGVEAIRKNPPKMLFLLGADGGCVTRQDL
PKDCFIVYQGHHGDVGAPIADVILPGAAYTEKSATYVNTEGRAQQTKVAVMPPGLAREDWKIIRALSEIAGMTLPYDTLD
QVRNRLEEVSPNLVRYDDVEGANYFQQASELSKLVNQQLLADPLVPPQLTIKDFYMTDSISRASQTMAKCVKAVTEGAHA
VEEPSIC
;
3
4 'polypeptide(L)'
;MAALRALRRLRGAAAQVLRPGAGARLPIQPSRGARQWQPDVEWAEQYGGAVMYPTKETAHWKPPPWNDVDPPKDTLVSNL
TLNFGPQHPAAHGVLRLVMELSGEMVRKCDPHIGLLH(2MR)GTEKLIEYKTYLQALPYFDRLDYVSMMCNEQAYSLAVE
KLLNIQPPPRAQWIRVLFGEITRLLNHIMAVTTHALDIGAMTPFFWMFEEREKMFEFYERVSGARMHAAYVRPGGVHQDL
PLGLMDDIYEFSKNFSLRIDELEEMLTNNRIWRNRTVDIGVVTAEDALNYGFSGVMLRGSGIQWDLRKTQPYDVYDQVEF
DVPIGSRGDCYDRYLCRVEEMRQSIRIISQCLNKMPPGEIKVDDAKVSPPKRAEMKTSMESLIHHFKLYTEGYQVPPGAT
YTAIEAPKGEFGVYLVSDGSSRPYRCKIKAPGFAHLAGLDKMSKGHMLADVVAIIGTQDIVFGEVDR
;
4
5 'polypeptide(L)'
;PVKMAAAAARGCWQRLVGSAAPARVAGRPSVLLLPVRRESASADTRPTVRPRNDVAHKQLSAFGEYVAEILPKYVQQVQV
SCFSELEICIHPDGVIPVLTFLRDHSNAQFKSLADLTAVDIPTRQNRFEIVYNLLSLRFNSRIRVKTYTDELTPVESSVS
VYKAANWYEREIWDMFGVFFANHPDLRRILTDYGFEGHPFRKDFPLSGYVELRYDDEVKRVVAEPVELAQEFRKFDLNSP
WEAFPAYRQPPESLKLEAGDKKPEAK
;
5
6 'polypeptide(L)'
;MLPLKFPGRGGAAPRLFHPILAVRSGMGAALQVRGVHSSMAADSPSSTQPAVSQARAVVPKPAALPSSRGEYVVAKLDDL
INWARRSSLWPMTFGLACCAVEMMHMAAPRYDMDRFGVVFRASPRQSDVMIVAGTLTNKMAPALRKVYDQMPEPRYVVSM
GSCANGGGYYHYSYSVVRGCDRIVPVDIYVPGCPPTAEALLYGILQLQKKIKREKRLRIWYRR
;
6
7 'polypeptide(L)'
;MRKPKMRCLTMPVLLRALAQAQAARAGHASGRGLHSSAVAATYKYVNLREPSMDMKSVTDRAAQTLLWTELIRGLGMTLS
YLFREPATINYPFEKGPLSPRFRGEHALRRYPSGEERCIACKLCEAVCPAQAITIEAEPRADGSRRTTRYDIDMTKCIYC
GFCQEACPVDAIVEGPNFEFSTETHEELLYNKEKLLNNGDKWEAEIAANIQADYLYR
;
9
8 'polypeptide(L)'
;MAASLLLRQGRPGTLKTVLLEAGVFRGLAPAVSLSAESGKNEKGLPPNPKKQSPPKKPASAAPTEPFDNTTYKNLQHHDY
STYTFLDLNLDLSKFRMPQPSSGRESPRH
;
a
9 'polypeptide(L)'
;MAAAVTFLRLLGRGGAVTRGLPGGARCFGVRTSPTGEKVTHTGQVYDDEDYRRVRFVGRQKEVNENFAIDLIAEQPVSQV
GSRVISCDGGGGALGHPRVYINLDKETKTGTCGYCGLQFRQQHH
;
b
10 'polypeptide(L)'
;MSVALRQALWGRRVGTVAAVSVSKVSTRSLSTSTWRLAQDQTRDTQLITVDEKLDITTLTGVPEEHIKTRKARIFVPARN
NMQSGVNNTKKWKMEFDTRERWENPLMGWASTADPLSNLVLTFSTKEDAIAFAEKNGWSYDVEERKVPKPKSKSYGANFS
WNKRTRVSTK
;
c
11 'polypeptide(L)'
;MAAAVHLRVVRVLPMSRSSVPALAASVFHSPPQRQLHHAVIPHGKGGRSSVSGIVATVFGATGFLGRYLVNHLGRMGSQV
IVPYRCEPYDTMHLRPMGDLGQIIFMDWNGRDKDSIRRAVEHSNVVINLVGREWETKNFDFEDVFVKIPQAIAQVSKEAG
VEKFIHISHLNADIKSSSKYLRNKAVGEKEVRETFPEATIIKPADIFGREDRFLNYFANIRWFGGVPLISLGKKTVKQPV
YIVDVTKGIINAIKDPDARGKTFAFVGPNRYLLFDLVQYVFAVAHRPFLPYPMPHFAYRWIGRLFEISPFEPWTTRDKVE
RIHTTDRTLPHLPGLEDLGVQATPLELKAIEVLRRHRTYRWLSSEIEDVQPAKTVPASGP
;
d
12 'polypeptide(L)'
;MAAAAAIRGVRGKLGLREIRIHLCQRSPGSQGVRDFIEKRYVELKKANPDLPILIRECSDVQPKLWARYAFGQEKNVSLN
NFSADQVTRALENVLSSKA
;
e
13 'polypeptide(L)'
;MAGLLKKTTGLVGLAVCETPHERLKILYTKILDVLGHIPKNAAYRKYTEQITNEKLSIVKAEPDVKKLEEQLQGGQIEEV
ILQAENELSLARKMIQWKPWEPLVEEPPASQWKWPI
;
f
14 'polypeptide(L)'
;NGVELGSDFLSKMAASGLRQAAVAASTSVKPIFSRDMNEAKRRVRELYRAWYREVPNTVHLFQLDISVKQGRDKVREMFK
KNAHVTDPRVVDLLVIKGKMELEETINVWKQRTHVMRFFHETEAPRPKDFLSKFYVGHDP
;
g
15 'polypeptide(L)'
;KM(AYA)SATRLIQGLRNWASGRDLQAKLQLRYQEISKRTQPPPKLPVGPSHRLSNNYYCARDGRREAMPPSIVMSSQKV
LVAGKPAESSAVAASEKKAVSPAPPIKRWELSQDEPYL
;
h
16 'polypeptide(L)'
;MELLQVLKRGLQQVSGHGGLRGYLRVLFRANDVRVGTLVGEDKYGNKYYEDNKQFFGRHRWVIYTTEMNGKNTFWDVDGS
MVPPEWHRWLHCMTDDPPTVKPPTARKFIWTNHKFNLSGTPQQYVPYSTTRKKIQEWVPPSTPYK
;
i
17 'polypeptide(L)'
;VEVKDFYTTNYQTAVSFSPLGPMPSMALMAVSLSGANVPKSGGRPEESRVPVLTQRKVPGRVTPLCRQYSDAPPLTLEGI
KDRVLYVLKLYDKIDPEKLSVNSHFMKDLGLDSLDQVEIIMAMEDEFGFEIPDIDAEKLMCPQEIVDYIADKKDVYE
;
j,X
18 'polypeptide(L)'
;MNLMITLLTNFTLATLLVTIAFWLPQLNVYSEKTSPYECGFDPMGSARLPFSMKFFLVAITFLLFDLEIALLLPLPWASQ
TTNLNTMLTMALLLIFLLAVSLAYEWTQKGLEWTE
;
A
19 'polypeptide(L)'
;MFMINVLTLIIPILLAVAFLTLVERKVLGYMQFRKGPNVVGPYGLLQPIADAIKLFIKEPLRPATSSISMFILAPILALT
LALTMWIPLPMPYPLINMNLGVLFMLAMSSLAVYSILWSGWASNSKYALIGALRAVAQTISYEVTLAIILLSVLLMNGSF
TLSTLIITQEQVWLIFPAWPLAMMWFISTLAETNRAPFDLTEGESELVSGFNVEYAAGPFALFFMAEYANIIMMNIFTTT
LFLGAFHNPYMPELYTINFTIKSLLLSITFLWIRASYPRFRYDQLMHLLWKNFLPLTLALCMWHVSLPILLSSIPPQT
;
H
20 'polypeptide(L)'
;MMTYIVFILSIIFVMGFVGFSSKPSPIYGGLGLIVSGGVGCGIVLNFGGSFLGLMVFLIYLGGMMVVFGYTTAMATEQYP
EVWVSNKVVLGTFITGLLMEFLMVYYVLKDKEVEIVFKFNGMGDWVIYDTGDSGFFSEEAMGIAALYSYGTWLVIVTGWS
LLIGVVVIMEITRGN
;
J
21 'polypeptide(L)'
;(FME)SLVYMNIMMAFTVSLTGLLMYRSHLMSSLLCLEGMMLSLFILATLMILNSHFTLASMMPIILLVFAACEAALGLS
LLVMVSNTYGTDYVQNLNLLQC
;
K
22 'polypeptide(L)'
;(FME)NLFSSLTLVTLILLTMPIAAINFNTHKFTNYPLYVKTTISCAFITSMIPTMMFIHTGQEMIISNWHWLTIQTLKL
SLSFKMDFFSMMFVPVALFVTWSIMEFSMWYMHSDPNINQFFKYLLLFLITMLILVTANNLFQLFIGWEGVGIMSFLLIG
WWYGRTDANTAALQAILYNRIGDIGFILAMAWFLINLNTWDLQQIFMLNPNDSNLPLMGLILAATGKSAQFGLHPWLPSA
MEGPTPVSALLHSSTMVVAGIFLLIRFYPLTENNKFGQSIMLCLGAMTTLFTAMCALTQNDIKKIIAFSTSSQLGLMMVT
IGINQPHLAFLHICTHAFFKAMLFMCSGSIIHSLNDEQDIRKMGGLFKAMPFTTTALIIGSLALTGMPFLTGFYSKDLII
ESANTSYTNAWALLMTLVATSFTAIYSTRIIFFALLGQPRFPTLININENNPFLINSIKRLLIGSLFAGFIISNNIPPMT
IPQMTMPHYLKMTALTVTILGFILALEISNTTHYLKFNYPSNTFKFSNLLGYYPTIMHRLTPYMNLTMSQKSASSLLDLI
WLETILPKTISLAQMKMSTTITSQKGLIKLYFLSFLITILISTTLLNFHE
;
L
23 'polypeptide(L)'
;(FME)LKYIIPTMMLMPLTWLSKNSMIWINTTLHSLLISLTSLLLLNQFGDNSLNFSLTFFSDSLSTPLLILTMWLLPLM
LMASQHHLSKENLARKKLFISMLILLQLFLIMTFTATELIFFYIMFEATLVPTLIIITRWGNQTERLNAGLYFLFYTLAG
SLPLLVALIYIQNTMGSLNFLILQYWVQPMPNSWSNTFMWLACMMAFMVKMPLYGLHLWLPKAHVEAPIAGSMVLAAILL
KLGGYGMMRITLLLNPITDFMAYPFIMLSLWGMIMTSSICLRQTDLKSLIAYSSVSHMALVIVAILIQTPWSYMGATALM
IAHGLTSSMLFCLANSNYERVHSRTMILARGLQTLLPLMAAWWLLASLTNLALPPSINLIGELFVVMSTFSWSNITIILM
GLNMVITALYSLYMLITTQRGKHTHHINNILPSFTRENALMSLHMLPLLLLSLNPKIILGPLY
;
M
24 'polypeptide(L)'
;MNPIILIIILMTVMLGTIIVMISTHWLLIWIGFEMNMLAIIPIMMKKHNPRATEASTKYFLTQSTASMLLMMAIIINLMF
SGQWTVMKLFNPMASMLMTMALAMKLGMAPFHFWVPEVTQGIPLSSGLILLTWQKLAPMSVLYQILPSINLDLILTLSIL
SITIGGWGGLNQTQLRKIMAYSSIAHMGWMTAVLLYNPTMTLLNLIIYIIMTSTMFTLFMANSTTTTLSLSHTWNKAPIM
TILVLITLLSMGGLPPLSGFMPKWMIIQEMTKNDSIILPTLMAITALLNLYFYMRLTYSTALTMFPSTNNMKMKWQFPTT
KRMTLLPTMTVLSTMLLPLTPILSILE
;
N
25 'polypeptide(L)'
;M(AYA)KTLLHQYWDIPEGTECHRKTYAATSIGGASGLVVSAYSVALKTPTSFLEGVARTGRYTFTAAAIGAIFGLTSCI
SAQVREKPDDPLNYLIGGCAGGLTLGARTRSYGIGAAACAYMGLTAALVKMGQLEGWKVFAEPKV
;
V
26 'polypeptide(L)'
;MAAMSLLHRASVSAVVALSGRRLGTRLGFGGFLTRDFPKTVAPVRHSGDHGKRLFIIKPSGFYDKRFLKLLRFYILLTGI
PVVIGITLINVFIGEAELAEIPEGYVPEHWEYFKHPISRWIARTFFDAPEKNYERTMAILQIESEKAELRLKELEVRRLM
RAKGDGPWFQYPTIDKALIDHSPKATPDN
;
W
27 'polypeptide(L)'
;PGIVELPSLEDLKVQEVKVSSSVLKAAAHHYGAQCDKPNKEFMLCRWEEKDPRRCLEEGKLVNQCALEFFRQIKRHCAEP
FTEYWTCIDYSGLQLFRRCRKEQAQFDKCVLDKLGWVRPDLGELSKVTKVKTDRPLPENPYHSRARPEPNPEVEGDLKPA
RHGSRLFFWTM
;
Y
28 'polypeptide(L)'
;PDSWDKDVYPEPPRRTPAPSPQTSLPNPITYLTKAFDLLVDRPVTLVREFIERQHAKNKYYYYHREFRRVPDITECHEKD
VLCMFEAEMQWKRDYKVDQEIVNIIQERLKACQQREGESHRQNCAKELQQFTQVVKAYQDRYHDLGAHYSARKCLAKQKQ
RMLAERKATKEAAAA
;
Z
29 'polypeptide(L)'
;MALRFLRLVPASAASRGLAAVPPRVGGIHTSVQRKLQYGPLAYILGEKTTKKMTENSKLITVDGNICSGK(SEP)KLAKE
VAEKLGLKHFPEAGIHYADSTTGDGKPLPVRFSGNCSLEKFYDDPKSNDGNSYRLQAWLYASRLLQYADALEHLLSTGQG
VVLERSIYSDFVFLEAMYRQGFIRKQCVDHYNQVKKVTVCEYLPPHVVIYVDVPVSEVQSRIQKKGNPHEMKITSAYLQD
IENVYKGTFLPEMSEKCEVLQYSAWEAEDAEKVVEDIQYLKYDKGPWLDQDDRKLHNLRMLVQDKLEVLNYTSIPVFLPE
VTIGAHQSDRVFQEFTELPGRKYRAGYNEDVGDKWIWLK
;
k
30 'polypeptide(L)'
;MPFFDVQKKLGVDLDHWMTIQSAEQPHRIPARCHAFEKEWIECAHGIGSIRAEKECKIEFEDFRECLLRQKTMKRLNAIK
RQRDKLIKEGKYTPPPHHSGQEDLRP
;
l
31 'polypeptide(L)'
;MAPRVAAFLKNVWAKEPVLVASFAIAGLAVILPTLSPYTKYSLMINRATPYNYPVPLRDDGNMPDVPSHPQDPQGPSLEW
LKRL
;
m
32 'polypeptide(L)'
;MAHGHGHEHGPSKMELPDYKQWKIEGTPLETVQEKLAARGLRDPWGRNEAWRYMGGFANNVSFVGALLKGFKWGFAAFVV
AVGAEYYLESQKKDKKHH
;
n
33 'polypeptide(L)'
;VTMMTGRQARAPLQFLPDEARSLPPPKLTDPRLAYIGFLGYCSGLIDNAIRRRPVLSAGLHRQFLYITSFVFVGYYLLKR
QDYMYAVRDHDMFSYIKSHPEDFPEKDKKTYREVFEEFHPVR
;
o
34 'polypeptide(L)'
;KMSFPKYEPSRLASLPTTLDPAEYDISSETRKAQAERLAIRSRLKREYQLQYNDPSRRGVVEDPALIRWTCARSANVYPN
FRPNTKTSLLGALFGIGPLIFWYYVFKTDRDRKEKLIQEGKLDRTFNISY
;
p
35 'polypeptide(L)'
;MAASKVKQDMPPVGGYGPIDYKRNLPRRGLSGYSMFAVGIGALLFGYWSMMRWNRERRRLQIEDFEARIALMPLLQAEKD
RRVLQMLRENLEEEATIMKDVPGWKVGESVFHTTRWVTPMMGELYGLRTGEEILSSTYGFIWYT
;
q
36 'polypeptide(L)'
;MSGYTPDEKLRLQQLRELRRRWLKDQELSPREPVLPPRRVSPVERFWNKFLQDGALWKNVIYKTYRHSIFAFTHVLIPVW
IIHYYLKYHVTTKPYTIVEKKPRIFPGDTILETGEVIPPMKEFPDQHH
;
r
37 'polypeptide(L)'
;MGAHLARRYLGDASVEPEPLRMPTFPPDYGFPERKEREMVATQQEMNDAQLVLQQRDYCAHYLIRFLKCKRDSFPNFLAC
KHEQHDWDYCEHLDYVKRMKEFERERRLLQRKKRREQREADMAKGLGPGEVAPEVAL
;
s
38 'polypeptide(L)'
;MAFLPSAAYLTHQQKVLQLYKRALRHLESRCVHRDKYRYFACLLRARFDEHKNEKDMVKATQLLREAEKEFWHGQHPQPY
IFPESPGGTSYERYECYKVPEWCLDDWHPSEKAMYPDYFAKREQWKKLRRESWEREVKQLQEETPVGGPRTEALPPARKQ
GDLPPLWWHIVTRPRERPM
;
t
39 'polypeptide(L)'
;MAGMSALKRLAPFAHVGGHLFRGRCARAVGAGGVRRAGGGAHIEPRYRQFPQLTRSQVIQAEFFSATMWFWILWRFWHDS
DAVLGHFPYPDPSQWTDEELGIPPDDED
;
u
40 'polypeptide(L)'
;MAAARAGVLGIRWLQKAARNVVPLGARTASHITKDMLPGPYPKTPEERAAAAKKYNMRVEDYEPYPDDGMGYGDYPKLPD
RSQQERDPWYDWDHPDLRLNWGEPMHWDLDMYIRNRVDTSPTPVNWNLMCKHLFGFVAFMLFMFWVGETYPTYQPVGPKQ
YPYNNLYLERGGDPNKEPEPVVHYEI
;
v
41 'polypeptide(L)'
;MAAGMLGLCGRRLLAVAATRGLPAASVRWESSSSRAVIAPSTLAGKRPSEPTLRWQEDPEPEDENLYEKNPDSHGYDKDP
AVDVWNMRVVFFFGFSIVLVLGSTFVAYLPDYRMQEWARREAERLVKYREAHGLPLMESNCFDPSKIQLPEDED
;
w
42 'polypeptide(L)' MAPSAFLRPFWKLLAPARFPSVSSSRSKFYIQEPPHGSPNWLKVGLTLGTSAFLWIYLIKQHNEDVLEYKRRNGLE x
43 'polypeptide(L)' MMNLLQVVRDHWIHVLVPVGFVFGYYLDRKNDEKLAAFRNKSLLYKRELKPQEEVTWK y
44 'polypeptide(L)' MWFEVLPGIAVMGVCLFIPGMATARIHRFSNGGREKRVAHYSYQWYLMERDRRVSGVNRYYVSKGLENID z
#
# COMPACT_ATOMS: atom_id res chain seq x y z
N LYS A 29 -117.04 -28.10 -47.52
CA LYS A 29 -116.98 -27.94 -48.96
C LYS A 29 -115.53 -27.94 -49.45
N THR A 30 -115.29 -28.61 -50.57
CA THR A 30 -113.96 -28.68 -51.17
C THR A 30 -113.87 -28.07 -52.56
N SER A 31 -114.93 -28.13 -53.35
CA SER A 31 -114.94 -27.57 -54.69
C SER A 31 -115.53 -26.16 -54.65
N PHE A 32 -114.84 -25.22 -55.29
CA PHE A 32 -115.23 -23.82 -55.23
C PHE A 32 -115.27 -23.24 -56.63
N GLY A 33 -116.01 -22.16 -56.77
CA GLY A 33 -116.23 -21.50 -58.04
C GLY A 33 -117.71 -21.49 -58.42
N SER A 34 -117.98 -20.75 -59.50
CA SER A 34 -119.32 -20.61 -60.09
C SER A 34 -120.32 -20.07 -59.07
N LEU A 35 -120.09 -18.83 -58.65
CA LEU A 35 -120.99 -18.16 -57.74
C LEU A 35 -122.30 -17.81 -58.43
N LYS A 36 -123.42 -18.11 -57.79
CA LYS A 36 -124.72 -17.81 -58.37
C LYS A 36 -125.01 -16.31 -58.30
N ASP A 37 -125.88 -15.85 -59.22
CA ASP A 37 -126.17 -14.43 -59.33
C ASP A 37 -126.96 -13.90 -58.13
N GLU A 38 -127.59 -14.77 -57.35
CA GLU A 38 -128.29 -14.31 -56.15
C GLU A 38 -127.30 -13.99 -55.02
N ASP A 39 -126.12 -14.60 -55.05
CA ASP A 39 -125.15 -14.45 -53.97
C ASP A 39 -124.16 -13.32 -54.21
N ARG A 40 -124.23 -12.64 -55.35
CA ARG A 40 -123.29 -11.56 -55.64
C ARG A 40 -123.72 -10.29 -54.93
N ILE A 41 -122.79 -9.70 -54.17
CA ILE A 41 -123.09 -8.48 -53.43
C ILE A 41 -123.27 -7.30 -54.38
N PHE A 42 -122.39 -7.19 -55.37
CA PHE A 42 -122.36 -6.02 -56.25
C PHE A 42 -123.22 -6.27 -57.48
N THR A 43 -124.53 -6.19 -57.28
CA THR A 43 -125.44 -6.06 -58.42
C THR A 43 -125.22 -4.69 -59.05
N ASN A 44 -125.53 -4.60 -60.34
CA ASN A 44 -125.21 -3.43 -61.18
C ASN A 44 -123.71 -3.13 -61.14
N LEU A 45 -122.88 -4.19 -61.18
CA LEU A 45 -121.45 -3.98 -61.26
C LEU A 45 -121.03 -3.51 -62.63
N TYR A 46 -121.71 -3.98 -63.68
CA TYR A 46 -121.39 -3.61 -65.05
C TYR A 46 -122.08 -2.33 -65.50
N GLY A 47 -122.87 -1.70 -64.63
CA GLY A 47 -123.50 -0.44 -64.97
C GLY A 47 -124.72 -0.55 -65.84
N ARG A 48 -125.36 -1.72 -65.89
CA ARG A 48 -126.52 -1.90 -66.76
C ARG A 48 -127.82 -1.39 -66.14
N HIS A 49 -127.85 -1.13 -64.84
CA HIS A 49 -129.03 -0.62 -64.16
C HIS A 49 -128.75 0.78 -63.62
N ASP A 50 -129.78 1.39 -63.03
CA ASP A 50 -129.66 2.75 -62.53
C ASP A 50 -128.79 2.79 -61.29
N TRP A 51 -127.82 3.71 -61.28
CA TRP A 51 -126.89 3.84 -60.16
C TRP A 51 -127.31 4.88 -59.14
N ARG A 52 -128.40 5.59 -59.36
CA ARG A 52 -128.83 6.63 -58.43
C ARG A 52 -129.67 5.99 -57.31
N LEU A 53 -130.34 6.84 -56.52
CA LEU A 53 -131.00 6.36 -55.31
C LEU A 53 -132.23 5.50 -55.64
N LYS A 54 -132.97 5.85 -56.69
CA LYS A 54 -134.09 5.02 -57.11
C LYS A 54 -133.59 3.66 -57.57
N GLY A 55 -132.49 3.63 -58.33
CA GLY A 55 -131.91 2.35 -58.73
C GLY A 55 -131.27 1.62 -57.58
N ALA A 56 -130.80 2.34 -56.57
CA ALA A 56 -130.19 1.68 -55.41
C ALA A 56 -131.24 1.02 -54.53
N GLN A 57 -132.36 1.69 -54.29
CA GLN A 57 -133.39 1.14 -53.42
C GLN A 57 -134.22 0.06 -54.11
N SER A 58 -134.14 -0.04 -55.43
CA SER A 58 -134.81 -1.12 -56.14
C SER A 58 -134.01 -2.41 -56.15
N ARG A 59 -132.82 -2.42 -55.56
CA ARG A 59 -131.98 -3.60 -55.53
C ARG A 59 -131.69 -4.11 -54.12
N GLY A 60 -131.89 -3.31 -53.09
CA GLY A 60 -131.71 -3.79 -51.74
C GLY A 60 -130.95 -2.84 -50.84
N ASP A 61 -130.45 -1.75 -51.39
CA ASP A 61 -129.64 -0.81 -50.62
C ASP A 61 -130.51 0.02 -49.69
N TRP A 62 -129.88 0.51 -48.63
CA TRP A 62 -130.50 1.39 -47.62
C TRP A 62 -131.72 0.73 -46.97
N TYR A 63 -131.63 -0.56 -46.69
CA TYR A 63 -132.75 -1.32 -46.14
C TYR A 63 -132.48 -1.60 -44.67
N LYS A 64 -133.42 -1.18 -43.81
CA LYS A 64 -133.38 -1.40 -42.36
C LYS A 64 -132.10 -0.84 -41.74
N THR A 65 -131.64 0.30 -42.25
CA THR A 65 -130.42 0.90 -41.74
C THR A 65 -130.60 1.44 -40.32
N LYS A 66 -131.82 1.84 -39.97
CA LYS A 66 -132.09 2.28 -38.61
C LYS A 66 -131.89 1.15 -37.61
N GLU A 67 -132.34 -0.06 -37.96
CA GLU A 67 -132.13 -1.21 -37.09
C GLU A 67 -130.66 -1.56 -36.98
N ILE A 68 -129.91 -1.43 -38.09
CA ILE A 68 -128.48 -1.72 -38.06
C ILE A 68 -127.76 -0.72 -37.16
N LEU A 69 -128.08 0.56 -37.28
CA LEU A 69 -127.44 1.56 -36.44
C LEU A 69 -127.92 1.50 -34.99
N LEU A 70 -129.09 0.91 -34.74
CA LEU A 70 -129.61 0.82 -33.39
C LEU A 70 -129.17 -0.44 -32.65
N LYS A 71 -128.81 -1.51 -33.36
CA LYS A 71 -128.49 -2.75 -32.68
C LYS A 71 -127.17 -2.69 -31.92
N GLY A 72 -126.26 -1.80 -32.30
CA GLY A 72 -125.06 -1.58 -31.53
C GLY A 72 -123.77 -1.75 -32.29
N PRO A 73 -122.78 -0.91 -31.94
CA PRO A 73 -121.44 -1.06 -32.55
C PRO A 73 -120.81 -2.40 -32.28
N ASP A 74 -120.99 -2.94 -31.07
CA ASP A 74 -120.47 -4.26 -30.75
C ASP A 74 -121.15 -5.34 -31.56
N TRP A 75 -122.46 -5.20 -31.80
CA TRP A 75 -123.17 -6.17 -32.63
C TRP A 75 -122.67 -6.13 -34.07
N ILE A 76 -122.44 -4.92 -34.61
CA ILE A 76 -121.94 -4.81 -35.97
C ILE A 76 -120.54 -5.40 -36.08
N LEU A 77 -119.68 -5.13 -35.09
CA LEU A 77 -118.33 -5.69 -35.10
C LEU A 77 -118.36 -7.20 -34.95
N GLY A 78 -119.28 -7.73 -34.15
CA GLY A 78 -119.40 -9.18 -34.04
C GLY A 78 -119.87 -9.82 -35.33
N GLU A 79 -120.79 -9.16 -36.04
CA GLU A 79 -121.23 -9.67 -37.33
C GLU A 79 -120.11 -9.63 -38.36
N VAL A 80 -119.24 -8.62 -38.28
CA VAL A 80 -118.10 -8.56 -39.20
C VAL A 80 -117.09 -9.64 -38.84
N LYS A 81 -116.85 -9.87 -37.54
CA LYS A 81 -115.89 -10.88 -37.12
C LYS A 81 -116.36 -12.29 -37.46
N THR A 82 -117.65 -12.56 -37.32
CA THR A 82 -118.18 -13.89 -37.62
C THR A 82 -118.14 -14.18 -39.12
N SER A 83 -118.16 -13.13 -39.94
CA SER A 83 -118.09 -13.31 -41.39
C SER A 83 -116.72 -13.76 -41.86
N GLY A 84 -115.68 -13.56 -41.06
CA GLY A 84 -114.34 -13.93 -41.48
C GLY A 84 -113.77 -13.05 -42.57
N LEU A 85 -114.24 -11.82 -42.67
CA LEU A 85 -113.80 -10.93 -43.73
C LEU A 85 -112.39 -10.45 -43.46
N ARG A 86 -111.53 -10.55 -44.46
CA ARG A 86 -110.18 -9.99 -44.42
C ARG A 86 -110.11 -8.77 -45.32
N GLY A 87 -109.10 -7.96 -45.09
CA GLY A 87 -108.95 -6.71 -45.82
C GLY A 87 -108.73 -6.89 -47.30
N ARG A 88 -109.59 -6.27 -48.10
CA ARG A 88 -109.50 -6.38 -49.55
C ARG A 88 -108.54 -5.36 -50.15
N GLY A 89 -107.86 -4.57 -49.31
CA GLY A 89 -106.84 -3.68 -49.83
C GLY A 89 -105.65 -4.41 -50.40
N GLY A 90 -105.30 -5.56 -49.81
CA GLY A 90 -104.19 -6.34 -50.29
C GLY A 90 -103.41 -6.97 -49.16
N ALA A 91 -103.56 -6.40 -47.97
CA ALA A 91 -102.88 -6.93 -46.80
C ALA A 91 -103.54 -8.20 -46.28
N GLY A 92 -104.85 -8.33 -46.43
CA GLY A 92 -105.53 -9.49 -45.91
C GLY A 92 -105.71 -9.49 -44.41
N PHE A 93 -105.55 -8.33 -43.77
CA PHE A 93 -105.75 -8.26 -42.33
C PHE A 93 -107.23 -8.46 -42.00
N PRO A 94 -107.54 -9.19 -40.93
CA PRO A 94 -108.95 -9.42 -40.55
C PRO A 94 -109.63 -8.10 -40.17
N THR A 95 -110.69 -7.77 -40.90
CA THR A 95 -111.31 -6.46 -40.74
C THR A 95 -112.05 -6.33 -39.42
N GLY A 96 -112.51 -7.44 -38.85
CA GLY A 96 -113.22 -7.38 -37.59
C GLY A 96 -112.33 -6.91 -36.44
N LEU A 97 -111.13 -7.47 -36.35
CA LEU A 97 -110.20 -7.06 -35.29
C LEU A 97 -109.69 -5.64 -35.54
N LYS A 98 -109.43 -5.30 -36.80
CA LYS A 98 -108.93 -3.98 -37.14
C LYS A 98 -109.97 -2.90 -36.84
N TRP A 99 -111.24 -3.19 -37.09
CA TRP A 99 -112.30 -2.27 -36.71
C TRP A 99 -112.61 -2.30 -35.22
N SER A 100 -112.28 -3.41 -34.54
CA SER A 100 -112.44 -3.49 -33.10
C SER A 100 -111.31 -2.82 -32.34
N PHE A 101 -110.23 -2.46 -33.02
CA PHE A 101 -109.17 -1.68 -32.37
C PHE A 101 -109.62 -0.27 -32.01
N MET A 102 -110.68 0.23 -32.64
CA MET A 102 -111.17 1.58 -32.36
C MET A 102 -112.27 1.62 -31.31
N ASN A 103 -112.69 0.48 -30.78
CA ASN A 103 -113.78 0.43 -29.80
C ASN A 103 -113.23 0.77 -28.43
N LYS A 104 -112.97 2.06 -28.22
CA LYS A 104 -112.47 2.56 -26.95
C LYS A 104 -113.15 3.89 -26.65
N PRO A 105 -113.38 4.21 -25.38
CA PRO A 105 -114.00 5.49 -25.04
C PRO A 105 -113.12 6.66 -25.44
N SER A 106 -113.75 7.72 -25.92
CA SER A 106 -113.03 8.85 -26.49
C SER A 106 -112.44 9.73 -25.40
N ASP A 107 -111.21 10.21 -25.64
CA ASP A 107 -110.54 11.15 -24.74
C ASP A 107 -110.75 12.59 -25.16
N GLY A 108 -111.85 12.88 -25.85
CA GLY A 108 -112.16 14.22 -26.31
C GLY A 108 -111.80 14.47 -27.76
N ARG A 109 -110.88 13.71 -28.32
CA ARG A 109 -110.59 13.84 -29.74
C ARG A 109 -111.68 13.14 -30.55
N PRO A 110 -112.02 13.70 -31.72
CA PRO A 110 -112.98 13.03 -32.59
C PRO A 110 -112.39 11.77 -33.19
N LYS A 111 -113.26 10.95 -33.78
CA LYS A 111 -112.84 9.71 -34.41
C LYS A 111 -113.30 9.69 -35.85
N TYR A 112 -112.45 9.19 -36.75
CA TYR A 112 -112.70 9.29 -38.17
C TYR A 112 -112.56 7.94 -38.87
N LEU A 113 -113.47 7.69 -39.80
CA LEU A 113 -113.32 6.66 -40.82
C LEU A 113 -112.79 7.32 -42.09
N VAL A 114 -111.79 6.73 -42.71
CA VAL A 114 -111.28 7.20 -43.98
C VAL A 114 -111.35 6.05 -44.96
N VAL A 115 -112.16 6.21 -45.99
CA VAL A 115 -112.28 5.23 -47.05
C VAL A 115 -111.28 5.60 -48.14
N ASN A 116 -110.41 4.65 -48.48
CA ASN A 116 -109.37 4.88 -49.46
C ASN A 116 -109.78 4.33 -50.82
N ALA A 117 -109.85 5.21 -51.81
CA ALA A 117 -110.19 4.88 -53.19
C ALA A 117 -109.14 5.41 -54.14
N ASP A 118 -107.87 5.37 -53.73
CA ASP A 118 -106.79 5.84 -54.58
C ASP A 118 -106.63 4.93 -55.80
N GLU A 119 -106.37 3.64 -55.56
CA GLU A 119 -106.36 2.59 -56.57
C GLU A 119 -105.35 2.89 -57.68
N GLY A 120 -104.10 3.08 -57.27
CA GLY A 120 -103.02 3.28 -58.20
C GLY A 120 -102.27 2.05 -58.60
N GLU A 121 -102.65 0.89 -58.09
CA GLU A 121 -101.93 -0.34 -58.39
C GLU A 121 -102.26 -0.82 -59.79
N PRO A 122 -101.27 -1.16 -60.61
CA PRO A 122 -101.54 -1.65 -61.96
C PRO A 122 -102.29 -2.99 -61.93
N GLY A 123 -103.17 -3.15 -62.91
CA GLY A 123 -104.02 -4.31 -62.99
C GLY A 123 -105.33 -4.19 -62.24
N THR A 124 -105.45 -3.22 -61.34
CA THR A 124 -106.62 -3.08 -60.49
C THR A 124 -107.55 -2.00 -61.02
N CYS A 125 -108.81 -2.35 -61.23
CA CYS A 125 -109.82 -1.38 -61.62
C CYS A 125 -111.15 -1.60 -60.91
N LYS A 126 -111.19 -2.41 -59.86
CA LYS A 126 -112.46 -2.76 -59.24
C LYS A 126 -113.08 -1.58 -58.49
N ASP A 127 -112.26 -0.82 -57.75
CA ASP A 127 -112.79 0.28 -56.96
C ASP A 127 -113.33 1.40 -57.84
N ARG A 128 -112.77 1.58 -59.04
CA ARG A 128 -113.31 2.54 -59.98
C ARG A 128 -114.73 2.19 -60.39
N GLU A 129 -114.97 0.90 -60.67
CA GLU A 129 -116.31 0.45 -61.01
C GLU A 129 -117.26 0.57 -59.82
N ILE A 130 -116.75 0.32 -58.61
CA ILE A 130 -117.58 0.45 -57.42
C ILE A 130 -118.00 1.90 -57.19
N ILE A 131 -117.07 2.84 -57.37
CA ILE A 131 -117.40 4.25 -57.23
C ILE A 131 -118.37 4.68 -58.33
N ARG A 132 -118.12 4.26 -59.56
CA ARG A 132 -118.88 4.76 -60.69
C ARG A 132 -120.31 4.22 -60.70
N HIS A 133 -120.49 2.94 -60.37
CA HIS A 133 -121.79 2.29 -60.53
C HIS A 133 -122.53 2.01 -59.24
N ASP A 134 -121.84 1.91 -58.10
CA ASP A 134 -122.50 1.67 -56.81
C ASP A 134 -121.96 2.61 -55.75
N PRO A 135 -122.33 3.89 -55.80
CA PRO A 135 -121.87 4.80 -54.76
C PRO A 135 -122.72 4.69 -53.49
N HIS A 136 -123.97 4.26 -53.65
CA HIS A 136 -124.86 4.17 -52.50
C HIS A 136 -124.48 3.01 -51.59
N LYS A 137 -123.99 1.91 -52.15
CA LYS A 137 -123.45 0.84 -51.33
C LYS A 137 -122.25 1.33 -50.53
N LEU A 138 -121.38 2.13 -51.17
CA LEU A 138 -120.22 2.68 -50.48
C LEU A 138 -120.63 3.61 -49.33
N VAL A 139 -121.61 4.49 -49.55
CA VAL A 139 -121.96 5.42 -48.48
C VAL A 139 -122.77 4.73 -47.38
N GLU A 140 -123.55 3.70 -47.71
CA GLU A 140 -124.18 2.91 -46.65
C GLU A 140 -123.15 2.16 -45.84
N GLY A 141 -122.12 1.62 -46.49
CA GLY A 141 -121.02 1.01 -45.76
C GLY A 141 -120.28 2.02 -44.91
N CYS A 142 -120.15 3.24 -45.40
CA CYS A 142 -119.53 4.31 -44.61
C CYS A 142 -120.32 4.60 -43.35
N LEU A 143 -121.65 4.68 -43.47
CA LEU A 143 -122.49 4.91 -42.30
C LEU A 143 -122.41 3.76 -41.30
N VAL A 144 -122.47 2.52 -41.81
CA VAL A 144 -122.40 1.37 -40.92
C VAL A 144 -121.05 1.27 -40.23
N GLY A 145 -119.96 1.49 -40.98
CA GLY A 145 -118.63 1.46 -40.39
C GLY A 145 -118.39 2.59 -39.41
N GLY A 146 -119.00 3.76 -39.66
CA GLY A 146 -118.90 4.84 -38.71
C GLY A 146 -119.64 4.54 -37.42
N ARG A 147 -120.80 3.89 -37.52
CA ARG A 147 -121.49 3.46 -36.31
C ARG A 147 -120.73 2.36 -35.59
N ALA A 148 -120.00 1.52 -36.34
CA ALA A 148 -119.35 0.35 -35.75
C ALA A 148 -118.23 0.74 -34.79
N MET A 149 -117.60 1.89 -34.98
CA MET A 149 -116.54 2.33 -34.10
C MET A 149 -116.75 3.74 -33.55
N GLY A 150 -117.95 4.30 -33.69
CA GLY A 150 -118.23 5.62 -33.18
C GLY A 150 -117.49 6.73 -33.90
N ALA A 151 -117.32 6.61 -35.20
CA ALA A 151 -116.65 7.65 -35.97
C ALA A 151 -117.55 8.88 -36.09
N ARG A 152 -116.90 10.04 -36.22
CA ARG A 152 -117.63 11.30 -36.35
C ARG A 152 -118.01 11.59 -37.79
N ALA A 153 -117.15 11.26 -38.74
CA ALA A 153 -117.38 11.57 -40.14
C ALA A 153 -116.65 10.56 -41.01
N ALA A 154 -116.70 10.77 -42.33
CA ALA A 154 -115.99 9.92 -43.27
C ALA A 154 -115.31 10.80 -44.31
N TYR A 155 -114.02 10.55 -44.53
CA TYR A 155 -113.23 11.28 -45.52
C TYR A 155 -112.86 10.31 -46.64
N ILE A 156 -113.69 10.24 -47.67
CA ILE A 156 -113.44 9.35 -48.80
C ILE A 156 -112.35 9.97 -49.65
N TYR A 157 -111.18 9.36 -49.66
CA TYR A 157 -110.08 9.81 -50.50
C TYR A 157 -110.19 9.11 -51.84
N ILE A 158 -110.29 9.89 -52.91
CA ILE A 158 -110.41 9.37 -54.26
C ILE A 158 -109.24 9.86 -55.08
N ARG A 159 -108.96 9.15 -56.17
CA ARG A 159 -107.85 9.48 -57.04
C ARG A 159 -108.10 10.79 -57.77
N GLY A 160 -107.03 11.51 -58.07
CA GLY A 160 -107.14 12.77 -58.78
C GLY A 160 -107.64 12.62 -60.20
N GLU A 161 -107.30 11.51 -60.86
CA GLU A 161 -107.71 11.28 -62.24
C GLU A 161 -109.14 10.76 -62.35
N PHE A 162 -109.77 10.36 -61.25
CA PHE A 162 -111.13 9.85 -61.29
C PHE A 162 -112.12 11.00 -61.08
N TYR A 163 -112.13 11.91 -62.05
CA TYR A 163 -112.98 13.10 -61.92
C TYR A 163 -114.46 12.75 -62.06
N ASN A 164 -114.81 11.99 -63.09
CA ASN A 164 -116.23 11.67 -63.31
C ASN A 164 -116.74 10.73 -62.22
N GLU A 165 -115.88 9.83 -61.74
CA GLU A 165 -116.27 8.93 -60.66
C GLU A 165 -116.48 9.70 -59.36
N ALA A 166 -115.61 10.67 -59.06
CA ALA A 166 -115.79 11.49 -57.88
C ALA A 166 -117.02 12.36 -57.99
N SER A 167 -117.33 12.85 -59.20
CA SER A 167 -118.54 13.64 -59.39
C SER A 167 -119.80 12.79 -59.20
N ASN A 168 -119.77 11.55 -59.69
CA ASN A 168 -120.91 10.65 -59.47
C ASN A 168 -121.08 10.33 -57.99
N LEU A 169 -119.97 10.14 -57.29
CA LEU A 169 -120.04 9.89 -55.85
C LEU A 169 -120.59 11.10 -55.11
N GLN A 170 -120.20 12.31 -55.52
CA GLN A 170 -120.75 13.51 -54.90
C GLN A 170 -122.23 13.67 -55.18
N VAL A 171 -122.67 13.31 -56.40
CA VAL A 171 -124.09 13.36 -56.73
C VAL A 171 -124.88 12.39 -55.85
N ALA A 172 -124.34 11.18 -55.65
CA ALA A 172 -125.02 10.21 -54.79
C ALA A 172 -125.03 10.66 -53.34
N ILE A 173 -123.95 11.30 -52.88
CA ILE A 173 -123.91 11.78 -51.50
C ILE A 173 -124.93 12.91 -51.31
N ARG A 174 -125.07 13.79 -52.31
CA ARG A 174 -126.10 14.82 -52.25
C ARG A 174 -127.50 14.21 -52.23
N GLU A 175 -127.71 13.16 -53.03
CA GLU A 175 -129.02 12.49 -53.04
C GLU A 175 -129.33 11.84 -51.71
N ALA A 176 -128.32 11.27 -51.06
CA ALA A 176 -128.52 10.68 -49.74
C ALA A 176 -128.72 11.74 -48.67
N TYR A 177 -128.04 12.89 -48.80
CA TYR A 177 -128.21 13.99 -47.86
C TYR A 177 -129.60 14.58 -47.94
N GLU A 178 -130.12 14.76 -49.16
CA GLU A 178 -131.43 15.37 -49.34
C GLU A 178 -132.57 14.47 -48.88
N ALA A 179 -132.35 13.16 -48.84
CA ALA A 179 -133.36 12.24 -48.36
C ALA A 179 -133.21 11.92 -46.87
N GLY A 180 -132.22 12.50 -46.21
CA GLY A 180 -132.05 12.32 -44.79
C GLY A 180 -131.42 11.01 -44.37
N LEU A 181 -130.83 10.27 -45.31
CA LEU A 181 -130.22 8.98 -44.95
C LEU A 181 -128.94 9.18 -44.17
N ILE A 182 -128.16 10.21 -44.51
CA ILE A 182 -126.97 10.57 -43.77
C ILE A 182 -127.01 12.06 -43.47
N GLY A 183 -126.20 12.47 -42.50
CA GLY A 183 -126.22 13.84 -42.05
C GLY A 183 -126.77 13.95 -40.65
N LYS A 184 -127.59 14.98 -40.40
CA LYS A 184 -128.17 15.15 -39.07
C LYS A 184 -129.34 14.20 -38.88
N ASN A 185 -129.32 13.46 -37.76
CA ASN A 185 -130.28 12.41 -37.45
C ASN A 185 -130.34 11.37 -38.58
N ALA A 186 -129.21 10.68 -38.73
CA ALA A 186 -129.00 9.79 -39.86
C ALA A 186 -129.96 8.61 -39.80
N CYS A 187 -130.83 8.52 -40.81
CA CYS A 187 -131.81 7.44 -40.98
C CYS A 187 -132.74 7.31 -39.77
N GLY A 188 -133.01 8.42 -39.10
CA GLY A 188 -133.87 8.40 -37.93
C GLY A 188 -133.31 7.60 -36.78
N SER A 189 -131.98 7.55 -36.64
CA SER A 189 -131.34 6.77 -35.59
C SER A 189 -130.71 7.63 -34.50
N GLY A 190 -130.68 8.94 -34.69
CA GLY A 190 -130.04 9.81 -33.73
C GLY A 190 -128.53 9.85 -33.80
N TYR A 191 -127.93 9.21 -34.80
CA TYR A 191 -126.47 9.18 -34.94
C TYR A 191 -126.03 10.32 -35.85
N ASP A 192 -124.93 10.96 -35.48
CA ASP A 192 -124.37 12.08 -36.22
C ASP A 192 -123.22 11.57 -37.10
N PHE A 193 -123.34 11.75 -38.41
CA PHE A 193 -122.33 11.23 -39.32
C PHE A 193 -122.35 12.00 -40.62
N ASP A 194 -121.20 12.58 -40.98
CA ASP A 194 -121.00 13.25 -42.25
C ASP A 194 -120.13 12.41 -43.17
N VAL A 195 -120.24 12.65 -44.47
CA VAL A 195 -119.38 12.04 -45.47
C VAL A 195 -118.73 13.15 -46.29
N PHE A 196 -117.41 13.14 -46.37
CA PHE A 196 -116.65 14.11 -47.15
C PHE A 196 -115.88 13.38 -48.24
N VAL A 197 -115.70 14.03 -49.38
CA VAL A 197 -114.92 13.50 -50.49
C VAL A 197 -113.77 14.44 -50.75
N VAL A 198 -112.54 13.92 -50.68
CA VAL A 198 -111.36 14.66 -51.06
C VAL A 198 -110.75 13.98 -52.27
N ARG A 199 -109.96 14.75 -53.02
CA ARG A 199 -109.36 14.29 -54.25
C ARG A 199 -107.85 14.39 -54.17
N GLY A 200 -107.16 13.38 -54.69
CA GLY A 200 -105.72 13.39 -54.72
C GLY A 200 -105.19 14.23 -55.85
N ALA A 201 -103.87 14.16 -56.04
CA ALA A 201 -103.22 14.91 -57.11
C ALA A 201 -102.20 14.04 -57.83
N GLY A 202 -102.56 12.79 -58.10
CA GLY A 202 -101.73 11.94 -58.92
C GLY A 202 -100.45 11.46 -58.25
N ALA A 203 -100.60 10.65 -57.21
CA ALA A 203 -99.47 10.03 -56.53
C ALA A 203 -99.88 8.64 -56.10
N TYR A 204 -99.15 7.62 -56.54
CA TYR A 204 -99.49 6.25 -56.18
C TYR A 204 -99.17 5.95 -54.72
N ILE A 205 -98.14 6.61 -54.18
CA ILE A 205 -97.76 6.40 -52.79
C ILE A 205 -98.83 6.86 -51.82
N CYS A 206 -99.72 7.76 -52.27
CA CYS A 206 -100.83 8.19 -51.43
C CYS A 206 -101.85 7.09 -51.16
N GLY A 207 -101.77 5.96 -51.87
CA GLY A 207 -102.63 4.85 -51.55
C GLY A 207 -102.32 4.19 -50.22
N GLU A 208 -101.09 4.31 -49.73
CA GLU A 208 -100.76 3.82 -48.41
C GLU A 208 -101.53 4.57 -47.34
N GLU A 209 -101.86 3.89 -46.25
CA GLU A 209 -102.77 4.45 -45.26
C GLU A 209 -102.17 5.66 -44.55
N THR A 210 -100.95 5.53 -44.03
CA THR A 210 -100.33 6.66 -43.35
C THR A 210 -99.94 7.76 -44.32
N ALA A 211 -99.53 7.40 -45.54
CA ALA A 211 -99.28 8.41 -46.56
C ALA A 211 -100.55 9.13 -46.96
N LEU A 212 -101.67 8.41 -47.01
CA LEU A 212 -102.95 9.06 -47.25
C LEU A 212 -103.33 10.00 -46.12
N ILE A 213 -103.05 9.59 -44.88
CA ILE A 213 -103.35 10.43 -43.74
C ILE A 213 -102.53 11.72 -43.81
N GLU A 214 -101.25 11.60 -44.19
CA GLU A 214 -100.42 12.79 -44.38
C GLU A 214 -100.90 13.63 -45.56
N SER A 215 -101.44 13.00 -46.60
CA SER A 215 -101.89 13.75 -47.78
C SER A 215 -103.19 14.48 -47.52
N ILE A 216 -104.07 13.94 -46.68
CA ILE A 216 -105.30 14.63 -46.32
C ILE A 216 -104.99 15.90 -45.55
N GLU A 217 -104.03 15.84 -44.64
CA GLU A 217 -103.62 16.95 -43.79
C GLU A 217 -102.90 18.06 -44.54
N GLY A 218 -102.81 18.07 -45.86
CA GLY A 218 -102.15 19.16 -46.55
C GLY A 218 -100.65 19.04 -46.61
N LYS A 219 -100.11 17.83 -46.51
CA LYS A 219 -98.68 17.59 -46.61
C LYS A 219 -98.40 16.71 -47.82
N GLN A 220 -97.15 16.30 -47.96
CA GLN A 220 -96.79 15.38 -49.03
C GLN A 220 -97.24 13.97 -48.67
N GLY A 221 -97.21 13.09 -49.66
CA GLY A 221 -97.60 11.71 -49.43
C GLY A 221 -96.50 10.83 -48.88
N LYS A 222 -95.82 11.32 -47.84
CA LYS A 222 -94.76 10.57 -47.22
C LYS A 222 -95.32 9.78 -46.04
N PRO A 223 -95.23 8.45 -46.05
CA PRO A 223 -95.86 7.66 -44.98
C PRO A 223 -95.19 7.86 -43.64
N ARG A 224 -95.98 7.74 -42.59
CA ARG A 224 -95.49 7.79 -41.22
C ARG A 224 -94.93 6.43 -40.84
N LEU A 225 -94.42 6.34 -39.62
CA LEU A 225 -93.93 5.08 -39.06
C LEU A 225 -94.96 4.51 -38.09
N LYS A 226 -94.87 3.20 -37.88
CA LYS A 226 -95.73 2.50 -36.95
C LYS A 226 -94.86 1.82 -35.90
N PRO A 227 -95.12 2.03 -34.59
CA PRO A 227 -96.12 2.87 -33.93
C PRO A 227 -95.81 4.37 -34.05
N PRO A 228 -96.81 5.26 -33.91
CA PRO A 228 -98.22 5.06 -33.57
C PRO A 228 -99.09 4.51 -34.71
N PHE A 229 -99.98 3.60 -34.36
CA PHE A 229 -100.95 3.09 -35.32
C PHE A 229 -102.03 4.15 -35.55
N PRO A 230 -102.75 4.08 -36.69
CA PRO A 230 -103.81 5.07 -36.94
C PRO A 230 -104.94 5.05 -35.94
N ALA A 231 -105.15 3.94 -35.21
CA ALA A 231 -106.18 3.92 -34.19
C ALA A 231 -105.84 4.81 -32.99
N ASP A 232 -104.56 5.12 -32.79
CA ASP A 232 -104.14 6.02 -31.72
C ASP A 232 -103.92 7.44 -32.20
N VAL A 233 -103.11 7.60 -33.25
CA VAL A 233 -102.90 8.89 -33.90
C VAL A 233 -103.08 8.70 -35.39
N GLY A 234 -104.06 9.39 -35.97
CA GLY A 234 -104.32 9.29 -37.39
C GLY A 234 -104.41 10.66 -38.03
N VAL A 235 -105.53 10.94 -38.70
CA VAL A 235 -105.69 12.23 -39.36
C VAL A 235 -105.96 13.30 -38.31
N PHE A 236 -105.22 14.41 -38.40
CA PHE A 236 -105.24 15.52 -37.44
C PHE A 236 -104.91 15.07 -36.02
N GLY A 237 -104.21 13.96 -35.84
CA GLY A 237 -103.92 13.43 -34.53
C GLY A 237 -105.04 12.68 -33.88
N CYS A 238 -106.17 12.54 -34.54
CA CYS A 238 -107.35 11.87 -34.02
C CYS A 238 -107.26 10.37 -34.31
N PRO A 239 -108.01 9.55 -33.56
CA PRO A 239 -108.16 8.15 -33.95
C PRO A 239 -108.82 8.01 -35.32
N THR A 240 -108.25 7.14 -36.15
CA THR A 240 -108.65 7.03 -37.55
C THR A 240 -108.54 5.58 -37.98
N THR A 241 -109.51 5.12 -38.78
CA THR A 241 -109.44 3.81 -39.41
C THR A 241 -109.48 3.97 -40.92
N VAL A 242 -108.45 3.49 -41.59
CA VAL A 242 -108.38 3.51 -43.05
C VAL A 242 -108.89 2.18 -43.57
N ALA A 243 -109.86 2.23 -44.48
CA ALA A 243 -110.46 1.01 -45.00
C ALA A 243 -110.63 1.12 -46.51
N ASN A 244 -110.50 -0.02 -47.18
CA ASN A 244 -110.68 -0.10 -48.62
C ASN A 244 -112.15 0.06 -48.99
N VAL A 245 -112.40 0.38 -50.27
CA VAL A 245 -113.76 0.48 -50.76
C VAL A 245 -114.43 -0.89 -50.78
N GLU A 246 -113.68 -1.94 -51.15
CA GLU A 246 -114.26 -3.26 -51.22
C GLU A 246 -114.52 -3.86 -49.85
N THR A 247 -113.77 -3.46 -48.83
CA THR A 247 -114.07 -3.96 -47.49
C THR A 247 -115.11 -3.12 -46.77
N VAL A 248 -115.51 -1.98 -47.35
CA VAL A 248 -116.57 -1.16 -46.80
C VAL A 248 -117.90 -1.46 -47.46
N ALA A 249 -117.91 -1.64 -48.78
CA ALA A 249 -119.14 -1.79 -49.53
C ALA A 249 -119.86 -3.12 -49.29
N VAL A 250 -119.22 -4.07 -48.61
CA VAL A 250 -119.88 -5.34 -48.29
C VAL A 250 -120.44 -5.35 -46.86
N SER A 251 -120.02 -4.42 -46.01
CA SER A 251 -120.52 -4.39 -44.63
C SER A 251 -122.03 -4.27 -44.48
N PRO A 252 -122.78 -3.45 -45.25
CA PRO A 252 -124.24 -3.53 -45.13
C PRO A 252 -124.81 -4.87 -45.54
N THR A 253 -124.26 -5.49 -46.58
CA THR A 253 -124.76 -6.80 -47.00
C THR A 253 -124.39 -7.88 -45.99
N ILE A 254 -123.23 -7.76 -45.34
CA ILE A 254 -122.88 -8.68 -44.26
C ILE A 254 -123.84 -8.50 -43.09
N CYS A 255 -124.14 -7.25 -42.73
CA CYS A 255 -125.02 -7.00 -41.60
C CYS A 255 -126.48 -7.34 -41.90
N ARG A 256 -126.86 -7.38 -43.17
CA ARG A 256 -128.25 -7.68 -43.51
C ARG A 256 -128.46 -9.17 -43.76
N ARG A 257 -127.65 -9.76 -44.64
CA ARG A 257 -127.83 -11.17 -44.97
C ARG A 257 -127.33 -12.09 -43.87
N GLY A 258 -126.29 -11.68 -43.15
CA GLY A 258 -125.77 -12.50 -42.07
C GLY A 258 -124.30 -12.80 -42.22
N GLY A 259 -123.58 -12.89 -41.10
CA GLY A 259 -122.17 -13.19 -41.16
C GLY A 259 -121.88 -14.60 -41.64
N ALA A 260 -122.72 -15.56 -41.22
CA ALA A 260 -122.50 -16.96 -41.60
C ALA A 260 -122.72 -17.18 -43.10
N TRP A 261 -123.63 -16.42 -43.70
CA TRP A 261 -123.82 -16.48 -45.14
C TRP A 261 -122.56 -16.04 -45.88
N PHE A 262 -121.91 -14.98 -45.39
CA PHE A 262 -120.66 -14.54 -45.99
C PHE A 262 -119.53 -15.51 -45.72
N ALA A 263 -119.56 -16.18 -44.57
CA ALA A 263 -118.53 -17.16 -44.21
C ALA A 263 -118.78 -18.52 -44.84
N SER A 264 -119.91 -18.71 -45.52
CA SER A 264 -120.20 -19.99 -46.18
C SER A 264 -119.56 -20.12 -47.54
N PHE A 265 -118.83 -19.10 -48.02
CA PHE A 265 -118.11 -19.16 -49.29
C PHE A 265 -116.62 -19.23 -49.01
N GLY A 266 -115.90 -19.94 -49.86
CA GLY A 266 -114.46 -20.02 -49.75
C GLY A 266 -114.02 -21.01 -48.69
N ARG A 267 -112.69 -21.15 -48.57
CA ARG A 267 -112.11 -22.03 -47.58
C ARG A 267 -112.10 -21.36 -46.22
N GLU A 268 -111.50 -22.03 -45.24
CA GLU A 268 -111.33 -21.42 -43.93
C GLU A 268 -110.31 -20.30 -44.00
N ARG A 269 -110.59 -19.21 -43.28
CA ARG A 269 -109.79 -17.98 -43.23
C ARG A 269 -109.65 -17.32 -44.60
N ASN A 270 -110.53 -17.66 -45.54
CA ASN A 270 -110.62 -17.01 -46.84
C ASN A 270 -112.08 -16.83 -47.21
N SER A 271 -112.90 -16.46 -46.24
CA SER A 271 -114.34 -16.43 -46.42
C SER A 271 -114.76 -15.23 -47.27
N GLY A 272 -115.81 -15.44 -48.05
CA GLY A 272 -116.45 -14.37 -48.79
C GLY A 272 -116.17 -14.44 -50.28
N THR A 273 -116.70 -13.44 -50.98
CA THR A 273 -116.54 -13.28 -52.41
C THR A 273 -115.56 -12.16 -52.69
N LYS A 274 -115.18 -12.03 -53.96
CA LYS A 274 -114.12 -11.10 -54.32
C LYS A 274 -114.32 -10.63 -55.76
N LEU A 275 -113.95 -9.39 -56.01
CA LEU A 275 -113.89 -8.85 -57.36
C LEU A 275 -112.51 -9.13 -57.95
N PHE A 276 -112.48 -9.76 -59.12
CA PHE A 276 -111.24 -10.09 -59.80
C PHE A 276 -111.19 -9.34 -61.11
N ASN A 277 -110.05 -8.73 -61.40
CA ASN A 277 -109.83 -8.01 -62.65
C ASN A 277 -108.84 -8.80 -63.48
N ILE A 278 -109.31 -9.42 -64.56
CA ILE A 278 -108.46 -10.17 -65.46
C ILE A 278 -108.07 -9.26 -66.61
N SER A 279 -106.77 -9.06 -66.79
CA SER A 279 -106.25 -8.21 -67.84
C SER A 279 -104.97 -8.80 -68.40
N GLY A 280 -104.50 -8.20 -69.49
CA GLY A 280 -103.28 -8.66 -70.13
C GLY A 280 -103.56 -9.37 -71.44
N HIS A 281 -102.82 -10.44 -71.71
CA HIS A 281 -102.98 -11.21 -72.94
C HIS A 281 -104.07 -12.25 -72.76
N VAL A 282 -105.32 -11.77 -72.76
CA VAL A 282 -106.50 -12.62 -72.65
C VAL A 282 -107.47 -12.23 -73.76
N ASN A 283 -108.45 -13.09 -73.98
CA ASN A 283 -109.44 -12.83 -75.02
C ASN A 283 -110.40 -11.71 -74.61
N ASN A 284 -110.90 -11.76 -73.39
CA ASN A 284 -111.82 -10.75 -72.88
C ASN A 284 -111.33 -10.26 -71.53
N PRO A 285 -110.69 -9.09 -71.46
CA PRO A 285 -110.34 -8.52 -70.16
C PRO A 285 -111.59 -7.99 -69.47
N CYS A 286 -111.76 -8.35 -68.19
CA CYS A 286 -113.02 -8.03 -67.53
C CYS A 286 -112.86 -8.03 -66.02
N THR A 287 -113.83 -7.40 -65.36
CA THR A 287 -113.94 -7.40 -63.91
C THR A 287 -115.16 -8.24 -63.54
N VAL A 288 -114.95 -9.27 -62.73
CA VAL A 288 -115.99 -10.23 -62.43
C VAL A 288 -115.93 -10.60 -60.94
N GLU A 289 -117.09 -10.67 -60.30
CA GLU A 289 -117.17 -11.18 -58.94
C GLU A 289 -117.19 -12.70 -58.96
N GLU A 290 -116.52 -13.29 -57.97
CA GLU A 290 -116.38 -14.74 -57.94
C GLU A 290 -116.14 -15.17 -56.49
N GLU A 291 -116.26 -16.48 -56.26
CA GLU A 291 -115.91 -17.05 -54.97
C GLU A 291 -114.43 -16.91 -54.72
N MET A 292 -114.03 -17.04 -53.45
CA MET A 292 -112.66 -16.76 -53.08
C MET A 292 -111.70 -17.84 -53.52
N SER A 293 -112.08 -19.11 -53.41
CA SER A 293 -111.17 -20.22 -53.70
C SER A 293 -111.36 -20.79 -55.09
N VAL A 294 -111.72 -19.96 -56.06
CA VAL A 294 -111.84 -20.42 -57.45
C VAL A 294 -110.45 -20.71 -58.00
N PRO A 295 -110.26 -21.79 -58.75
CA PRO A 295 -108.98 -21.99 -59.44
C PRO A 295 -108.73 -20.89 -60.45
N LEU A 296 -107.44 -20.56 -60.64
CA LEU A 296 -107.08 -19.52 -61.58
C LEU A 296 -107.42 -19.94 -63.01
N LYS A 297 -107.17 -21.21 -63.35
CA LYS A 297 -107.49 -21.72 -64.67
C LYS A 297 -108.99 -21.67 -64.93
N GLU A 298 -109.80 -22.06 -63.94
CA GLU A 298 -111.25 -22.00 -64.09
C GLU A 298 -111.73 -20.57 -64.26
N LEU A 299 -111.15 -19.63 -63.51
CA LEU A 299 -111.51 -18.22 -63.62
C LEU A 299 -111.20 -17.69 -65.01
N ILE A 300 -110.01 -17.99 -65.53
CA ILE A 300 -109.60 -17.51 -66.85
C ILE A 300 -110.48 -18.12 -67.94
N GLU A 301 -110.70 -19.44 -67.86
CA GLU A 301 -111.45 -20.13 -68.91
C GLU A 301 -112.94 -19.85 -68.85
N LYS A 302 -113.46 -19.38 -67.72
CA LYS A 302 -114.90 -19.14 -67.61
C LYS A 302 -115.27 -17.68 -67.81
N HIS A 303 -114.51 -16.74 -67.26
CA HIS A 303 -114.91 -15.35 -67.32
C HIS A 303 -114.11 -14.51 -68.30
N ALA A 304 -112.86 -14.85 -68.55
CA ALA A 304 -112.04 -14.09 -69.49
C ALA A 304 -112.13 -14.61 -70.90
N GLY A 305 -112.79 -15.74 -71.12
CA GLY A 305 -112.85 -16.33 -72.44
C GLY A 305 -111.62 -17.10 -72.85
N GLY A 306 -110.63 -17.23 -71.97
CA GLY A 306 -109.45 -18.02 -72.25
C GLY A 306 -108.24 -17.14 -72.55
N VAL A 307 -107.07 -17.78 -72.48
CA VAL A 307 -105.82 -17.10 -72.81
C VAL A 307 -105.72 -16.96 -74.33
N THR A 308 -105.24 -15.79 -74.78
CA THR A 308 -105.03 -15.54 -76.20
C THR A 308 -104.01 -16.52 -76.76
N GLY A 309 -104.46 -17.40 -77.64
CA GLY A 309 -103.64 -18.49 -78.13
C GLY A 309 -103.84 -19.80 -77.42
N GLY A 310 -104.82 -19.90 -76.53
CA GLY A 310 -105.07 -21.12 -75.79
C GLY A 310 -104.28 -21.21 -74.50
N TRP A 311 -104.65 -22.19 -73.68
CA TRP A 311 -103.98 -22.40 -72.41
C TRP A 311 -102.55 -22.88 -72.57
N ASP A 312 -102.23 -23.54 -73.67
CA ASP A 312 -100.85 -23.97 -73.90
C ASP A 312 -99.92 -22.81 -74.20
N ASN A 313 -100.47 -21.67 -74.62
CA ASN A 313 -99.67 -20.49 -74.93
C ASN A 313 -99.34 -19.66 -73.69
N LEU A 314 -99.80 -20.05 -72.52
CA LEU A 314 -99.55 -19.29 -71.31
C LEU A 314 -98.08 -19.35 -70.92
N LEU A 315 -97.52 -18.20 -70.56
CA LEU A 315 -96.17 -18.11 -70.03
C LEU A 315 -96.13 -17.76 -68.56
N ALA A 316 -96.77 -16.67 -68.16
CA ALA A 316 -96.71 -16.25 -66.76
C ALA A 316 -98.01 -15.56 -66.38
N VAL A 317 -98.29 -15.56 -65.09
CA VAL A 317 -99.43 -14.87 -64.53
C VAL A 317 -98.98 -14.14 -63.28
N ILE A 318 -99.27 -12.84 -63.22
CA ILE A 318 -99.15 -12.06 -61.99
C ILE A 318 -100.48 -12.14 -61.27
N PRO A 319 -100.53 -12.70 -60.05
CA PRO A 319 -101.82 -13.00 -59.43
C PRO A 319 -102.52 -11.79 -58.86
N GLY A 320 -101.78 -10.84 -58.30
CA GLY A 320 -102.39 -9.77 -57.56
C GLY A 320 -101.90 -8.37 -57.84
N GLY A 321 -101.64 -8.07 -59.11
CA GLY A 321 -101.13 -6.77 -59.45
C GLY A 321 -99.63 -6.69 -59.21
N SER A 322 -99.08 -5.52 -59.52
CA SER A 322 -97.63 -5.38 -59.70
C SER A 322 -96.84 -5.60 -58.43
N SER A 323 -97.47 -5.56 -57.25
CA SER A 323 -96.72 -5.76 -56.02
C SER A 323 -96.41 -7.23 -55.76
N THR A 324 -97.18 -8.15 -56.35
CA THR A 324 -96.97 -9.55 -56.02
C THR A 324 -96.08 -10.23 -57.05
N PRO A 325 -95.27 -11.20 -56.63
CA PRO A 325 -94.41 -11.91 -57.59
C PRO A 325 -95.21 -12.78 -58.53
N LEU A 326 -94.70 -12.95 -59.74
CA LEU A 326 -95.39 -13.72 -60.75
C LEU A 326 -95.23 -15.22 -60.49
N ILE A 327 -96.03 -16.00 -61.22
CA ILE A 327 -95.88 -17.46 -61.22
C ILE A 327 -95.87 -17.94 -62.67
N PRO A 328 -95.12 -19.00 -62.97
CA PRO A 328 -95.04 -19.48 -64.35
C PRO A 328 -96.23 -20.34 -64.74
N LYS A 329 -96.17 -20.94 -65.93
CA LYS A 329 -97.29 -21.74 -66.44
C LYS A 329 -97.52 -23.01 -65.62
N SER A 330 -96.42 -23.66 -65.20
CA SER A 330 -96.54 -24.96 -64.54
C SER A 330 -97.16 -24.84 -63.16
N VAL A 331 -96.79 -23.81 -62.41
CA VAL A 331 -97.39 -23.59 -61.09
C VAL A 331 -98.84 -23.18 -61.22
N CYS A 332 -99.16 -22.39 -62.25
CA CYS A 332 -100.44 -21.71 -62.37
C CYS A 332 -101.62 -22.64 -62.62
N GLU A 333 -101.37 -23.93 -62.89
CA GLU A 333 -102.46 -24.82 -63.29
C GLU A 333 -103.40 -25.13 -62.14
N THR A 334 -102.85 -25.47 -60.97
CA THR A 334 -103.67 -26.02 -59.89
C THR A 334 -103.60 -25.19 -58.62
N VAL A 335 -103.69 -23.87 -58.73
CA VAL A 335 -103.60 -22.97 -57.58
C VAL A 335 -104.92 -22.23 -57.43
N LEU A 336 -105.50 -22.31 -56.24
CA LEU A 336 -106.70 -21.55 -55.93
C LEU A 336 -106.36 -20.08 -55.70
N MET A 337 -107.36 -19.23 -55.92
CA MET A 337 -107.15 -17.78 -55.89
C MET A 337 -107.47 -17.18 -54.52
N ASP A 338 -106.91 -17.73 -53.45
CA ASP A 338 -107.12 -17.12 -52.14
C ASP A 338 -105.79 -16.80 -51.47
N PHE A 339 -105.84 -16.40 -50.19
CA PHE A 339 -104.63 -15.92 -49.52
C PHE A 339 -103.65 -17.04 -49.26
N ASP A 340 -104.12 -18.16 -48.70
CA ASP A 340 -103.21 -19.22 -48.28
C ASP A 340 -102.66 -19.99 -49.47
N ALA A 341 -103.49 -20.25 -50.49
CA ALA A 341 -103.04 -21.01 -51.64
C ALA A 341 -102.01 -20.26 -52.48
N LEU A 342 -101.92 -18.95 -52.32
CA LEU A 342 -100.87 -18.19 -52.97
C LEU A 342 -99.68 -17.91 -52.04
N ILE A 343 -99.93 -17.79 -50.73
CA ILE A 343 -98.83 -17.64 -49.78
C ILE A 343 -97.96 -18.90 -49.77
N GLN A 344 -98.59 -20.07 -49.83
CA GLN A 344 -97.82 -21.30 -49.93
C GLN A 344 -97.16 -21.47 -51.30
N ALA A 345 -97.58 -20.68 -52.29
CA ALA A 345 -96.94 -20.67 -53.60
C ALA A 345 -96.02 -19.47 -53.78
N GLN A 346 -95.38 -19.03 -52.69
CA GLN A 346 -94.48 -17.88 -52.55
C GLN A 346 -94.92 -16.63 -53.34
N THR A 347 -96.21 -16.32 -53.29
CA THR A 347 -96.73 -15.09 -53.86
C THR A 347 -97.87 -14.60 -52.96
N GLY A 348 -98.65 -13.64 -53.45
CA GLY A 348 -99.72 -13.07 -52.66
C GLY A 348 -100.94 -12.78 -53.50
N LEU A 349 -102.09 -12.71 -52.82
CA LEU A 349 -103.34 -12.43 -53.51
C LEU A 349 -103.43 -10.97 -53.91
N GLY A 350 -102.90 -10.07 -53.08
CA GLY A 350 -102.81 -8.66 -53.43
C GLY A 350 -104.17 -8.03 -53.61
N THR A 351 -104.32 -7.32 -54.73
CA THR A 351 -105.59 -6.70 -55.09
C THR A 351 -106.47 -7.63 -55.90
N ALA A 352 -106.10 -8.90 -56.01
CA ALA A 352 -106.81 -9.92 -56.80
C ALA A 352 -106.94 -9.50 -58.26
N ALA A 353 -105.85 -9.03 -58.82
CA ALA A 353 -105.79 -8.57 -60.20
C ALA A 353 -104.88 -9.50 -60.99
N VAL A 354 -105.46 -10.26 -61.90
CA VAL A 354 -104.76 -11.31 -62.63
C VAL A 354 -104.28 -10.73 -63.95
N ILE A 355 -102.97 -10.56 -64.09
CA ILE A 355 -102.35 -10.14 -65.33
C ILE A 355 -101.77 -11.36 -66.02
N VAL A 356 -102.16 -11.57 -67.28
CA VAL A 356 -101.81 -12.77 -68.03
C VAL A 356 -100.84 -12.40 -69.14
N MET A 357 -99.68 -13.05 -69.17
CA MET A 357 -98.72 -12.88 -70.25
C MET A 357 -98.53 -14.22 -70.94
N ASP A 358 -98.73 -14.23 -72.26
CA ASP A 358 -98.55 -15.43 -73.06
C ASP A 358 -97.10 -15.52 -73.52
N ARG A 359 -96.80 -16.45 -74.42
CA ARG A 359 -95.42 -16.72 -74.79
C ARG A 359 -94.81 -15.65 -75.68
N SER A 360 -95.61 -14.71 -76.19
CA SER A 360 -95.09 -13.62 -77.01
C SER A 360 -94.67 -12.41 -76.18
N THR A 361 -94.60 -12.56 -74.87
CA THR A 361 -94.26 -11.46 -73.98
C THR A 361 -92.78 -11.52 -73.65
N ASP A 362 -92.06 -10.43 -73.92
CA ASP A 362 -90.72 -10.25 -73.39
C ASP A 362 -90.87 -9.97 -71.90
N ILE A 363 -90.75 -11.02 -71.08
CA ILE A 363 -91.07 -10.90 -69.66
C ILE A 363 -90.07 -10.00 -68.94
N VAL A 364 -88.82 -9.98 -69.40
CA VAL A 364 -87.82 -9.11 -68.78
C VAL A 364 -88.17 -7.65 -69.01
N LYS A 365 -88.67 -7.32 -70.20
CA LYS A 365 -89.08 -5.94 -70.47
C LYS A 365 -90.29 -5.55 -69.64
N ALA A 366 -91.22 -6.48 -69.42
CA ALA A 366 -92.38 -6.20 -68.58
C ALA A 366 -91.98 -5.95 -67.13
N ILE A 367 -91.09 -6.77 -66.59
CA ILE A 367 -90.66 -6.56 -65.21
C ILE A 367 -89.81 -5.30 -65.09
N ALA A 368 -89.01 -4.98 -66.11
CA ALA A 368 -88.27 -3.72 -66.09
C ALA A 368 -89.19 -2.52 -66.13
N ARG A 369 -90.31 -2.64 -66.88
CA ARG A 369 -91.32 -1.59 -66.87
C ARG A 369 -91.96 -1.44 -65.50
N LEU A 370 -92.18 -2.56 -64.81
CA LEU A 370 -92.72 -2.50 -63.46
C LEU A 370 -91.76 -1.83 -62.49
N ILE A 371 -90.47 -2.13 -62.62
CA ILE A 371 -89.47 -1.49 -61.76
C ILE A 371 -89.37 0.00 -62.08
N GLU A 372 -89.51 0.38 -63.35
CA GLU A 372 -89.54 1.80 -63.70
C GLU A 372 -90.77 2.49 -63.10
N PHE A 373 -91.92 1.80 -63.10
CA PHE A 373 -93.12 2.35 -62.49
C PHE A 373 -92.92 2.56 -60.99
N TYR A 374 -92.29 1.61 -60.32
CA TYR A 374 -92.03 1.77 -58.90
C TYR A 374 -90.96 2.83 -58.64
N LYS A 375 -90.06 3.04 -59.60
CA LYS A 375 -89.09 4.12 -59.49
C LYS A 375 -89.78 5.48 -59.53
N HIS A 376 -90.75 5.64 -60.42
CA HIS A 376 -91.40 6.94 -60.55
C HIS A 376 -92.29 7.25 -59.34
N GLU A 377 -93.03 6.27 -58.86
CA GLU A 377 -94.01 6.50 -57.79
C GLU A 377 -93.45 6.10 -56.42
N SER A 378 -92.32 6.68 -56.06
CA SER A 378 -91.70 6.49 -54.76
C SER A 378 -91.52 7.83 -54.10
N CYS A 379 -91.88 7.94 -52.81
CA CYS A 379 -91.87 9.26 -52.20
C CYS A 379 -90.46 9.71 -51.89
N GLY A 380 -89.52 8.79 -51.80
CA GLY A 380 -88.14 9.14 -51.57
C GLY A 380 -87.78 9.45 -50.14
N GLN A 381 -88.66 9.18 -49.17
CA GLN A 381 -88.36 9.53 -47.79
C GLN A 381 -87.23 8.68 -47.24
N CYS A 382 -87.42 7.37 -47.17
CA CYS A 382 -86.45 6.49 -46.56
C CYS A 382 -85.48 5.98 -47.62
N THR A 383 -84.20 5.96 -47.26
CA THR A 383 -83.15 5.80 -48.28
C THR A 383 -83.04 4.44 -48.98
N PRO A 384 -83.41 3.27 -48.38
CA PRO A 384 -83.24 2.03 -49.18
C PRO A 384 -84.10 1.99 -50.42
N CYS A 385 -85.37 2.38 -50.35
CA CYS A 385 -86.18 2.46 -51.56
C CYS A 385 -85.68 3.57 -52.49
N ARG A 386 -85.41 4.75 -51.93
CA ARG A 386 -85.00 5.92 -52.72
C ARG A 386 -83.76 5.66 -53.55
N GLU A 387 -82.82 4.88 -53.05
CA GLU A 387 -81.63 4.56 -53.83
C GLU A 387 -81.75 3.24 -54.58
N GLY A 388 -82.18 2.17 -53.91
CA GLY A 388 -82.16 0.87 -54.52
C GLY A 388 -83.21 0.63 -55.58
N VAL A 389 -84.35 1.33 -55.56
CA VAL A 389 -85.31 1.12 -56.63
C VAL A 389 -84.78 1.69 -57.94
N ASP A 390 -84.10 2.84 -57.88
CA ASP A 390 -83.38 3.35 -59.03
C ASP A 390 -82.24 2.42 -59.42
N TRP A 391 -81.58 1.82 -58.43
CA TRP A 391 -80.50 0.87 -58.72
C TRP A 391 -81.02 -0.33 -59.51
N MET A 392 -82.13 -0.93 -59.07
CA MET A 392 -82.71 -2.04 -59.82
C MET A 392 -83.27 -1.60 -61.15
N ASN A 393 -83.74 -0.36 -61.27
CA ASN A 393 -84.18 0.14 -62.57
C ASN A 393 -83.02 0.18 -63.56
N LYS A 394 -81.86 0.67 -63.11
CA LYS A 394 -80.69 0.74 -63.99
C LYS A 394 -80.20 -0.65 -64.37
N VAL A 395 -80.08 -1.55 -63.39
CA VAL A 395 -79.59 -2.88 -63.72
C VAL A 395 -80.62 -3.69 -64.51
N MET A 396 -81.91 -3.36 -64.40
CA MET A 396 -82.91 -4.07 -65.18
C MET A 396 -82.96 -3.56 -66.61
N ALA A 397 -82.72 -2.27 -66.83
CA ALA A 397 -82.53 -1.78 -68.20
C ALA A 397 -81.32 -2.46 -68.83
N ARG A 398 -80.23 -2.58 -68.09
CA ARG A 398 -79.05 -3.29 -68.60
C ARG A 398 -79.35 -4.78 -68.82
N PHE A 399 -80.21 -5.38 -67.99
CA PHE A 399 -80.55 -6.79 -68.19
C PHE A 399 -81.42 -6.98 -69.43
N VAL A 400 -82.33 -6.05 -69.68
CA VAL A 400 -83.17 -6.12 -70.88
C VAL A 400 -82.31 -5.97 -72.13
N ARG A 401 -81.36 -5.03 -72.11
CA ARG A 401 -80.41 -4.96 -73.22
C ARG A 401 -79.46 -6.14 -73.25
N GLY A 402 -79.34 -6.89 -72.16
CA GLY A 402 -78.43 -8.01 -72.10
C GLY A 402 -76.99 -7.65 -71.81
N ASP A 403 -76.73 -6.41 -71.40
CA ASP A 403 -75.36 -5.93 -71.17
C ASP A 403 -74.95 -6.22 -69.73
N ALA A 404 -74.71 -7.50 -69.46
CA ALA A 404 -74.28 -7.92 -68.13
C ALA A 404 -73.64 -9.29 -68.21
N ARG A 405 -73.02 -9.70 -67.11
CA ARG A 405 -72.39 -10.96 -66.76
C ARG A 405 -73.23 -11.65 -65.68
N PRO A 406 -73.20 -12.99 -65.58
CA PRO A 406 -74.18 -13.69 -64.72
C PRO A 406 -74.04 -13.42 -63.22
N ALA A 407 -72.96 -12.78 -62.76
CA ALA A 407 -72.79 -12.52 -61.34
C ALA A 407 -73.75 -11.44 -60.83
N GLU A 408 -74.13 -10.47 -61.64
CA GLU A 408 -75.02 -9.44 -61.14
C GLU A 408 -76.47 -9.89 -61.05
N ILE A 409 -76.81 -11.09 -61.53
CA ILE A 409 -78.10 -11.69 -61.19
C ILE A 409 -78.18 -11.96 -59.70
N ASP A 410 -77.16 -12.61 -59.15
CA ASP A 410 -77.11 -12.85 -57.72
C ASP A 410 -76.88 -11.57 -56.94
N SER A 411 -76.14 -10.62 -57.52
CA SER A 411 -76.01 -9.31 -56.88
C SER A 411 -77.36 -8.59 -56.79
N LEU A 412 -78.18 -8.71 -57.83
CA LEU A 412 -79.51 -8.10 -57.80
C LEU A 412 -80.41 -8.81 -56.80
N TRP A 413 -80.26 -10.14 -56.66
CA TRP A 413 -80.98 -10.84 -55.61
C TRP A 413 -80.58 -10.34 -54.23
N GLU A 414 -79.29 -10.11 -54.01
CA GLU A 414 -78.83 -9.57 -52.74
C GLU A 414 -79.37 -8.17 -52.48
N ILE A 415 -79.42 -7.34 -53.53
CA ILE A 415 -79.96 -5.98 -53.39
C ILE A 415 -81.44 -6.02 -53.03
N SER A 416 -82.21 -6.87 -53.71
CA SER A 416 -83.63 -6.99 -53.42
C SER A 416 -83.87 -7.55 -52.03
N LYS A 417 -82.97 -8.40 -51.54
CA LYS A 417 -83.06 -8.82 -50.14
C LYS A 417 -82.70 -7.68 -49.20
N GLN A 418 -81.79 -6.80 -49.60
CA GLN A 418 -81.41 -5.67 -48.76
C GLN A 418 -82.50 -4.61 -48.66
N ILE A 419 -83.38 -4.52 -49.66
CA ILE A 419 -84.49 -3.55 -49.59
C ILE A 419 -85.67 -4.12 -48.80
N GLU A 420 -86.03 -5.37 -49.07
CA GLU A 420 -87.23 -5.98 -48.51
C GLU A 420 -87.08 -6.14 -46.99
N GLY A 421 -87.79 -5.31 -46.24
CA GLY A 421 -87.77 -5.37 -44.80
C GLY A 421 -87.00 -4.26 -44.10
N HIS A 422 -86.51 -3.27 -44.83
CA HIS A 422 -85.73 -2.19 -44.23
C HIS A 422 -86.25 -0.82 -44.64
N THR A 423 -87.55 -0.72 -44.91
CA THR A 423 -88.15 0.52 -45.36
C THR A 423 -89.27 0.94 -44.42
N ILE A 424 -89.70 2.20 -44.58
CA ILE A 424 -90.79 2.72 -43.76
C ILE A 424 -92.11 2.07 -44.14
N CYS A 425 -92.45 2.13 -45.43
CA CYS A 425 -93.71 1.60 -45.93
C CYS A 425 -93.45 0.34 -46.74
N ALA A 426 -94.51 -0.19 -47.34
CA ALA A 426 -94.46 -1.47 -48.03
C ALA A 426 -94.31 -1.32 -49.54
N LEU A 427 -93.91 -0.15 -50.02
CA LEU A 427 -93.56 -0.03 -51.43
C LEU A 427 -92.21 -0.66 -51.73
N GLY A 428 -91.32 -0.68 -50.74
CA GLY A 428 -90.04 -1.34 -50.93
C GLY A 428 -90.18 -2.83 -51.18
N ASP A 429 -91.03 -3.48 -50.37
CA ASP A 429 -91.33 -4.89 -50.61
C ASP A 429 -92.06 -5.09 -51.93
N GLY A 430 -92.96 -4.17 -52.27
CA GLY A 430 -93.70 -4.26 -53.51
C GLY A 430 -92.85 -4.04 -54.75
N ALA A 431 -91.70 -3.39 -54.61
CA ALA A 431 -90.77 -3.26 -55.72
C ALA A 431 -89.72 -4.36 -55.71
N ALA A 432 -89.39 -4.92 -54.55
CA ALA A 432 -88.43 -6.00 -54.49
C ALA A 432 -89.01 -7.33 -54.93
N TRP A 433 -90.30 -7.56 -54.67
CA TRP A 433 -90.92 -8.86 -54.96
C TRP A 433 -90.93 -9.26 -56.44
N PRO A 434 -91.31 -8.40 -57.41
CA PRO A 434 -91.27 -8.85 -58.81
C PRO A 434 -89.89 -9.20 -59.30
N VAL A 435 -88.85 -8.50 -58.83
CA VAL A 435 -87.47 -8.83 -59.21
C VAL A 435 -87.11 -10.22 -58.73
N GLN A 436 -87.47 -10.53 -57.47
CA GLN A 436 -87.16 -11.84 -56.92
C GLN A 436 -87.93 -12.95 -57.63
N GLY A 437 -89.21 -12.69 -57.96
CA GLY A 437 -89.98 -13.68 -58.71
C GLY A 437 -89.41 -13.94 -60.09
N LEU A 438 -89.03 -12.86 -60.80
CA LEU A 438 -88.45 -13.01 -62.12
C LEU A 438 -87.12 -13.76 -62.06
N ILE A 439 -86.28 -13.45 -61.07
CA ILE A 439 -85.00 -14.15 -60.94
C ILE A 439 -85.24 -15.63 -60.70
N ARG A 440 -86.09 -15.94 -59.72
CA ARG A 440 -86.32 -17.31 -59.28
C ARG A 440 -86.94 -18.18 -60.37
N HIS A 441 -87.86 -17.62 -61.15
CA HIS A 441 -88.54 -18.44 -62.15
C HIS A 441 -87.95 -18.32 -63.55
N PHE A 442 -87.10 -17.34 -63.83
CA PHE A 442 -86.64 -17.14 -65.20
C PHE A 442 -85.17 -16.74 -65.26
N ARG A 443 -84.33 -17.19 -64.34
CA ARG A 443 -82.88 -17.00 -64.52
C ARG A 443 -82.28 -17.63 -65.79
N PRO A 444 -82.72 -18.80 -66.31
CA PRO A 444 -82.12 -19.26 -67.58
C PRO A 444 -82.36 -18.32 -68.75
N GLU A 445 -83.52 -17.67 -68.80
CA GLU A 445 -83.82 -16.75 -69.90
C GLU A 445 -82.95 -15.51 -69.83
N LEU A 446 -82.76 -14.98 -68.62
CA LEU A 446 -81.81 -13.87 -68.43
C LEU A 446 -80.41 -14.27 -68.86
N GLU A 447 -79.98 -15.47 -68.46
CA GLU A 447 -78.63 -15.91 -68.79
C GLU A 447 -78.45 -16.07 -70.30
N GLU A 448 -79.44 -16.62 -71.00
CA GLU A 448 -79.25 -16.83 -72.43
C GLU A 448 -79.32 -15.51 -73.20
N ARG A 449 -80.17 -14.57 -72.75
CA ARG A 449 -80.21 -13.25 -73.39
C ARG A 449 -78.89 -12.52 -73.20
N MET A 450 -78.35 -12.55 -71.99
CA MET A 450 -77.10 -11.86 -71.69
C MET A 450 -75.92 -12.49 -72.42
N GLN A 451 -75.87 -13.82 -72.50
CA GLN A 451 -74.78 -14.46 -73.23
C GLN A 451 -74.94 -14.29 -74.74
N ARG A 452 -76.17 -14.15 -75.23
CA ARG A 452 -76.36 -13.84 -76.64
C ARG A 452 -75.85 -12.46 -76.98
N PHE A 453 -76.12 -11.47 -76.11
CA PHE A 453 -75.57 -10.14 -76.32
C PHE A 453 -74.05 -10.15 -76.23
N ALA A 454 -73.50 -10.91 -75.29
CA ALA A 454 -72.04 -10.98 -75.15
C ALA A 454 -71.38 -11.65 -76.34
N GLN A 455 -72.06 -12.63 -76.94
CA GLN A 455 -71.51 -13.27 -78.13
C GLN A 455 -71.62 -12.37 -79.35
N GLN A 456 -72.76 -11.70 -79.53
CA GLN A 456 -72.96 -10.86 -80.71
C GLN A 456 -72.18 -9.57 -80.66
N HIS A 457 -71.77 -9.11 -79.47
CA HIS A 457 -71.07 -7.84 -79.36
C HIS A 457 -69.55 -7.99 -79.41
N GLN A 458 -69.00 -9.12 -78.95
CA GLN A 458 -67.56 -9.30 -78.92
C GLN A 458 -67.16 -10.58 -79.64
N ALA B 34 -88.39 19.22 -67.02
CA ALA B 34 -89.12 19.26 -65.75
C ALA B 34 -88.15 19.36 -64.59
N LEU B 35 -87.80 20.58 -64.21
CA LEU B 35 -86.87 20.83 -63.12
C LEU B 35 -87.63 21.21 -61.85
N PHE B 36 -87.05 20.85 -60.71
CA PHE B 36 -87.66 21.09 -59.41
C PHE B 36 -87.11 22.32 -58.73
N VAL B 37 -86.54 23.25 -59.50
CA VAL B 37 -86.14 24.56 -59.01
C VAL B 37 -86.62 25.60 -60.01
N HIS B 38 -86.92 26.79 -59.51
CA HIS B 38 -87.56 27.83 -60.31
C HIS B 38 -86.61 29.01 -60.51
N ARG B 39 -86.56 29.50 -61.74
CA ARG B 39 -85.88 30.74 -62.08
C ARG B 39 -86.89 31.77 -62.54
N ASP B 40 -86.74 33.00 -62.08
CA ASP B 40 -87.75 34.03 -62.34
C ASP B 40 -87.71 34.50 -63.79
N THR B 41 -88.44 33.82 -64.66
CA THR B 41 -88.59 34.25 -66.03
C THR B 41 -89.53 35.46 -66.11
N PRO B 42 -89.47 36.24 -67.19
CA PRO B 42 -90.47 37.30 -67.37
C PRO B 42 -91.90 36.80 -67.47
N LYS B 43 -92.10 35.56 -67.90
CA LYS B 43 -93.43 34.97 -67.94
C LYS B 43 -93.83 34.30 -66.64
N ASN B 44 -92.88 34.02 -65.75
CA ASN B 44 -93.16 33.33 -64.48
C ASN B 44 -92.32 34.02 -63.40
N ASN B 45 -92.92 34.98 -62.72
CA ASN B 45 -92.30 35.76 -61.68
C ASN B 45 -93.32 35.95 -60.56
N PRO B 46 -92.88 36.32 -59.36
CA PRO B 46 -93.85 36.64 -58.29
C PRO B 46 -94.76 37.81 -58.60
N GLU B 47 -94.41 38.67 -59.55
CA GLU B 47 -95.22 39.81 -59.93
C GLU B 47 -96.24 39.48 -61.01
N THR B 48 -96.34 38.22 -61.40
CA THR B 48 -97.34 37.83 -62.40
C THR B 48 -98.73 37.96 -61.80
N PRO B 49 -99.65 38.67 -62.46
CA PRO B 49 -100.99 38.87 -61.89
C PRO B 49 -101.77 37.57 -61.86
N PHE B 50 -102.33 37.27 -60.68
CA PHE B 50 -103.22 36.12 -60.50
C PHE B 50 -104.09 36.39 -59.28
N ASP B 51 -105.39 36.12 -59.43
CA ASP B 51 -106.31 36.25 -58.31
C ASP B 51 -107.52 35.36 -58.57
N PHE B 52 -108.20 35.01 -57.49
CA PHE B 52 -109.38 34.16 -57.59
C PHE B 52 -110.62 34.98 -57.93
N THR B 53 -111.45 34.42 -58.82
CA THR B 53 -112.76 34.99 -59.08
C THR B 53 -113.65 34.80 -57.84
N PRO B 54 -114.65 35.67 -57.63
CA PRO B 54 -115.45 35.59 -56.40
C PRO B 54 -116.19 34.27 -56.20
N GLU B 55 -116.67 33.63 -57.26
CA GLU B 55 -117.27 32.31 -57.10
C GLU B 55 -116.23 31.27 -56.71
N ASN B 56 -115.00 31.42 -57.22
CA ASN B 56 -113.91 30.56 -56.78
C ASN B 56 -113.54 30.85 -55.32
N TYR B 57 -113.70 32.11 -54.88
CA TYR B 57 -113.52 32.41 -53.46
C TYR B 57 -114.57 31.72 -52.61
N LYS B 58 -115.82 31.66 -53.09
CA LYS B 58 -116.86 30.95 -52.36
C LYS B 58 -116.57 29.45 -52.30
N ARG B 59 -116.10 28.88 -53.41
CA ARG B 59 -115.72 27.47 -53.42
C ARG B 59 -114.54 27.21 -52.48
N ILE B 60 -113.59 28.14 -52.42
CA ILE B 60 -112.45 28.03 -51.52
C ILE B 60 -112.91 28.06 -50.06
N GLU B 61 -113.87 28.94 -49.76
CA GLU B 61 -114.38 28.99 -48.40
C GLU B 61 -115.18 27.74 -48.04
N ALA B 62 -115.85 27.12 -49.02
CA ALA B 62 -116.50 25.83 -48.76
C ALA B 62 -115.46 24.74 -48.50
N ILE B 63 -114.38 24.74 -49.27
CA ILE B 63 -113.29 23.79 -49.08
C ILE B 63 -112.68 23.93 -47.69
N VAL B 64 -112.46 25.17 -47.25
CA VAL B 64 -111.91 25.41 -45.92
C VAL B 64 -112.91 24.97 -44.85
N LYS B 65 -114.20 25.25 -45.06
CA LYS B 65 -115.23 24.84 -44.11
C LYS B 65 -115.39 23.33 -44.02
N ASN B 66 -114.89 22.59 -45.01
CA ASN B 66 -114.98 21.13 -44.96
C ASN B 66 -114.14 20.53 -43.83
N TYR B 67 -113.05 21.19 -43.42
CA TYR B 67 -112.04 20.67 -42.52
C TYR B 67 -112.21 21.23 -41.12
N PRO B 68 -111.70 20.53 -40.09
CA PRO B 68 -111.80 21.04 -38.72
C PRO B 68 -111.00 22.31 -38.49
N GLU B 69 -111.42 23.07 -37.49
CA GLU B 69 -110.69 24.25 -37.07
C GLU B 69 -109.35 23.86 -36.46
N GLY B 70 -108.36 24.72 -36.64
CA GLY B 70 -107.01 24.41 -36.26
C GLY B 70 -106.23 23.63 -37.29
N HIS B 71 -106.87 23.23 -38.38
CA HIS B 71 -106.22 22.48 -39.44
C HIS B 71 -106.64 23.05 -40.79
N LYS B 72 -106.57 24.37 -40.92
CA LYS B 72 -106.87 25.04 -42.18
C LYS B 72 -105.83 24.76 -43.24
N ALA B 73 -104.64 24.29 -42.85
CA ALA B 73 -103.59 23.91 -43.79
C ALA B 73 -103.93 22.64 -44.55
N ALA B 74 -104.97 21.90 -44.14
CA ALA B 74 -105.36 20.68 -44.82
C ALA B 74 -106.02 20.94 -46.17
N ALA B 75 -106.33 22.18 -46.49
CA ALA B 75 -107.00 22.53 -47.75
C ALA B 75 -106.03 23.01 -48.81
N VAL B 76 -104.75 22.65 -48.71
CA VAL B 76 -103.78 23.08 -49.71
C VAL B 76 -104.03 22.41 -51.05
N LEU B 77 -104.31 21.10 -51.04
CA LEU B 77 -104.53 20.37 -52.27
C LEU B 77 -105.74 20.85 -53.08
N PRO B 78 -106.96 20.97 -52.53
CA PRO B 78 -108.09 21.32 -53.40
C PRO B 78 -108.08 22.77 -53.84
N VAL B 79 -107.59 23.69 -53.01
CA VAL B 79 -107.51 25.09 -53.42
C VAL B 79 -106.48 25.26 -54.53
N LEU B 80 -105.35 24.56 -54.44
CA LEU B 80 -104.36 24.61 -55.50
C LEU B 80 -104.88 23.99 -56.79
N ASP B 81 -105.65 22.89 -56.68
CA ASP B 81 -106.26 22.30 -57.85
C ASP B 81 -107.27 23.24 -58.49
N LEU B 82 -108.04 23.96 -57.67
CA LEU B 82 -108.99 24.93 -58.18
C LEU B 82 -108.29 26.09 -58.85
N ALA B 83 -107.16 26.54 -58.30
CA ALA B 83 -106.37 27.58 -58.94
C ALA B 83 -105.83 27.13 -60.29
N GLN B 84 -105.40 25.87 -60.39
CA GLN B 84 -104.97 25.34 -61.67
C GLN B 84 -106.12 25.28 -62.67
N ARG B 85 -107.30 24.82 -62.23
CA ARG B 85 -108.44 24.75 -63.13
C ARG B 85 -108.91 26.13 -63.58
N GLN B 86 -108.68 27.16 -62.74
CA GLN B 86 -108.93 28.52 -63.19
C GLN B 86 -107.90 28.98 -64.21
N ASN B 87 -106.62 28.74 -63.93
CA ASN B 87 -105.55 29.34 -64.73
C ASN B 87 -105.03 28.44 -65.84
N GLY B 88 -105.14 27.12 -65.71
CA GLY B 88 -104.56 26.21 -66.67
C GLY B 88 -103.19 25.68 -66.29
N TRP B 89 -102.47 26.40 -65.44
CA TRP B 89 -101.15 26.00 -64.98
C TRP B 89 -100.83 26.78 -63.71
N LEU B 90 -99.75 26.38 -63.05
CA LEU B 90 -99.38 26.99 -61.78
C LEU B 90 -98.10 27.80 -61.94
N PRO B 91 -98.18 29.12 -62.05
CA PRO B 91 -96.99 29.96 -61.96
C PRO B 91 -96.61 30.12 -60.50
N ILE B 92 -95.52 30.84 -60.24
CA ILE B 92 -95.29 31.20 -58.85
C ILE B 92 -95.98 32.55 -58.63
N SER B 93 -97.30 32.52 -58.67
CA SER B 93 -98.18 33.51 -58.08
C SER B 93 -99.42 32.91 -57.48
N ALA B 94 -99.82 31.72 -57.95
CA ALA B 94 -100.90 30.96 -57.32
C ALA B 94 -100.43 30.32 -56.02
N MET B 95 -99.17 29.89 -55.97
CA MET B 95 -98.66 29.25 -54.78
C MET B 95 -98.56 30.22 -53.61
N ASN B 96 -98.03 31.42 -53.85
CA ASN B 96 -97.95 32.39 -52.77
C ASN B 96 -99.32 32.98 -52.44
N LYS B 97 -100.23 33.05 -53.42
CA LYS B 97 -101.60 33.45 -53.12
C LYS B 97 -102.28 32.43 -52.23
N VAL B 98 -102.09 31.14 -52.50
CA VAL B 98 -102.64 30.08 -51.66
C VAL B 98 -102.03 30.14 -50.27
N ALA B 99 -100.72 30.38 -50.19
CA ALA B 99 -100.04 30.48 -48.90
C ALA B 99 -100.52 31.68 -48.09
N GLU B 100 -100.85 32.79 -48.77
CA GLU B 100 -101.37 33.96 -48.07
C GLU B 100 -102.82 33.74 -47.63
N ILE B 101 -103.61 33.06 -48.46
CA ILE B 101 -105.02 32.84 -48.13
C ILE B 101 -105.16 31.83 -46.99
N LEU B 102 -104.37 30.77 -47.01
CA LEU B 102 -104.49 29.71 -46.01
C LEU B 102 -103.60 29.91 -44.80
N GLN B 103 -102.81 30.99 -44.77
CA GLN B 103 -101.87 31.30 -43.67
C GLN B 103 -100.90 30.15 -43.41
N VAL B 104 -100.18 29.76 -44.46
CA VAL B 104 -99.13 28.75 -44.34
C VAL B 104 -97.85 29.32 -44.95
N PRO B 105 -96.70 28.81 -44.55
CA PRO B 105 -95.45 29.18 -45.24
C PRO B 105 -95.51 28.78 -46.70
N PRO B 106 -94.99 29.63 -47.60
CA PRO B 106 -95.02 29.29 -49.03
C PRO B 106 -94.15 28.10 -49.40
N MET B 107 -93.17 27.76 -48.56
CA MET B 107 -92.33 26.59 -48.82
C MET B 107 -93.15 25.30 -48.80
N ARG B 108 -94.18 25.23 -47.95
CA ARG B 108 -95.03 24.06 -47.91
C ARG B 108 -95.87 23.94 -49.18
N VAL B 109 -96.34 25.07 -49.71
CA VAL B 109 -97.08 25.05 -50.97
C VAL B 109 -96.15 24.67 -52.11
N TYR B 110 -94.90 25.12 -52.08
CA TYR B 110 -93.93 24.70 -53.09
C TYR B 110 -93.66 23.21 -53.01
N GLU B 111 -93.55 22.67 -51.80
CA GLU B 111 -93.37 21.23 -51.60
C GLU B 111 -94.54 20.44 -52.17
N VAL B 112 -95.76 20.90 -51.89
CA VAL B 112 -96.96 20.22 -52.38
C VAL B 112 -97.02 20.28 -53.90
N ALA B 113 -96.72 21.42 -54.49
CA ALA B 113 -96.76 21.57 -55.94
C ALA B 113 -95.70 20.71 -56.62
N THR B 114 -94.51 20.61 -56.04
CA THR B 114 -93.45 19.82 -56.66
C THR B 114 -93.58 18.33 -56.40
N PHE B 115 -94.28 17.92 -55.34
CA PHE B 115 -94.40 16.49 -55.05
C PHE B 115 -95.33 15.81 -56.04
N TYR B 116 -96.48 16.41 -56.31
CA TYR B 116 -97.54 15.75 -57.04
C TYR B 116 -97.42 15.99 -58.54
N THR B 117 -97.74 14.97 -59.32
CA THR B 117 -97.56 15.04 -60.77
C THR B 117 -98.74 15.69 -61.49
N MET B 118 -99.86 15.92 -60.81
CA MET B 118 -101.03 16.49 -61.45
C MET B 118 -101.01 18.01 -61.48
N TYR B 119 -99.98 18.64 -60.94
CA TYR B 119 -99.87 20.09 -60.90
C TYR B 119 -98.91 20.55 -61.98
N ASN B 120 -99.40 21.36 -62.92
CA ASN B 120 -98.62 21.80 -64.06
C ASN B 120 -97.93 23.11 -63.71
N ARG B 121 -96.62 23.04 -63.44
CA ARG B 121 -95.84 24.23 -63.18
C ARG B 121 -95.34 24.91 -64.46
N LYS B 122 -95.53 24.27 -65.60
CA LYS B 122 -95.23 24.78 -66.93
C LYS B 122 -96.52 24.91 -67.72
N PRO B 123 -96.65 25.93 -68.55
CA PRO B 123 -97.92 26.11 -69.28
C PRO B 123 -98.10 25.06 -70.37
N VAL B 124 -99.02 24.12 -70.13
CA VAL B 124 -99.33 23.08 -71.09
C VAL B 124 -100.39 23.59 -72.06
N GLY B 125 -100.59 22.88 -73.16
CA GLY B 125 -101.60 23.24 -74.14
C GLY B 125 -103.01 23.02 -73.61
N LYS B 126 -103.98 23.32 -74.49
CA LYS B 126 -105.38 23.24 -74.09
C LYS B 126 -105.79 21.81 -73.78
N TYR B 127 -105.33 20.85 -74.56
CA TYR B 127 -105.66 19.44 -74.38
C TYR B 127 -104.42 18.70 -73.90
N HIS B 128 -104.49 18.13 -72.71
CA HIS B 128 -103.37 17.44 -72.09
C HIS B 128 -103.56 15.95 -72.32
N ILE B 129 -102.99 15.45 -73.43
CA ILE B 129 -103.08 14.03 -73.74
C ILE B 129 -102.10 13.26 -72.85
N GLN B 130 -102.57 12.18 -72.24
CA GLN B 130 -101.72 11.34 -71.41
C GLN B 130 -101.92 9.89 -71.80
N VAL B 131 -100.83 9.22 -72.16
CA VAL B 131 -100.85 7.83 -72.59
C VAL B 131 -100.21 6.97 -71.51
N CYS B 132 -100.95 5.97 -71.03
CA CYS B 132 -100.47 5.09 -69.98
C CYS B 132 -99.72 3.93 -70.59
N THR B 133 -98.46 3.74 -70.18
CA THR B 133 -97.59 2.71 -70.72
C THR B 133 -97.04 1.81 -69.62
N THR B 134 -97.87 1.44 -68.66
CA THR B 134 -97.49 0.44 -67.69
C THR B 134 -97.67 -0.95 -68.33
N THR B 135 -97.22 -1.99 -67.62
CA THR B 135 -97.25 -3.34 -68.17
C THR B 135 -98.64 -3.84 -68.58
N PRO B 136 -99.73 -3.67 -67.82
CA PRO B 136 -101.04 -4.09 -68.34
C PRO B 136 -101.48 -3.32 -69.58
N CYS B 137 -100.95 -2.13 -69.84
CA CYS B 137 -101.25 -1.42 -71.07
C CYS B 137 -100.19 -1.67 -72.15
N MET B 138 -98.95 -1.94 -71.75
CA MET B 138 -97.92 -2.27 -72.73
C MET B 138 -98.09 -3.66 -73.31
N LEU B 139 -98.76 -4.56 -72.58
CA LEU B 139 -99.07 -5.87 -73.12
C LEU B 139 -100.12 -5.78 -74.22
N ARG B 140 -101.04 -4.82 -74.13
CA ARG B 140 -102.08 -4.63 -75.13
C ARG B 140 -101.72 -3.54 -76.13
N ASN B 141 -100.42 -3.30 -76.32
CA ASN B 141 -99.87 -2.47 -77.40
C ASN B 141 -100.35 -1.02 -77.31
N SER B 142 -99.98 -0.35 -76.21
CA SER B 142 -100.14 1.09 -76.13
C SER B 142 -99.07 1.84 -76.89
N ASP B 143 -97.95 1.17 -77.19
CA ASP B 143 -96.88 1.80 -77.96
C ASP B 143 -97.33 2.14 -79.37
N SER B 144 -98.21 1.32 -79.96
CA SER B 144 -98.78 1.64 -81.26
C SER B 144 -99.62 2.91 -81.19
N ILE B 145 -100.38 3.08 -80.11
CA ILE B 145 -101.19 4.27 -79.93
C ILE B 145 -100.31 5.49 -79.77
N LEU B 146 -99.24 5.38 -78.97
CA LEU B 146 -98.34 6.51 -78.76
C LEU B 146 -97.63 6.88 -80.05
N GLU B 147 -97.20 5.88 -80.84
CA GLU B 147 -96.54 6.15 -82.11
C GLU B 147 -97.50 6.80 -83.10
N ALA B 148 -98.76 6.34 -83.12
CA ALA B 148 -99.75 6.95 -84.02
C ALA B 148 -100.02 8.40 -83.64
N ILE B 149 -100.12 8.70 -82.34
CA ILE B 149 -100.31 10.08 -81.91
C ILE B 149 -99.08 10.93 -82.29
N GLN B 150 -97.89 10.38 -82.07
CA GLN B 150 -96.65 11.11 -82.34
C GLN B 150 -96.52 11.45 -83.82
N LYS B 151 -96.80 10.48 -84.70
CA LYS B 151 -96.69 10.75 -86.12
C LYS B 151 -97.96 11.39 -86.71
N LYS B 152 -99.01 11.55 -85.91
CA LYS B 152 -100.14 12.34 -86.36
C LYS B 152 -99.93 13.81 -86.05
N LEU B 153 -99.54 14.14 -84.82
CA LEU B 153 -99.38 15.52 -84.40
C LEU B 153 -98.02 16.11 -84.79
N GLY B 154 -97.06 15.28 -85.19
CA GLY B 154 -95.75 15.78 -85.55
C GLY B 154 -94.89 16.22 -84.40
N ILE B 155 -95.13 15.71 -83.19
CA ILE B 155 -94.36 16.05 -82.02
C ILE B 155 -93.91 14.77 -81.33
N LYS B 156 -93.23 14.91 -80.19
CA LYS B 156 -92.77 13.79 -79.40
C LYS B 156 -93.35 13.86 -77.99
N VAL B 157 -92.90 12.96 -77.13
CA VAL B 157 -93.38 12.90 -75.75
C VAL B 157 -92.82 14.09 -74.98
N GLY B 158 -93.70 14.79 -74.26
CA GLY B 158 -93.30 15.97 -73.51
C GLY B 158 -93.26 17.25 -74.31
N GLU B 159 -93.65 17.21 -75.58
CA GLU B 159 -93.62 18.36 -76.46
C GLU B 159 -95.05 18.83 -76.72
N THR B 160 -95.20 20.12 -76.97
CA THR B 160 -96.49 20.70 -77.31
C THR B 160 -96.50 21.14 -78.78
N THR B 161 -97.70 21.24 -79.33
CA THR B 161 -97.87 21.72 -80.69
C THR B 161 -97.52 23.20 -80.75
N PRO B 162 -97.09 23.69 -81.92
CA PRO B 162 -96.71 25.11 -82.02
C PRO B 162 -97.87 26.07 -81.78
N ASP B 163 -99.10 25.69 -82.09
CA ASP B 163 -100.26 26.54 -81.87
C ASP B 163 -100.88 26.37 -80.49
N LYS B 164 -100.23 25.62 -79.60
CA LYS B 164 -100.62 25.46 -78.20
C LYS B 164 -102.04 24.88 -78.08
N LEU B 165 -102.19 23.65 -78.57
CA LEU B 165 -103.50 23.02 -78.58
C LEU B 165 -103.44 21.62 -77.98
N PHE B 166 -102.28 20.98 -78.05
CA PHE B 166 -102.10 19.63 -77.55
C PHE B 166 -100.82 19.54 -76.74
N THR B 167 -100.79 18.57 -75.83
CA THR B 167 -99.59 18.27 -75.04
C THR B 167 -99.60 16.78 -74.76
N LEU B 168 -98.59 16.07 -75.24
CA LEU B 168 -98.53 14.62 -75.16
C LEU B 168 -97.44 14.23 -74.16
N ILE B 169 -97.85 13.61 -73.05
CA ILE B 169 -96.93 13.07 -72.06
C ILE B 169 -97.29 11.62 -71.80
N GLU B 170 -96.38 10.92 -71.13
CA GLU B 170 -96.49 9.50 -70.85
C GLU B 170 -96.68 9.30 -69.35
N VAL B 171 -97.72 8.58 -68.96
CA VAL B 171 -98.06 8.46 -67.56
C VAL B 171 -98.02 7.01 -67.10
N GLU B 172 -98.28 6.78 -65.81
CA GLU B 172 -98.34 5.46 -65.24
C GLU B 172 -99.78 4.96 -65.32
N CYS B 173 -100.10 3.90 -64.57
CA CYS B 173 -101.41 3.27 -64.67
C CYS B 173 -102.51 4.20 -64.19
N LEU B 174 -103.64 4.17 -64.90
CA LEU B 174 -104.73 5.10 -64.68
C LEU B 174 -106.01 4.41 -64.22
N GLY B 175 -105.90 3.19 -63.69
CA GLY B 175 -107.04 2.54 -63.10
C GLY B 175 -108.08 2.00 -64.06
N ALA B 176 -107.71 1.78 -65.32
CA ALA B 176 -108.60 1.18 -66.32
C ALA B 176 -107.86 0.10 -67.08
N CYS B 177 -107.21 -0.80 -66.34
CA CYS B 177 -106.31 -1.76 -66.95
C CYS B 177 -107.05 -2.83 -67.74
N VAL B 178 -108.29 -3.15 -67.36
CA VAL B 178 -109.08 -4.07 -68.18
C VAL B 178 -109.59 -3.41 -69.44
N ASN B 179 -109.51 -2.09 -69.54
CA ASN B 179 -109.85 -1.34 -70.74
C ASN B 179 -108.62 -0.92 -71.52
N ALA B 180 -107.49 -1.59 -71.27
CA ALA B 180 -106.25 -1.27 -71.95
C ALA B 180 -106.35 -1.61 -73.44
N PRO B 181 -105.67 -0.83 -74.31
CA PRO B 181 -104.93 0.40 -74.03
C PRO B 181 -105.87 1.60 -73.91
N MET B 182 -105.38 2.69 -73.33
CA MET B 182 -106.24 3.84 -73.07
C MET B 182 -105.41 5.11 -72.97
N VAL B 183 -106.05 6.24 -73.23
CA VAL B 183 -105.46 7.55 -72.97
C VAL B 183 -106.46 8.38 -72.18
N GLN B 184 -105.94 9.46 -71.59
CA GLN B 184 -106.76 10.41 -70.84
C GLN B 184 -106.51 11.79 -71.40
N ILE B 185 -107.57 12.48 -71.80
CA ILE B 185 -107.49 13.84 -72.30
C ILE B 185 -108.26 14.72 -71.33
N ASN B 186 -107.54 15.55 -70.59
CA ASN B 186 -108.08 16.42 -69.53
C ASN B 186 -108.80 15.55 -68.52
N ASP B 187 -110.12 15.66 -68.36
CA ASP B 187 -110.86 14.86 -67.41
C ASP B 187 -111.54 13.65 -68.05
N ASN B 188 -111.29 13.40 -69.32
CA ASN B 188 -112.01 12.38 -70.07
C ASN B 188 -111.14 11.15 -70.28
N TYR B 189 -111.70 9.98 -70.00
CA TYR B 189 -111.03 8.70 -70.20
C TYR B 189 -111.48 8.13 -71.54
N TYR B 190 -110.53 7.94 -72.46
CA TYR B 190 -110.80 7.27 -73.72
C TYR B 190 -110.12 5.92 -73.68
N GLU B 191 -110.92 4.85 -73.80
CA GLU B 191 -110.46 3.51 -73.51
C GLU B 191 -110.75 2.60 -74.70
N ASP B 192 -110.04 1.47 -74.71
CA ASP B 192 -110.15 0.45 -75.76
C ASP B 192 -109.89 1.03 -77.14
N LEU B 193 -108.80 1.78 -77.25
CA LEU B 193 -108.53 2.55 -78.45
C LEU B 193 -107.71 1.75 -79.45
N THR B 194 -107.84 2.12 -80.72
CA THR B 194 -107.05 1.68 -81.85
C THR B 194 -106.41 2.91 -82.48
N PRO B 195 -105.31 2.75 -83.25
CA PRO B 195 -104.68 3.93 -83.88
C PRO B 195 -105.60 4.73 -84.79
N LYS B 196 -106.45 4.07 -85.57
CA LYS B 196 -107.40 4.80 -86.42
C LYS B 196 -108.43 5.53 -85.59
N ASP B 197 -108.96 4.87 -84.56
CA ASP B 197 -109.95 5.49 -83.69
C ASP B 197 -109.37 6.70 -82.96
N ILE B 198 -108.15 6.59 -82.45
CA ILE B 198 -107.60 7.72 -81.71
C ILE B 198 -107.16 8.83 -82.65
N GLU B 199 -106.80 8.49 -83.89
CA GLU B 199 -106.57 9.52 -84.89
C GLU B 199 -107.86 10.29 -85.18
N GLU B 200 -108.98 9.58 -85.26
CA GLU B 200 -110.26 10.26 -85.43
C GLU B 200 -110.64 11.07 -84.20
N ILE B 201 -110.27 10.61 -83.01
CA ILE B 201 -110.53 11.37 -81.79
C ILE B 201 -109.74 12.68 -81.79
N ILE B 202 -108.48 12.63 -82.18
CA ILE B 202 -107.66 13.83 -82.27
C ILE B 202 -108.22 14.77 -83.33
N ASP B 203 -108.71 14.21 -84.44
CA ASP B 203 -109.34 15.03 -85.48
C ASP B 203 -110.61 15.70 -84.98
N GLU B 204 -111.41 14.99 -84.18
CA GLU B 204 -112.60 15.58 -83.58
C GLU B 204 -112.24 16.71 -82.62
N LEU B 205 -111.17 16.53 -81.85
CA LEU B 205 -110.74 17.59 -80.93
C LEU B 205 -110.18 18.79 -81.69
N LYS B 206 -109.54 18.57 -82.84
CA LYS B 206 -109.01 19.67 -83.62
C LYS B 206 -110.10 20.51 -84.27
N ALA B 207 -111.27 19.90 -84.51
CA ALA B 207 -112.40 20.62 -85.06
C ALA B 207 -113.20 21.37 -84.01
N GLY B 208 -112.86 21.23 -82.73
CA GLY B 208 -113.56 21.87 -81.65
C GLY B 208 -114.62 21.02 -80.99
N LYS B 209 -114.98 19.88 -81.57
CA LYS B 209 -115.98 19.01 -80.98
C LYS B 209 -115.42 18.29 -79.76
N ILE B 210 -116.31 17.73 -78.96
CA ILE B 210 -115.88 16.91 -77.83
C ILE B 210 -116.36 15.48 -78.08
N PRO B 211 -115.51 14.49 -77.85
CA PRO B 211 -115.93 13.09 -78.03
C PRO B 211 -116.55 12.53 -76.76
N LYS B 212 -117.09 11.33 -76.88
CA LYS B 212 -117.73 10.67 -75.75
C LYS B 212 -116.69 9.94 -74.92
N PRO B 213 -116.49 10.30 -73.66
CA PRO B 213 -115.45 9.69 -72.82
C PRO B 213 -115.81 8.29 -72.32
N GLY B 214 -115.56 7.29 -73.16
CA GLY B 214 -115.82 5.92 -72.80
C GLY B 214 -115.08 4.94 -73.69
N PRO B 215 -115.25 3.65 -73.43
CA PRO B 215 -114.68 2.62 -74.31
C PRO B 215 -115.29 2.72 -75.71
N ARG B 216 -114.45 2.48 -76.71
CA ARG B 216 -114.82 2.69 -78.10
C ARG B 216 -115.17 1.41 -78.83
N SER B 217 -115.04 0.26 -78.18
CA SER B 217 -115.41 -1.01 -78.77
C SER B 217 -116.87 -1.31 -78.43
N GLY B 218 -117.29 -2.56 -78.63
CA GLY B 218 -118.67 -2.94 -78.35
C GLY B 218 -119.02 -2.96 -76.88
N ARG B 219 -118.04 -3.13 -76.00
CA ARG B 219 -118.31 -3.15 -74.57
C ARG B 219 -118.67 -1.74 -74.09
N PHE B 220 -119.43 -1.70 -72.99
CA PHE B 220 -119.90 -0.41 -72.49
C PHE B 220 -118.97 0.15 -71.41
N SER B 221 -118.82 -0.56 -70.29
CA SER B 221 -117.92 -0.10 -69.25
C SER B 221 -116.79 -1.08 -68.96
N CYS B 222 -117.10 -2.29 -68.49
CA CYS B 222 -116.05 -3.24 -68.17
C CYS B 222 -116.45 -4.69 -68.48
N GLU B 223 -117.60 -4.93 -69.10
CA GLU B 223 -118.07 -6.28 -69.33
C GLU B 223 -117.23 -6.94 -70.43
N PRO B 224 -117.22 -8.28 -70.49
CA PRO B 224 -116.56 -8.95 -71.61
C PRO B 224 -117.23 -8.61 -72.93
N ALA B 225 -116.43 -8.57 -73.99
CA ALA B 225 -116.94 -8.25 -75.31
C ALA B 225 -117.81 -9.37 -75.90
N GLY B 226 -117.77 -10.57 -75.32
CA GLY B 226 -118.60 -11.66 -75.77
C GLY B 226 -119.88 -11.81 -74.98
N GLY B 227 -120.37 -10.72 -74.41
CA GLY B 227 -121.58 -10.76 -73.61
C GLY B 227 -121.30 -10.92 -72.13
N LEU B 228 -122.37 -10.84 -71.35
CA LEU B 228 -122.27 -10.91 -69.89
C LEU B 228 -122.13 -12.36 -69.45
N THR B 229 -121.00 -12.69 -68.82
CA THR B 229 -120.84 -14.00 -68.24
C THR B 229 -121.59 -14.13 -66.92
N SER B 230 -121.70 -13.03 -66.17
CA SER B 230 -122.39 -13.02 -64.89
C SER B 230 -123.38 -11.87 -64.85
N LEU B 231 -124.18 -11.86 -63.79
CA LEU B 231 -125.19 -10.83 -63.51
C LEU B 231 -126.23 -10.73 -64.62
N THR B 232 -126.55 -11.85 -65.27
CA THR B 232 -127.62 -11.85 -66.26
C THR B 232 -129.00 -11.98 -65.63
N GLU B 233 -129.07 -12.34 -64.36
CA GLU B 233 -130.32 -12.37 -63.61
C GLU B 233 -130.68 -10.97 -63.12
N PRO B 234 -131.97 -10.66 -62.99
CA PRO B 234 -132.34 -9.38 -62.41
C PRO B 234 -132.02 -9.35 -60.93
N PRO B 235 -131.70 -8.17 -60.38
CA PRO B 235 -131.46 -8.07 -58.93
C PRO B 235 -132.72 -8.33 -58.14
N LYS B 236 -132.54 -8.91 -56.95
CA LYS B 236 -133.65 -9.43 -56.18
C LYS B 236 -134.43 -8.36 -55.43
N GLY B 237 -133.92 -7.14 -55.31
CA GLY B 237 -134.64 -6.08 -54.65
C GLY B 237 -134.56 -6.16 -53.14
N PRO B 238 -135.20 -5.21 -52.46
CA PRO B 238 -135.06 -5.13 -51.00
C PRO B 238 -135.79 -6.26 -50.29
N GLY B 239 -135.30 -6.56 -49.08
CA GLY B 239 -135.91 -7.55 -48.23
C GLY B 239 -135.54 -8.99 -48.53
N PHE B 240 -134.56 -9.22 -49.38
CA PHE B 240 -134.20 -10.58 -49.77
C PHE B 240 -133.07 -11.10 -48.89
N GLY B 241 -133.29 -12.26 -48.29
CA GLY B 241 -132.25 -12.94 -47.55
C GLY B 241 -131.83 -12.28 -46.26
N VAL B 242 -132.67 -11.41 -45.70
CA VAL B 242 -132.32 -10.76 -44.45
C VAL B 242 -132.45 -11.73 -43.29
N GLN B 243 -131.47 -11.71 -42.39
CA GLN B 243 -131.43 -12.66 -41.29
C GLN B 243 -132.54 -12.36 -40.27
N ALA B 244 -132.86 -13.37 -39.48
CA ALA B 244 -133.92 -13.24 -38.49
C ALA B 244 -133.46 -12.39 -37.31
N GLY B 245 -134.42 -11.66 -36.73
CA GLY B 245 -134.16 -10.85 -35.56
C GLY B 245 -133.67 -9.45 -35.83
N LEU B 246 -133.43 -9.09 -37.08
CA LEU B 246 -132.99 -7.73 -37.40
C LEU B 246 -134.17 -6.76 -37.41
N SER C 29 -92.90 3.96 -8.57
CA SER C 29 -92.33 4.43 -9.84
C SER C 29 -92.98 3.69 -11.02
N ASN C 30 -92.38 3.88 -12.20
CA ASN C 30 -92.93 3.28 -13.41
C ASN C 30 -91.82 2.76 -14.32
N LEU C 31 -90.67 2.41 -13.75
CA LEU C 31 -89.55 1.90 -14.53
C LEU C 31 -89.88 0.53 -15.10
N ILE C 32 -89.51 0.31 -16.35
CA ILE C 32 -89.67 -0.99 -16.99
C ILE C 32 -88.29 -1.57 -17.27
N GLU C 33 -88.22 -2.91 -17.26
CA GLU C 33 -86.97 -3.62 -17.42
C GLU C 33 -86.82 -4.04 -18.89
N VAL C 34 -85.71 -3.66 -19.51
CA VAL C 34 -85.38 -4.09 -20.85
C VAL C 34 -84.01 -4.74 -20.83
N PHE C 35 -83.70 -5.46 -21.89
CA PHE C 35 -82.44 -6.19 -22.00
C PHE C 35 -81.69 -5.71 -23.23
N VAL C 36 -80.46 -5.24 -23.02
CA VAL C 36 -79.54 -4.90 -24.09
C VAL C 36 -78.43 -5.93 -24.06
N ASP C 37 -78.41 -6.80 -25.08
CA ASP C 37 -77.47 -7.92 -25.19
C ASP C 37 -77.49 -8.81 -23.95
N GLY C 38 -78.69 -8.99 -23.38
CA GLY C 38 -78.86 -9.78 -22.19
C GLY C 38 -78.63 -9.04 -20.89
N GLN C 39 -78.25 -7.77 -20.94
CA GLN C 39 -78.01 -6.99 -19.73
C GLN C 39 -79.28 -6.19 -19.39
N SER C 40 -79.74 -6.34 -18.16
CA SER C 40 -81.00 -5.74 -17.73
C SER C 40 -80.78 -4.31 -17.27
N VAL C 41 -81.56 -3.38 -17.85
CA VAL C 41 -81.52 -1.97 -17.46
C VAL C 41 -82.94 -1.44 -17.31
N MET C 42 -83.08 -0.43 -16.46
CA MET C 42 -84.35 0.21 -16.18
C MET C 42 -84.52 1.41 -17.09
N VAL C 43 -85.69 1.55 -17.71
CA VAL C 43 -85.97 2.69 -18.56
C VAL C 43 -87.36 3.22 -18.25
N GLU C 44 -87.54 4.52 -18.50
CA GLU C 44 -88.85 5.14 -18.37
C GLU C 44 -89.75 4.68 -19.51
N PRO C 45 -91.06 4.73 -19.33
CA PRO C 45 -91.97 4.46 -20.46
C PRO C 45 -91.83 5.52 -21.54
N GLY C 46 -91.98 5.09 -22.79
CA GLY C 46 -91.80 5.98 -23.92
C GLY C 46 -90.37 6.14 -24.39
N THR C 47 -89.41 5.52 -23.69
CA THR C 47 -88.01 5.61 -24.09
C THR C 47 -87.76 4.75 -25.32
N THR C 48 -87.07 5.31 -26.31
CA THR C 48 -86.75 4.59 -27.52
C THR C 48 -85.63 3.58 -27.27
N VAL C 49 -85.39 2.73 -28.28
CA VAL C 49 -84.32 1.74 -28.19
C VAL C 49 -82.96 2.43 -28.17
N LEU C 50 -82.83 3.53 -28.93
CA LEU C 50 -81.58 4.25 -28.99
C LEU C 50 -81.19 4.83 -27.63
N GLN C 51 -82.15 5.40 -26.92
CA GLN C 51 -81.86 5.95 -25.60
C GLN C 51 -81.54 4.87 -24.59
N ALA C 52 -82.18 3.70 -24.70
CA ALA C 52 -81.85 2.59 -23.80
C ALA C 52 -80.43 2.08 -24.05
N CYS C 53 -80.04 1.96 -25.32
CA CYS C 53 -78.68 1.55 -25.64
C CYS C 53 -77.67 2.60 -25.18
N GLU C 54 -78.03 3.88 -25.26
CA GLU C 54 -77.16 4.92 -24.71
C GLU C 54 -77.07 4.83 -23.20
N LYS C 55 -78.16 4.40 -22.54
CA LYS C 55 -78.12 4.24 -21.09
C LYS C 55 -77.22 3.09 -20.67
N VAL C 56 -77.19 2.00 -21.44
CA VAL C 56 -76.29 0.91 -21.07
C VAL C 56 -74.86 1.20 -21.51
N GLY C 57 -74.65 2.15 -22.40
CA GLY C 57 -73.34 2.51 -22.88
C GLY C 57 -73.02 2.13 -24.31
N MET C 58 -74.02 1.89 -25.14
CA MET C 58 -73.83 1.55 -26.54
C MET C 58 -74.32 2.68 -27.42
N GLN C 59 -73.57 3.00 -28.46
CA GLN C 59 -73.93 4.07 -29.38
C GLN C 59 -74.43 3.46 -30.68
N ILE C 60 -75.72 3.59 -30.93
CA ILE C 60 -76.31 3.14 -32.19
C ILE C 60 -75.87 4.10 -33.30
N PRO C 61 -75.42 3.59 -34.45
CA PRO C 61 -75.15 4.49 -35.58
C PRO C 61 -76.42 5.19 -36.03
N ARG C 62 -76.29 6.46 -36.38
CA ARG C 62 -77.46 7.26 -36.74
C ARG C 62 -77.04 8.38 -37.67
N PHE C 63 -77.96 8.74 -38.56
CA PHE C 63 -77.75 9.85 -39.49
C PHE C 63 -78.82 10.92 -39.34
N CYS C 64 -80.09 10.54 -39.32
CA CYS C 64 -81.19 11.49 -39.29
C CYS C 64 -81.69 11.79 -37.88
N TYR C 65 -81.12 11.16 -36.86
CA TYR C 65 -81.56 11.36 -35.49
C TYR C 65 -80.69 12.40 -34.81
N HIS C 66 -81.31 13.38 -34.18
CA HIS C 66 -80.62 14.33 -33.34
C HIS C 66 -81.39 14.46 -32.04
N GLU C 67 -80.65 14.60 -30.93
CA GLU C 67 -81.25 14.60 -29.62
C GLU C 67 -82.08 15.85 -29.33
N ARG C 68 -81.96 16.88 -30.15
CA ARG C 68 -82.72 18.11 -29.98
C ARG C 68 -83.68 18.40 -31.13
N LEU C 69 -83.55 17.70 -32.25
CA LEU C 69 -84.52 17.77 -33.32
C LEU C 69 -85.55 16.67 -33.15
N SER C 70 -86.66 16.80 -33.88
CA SER C 70 -87.72 15.80 -33.80
C SER C 70 -87.30 14.51 -34.49
N VAL C 71 -87.96 13.43 -34.12
CA VAL C 71 -87.63 12.10 -34.64
C VAL C 71 -88.23 11.96 -36.03
N ALA C 72 -87.38 11.68 -37.02
CA ALA C 72 -87.81 11.57 -38.41
C ALA C 72 -87.84 10.13 -38.91
N GLY C 73 -86.77 9.37 -38.66
CA GLY C 73 -86.73 7.97 -39.02
C GLY C 73 -86.72 7.66 -40.50
N ASN C 74 -86.00 8.45 -41.30
CA ASN C 74 -85.98 8.28 -42.75
C ASN C 74 -84.59 7.96 -43.28
N CYS C 75 -83.68 7.50 -42.43
CA CYS C 75 -82.36 7.09 -42.87
C CYS C 75 -82.06 5.62 -42.65
N ARG C 76 -82.81 4.96 -41.76
CA ARG C 76 -82.79 3.51 -41.56
C ARG C 76 -81.42 2.98 -41.15
N MET C 77 -80.53 3.83 -40.65
CA MET C 77 -79.26 3.35 -40.14
C MET C 77 -79.40 2.71 -38.77
N CYS C 78 -80.34 3.19 -37.96
CA CYS C 78 -80.50 2.72 -36.59
C CYS C 78 -81.27 1.41 -36.49
N LEU C 79 -81.37 0.64 -37.57
CA LEU C 79 -82.11 -0.62 -37.54
C LEU C 79 -81.41 -1.62 -36.65
N VAL C 80 -82.15 -2.21 -35.71
CA VAL C 80 -81.62 -3.18 -34.78
C VAL C 80 -82.64 -4.31 -34.65
N GLU C 81 -82.14 -5.51 -34.37
CA GLU C 81 -82.97 -6.71 -34.32
C GLU C 81 -83.37 -7.00 -32.88
N ILE C 82 -84.64 -6.82 -32.56
CA ILE C 82 -85.19 -7.34 -31.32
C ILE C 82 -85.32 -8.84 -31.48
N GLU C 83 -84.82 -9.59 -30.49
CA GLU C 83 -84.83 -11.04 -30.59
C GLU C 83 -86.26 -11.57 -30.50
N LYS C 84 -86.46 -12.75 -31.09
CA LYS C 84 -87.78 -13.37 -31.28
C LYS C 84 -88.74 -12.44 -32.02
N ALA C 85 -88.22 -11.77 -33.04
CA ALA C 85 -89.01 -10.88 -33.89
C ALA C 85 -88.36 -10.78 -35.26
N PRO C 86 -89.02 -11.27 -36.32
CA PRO C 86 -88.36 -11.37 -37.62
C PRO C 86 -88.44 -10.09 -38.44
N LYS C 87 -88.22 -8.95 -37.83
CA LYS C 87 -88.22 -7.67 -38.53
C LYS C 87 -87.48 -6.65 -37.68
N VAL C 88 -86.46 -6.03 -38.26
CA VAL C 88 -85.68 -5.05 -37.53
C VAL C 88 -86.50 -3.77 -37.34
N VAL C 89 -86.33 -3.14 -36.19
CA VAL C 89 -87.06 -1.93 -35.87
C VAL C 89 -86.09 -0.76 -35.87
N ALA C 90 -86.63 0.44 -36.07
CA ALA C 90 -85.84 1.65 -36.03
C ALA C 90 -85.63 2.06 -34.58
N ALA C 91 -84.37 2.03 -34.13
CA ALA C 91 -84.08 2.35 -32.73
C ALA C 91 -84.31 3.81 -32.41
N CYS C 92 -84.26 4.70 -33.40
CA CYS C 92 -84.47 6.11 -33.13
C CYS C 92 -85.92 6.47 -32.88
N ALA C 93 -86.85 5.60 -33.21
CA ALA C 93 -88.26 5.93 -33.08
C ALA C 93 -89.06 4.92 -32.25
N MET C 94 -88.75 3.64 -32.35
CA MET C 94 -89.54 2.61 -31.70
C MET C 94 -89.33 2.63 -30.19
N PRO C 95 -90.37 2.78 -29.38
CA PRO C 95 -90.20 2.67 -27.93
C PRO C 95 -90.01 1.22 -27.51
N VAL C 96 -89.41 1.05 -26.34
CA VAL C 96 -89.20 -0.28 -25.78
C VAL C 96 -90.36 -0.60 -24.85
N MET C 97 -90.59 -1.88 -24.67
CA MET C 97 -91.56 -2.36 -23.69
C MET C 97 -90.88 -3.42 -22.81
N LYS C 98 -91.67 -4.03 -21.92
CA LYS C 98 -91.12 -4.95 -20.95
C LYS C 98 -90.66 -6.24 -21.62
N GLY C 99 -89.47 -6.72 -21.22
CA GLY C 99 -88.97 -7.99 -21.67
C GLY C 99 -88.30 -7.99 -23.02
N TRP C 100 -88.15 -6.84 -23.66
CA TRP C 100 -87.51 -6.78 -24.96
C TRP C 100 -86.02 -6.99 -24.85
N ASN C 101 -85.48 -7.89 -25.67
CA ASN C 101 -84.04 -8.12 -25.76
C ASN C 101 -83.55 -7.51 -27.05
N ILE C 102 -82.55 -6.64 -26.96
CA ILE C 102 -82.03 -5.89 -28.09
C ILE C 102 -80.66 -6.46 -28.44
N LEU C 103 -80.56 -7.06 -29.62
CA LEU C 103 -79.30 -7.62 -30.10
C LEU C 103 -78.63 -6.55 -30.96
N THR C 104 -77.78 -5.75 -30.31
CA THR C 104 -77.16 -4.62 -30.98
C THR C 104 -76.01 -5.01 -31.89
N ASN C 105 -75.50 -6.23 -31.80
CA ASN C 105 -74.35 -6.66 -32.59
C ASN C 105 -74.59 -8.04 -33.17
N SER C 106 -75.82 -8.33 -33.56
CA SER C 106 -76.14 -9.62 -34.15
C SER C 106 -75.76 -9.63 -35.62
N GLU C 107 -76.02 -10.75 -36.28
CA GLU C 107 -75.65 -10.87 -37.69
C GLU C 107 -76.56 -10.05 -38.59
N LYS C 108 -77.87 -10.12 -38.36
CA LYS C 108 -78.79 -9.42 -39.27
C LYS C 108 -78.77 -7.92 -39.03
N THR C 109 -78.44 -7.48 -37.82
CA THR C 109 -78.26 -6.04 -37.58
C THR C 109 -77.08 -5.51 -38.37
N LYS C 110 -75.96 -6.23 -38.37
CA LYS C 110 -74.80 -5.81 -39.15
C LYS C 110 -75.08 -5.89 -40.64
N LYS C 111 -75.83 -6.90 -41.08
CA LYS C 111 -76.20 -6.98 -42.49
C LYS C 111 -77.09 -5.81 -42.90
N ALA C 112 -78.03 -5.43 -42.04
CA ALA C 112 -78.89 -4.29 -42.32
C ALA C 112 -78.09 -2.99 -42.40
N ARG C 113 -77.13 -2.82 -41.47
CA ARG C 113 -76.28 -1.63 -41.50
C ARG C 113 -75.44 -1.58 -42.77
N GLU C 114 -74.88 -2.73 -43.18
CA GLU C 114 -74.07 -2.77 -44.40
C GLU C 114 -74.90 -2.47 -45.62
N GLY C 115 -76.12 -3.00 -45.70
CA GLY C 115 -76.97 -2.70 -46.84
C GLY C 115 -77.39 -1.25 -46.90
N VAL C 116 -77.74 -0.67 -45.75
CA VAL C 116 -78.13 0.74 -45.70
C VAL C 116 -76.97 1.63 -46.11
N MET C 117 -75.76 1.31 -45.66
CA MET C 117 -74.63 2.14 -46.08
C MET C 117 -74.24 1.91 -47.54
N GLU C 118 -74.46 0.71 -48.08
CA GLU C 118 -74.27 0.52 -49.51
C GLU C 118 -75.21 1.40 -50.32
N PHE C 119 -76.47 1.47 -49.90
CA PHE C 119 -77.43 2.34 -50.58
C PHE C 119 -77.09 3.81 -50.40
N LEU C 120 -76.57 4.18 -49.23
CA LEU C 120 -76.19 5.57 -48.99
C LEU C 120 -75.00 5.98 -49.85
N LEU C 121 -74.03 5.08 -50.03
CA LEU C 121 -72.85 5.37 -50.82
C LEU C 121 -73.00 5.02 -52.29
N ALA C 122 -74.18 4.57 -52.72
CA ALA C 122 -74.40 4.30 -54.14
C ALA C 122 -74.26 5.55 -54.99
N ASN C 123 -74.80 6.68 -54.52
CA ASN C 123 -74.85 7.90 -55.32
C ASN C 123 -73.99 9.03 -54.78
N HIS C 124 -73.19 8.77 -53.74
CA HIS C 124 -72.37 9.82 -53.16
C HIS C 124 -71.22 10.17 -54.12
N PRO C 125 -70.89 11.44 -54.28
CA PRO C 125 -69.79 11.81 -55.17
C PRO C 125 -68.43 11.58 -54.52
N LEU C 126 -67.46 11.22 -55.36
CA LEU C 126 -66.09 10.98 -54.93
C LEU C 126 -65.39 12.32 -54.71
N ASP C 127 -65.82 13.01 -53.66
CA ASP C 127 -65.38 14.37 -53.40
C ASP C 127 -64.66 14.51 -52.07
N CYS C 128 -64.21 13.40 -51.49
CA CYS C 128 -63.54 13.46 -50.18
C CYS C 128 -62.28 14.32 -50.15
N PRO C 129 -61.35 14.26 -51.12
CA PRO C 129 -60.18 15.15 -51.02
C PRO C 129 -60.50 16.63 -51.20
N ILE C 130 -61.58 16.98 -51.90
CA ILE C 130 -61.95 18.38 -52.08
C ILE C 130 -62.98 18.84 -51.07
N CYS C 131 -63.24 18.05 -50.03
CA CYS C 131 -64.31 18.30 -49.08
C CYS C 131 -63.77 18.94 -47.82
N ASP C 132 -64.55 19.85 -47.25
CA ASP C 132 -64.22 20.43 -45.95
C ASP C 132 -64.63 19.52 -44.80
N GLN C 133 -65.41 18.49 -45.05
CA GLN C 133 -65.82 17.54 -44.02
C GLN C 133 -64.85 16.39 -43.86
N GLY C 134 -63.85 16.26 -44.73
CA GLY C 134 -62.92 15.16 -44.68
C GLY C 134 -62.10 15.12 -43.41
N GLY C 135 -62.12 13.99 -42.71
CA GLY C 135 -61.49 13.86 -41.43
C GLY C 135 -62.43 14.07 -40.25
N GLU C 136 -63.56 14.74 -40.48
CA GLU C 136 -64.59 14.92 -39.46
C GLU C 136 -65.96 14.58 -40.02
N CYS C 137 -66.00 13.74 -41.05
CA CYS C 137 -67.25 13.34 -41.68
C CYS C 137 -67.86 12.18 -40.92
N ASP C 138 -69.13 12.30 -40.57
CA ASP C 138 -69.82 11.19 -39.94
C ASP C 138 -69.95 10.01 -40.90
N LEU C 139 -70.24 10.29 -42.17
CA LEU C 139 -70.45 9.23 -43.16
C LEU C 139 -69.18 8.41 -43.36
N GLN C 140 -68.03 9.07 -43.45
CA GLN C 140 -66.76 8.37 -43.57
C GLN C 140 -66.48 7.49 -42.36
N ASP C 141 -66.76 8.00 -41.16
CA ASP C 141 -66.43 7.28 -39.95
C ASP C 141 -67.31 6.05 -39.76
N GLN C 142 -68.62 6.18 -39.93
CA GLN C 142 -69.38 4.95 -39.79
C GLN C 142 -69.37 4.10 -41.05
N SER C 143 -68.83 4.58 -42.17
CA SER C 143 -68.54 3.67 -43.26
C SER C 143 -67.30 2.85 -42.97
N MET C 144 -66.31 3.46 -42.33
CA MET C 144 -65.14 2.71 -41.90
C MET C 144 -65.46 1.76 -40.76
N MET C 145 -66.44 2.11 -39.92
CA MET C 145 -66.70 1.35 -38.71
C MET C 145 -67.82 0.32 -38.88
N PHE C 146 -68.86 0.63 -39.65
CA PHE C 146 -70.01 -0.26 -39.78
C PHE C 146 -70.30 -0.70 -41.20
N GLY C 147 -69.78 0.00 -42.21
CA GLY C 147 -70.07 -0.35 -43.59
C GLY C 147 -69.18 -1.45 -44.11
N SER C 148 -69.33 -1.73 -45.40
CA SER C 148 -68.52 -2.74 -46.07
C SER C 148 -67.23 -2.11 -46.55
N ASP C 149 -66.43 -2.86 -47.31
CA ASP C 149 -65.11 -2.40 -47.70
C ASP C 149 -64.95 -2.11 -49.20
N ARG C 150 -65.92 -2.50 -50.03
CA ARG C 150 -65.83 -2.25 -51.46
C ARG C 150 -67.22 -2.00 -52.01
N SER C 151 -67.29 -1.71 -53.30
CA SER C 151 -68.51 -1.25 -53.96
C SER C 151 -68.95 -2.24 -55.03
N ARG C 152 -70.26 -2.46 -55.10
CA ARG C 152 -70.87 -3.22 -56.19
C ARG C 152 -71.58 -2.32 -57.20
N PHE C 153 -71.62 -1.01 -56.95
CA PHE C 153 -72.25 -0.09 -57.88
C PHE C 153 -71.45 0.00 -59.17
N LEU C 154 -72.16 0.08 -60.29
CA LEU C 154 -71.50 0.11 -61.58
C LEU C 154 -72.10 1.12 -62.55
N GLU C 155 -73.13 1.85 -62.15
CA GLU C 155 -73.85 2.74 -63.05
C GLU C 155 -73.42 4.19 -62.81
N GLY C 156 -74.08 5.12 -63.49
CA GLY C 156 -73.74 6.52 -63.36
C GLY C 156 -74.37 7.15 -62.13
N LYS C 157 -73.59 7.96 -61.43
CA LYS C 157 -74.08 8.63 -60.24
C LYS C 157 -74.94 9.83 -60.62
N ARG C 158 -75.81 10.22 -59.70
CA ARG C 158 -76.66 11.37 -59.91
C ARG C 158 -75.90 12.65 -59.65
N ALA C 159 -76.49 13.78 -60.07
CA ALA C 159 -75.92 15.09 -59.84
C ALA C 159 -77.03 16.07 -59.54
N VAL C 160 -76.85 16.89 -58.51
CA VAL C 160 -77.85 17.84 -58.05
C VAL C 160 -77.32 19.25 -58.26
N GLU C 161 -78.17 20.13 -58.78
CA GLU C 161 -77.78 21.51 -59.02
C GLU C 161 -77.59 22.25 -57.71
N ASP C 162 -76.46 22.93 -57.57
CA ASP C 162 -76.13 23.61 -56.32
C ASP C 162 -76.94 24.90 -56.17
N LYS C 163 -77.37 25.17 -54.95
CA LYS C 163 -78.21 26.32 -54.63
C LYS C 163 -77.41 27.35 -53.83
N ASN C 164 -77.91 28.58 -53.82
CA ASN C 164 -77.32 29.66 -53.05
C ASN C 164 -78.29 30.05 -51.94
N ILE C 165 -77.80 30.04 -50.70
CA ILE C 165 -78.62 30.41 -49.55
C ILE C 165 -78.01 31.53 -48.74
N GLY C 166 -76.87 32.08 -49.15
CA GLY C 166 -76.28 33.20 -48.46
C GLY C 166 -74.77 33.18 -48.48
N PRO C 167 -74.15 34.29 -48.06
CA PRO C 167 -72.69 34.36 -47.96
C PRO C 167 -72.11 33.73 -46.71
N LEU C 168 -72.88 32.98 -45.94
CA LEU C 168 -72.39 32.30 -44.75
C LEU C 168 -72.23 30.81 -44.93
N VAL C 169 -73.12 30.17 -45.69
CA VAL C 169 -73.13 28.72 -45.86
C VAL C 169 -72.84 28.41 -47.32
N LYS C 170 -71.80 27.60 -47.55
CA LYS C 170 -71.49 27.09 -48.88
C LYS C 170 -72.28 25.80 -49.09
N THR C 171 -72.99 25.72 -50.20
CA THR C 171 -73.92 24.64 -50.47
C THR C 171 -73.46 23.83 -51.67
N ILE C 172 -73.24 22.54 -51.47
CA ILE C 172 -72.96 21.59 -52.54
C ILE C 172 -73.92 20.43 -52.34
N MET C 173 -75.02 20.44 -53.10
CA MET C 173 -76.10 19.50 -52.86
C MET C 173 -75.92 18.16 -53.56
N THR C 174 -74.80 17.95 -54.26
CA THR C 174 -74.50 16.61 -54.74
C THR C 174 -74.16 15.68 -53.59
N ARG C 175 -73.68 16.22 -52.48
CA ARG C 175 -73.30 15.44 -51.32
C ARG C 175 -74.43 15.25 -50.31
N CYS C 176 -75.57 15.92 -50.49
CA CYS C 176 -76.66 15.76 -49.54
C CYS C 176 -77.28 14.38 -49.65
N ILE C 177 -77.60 13.78 -48.51
CA ILE C 177 -78.20 12.46 -48.47
C ILE C 177 -79.65 12.51 -48.04
N GLN C 178 -80.26 13.69 -48.04
CA GLN C 178 -81.67 13.91 -47.70
C GLN C 178 -82.01 13.39 -46.31
N CYS C 179 -81.20 13.79 -45.33
CA CYS C 179 -81.41 13.41 -43.94
C CYS C 179 -82.47 14.27 -43.26
N THR C 180 -82.85 15.40 -43.87
CA THR C 180 -83.89 16.31 -43.37
C THR C 180 -83.59 16.80 -41.95
N ARG C 181 -82.35 17.20 -41.70
CA ARG C 181 -82.06 17.98 -40.51
C ARG C 181 -82.15 19.47 -40.76
N CYS C 182 -81.93 19.88 -42.02
CA CYS C 182 -82.13 21.26 -42.44
C CYS C 182 -83.55 21.72 -42.13
N ILE C 183 -84.53 20.95 -42.60
CA ILE C 183 -85.92 21.33 -42.48
C ILE C 183 -86.35 21.36 -41.03
N ARG C 184 -85.93 20.34 -40.27
CA ARG C 184 -86.30 20.26 -38.86
C ARG C 184 -85.69 21.40 -38.05
N PHE C 185 -84.42 21.74 -38.33
CA PHE C 185 -83.81 22.85 -37.60
C PHE C 185 -84.43 24.19 -37.98
N ALA C 186 -84.72 24.39 -39.27
CA ALA C 186 -85.31 25.67 -39.68
C ALA C 186 -86.77 25.79 -39.28
N SER C 187 -87.43 24.67 -38.99
CA SER C 187 -88.84 24.70 -38.65
C SER C 187 -89.11 24.61 -37.16
N GLU C 188 -88.15 24.15 -36.37
CA GLU C 188 -88.41 23.98 -34.94
C GLU C 188 -87.58 24.88 -34.04
N ILE C 189 -86.33 25.15 -34.40
CA ILE C 189 -85.42 25.90 -33.55
C ILE C 189 -85.16 27.30 -34.12
N ALA C 190 -84.83 27.39 -35.40
CA ALA C 190 -84.67 28.69 -36.03
C ALA C 190 -86.03 29.37 -36.23
N GLY C 191 -87.06 28.59 -36.52
CA GLY C 191 -88.40 29.12 -36.71
C GLY C 191 -88.55 30.00 -37.93
N VAL C 192 -87.88 29.66 -39.02
CA VAL C 192 -87.91 30.47 -40.24
C VAL C 192 -88.86 29.88 -41.27
N ASP C 193 -88.90 28.55 -41.38
CA ASP C 193 -89.74 27.81 -42.33
C ASP C 193 -89.45 28.22 -43.77
N ASP C 194 -88.18 28.01 -44.15
CA ASP C 194 -87.71 28.39 -45.48
C ASP C 194 -87.00 27.26 -46.22
N LEU C 195 -86.83 26.10 -45.60
CA LEU C 195 -86.20 24.96 -46.24
C LEU C 195 -87.22 23.84 -46.42
N GLY C 196 -87.13 23.14 -47.55
CA GLY C 196 -88.07 22.08 -47.84
C GLY C 196 -87.46 21.07 -48.78
N THR C 197 -88.26 20.05 -49.09
CA THR C 197 -87.86 18.96 -49.97
C THR C 197 -88.76 18.98 -51.20
N THR C 198 -88.24 19.47 -52.31
CA THR C 198 -89.00 19.56 -53.55
C THR C 198 -88.60 18.42 -54.47
N GLY C 199 -89.59 17.76 -55.04
CA GLY C 199 -89.36 16.64 -55.93
C GLY C 199 -89.90 15.36 -55.35
N ARG C 200 -89.53 14.26 -55.99
CA ARG C 200 -90.04 12.95 -55.59
C ARG C 200 -89.05 11.89 -56.02
N GLY C 201 -88.96 10.83 -55.22
CA GLY C 201 -88.10 9.72 -55.58
C GLY C 201 -86.63 10.06 -55.42
N ASN C 202 -85.82 9.58 -56.37
CA ASN C 202 -84.39 9.85 -56.34
C ASN C 202 -84.07 11.31 -56.62
N ASP C 203 -84.95 12.03 -57.31
CA ASP C 203 -84.71 13.41 -57.68
C ASP C 203 -85.17 14.39 -56.63
N MET C 204 -85.36 13.96 -55.38
CA MET C 204 -85.79 14.88 -54.34
C MET C 204 -84.62 15.76 -53.94
N GLN C 205 -84.85 17.06 -53.91
CA GLN C 205 -83.80 18.03 -53.60
C GLN C 205 -84.22 18.85 -52.39
N VAL C 206 -83.31 18.97 -51.42
CA VAL C 206 -83.52 19.85 -50.29
C VAL C 206 -83.08 21.24 -50.70
N GLY C 207 -83.98 22.20 -50.57
CA GLY C 207 -83.67 23.55 -51.00
C GLY C 207 -84.78 24.50 -50.63
N THR C 208 -84.73 25.68 -51.26
CA THR C 208 -85.71 26.73 -51.03
C THR C 208 -86.62 26.97 -52.22
N TYR C 209 -86.37 26.31 -53.36
CA TYR C 209 -87.15 26.32 -54.60
C TYR C 209 -87.07 27.65 -55.36
N ILE C 210 -86.50 28.68 -54.73
CA ILE C 210 -86.28 29.97 -55.37
C ILE C 210 -84.96 30.54 -54.86
N GLU C 211 -84.54 31.65 -55.47
CA GLU C 211 -83.32 32.34 -55.04
C GLU C 211 -83.65 33.15 -53.80
N LYS C 212 -83.68 32.47 -52.67
CA LYS C 212 -83.95 33.08 -51.37
C LYS C 212 -82.79 32.77 -50.44
N MET C 213 -82.38 33.78 -49.68
CA MET C 213 -81.24 33.65 -48.79
C MET C 213 -81.74 33.30 -47.39
N PHE C 214 -81.30 32.16 -46.87
CA PHE C 214 -81.67 31.72 -45.53
C PHE C 214 -80.84 32.54 -44.55
N MET C 215 -81.36 33.70 -44.17
CA MET C 215 -80.66 34.62 -43.27
C MET C 215 -81.40 34.70 -41.95
N SER C 216 -80.89 33.98 -40.97
CA SER C 216 -81.33 34.08 -39.59
C SER C 216 -80.10 34.25 -38.71
N GLU C 217 -80.35 34.46 -37.42
CA GLU C 217 -79.26 34.62 -36.46
C GLU C 217 -78.62 33.30 -36.06
N LEU C 218 -79.20 32.17 -36.46
CA LEU C 218 -78.67 30.86 -36.12
C LEU C 218 -78.40 30.04 -37.39
N SER C 219 -77.75 30.64 -38.38
CA SER C 219 -77.56 30.00 -39.67
C SER C 219 -76.25 29.25 -39.79
N GLY C 220 -75.44 29.17 -38.74
CA GLY C 220 -74.28 28.30 -38.76
C GLY C 220 -74.52 26.94 -38.15
N ASN C 221 -75.63 26.80 -37.43
CA ASN C 221 -75.92 25.52 -36.82
C ASN C 221 -76.33 24.48 -37.85
N ILE C 222 -76.82 24.91 -39.01
CA ILE C 222 -77.09 23.95 -40.07
C ILE C 222 -75.79 23.40 -40.64
N ILE C 223 -74.73 24.22 -40.66
CA ILE C 223 -73.40 23.71 -40.94
C ILE C 223 -72.98 22.71 -39.87
N ASP C 224 -73.28 23.03 -38.61
CA ASP C 224 -72.88 22.15 -37.51
C ASP C 224 -73.58 20.79 -37.57
N ILE C 225 -74.86 20.76 -37.93
CA ILE C 225 -75.65 19.54 -37.83
C ILE C 225 -75.78 18.81 -39.16
N CYS C 226 -75.09 19.25 -40.20
CA CYS C 226 -75.08 18.50 -41.44
C CYS C 226 -74.08 17.36 -41.32
N PRO C 227 -74.51 16.11 -41.41
CA PRO C 227 -73.56 14.99 -41.28
C PRO C 227 -72.59 14.87 -42.43
N VAL C 228 -72.86 15.52 -43.56
CA VAL C 228 -72.00 15.44 -44.72
C VAL C 228 -71.45 16.82 -45.04
N GLY C 229 -70.66 16.93 -46.10
CA GLY C 229 -70.10 18.21 -46.46
C GLY C 229 -70.95 19.03 -47.40
N ALA C 230 -72.27 18.83 -47.34
CA ALA C 230 -73.18 19.56 -48.21
C ALA C 230 -73.28 21.02 -47.81
N LEU C 231 -73.43 21.28 -46.51
CA LEU C 231 -73.51 22.64 -45.98
C LEU C 231 -72.24 22.91 -45.19
N THR C 232 -71.29 23.60 -45.81
CA THR C 232 -70.03 23.93 -45.16
C THR C 232 -69.96 25.42 -44.87
N SER C 233 -68.88 25.83 -44.21
CA SER C 233 -68.70 27.21 -43.81
C SER C 233 -67.97 27.96 -44.91
N LYS C 234 -68.58 29.05 -45.40
CA LYS C 234 -67.97 29.81 -46.49
C LYS C 234 -66.68 30.53 -46.08
N PRO C 235 -66.59 31.26 -44.95
CA PRO C 235 -65.29 31.86 -44.60
C PRO C 235 -64.20 30.85 -44.27
N TYR C 236 -64.57 29.68 -43.77
CA TYR C 236 -63.62 28.65 -43.41
C TYR C 236 -63.16 27.82 -44.60
N ALA C 237 -63.72 28.07 -45.78
CA ALA C 237 -63.59 27.16 -46.91
C ALA C 237 -62.14 26.99 -47.35
N PHE C 238 -61.71 25.73 -47.45
CA PHE C 238 -60.40 25.32 -47.98
C PHE C 238 -59.24 25.89 -47.19
N THR C 239 -59.38 26.01 -45.86
CA THR C 239 -58.35 26.63 -45.04
C THR C 239 -57.55 25.64 -44.21
N ALA C 240 -58.20 24.73 -43.50
CA ALA C 240 -57.48 23.80 -42.64
C ALA C 240 -58.15 22.44 -42.73
N ARG C 241 -57.72 21.52 -41.85
CA ARG C 241 -58.24 20.18 -41.77
C ARG C 241 -58.46 19.84 -40.31
N PRO C 242 -59.45 19.00 -40.00
CA PRO C 242 -59.80 18.79 -38.57
C PRO C 242 -58.74 18.08 -37.76
N TRP C 243 -57.89 17.26 -38.37
CA TRP C 243 -56.93 16.49 -37.58
C TRP C 243 -55.77 17.32 -37.07
N GLU C 244 -55.58 18.55 -37.58
CA GLU C 244 -54.45 19.37 -37.18
C GLU C 244 -54.82 20.56 -36.32
N THR C 245 -56.11 20.92 -36.25
CA THR C 245 -56.50 22.08 -35.46
C THR C 245 -56.45 21.76 -33.97
N ARG C 246 -55.81 22.62 -33.21
CA ARG C 246 -55.77 22.50 -31.76
C ARG C 246 -57.02 23.14 -31.18
N LYS C 247 -57.75 22.39 -30.36
CA LYS C 247 -59.03 22.82 -29.83
C LYS C 247 -58.83 23.32 -28.41
N THR C 248 -59.20 24.58 -28.16
CA THR C 248 -59.08 25.20 -26.84
C THR C 248 -60.44 25.72 -26.41
N GLU C 249 -60.90 25.29 -25.24
CA GLU C 249 -62.21 25.68 -24.75
C GLU C 249 -62.18 27.10 -24.20
N SER C 250 -63.14 27.93 -24.61
CA SER C 250 -63.15 29.34 -24.25
C SER C 250 -64.59 29.81 -24.09
N ILE C 251 -64.73 31.10 -23.82
CA ILE C 251 -66.02 31.72 -23.50
C ILE C 251 -66.28 32.81 -24.53
N ASP C 252 -67.48 32.80 -25.11
CA ASP C 252 -67.84 33.87 -26.03
C ASP C 252 -68.15 35.15 -25.28
N VAL C 253 -67.65 36.27 -25.80
CA VAL C 253 -67.86 37.59 -25.22
C VAL C 253 -68.60 38.53 -26.16
N MET C 254 -69.08 38.01 -27.30
CA MET C 254 -69.81 38.84 -28.26
C MET C 254 -71.12 39.34 -27.67
N ASP C 255 -71.81 38.49 -26.92
CA ASP C 255 -73.07 38.84 -26.27
C ASP C 255 -72.94 38.63 -24.77
N ALA C 256 -74.05 38.84 -24.06
CA ALA C 256 -74.10 38.65 -22.62
C ALA C 256 -74.59 37.27 -22.22
N VAL C 257 -74.82 36.38 -23.18
CA VAL C 257 -75.32 35.05 -22.87
C VAL C 257 -74.23 34.22 -22.19
N GLY C 258 -72.99 34.37 -22.64
CA GLY C 258 -71.91 33.60 -22.08
C GLY C 258 -71.82 32.21 -22.68
N SER C 259 -71.80 32.14 -24.00
CA SER C 259 -71.77 30.85 -24.68
C SER C 259 -70.40 30.20 -24.53
N ASN C 260 -70.40 28.91 -24.20
CA ASN C 260 -69.15 28.17 -24.14
C ASN C 260 -68.81 27.68 -25.54
N ILE C 261 -67.57 27.93 -25.98
CA ILE C 261 -67.17 27.63 -27.34
C ILE C 261 -65.84 26.90 -27.32
N VAL C 262 -65.45 26.40 -28.49
CA VAL C 262 -64.14 25.84 -28.74
C VAL C 262 -63.51 26.65 -29.85
N VAL C 263 -62.35 27.21 -29.59
CA VAL C 263 -61.56 27.87 -30.62
C VAL C 263 -60.59 26.83 -31.16
N SER C 264 -60.72 26.49 -32.44
CA SER C 264 -59.79 25.58 -33.08
C SER C 264 -58.83 26.41 -33.91
N THR C 265 -57.55 26.30 -33.57
CA THR C 265 -56.46 27.07 -34.14
C THR C 265 -55.53 26.15 -34.93
N ARG C 266 -54.52 26.74 -35.53
CA ARG C 266 -53.55 26.00 -36.32
C ARG C 266 -52.27 26.81 -36.35
N THR C 267 -51.25 26.33 -35.63
CA THR C 267 -49.93 26.95 -35.55
C THR C 267 -50.00 28.41 -35.10
N GLY C 268 -50.64 28.63 -33.96
CA GLY C 268 -50.77 29.98 -33.41
C GLY C 268 -51.60 30.92 -34.26
N GLU C 269 -52.72 30.45 -34.78
CA GLU C 269 -53.52 31.23 -35.71
C GLU C 269 -54.96 30.73 -35.64
N VAL C 270 -55.88 31.60 -35.25
CA VAL C 270 -57.27 31.20 -35.03
C VAL C 270 -57.92 30.85 -36.36
N MET C 271 -58.46 29.64 -36.45
CA MET C 271 -59.06 29.15 -37.68
C MET C 271 -60.58 29.13 -37.65
N ARG C 272 -61.19 28.51 -36.64
CA ARG C 272 -62.65 28.53 -36.59
C ARG C 272 -63.13 28.41 -35.15
N ILE C 273 -64.40 28.76 -34.96
CA ILE C 273 -65.04 28.72 -33.64
C ILE C 273 -66.23 27.77 -33.73
N LEU C 274 -66.30 26.82 -32.81
CA LEU C 274 -67.34 25.81 -32.73
C LEU C 274 -68.08 25.93 -31.41
N PRO C 275 -69.32 25.48 -31.32
CA PRO C 275 -70.01 25.49 -30.03
C PRO C 275 -69.50 24.40 -29.12
N ARG C 276 -69.82 24.55 -27.84
CA ARG C 276 -69.58 23.53 -26.83
C ARG C 276 -70.91 23.09 -26.24
N MET C 277 -70.96 21.83 -25.82
CA MET C 277 -72.16 21.32 -25.18
C MET C 277 -72.25 21.87 -23.76
N HIS C 278 -73.33 22.61 -23.48
CA HIS C 278 -73.60 23.10 -22.14
C HIS C 278 -75.10 23.29 -22.05
N GLU C 279 -75.78 22.35 -21.38
CA GLU C 279 -77.24 22.31 -21.37
C GLU C 279 -77.87 23.49 -20.64
N ASP C 280 -77.09 24.24 -19.86
CA ASP C 280 -77.65 25.34 -19.09
C ASP C 280 -77.60 26.69 -19.82
N ILE C 281 -76.80 26.83 -20.88
CA ILE C 281 -76.71 28.10 -21.57
C ILE C 281 -77.04 27.97 -23.05
N ASN C 282 -76.21 27.23 -23.79
CA ASN C 282 -76.15 27.34 -25.24
C ASN C 282 -76.12 25.96 -25.89
N GLU C 283 -77.10 25.11 -25.52
CA GLU C 283 -77.02 23.65 -25.45
C GLU C 283 -76.07 22.99 -26.45
N GLU C 284 -76.23 23.25 -27.75
CA GLU C 284 -75.12 23.02 -28.67
C GLU C 284 -75.09 24.05 -29.79
N TRP C 285 -75.79 25.17 -29.65
CA TRP C 285 -75.85 26.20 -30.68
C TRP C 285 -75.14 27.47 -30.22
N ILE C 286 -74.72 28.27 -31.22
CA ILE C 286 -74.25 29.64 -31.00
C ILE C 286 -74.78 30.50 -32.12
N SER C 287 -74.85 31.80 -31.87
CA SER C 287 -75.22 32.75 -32.91
C SER C 287 -74.07 32.90 -33.91
N ASP C 288 -74.42 33.34 -35.13
CA ASP C 288 -73.42 33.38 -36.19
C ASP C 288 -72.41 34.50 -36.00
N LYS C 289 -72.73 35.52 -35.21
CA LYS C 289 -71.73 36.54 -34.89
C LYS C 289 -70.58 35.93 -34.11
N THR C 290 -70.90 35.05 -33.16
CA THR C 290 -69.88 34.29 -32.44
C THR C 290 -69.05 33.44 -33.39
N ARG C 291 -69.72 32.80 -34.36
CA ARG C 291 -69.01 31.90 -35.26
C ARG C 291 -68.13 32.65 -36.25
N PHE C 292 -68.47 33.88 -36.59
CA PHE C 292 -67.80 34.56 -37.70
C PHE C 292 -67.26 35.95 -37.35
N ALA C 293 -66.98 36.22 -36.07
CA ALA C 293 -66.28 37.46 -35.74
C ALA C 293 -64.76 37.33 -35.70
N TYR C 294 -64.21 36.13 -35.92
CA TYR C 294 -62.77 35.93 -35.74
C TYR C 294 -61.94 36.62 -36.82
N ASP C 295 -62.46 36.71 -38.04
CA ASP C 295 -61.69 37.34 -39.11
C ASP C 295 -61.57 38.84 -38.92
N GLY C 296 -62.49 39.44 -38.18
CA GLY C 296 -62.34 40.82 -37.79
C GLY C 296 -61.55 40.93 -36.51
N LEU C 297 -61.51 39.85 -35.74
CA LEU C 297 -60.63 39.81 -34.59
C LEU C 297 -59.16 39.83 -35.02
N LYS C 298 -58.86 39.32 -36.20
CA LYS C 298 -57.50 39.32 -36.72
C LYS C 298 -57.22 40.49 -37.67
N ARG C 299 -58.01 41.55 -37.61
CA ARG C 299 -57.87 42.70 -38.50
C ARG C 299 -57.92 43.99 -37.71
N GLN C 300 -57.25 45.03 -38.26
CA GLN C 300 -57.20 46.38 -37.70
C GLN C 300 -56.69 46.37 -36.25
N ARG C 301 -55.66 45.59 -35.99
CA ARG C 301 -55.21 45.36 -34.63
C ARG C 301 -54.23 46.45 -34.18
N LEU C 302 -54.22 46.70 -32.88
CA LEU C 302 -53.22 47.55 -32.26
C LEU C 302 -52.06 46.67 -31.81
N THR C 303 -50.88 46.92 -32.37
CA THR C 303 -49.73 46.06 -32.13
C THR C 303 -48.58 46.73 -31.40
N GLU C 304 -48.50 48.06 -31.41
CA GLU C 304 -47.41 48.77 -30.77
C GLU C 304 -47.95 49.98 -30.02
N PRO C 305 -47.31 50.38 -28.93
CA PRO C 305 -47.72 51.61 -28.24
C PRO C 305 -47.37 52.83 -29.07
N MET C 306 -48.33 53.73 -29.22
CA MET C 306 -48.17 54.92 -30.03
C MET C 306 -48.45 56.16 -29.19
N VAL C 307 -47.61 57.18 -29.39
CA VAL C 307 -47.74 58.44 -28.67
C VAL C 307 -47.78 59.57 -29.69
N ARG C 308 -48.27 60.73 -29.24
CA ARG C 308 -48.38 61.89 -30.10
C ARG C 308 -47.01 62.53 -30.28
N ASN C 309 -46.64 62.82 -31.52
CA ASN C 309 -45.34 63.41 -31.82
C ASN C 309 -45.43 64.93 -31.67
N GLU C 310 -44.41 65.63 -32.17
CA GLU C 310 -44.40 67.09 -32.08
C GLU C 310 -45.39 67.74 -33.03
N LYS C 311 -45.86 67.01 -34.04
CA LYS C 311 -46.89 67.52 -34.93
C LYS C 311 -48.29 67.22 -34.38
N GLY C 312 -48.50 66.05 -33.82
CA GLY C 312 -49.80 65.66 -33.32
C GLY C 312 -50.33 64.39 -33.93
N LEU C 313 -49.43 63.55 -34.42
CA LEU C 313 -49.79 62.29 -35.04
C LEU C 313 -49.28 61.13 -34.19
N LEU C 314 -50.04 60.04 -34.18
CA LEU C 314 -49.69 58.87 -33.38
C LEU C 314 -48.55 58.13 -34.06
N THR C 315 -47.38 58.13 -33.43
CA THR C 315 -46.22 57.42 -33.93
C THR C 315 -45.81 56.34 -32.94
N HIS C 316 -45.24 55.26 -33.47
CA HIS C 316 -44.85 54.11 -32.67
C HIS C 316 -43.68 54.47 -31.76
N THR C 317 -43.69 53.87 -30.57
CA THR C 317 -42.64 54.09 -29.58
C THR C 317 -42.50 52.83 -28.74
N THR C 318 -41.54 52.86 -27.81
CA THR C 318 -41.32 51.72 -26.94
C THR C 318 -42.35 51.69 -25.82
N TRP C 319 -42.32 50.61 -25.03
CA TRP C 319 -43.19 50.51 -23.89
C TRP C 319 -42.78 51.47 -22.79
N GLU C 320 -41.47 51.66 -22.60
CA GLU C 320 -40.96 52.47 -21.50
C GLU C 320 -41.35 53.93 -21.64
N ASP C 321 -41.24 54.49 -22.85
CA ASP C 321 -41.51 55.90 -23.07
C ASP C 321 -42.99 56.21 -22.86
N ALA C 322 -43.87 55.41 -23.48
CA ALA C 322 -45.31 55.63 -23.34
C ALA C 322 -45.75 55.42 -21.90
N LEU C 323 -45.22 54.38 -21.26
CA LEU C 323 -45.60 54.08 -19.89
C LEU C 323 -45.14 55.20 -18.95
N SER C 324 -43.94 55.74 -19.19
CA SER C 324 -43.44 56.85 -18.39
C SER C 324 -44.28 58.10 -18.61
N ARG C 325 -44.72 58.35 -19.84
CA ARG C 325 -45.56 59.52 -20.09
C ARG C 325 -46.91 59.41 -19.39
N VAL C 326 -47.52 58.20 -19.43
CA VAL C 326 -48.78 57.99 -18.75
C VAL C 326 -48.61 58.13 -17.24
N ALA C 327 -47.52 57.58 -16.69
CA ALA C 327 -47.27 57.69 -15.26
C ALA C 327 -47.00 59.12 -14.83
N GLY C 328 -46.27 59.89 -15.65
CA GLY C 328 -46.03 61.28 -15.35
C GLY C 328 -47.29 62.12 -15.39
N MET C 329 -48.21 61.80 -16.29
CA MET C 329 -49.50 62.48 -16.26
C MET C 329 -50.35 62.03 -15.07
N LEU C 330 -50.26 60.77 -14.68
CA LEU C 330 -51.06 60.24 -13.58
C LEU C 330 -50.61 60.78 -12.23
N GLN C 331 -49.31 61.05 -12.08
CA GLN C 331 -48.81 61.55 -10.80
C GLN C 331 -49.20 63.00 -10.55
N SER C 332 -49.65 63.72 -11.59
CA SER C 332 -50.01 65.13 -11.46
C SER C 332 -51.50 65.35 -11.23
N CYS C 333 -52.30 64.29 -11.20
CA CYS C 333 -53.73 64.41 -10.95
C CYS C 333 -54.11 63.69 -9.67
N GLN C 334 -55.06 64.25 -8.95
CA GLN C 334 -55.47 63.70 -7.66
C GLN C 334 -56.92 64.11 -7.40
N GLY C 335 -57.72 63.15 -6.96
CA GLY C 335 -59.12 63.42 -6.68
C GLY C 335 -59.98 63.06 -7.87
N ASN C 336 -60.86 63.98 -8.26
CA ASN C 336 -61.73 63.77 -9.41
C ASN C 336 -61.14 64.32 -10.71
N ASP C 337 -59.82 64.40 -10.79
CA ASP C 337 -59.15 64.84 -12.01
C ASP C 337 -58.83 63.67 -12.94
N VAL C 338 -59.09 62.45 -12.52
CA VAL C 338 -58.85 61.26 -13.33
C VAL C 338 -60.09 60.36 -13.25
N ALA C 339 -60.53 59.87 -14.40
CA ALA C 339 -61.67 58.97 -14.47
C ALA C 339 -61.40 57.89 -15.49
N ALA C 340 -62.20 56.84 -15.45
CA ALA C 340 -62.02 55.69 -16.33
C ALA C 340 -63.35 55.24 -16.90
N ILE C 341 -63.31 54.72 -18.12
CA ILE C 341 -64.48 54.19 -18.79
C ILE C 341 -64.20 52.74 -19.19
N ALA C 342 -65.12 51.85 -18.85
CA ALA C 342 -65.03 50.46 -19.25
C ALA C 342 -65.75 50.25 -20.57
N GLY C 343 -65.21 49.37 -21.40
CA GLY C 343 -65.81 49.02 -22.67
C GLY C 343 -66.83 47.91 -22.53
N GLY C 344 -67.02 47.18 -23.63
CA GLY C 344 -67.98 46.10 -23.63
C GLY C 344 -67.37 44.72 -23.64
N LEU C 345 -66.06 44.62 -23.78
CA LEU C 345 -65.36 43.35 -23.88
C LEU C 345 -64.23 43.28 -22.87
N VAL C 346 -64.48 43.75 -21.65
CA VAL C 346 -63.45 43.91 -20.63
C VAL C 346 -63.61 42.82 -19.58
N ASP C 347 -62.49 42.25 -19.17
CA ASP C 347 -62.48 41.23 -18.14
C ASP C 347 -62.52 41.86 -16.75
N ALA C 348 -62.83 41.01 -15.75
CA ALA C 348 -62.88 41.50 -14.38
C ALA C 348 -61.49 41.80 -13.84
N GLU C 349 -60.46 41.15 -14.37
CA GLU C 349 -59.09 41.38 -13.92
C GLU C 349 -58.64 42.80 -14.24
N ALA C 350 -58.86 43.24 -15.49
CA ALA C 350 -58.50 44.60 -15.87
C ALA C 350 -59.35 45.62 -15.12
N LEU C 351 -60.62 45.30 -14.88
CA LEU C 351 -61.49 46.22 -14.15
C LEU C 351 -61.02 46.41 -12.72
N ILE C 352 -60.67 45.32 -12.03
CA ILE C 352 -60.23 45.46 -10.65
C ILE C 352 -58.84 46.09 -10.59
N ALA C 353 -57.98 45.83 -11.58
CA ALA C 353 -56.67 46.47 -11.59
C ALA C 353 -56.79 47.98 -11.79
N LEU C 354 -57.65 48.40 -12.71
CA LEU C 354 -57.86 49.83 -12.92
C LEU C 354 -58.53 50.47 -11.72
N LYS C 355 -59.47 49.76 -11.08
CA LYS C 355 -60.13 50.31 -9.90
C LYS C 355 -59.15 50.48 -8.75
N ASP C 356 -58.26 49.50 -8.53
CA ASP C 356 -57.28 49.65 -7.47
C ASP C 356 -56.26 50.75 -7.78
N LEU C 357 -55.82 50.85 -9.05
CA LEU C 357 -54.88 51.89 -9.41
C LEU C 357 -55.50 53.28 -9.25
N LEU C 358 -56.76 53.46 -9.65
CA LEU C 358 -57.42 54.74 -9.47
C LEU C 358 -57.77 54.99 -8.01
N ASN C 359 -57.89 53.95 -7.20
CA ASN C 359 -58.12 54.14 -5.78
C ASN C 359 -56.84 54.55 -5.04
N ARG C 360 -55.68 54.12 -5.54
CA ARG C 360 -54.42 54.55 -4.92
C ARG C 360 -54.20 56.05 -5.07
N VAL C 361 -54.84 56.69 -6.04
CA VAL C 361 -54.77 58.14 -6.24
C VAL C 361 -56.02 58.84 -5.72
N ASP C 362 -56.90 58.09 -5.03
CA ASP C 362 -58.17 58.58 -4.47
C ASP C 362 -59.09 59.13 -5.56
N SER C 363 -59.49 58.23 -6.45
CA SER C 363 -60.45 58.53 -7.50
C SER C 363 -61.44 57.38 -7.57
N ASP C 364 -62.67 57.62 -7.12
CA ASP C 364 -63.72 56.62 -7.16
C ASP C 364 -64.61 56.73 -8.38
N THR C 365 -64.31 57.65 -9.30
CA THR C 365 -65.14 57.87 -10.49
C THR C 365 -64.71 56.87 -11.55
N LEU C 366 -65.32 55.70 -11.53
CA LEU C 366 -65.14 54.68 -12.56
C LEU C 366 -66.48 54.39 -13.20
N CYS C 367 -66.53 54.43 -14.52
CA CYS C 367 -67.79 54.40 -15.23
C CYS C 367 -67.78 53.30 -16.28
N THR C 368 -68.99 52.85 -16.63
CA THR C 368 -69.19 51.91 -17.72
C THR C 368 -70.02 52.59 -18.80
N GLU C 369 -69.89 52.07 -20.03
CA GLU C 369 -70.56 52.70 -21.17
C GLU C 369 -72.07 52.52 -21.10
N GLU C 370 -72.53 51.37 -20.63
CA GLU C 370 -73.97 51.11 -20.55
C GLU C 370 -74.56 51.76 -19.32
N VAL C 371 -75.74 52.35 -19.49
CA VAL C 371 -76.40 53.10 -18.44
C VAL C 371 -77.34 52.17 -17.67
N PHE C 372 -77.20 52.16 -16.35
CA PHE C 372 -78.10 51.45 -15.46
C PHE C 372 -78.55 52.39 -14.36
N PRO C 373 -79.84 52.43 -14.05
CA PRO C 373 -80.33 53.37 -13.03
C PRO C 373 -79.85 52.98 -11.64
N THR C 374 -79.28 53.95 -10.92
CA THR C 374 -78.75 53.74 -9.59
C THR C 374 -79.70 54.22 -8.49
N ALA C 375 -80.95 54.49 -8.84
CA ALA C 375 -81.94 54.88 -7.84
C ALA C 375 -82.25 53.71 -6.92
N GLY C 376 -82.46 54.00 -5.65
CA GLY C 376 -82.75 52.95 -4.69
C GLY C 376 -81.49 52.19 -4.34
N ALA C 377 -81.61 50.87 -4.30
CA ALA C 377 -80.45 50.03 -3.99
C ALA C 377 -79.41 50.10 -5.10
N GLY C 378 -79.84 50.11 -6.35
CA GLY C 378 -78.92 50.22 -7.46
C GLY C 378 -78.10 48.97 -7.65
N THR C 379 -76.78 49.10 -7.54
CA THR C 379 -75.87 47.97 -7.72
C THR C 379 -75.47 47.33 -6.39
N ASP C 380 -76.13 47.68 -5.29
CA ASP C 380 -75.83 47.06 -4.02
C ASP C 380 -76.28 45.61 -4.01
N LEU C 381 -77.58 45.39 -4.11
CA LEU C 381 -78.12 44.04 -4.13
C LEU C 381 -77.96 43.46 -5.53
N ARG C 382 -77.68 42.17 -5.60
CA ARG C 382 -77.52 41.52 -6.89
C ARG C 382 -78.84 41.11 -7.52
N SER C 383 -79.96 41.38 -6.84
CA SER C 383 -81.26 40.95 -7.34
C SER C 383 -81.77 41.83 -8.47
N ASN C 384 -81.45 43.11 -8.47
CA ASN C 384 -82.10 44.05 -9.37
C ASN C 384 -81.28 44.38 -10.61
N TYR C 385 -80.22 43.62 -10.91
CA TYR C 385 -79.57 43.78 -12.20
C TYR C 385 -79.14 42.44 -12.81
N LEU C 386 -79.78 41.34 -12.42
CA LEU C 386 -79.40 40.02 -12.90
C LEU C 386 -80.62 39.30 -13.46
N LEU C 387 -80.37 38.36 -14.37
CA LEU C 387 -81.41 37.42 -14.77
C LEU C 387 -81.60 36.44 -13.62
N ASN C 388 -82.50 36.78 -12.70
CA ASN C 388 -82.51 36.17 -11.38
C ASN C 388 -82.98 34.73 -11.37
N THR C 389 -83.69 34.28 -12.40
CA THR C 389 -84.18 32.90 -12.36
C THR C 389 -83.07 31.92 -12.77
N THR C 390 -82.74 31.91 -14.05
CA THR C 390 -81.64 31.20 -14.73
C THR C 390 -81.82 31.54 -16.21
N ILE C 391 -80.79 31.28 -17.01
CA ILE C 391 -80.99 31.22 -18.46
C ILE C 391 -81.94 30.06 -18.79
N ALA C 392 -81.74 28.92 -18.14
CA ALA C 392 -82.58 27.75 -18.33
C ALA C 392 -83.81 27.74 -17.44
N GLY C 393 -84.09 28.83 -16.72
CA GLY C 393 -85.26 28.89 -15.87
C GLY C 393 -86.56 29.03 -16.63
N VAL C 394 -86.50 29.45 -17.89
CA VAL C 394 -87.70 29.56 -18.72
C VAL C 394 -88.25 28.21 -19.15
N GLU C 395 -87.53 27.13 -18.89
CA GLU C 395 -88.02 25.79 -19.23
C GLU C 395 -89.24 25.41 -18.40
N GLU C 396 -89.30 25.90 -17.16
CA GLU C 396 -90.34 25.54 -16.22
C GLU C 396 -91.47 26.57 -16.15
N ALA C 397 -91.18 27.82 -16.46
CA ALA C 397 -92.16 28.90 -16.41
C ALA C 397 -93.27 28.68 -17.43
N ASP C 398 -94.42 29.32 -17.19
CA ASP C 398 -95.57 29.22 -18.07
C ASP C 398 -96.11 30.55 -18.56
N VAL C 399 -95.74 31.67 -17.93
CA VAL C 399 -96.13 32.99 -18.41
C VAL C 399 -94.90 33.90 -18.36
N VAL C 400 -94.58 34.53 -19.49
CA VAL C 400 -93.45 35.44 -19.57
C VAL C 400 -93.97 36.79 -20.06
N LEU C 401 -93.20 37.84 -19.76
CA LEU C 401 -93.56 39.20 -20.16
C LEU C 401 -92.28 39.97 -20.42
N LEU C 402 -92.08 40.39 -21.66
CA LEU C 402 -90.88 41.12 -22.06
C LEU C 402 -91.20 42.59 -22.20
N VAL C 403 -90.33 43.43 -21.66
CA VAL C 403 -90.54 44.88 -21.64
C VAL C 403 -89.39 45.53 -22.40
N GLY C 404 -89.69 46.11 -23.55
CA GLY C 404 -88.76 46.98 -24.26
C GLY C 404 -87.49 46.32 -24.72
N THR C 405 -87.55 45.05 -25.11
CA THR C 405 -86.36 44.34 -25.53
C THR C 405 -86.66 43.55 -26.79
N ASN C 406 -85.60 43.28 -27.54
CA ASN C 406 -85.64 42.40 -28.72
C ASN C 406 -84.63 41.29 -28.45
N PRO C 407 -85.04 40.20 -27.80
CA PRO C 407 -84.08 39.13 -27.49
C PRO C 407 -83.62 38.35 -28.71
N ARG C 408 -84.24 38.54 -29.88
CA ARG C 408 -83.74 37.88 -31.08
C ARG C 408 -82.39 38.42 -31.50
N PHE C 409 -82.12 39.70 -31.25
CA PHE C 409 -80.85 40.30 -31.61
C PHE C 409 -80.03 40.77 -30.42
N GLU C 410 -80.57 40.67 -29.21
CA GLU C 410 -79.78 40.98 -28.01
C GLU C 410 -79.12 39.72 -27.44
N ALA C 411 -79.93 38.73 -27.09
CA ALA C 411 -79.46 37.46 -26.56
C ALA C 411 -80.14 36.35 -27.35
N PRO C 412 -79.60 36.01 -28.53
CA PRO C 412 -80.31 35.08 -29.43
C PRO C 412 -80.54 33.71 -28.85
N LEU C 413 -79.65 33.21 -28.00
CA LEU C 413 -79.87 31.91 -27.39
C LEU C 413 -80.94 31.96 -26.31
N PHE C 414 -81.08 33.10 -25.62
CA PHE C 414 -82.21 33.28 -24.71
C PHE C 414 -83.53 33.24 -25.48
N ASN C 415 -83.56 33.87 -26.65
CA ASN C 415 -84.76 33.83 -27.50
C ASN C 415 -85.01 32.41 -28.02
N ALA C 416 -83.95 31.68 -28.35
CA ALA C 416 -84.11 30.30 -28.79
C ALA C 416 -84.66 29.41 -27.68
N ARG C 417 -84.20 29.62 -26.45
CA ARG C 417 -84.73 28.86 -25.32
C ARG C 417 -86.19 29.23 -25.04
N ILE C 418 -86.53 30.52 -25.21
CA ILE C 418 -87.93 30.93 -25.06
C ILE C 418 -88.79 30.27 -26.13
N ARG C 419 -88.29 30.21 -27.36
CA ARG C 419 -89.04 29.55 -28.44
C ARG C 419 -89.21 28.06 -28.17
N LYS C 420 -88.18 27.41 -27.63
CA LYS C 420 -88.28 25.99 -27.32
C LYS C 420 -89.30 25.74 -26.21
N SER C 421 -89.32 26.61 -25.18
CA SER C 421 -90.33 26.49 -24.14
C SER C 421 -91.73 26.78 -24.69
N TRP C 422 -91.84 27.70 -25.64
CA TRP C 422 -93.12 28.00 -26.28
C TRP C 422 -93.62 26.82 -27.09
N LEU C 423 -92.71 26.13 -27.77
CA LEU C 423 -93.09 24.99 -28.58
C LEU C 423 -93.48 23.79 -27.73
N HIS C 424 -92.69 23.48 -26.71
CA HIS C 424 -92.87 22.23 -25.98
C HIS C 424 -93.83 22.39 -24.80
N ASN C 425 -93.52 23.28 -23.87
CA ASN C 425 -94.27 23.41 -22.63
C ASN C 425 -95.44 24.37 -22.74
N ASP C 426 -95.71 24.89 -23.95
CA ASP C 426 -96.81 25.81 -24.23
C ASP C 426 -96.71 27.09 -23.39
N LEU C 427 -95.56 27.74 -23.50
CA LEU C 427 -95.34 29.02 -22.83
C LEU C 427 -96.23 30.11 -23.42
N LYS C 428 -96.71 31.00 -22.56
CA LYS C 428 -97.48 32.16 -22.99
C LYS C 428 -96.57 33.37 -22.98
N VAL C 429 -96.44 34.02 -24.14
CA VAL C 429 -95.46 35.08 -24.34
C VAL C 429 -96.20 36.36 -24.69
N ALA C 430 -95.88 37.44 -23.99
CA ALA C 430 -96.42 38.76 -24.29
C ALA C 430 -95.30 39.79 -24.22
N LEU C 431 -95.32 40.74 -25.14
CA LEU C 431 -94.26 41.73 -25.27
C LEU C 431 -94.83 43.13 -25.13
N ILE C 432 -94.08 44.00 -24.46
CA ILE C 432 -94.39 45.42 -24.39
C ILE C 432 -93.26 46.15 -25.11
N GLY C 433 -93.59 46.75 -26.25
CA GLY C 433 -92.61 47.40 -27.08
C GLY C 433 -93.03 47.35 -28.53
N SER C 434 -92.08 47.62 -29.42
CA SER C 434 -92.36 47.61 -30.84
C SER C 434 -92.63 46.18 -31.32
N PRO C 435 -93.56 46.01 -32.27
CA PRO C 435 -93.88 44.66 -32.75
C PRO C 435 -92.80 44.05 -33.60
N VAL C 436 -91.68 43.67 -32.98
CA VAL C 436 -90.62 42.99 -33.69
C VAL C 436 -90.97 41.53 -33.87
N ASP C 437 -90.27 40.88 -34.80
CA ASP C 437 -90.48 39.45 -35.06
C ASP C 437 -89.57 38.63 -34.15
N LEU C 438 -90.16 37.66 -33.46
CA LEU C 438 -89.43 36.82 -32.53
C LEU C 438 -89.43 35.35 -32.95
N THR C 439 -89.82 35.05 -34.19
CA THR C 439 -89.92 33.68 -34.73
C THR C 439 -90.89 32.81 -33.93
N TYR C 440 -91.86 33.42 -33.27
CA TYR C 440 -93.01 32.72 -32.71
C TYR C 440 -94.14 33.73 -32.61
N ARG C 441 -95.26 33.29 -32.04
CA ARG C 441 -96.43 34.13 -31.88
C ARG C 441 -96.55 34.59 -30.44
N TYR C 442 -96.68 35.89 -30.25
CA TYR C 442 -96.74 36.50 -28.94
C TYR C 442 -97.88 37.50 -28.88
N ASP C 443 -98.27 37.85 -27.66
CA ASP C 443 -99.38 38.78 -27.42
C ASP C 443 -98.81 40.18 -27.31
N HIS C 444 -98.84 40.92 -28.41
CA HIS C 444 -98.35 42.29 -28.43
C HIS C 444 -99.35 43.20 -27.74
N LEU C 445 -98.96 43.80 -26.62
CA LEU C 445 -99.86 44.65 -25.84
C LEU C 445 -99.79 46.11 -26.25
N GLY C 446 -98.60 46.61 -26.53
CA GLY C 446 -98.41 48.00 -26.89
C GLY C 446 -97.03 48.47 -26.54
N ASP C 447 -96.59 49.52 -27.21
CA ASP C 447 -95.23 50.04 -27.05
C ASP C 447 -95.15 51.19 -26.06
N SER C 448 -96.23 51.56 -25.42
CA SER C 448 -96.15 52.68 -24.49
C SER C 448 -95.89 52.18 -23.06
N PRO C 449 -95.19 52.96 -22.24
CA PRO C 449 -95.02 52.59 -20.82
C PRO C 449 -96.26 52.84 -19.98
N LYS C 450 -97.27 53.51 -20.52
CA LYS C 450 -98.54 53.63 -19.81
C LYS C 450 -99.21 52.27 -19.64
N ILE C 451 -98.93 51.33 -20.55
CA ILE C 451 -99.36 49.96 -20.35
C ILE C 451 -98.65 49.33 -19.15
N LEU C 452 -97.36 49.68 -18.96
CA LEU C 452 -96.63 49.21 -17.80
C LEU C 452 -97.23 49.74 -16.51
N GLN C 453 -97.68 51.00 -16.53
CA GLN C 453 -98.44 51.50 -15.38
C GLN C 453 -99.80 50.82 -15.26
N ASP C 454 -100.38 50.41 -16.39
CA ASP C 454 -101.73 49.85 -16.40
C ASP C 454 -101.75 48.46 -15.75
N ILE C 455 -100.77 47.61 -16.06
CA ILE C 455 -100.75 46.26 -15.51
C ILE C 455 -100.56 46.28 -14.00
N ALA C 456 -99.79 47.24 -13.48
CA ALA C 456 -99.60 47.36 -12.04
C ALA C 456 -100.90 47.74 -11.33
N SER C 457 -101.77 48.49 -12.00
CA SER C 457 -103.04 48.88 -11.40
C SER C 457 -104.11 47.82 -11.52
N GLY C 458 -103.85 46.74 -12.26
CA GLY C 458 -104.80 45.64 -12.37
C GLY C 458 -105.91 45.85 -13.36
N SER C 459 -105.85 46.90 -14.18
CA SER C 459 -106.92 47.23 -15.11
C SER C 459 -106.71 46.64 -16.50
N HIS C 460 -105.67 45.83 -16.70
CA HIS C 460 -105.39 45.18 -17.96
C HIS C 460 -105.72 43.69 -17.87
N PRO C 461 -106.08 43.05 -18.98
CA PRO C 461 -106.29 41.60 -18.95
C PRO C 461 -105.05 40.80 -18.56
N PHE C 462 -103.87 41.29 -18.92
CA PHE C 462 -102.66 40.57 -18.56
C PHE C 462 -102.38 40.61 -17.07
N SER C 463 -103.03 41.51 -16.33
CA SER C 463 -102.90 41.51 -14.88
C SER C 463 -103.44 40.21 -14.28
N GLN C 464 -104.67 39.83 -14.63
CA GLN C 464 -105.15 38.56 -14.11
C GLN C 464 -104.59 37.37 -14.89
N VAL C 465 -104.05 37.58 -16.09
CA VAL C 465 -103.30 36.50 -16.73
C VAL C 465 -102.06 36.15 -15.90
N LEU C 466 -101.34 37.17 -15.44
CA LEU C 466 -100.21 36.94 -14.55
C LEU C 466 -100.67 36.44 -13.18
N GLN C 467 -101.83 36.90 -12.72
CA GLN C 467 -102.34 36.49 -11.41
C GLN C 467 -102.66 35.00 -11.39
N GLU C 468 -103.27 34.49 -12.46
CA GLU C 468 -103.59 33.08 -12.53
C GLU C 468 -102.40 32.20 -12.90
N ALA C 469 -101.25 32.79 -13.22
CA ALA C 469 -100.07 32.01 -13.55
C ALA C 469 -99.49 31.35 -12.31
N LYS C 470 -98.83 30.21 -12.52
CA LYS C 470 -98.20 29.49 -11.43
C LYS C 470 -96.73 29.85 -11.28
N LYS C 471 -96.01 29.96 -12.39
CA LYS C 471 -94.61 30.39 -12.40
C LYS C 471 -94.43 31.53 -13.38
N PRO C 472 -94.92 32.72 -13.05
CA PRO C 472 -94.75 33.86 -13.96
C PRO C 472 -93.35 34.43 -13.85
N MET C 473 -92.98 35.20 -14.86
CA MET C 473 -91.64 35.79 -14.91
C MET C 473 -91.70 37.05 -15.75
N VAL C 474 -91.09 38.12 -15.26
CA VAL C 474 -91.03 39.39 -15.97
C VAL C 474 -89.57 39.67 -16.30
N VAL C 475 -89.27 39.81 -17.59
CA VAL C 475 -87.91 40.06 -18.06
C VAL C 475 -87.86 41.47 -18.65
N LEU C 476 -86.88 42.25 -18.21
CA LEU C 476 -86.70 43.62 -18.66
C LEU C 476 -85.37 43.72 -19.39
N GLY C 477 -85.40 44.29 -20.59
CA GLY C 477 -84.18 44.43 -21.36
C GLY C 477 -83.28 45.53 -20.81
N SER C 478 -81.98 45.36 -21.03
CA SER C 478 -81.03 46.38 -20.59
C SER C 478 -81.04 47.60 -21.50
N SER C 479 -81.35 47.43 -22.78
CA SER C 479 -81.37 48.57 -23.69
C SER C 479 -82.57 49.46 -23.47
N ALA C 480 -83.60 48.97 -22.77
CA ALA C 480 -84.73 49.83 -22.42
C ALA C 480 -84.39 50.80 -21.31
N LEU C 481 -83.32 50.54 -20.56
CA LEU C 481 -82.90 51.40 -19.47
C LEU C 481 -81.96 52.52 -19.91
N GLN C 482 -81.60 52.56 -21.19
CA GLN C 482 -80.75 53.65 -21.68
C GLN C 482 -81.51 54.95 -21.81
N ARG C 483 -82.84 54.91 -21.78
CA ARG C 483 -83.64 56.11 -21.88
C ARG C 483 -83.56 56.92 -20.59
N ASN C 484 -84.02 58.17 -20.67
CA ASN C 484 -83.94 59.07 -19.53
C ASN C 484 -84.90 58.69 -18.41
N ASP C 485 -85.95 57.92 -18.72
CA ASP C 485 -86.87 57.43 -17.71
C ASP C 485 -86.62 55.95 -17.38
N GLY C 486 -85.36 55.53 -17.41
CA GLY C 486 -85.05 54.14 -17.11
C GLY C 486 -85.31 53.77 -15.67
N ALA C 487 -85.08 54.71 -14.75
CA ALA C 487 -85.36 54.45 -13.33
C ALA C 487 -86.84 54.25 -13.09
N ALA C 488 -87.69 55.04 -13.75
CA ALA C 488 -89.13 54.88 -13.63
C ALA C 488 -89.60 53.55 -14.22
N ILE C 489 -89.01 53.14 -15.34
CA ILE C 489 -89.35 51.86 -15.96
C ILE C 489 -88.98 50.70 -15.05
N LEU C 490 -87.76 50.76 -14.48
CA LEU C 490 -87.32 49.70 -13.58
C LEU C 490 -88.17 49.65 -12.33
N ALA C 491 -88.55 50.82 -11.78
CA ALA C 491 -89.41 50.85 -10.60
C ALA C 491 -90.79 50.28 -10.91
N ALA C 492 -91.34 50.59 -12.09
CA ALA C 492 -92.65 50.06 -12.47
C ALA C 492 -92.61 48.54 -12.65
N VAL C 493 -91.56 48.03 -13.29
CA VAL C 493 -91.46 46.59 -13.49
C VAL C 493 -91.25 45.87 -12.15
N SER C 494 -90.45 46.47 -11.25
CA SER C 494 -90.28 45.88 -9.93
C SER C 494 -91.57 45.90 -9.13
N ASN C 495 -92.37 46.96 -9.27
CA ASN C 495 -93.66 47.00 -8.59
C ASN C 495 -94.61 45.94 -9.12
N ILE C 496 -94.59 45.71 -10.44
CA ILE C 496 -95.39 44.63 -11.03
C ILE C 496 -94.93 43.28 -10.48
N ALA C 497 -93.62 43.07 -10.41
CA ALA C 497 -93.08 41.80 -9.93
C ALA C 497 -93.44 41.55 -8.47
N GLN C 498 -93.39 42.59 -7.64
CA GLN C 498 -93.74 42.41 -6.24
C GLN C 498 -95.24 42.29 -6.01
N LYS C 499 -96.06 42.94 -6.84
CA LYS C 499 -97.50 42.74 -6.75
C LYS C 499 -97.87 41.33 -7.16
N ILE C 500 -97.18 40.78 -8.16
CA ILE C 500 -97.50 39.43 -8.62
C ILE C 500 -97.00 38.38 -7.62
N ARG C 501 -95.76 38.52 -7.16
CA ARG C 501 -95.14 37.49 -6.32
C ARG C 501 -95.65 37.49 -4.88
N THR C 502 -96.39 38.51 -4.47
CA THR C 502 -96.96 38.54 -3.13
C THR C 502 -98.48 38.35 -3.14
N SER C 503 -99.06 37.97 -4.27
CA SER C 503 -100.49 37.75 -4.35
C SER C 503 -100.83 36.39 -4.95
N SER C 504 -100.01 35.93 -5.90
CA SER C 504 -100.30 34.70 -6.62
C SER C 504 -99.83 33.48 -5.84
N GLY C 505 -100.08 32.31 -6.41
CA GLY C 505 -99.69 31.04 -5.81
C GLY C 505 -98.26 30.66 -6.15
N VAL C 506 -97.31 31.49 -5.77
CA VAL C 506 -95.90 31.24 -6.01
C VAL C 506 -95.34 30.43 -4.86
N THR C 507 -94.44 29.49 -5.17
CA THR C 507 -93.83 28.66 -4.14
C THR C 507 -92.96 29.47 -3.20
N GLY C 508 -92.20 30.42 -3.72
CA GLY C 508 -91.35 31.26 -2.90
C GLY C 508 -89.93 31.37 -3.41
N ASP C 509 -89.38 30.26 -3.91
CA ASP C 509 -88.04 30.26 -4.48
C ASP C 509 -88.02 30.64 -5.95
N TRP C 510 -89.18 30.96 -6.53
CA TRP C 510 -89.26 31.41 -7.91
C TRP C 510 -88.98 32.89 -7.98
N LYS C 511 -87.97 33.28 -8.75
CA LYS C 511 -87.58 34.67 -8.90
C LYS C 511 -88.26 35.24 -10.13
N VAL C 512 -88.97 36.34 -9.95
CA VAL C 512 -89.75 36.94 -11.04
C VAL C 512 -88.98 38.05 -11.73
N MET C 513 -88.34 38.92 -10.96
CA MET C 513 -87.67 40.11 -11.49
C MET C 513 -86.40 39.69 -12.24
N ASN C 514 -86.39 39.88 -13.56
CA ASN C 514 -85.27 39.49 -14.40
C ASN C 514 -84.83 40.67 -15.26
N ILE C 515 -83.53 40.84 -15.40
CA ILE C 515 -82.96 41.87 -16.26
C ILE C 515 -82.00 41.20 -17.24
N LEU C 516 -82.24 41.39 -18.53
CA LEU C 516 -81.46 40.77 -19.59
C LEU C 516 -80.44 41.77 -20.11
N HIS C 517 -79.17 41.54 -19.80
CA HIS C 517 -78.11 42.44 -20.23
C HIS C 517 -77.70 42.14 -21.68
N ARG C 518 -77.00 43.11 -22.28
CA ARG C 518 -76.52 42.98 -23.64
C ARG C 518 -75.02 43.25 -23.77
N ILE C 519 -74.34 43.57 -22.66
CA ILE C 519 -72.92 43.88 -22.66
C ILE C 519 -72.21 42.82 -21.84
N ALA C 520 -71.15 42.24 -22.41
CA ALA C 520 -70.44 41.14 -21.74
C ALA C 520 -69.77 41.61 -20.45
N SER C 521 -69.21 42.82 -20.44
CA SER C 521 -68.47 43.33 -19.30
C SER C 521 -69.34 44.06 -18.29
N GLN C 522 -70.65 44.12 -18.51
CA GLN C 522 -71.49 44.94 -17.64
C GLN C 522 -71.71 44.30 -16.28
N VAL C 523 -71.97 42.99 -16.25
CA VAL C 523 -72.29 42.33 -14.98
C VAL C 523 -71.07 42.26 -14.08
N ALA C 524 -69.90 41.95 -14.65
CA ALA C 524 -68.68 41.91 -13.86
C ALA C 524 -68.29 43.30 -13.35
N ALA C 525 -68.58 44.35 -14.13
CA ALA C 525 -68.30 45.70 -13.66
C ALA C 525 -69.26 46.11 -12.55
N LEU C 526 -70.54 45.75 -12.67
CA LEU C 526 -71.50 46.10 -11.64
C LEU C 526 -71.28 45.30 -10.37
N ASP C 527 -70.73 44.08 -10.49
CA ASP C 527 -70.44 43.28 -9.30
C ASP C 527 -69.29 43.88 -8.50
N LEU C 528 -68.30 44.44 -9.20
CA LEU C 528 -67.12 44.99 -8.53
C LEU C 528 -67.41 46.32 -7.84
N GLY C 529 -68.37 47.09 -8.32
CA GLY C 529 -68.68 48.35 -7.70
C GLY C 529 -68.43 49.55 -8.60
N TYR C 530 -68.49 49.32 -9.91
CA TYR C 530 -68.38 50.44 -10.85
C TYR C 530 -69.68 51.26 -10.82
N LYS C 531 -69.59 52.48 -11.34
CA LYS C 531 -70.76 53.35 -11.40
C LYS C 531 -71.27 53.37 -12.83
N PRO C 532 -72.42 52.76 -13.11
CA PRO C 532 -72.90 52.67 -14.50
C PRO C 532 -73.32 54.04 -15.05
N GLY C 533 -73.07 54.22 -16.33
CA GLY C 533 -73.33 55.51 -16.94
C GLY C 533 -72.16 56.46 -16.81
N VAL C 534 -72.07 57.39 -17.75
CA VAL C 534 -70.97 58.34 -17.79
C VAL C 534 -71.39 59.71 -17.25
N GLU C 535 -72.46 59.76 -16.46
CA GLU C 535 -72.95 61.03 -15.92
C GLU C 535 -71.98 61.61 -14.91
N ALA C 536 -71.29 60.75 -14.15
CA ALA C 536 -70.32 61.22 -13.15
C ALA C 536 -69.14 61.90 -13.82
N ILE C 537 -68.76 61.47 -15.02
CA ILE C 537 -67.71 62.16 -15.76
C ILE C 537 -68.20 63.51 -16.24
N ARG C 538 -69.42 63.56 -16.77
CA ARG C 538 -69.95 64.80 -17.32
C ARG C 538 -70.27 65.83 -16.23
N LYS C 539 -70.44 65.40 -14.98
CA LYS C 539 -70.70 66.34 -13.89
C LYS C 539 -69.48 67.19 -13.60
N ASN C 540 -68.39 66.55 -13.17
CA ASN C 540 -67.10 67.21 -12.97
C ASN C 540 -66.09 66.60 -13.93
N PRO C 541 -65.77 67.26 -15.03
CA PRO C 541 -64.99 66.62 -16.10
C PRO C 541 -63.53 66.45 -15.69
N PRO C 542 -62.98 65.26 -15.89
CA PRO C 542 -61.58 65.03 -15.55
C PRO C 542 -60.65 65.57 -16.61
N LYS C 543 -59.38 65.73 -16.23
CA LYS C 543 -58.34 66.17 -17.15
C LYS C 543 -57.50 65.02 -17.68
N MET C 544 -57.83 63.78 -17.32
CA MET C 544 -57.14 62.61 -17.84
C MET C 544 -58.12 61.43 -17.81
N LEU C 545 -58.25 60.73 -18.94
CA LEU C 545 -59.25 59.70 -19.08
C LEU C 545 -58.60 58.36 -19.42
N PHE C 546 -59.19 57.29 -18.90
CA PHE C 546 -58.79 55.93 -19.24
C PHE C 546 -59.93 55.25 -19.99
N LEU C 547 -59.65 54.77 -21.19
CA LEU C 547 -60.65 54.11 -22.03
C LEU C 547 -60.25 52.65 -22.18
N LEU C 548 -60.88 51.77 -21.40
CA LEU C 548 -60.64 50.33 -21.49
C LEU C 548 -61.47 49.74 -22.62
N GLY C 549 -61.03 50.03 -23.83
CA GLY C 549 -61.77 49.60 -25.01
C GLY C 549 -63.13 50.26 -25.15
N ALA C 550 -63.23 51.53 -24.75
CA ALA C 550 -64.49 52.26 -24.81
C ALA C 550 -64.67 52.81 -26.23
N ASP C 551 -65.09 51.92 -27.13
CA ASP C 551 -65.28 52.26 -28.52
C ASP C 551 -66.72 52.67 -28.84
N GLY C 552 -67.58 52.78 -27.84
CA GLY C 552 -68.96 53.12 -28.08
C GLY C 552 -69.21 54.56 -28.44
N GLY C 553 -68.23 55.44 -28.24
CA GLY C 553 -68.42 56.84 -28.56
C GLY C 553 -69.36 57.56 -27.64
N CYS C 554 -69.56 57.06 -26.41
CA CYS C 554 -70.49 57.69 -25.48
C CYS C 554 -69.91 58.99 -24.92
N VAL C 555 -68.60 59.14 -24.91
CA VAL C 555 -67.93 60.37 -24.49
C VAL C 555 -66.89 60.72 -25.54
N THR C 556 -66.93 61.96 -26.02
CA THR C 556 -65.99 62.47 -26.99
C THR C 556 -65.29 63.70 -26.44
N ARG C 557 -64.47 64.33 -27.28
CA ARG C 557 -63.67 65.46 -26.83
C ARG C 557 -64.48 66.71 -26.58
N GLN C 558 -65.71 66.78 -27.10
CA GLN C 558 -66.52 67.98 -26.93
C GLN C 558 -67.09 68.10 -25.53
N ASP C 559 -67.14 67.01 -24.77
CA ASP C 559 -67.65 67.02 -23.41
C ASP C 559 -66.54 67.12 -22.37
N LEU C 560 -65.31 67.40 -22.79
CA LEU C 560 -64.13 67.39 -21.96
C LEU C 560 -63.39 68.72 -22.12
N PRO C 561 -62.60 69.13 -21.12
CA PRO C 561 -61.81 70.37 -21.26
C PRO C 561 -60.73 70.30 -22.32
N LYS C 562 -60.00 71.40 -22.49
CA LYS C 562 -59.14 71.57 -23.65
C LYS C 562 -57.94 70.64 -23.61
N ASP C 563 -57.23 70.59 -22.48
CA ASP C 563 -56.00 69.82 -22.36
C ASP C 563 -56.34 68.54 -21.60
N CYS C 564 -56.82 67.53 -22.32
CA CYS C 564 -57.18 66.25 -21.75
C CYS C 564 -56.24 65.18 -22.25
N PHE C 565 -55.68 64.41 -21.33
CA PHE C 565 -54.76 63.33 -21.67
C PHE C 565 -55.57 62.04 -21.74
N ILE C 566 -56.15 61.78 -22.91
CA ILE C 566 -56.95 60.59 -23.11
C ILE C 566 -56.02 59.42 -23.41
N VAL C 567 -56.10 58.37 -22.59
CA VAL C 567 -55.28 57.18 -22.74
C VAL C 567 -56.20 56.02 -23.11
N TYR C 568 -55.91 55.37 -24.23
CA TYR C 568 -56.73 54.27 -24.72
C TYR C 568 -55.96 52.97 -24.57
N GLN C 569 -56.64 51.94 -24.07
CA GLN C 569 -56.05 50.62 -23.91
C GLN C 569 -57.02 49.59 -24.48
N GLY C 570 -56.68 49.04 -25.63
CA GLY C 570 -57.57 48.10 -26.28
C GLY C 570 -56.85 47.36 -27.37
N HIS C 571 -57.64 46.63 -28.17
CA HIS C 571 -57.09 45.80 -29.23
C HIS C 571 -57.45 46.27 -30.64
N HIS C 572 -58.51 47.05 -30.79
CA HIS C 572 -58.96 47.51 -32.09
C HIS C 572 -59.05 49.02 -32.07
N GLY C 573 -58.54 49.67 -33.12
CA GLY C 573 -58.70 51.11 -33.25
C GLY C 573 -59.88 51.49 -34.12
N ASP C 574 -61.01 51.79 -33.49
CA ASP C 574 -62.22 52.16 -34.22
C ASP C 574 -62.72 53.55 -33.89
N VAL C 575 -62.96 53.86 -32.62
CA VAL C 575 -63.58 55.12 -32.23
C VAL C 575 -62.73 55.84 -31.21
N GLY C 576 -62.39 55.15 -30.12
CA GLY C 576 -61.65 55.79 -29.05
C GLY C 576 -60.16 55.94 -29.28
N ALA C 577 -59.63 55.32 -30.32
CA ALA C 577 -58.19 55.38 -30.58
C ALA C 577 -57.72 56.68 -31.25
N PRO C 578 -58.39 57.25 -32.27
CA PRO C 578 -57.87 58.50 -32.85
C PRO C 578 -57.86 59.68 -31.88
N ILE C 579 -58.78 59.74 -30.92
CA ILE C 579 -58.84 60.88 -30.02
C ILE C 579 -57.90 60.74 -28.82
N ALA C 580 -57.19 59.62 -28.71
CA ALA C 580 -56.34 59.39 -27.55
C ALA C 580 -54.98 60.06 -27.73
N ASP C 581 -54.24 60.15 -26.63
CA ASP C 581 -52.87 60.67 -26.65
C ASP C 581 -51.83 59.58 -26.53
N VAL C 582 -52.07 58.55 -25.74
CA VAL C 582 -51.20 57.38 -25.66
C VAL C 582 -52.05 56.16 -25.93
N ILE C 583 -51.66 55.38 -26.93
CA ILE C 583 -52.34 54.13 -27.28
C ILE C 583 -51.61 53.00 -26.60
N LEU C 584 -52.34 52.17 -25.87
CA LEU C 584 -51.78 50.99 -25.22
C LEU C 584 -52.36 49.75 -25.86
N PRO C 585 -51.57 48.92 -26.54
CA PRO C 585 -52.14 47.74 -27.20
C PRO C 585 -52.45 46.64 -26.19
N GLY C 586 -53.73 46.29 -26.09
CA GLY C 586 -54.18 45.24 -25.20
C GLY C 586 -54.38 43.92 -25.93
N ALA C 587 -54.96 42.97 -25.22
CA ALA C 587 -55.22 41.64 -25.75
C ALA C 587 -56.69 41.50 -26.11
N ALA C 588 -57.06 40.31 -26.57
CA ALA C 588 -58.42 39.97 -26.93
C ALA C 588 -58.89 38.79 -26.09
N TYR C 589 -60.13 38.37 -26.31
CA TYR C 589 -60.68 37.27 -25.53
C TYR C 589 -60.15 35.92 -25.95
N THR C 590 -59.59 35.80 -27.15
CA THR C 590 -58.89 34.59 -27.55
C THR C 590 -57.40 34.67 -27.29
N GLU C 591 -56.91 35.78 -26.74
CA GLU C 591 -55.49 36.00 -26.55
C GLU C 591 -55.10 36.09 -25.08
N LYS C 592 -56.03 35.90 -24.14
CA LYS C 592 -55.69 35.97 -22.73
C LYS C 592 -56.64 35.09 -21.94
N SER C 593 -56.19 34.67 -20.76
CA SER C 593 -57.00 33.93 -19.82
C SER C 593 -57.66 34.92 -18.86
N ALA C 594 -58.99 34.94 -18.87
CA ALA C 594 -59.70 36.02 -18.22
C ALA C 594 -61.11 35.56 -17.87
N THR C 595 -61.73 36.28 -16.93
CA THR C 595 -63.05 35.91 -16.42
C THR C 595 -64.11 36.87 -16.92
N TYR C 596 -65.26 36.32 -17.32
CA TYR C 596 -66.43 37.08 -17.71
C TYR C 596 -67.65 36.50 -17.03
N VAL C 597 -68.60 37.37 -16.68
CA VAL C 597 -69.84 36.97 -16.04
C VAL C 597 -70.99 37.31 -16.98
N ASN C 598 -71.85 36.33 -17.23
CA ASN C 598 -72.96 36.50 -18.15
C ASN C 598 -74.11 37.22 -17.45
N THR C 599 -75.27 37.28 -18.10
CA THR C 599 -76.40 38.02 -17.56
C THR C 599 -77.08 37.32 -16.39
N GLU C 600 -76.81 36.03 -16.18
CA GLU C 600 -77.46 35.26 -15.13
C GLU C 600 -76.63 35.18 -13.86
N GLY C 601 -75.47 35.81 -13.82
CA GLY C 601 -74.63 35.77 -12.65
C GLY C 601 -73.68 34.59 -12.59
N ARG C 602 -73.42 33.94 -13.71
CA ARG C 602 -72.53 32.79 -13.76
C ARG C 602 -71.15 33.25 -14.23
N ALA C 603 -70.14 33.00 -13.40
CA ALA C 603 -68.78 33.36 -13.77
C ALA C 603 -68.16 32.26 -14.63
N GLN C 604 -67.40 32.67 -15.63
CA GLN C 604 -66.71 31.73 -16.51
C GLN C 604 -65.35 32.30 -16.85
N GLN C 605 -64.43 31.43 -17.23
CA GLN C 605 -63.08 31.84 -17.55
C GLN C 605 -62.72 31.44 -18.97
N THR C 606 -62.08 32.37 -19.69
CA THR C 606 -61.54 32.07 -21.00
C THR C 606 -60.19 31.37 -20.86
N LYS C 607 -59.65 30.95 -22.00
CA LYS C 607 -58.34 30.30 -22.04
C LYS C 607 -57.52 30.92 -23.16
N VAL C 608 -56.21 30.83 -23.02
CA VAL C 608 -55.29 31.43 -23.98
C VAL C 608 -55.23 30.53 -25.22
N ALA C 609 -55.86 30.97 -26.30
CA ALA C 609 -55.81 30.23 -27.55
C ALA C 609 -54.60 30.62 -28.39
N VAL C 610 -54.39 31.91 -28.60
CA VAL C 610 -53.21 32.44 -29.26
C VAL C 610 -52.61 33.54 -28.39
N MET C 611 -51.55 34.15 -28.88
CA MET C 611 -50.92 35.21 -28.14
C MET C 611 -51.10 36.54 -28.87
N PRO C 612 -51.13 37.66 -28.14
CA PRO C 612 -51.29 38.97 -28.79
C PRO C 612 -50.13 39.28 -29.71
N PRO C 613 -50.39 39.95 -30.83
CA PRO C 613 -49.32 40.25 -31.79
C PRO C 613 -48.57 41.53 -31.44
N GLY C 614 -47.33 41.59 -31.95
CA GLY C 614 -46.53 42.78 -31.75
C GLY C 614 -46.13 42.95 -30.30
N LEU C 615 -46.27 44.17 -29.79
CA LEU C 615 -45.97 44.48 -28.42
C LEU C 615 -47.22 44.55 -27.55
N ALA C 616 -48.34 44.02 -28.03
CA ALA C 616 -49.56 43.99 -27.23
C ALA C 616 -49.40 43.00 -26.08
N ARG C 617 -49.88 43.40 -24.90
CA ARG C 617 -49.75 42.61 -23.69
C ARG C 617 -51.12 42.42 -23.05
N GLU C 618 -51.14 41.66 -21.97
CA GLU C 618 -52.37 41.47 -21.20
C GLU C 618 -52.77 42.77 -20.50
N ASP C 619 -54.05 42.91 -20.22
CA ASP C 619 -54.58 44.17 -19.74
C ASP C 619 -54.20 44.45 -18.29
N TRP C 620 -54.38 43.46 -17.41
CA TRP C 620 -53.99 43.64 -16.02
C TRP C 620 -52.49 43.79 -15.87
N LYS C 621 -51.71 43.15 -16.76
CA LYS C 621 -50.27 43.36 -16.76
C LYS C 621 -49.93 44.81 -17.10
N ILE C 622 -50.67 45.40 -18.04
CA ILE C 622 -50.44 46.80 -18.41
C ILE C 622 -50.76 47.71 -17.23
N ILE C 623 -51.88 47.47 -16.55
CA ILE C 623 -52.26 48.31 -15.42
C ILE C 623 -51.27 48.16 -14.27
N ARG C 624 -50.83 46.93 -14.01
CA ARG C 624 -49.86 46.68 -12.94
C ARG C 624 -48.51 47.32 -13.25
N ALA C 625 -48.06 47.25 -14.51
CA ALA C 625 -46.81 47.88 -14.89
C ALA C 625 -46.92 49.39 -14.79
N LEU C 626 -48.08 49.96 -15.12
CA LEU C 626 -48.29 51.38 -14.95
C LEU C 626 -48.25 51.76 -13.47
N SER C 627 -48.85 50.94 -12.62
CA SER C 627 -48.80 51.19 -11.18
C SER C 627 -47.38 51.05 -10.63
N GLU C 628 -46.56 50.22 -11.26
CA GLU C 628 -45.18 50.08 -10.84
C GLU C 628 -44.34 51.29 -11.27
N ILE C 629 -44.55 51.77 -12.50
CA ILE C 629 -43.79 52.93 -12.98
C ILE C 629 -44.20 54.19 -12.23
N ALA C 630 -45.49 54.36 -11.98
CA ALA C 630 -45.99 55.57 -11.32
C ALA C 630 -45.66 55.61 -9.83
N GLY C 631 -45.15 54.52 -9.25
CA GLY C 631 -44.79 54.54 -7.84
C GLY C 631 -45.94 54.27 -6.90
N MET C 632 -46.98 53.58 -7.37
CA MET C 632 -48.15 53.23 -6.57
C MET C 632 -48.43 51.74 -6.67
N THR C 633 -47.39 50.93 -6.45
CA THR C 633 -47.37 49.54 -6.88
C THR C 633 -48.45 48.70 -6.20
N LEU C 634 -49.21 47.96 -7.02
CA LEU C 634 -50.27 47.07 -6.60
C LEU C 634 -49.71 45.78 -6.02
N PRO C 635 -50.41 45.16 -5.06
CA PRO C 635 -49.92 43.93 -4.42
C PRO C 635 -50.30 42.65 -5.14
N TYR C 636 -50.07 42.60 -6.46
CA TYR C 636 -50.25 41.36 -7.19
C TYR C 636 -49.33 41.36 -8.41
N ASP C 637 -48.77 40.21 -8.71
CA ASP C 637 -47.82 40.03 -9.80
C ASP C 637 -48.23 38.94 -10.77
N THR C 638 -48.88 37.88 -10.30
CA THR C 638 -49.33 36.78 -11.14
C THR C 638 -50.85 36.80 -11.23
N LEU C 639 -51.37 35.98 -12.14
CA LEU C 639 -52.82 35.94 -12.38
C LEU C 639 -53.58 35.40 -11.17
N ASP C 640 -52.99 34.45 -10.45
CA ASP C 640 -53.66 33.89 -9.28
C ASP C 640 -53.80 34.92 -8.16
N GLN C 641 -52.83 35.82 -8.02
CA GLN C 641 -52.95 36.86 -7.01
C GLN C 641 -54.02 37.88 -7.38
N VAL C 642 -54.14 38.20 -8.67
CA VAL C 642 -55.21 39.08 -9.12
C VAL C 642 -56.57 38.42 -8.91
N ARG C 643 -56.66 37.11 -9.12
CA ARG C 643 -57.91 36.41 -8.87
C ARG C 643 -58.21 36.31 -7.38
N ASN C 644 -57.18 36.22 -6.54
CA ASN C 644 -57.40 36.28 -5.10
C ASN C 644 -57.93 37.65 -4.68
N ARG C 645 -57.40 38.72 -5.27
CA ARG C 645 -57.95 40.06 -5.03
C ARG C 645 -59.38 40.16 -5.53
N LEU C 646 -59.68 39.52 -6.65
CA LEU C 646 -61.04 39.48 -7.18
C LEU C 646 -61.99 38.78 -6.24
N GLU C 647 -61.54 37.68 -5.63
CA GLU C 647 -62.33 37.01 -4.60
C GLU C 647 -62.49 37.90 -3.37
N GLU C 648 -61.46 38.66 -3.03
CA GLU C 648 -61.51 39.57 -1.91
C GLU C 648 -62.56 40.65 -2.11
N VAL C 649 -62.66 41.19 -3.33
CA VAL C 649 -63.70 42.18 -3.61
C VAL C 649 -65.07 41.54 -3.68
N SER C 650 -65.19 40.44 -4.42
CA SER C 650 -66.45 39.73 -4.56
C SER C 650 -66.19 38.23 -4.63
N PRO C 651 -66.67 37.45 -3.65
CA PRO C 651 -66.33 36.02 -3.61
C PRO C 651 -66.96 35.20 -4.72
N ASN C 652 -67.97 35.72 -5.42
CA ASN C 652 -68.63 34.96 -6.47
C ASN C 652 -67.94 35.09 -7.82
N LEU C 653 -66.84 35.83 -7.91
CA LEU C 653 -66.13 36.00 -9.17
C LEU C 653 -65.04 34.95 -9.40
N VAL C 654 -64.84 34.03 -8.47
CA VAL C 654 -63.80 33.02 -8.60
C VAL C 654 -64.33 31.60 -8.58
N ARG C 655 -65.64 31.41 -8.47
CA ARG C 655 -66.25 30.09 -8.53
C ARG C 655 -66.92 29.94 -9.89
N TYR C 656 -66.22 29.31 -10.82
CA TYR C 656 -66.68 29.23 -12.19
C TYR C 656 -67.69 28.12 -12.38
N ASP C 657 -68.57 28.31 -13.36
CA ASP C 657 -69.68 27.40 -13.67
C ASP C 657 -70.58 27.19 -12.45
N ASP C 658 -70.95 28.30 -11.82
CA ASP C 658 -71.80 28.27 -10.63
C ASP C 658 -72.68 29.51 -10.61
N VAL C 659 -73.98 29.31 -10.46
CA VAL C 659 -74.94 30.39 -10.37
C VAL C 659 -75.35 30.54 -8.91
N GLU C 660 -75.10 31.71 -8.34
CA GLU C 660 -75.38 31.96 -6.94
C GLU C 660 -76.73 32.65 -6.78
N GLY C 661 -77.41 32.33 -5.68
CA GLY C 661 -78.71 32.93 -5.43
C GLY C 661 -78.60 34.36 -4.94
N ALA C 662 -79.47 35.22 -5.46
CA ALA C 662 -79.54 36.62 -5.08
C ALA C 662 -80.94 36.88 -4.53
N ASN C 663 -81.04 36.94 -3.21
CA ASN C 663 -82.32 37.12 -2.54
C ASN C 663 -82.57 38.61 -2.27
N TYR C 664 -83.54 38.89 -1.40
CA TYR C 664 -83.86 40.22 -0.89
C TYR C 664 -84.35 41.13 -2.01
N PHE C 665 -85.37 40.65 -2.72
CA PHE C 665 -86.07 41.49 -3.68
C PHE C 665 -86.90 42.56 -2.96
N GLN C 666 -87.39 42.25 -1.77
CA GLN C 666 -88.27 43.16 -1.04
C GLN C 666 -87.56 44.44 -0.63
N GLN C 667 -86.31 44.32 -0.21
CA GLN C 667 -85.53 45.50 0.18
C GLN C 667 -85.29 46.43 -1.01
N ALA C 668 -84.94 45.85 -2.16
CA ALA C 668 -84.75 46.66 -3.36
C ALA C 668 -86.05 47.31 -3.81
N SER C 669 -87.16 46.58 -3.69
CA SER C 669 -88.46 47.13 -4.04
C SER C 669 -88.85 48.29 -3.13
N GLU C 670 -88.58 48.16 -1.83
CA GLU C 670 -88.87 49.25 -0.92
C GLU C 670 -87.97 50.45 -1.15
N LEU C 671 -86.71 50.20 -1.53
CA LEU C 671 -85.81 51.31 -1.80
C LEU C 671 -86.15 52.03 -3.11
N SER C 672 -86.69 51.31 -4.09
CA SER C 672 -86.94 51.89 -5.39
C SER C 672 -88.16 52.80 -5.43
N LYS C 673 -88.93 52.86 -4.35
CA LYS C 673 -90.14 53.68 -4.31
C LYS C 673 -89.88 55.08 -3.76
N LEU C 674 -88.64 55.43 -3.44
CA LEU C 674 -88.35 56.74 -2.85
C LEU C 674 -88.38 57.84 -3.90
N VAL C 675 -87.49 57.78 -4.88
CA VAL C 675 -87.39 58.80 -5.91
C VAL C 675 -88.50 58.56 -6.92
N ASN C 676 -89.40 59.54 -7.06
CA ASN C 676 -90.57 59.39 -7.93
C ASN C 676 -90.25 59.93 -9.31
N GLN C 677 -89.53 59.12 -10.08
CA GLN C 677 -89.23 59.46 -11.46
C GLN C 677 -90.49 59.35 -12.31
N GLN C 678 -90.65 60.30 -13.23
CA GLN C 678 -91.83 60.37 -14.09
C GLN C 678 -91.53 59.73 -15.43
N LEU C 679 -92.43 58.84 -15.87
CA LEU C 679 -92.22 58.11 -17.11
C LEU C 679 -92.42 59.03 -18.30
N LEU C 680 -91.50 58.94 -19.26
CA LEU C 680 -91.60 59.75 -20.46
C LEU C 680 -92.68 59.21 -21.39
N ALA C 681 -93.03 60.02 -22.39
CA ALA C 681 -94.03 59.64 -23.37
C ALA C 681 -93.45 58.98 -24.61
N ASP C 682 -92.14 58.74 -24.64
CA ASP C 682 -91.53 58.08 -25.78
C ASP C 682 -91.85 56.59 -25.76
N PRO C 683 -92.34 56.02 -26.85
CA PRO C 683 -92.59 54.58 -26.89
C PRO C 683 -91.30 53.78 -26.90
N LEU C 684 -91.39 52.55 -26.41
CA LEU C 684 -90.22 51.68 -26.26
C LEU C 684 -89.83 51.13 -27.62
N VAL C 685 -88.81 51.72 -28.23
CA VAL C 685 -88.29 51.30 -29.53
C VAL C 685 -86.92 50.68 -29.32
N PRO C 686 -86.75 49.38 -29.61
CA PRO C 686 -85.44 48.76 -29.39
C PRO C 686 -84.45 49.25 -30.43
N PRO C 687 -83.15 49.26 -30.12
CA PRO C 687 -82.15 49.69 -31.09
C PRO C 687 -81.90 48.70 -32.22
N GLN C 688 -82.38 47.46 -32.10
CA GLN C 688 -82.18 46.44 -33.13
C GLN C 688 -83.56 45.98 -33.61
N LEU C 689 -84.00 46.53 -34.74
CA LEU C 689 -85.31 46.22 -35.31
C LEU C 689 -85.26 45.18 -36.42
N THR C 690 -84.22 45.20 -37.24
CA THR C 690 -84.07 44.27 -38.35
C THR C 690 -82.75 43.52 -38.24
N ILE C 691 -82.52 42.61 -39.19
CA ILE C 691 -81.32 41.79 -39.18
C ILE C 691 -80.07 42.60 -39.50
N LYS C 692 -80.22 43.75 -40.17
CA LYS C 692 -79.06 44.57 -40.52
C LYS C 692 -78.47 45.27 -39.30
N ASP C 693 -79.19 45.33 -38.18
CA ASP C 693 -78.71 45.94 -36.95
C ASP C 693 -78.08 44.93 -36.01
N PHE C 694 -77.93 43.68 -36.45
CA PHE C 694 -77.45 42.61 -35.59
C PHE C 694 -75.96 42.33 -35.77
N TYR C 695 -75.42 42.48 -36.98
CA TYR C 695 -74.07 42.05 -37.27
C TYR C 695 -72.99 43.03 -36.84
N MET C 696 -73.34 44.27 -36.51
CA MET C 696 -72.36 45.29 -36.11
C MET C 696 -72.74 45.84 -34.74
N THR C 697 -72.10 45.33 -33.70
CA THR C 697 -72.35 45.82 -32.35
C THR C 697 -71.10 46.37 -31.67
N ASP C 698 -69.99 45.66 -31.72
CA ASP C 698 -68.77 46.07 -31.03
C ASP C 698 -67.65 46.27 -32.05
N SER C 699 -66.44 46.51 -31.53
CA SER C 699 -65.31 46.83 -32.40
C SER C 699 -64.82 45.62 -33.17
N ILE C 700 -64.93 44.42 -32.58
CA ILE C 700 -64.48 43.22 -33.27
C ILE C 700 -65.38 42.90 -34.45
N SER C 701 -66.70 43.02 -34.26
CA SER C 701 -67.62 42.73 -35.36
C SER C 701 -67.61 43.83 -36.40
N ARG C 702 -67.35 45.07 -36.00
CA ARG C 702 -67.31 46.17 -36.96
C ARG C 702 -66.11 46.09 -37.89
N ALA C 703 -65.05 45.39 -37.49
CA ALA C 703 -63.84 45.28 -38.27
C ALA C 703 -63.78 43.98 -39.06
N SER C 704 -64.90 43.30 -39.23
CA SER C 704 -64.95 42.02 -39.92
C SER C 704 -65.49 42.19 -41.33
N GLN C 705 -64.90 41.46 -42.27
CA GLN C 705 -65.37 41.47 -43.64
C GLN C 705 -66.55 40.54 -43.86
N THR C 706 -66.65 39.47 -43.07
CA THR C 706 -67.82 38.60 -43.14
C THR C 706 -69.08 39.33 -42.69
N MET C 707 -68.98 40.13 -41.62
CA MET C 707 -70.10 40.95 -41.19
C MET C 707 -70.48 41.98 -42.25
N ALA C 708 -69.49 42.58 -42.91
CA ALA C 708 -69.78 43.53 -43.98
C ALA C 708 -70.49 42.85 -45.14
N LYS C 709 -70.05 41.64 -45.51
CA LYS C 709 -70.72 40.90 -46.57
C LYS C 709 -72.15 40.52 -46.17
N CYS C 710 -72.35 40.14 -44.91
CA CYS C 710 -73.69 39.80 -44.43
C CYS C 710 -74.61 41.01 -44.44
N VAL C 711 -74.12 42.17 -44.02
CA VAL C 711 -74.93 43.38 -44.02
C VAL C 711 -75.26 43.80 -45.45
N LYS C 712 -74.29 43.69 -46.37
CA LYS C 712 -74.56 43.98 -47.76
C LYS C 712 -75.54 43.00 -48.37
N ALA C 713 -75.52 41.75 -47.93
CA ALA C 713 -76.45 40.75 -48.46
C ALA C 713 -77.86 40.99 -47.94
N VAL C 714 -78.01 41.36 -46.66
CA VAL C 714 -79.35 41.53 -46.11
C VAL C 714 -79.95 42.89 -46.44
N THR C 715 -79.13 43.89 -46.75
CA THR C 715 -79.68 45.20 -47.08
C THR C 715 -80.26 45.26 -48.49
N GLU C 716 -79.66 44.52 -49.43
CA GLU C 716 -80.14 44.53 -50.81
C GLU C 716 -81.43 43.72 -50.95
N ALA D 34 18.54 -18.35 47.40
CA ALA D 34 19.75 -19.00 47.84
C ALA D 34 20.22 -20.01 46.80
N ARG D 35 19.47 -20.14 45.71
CA ARG D 35 19.89 -20.97 44.60
C ARG D 35 20.88 -20.23 43.72
N GLN D 36 21.35 -20.90 42.68
CA GLN D 36 22.16 -20.24 41.68
C GLN D 36 21.30 -19.27 40.89
N TRP D 37 21.81 -18.07 40.66
CA TRP D 37 21.07 -17.09 39.88
C TRP D 37 21.14 -17.44 38.40
N GLN D 38 19.98 -17.48 37.76
CA GLN D 38 19.85 -17.72 36.34
C GLN D 38 19.03 -16.60 35.73
N PRO D 39 19.27 -16.28 34.45
CA PRO D 39 18.61 -15.10 33.85
C PRO D 39 17.09 -15.24 33.80
N ASP D 40 16.42 -14.11 33.93
CA ASP D 40 14.98 -13.99 33.87
C ASP D 40 14.59 -13.26 32.60
N VAL D 41 13.31 -12.87 32.52
CA VAL D 41 12.80 -12.17 31.34
C VAL D 41 13.55 -10.86 31.11
N GLU D 42 13.82 -10.11 32.20
CA GLU D 42 14.50 -8.83 32.07
C GLU D 42 15.95 -8.99 31.60
N TRP D 43 16.64 -10.03 32.09
CA TRP D 43 18.01 -10.26 31.63
C TRP D 43 18.04 -10.81 30.21
N ALA D 44 17.04 -11.59 29.83
CA ALA D 44 17.03 -12.18 28.50
C ALA D 44 16.63 -11.17 27.43
N GLU D 45 15.74 -10.23 27.74
CA GLU D 45 15.18 -9.35 26.72
C GLU D 45 16.13 -8.26 26.26
N GLN D 46 17.31 -8.10 26.90
CA GLN D 46 18.29 -7.12 26.45
C GLN D 46 18.83 -7.47 25.07
N TYR D 47 19.00 -8.75 24.79
CA TYR D 47 19.60 -9.23 23.55
C TYR D 47 18.57 -9.47 22.47
N GLY D 48 17.33 -9.06 22.68
CA GLY D 48 16.28 -9.29 21.71
C GLY D 48 16.07 -8.20 20.68
N GLY D 49 16.67 -7.03 20.89
CA GLY D 49 16.46 -5.94 19.96
C GLY D 49 17.21 -6.13 18.66
N ALA D 50 16.87 -5.27 17.69
CA ALA D 50 17.59 -5.27 16.43
C ALA D 50 19.02 -4.77 16.57
N VAL D 51 19.31 -4.04 17.65
CA VAL D 51 20.62 -3.50 17.94
C VAL D 51 20.89 -3.73 19.42
N MET D 52 22.17 -3.71 19.78
CA MET D 52 22.54 -3.95 21.18
C MET D 52 22.52 -2.66 21.99
N TYR D 53 23.07 -1.59 21.45
CA TYR D 53 23.04 -0.28 22.13
C TYR D 53 22.06 0.62 21.38
N PRO D 54 20.86 0.83 21.90
CA PRO D 54 19.89 1.67 21.19
C PRO D 54 20.24 3.15 21.31
N THR D 55 20.06 3.86 20.20
CA THR D 55 20.27 5.32 20.17
C THR D 55 19.09 6.01 19.50
N LYS D 56 19.25 7.31 19.21
CA LYS D 56 18.18 8.06 18.55
C LYS D 56 17.97 7.59 17.12
N GLU D 57 19.06 7.31 16.39
CA GLU D 57 18.93 6.81 15.03
C GLU D 57 18.38 5.39 15.01
N THR D 58 18.81 4.56 15.97
CA THR D 58 18.36 3.17 16.05
C THR D 58 17.13 3.04 16.95
N ALA D 59 16.09 3.80 16.64
CA ALA D 59 14.84 3.78 17.39
C ALA D 59 13.69 3.12 16.62
N HIS D 60 13.64 3.31 15.31
CA HIS D 60 12.63 2.68 14.46
C HIS D 60 13.10 1.36 13.87
N TRP D 61 14.30 0.90 14.23
CA TRP D 61 14.86 -0.32 13.65
C TRP D 61 14.19 -1.52 14.30
N LYS D 62 13.21 -2.08 13.63
CA LYS D 62 12.61 -3.31 14.11
C LYS D 62 13.51 -4.50 13.78
N PRO D 63 13.42 -5.58 14.56
CA PRO D 63 14.15 -6.80 14.19
C PRO D 63 13.54 -7.43 12.95
N PRO D 64 14.30 -8.23 12.22
CA PRO D 64 13.76 -8.91 11.04
C PRO D 64 12.78 -10.00 11.43
N PRO D 65 11.91 -10.44 10.52
CA PRO D 65 10.95 -11.50 10.85
C PRO D 65 11.64 -12.83 11.10
N TRP D 66 10.90 -13.73 11.78
CA TRP D 66 11.46 -15.01 12.15
C TRP D 66 11.71 -15.89 10.93
N ASN D 67 10.87 -15.81 9.92
CA ASN D 67 11.07 -16.57 8.69
C ASN D 67 11.80 -15.77 7.61
N ASP D 68 12.18 -14.51 7.91
CA ASP D 68 12.83 -13.60 6.97
C ASP D 68 12.01 -13.39 5.70
N VAL D 69 10.69 -13.43 5.81
CA VAL D 69 9.80 -13.21 4.68
C VAL D 69 8.84 -12.09 5.06
N ASP D 70 8.85 -11.02 4.29
CA ASP D 70 8.01 -9.87 4.55
C ASP D 70 6.66 -10.01 3.87
N PRO D 71 5.64 -9.33 4.37
CA PRO D 71 4.38 -9.24 3.63
C PRO D 71 4.58 -8.53 2.31
N PRO D 72 3.79 -8.85 1.29
CA PRO D 72 4.13 -8.43 -0.08
C PRO D 72 3.96 -6.95 -0.37
N LYS D 73 3.41 -6.17 0.55
CA LYS D 73 3.11 -4.72 0.45
C LYS D 73 2.54 -4.35 -0.93
N ASP D 74 1.36 -4.89 -1.21
CA ASP D 74 0.74 -4.77 -2.53
C ASP D 74 0.24 -3.36 -2.80
N THR D 75 1.06 -2.56 -3.47
CA THR D 75 0.67 -1.24 -3.94
C THR D 75 -0.20 -1.42 -5.20
N LEU D 76 -1.00 -0.40 -5.51
CA LEU D 76 -1.82 -0.40 -6.72
C LEU D 76 -0.95 -0.48 -7.96
N VAL D 77 -1.30 -1.41 -8.87
CA VAL D 77 -0.44 -1.74 -9.99
C VAL D 77 -0.61 -0.79 -11.17
N SER D 78 -1.61 0.09 -11.14
CA SER D 78 -1.81 1.17 -12.10
C SER D 78 -1.97 0.62 -13.53
N ASN D 79 -3.07 -0.11 -13.71
CA ASN D 79 -3.43 -0.60 -15.04
C ASN D 79 -3.75 0.55 -15.97
N LEU D 80 -3.26 0.46 -17.20
CA LEU D 80 -3.48 1.52 -18.18
C LEU D 80 -4.89 1.43 -18.71
N THR D 81 -5.60 2.56 -18.70
CA THR D 81 -7.01 2.60 -19.07
C THR D 81 -7.12 3.25 -20.43
N LEU D 82 -7.17 2.43 -21.48
CA LEU D 82 -7.29 2.85 -22.85
C LEU D 82 -8.76 3.13 -23.19
N ASN D 83 -8.97 3.94 -24.23
CA ASN D 83 -10.28 4.37 -24.67
C ASN D 83 -10.45 3.96 -26.14
N PHE D 84 -10.98 2.75 -26.36
CA PHE D 84 -11.37 2.32 -27.70
C PHE D 84 -12.65 3.07 -28.07
N GLY D 85 -12.48 4.31 -28.52
CA GLY D 85 -13.60 5.19 -28.69
C GLY D 85 -14.33 5.00 -29.99
N PRO D 86 -15.24 5.92 -30.31
CA PRO D 86 -16.01 5.79 -31.55
C PRO D 86 -15.20 6.07 -32.81
N GLN D 87 -14.25 6.99 -32.76
CA GLN D 87 -13.41 7.28 -33.93
C GLN D 87 -12.34 6.20 -34.02
N HIS D 88 -12.75 5.03 -34.46
CA HIS D 88 -11.89 3.87 -34.54
C HIS D 88 -12.46 2.91 -35.57
N PRO D 89 -11.64 2.42 -36.52
CA PRO D 89 -12.15 1.45 -37.48
C PRO D 89 -12.56 0.12 -36.86
N ALA D 90 -11.99 -0.24 -35.71
CA ALA D 90 -12.35 -1.49 -35.06
C ALA D 90 -13.74 -1.43 -34.44
N ALA D 91 -14.04 -0.34 -33.75
CA ALA D 91 -15.37 -0.15 -33.20
C ALA D 91 -16.35 0.12 -34.32
N HIS D 92 -17.47 -0.60 -34.33
CA HIS D 92 -18.44 -0.52 -35.41
C HIS D 92 -19.21 0.79 -35.29
N GLY D 93 -18.57 1.85 -35.78
CA GLY D 93 -19.19 3.17 -35.80
C GLY D 93 -19.09 3.93 -34.50
N VAL D 94 -19.92 3.57 -33.53
CA VAL D 94 -19.98 4.25 -32.24
C VAL D 94 -19.97 3.22 -31.12
N LEU D 95 -18.86 3.16 -30.40
CA LEU D 95 -18.70 2.22 -29.29
C LEU D 95 -17.56 2.72 -28.43
N ARG D 96 -17.83 3.08 -27.19
CA ARG D 96 -16.79 3.65 -26.32
C ARG D 96 -16.34 2.58 -25.33
N LEU D 97 -15.44 1.71 -25.76
CA LEU D 97 -14.91 0.68 -24.88
C LEU D 97 -13.89 1.32 -23.94
N VAL D 98 -14.26 1.51 -22.68
CA VAL D 98 -13.27 1.88 -21.67
C VAL D 98 -12.61 0.61 -21.19
N MET D 99 -11.30 0.49 -21.40
CA MET D 99 -10.62 -0.79 -21.36
C MET D 99 -9.46 -0.70 -20.39
N GLU D 100 -9.49 -1.52 -19.35
CA GLU D 100 -8.43 -1.56 -18.36
C GLU D 100 -7.51 -2.72 -18.69
N LEU D 101 -6.23 -2.40 -18.95
CA LEU D 101 -5.25 -3.35 -19.46
C LEU D 101 -4.02 -3.36 -18.57
N SER D 102 -3.38 -4.53 -18.50
CA SER D 102 -2.04 -4.67 -17.94
C SER D 102 -1.06 -4.79 -19.10
N GLY D 103 -0.78 -3.66 -19.73
CA GLY D 103 0.04 -3.65 -20.92
C GLY D 103 -0.76 -3.98 -22.15
N GLU D 104 -1.06 -5.26 -22.37
CA GLU D 104 -1.96 -5.61 -23.47
C GLU D 104 -2.95 -6.72 -23.14
N MET D 105 -2.74 -7.49 -22.08
CA MET D 105 -3.76 -8.44 -21.65
C MET D 105 -4.92 -7.68 -21.03
N VAL D 106 -6.13 -8.00 -21.46
CA VAL D 106 -7.31 -7.26 -21.03
C VAL D 106 -7.71 -7.68 -19.63
N ARG D 107 -7.88 -6.70 -18.76
CA ARG D 107 -8.37 -6.95 -17.40
C ARG D 107 -9.82 -6.56 -17.22
N LYS D 108 -10.29 -5.53 -17.93
CA LYS D 108 -11.69 -5.14 -17.84
C LYS D 108 -12.12 -4.44 -19.12
N CYS D 109 -13.35 -4.73 -19.55
CA CYS D 109 -13.96 -4.05 -20.69
C CYS D 109 -15.29 -3.48 -20.24
N ASP D 110 -15.48 -2.18 -20.47
CA ASP D 110 -16.74 -1.50 -20.18
C ASP D 110 -17.21 -0.81 -21.44
N PRO D 111 -18.05 -1.44 -22.24
CA PRO D 111 -18.53 -0.79 -23.47
C PRO D 111 -19.62 0.23 -23.17
N HIS D 112 -19.26 1.51 -23.24
CA HIS D 112 -20.22 2.59 -23.14
C HIS D 112 -20.93 2.74 -24.47
N ILE D 113 -22.25 2.62 -24.45
CA ILE D 113 -23.09 2.71 -25.64
C ILE D 113 -24.07 3.85 -25.43
N GLY D 114 -24.99 4.02 -26.37
CA GLY D 114 -25.92 5.13 -26.33
C GLY D 114 -25.50 6.31 -27.15
N LEU D 115 -24.36 6.21 -27.84
CA LEU D 115 -23.92 7.27 -28.74
C LEU D 115 -24.78 7.34 -30.00
N LEU D 116 -25.53 6.28 -30.29
CA LEU D 116 -26.49 6.28 -31.40
C LEU D 116 -27.91 6.10 -30.88
N HIS D 117 -28.17 6.52 -29.64
CA HIS D 117 -29.51 6.42 -29.09
C HIS D 117 -30.37 7.56 -29.63
N GLY D 119 -33.68 7.42 -29.67
CA GLY D 119 -34.95 7.40 -28.97
C GLY D 119 -36.06 7.04 -29.92
N THR D 120 -35.90 5.88 -30.58
CA THR D 120 -36.87 5.44 -31.59
C THR D 120 -38.22 5.13 -30.98
N GLU D 121 -38.23 4.45 -29.84
CA GLU D 121 -39.45 3.91 -29.25
C GLU D 121 -40.24 4.90 -28.42
N LYS D 122 -39.99 6.21 -28.60
CA LYS D 122 -40.90 7.26 -28.19
C LYS D 122 -41.56 7.93 -29.37
N LEU D 123 -40.77 8.22 -30.41
CA LEU D 123 -41.31 8.72 -31.66
C LEU D 123 -42.21 7.70 -32.34
N ILE D 124 -41.97 6.41 -32.08
CA ILE D 124 -42.90 5.38 -32.54
C ILE D 124 -44.25 5.54 -31.85
N GLU D 125 -44.23 5.80 -30.54
CA GLU D 125 -45.47 6.02 -29.80
C GLU D 125 -46.18 7.29 -30.24
N TYR D 126 -45.44 8.26 -30.79
CA TYR D 126 -46.05 9.49 -31.26
C TYR D 126 -46.56 9.43 -32.69
N LYS D 127 -46.46 8.28 -33.36
CA LYS D 127 -46.85 8.17 -34.76
C LYS D 127 -47.72 6.93 -34.96
N THR D 128 -48.41 6.88 -36.10
CA THR D 128 -49.26 5.76 -36.44
C THR D 128 -48.42 4.56 -36.87
N TYR D 129 -49.11 3.44 -37.14
CA TYR D 129 -48.41 2.19 -37.44
C TYR D 129 -47.67 2.26 -38.78
N LEU D 130 -48.32 2.81 -39.81
CA LEU D 130 -47.64 2.98 -41.08
C LEU D 130 -46.52 4.01 -40.99
N GLN D 131 -46.68 5.02 -40.14
CA GLN D 131 -45.61 5.99 -39.94
C GLN D 131 -44.48 5.41 -39.11
N ALA D 132 -44.78 4.47 -38.21
CA ALA D 132 -43.74 3.83 -37.42
C ALA D 132 -43.08 2.66 -38.14
N LEU D 133 -43.63 2.23 -39.27
CA LEU D 133 -43.00 1.16 -40.04
C LEU D 133 -41.61 1.52 -40.58
N PRO D 134 -41.32 2.70 -41.14
CA PRO D 134 -39.93 2.99 -41.56
C PRO D 134 -38.94 3.11 -40.41
N TYR D 135 -39.40 3.25 -39.17
CA TYR D 135 -38.47 3.29 -38.03
C TYR D 135 -37.76 1.96 -37.82
N PHE D 136 -38.34 0.86 -38.29
CA PHE D 136 -37.74 -0.45 -38.09
C PHE D 136 -36.69 -0.77 -39.14
N ASP D 137 -36.65 -0.04 -40.25
CA ASP D 137 -35.57 -0.22 -41.21
C ASP D 137 -34.25 0.26 -40.65
N ARG D 138 -34.27 1.29 -39.83
CA ARG D 138 -33.06 1.97 -39.39
C ARG D 138 -32.52 1.46 -38.07
N LEU D 139 -33.13 0.44 -37.47
CA LEU D 139 -32.50 -0.22 -36.34
C LEU D 139 -31.33 -1.08 -36.80
N ASP D 140 -31.62 -2.10 -37.59
CA ASP D 140 -30.61 -2.95 -38.20
C ASP D 140 -30.57 -2.55 -39.66
N TYR D 141 -29.66 -1.64 -40.00
CA TYR D 141 -29.62 -1.09 -41.34
C TYR D 141 -28.97 -2.02 -42.35
N VAL D 142 -28.57 -3.22 -41.94
CA VAL D 142 -28.09 -4.24 -42.86
C VAL D 142 -28.95 -5.50 -42.82
N SER D 143 -30.02 -5.51 -42.03
CA SER D 143 -30.99 -6.59 -42.01
C SER D 143 -32.40 -6.00 -41.98
N MET D 144 -32.65 -5.03 -42.88
CA MET D 144 -33.83 -4.18 -42.80
C MET D 144 -35.12 -4.97 -43.00
N MET D 145 -35.13 -5.84 -44.01
CA MET D 145 -36.39 -6.45 -44.42
C MET D 145 -36.84 -7.51 -43.42
N CYS D 146 -35.90 -8.12 -42.70
CA CYS D 146 -36.29 -9.01 -41.60
C CYS D 146 -36.92 -8.23 -40.45
N ASN D 147 -36.44 -7.01 -40.18
CA ASN D 147 -37.09 -6.17 -39.18
C ASN D 147 -38.49 -5.78 -39.63
N GLU D 148 -38.65 -5.45 -40.91
CA GLU D 148 -39.97 -5.17 -41.46
C GLU D 148 -40.89 -6.37 -41.30
N GLN D 149 -40.36 -7.57 -41.55
CA GLN D 149 -41.15 -8.79 -41.40
C GLN D 149 -41.56 -9.01 -39.94
N ALA D 150 -40.65 -8.74 -39.00
CA ALA D 150 -40.99 -8.90 -37.59
C ALA D 150 -42.08 -7.93 -37.15
N TYR D 151 -41.96 -6.66 -37.55
CA TYR D 151 -42.98 -5.68 -37.21
C TYR D 151 -44.31 -6.02 -37.85
N SER D 152 -44.30 -6.45 -39.11
CA SER D 152 -45.52 -6.82 -39.80
C SER D 152 -46.16 -8.03 -39.16
N LEU D 153 -45.36 -9.00 -38.73
CA LEU D 153 -45.90 -10.19 -38.09
C LEU D 153 -46.53 -9.86 -36.74
N ALA D 154 -45.91 -8.95 -35.99
CA ALA D 154 -46.51 -8.53 -34.72
C ALA D 154 -47.83 -7.81 -34.93
N VAL D 155 -47.88 -6.89 -35.90
CA VAL D 155 -49.11 -6.14 -36.14
C VAL D 155 -50.20 -7.05 -36.71
N GLU D 156 -49.83 -8.00 -37.57
CA GLU D 156 -50.80 -8.93 -38.11
C GLU D 156 -51.32 -9.88 -37.05
N LYS D 157 -50.48 -10.27 -36.09
CA LYS D 157 -50.96 -11.08 -34.97
C LYS D 157 -51.92 -10.29 -34.10
N LEU D 158 -51.65 -9.00 -33.90
CA LEU D 158 -52.56 -8.18 -33.10
C LEU D 158 -53.87 -7.92 -33.83
N LEU D 159 -53.84 -7.84 -35.16
CA LEU D 159 -55.00 -7.49 -35.96
C LEU D 159 -55.84 -8.69 -36.36
N ASN D 160 -55.37 -9.91 -36.08
CA ASN D 160 -56.06 -11.16 -36.41
C ASN D 160 -56.34 -11.28 -37.90
N ILE D 161 -55.38 -10.86 -38.74
CA ILE D 161 -55.45 -11.02 -40.18
C ILE D 161 -54.17 -11.69 -40.66
N GLN D 162 -54.23 -12.26 -41.86
CA GLN D 162 -53.08 -12.96 -42.41
C GLN D 162 -52.82 -12.49 -43.83
N PRO D 163 -51.57 -12.50 -44.26
CA PRO D 163 -51.25 -12.10 -45.63
C PRO D 163 -51.62 -13.18 -46.63
N PRO D 164 -51.73 -12.85 -47.92
CA PRO D 164 -51.92 -13.87 -48.96
C PRO D 164 -50.68 -14.74 -49.09
N PRO D 165 -50.82 -15.93 -49.69
CA PRO D 165 -49.64 -16.82 -49.85
C PRO D 165 -48.51 -16.23 -50.66
N ARG D 166 -48.82 -15.46 -51.71
CA ARG D 166 -47.77 -14.89 -52.55
C ARG D 166 -46.95 -13.87 -51.78
N ALA D 167 -47.61 -13.08 -50.93
CA ALA D 167 -46.90 -12.14 -50.08
C ALA D 167 -45.99 -12.87 -49.10
N GLN D 168 -46.44 -14.00 -48.58
CA GLN D 168 -45.61 -14.79 -47.68
C GLN D 168 -44.38 -15.35 -48.38
N TRP D 169 -44.55 -15.86 -49.60
CA TRP D 169 -43.41 -16.40 -50.33
C TRP D 169 -42.42 -15.31 -50.71
N ILE D 170 -42.92 -14.14 -51.11
CA ILE D 170 -42.05 -13.01 -51.39
C ILE D 170 -41.31 -12.58 -50.13
N ARG D 171 -42.00 -12.58 -48.99
CA ARG D 171 -41.39 -12.21 -47.72
C ARG D 171 -40.25 -13.15 -47.36
N VAL D 172 -40.46 -14.46 -47.52
CA VAL D 172 -39.42 -15.42 -47.14
C VAL D 172 -38.24 -15.34 -48.11
N LEU D 173 -38.51 -15.21 -49.40
CA LEU D 173 -37.42 -15.07 -50.38
C LEU D 173 -36.59 -13.82 -50.14
N PHE D 174 -37.24 -12.69 -49.88
CA PHE D 174 -36.49 -11.47 -49.66
C PHE D 174 -35.83 -11.45 -48.29
N GLY D 175 -36.38 -12.18 -47.31
CA GLY D 175 -35.68 -12.34 -46.05
C GLY D 175 -34.41 -13.15 -46.21
N GLU D 176 -34.43 -14.16 -47.08
CA GLU D 176 -33.21 -14.92 -47.36
C GLU D 176 -32.20 -14.06 -48.10
N ILE D 177 -32.66 -13.19 -49.00
CA ILE D 177 -31.76 -12.25 -49.67
C ILE D 177 -31.11 -11.31 -48.64
N THR D 178 -31.91 -10.81 -47.70
CA THR D 178 -31.38 -9.93 -46.66
C THR D 178 -30.40 -10.69 -45.76
N ARG D 179 -30.67 -11.96 -45.50
CA ARG D 179 -29.73 -12.79 -44.73
C ARG D 179 -28.40 -12.94 -45.46
N LEU D 180 -28.46 -13.10 -46.79
CA LEU D 180 -27.23 -13.12 -47.59
C LEU D 180 -26.45 -11.82 -47.45
N LEU D 181 -27.16 -10.68 -47.54
CA LEU D 181 -26.51 -9.38 -47.41
C LEU D 181 -25.83 -9.23 -46.04
N ASN D 182 -26.57 -9.58 -44.98
CA ASN D 182 -26.05 -9.44 -43.62
C ASN D 182 -24.85 -10.36 -43.39
N HIS D 183 -24.91 -11.60 -43.87
CA HIS D 183 -23.80 -12.51 -43.63
C HIS D 183 -22.58 -12.11 -44.42
N ILE D 184 -22.77 -11.57 -45.63
CA ILE D 184 -21.65 -11.04 -46.40
C ILE D 184 -20.95 -9.92 -45.63
N MET D 185 -21.74 -8.95 -45.14
CA MET D 185 -21.14 -7.84 -44.41
C MET D 185 -20.48 -8.32 -43.12
N ALA D 186 -21.11 -9.24 -42.39
CA ALA D 186 -20.55 -9.72 -41.13
C ALA D 186 -19.20 -10.41 -41.33
N VAL D 187 -19.15 -11.36 -42.27
CA VAL D 187 -17.91 -12.10 -42.51
C VAL D 187 -16.84 -11.17 -43.06
N THR D 188 -17.19 -10.30 -44.01
CA THR D 188 -16.18 -9.46 -44.64
C THR D 188 -15.66 -8.37 -43.70
N THR D 189 -16.53 -7.80 -42.86
CA THR D 189 -16.06 -6.81 -41.90
C THR D 189 -15.25 -7.45 -40.78
N HIS D 190 -15.59 -8.68 -40.39
CA HIS D 190 -14.75 -9.40 -39.43
C HIS D 190 -13.37 -9.66 -40.02
N ALA D 191 -13.32 -10.05 -41.29
CA ALA D 191 -12.02 -10.26 -41.95
C ALA D 191 -11.25 -8.96 -42.10
N LEU D 192 -11.96 -7.85 -42.35
CA LEU D 192 -11.29 -6.56 -42.46
C LEU D 192 -10.73 -6.11 -41.12
N ASP D 193 -11.44 -6.41 -40.02
CA ASP D 193 -10.92 -6.12 -38.70
C ASP D 193 -9.70 -6.97 -38.40
N ILE D 194 -9.71 -8.24 -38.83
CA ILE D 194 -8.55 -9.09 -38.62
C ILE D 194 -7.39 -8.64 -39.50
N GLY D 195 -7.66 -8.29 -40.75
CA GLY D 195 -6.61 -7.77 -41.61
C GLY D 195 -6.69 -8.16 -43.07
N ALA D 196 -7.56 -9.11 -43.41
CA ALA D 196 -7.73 -9.53 -44.80
C ALA D 196 -8.87 -8.71 -45.40
N MET D 197 -8.53 -7.81 -46.31
CA MET D 197 -9.51 -6.88 -46.86
C MET D 197 -9.99 -7.26 -48.26
N THR D 198 -9.35 -8.22 -48.92
CA THR D 198 -9.79 -8.62 -50.25
C THR D 198 -11.20 -9.22 -50.32
N PRO D 199 -11.67 -10.09 -49.42
CA PRO D 199 -13.06 -10.57 -49.54
C PRO D 199 -14.10 -9.47 -49.40
N PHE D 200 -13.79 -8.36 -48.72
CA PHE D 200 -14.73 -7.25 -48.62
C PHE D 200 -15.04 -6.66 -49.98
N PHE D 201 -14.00 -6.32 -50.74
CA PHE D 201 -14.17 -5.84 -52.11
C PHE D 201 -14.64 -6.94 -53.05
N TRP D 202 -14.37 -8.20 -52.73
CA TRP D 202 -14.82 -9.29 -53.60
C TRP D 202 -16.33 -9.47 -53.53
N MET D 203 -16.89 -9.47 -52.32
CA MET D 203 -18.31 -9.73 -52.15
C MET D 203 -19.17 -8.47 -52.10
N PHE D 204 -18.57 -7.28 -52.05
CA PHE D 204 -19.42 -6.10 -52.07
C PHE D 204 -20.00 -5.84 -53.46
N GLU D 205 -19.42 -6.42 -54.50
CA GLU D 205 -20.09 -6.41 -55.81
C GLU D 205 -21.40 -7.18 -55.76
N GLU D 206 -21.40 -8.35 -55.11
CA GLU D 206 -22.64 -9.10 -54.93
C GLU D 206 -23.62 -8.35 -54.04
N ARG D 207 -23.10 -7.66 -53.02
CA ARG D 207 -23.97 -6.82 -52.20
C ARG D 207 -24.61 -5.70 -53.02
N GLU D 208 -23.86 -5.14 -53.97
CA GLU D 208 -24.43 -4.15 -54.88
C GLU D 208 -25.50 -4.78 -55.77
N LYS D 209 -25.30 -6.03 -56.18
CA LYS D 209 -26.31 -6.70 -56.99
C LYS D 209 -27.61 -6.94 -56.20
N MET D 210 -27.51 -7.35 -54.94
CA MET D 210 -28.74 -7.49 -54.16
C MET D 210 -29.36 -6.13 -53.85
N PHE D 211 -28.55 -5.07 -53.72
CA PHE D 211 -29.10 -3.73 -53.59
C PHE D 211 -29.86 -3.32 -54.85
N GLU D 212 -29.36 -3.74 -56.01
CA GLU D 212 -30.09 -3.51 -57.26
C GLU D 212 -31.42 -4.25 -57.27
N PHE D 213 -31.44 -5.47 -56.71
CA PHE D 213 -32.71 -6.20 -56.57
C PHE D 213 -33.69 -5.45 -55.67
N TYR D 214 -33.18 -4.90 -54.56
CA TYR D 214 -34.01 -4.12 -53.64
C TYR D 214 -34.59 -2.89 -54.34
N GLU D 215 -33.76 -2.18 -55.10
CA GLU D 215 -34.24 -0.99 -55.79
C GLU D 215 -35.22 -1.34 -56.90
N ARG D 216 -35.02 -2.46 -57.59
CA ARG D 216 -35.96 -2.88 -58.62
C ARG D 216 -37.31 -3.23 -58.03
N VAL D 217 -37.32 -3.87 -56.86
CA VAL D 217 -38.60 -4.28 -56.29
C VAL D 217 -39.27 -3.17 -55.49
N SER D 218 -38.54 -2.14 -55.04
CA SER D 218 -39.11 -1.17 -54.13
C SER D 218 -38.81 0.29 -54.46
N GLY D 219 -37.76 0.60 -55.20
CA GLY D 219 -37.39 1.96 -55.48
C GLY D 219 -36.37 2.57 -54.56
N ALA D 220 -35.92 1.84 -53.55
CA ALA D 220 -34.87 2.30 -52.65
C ALA D 220 -33.84 1.21 -52.49
N ARG D 221 -32.57 1.62 -52.35
CA ARG D 221 -31.49 0.65 -52.29
C ARG D 221 -31.45 -0.08 -50.95
N MET D 222 -31.63 0.65 -49.85
CA MET D 222 -31.53 0.06 -48.51
C MET D 222 -32.86 0.05 -47.79
N HIS D 223 -33.47 1.21 -47.55
CA HIS D 223 -34.65 1.30 -46.71
C HIS D 223 -35.87 1.23 -47.62
N ALA D 224 -36.31 -0.01 -47.88
CA ALA D 224 -37.32 -0.24 -48.90
C ALA D 224 -38.71 0.18 -48.43
N ALA D 225 -39.02 -0.05 -47.16
CA ALA D 225 -40.38 0.10 -46.60
C ALA D 225 -41.38 -0.71 -47.41
N TYR D 226 -40.97 -1.92 -47.80
CA TYR D 226 -41.70 -2.78 -48.73
C TYR D 226 -42.59 -3.78 -48.01
N VAL D 227 -42.12 -4.40 -46.94
CA VAL D 227 -42.93 -5.34 -46.18
C VAL D 227 -43.74 -4.57 -45.16
N ARG D 228 -45.06 -4.66 -45.25
CA ARG D 228 -46.00 -3.89 -44.47
C ARG D 228 -46.98 -4.84 -43.80
N PRO D 229 -47.66 -4.41 -42.73
CA PRO D 229 -48.74 -5.22 -42.17
C PRO D 229 -49.84 -5.45 -43.19
N GLY D 230 -50.14 -6.72 -43.44
CA GLY D 230 -51.12 -7.11 -44.44
C GLY D 230 -50.52 -7.74 -45.68
N GLY D 231 -49.20 -7.78 -45.80
CA GLY D 231 -48.56 -8.35 -46.97
C GLY D 231 -47.32 -7.59 -47.38
N VAL D 232 -47.27 -7.15 -48.63
CA VAL D 232 -46.21 -6.29 -49.13
C VAL D 232 -46.86 -5.12 -49.85
N HIS D 233 -46.06 -4.08 -50.11
CA HIS D 233 -46.63 -2.87 -50.68
C HIS D 233 -46.94 -3.02 -52.16
N GLN D 234 -46.08 -3.70 -52.91
CA GLN D 234 -46.20 -3.77 -54.35
C GLN D 234 -45.85 -5.16 -54.83
N ASP D 235 -46.37 -5.53 -55.99
CA ASP D 235 -46.01 -6.81 -56.59
C ASP D 235 -44.65 -6.71 -57.26
N LEU D 236 -44.06 -7.86 -57.53
CA LEU D 236 -42.74 -7.90 -58.14
C LEU D 236 -42.83 -7.45 -59.60
N PRO D 237 -41.87 -6.66 -60.07
CA PRO D 237 -41.84 -6.33 -61.49
C PRO D 237 -41.48 -7.56 -62.31
N LEU D 238 -41.87 -7.51 -63.59
CA LEU D 238 -41.61 -8.62 -64.49
C LEU D 238 -40.12 -8.75 -64.77
N GLY D 239 -39.64 -9.98 -64.80
CA GLY D 239 -38.24 -10.24 -65.08
C GLY D 239 -37.31 -10.15 -63.90
N LEU D 240 -37.83 -9.95 -62.69
CA LEU D 240 -36.96 -9.87 -61.52
C LEU D 240 -36.44 -11.24 -61.11
N MET D 241 -37.30 -12.26 -61.15
CA MET D 241 -36.92 -13.57 -60.65
C MET D 241 -35.88 -14.24 -61.53
N ASP D 242 -35.84 -13.92 -62.83
CA ASP D 242 -34.79 -14.47 -63.68
C ASP D 242 -33.42 -13.92 -63.31
N ASP D 243 -33.35 -12.63 -63.00
CA ASP D 243 -32.08 -12.04 -62.56
C ASP D 243 -31.68 -12.57 -61.19
N ILE D 244 -32.67 -12.79 -60.32
CA ILE D 244 -32.40 -13.47 -59.04
C ILE D 244 -31.83 -14.86 -59.30
N TYR D 245 -32.35 -15.55 -60.32
CA TYR D 245 -31.87 -16.89 -60.64
C TYR D 245 -30.43 -16.87 -61.13
N GLU D 246 -30.06 -15.90 -61.97
CA GLU D 246 -28.68 -15.80 -62.42
C GLU D 246 -27.73 -15.50 -61.26
N PHE D 247 -28.13 -14.56 -60.40
CA PHE D 247 -27.30 -14.21 -59.25
C PHE D 247 -27.12 -15.39 -58.30
N SER D 248 -28.20 -16.14 -58.07
CA SER D 248 -28.12 -17.33 -57.23
C SER D 248 -27.29 -18.43 -57.88
N LYS D 249 -27.27 -18.46 -59.21
CA LYS D 249 -26.41 -19.42 -59.90
C LYS D 249 -24.93 -19.13 -59.64
N ASN D 250 -24.53 -17.86 -59.65
CA ASN D 250 -23.11 -17.54 -59.48
C ASN D 250 -22.66 -17.37 -58.02
N PHE D 251 -23.60 -17.17 -57.08
CA PHE D 251 -23.19 -16.86 -55.73
C PHE D 251 -22.52 -18.03 -55.01
N SER D 252 -22.79 -19.27 -55.43
CA SER D 252 -22.10 -20.41 -54.84
C SER D 252 -20.60 -20.35 -55.12
N LEU D 253 -20.22 -20.00 -56.35
CA LEU D 253 -18.81 -19.84 -56.68
C LEU D 253 -18.21 -18.66 -55.93
N ARG D 254 -18.99 -17.59 -55.72
CA ARG D 254 -18.47 -16.46 -54.94
C ARG D 254 -18.16 -16.86 -53.51
N ILE D 255 -19.08 -17.58 -52.86
CA ILE D 255 -18.85 -18.08 -51.51
C ILE D 255 -17.68 -19.05 -51.51
N ASP D 256 -17.55 -19.83 -52.57
CA ASP D 256 -16.46 -20.81 -52.67
C ASP D 256 -15.10 -20.15 -52.70
N GLU D 257 -14.95 -19.08 -53.47
CA GLU D 257 -13.64 -18.42 -53.51
C GLU D 257 -13.36 -17.65 -52.22
N LEU D 258 -14.40 -17.09 -51.57
CA LEU D 258 -14.18 -16.48 -50.26
C LEU D 258 -13.72 -17.52 -49.25
N GLU D 259 -14.37 -18.68 -49.23
CA GLU D 259 -14.01 -19.74 -48.29
C GLU D 259 -12.61 -20.28 -48.57
N GLU D 260 -12.25 -20.40 -49.85
CA GLU D 260 -10.92 -20.89 -50.19
C GLU D 260 -9.86 -19.91 -49.74
N MET D 261 -10.15 -18.61 -49.83
CA MET D 261 -9.18 -17.63 -49.38
C MET D 261 -9.18 -17.43 -47.86
N LEU D 262 -10.18 -17.97 -47.15
CA LEU D 262 -10.24 -17.74 -45.71
C LEU D 262 -10.15 -19.00 -44.87
N THR D 263 -10.90 -20.06 -45.20
CA THR D 263 -11.15 -21.13 -44.24
C THR D 263 -9.95 -22.05 -44.01
N ASN D 264 -8.94 -22.00 -44.88
CA ASN D 264 -7.80 -22.89 -44.75
C ASN D 264 -6.51 -22.17 -44.39
N ASN D 265 -6.53 -20.84 -44.38
CA ASN D 265 -5.35 -20.06 -44.08
C ASN D 265 -4.99 -20.20 -42.61
N ARG D 266 -3.73 -20.54 -42.33
CA ARG D 266 -3.31 -20.76 -40.95
C ARG D 266 -3.26 -19.47 -40.16
N ILE D 267 -3.03 -18.34 -40.84
CA ILE D 267 -3.07 -17.05 -40.15
C ILE D 267 -4.50 -16.72 -39.73
N TRP D 268 -5.47 -17.09 -40.57
CA TRP D 268 -6.87 -16.91 -40.19
C TRP D 268 -7.26 -17.88 -39.08
N ARG D 269 -6.71 -19.09 -39.12
CA ARG D 269 -7.06 -20.08 -38.10
C ARG D 269 -6.50 -19.69 -36.73
N ASN D 270 -5.28 -19.17 -36.69
CA ASN D 270 -4.67 -18.79 -35.41
C ASN D 270 -5.42 -17.66 -34.72
N ARG D 271 -6.12 -16.82 -35.48
CA ARG D 271 -6.89 -15.72 -34.90
C ARG D 271 -8.31 -16.13 -34.51
N THR D 272 -8.71 -17.38 -34.74
CA THR D 272 -10.08 -17.78 -34.51
C THR D 272 -10.27 -19.12 -33.81
N VAL D 273 -9.24 -19.96 -33.67
CA VAL D 273 -9.45 -21.32 -33.18
C VAL D 273 -9.80 -21.33 -31.69
N ASP D 274 -9.14 -20.50 -30.89
CA ASP D 274 -9.41 -20.52 -29.45
C ASP D 274 -9.62 -19.11 -28.93
N ILE D 275 -10.48 -18.36 -29.61
CA ILE D 275 -10.80 -16.99 -29.25
C ILE D 275 -12.28 -16.92 -28.92
N GLY D 276 -12.61 -16.35 -27.77
CA GLY D 276 -13.99 -16.11 -27.40
C GLY D 276 -14.84 -17.35 -27.20
N VAL D 277 -14.31 -18.32 -26.48
CA VAL D 277 -15.01 -19.59 -26.28
C VAL D 277 -16.13 -19.40 -25.26
N VAL D 278 -17.35 -19.71 -25.67
CA VAL D 278 -18.54 -19.58 -24.83
C VAL D 278 -19.13 -20.97 -24.62
N THR D 279 -19.36 -21.35 -23.36
CA THR D 279 -20.01 -22.60 -23.08
C THR D 279 -21.52 -22.48 -23.34
N ALA D 280 -22.18 -23.63 -23.40
CA ALA D 280 -23.60 -23.65 -23.73
C ALA D 280 -24.46 -23.04 -22.62
N GLU D 281 -24.10 -23.31 -21.37
CA GLU D 281 -24.90 -22.84 -20.24
C GLU D 281 -24.85 -21.32 -20.12
N ASP D 282 -23.67 -20.73 -20.24
CA ASP D 282 -23.58 -19.28 -20.19
C ASP D 282 -24.18 -18.63 -21.43
N ALA D 283 -24.16 -19.33 -22.56
CA ALA D 283 -24.83 -18.83 -23.76
C ALA D 283 -26.34 -18.78 -23.55
N LEU D 284 -26.90 -19.77 -22.88
CA LEU D 284 -28.32 -19.73 -22.56
C LEU D 284 -28.62 -18.67 -21.51
N ASN D 285 -27.75 -18.54 -20.51
CA ASN D 285 -28.03 -17.66 -19.39
C ASN D 285 -27.88 -16.19 -19.74
N TYR D 286 -26.96 -15.86 -20.64
CA TYR D 286 -26.72 -14.47 -21.00
C TYR D 286 -27.68 -13.96 -22.05
N GLY D 287 -28.61 -14.80 -22.51
CA GLY D 287 -29.54 -14.37 -23.53
C GLY D 287 -28.98 -14.36 -24.93
N PHE D 288 -27.92 -15.11 -25.19
CA PHE D 288 -27.40 -15.24 -26.54
C PHE D 288 -28.40 -15.99 -27.41
N SER D 289 -28.53 -15.56 -28.65
CA SER D 289 -29.49 -16.18 -29.55
C SER D 289 -28.90 -16.28 -30.95
N GLY D 290 -29.30 -17.31 -31.67
CA GLY D 290 -28.91 -17.47 -33.04
C GLY D 290 -27.60 -18.17 -33.25
N VAL D 291 -26.68 -17.50 -33.96
CA VAL D 291 -25.45 -18.14 -34.41
C VAL D 291 -24.54 -18.48 -33.24
N MET D 292 -24.62 -17.71 -32.15
CA MET D 292 -23.84 -18.05 -30.95
C MET D 292 -24.30 -19.36 -30.34
N LEU D 293 -25.62 -19.54 -30.21
CA LEU D 293 -26.16 -20.79 -29.70
C LEU D 293 -25.82 -21.95 -30.62
N ARG D 294 -25.94 -21.74 -31.94
CA ARG D 294 -25.70 -22.83 -32.86
C ARG D 294 -24.22 -23.18 -32.95
N GLY D 295 -23.34 -22.21 -32.70
CA GLY D 295 -21.92 -22.50 -32.69
C GLY D 295 -21.41 -23.09 -31.39
N SER D 296 -22.14 -22.88 -30.30
CA SER D 296 -21.79 -23.51 -29.03
C SER D 296 -22.38 -24.90 -28.88
N GLY D 297 -23.10 -25.40 -29.88
CA GLY D 297 -23.64 -26.75 -29.86
C GLY D 297 -25.11 -26.86 -29.54
N ILE D 298 -25.81 -25.75 -29.33
CA ILE D 298 -27.23 -25.79 -29.01
C ILE D 298 -28.02 -25.91 -30.31
N GLN D 299 -28.81 -26.97 -30.43
CA GLN D 299 -29.63 -27.19 -31.62
C GLN D 299 -30.92 -26.39 -31.48
N TRP D 300 -30.82 -25.10 -31.84
CA TRP D 300 -31.94 -24.18 -31.73
C TRP D 300 -32.02 -23.32 -32.97
N ASP D 301 -33.22 -23.17 -33.52
CA ASP D 301 -33.47 -22.25 -34.62
C ASP D 301 -34.95 -21.89 -34.60
N LEU D 302 -35.24 -20.60 -34.76
CA LEU D 302 -36.64 -20.17 -34.75
C LEU D 302 -37.37 -20.52 -36.03
N ARG D 303 -36.66 -20.70 -37.13
CA ARG D 303 -37.32 -21.07 -38.37
C ARG D 303 -37.77 -22.53 -38.39
N LYS D 304 -37.22 -23.36 -37.50
CA LYS D 304 -37.61 -24.75 -37.38
C LYS D 304 -38.48 -25.05 -36.18
N THR D 305 -38.35 -24.29 -35.10
CA THR D 305 -39.04 -24.56 -33.85
C THR D 305 -40.30 -23.73 -33.68
N GLN D 306 -40.27 -22.45 -34.02
CA GLN D 306 -41.44 -21.57 -33.96
C GLN D 306 -41.61 -20.93 -35.32
N PRO D 307 -42.11 -21.68 -36.30
CA PRO D 307 -42.06 -21.20 -37.68
C PRO D 307 -43.04 -20.08 -37.94
N TYR D 308 -42.68 -19.26 -38.93
CA TYR D 308 -43.53 -18.20 -39.45
C TYR D 308 -43.66 -18.39 -40.96
N ASP D 309 -44.10 -17.37 -41.69
CA ASP D 309 -45.08 -17.47 -42.76
C ASP D 309 -45.11 -18.74 -43.60
N VAL D 310 -44.04 -19.04 -44.33
CA VAL D 310 -44.02 -20.28 -45.11
C VAL D 310 -42.71 -21.04 -44.90
N TYR D 311 -42.07 -20.82 -43.75
CA TYR D 311 -40.81 -21.49 -43.48
C TYR D 311 -40.99 -22.95 -43.12
N ASP D 312 -42.22 -23.40 -42.87
CA ASP D 312 -42.49 -24.80 -42.59
C ASP D 312 -42.75 -25.62 -43.85
N GLN D 313 -42.66 -25.01 -45.03
CA GLN D 313 -42.85 -25.71 -46.28
C GLN D 313 -41.57 -25.85 -47.10
N VAL D 314 -40.55 -25.04 -46.82
CA VAL D 314 -39.24 -25.18 -47.44
C VAL D 314 -38.37 -26.00 -46.52
N GLU D 315 -37.41 -26.71 -47.11
CA GLU D 315 -36.49 -27.54 -46.33
C GLU D 315 -35.07 -27.01 -46.47
N PHE D 316 -34.33 -27.07 -45.37
CA PHE D 316 -32.95 -26.61 -45.31
C PHE D 316 -32.30 -27.21 -44.08
N ASP D 317 -30.99 -27.07 -44.01
CA ASP D 317 -30.19 -27.57 -42.90
C ASP D 317 -29.76 -26.42 -42.00
N VAL D 318 -29.36 -26.76 -40.80
CA VAL D 318 -28.92 -25.80 -39.80
C VAL D 318 -27.49 -26.15 -39.39
N PRO D 319 -26.53 -25.27 -39.61
CA PRO D 319 -25.16 -25.56 -39.17
C PRO D 319 -25.05 -25.53 -37.65
N ILE D 320 -24.26 -26.46 -37.12
CA ILE D 320 -24.05 -26.60 -35.69
C ILE D 320 -22.55 -26.65 -35.43
N GLY D 321 -22.06 -25.73 -34.62
CA GLY D 321 -20.66 -25.71 -34.25
C GLY D 321 -20.34 -26.73 -33.18
N SER D 322 -19.07 -26.78 -32.81
CA SER D 322 -18.61 -27.77 -31.83
C SER D 322 -17.73 -27.19 -30.73
N ARG D 323 -17.17 -26.01 -30.89
CA ARG D 323 -16.29 -25.44 -29.88
C ARG D 323 -16.66 -24.03 -29.44
N GLY D 324 -17.57 -23.36 -30.13
CA GLY D 324 -18.01 -22.05 -29.70
C GLY D 324 -17.05 -20.93 -29.95
N ASP D 325 -15.97 -21.18 -30.67
CA ASP D 325 -14.95 -20.17 -30.94
C ASP D 325 -15.42 -19.26 -32.07
N CYS D 326 -14.53 -18.38 -32.53
CA CYS D 326 -14.88 -17.56 -33.67
C CYS D 326 -14.84 -18.34 -34.97
N TYR D 327 -13.99 -19.36 -35.04
CA TYR D 327 -13.85 -20.17 -36.25
C TYR D 327 -15.13 -20.93 -36.55
N ASP D 328 -15.72 -21.56 -35.53
CA ASP D 328 -16.95 -22.31 -35.72
C ASP D 328 -18.12 -21.40 -36.05
N ARG D 329 -18.17 -20.20 -35.45
CA ARG D 329 -19.22 -19.26 -35.77
C ARG D 329 -19.08 -18.74 -37.21
N TYR D 330 -17.85 -18.49 -37.66
CA TYR D 330 -17.64 -18.08 -39.04
C TYR D 330 -18.06 -19.17 -40.02
N LEU D 331 -17.73 -20.42 -39.71
CA LEU D 331 -18.14 -21.53 -40.56
C LEU D 331 -19.65 -21.68 -40.57
N CYS D 332 -20.29 -21.44 -39.42
CA CYS D 332 -21.76 -21.49 -39.36
C CYS D 332 -22.38 -20.39 -40.21
N ARG D 333 -21.76 -19.20 -40.23
CA ARG D 333 -22.26 -18.13 -41.08
C ARG D 333 -22.13 -18.48 -42.56
N VAL D 334 -21.01 -19.09 -42.95
CA VAL D 334 -20.82 -19.50 -44.35
C VAL D 334 -21.86 -20.56 -44.75
N GLU D 335 -22.07 -21.55 -43.87
CA GLU D 335 -23.07 -22.56 -44.15
C GLU D 335 -24.48 -21.99 -44.17
N GLU D 336 -24.75 -20.97 -43.36
CA GLU D 336 -26.04 -20.29 -43.41
C GLU D 336 -26.23 -19.56 -44.73
N MET D 337 -25.14 -18.99 -45.27
CA MET D 337 -25.22 -18.38 -46.60
C MET D 337 -25.57 -19.42 -47.67
N ARG D 338 -24.92 -20.58 -47.63
CA ARG D 338 -25.21 -21.63 -48.60
C ARG D 338 -26.65 -22.14 -48.48
N GLN D 339 -27.12 -22.34 -47.24
CA GLN D 339 -28.49 -22.77 -47.05
C GLN D 339 -29.48 -21.69 -47.44
N SER D 340 -29.10 -20.42 -47.33
CA SER D 340 -29.95 -19.34 -47.81
C SER D 340 -30.09 -19.38 -49.33
N ILE D 341 -29.00 -19.70 -50.03
CA ILE D 341 -29.09 -19.93 -51.47
C ILE D 341 -30.02 -21.08 -51.80
N ARG D 342 -29.95 -22.16 -51.01
CA ARG D 342 -30.84 -23.30 -51.19
C ARG D 342 -32.31 -22.91 -51.03
N ILE D 343 -32.61 -22.14 -49.98
CA ILE D 343 -33.98 -21.67 -49.74
C ILE D 343 -34.43 -20.71 -50.84
N ILE D 344 -33.51 -19.89 -51.35
CA ILE D 344 -33.85 -18.95 -52.43
C ILE D 344 -34.26 -19.72 -53.69
N SER D 345 -33.51 -20.77 -54.03
CA SER D 345 -33.90 -21.60 -55.17
C SER D 345 -35.24 -22.28 -54.94
N GLN D 346 -35.47 -22.78 -53.72
CA GLN D 346 -36.75 -23.41 -53.41
C GLN D 346 -37.92 -22.43 -53.52
N CYS D 347 -37.71 -21.18 -53.09
CA CYS D 347 -38.77 -20.19 -53.19
C CYS D 347 -39.00 -19.73 -54.63
N LEU D 348 -37.94 -19.69 -55.43
CA LEU D 348 -38.09 -19.33 -56.83
C LEU D 348 -38.89 -20.40 -57.58
N ASN D 349 -38.68 -21.67 -57.25
CA ASN D 349 -39.38 -22.73 -57.95
C ASN D 349 -40.85 -22.87 -57.54
N LYS D 350 -41.26 -22.30 -56.42
CA LYS D 350 -42.59 -22.58 -55.86
C LYS D 350 -43.37 -21.30 -55.59
N MET D 351 -43.29 -20.34 -56.49
CA MET D 351 -44.00 -19.08 -56.27
C MET D 351 -45.44 -19.20 -56.70
N PRO D 352 -46.40 -18.88 -55.84
CA PRO D 352 -47.81 -19.02 -56.21
C PRO D 352 -48.33 -17.77 -56.90
N PRO D 353 -49.37 -17.90 -57.72
CA PRO D 353 -50.01 -16.71 -58.29
C PRO D 353 -51.03 -16.11 -57.35
N GLY D 354 -51.40 -14.86 -57.63
CA GLY D 354 -52.43 -14.22 -56.86
C GLY D 354 -52.01 -12.83 -56.42
N GLU D 355 -52.72 -12.32 -55.42
CA GLU D 355 -52.53 -10.95 -54.95
C GLU D 355 -51.38 -10.89 -53.95
N ILE D 356 -51.02 -9.66 -53.56
CA ILE D 356 -49.91 -9.42 -52.67
C ILE D 356 -50.31 -8.67 -51.40
N LYS D 357 -51.51 -8.13 -51.32
CA LYS D 357 -52.02 -7.49 -50.11
C LYS D 357 -53.17 -8.31 -49.56
N VAL D 358 -53.47 -8.11 -48.28
CA VAL D 358 -54.65 -8.74 -47.70
C VAL D 358 -55.88 -8.08 -48.30
N ASP D 359 -56.91 -8.87 -48.54
CA ASP D 359 -58.11 -8.35 -49.21
C ASP D 359 -59.02 -7.57 -48.28
N ASP D 360 -58.71 -7.53 -46.98
CA ASP D 360 -59.41 -6.66 -46.05
C ASP D 360 -59.03 -5.23 -46.37
N ALA D 361 -59.95 -4.49 -47.01
CA ALA D 361 -59.66 -3.13 -47.43
C ALA D 361 -59.66 -2.14 -46.28
N LYS D 362 -60.08 -2.56 -45.09
CA LYS D 362 -60.01 -1.70 -43.91
C LYS D 362 -58.64 -1.73 -43.26
N VAL D 363 -57.70 -2.54 -43.78
CA VAL D 363 -56.34 -2.58 -43.28
C VAL D 363 -55.38 -2.14 -44.38
N SER D 364 -55.35 -2.89 -45.49
CA SER D 364 -54.49 -2.48 -46.58
C SER D 364 -55.23 -1.52 -47.51
N PRO D 365 -54.53 -0.52 -48.06
CA PRO D 365 -55.21 0.44 -48.93
C PRO D 365 -55.57 -0.20 -50.26
N PRO D 366 -56.68 0.21 -50.86
CA PRO D 366 -57.08 -0.35 -52.16
C PRO D 366 -56.21 0.20 -53.29
N LYS D 367 -56.38 -0.41 -54.45
CA LYS D 367 -55.61 -0.02 -55.62
C LYS D 367 -56.03 1.34 -56.13
N ARG D 368 -55.16 1.96 -56.93
CA ARG D 368 -55.46 3.28 -57.49
C ARG D 368 -56.54 3.22 -58.55
N ALA D 369 -56.78 2.06 -59.15
CA ALA D 369 -57.84 1.94 -60.14
C ALA D 369 -59.22 2.06 -59.50
N GLU D 370 -59.39 1.49 -58.31
CA GLU D 370 -60.67 1.54 -57.61
C GLU D 370 -60.78 2.73 -56.66
N MET D 371 -59.65 3.31 -56.25
CA MET D 371 -59.69 4.51 -55.42
C MET D 371 -60.27 5.69 -56.20
N LYS D 372 -60.05 5.74 -57.51
CA LYS D 372 -60.59 6.77 -58.36
C LYS D 372 -61.91 6.37 -59.01
N THR D 373 -62.48 5.23 -58.63
CA THR D 373 -63.73 4.76 -59.19
C THR D 373 -64.81 4.56 -58.13
N SER D 374 -64.50 3.87 -57.04
CA SER D 374 -65.49 3.48 -56.04
C SER D 374 -65.48 4.45 -54.87
N MET D 375 -66.68 4.70 -54.32
CA MET D 375 -66.79 5.59 -53.17
C MET D 375 -66.20 4.96 -51.92
N GLU D 376 -66.47 3.67 -51.70
CA GLU D 376 -65.95 2.97 -50.53
C GLU D 376 -64.44 2.90 -50.54
N SER D 377 -63.86 2.66 -51.71
CA SER D 377 -62.41 2.59 -51.83
C SER D 377 -61.77 3.94 -51.56
N LEU D 378 -62.36 5.03 -52.05
CA LEU D 378 -61.81 6.35 -51.79
C LEU D 378 -61.92 6.72 -50.31
N ILE D 379 -63.05 6.37 -49.68
CA ILE D 379 -63.23 6.64 -48.26
C ILE D 379 -62.21 5.88 -47.44
N HIS D 380 -61.98 4.61 -47.78
CA HIS D 380 -60.99 3.82 -47.07
C HIS D 380 -59.58 4.32 -47.30
N HIS D 381 -59.27 4.77 -48.52
CA HIS D 381 -57.95 5.34 -48.79
C HIS D 381 -57.73 6.60 -47.96
N PHE D 382 -58.74 7.46 -47.89
CA PHE D 382 -58.66 8.68 -47.08
C PHE D 382 -58.42 8.34 -45.61
N LYS D 383 -59.26 7.47 -45.03
CA LYS D 383 -59.15 7.19 -43.62
C LYS D 383 -58.00 6.27 -43.27
N LEU D 384 -57.37 5.63 -44.25
CA LEU D 384 -56.19 4.83 -43.97
C LEU D 384 -54.91 5.63 -44.09
N TYR D 385 -54.87 6.61 -45.00
CA TYR D 385 -53.69 7.44 -45.11
C TYR D 385 -53.75 8.70 -44.27
N THR D 386 -54.85 8.95 -43.57
CA THR D 386 -54.93 10.06 -42.63
C THR D 386 -54.93 9.62 -41.18
N GLU D 387 -55.87 8.76 -40.80
CA GLU D 387 -55.95 8.29 -39.42
C GLU D 387 -55.19 6.99 -39.21
N GLY D 388 -55.43 6.01 -40.07
CA GLY D 388 -54.84 4.69 -39.90
C GLY D 388 -55.81 3.72 -39.25
N TYR D 389 -55.54 2.44 -39.45
CA TYR D 389 -56.43 1.40 -38.94
C TYR D 389 -56.31 1.26 -37.43
N GLN D 390 -57.42 0.93 -36.79
CA GLN D 390 -57.47 0.75 -35.35
C GLN D 390 -57.09 -0.70 -35.02
N VAL D 391 -56.02 -0.88 -34.27
CA VAL D 391 -55.59 -2.19 -33.81
C VAL D 391 -56.31 -2.46 -32.49
N PRO D 392 -56.84 -3.66 -32.27
CA PRO D 392 -57.53 -3.93 -31.00
C PRO D 392 -56.55 -3.87 -29.84
N PRO D 393 -57.04 -3.56 -28.63
CA PRO D 393 -56.15 -3.50 -27.47
C PRO D 393 -55.54 -4.85 -27.15
N GLY D 394 -54.32 -4.82 -26.67
CA GLY D 394 -53.62 -6.05 -26.30
C GLY D 394 -52.12 -5.87 -26.38
N ALA D 395 -51.42 -6.79 -25.73
CA ALA D 395 -49.97 -6.81 -25.70
C ALA D 395 -49.50 -8.14 -26.26
N THR D 396 -48.50 -8.08 -27.14
CA THR D 396 -47.98 -9.29 -27.76
C THR D 396 -46.47 -9.15 -27.91
N TYR D 397 -45.81 -10.30 -28.08
CA TYR D 397 -44.36 -10.35 -28.27
C TYR D 397 -44.07 -11.30 -29.41
N THR D 398 -43.64 -10.74 -30.55
CA THR D 398 -43.36 -11.53 -31.74
C THR D 398 -41.85 -11.49 -32.01
N ALA D 399 -41.23 -12.66 -32.07
CA ALA D 399 -39.80 -12.77 -32.26
C ALA D 399 -39.51 -13.67 -33.45
N ILE D 400 -38.65 -13.20 -34.34
CA ILE D 400 -38.27 -13.93 -35.55
C ILE D 400 -36.76 -14.14 -35.53
N GLU D 401 -36.30 -14.94 -36.48
CA GLU D 401 -34.88 -15.27 -36.62
C GLU D 401 -34.27 -14.32 -37.65
N ALA D 402 -33.90 -13.14 -37.19
CA ALA D 402 -33.08 -12.24 -38.00
C ALA D 402 -31.68 -12.83 -38.11
N PRO D 403 -30.88 -12.39 -39.10
CA PRO D 403 -29.52 -12.94 -39.23
C PRO D 403 -28.64 -12.73 -38.02
N LYS D 404 -28.88 -11.70 -37.22
CA LYS D 404 -28.12 -11.52 -35.99
C LYS D 404 -28.63 -12.39 -34.84
N GLY D 405 -29.81 -12.99 -34.99
CA GLY D 405 -30.37 -13.82 -33.94
C GLY D 405 -31.85 -13.55 -33.71
N GLU D 406 -32.31 -13.66 -32.47
CA GLU D 406 -33.73 -13.47 -32.17
C GLU D 406 -34.02 -11.98 -32.11
N PHE D 407 -34.76 -11.49 -33.11
CA PHE D 407 -35.21 -10.10 -33.14
C PHE D 407 -36.68 -10.07 -32.77
N GLY D 408 -37.02 -9.36 -31.71
CA GLY D 408 -38.36 -9.39 -31.17
C GLY D 408 -38.94 -8.00 -30.99
N VAL D 409 -40.25 -7.92 -31.19
CA VAL D 409 -41.01 -6.70 -30.96
C VAL D 409 -42.08 -7.00 -29.92
N TYR D 410 -42.09 -6.22 -28.85
CA TYR D 410 -43.13 -6.28 -27.84
C TYR D 410 -44.04 -5.08 -28.04
N LEU D 411 -45.26 -5.33 -28.50
CA LEU D 411 -46.19 -4.28 -28.90
C LEU D 411 -47.37 -4.25 -27.94
N VAL D 412 -47.66 -3.07 -27.39
CA VAL D 412 -48.82 -2.84 -26.56
C VAL D 412 -49.68 -1.79 -27.24
N SER D 413 -50.92 -2.15 -27.57
CA SER D 413 -51.85 -1.28 -28.25
C SER D 413 -53.08 -1.04 -27.38
N ASP D 414 -53.52 0.22 -27.33
CA ASP D 414 -54.60 0.64 -26.46
C ASP D 414 -55.94 0.78 -27.18
N GLY D 415 -56.03 0.29 -28.41
CA GLY D 415 -57.27 0.36 -29.16
C GLY D 415 -57.34 1.51 -30.14
N SER D 416 -56.43 2.48 -30.05
CA SER D 416 -56.45 3.63 -30.93
C SER D 416 -55.66 3.31 -32.20
N SER D 417 -55.40 4.33 -33.01
CA SER D 417 -54.67 4.17 -34.26
C SER D 417 -53.17 4.25 -34.08
N ARG D 418 -52.68 4.53 -32.88
CA ARG D 418 -51.27 4.66 -32.59
C ARG D 418 -50.87 3.70 -31.48
N PRO D 419 -49.65 3.15 -31.52
CA PRO D 419 -49.23 2.21 -30.48
C PRO D 419 -49.05 2.90 -29.14
N TYR D 420 -49.40 2.17 -28.08
CA TYR D 420 -49.14 2.69 -26.74
C TYR D 420 -47.71 2.45 -26.32
N ARG D 421 -47.14 1.32 -26.71
CA ARG D 421 -45.77 1.00 -26.34
C ARG D 421 -45.17 0.06 -27.38
N CYS D 422 -43.92 0.29 -27.73
CA CYS D 422 -43.18 -0.60 -28.61
C CYS D 422 -41.79 -0.80 -28.04
N LYS D 423 -41.44 -2.04 -27.72
CA LYS D 423 -40.11 -2.38 -27.24
C LYS D 423 -39.43 -3.27 -28.27
N ILE D 424 -38.16 -2.99 -28.53
CA ILE D 424 -37.40 -3.71 -29.55
C ILE D 424 -36.28 -4.48 -28.86
N LYS D 425 -36.33 -5.81 -28.95
CA LYS D 425 -35.27 -6.67 -28.44
C LYS D 425 -34.39 -7.09 -29.61
N ALA D 426 -33.13 -6.69 -29.55
CA ALA D 426 -32.14 -7.02 -30.55
C ALA D 426 -31.07 -7.92 -29.94
N PRO D 427 -30.57 -8.90 -30.70
CA PRO D 427 -29.54 -9.80 -30.14
C PRO D 427 -28.23 -9.11 -29.84
N GLY D 428 -27.96 -7.97 -30.47
CA GLY D 428 -26.72 -7.26 -30.23
C GLY D 428 -26.59 -6.76 -28.80
N PHE D 429 -27.71 -6.46 -28.16
CA PHE D 429 -27.69 -6.03 -26.76
C PHE D 429 -27.14 -7.11 -25.85
N ALA D 430 -27.68 -8.33 -25.97
CA ALA D 430 -27.21 -9.43 -25.13
C ALA D 430 -25.79 -9.84 -25.51
N HIS D 431 -25.46 -9.81 -26.80
CA HIS D 431 -24.10 -10.16 -27.21
C HIS D 431 -23.07 -9.17 -26.68
N LEU D 432 -23.39 -7.88 -26.73
CA LEU D 432 -22.48 -6.88 -26.17
C LEU D 432 -22.40 -6.95 -24.66
N ALA D 433 -23.50 -7.35 -24.00
CA ALA D 433 -23.45 -7.58 -22.56
C ALA D 433 -22.51 -8.73 -22.23
N GLY D 434 -22.55 -9.79 -23.04
CA GLY D 434 -21.67 -10.92 -22.84
C GLY D 434 -20.25 -10.74 -23.32
N LEU D 435 -19.98 -9.64 -24.05
CA LEU D 435 -18.62 -9.35 -24.49
C LEU D 435 -17.62 -9.24 -23.34
N ASP D 436 -18.06 -8.75 -22.18
CA ASP D 436 -17.17 -8.64 -21.03
C ASP D 436 -16.70 -10.00 -20.55
N LYS D 437 -17.61 -10.99 -20.51
CA LYS D 437 -17.20 -12.32 -20.09
C LYS D 437 -16.42 -13.04 -21.19
N MET D 438 -16.81 -12.82 -22.46
CA MET D 438 -16.17 -13.53 -23.56
C MET D 438 -14.72 -13.12 -23.76
N SER D 439 -14.33 -11.95 -23.26
CA SER D 439 -12.98 -11.44 -23.45
C SER D 439 -12.09 -11.62 -22.23
N LYS D 440 -12.46 -12.50 -21.30
CA LYS D 440 -11.66 -12.70 -20.11
C LYS D 440 -10.42 -13.54 -20.46
N GLY D 441 -9.24 -12.96 -20.25
CA GLY D 441 -8.00 -13.65 -20.56
C GLY D 441 -7.68 -13.65 -22.04
N HIS D 442 -7.53 -12.47 -22.62
CA HIS D 442 -7.27 -12.35 -24.05
C HIS D 442 -6.40 -11.12 -24.29
N MET D 443 -6.28 -10.72 -25.56
CA MET D 443 -5.42 -9.61 -25.94
C MET D 443 -6.19 -8.56 -26.73
N LEU D 444 -5.47 -7.60 -27.30
CA LEU D 444 -6.12 -6.56 -28.11
C LEU D 444 -6.61 -7.13 -29.43
N ALA D 445 -5.77 -7.90 -30.12
CA ALA D 445 -6.20 -8.55 -31.36
C ALA D 445 -7.27 -9.59 -31.09
N ASP D 446 -7.18 -10.27 -29.95
CA ASP D 446 -8.22 -11.22 -29.58
C ASP D 446 -9.54 -10.50 -29.28
N VAL D 447 -9.49 -9.33 -28.65
CA VAL D 447 -10.75 -8.65 -28.34
C VAL D 447 -11.35 -8.03 -29.59
N VAL D 448 -10.53 -7.64 -30.57
CA VAL D 448 -11.14 -7.17 -31.82
C VAL D 448 -11.67 -8.35 -32.63
N ALA D 449 -11.08 -9.53 -32.49
CA ALA D 449 -11.68 -10.72 -33.11
C ALA D 449 -13.02 -11.06 -32.47
N ILE D 450 -13.11 -10.94 -31.15
CA ILE D 450 -14.37 -11.21 -30.46
C ILE D 450 -15.42 -10.17 -30.83
N ILE D 451 -15.00 -8.91 -31.01
CA ILE D 451 -15.91 -7.89 -31.50
C ILE D 451 -16.41 -8.23 -32.90
N GLY D 452 -15.52 -8.71 -33.77
CA GLY D 452 -15.92 -9.05 -35.12
C GLY D 452 -16.86 -10.24 -35.19
N THR D 453 -16.60 -11.27 -34.37
CA THR D 453 -17.43 -12.48 -34.41
C THR D 453 -18.82 -12.26 -33.83
N GLN D 454 -19.04 -11.16 -33.13
CA GLN D 454 -20.38 -10.73 -32.73
C GLN D 454 -20.83 -9.71 -33.76
N ASP D 455 -21.77 -10.10 -34.61
CA ASP D 455 -22.26 -9.16 -35.61
C ASP D 455 -23.15 -8.09 -34.96
N ILE D 456 -22.52 -7.00 -34.55
CA ILE D 456 -23.19 -5.95 -33.80
C ILE D 456 -23.34 -4.73 -34.70
N VAL D 457 -24.58 -4.34 -34.95
CA VAL D 457 -24.90 -3.03 -35.52
C VAL D 457 -25.49 -2.19 -34.40
N PHE D 458 -24.93 -1.00 -34.19
CA PHE D 458 -25.27 -0.25 -33.00
C PHE D 458 -26.55 0.55 -33.14
N GLY D 459 -27.14 0.59 -34.33
CA GLY D 459 -28.47 1.17 -34.47
C GLY D 459 -29.51 0.36 -33.73
N GLU D 460 -29.46 -0.97 -33.85
CA GLU D 460 -30.41 -1.82 -33.15
C GLU D 460 -30.03 -2.05 -31.69
N VAL D 461 -28.81 -1.73 -31.30
CA VAL D 461 -28.39 -1.85 -29.91
C VAL D 461 -28.75 -0.60 -29.12
N ASP D 462 -28.43 0.57 -29.66
CA ASP D 462 -28.71 1.82 -28.99
C ASP D 462 -30.14 2.31 -29.21
N ARG D 463 -30.86 1.72 -30.15
CA ARG D 463 -32.24 2.09 -30.53
C ARG D 463 -32.38 3.57 -30.87
N THR E 45 -64.59 -17.06 -43.35
CA THR E 45 -63.45 -16.49 -42.66
C THR E 45 -62.15 -17.21 -43.05
N ARG E 46 -62.10 -17.77 -44.24
CA ARG E 46 -60.93 -18.53 -44.62
C ARG E 46 -59.73 -17.67 -45.06
N PRO E 47 -59.83 -16.80 -46.09
CA PRO E 47 -58.59 -16.24 -46.64
C PRO E 47 -57.99 -15.09 -45.86
N THR E 48 -58.84 -14.22 -45.27
CA THR E 48 -58.37 -12.98 -44.67
C THR E 48 -58.45 -12.97 -43.15
N VAL E 49 -58.77 -14.10 -42.52
CA VAL E 49 -58.86 -14.18 -41.07
C VAL E 49 -57.81 -15.16 -40.59
N ARG E 50 -57.01 -14.72 -39.62
CA ARG E 50 -55.91 -15.53 -39.11
C ARG E 50 -56.46 -16.74 -38.36
N PRO E 51 -56.04 -17.95 -38.70
CA PRO E 51 -56.53 -19.13 -37.98
C PRO E 51 -56.02 -19.17 -36.56
N ARG E 52 -56.81 -19.79 -35.69
CA ARG E 52 -56.50 -19.86 -34.27
C ARG E 52 -56.01 -21.26 -33.90
N ASN E 53 -55.18 -21.32 -32.86
CA ASN E 53 -54.59 -22.55 -32.37
C ASN E 53 -55.26 -22.88 -31.03
N ASP E 54 -56.24 -23.78 -31.06
CA ASP E 54 -56.95 -24.14 -29.85
C ASP E 54 -56.15 -25.08 -28.95
N VAL E 55 -55.31 -25.92 -29.55
CA VAL E 55 -54.48 -26.84 -28.77
C VAL E 55 -53.49 -26.07 -27.92
N ALA E 56 -52.86 -25.05 -28.49
CA ALA E 56 -51.94 -24.22 -27.73
C ALA E 56 -52.67 -23.45 -26.64
N HIS E 57 -53.88 -22.99 -26.92
CA HIS E 57 -54.67 -22.28 -25.92
C HIS E 57 -54.99 -23.18 -24.73
N LYS E 58 -55.43 -24.42 -25.00
CA LYS E 58 -55.75 -25.33 -23.91
C LYS E 58 -54.52 -25.72 -23.12
N GLN E 59 -53.40 -25.98 -23.79
CA GLN E 59 -52.17 -26.35 -23.08
C GLN E 59 -51.65 -25.22 -22.23
N LEU E 60 -51.69 -23.99 -22.75
CA LEU E 60 -51.21 -22.86 -21.97
C LEU E 60 -52.14 -22.55 -20.81
N SER E 61 -53.44 -22.76 -20.96
CA SER E 61 -54.35 -22.60 -19.83
C SER E 61 -54.07 -23.64 -18.75
N ALA E 62 -53.80 -24.88 -19.16
CA ALA E 62 -53.45 -25.93 -18.18
C ALA E 62 -52.18 -25.58 -17.43
N PHE E 63 -51.16 -25.10 -18.14
CA PHE E 63 -49.93 -24.70 -17.46
C PHE E 63 -50.11 -23.47 -16.59
N GLY E 64 -51.01 -22.56 -16.97
CA GLY E 64 -51.30 -21.42 -16.12
C GLY E 64 -51.96 -21.82 -14.82
N GLU E 65 -52.90 -22.77 -14.89
CA GLU E 65 -53.49 -23.33 -13.66
C GLU E 65 -52.42 -24.01 -12.81
N TYR E 66 -51.54 -24.78 -13.45
CA TYR E 66 -50.43 -25.45 -12.77
C TYR E 66 -49.55 -24.46 -12.00
N VAL E 67 -49.11 -23.40 -12.68
CA VAL E 67 -48.22 -22.43 -12.06
C VAL E 67 -48.93 -21.67 -10.95
N ALA E 68 -50.19 -21.25 -11.19
CA ALA E 68 -50.90 -20.45 -10.20
C ALA E 68 -51.27 -21.27 -8.97
N GLU E 69 -51.37 -22.59 -9.08
CA GLU E 69 -51.62 -23.37 -7.89
C GLU E 69 -50.34 -23.89 -7.24
N ILE E 70 -49.21 -23.87 -7.96
CA ILE E 70 -47.94 -24.23 -7.32
C ILE E 70 -47.46 -23.10 -6.39
N LEU E 71 -47.61 -21.85 -6.82
CA LEU E 71 -47.11 -20.68 -6.08
C LEU E 71 -48.29 -19.77 -5.76
N PRO E 72 -49.07 -20.06 -4.72
CA PRO E 72 -50.17 -19.18 -4.35
C PRO E 72 -49.77 -17.94 -3.58
N LYS E 73 -48.51 -17.83 -3.17
CA LYS E 73 -48.08 -16.68 -2.38
C LYS E 73 -47.93 -15.43 -3.23
N TYR E 74 -47.58 -15.56 -4.49
CA TYR E 74 -47.25 -14.41 -5.33
C TYR E 74 -48.18 -14.21 -6.51
N VAL E 75 -48.77 -15.27 -7.06
CA VAL E 75 -49.51 -15.15 -8.32
C VAL E 75 -50.85 -14.50 -8.05
N GLN E 76 -51.15 -13.42 -8.77
CA GLN E 76 -52.39 -12.68 -8.65
C GLN E 76 -53.35 -12.95 -9.81
N GLN E 77 -52.85 -12.91 -11.05
CA GLN E 77 -53.69 -13.18 -12.21
C GLN E 77 -52.96 -14.04 -13.21
N VAL E 78 -53.70 -14.87 -13.93
CA VAL E 78 -53.17 -15.68 -15.02
C VAL E 78 -54.13 -15.51 -16.20
N GLN E 79 -53.58 -15.06 -17.33
CA GLN E 79 -54.44 -14.80 -18.49
C GLN E 79 -53.78 -15.30 -19.77
N VAL E 80 -54.57 -15.98 -20.59
CA VAL E 80 -54.14 -16.44 -21.91
C VAL E 80 -54.88 -15.63 -22.95
N SER E 81 -54.13 -14.98 -23.84
CA SER E 81 -54.74 -14.14 -24.86
C SER E 81 -55.28 -15.01 -26.00
N CYS E 82 -55.96 -14.35 -26.94
CA CYS E 82 -56.60 -15.07 -28.04
C CYS E 82 -55.60 -15.62 -29.04
N PHE E 83 -54.36 -15.13 -29.05
CA PHE E 83 -53.31 -15.69 -29.89
C PHE E 83 -52.37 -16.58 -29.07
N SER E 84 -52.86 -17.17 -27.99
CA SER E 84 -52.19 -18.21 -27.21
C SER E 84 -50.88 -17.71 -26.60
N GLU E 85 -51.01 -16.71 -25.74
CA GLU E 85 -49.87 -16.15 -25.02
C GLU E 85 -50.22 -16.04 -23.55
N LEU E 86 -49.36 -16.58 -22.70
CA LEU E 86 -49.62 -16.68 -21.26
C LEU E 86 -49.00 -15.51 -20.52
N GLU E 87 -49.77 -14.92 -19.60
CA GLU E 87 -49.30 -13.84 -18.75
C GLU E 87 -49.57 -14.21 -17.31
N ILE E 88 -48.53 -14.18 -16.48
CA ILE E 88 -48.61 -14.48 -15.06
C ILE E 88 -48.31 -13.19 -14.32
N CYS E 89 -49.35 -12.46 -13.93
CA CYS E 89 -49.19 -11.21 -13.20
C CYS E 89 -49.07 -11.51 -11.71
N ILE E 90 -47.92 -11.17 -11.13
CA ILE E 90 -47.63 -11.52 -9.74
C ILE E 90 -47.45 -10.26 -8.90
N HIS E 91 -47.21 -10.45 -7.61
CA HIS E 91 -46.82 -9.40 -6.68
C HIS E 91 -45.36 -9.04 -6.89
N PRO E 92 -44.98 -7.77 -6.70
CA PRO E 92 -43.57 -7.40 -6.87
C PRO E 92 -42.63 -8.03 -5.85
N ASP E 93 -43.16 -8.45 -4.69
CA ASP E 93 -42.32 -9.10 -3.70
C ASP E 93 -41.85 -10.47 -4.17
N GLY E 94 -42.59 -11.09 -5.07
CA GLY E 94 -42.26 -12.42 -5.53
C GLY E 94 -41.63 -12.47 -6.90
N VAL E 95 -40.75 -11.51 -7.20
CA VAL E 95 -40.06 -11.53 -8.48
C VAL E 95 -39.04 -12.65 -8.54
N ILE E 96 -38.20 -12.75 -7.51
CA ILE E 96 -37.10 -13.72 -7.51
C ILE E 96 -37.57 -15.18 -7.37
N PRO E 97 -38.59 -15.55 -6.55
CA PRO E 97 -38.91 -16.99 -6.51
C PRO E 97 -39.67 -17.47 -7.73
N VAL E 98 -40.52 -16.62 -8.33
CA VAL E 98 -41.24 -17.01 -9.53
C VAL E 98 -40.26 -17.26 -10.68
N LEU E 99 -39.30 -16.36 -10.85
CA LEU E 99 -38.31 -16.54 -11.91
C LEU E 99 -37.39 -17.71 -11.63
N THR E 100 -37.04 -17.94 -10.36
CA THR E 100 -36.24 -19.11 -10.02
C THR E 100 -36.99 -20.40 -10.32
N PHE E 101 -38.28 -20.44 -10.01
CA PHE E 101 -39.09 -21.62 -10.30
C PHE E 101 -39.23 -21.85 -11.80
N LEU E 102 -39.43 -20.77 -12.56
CA LEU E 102 -39.58 -20.94 -14.00
C LEU E 102 -38.26 -21.33 -14.67
N ARG E 103 -37.13 -20.89 -14.11
CA ARG E 103 -35.84 -21.28 -14.67
C ARG E 103 -35.45 -22.70 -14.31
N ASP E 104 -35.78 -23.16 -13.10
CA ASP E 104 -35.17 -24.37 -12.57
C ASP E 104 -36.09 -25.57 -12.45
N HIS E 105 -37.40 -25.42 -12.58
CA HIS E 105 -38.27 -26.58 -12.47
C HIS E 105 -38.16 -27.48 -13.69
N SER E 106 -38.30 -28.78 -13.47
CA SER E 106 -38.15 -29.74 -14.56
C SER E 106 -39.29 -29.67 -15.57
N ASN E 107 -40.46 -29.16 -15.16
CA ASN E 107 -41.60 -29.05 -16.07
C ASN E 107 -41.79 -27.67 -16.65
N ALA E 108 -40.91 -26.71 -16.33
CA ALA E 108 -40.95 -25.40 -16.96
C ALA E 108 -39.71 -25.15 -17.82
N GLN E 109 -38.52 -25.17 -17.22
CA GLN E 109 -37.22 -25.08 -17.91
C GLN E 109 -37.13 -23.86 -18.82
N PHE E 110 -37.64 -22.72 -18.36
CA PHE E 110 -37.61 -21.49 -19.14
C PHE E 110 -36.22 -20.87 -19.00
N LYS E 111 -35.28 -21.42 -19.76
CA LYS E 111 -33.87 -21.13 -19.55
C LYS E 111 -33.43 -19.77 -20.11
N SER E 112 -34.18 -19.16 -21.02
CA SER E 112 -33.75 -17.93 -21.67
C SER E 112 -34.60 -16.76 -21.25
N LEU E 113 -33.96 -15.65 -20.88
CA LEU E 113 -34.65 -14.38 -20.71
C LEU E 113 -34.56 -13.66 -22.05
N ALA E 114 -35.65 -13.71 -22.81
CA ALA E 114 -35.63 -13.13 -24.15
C ALA E 114 -35.57 -11.61 -24.09
N ASP E 115 -36.41 -11.00 -23.27
CA ASP E 115 -36.57 -9.56 -23.31
C ASP E 115 -37.26 -9.10 -22.03
N LEU E 116 -36.79 -7.98 -21.49
CA LEU E 116 -37.30 -7.42 -20.23
C LEU E 116 -37.54 -5.93 -20.42
N THR E 117 -38.79 -5.51 -20.27
CA THR E 117 -39.19 -4.14 -20.58
C THR E 117 -39.73 -3.45 -19.33
N ALA E 118 -40.24 -2.23 -19.54
CA ALA E 118 -41.01 -1.51 -18.55
C ALA E 118 -42.01 -0.65 -19.30
N VAL E 119 -43.25 -0.60 -18.80
CA VAL E 119 -44.33 0.15 -19.43
C VAL E 119 -44.89 1.13 -18.41
N ASP E 120 -45.11 2.37 -18.84
CA ASP E 120 -45.61 3.42 -17.96
C ASP E 120 -47.09 3.66 -18.25
N ILE E 121 -47.92 3.52 -17.22
CA ILE E 121 -49.33 3.84 -17.28
C ILE E 121 -49.64 4.83 -16.17
N PRO E 122 -49.76 6.12 -16.49
CA PRO E 122 -49.82 7.16 -15.44
C PRO E 122 -51.09 7.14 -14.61
N THR E 123 -52.18 6.57 -15.09
CA THR E 123 -53.43 6.63 -14.35
C THR E 123 -53.47 5.67 -13.17
N ARG E 124 -52.53 4.73 -13.08
CA ARG E 124 -52.48 3.82 -11.94
C ARG E 124 -51.68 4.43 -10.81
N GLN E 125 -51.94 3.96 -9.59
CA GLN E 125 -51.14 4.39 -8.45
C GLN E 125 -49.77 3.73 -8.44
N ASN E 126 -49.60 2.62 -9.16
CA ASN E 126 -48.32 2.00 -9.41
C ASN E 126 -48.09 2.15 -10.90
N ARG E 127 -47.50 3.28 -11.28
CA ARG E 127 -47.51 3.70 -12.68
C ARG E 127 -46.59 2.90 -13.57
N PHE E 128 -45.66 2.12 -13.02
CA PHE E 128 -44.69 1.37 -13.80
C PHE E 128 -45.03 -0.10 -13.78
N GLU E 129 -44.99 -0.73 -14.96
CA GLU E 129 -45.25 -2.15 -15.10
C GLU E 129 -44.03 -2.80 -15.73
N ILE E 130 -43.44 -3.76 -15.04
CA ILE E 130 -42.23 -4.44 -15.48
C ILE E 130 -42.60 -5.79 -16.06
N VAL E 131 -42.12 -6.07 -17.26
CA VAL E 131 -42.55 -7.22 -18.05
C VAL E 131 -41.34 -8.08 -18.38
N TYR E 132 -41.38 -9.35 -17.99
CA TYR E 132 -40.34 -10.33 -18.27
C TYR E 132 -40.85 -11.29 -19.32
N ASN E 133 -40.03 -11.56 -20.34
CA ASN E 133 -40.38 -12.53 -21.37
C ASN E 133 -39.39 -13.68 -21.30
N LEU E 134 -39.91 -14.90 -21.15
CA LEU E 134 -39.08 -16.08 -20.94
C LEU E 134 -39.34 -17.10 -22.03
N LEU E 135 -38.27 -17.79 -22.44
CA LEU E 135 -38.32 -18.79 -23.49
C LEU E 135 -37.77 -20.11 -22.96
N SER E 136 -38.53 -21.18 -23.16
CA SER E 136 -38.17 -22.54 -22.78
C SER E 136 -37.82 -23.30 -24.05
N LEU E 137 -36.54 -23.66 -24.18
CA LEU E 137 -36.07 -24.41 -25.33
C LEU E 137 -36.45 -25.88 -25.25
N ARG E 138 -36.53 -26.45 -24.04
CA ARG E 138 -36.86 -27.86 -23.90
C ARG E 138 -38.30 -28.13 -24.28
N PHE E 139 -39.23 -27.32 -23.80
CA PHE E 139 -40.63 -27.48 -24.12
C PHE E 139 -41.09 -26.55 -25.23
N ASN E 140 -40.20 -25.70 -25.75
CA ASN E 140 -40.46 -24.83 -26.89
C ASN E 140 -41.66 -23.91 -26.65
N SER E 141 -41.54 -23.04 -25.65
CA SER E 141 -42.66 -22.19 -25.28
C SER E 141 -42.16 -20.83 -24.82
N ARG E 142 -43.09 -19.89 -24.72
CA ARG E 142 -42.80 -18.54 -24.25
C ARG E 142 -43.83 -18.15 -23.20
N ILE E 143 -43.37 -17.53 -22.13
CA ILE E 143 -44.25 -17.10 -21.05
C ILE E 143 -43.91 -15.65 -20.71
N ARG E 144 -44.89 -14.93 -20.18
CA ARG E 144 -44.73 -13.54 -19.80
C ARG E 144 -45.05 -13.39 -18.32
N VAL E 145 -44.24 -12.62 -17.61
CA VAL E 145 -44.40 -12.41 -16.18
C VAL E 145 -44.43 -10.90 -15.93
N LYS E 146 -45.54 -10.40 -15.42
CA LYS E 146 -45.75 -8.97 -15.26
C LYS E 146 -45.85 -8.61 -13.79
N THR E 147 -45.22 -7.49 -13.41
CA THR E 147 -45.28 -6.98 -12.05
C THR E 147 -45.41 -5.47 -12.10
N TYR E 148 -45.60 -4.85 -10.94
CA TYR E 148 -45.87 -3.42 -10.87
C TYR E 148 -45.04 -2.76 -9.78
N THR E 149 -44.67 -1.51 -10.03
CA THR E 149 -43.99 -0.68 -9.03
C THR E 149 -44.23 0.79 -9.39
N ASP E 150 -44.06 1.65 -8.39
CA ASP E 150 -44.06 3.08 -8.60
C ASP E 150 -42.64 3.60 -8.54
N GLU E 151 -42.51 4.94 -8.50
CA GLU E 151 -41.19 5.57 -8.62
C GLU E 151 -40.31 5.33 -7.40
N LEU E 152 -40.89 5.17 -6.22
CA LEU E 152 -40.10 5.14 -4.99
C LEU E 152 -39.92 3.75 -4.41
N THR E 153 -40.72 2.77 -4.81
CA THR E 153 -40.57 1.41 -4.29
C THR E 153 -39.52 0.67 -5.11
N PRO E 154 -38.44 0.21 -4.50
CA PRO E 154 -37.42 -0.52 -5.27
C PRO E 154 -37.91 -1.91 -5.65
N VAL E 155 -37.34 -2.43 -6.73
CA VAL E 155 -37.63 -3.77 -7.21
C VAL E 155 -36.36 -4.61 -7.05
N GLU E 156 -36.55 -5.85 -6.61
CA GLU E 156 -35.41 -6.74 -6.44
C GLU E 156 -34.83 -7.12 -7.79
N SER E 157 -33.51 -7.03 -7.92
CA SER E 157 -32.84 -7.35 -9.17
C SER E 157 -32.88 -8.85 -9.44
N SER E 158 -32.96 -9.20 -10.72
CA SER E 158 -33.03 -10.59 -11.16
C SER E 158 -31.75 -11.02 -11.86
N VAL E 159 -30.61 -10.47 -11.45
CA VAL E 159 -29.34 -10.90 -12.02
C VAL E 159 -28.91 -12.26 -11.51
N SER E 160 -29.49 -12.72 -10.40
CA SER E 160 -29.15 -14.03 -9.87
C SER E 160 -29.76 -15.17 -10.67
N VAL E 161 -30.74 -14.90 -11.52
CA VAL E 161 -31.31 -15.91 -12.39
C VAL E 161 -30.69 -15.80 -13.78
N TYR E 162 -30.94 -14.67 -14.44
CA TYR E 162 -30.45 -14.41 -15.78
C TYR E 162 -29.47 -13.25 -15.72
N LYS E 163 -28.34 -13.38 -16.42
CA LYS E 163 -27.32 -12.36 -16.37
C LYS E 163 -27.50 -11.27 -17.40
N ALA E 164 -28.38 -11.44 -18.38
CA ALA E 164 -28.73 -10.35 -19.27
C ALA E 164 -29.59 -9.31 -18.58
N ALA E 165 -30.25 -9.71 -17.49
CA ALA E 165 -31.07 -8.80 -16.71
C ALA E 165 -30.27 -7.64 -16.16
N ASN E 166 -28.94 -7.80 -16.00
CA ASN E 166 -28.07 -6.70 -15.60
C ASN E 166 -28.23 -5.50 -16.52
N TRP E 167 -27.90 -5.67 -17.80
CA TRP E 167 -28.04 -4.59 -18.75
C TRP E 167 -29.49 -4.22 -19.01
N TYR E 168 -30.42 -5.18 -18.94
CA TYR E 168 -31.82 -4.87 -19.21
C TYR E 168 -32.39 -3.93 -18.15
N GLU E 169 -32.21 -4.25 -16.87
CA GLU E 169 -32.75 -3.36 -15.85
C GLU E 169 -31.88 -2.14 -15.61
N ARG E 170 -30.62 -2.17 -16.04
CA ARG E 170 -29.86 -0.92 -16.11
C ARG E 170 -30.49 0.05 -17.11
N GLU E 171 -30.88 -0.46 -18.28
CA GLU E 171 -31.59 0.36 -19.25
C GLU E 171 -32.96 0.80 -18.72
N ILE E 172 -33.63 -0.07 -17.98
CA ILE E 172 -34.93 0.29 -17.41
C ILE E 172 -34.78 1.43 -16.40
N TRP E 173 -33.75 1.36 -15.56
CA TRP E 173 -33.46 2.46 -14.64
C TRP E 173 -33.12 3.74 -15.39
N ASP E 174 -32.36 3.63 -16.47
CA ASP E 174 -32.01 4.81 -17.27
C ASP E 174 -33.24 5.47 -17.87
N MET E 175 -34.14 4.68 -18.44
CA MET E 175 -35.24 5.26 -19.20
C MET E 175 -36.49 5.53 -18.38
N PHE E 176 -36.63 4.95 -17.19
CA PHE E 176 -37.83 5.11 -16.40
C PHE E 176 -37.60 5.54 -14.95
N GLY E 177 -36.41 5.40 -14.42
CA GLY E 177 -36.18 5.73 -13.03
C GLY E 177 -36.53 4.66 -12.03
N VAL E 178 -36.84 3.45 -12.50
CA VAL E 178 -37.13 2.35 -11.59
C VAL E 178 -35.82 1.85 -10.99
N PHE E 179 -35.68 2.01 -9.68
CA PHE E 179 -34.47 1.58 -9.00
C PHE E 179 -34.52 0.09 -8.75
N PHE E 180 -33.43 -0.60 -9.08
CA PHE E 180 -33.31 -2.05 -8.89
C PHE E 180 -32.30 -2.31 -7.78
N ALA E 181 -32.79 -2.77 -6.64
CA ALA E 181 -31.93 -2.98 -5.47
C ALA E 181 -31.09 -4.23 -5.63
N ASN E 182 -29.97 -4.26 -4.90
CA ASN E 182 -28.99 -5.35 -4.92
C ASN E 182 -28.45 -5.60 -6.33
N HIS E 183 -28.21 -4.53 -7.07
CA HIS E 183 -27.67 -4.54 -8.42
C HIS E 183 -26.17 -4.31 -8.39
N PRO E 184 -25.41 -5.05 -9.21
CA PRO E 184 -23.94 -4.91 -9.17
C PRO E 184 -23.44 -3.56 -9.67
N ASP E 185 -23.88 -3.15 -10.86
CA ASP E 185 -23.37 -1.94 -11.51
C ASP E 185 -24.60 -1.27 -12.14
N LEU E 186 -25.22 -0.38 -11.38
CA LEU E 186 -26.41 0.34 -11.84
C LEU E 186 -26.02 1.77 -12.17
N ARG E 187 -26.03 2.10 -13.46
CA ARG E 187 -25.70 3.44 -13.94
C ARG E 187 -26.64 3.76 -15.09
N ARG E 188 -26.31 4.79 -15.85
CA ARG E 188 -26.99 5.07 -17.11
C ARG E 188 -26.33 4.28 -18.22
N ILE E 189 -27.11 3.93 -19.24
CA ILE E 189 -26.59 3.16 -20.36
C ILE E 189 -26.94 3.75 -21.73
N LEU E 190 -27.95 4.62 -21.84
CA LEU E 190 -28.34 5.08 -23.17
C LEU E 190 -28.38 6.60 -23.25
N THR E 191 -28.67 7.27 -22.13
CA THR E 191 -28.86 8.70 -22.13
C THR E 191 -27.52 9.42 -22.13
N ASP E 192 -27.58 10.75 -22.18
CA ASP E 192 -26.39 11.57 -22.17
C ASP E 192 -25.71 11.51 -20.80
N TYR E 193 -24.45 11.93 -20.77
CA TYR E 193 -23.67 11.83 -19.54
C TYR E 193 -24.19 12.79 -18.47
N GLY E 194 -24.53 14.01 -18.84
CA GLY E 194 -25.05 14.96 -17.89
C GLY E 194 -26.55 15.05 -17.87
N PHE E 195 -27.21 14.03 -18.41
CA PHE E 195 -28.66 14.09 -18.60
C PHE E 195 -29.39 13.95 -17.27
N GLU E 196 -30.37 14.84 -17.05
CA GLU E 196 -31.23 14.80 -15.89
C GLU E 196 -32.64 14.43 -16.32
N GLY E 197 -33.21 13.43 -15.67
CA GLY E 197 -34.55 12.98 -15.98
C GLY E 197 -34.56 11.64 -16.68
N HIS E 198 -35.76 11.12 -16.87
CA HIS E 198 -35.98 9.82 -17.50
C HIS E 198 -36.87 10.00 -18.71
N PRO E 199 -36.40 9.68 -19.91
CA PRO E 199 -37.10 10.14 -21.12
C PRO E 199 -38.37 9.38 -21.43
N PHE E 200 -38.47 8.10 -21.07
CA PHE E 200 -39.61 7.29 -21.48
C PHE E 200 -40.79 7.38 -20.53
N ARG E 201 -40.68 8.16 -19.46
CA ARG E 201 -41.84 8.48 -18.67
C ARG E 201 -42.81 9.30 -19.51
N LYS E 202 -44.10 9.08 -19.31
CA LYS E 202 -45.08 9.70 -20.19
C LYS E 202 -45.27 11.18 -19.92
N ASP E 203 -44.82 11.68 -18.76
CA ASP E 203 -44.86 13.11 -18.51
C ASP E 203 -43.62 13.83 -19.04
N PHE E 204 -42.65 13.10 -19.54
CA PHE E 204 -41.50 13.73 -20.18
C PHE E 204 -41.87 14.14 -21.61
N PRO E 205 -41.57 15.37 -22.02
CA PRO E 205 -41.91 15.81 -23.38
C PRO E 205 -41.08 15.08 -24.42
N LEU E 206 -41.59 15.10 -25.65
CA LEU E 206 -40.91 14.43 -26.76
C LEU E 206 -39.54 15.04 -27.02
N SER E 207 -39.49 16.35 -27.20
CA SER E 207 -38.22 17.06 -27.18
C SER E 207 -37.84 17.35 -25.74
N GLY E 208 -36.56 17.18 -25.43
CA GLY E 208 -36.09 17.37 -24.08
C GLY E 208 -36.06 18.83 -23.69
N TYR E 209 -35.61 19.07 -22.46
CA TYR E 209 -35.54 20.43 -21.96
C TYR E 209 -34.27 21.15 -22.38
N VAL E 210 -33.30 20.45 -22.98
CA VAL E 210 -32.04 21.05 -23.38
C VAL E 210 -31.68 20.57 -24.79
N GLU E 211 -30.78 21.32 -25.42
CA GLU E 211 -30.21 20.98 -26.71
C GLU E 211 -28.76 21.41 -26.72
N LEU E 212 -27.97 20.81 -27.61
CA LEU E 212 -26.54 21.02 -27.63
C LEU E 212 -26.14 21.81 -28.87
N ARG E 213 -25.23 22.77 -28.69
CA ARG E 213 -24.68 23.52 -29.81
C ARG E 213 -23.27 23.97 -29.45
N TYR E 214 -22.48 24.23 -30.49
CA TYR E 214 -21.08 24.61 -30.30
C TYR E 214 -20.97 26.12 -30.16
N ASP E 215 -20.35 26.57 -29.08
CA ASP E 215 -20.14 27.98 -28.80
C ASP E 215 -18.65 28.30 -28.93
N ASP E 216 -18.35 29.38 -29.65
CA ASP E 216 -16.98 29.76 -29.94
C ASP E 216 -16.37 30.66 -28.87
N GLU E 217 -17.16 31.25 -27.99
CA GLU E 217 -16.60 32.06 -26.92
C GLU E 217 -15.88 31.18 -25.90
N VAL E 218 -16.53 30.09 -25.46
CA VAL E 218 -15.90 29.14 -24.56
C VAL E 218 -15.27 27.98 -25.29
N LYS E 219 -15.42 27.92 -26.62
CA LYS E 219 -14.86 26.88 -27.48
C LYS E 219 -15.33 25.49 -27.04
N ARG E 220 -16.64 25.37 -26.81
CA ARG E 220 -17.15 24.17 -26.15
C ARG E 220 -18.55 23.86 -26.66
N VAL E 221 -18.95 22.61 -26.50
CA VAL E 221 -20.29 22.16 -26.88
C VAL E 221 -21.18 22.35 -25.66
N VAL E 222 -21.98 23.41 -25.66
CA VAL E 222 -22.76 23.80 -24.50
C VAL E 222 -24.23 23.47 -24.72
N ALA E 223 -24.95 23.31 -23.61
CA ALA E 223 -26.35 22.92 -23.62
C ALA E 223 -27.22 24.11 -23.20
N GLU E 224 -28.23 24.39 -24.00
CA GLU E 224 -29.13 25.53 -23.85
C GLU E 224 -30.56 25.04 -23.80
N PRO E 225 -31.48 25.84 -23.25
CA PRO E 225 -32.91 25.49 -23.33
C PRO E 225 -33.37 25.41 -24.77
N VAL E 226 -34.27 24.47 -25.04
CA VAL E 226 -34.60 24.09 -26.41
C VAL E 226 -35.52 25.14 -27.03
N GLU E 227 -35.33 25.35 -28.35
CA GLU E 227 -36.16 26.25 -29.13
C GLU E 227 -36.26 25.64 -30.52
N LEU E 228 -37.38 24.98 -30.80
CA LEU E 228 -37.58 24.35 -32.09
C LEU E 228 -37.85 25.41 -33.16
N ALA E 229 -37.23 25.24 -34.33
CA ALA E 229 -37.52 26.13 -35.44
C ALA E 229 -38.93 25.91 -35.97
N GLN E 230 -39.36 24.65 -36.04
CA GLN E 230 -40.75 24.31 -36.35
C GLN E 230 -41.24 23.38 -35.26
N GLU E 231 -42.35 23.75 -34.61
CA GLU E 231 -42.89 22.95 -33.53
C GLU E 231 -43.44 21.64 -34.05
N PHE E 232 -43.40 20.61 -33.19
CA PHE E 232 -43.99 19.33 -33.52
C PHE E 232 -45.50 19.48 -33.55
N ARG E 233 -46.09 19.39 -34.75
CA ARG E 233 -47.51 19.63 -34.92
C ARG E 233 -48.28 18.40 -34.43
N LYS E 234 -49.00 18.56 -33.32
CA LYS E 234 -49.76 17.46 -32.75
C LYS E 234 -51.01 17.20 -33.58
N PHE E 235 -51.24 15.94 -33.92
CA PHE E 235 -52.39 15.53 -34.72
C PHE E 235 -53.38 14.78 -33.83
N ASP E 236 -54.65 15.14 -33.93
CA ASP E 236 -55.73 14.46 -33.21
C ASP E 236 -56.41 13.50 -34.17
N LEU E 237 -56.10 12.22 -34.04
CA LEU E 237 -56.52 11.22 -35.01
C LEU E 237 -57.50 10.20 -34.43
N ASN E 238 -58.02 10.43 -33.23
CA ASN E 238 -58.93 9.47 -32.62
C ASN E 238 -60.33 9.63 -33.21
N SER E 239 -60.88 8.56 -33.75
CA SER E 239 -62.25 8.59 -34.25
C SER E 239 -63.23 8.59 -33.09
N PRO E 240 -64.34 9.31 -33.20
CA PRO E 240 -65.30 9.36 -32.10
C PRO E 240 -66.36 8.27 -32.17
N TRP E 241 -66.14 7.25 -32.99
CA TRP E 241 -67.04 6.11 -33.07
C TRP E 241 -66.34 4.86 -32.56
N GLU E 242 -67.07 4.02 -31.83
CA GLU E 242 -66.48 2.84 -31.24
C GLU E 242 -66.20 1.78 -32.30
N ALA E 243 -65.01 1.21 -32.26
CA ALA E 243 -64.59 0.25 -33.28
C ALA E 243 -64.84 -1.19 -32.87
N PHE E 244 -64.50 -1.54 -31.63
CA PHE E 244 -64.60 -2.92 -31.16
C PHE E 244 -65.55 -3.02 -29.98
N PRO E 245 -66.75 -3.58 -30.15
CA PRO E 245 -67.66 -3.72 -29.02
C PRO E 245 -67.24 -4.78 -28.01
N ALA E 246 -66.32 -5.67 -28.37
CA ALA E 246 -65.89 -6.71 -27.45
C ALA E 246 -65.06 -6.18 -26.30
N TYR E 247 -64.39 -5.04 -26.49
CA TYR E 247 -63.55 -4.43 -25.47
C TYR E 247 -64.25 -3.28 -24.76
N ARG E 248 -65.57 -3.22 -24.83
CA ARG E 248 -66.31 -2.08 -24.30
C ARG E 248 -66.29 -2.11 -22.78
N GLN E 249 -65.78 -1.04 -22.18
CA GLN E 249 -65.78 -0.93 -20.73
C GLN E 249 -67.18 -0.59 -20.24
N PRO E 250 -67.60 -1.12 -19.09
CA PRO E 250 -68.92 -0.77 -18.56
C PRO E 250 -68.94 0.67 -18.09
N PRO E 251 -70.11 1.31 -18.09
CA PRO E 251 -70.20 2.70 -17.66
C PRO E 251 -70.13 2.84 -16.15
N GLU E 252 -70.08 4.08 -15.69
CA GLU E 252 -70.02 4.37 -14.27
C GLU E 252 -71.39 4.19 -13.63
N SER F 68 0.11 42.13 -64.96
CA SER F 68 1.55 42.15 -65.13
C SER F 68 2.11 40.74 -65.08
N ARG F 69 3.03 40.50 -64.15
CA ARG F 69 3.63 39.17 -63.98
C ARG F 69 3.31 38.54 -62.62
N GLY F 70 3.19 39.35 -61.57
CA GLY F 70 2.92 38.80 -60.25
C GLY F 70 1.55 38.14 -60.15
N GLU F 71 0.54 38.76 -60.77
CA GLU F 71 -0.79 38.17 -60.77
C GLU F 71 -0.81 36.87 -61.56
N TYR F 72 -0.08 36.82 -62.68
CA TYR F 72 0.04 35.59 -63.45
C TYR F 72 0.70 34.49 -62.63
N VAL F 73 1.77 34.84 -61.90
CA VAL F 73 2.49 33.85 -61.10
C VAL F 73 1.61 33.33 -59.96
N VAL F 74 0.90 34.22 -59.28
CA VAL F 74 0.08 33.76 -58.16
C VAL F 74 -1.15 33.01 -58.65
N ALA F 75 -1.65 33.33 -59.85
CA ALA F 75 -2.74 32.54 -60.42
C ALA F 75 -2.29 31.14 -60.77
N LYS F 76 -1.08 31.02 -61.35
CA LYS F 76 -0.54 29.70 -61.65
C LYS F 76 -0.28 28.89 -60.39
N LEU F 77 0.25 29.54 -59.34
CA LEU F 77 0.49 28.85 -58.08
C LEU F 77 -0.81 28.43 -57.41
N ASP F 78 -1.84 29.28 -57.48
CA ASP F 78 -3.16 28.91 -56.99
C ASP F 78 -3.73 27.73 -57.74
N ASP F 79 -3.59 27.71 -59.07
CA ASP F 79 -4.07 26.57 -59.84
C ASP F 79 -3.34 25.30 -59.46
N LEU F 80 -2.03 25.39 -59.26
CA LEU F 80 -1.24 24.22 -58.89
C LEU F 80 -1.65 23.67 -57.53
N ILE F 81 -1.75 24.55 -56.52
CA ILE F 81 -2.08 24.05 -55.19
C ILE F 81 -3.54 23.60 -55.11
N ASN F 82 -4.43 24.22 -55.88
CA ASN F 82 -5.81 23.77 -55.91
C ASN F 82 -5.93 22.40 -56.55
N TRP F 83 -5.20 22.15 -57.63
CA TRP F 83 -5.21 20.82 -58.23
C TRP F 83 -4.62 19.79 -57.29
N ALA F 84 -3.50 20.12 -56.63
CA ALA F 84 -2.85 19.17 -55.74
C ALA F 84 -3.68 18.91 -54.48
N ARG F 85 -4.51 19.86 -54.07
CA ARG F 85 -5.36 19.62 -52.91
C ARG F 85 -6.64 18.90 -53.29
N ARG F 86 -7.21 19.20 -54.46
CA ARG F 86 -8.47 18.59 -54.86
C ARG F 86 -8.28 17.20 -55.44
N SER F 87 -7.06 16.84 -55.86
CA SER F 87 -6.81 15.51 -56.40
C SER F 87 -6.21 14.57 -55.36
N SER F 88 -6.14 14.98 -54.10
CA SER F 88 -5.54 14.17 -53.05
C SER F 88 -6.36 14.23 -51.77
N LEU F 89 -7.68 14.10 -51.91
CA LEU F 89 -8.58 14.17 -50.76
C LEU F 89 -8.45 12.87 -49.97
N TRP F 90 -8.08 12.97 -48.70
CA TRP F 90 -8.00 11.79 -47.85
C TRP F 90 -9.05 11.87 -46.76
N PRO F 91 -10.20 11.22 -46.92
CA PRO F 91 -11.21 11.23 -45.86
C PRO F 91 -10.88 10.25 -44.75
N MET F 92 -11.36 10.58 -43.55
CA MET F 92 -11.11 9.72 -42.41
C MET F 92 -12.22 8.68 -42.28
N THR F 93 -11.86 7.54 -41.70
CA THR F 93 -12.81 6.46 -41.49
C THR F 93 -13.74 6.87 -40.36
N PHE F 94 -14.89 7.43 -40.71
CA PHE F 94 -15.82 7.96 -39.72
C PHE F 94 -17.24 7.74 -40.21
N GLY F 95 -17.95 6.82 -39.57
CA GLY F 95 -19.35 6.62 -39.85
C GLY F 95 -20.08 6.27 -38.57
N LEU F 96 -21.41 6.41 -38.62
CA LEU F 96 -22.19 6.21 -37.41
C LEU F 96 -23.39 5.27 -37.62
N ALA F 97 -23.89 5.17 -38.84
CA ALA F 97 -25.22 4.65 -39.05
C ALA F 97 -25.33 4.14 -40.49
N CYS F 98 -26.58 4.08 -41.00
CA CYS F 98 -26.90 3.53 -42.30
C CYS F 98 -26.02 4.12 -43.39
N CYS F 99 -25.82 5.44 -43.29
CA CYS F 99 -25.09 6.22 -44.27
C CYS F 99 -23.62 5.81 -44.33
N ALA F 100 -23.07 5.25 -43.25
CA ALA F 100 -21.72 4.68 -43.31
C ALA F 100 -21.69 3.45 -44.21
N VAL F 101 -22.72 2.62 -44.15
CA VAL F 101 -22.81 1.46 -45.04
C VAL F 101 -22.93 1.91 -46.48
N GLU F 102 -23.68 3.00 -46.72
CA GLU F 102 -23.73 3.51 -48.08
C GLU F 102 -22.41 4.13 -48.52
N MET F 103 -21.65 4.74 -47.59
CA MET F 103 -20.34 5.28 -47.95
C MET F 103 -19.36 4.18 -48.33
N MET F 104 -19.33 3.09 -47.55
CA MET F 104 -18.45 2.00 -47.93
C MET F 104 -18.99 1.21 -49.10
N HIS F 105 -20.26 1.37 -49.45
CA HIS F 105 -20.73 0.89 -50.75
C HIS F 105 -20.29 1.80 -51.89
N MET F 106 -20.06 3.08 -51.61
CA MET F 106 -19.43 3.93 -52.60
C MET F 106 -17.97 3.54 -52.79
N ALA F 107 -17.31 3.09 -51.72
CA ALA F 107 -15.94 2.59 -51.80
C ALA F 107 -15.85 1.17 -52.36
N ALA F 108 -16.97 0.58 -52.80
CA ALA F 108 -16.97 -0.75 -53.39
C ALA F 108 -16.36 -0.69 -54.79
N PRO F 109 -16.00 -1.85 -55.37
CA PRO F 109 -15.43 -1.84 -56.72
C PRO F 109 -16.34 -1.32 -57.82
N ARG F 110 -17.64 -1.14 -57.59
CA ARG F 110 -18.48 -0.61 -58.65
C ARG F 110 -18.17 0.86 -58.93
N TYR F 111 -18.01 1.66 -57.89
CA TYR F 111 -17.78 3.10 -58.05
C TYR F 111 -16.33 3.48 -57.82
N ASP F 112 -15.72 2.99 -56.74
CA ASP F 112 -14.27 2.98 -56.53
C ASP F 112 -13.69 4.38 -56.51
N MET F 113 -13.96 5.10 -55.42
CA MET F 113 -13.46 6.46 -55.25
C MET F 113 -11.94 6.54 -55.19
N ASP F 114 -11.24 5.41 -55.03
CA ASP F 114 -9.78 5.41 -55.10
C ASP F 114 -9.25 5.82 -56.46
N ARG F 115 -10.09 5.76 -57.50
CA ARG F 115 -9.69 6.26 -58.82
C ARG F 115 -9.40 7.75 -58.78
N PHE F 116 -10.20 8.50 -58.05
CA PHE F 116 -10.09 9.96 -57.98
C PHE F 116 -9.06 10.42 -56.95
N GLY F 117 -8.17 9.54 -56.49
CA GLY F 117 -7.22 9.90 -55.47
C GLY F 117 -7.78 9.94 -54.07
N VAL F 118 -9.00 9.46 -53.87
CA VAL F 118 -9.68 9.53 -52.58
C VAL F 118 -9.45 8.20 -51.86
N VAL F 119 -8.63 8.22 -50.81
CA VAL F 119 -8.25 7.03 -50.08
C VAL F 119 -8.38 7.30 -48.58
N PHE F 120 -8.93 6.33 -47.85
CA PHE F 120 -9.17 6.50 -46.43
C PHE F 120 -7.86 6.58 -45.64
N ARG F 121 -7.86 7.42 -44.61
CA ARG F 121 -6.78 7.48 -43.63
C ARG F 121 -7.43 7.61 -42.26
N ALA F 122 -7.18 6.63 -41.39
CA ALA F 122 -7.97 6.50 -40.16
C ALA F 122 -7.71 7.64 -39.18
N SER F 123 -6.48 8.12 -39.11
CA SER F 123 -6.18 9.12 -38.09
C SER F 123 -6.67 10.50 -38.52
N PRO F 124 -7.19 11.29 -37.57
CA PRO F 124 -7.59 12.66 -37.92
C PRO F 124 -6.43 13.55 -38.32
N ARG F 125 -5.22 13.25 -37.86
CA ARG F 125 -4.08 14.12 -38.15
C ARG F 125 -3.67 14.03 -39.61
N GLN F 126 -3.95 12.90 -40.27
CA GLN F 126 -3.53 12.66 -41.64
C GLN F 126 -4.69 12.69 -42.61
N SER F 127 -5.80 13.30 -42.21
CA SER F 127 -6.98 13.38 -43.06
C SER F 127 -7.22 14.81 -43.48
N ASP F 128 -7.97 14.98 -44.57
CA ASP F 128 -8.29 16.28 -45.12
C ASP F 128 -9.77 16.60 -45.03
N VAL F 129 -10.63 15.67 -45.40
CA VAL F 129 -12.07 15.90 -45.44
C VAL F 129 -12.75 14.95 -44.44
N MET F 130 -13.67 15.49 -43.66
CA MET F 130 -14.46 14.70 -42.72
C MET F 130 -15.86 14.51 -43.28
N ILE F 131 -16.29 13.26 -43.37
CA ILE F 131 -17.61 12.94 -43.90
C ILE F 131 -18.49 12.53 -42.72
N VAL F 132 -19.48 13.37 -42.41
CA VAL F 132 -20.40 13.11 -41.31
C VAL F 132 -21.56 12.30 -41.87
N ALA F 133 -21.51 10.99 -41.66
CA ALA F 133 -22.52 10.07 -42.17
C ALA F 133 -23.16 9.36 -40.99
N GLY F 134 -24.37 9.75 -40.65
CA GLY F 134 -25.10 9.13 -39.57
C GLY F 134 -25.81 10.16 -38.74
N THR F 135 -26.34 9.71 -37.61
CA THR F 135 -27.08 10.57 -36.70
C THR F 135 -26.15 11.08 -35.60
N LEU F 136 -26.15 12.39 -35.40
CA LEU F 136 -25.29 13.01 -34.40
C LEU F 136 -26.11 13.20 -33.13
N THR F 137 -25.88 12.34 -32.14
CA THR F 137 -26.60 12.42 -30.88
C THR F 137 -25.89 13.35 -29.91
N ASN F 138 -26.49 13.55 -28.74
CA ASN F 138 -25.89 14.45 -27.75
C ASN F 138 -24.64 13.86 -27.13
N LYS F 139 -24.58 12.53 -27.02
CA LYS F 139 -23.40 11.87 -26.50
C LYS F 139 -22.24 11.84 -27.49
N MET F 140 -22.52 12.13 -28.76
CA MET F 140 -21.51 12.09 -29.81
C MET F 140 -20.96 13.45 -30.19
N ALA F 141 -21.68 14.53 -29.90
CA ALA F 141 -21.27 15.86 -30.34
C ALA F 141 -19.91 16.32 -29.82
N PRO F 142 -19.55 16.18 -28.52
CA PRO F 142 -18.19 16.57 -28.13
C PRO F 142 -17.09 15.76 -28.80
N ALA F 143 -17.33 14.48 -29.06
CA ALA F 143 -16.35 13.64 -29.74
C ALA F 143 -16.17 14.09 -31.19
N LEU F 144 -17.27 14.38 -31.89
CA LEU F 144 -17.18 14.89 -33.25
C LEU F 144 -16.46 16.22 -33.30
N ARG F 145 -16.77 17.12 -32.36
CA ARG F 145 -16.11 18.42 -32.35
C ARG F 145 -14.62 18.29 -32.06
N LYS F 146 -14.24 17.41 -31.12
CA LYS F 146 -12.83 17.22 -30.81
C LYS F 146 -12.08 16.64 -32.00
N VAL F 147 -12.66 15.63 -32.66
CA VAL F 147 -12.01 15.02 -33.82
C VAL F 147 -11.89 16.01 -34.96
N TYR F 148 -12.89 16.88 -35.13
CA TYR F 148 -12.79 17.94 -36.13
C TYR F 148 -11.69 18.93 -35.78
N ASP F 149 -11.54 19.28 -34.50
CA ASP F 149 -10.51 20.22 -34.09
C ASP F 149 -9.11 19.65 -34.29
N GLN F 150 -8.93 18.35 -34.10
CA GLN F 150 -7.60 17.77 -34.27
C GLN F 150 -7.20 17.58 -35.73
N MET F 151 -8.10 17.85 -36.68
CA MET F 151 -7.77 17.74 -38.10
C MET F 151 -7.03 18.99 -38.57
N PRO F 152 -5.83 18.84 -39.13
CA PRO F 152 -5.05 20.03 -39.51
C PRO F 152 -5.65 20.79 -40.68
N GLU F 153 -5.36 22.09 -40.71
CA GLU F 153 -5.78 22.95 -41.82
C GLU F 153 -5.01 22.58 -43.09
N PRO F 154 -5.64 22.66 -44.27
CA PRO F 154 -7.06 22.95 -44.47
C PRO F 154 -7.94 21.73 -44.30
N ARG F 155 -9.14 21.91 -43.79
CA ARG F 155 -10.06 20.81 -43.53
C ARG F 155 -11.42 21.12 -44.13
N TYR F 156 -12.10 20.05 -44.56
CA TYR F 156 -13.38 20.16 -45.22
C TYR F 156 -14.36 19.18 -44.61
N VAL F 157 -15.65 19.54 -44.64
CA VAL F 157 -16.71 18.74 -44.04
C VAL F 157 -17.79 18.48 -45.08
N VAL F 158 -18.19 17.22 -45.23
CA VAL F 158 -19.28 16.83 -46.11
C VAL F 158 -20.36 16.18 -45.27
N SER F 159 -21.58 16.66 -45.39
CA SER F 159 -22.72 16.13 -44.64
C SER F 159 -23.45 15.09 -45.49
N MET F 160 -23.68 13.93 -44.91
CA MET F 160 -24.35 12.83 -45.58
C MET F 160 -25.68 12.52 -44.90
N GLY F 161 -26.73 12.34 -45.70
CA GLY F 161 -28.01 11.90 -45.19
C GLY F 161 -28.78 13.00 -44.51
N SER F 162 -30.04 12.70 -44.22
CA SER F 162 -30.90 13.66 -43.56
C SER F 162 -30.60 13.82 -42.08
N CYS F 163 -30.03 12.78 -41.45
CA CYS F 163 -29.71 12.86 -40.03
C CYS F 163 -28.64 13.91 -39.78
N ALA F 164 -27.57 13.91 -40.57
CA ALA F 164 -26.52 14.90 -40.42
C ALA F 164 -26.91 16.24 -41.01
N ASN F 165 -27.93 16.28 -41.86
CA ASN F 165 -28.35 17.54 -42.45
C ASN F 165 -29.25 18.32 -41.50
N GLY F 166 -30.38 17.74 -41.10
CA GLY F 166 -31.30 18.45 -40.25
C GLY F 166 -31.98 17.57 -39.22
N GLY F 167 -31.38 16.43 -38.89
CA GLY F 167 -31.96 15.49 -37.97
C GLY F 167 -32.77 14.39 -38.63
N GLY F 168 -33.39 14.66 -39.77
CA GLY F 168 -34.04 13.61 -40.54
C GLY F 168 -35.28 13.07 -39.85
N TYR F 169 -35.32 11.75 -39.69
CA TYR F 169 -36.43 11.08 -39.02
C TYR F 169 -36.53 11.50 -37.56
N TYR F 170 -35.39 11.75 -36.92
CA TYR F 170 -35.32 11.99 -35.49
C TYR F 170 -35.10 13.46 -35.17
N HIS F 171 -35.74 14.36 -35.92
CA HIS F 171 -35.56 15.79 -35.69
C HIS F 171 -36.11 16.20 -34.33
N TYR F 172 -37.26 15.67 -33.94
CA TYR F 172 -37.91 16.02 -32.70
C TYR F 172 -37.46 15.15 -31.54
N SER F 173 -36.42 14.36 -31.73
CA SER F 173 -35.91 13.50 -30.67
C SER F 173 -35.23 14.32 -29.58
N TYR F 174 -35.30 13.81 -28.36
CA TYR F 174 -34.74 14.52 -27.21
C TYR F 174 -33.23 14.46 -27.16
N SER F 175 -32.61 13.55 -27.89
CA SER F 175 -31.17 13.32 -27.79
C SER F 175 -30.53 13.27 -29.16
N VAL F 176 -31.01 14.08 -30.09
CA VAL F 176 -30.45 14.15 -31.44
C VAL F 176 -30.16 15.60 -31.78
N VAL F 177 -28.93 15.90 -32.16
CA VAL F 177 -28.58 17.25 -32.59
C VAL F 177 -29.17 17.49 -33.96
N ARG F 178 -29.96 18.56 -34.09
CA ARG F 178 -30.68 18.86 -35.32
C ARG F 178 -29.70 19.42 -36.34
N GLY F 179 -29.02 18.52 -37.03
CA GLY F 179 -28.06 18.90 -38.04
C GLY F 179 -26.67 19.05 -37.48
N CYS F 180 -25.67 18.55 -38.20
CA CYS F 180 -24.29 18.66 -37.75
C CYS F 180 -23.70 20.04 -38.01
N ASP F 181 -24.41 20.91 -38.72
CA ASP F 181 -23.91 22.27 -38.93
C ASP F 181 -23.96 23.12 -37.67
N ARG F 182 -24.64 22.65 -36.61
CA ARG F 182 -24.58 23.32 -35.32
C ARG F 182 -23.25 23.09 -34.61
N ILE F 183 -22.46 22.11 -35.05
CA ILE F 183 -21.20 21.75 -34.41
C ILE F 183 -20.01 22.10 -35.30
N VAL F 184 -20.05 21.72 -36.56
CA VAL F 184 -18.90 21.88 -37.45
C VAL F 184 -19.30 22.72 -38.66
N PRO F 185 -18.38 23.47 -39.26
CA PRO F 185 -18.70 24.20 -40.51
C PRO F 185 -18.74 23.25 -41.69
N VAL F 186 -19.89 23.15 -42.33
CA VAL F 186 -20.14 22.15 -43.37
C VAL F 186 -20.05 22.81 -44.74
N ASP F 187 -19.33 22.16 -45.66
CA ASP F 187 -19.16 22.68 -47.02
C ASP F 187 -20.23 22.16 -47.97
N ILE F 188 -20.36 20.84 -48.07
CA ILE F 188 -21.30 20.20 -49.00
C ILE F 188 -22.32 19.44 -48.18
N TYR F 189 -23.61 19.64 -48.51
CA TYR F 189 -24.70 18.88 -47.93
C TYR F 189 -25.22 17.92 -48.99
N VAL F 190 -25.17 16.63 -48.69
CA VAL F 190 -25.63 15.59 -49.62
C VAL F 190 -26.98 15.08 -49.10
N PRO F 191 -28.09 15.33 -49.78
CA PRO F 191 -29.39 14.91 -49.29
C PRO F 191 -29.77 13.51 -49.73
N GLY F 192 -30.66 12.90 -48.96
CA GLY F 192 -31.07 11.53 -49.17
C GLY F 192 -31.19 10.77 -47.86
N CYS F 193 -31.76 9.57 -47.90
CA CYS F 193 -31.88 8.76 -46.70
C CYS F 193 -31.99 7.29 -47.08
N PRO F 194 -30.86 6.60 -47.34
CA PRO F 194 -29.52 7.15 -47.51
C PRO F 194 -29.35 7.74 -48.89
N PRO F 195 -28.51 8.75 -49.03
CA PRO F 195 -28.10 9.16 -50.37
C PRO F 195 -27.36 8.02 -51.04
N THR F 196 -27.61 7.84 -52.33
CA THR F 196 -27.01 6.72 -53.05
C THR F 196 -25.51 6.92 -53.18
N ALA F 197 -24.81 5.85 -53.55
CA ALA F 197 -23.36 5.93 -53.73
C ALA F 197 -23.01 6.88 -54.86
N GLU F 198 -23.82 6.92 -55.92
CA GLU F 198 -23.64 7.91 -56.95
C GLU F 198 -23.86 9.32 -56.42
N ALA F 199 -24.83 9.48 -55.51
CA ALA F 199 -25.07 10.79 -54.92
C ALA F 199 -23.90 11.24 -54.05
N LEU F 200 -23.30 10.32 -53.30
CA LEU F 200 -22.15 10.68 -52.49
C LEU F 200 -20.93 10.97 -53.36
N LEU F 201 -20.77 10.23 -54.45
CA LEU F 201 -19.69 10.53 -55.39
C LEU F 201 -19.90 11.88 -56.05
N TYR F 202 -21.16 12.23 -56.34
CA TYR F 202 -21.48 13.55 -56.85
C TYR F 202 -21.14 14.63 -55.85
N GLY F 203 -21.42 14.39 -54.57
CA GLY F 203 -21.05 15.35 -53.55
C GLY F 203 -19.55 15.52 -53.40
N ILE F 204 -18.80 14.42 -53.53
CA ILE F 204 -17.35 14.49 -53.47
C ILE F 204 -16.80 15.28 -54.66
N LEU F 205 -17.34 15.03 -55.85
CA LEU F 205 -16.92 15.79 -57.03
C LEU F 205 -17.32 17.26 -56.92
N GLN F 206 -18.45 17.54 -56.29
CA GLN F 206 -18.83 18.94 -56.04
C GLN F 206 -17.86 19.62 -55.09
N LEU F 207 -17.41 18.88 -54.06
CA LEU F 207 -16.41 19.43 -53.15
C LEU F 207 -15.09 19.68 -53.86
N GLN F 208 -14.72 18.78 -54.78
CA GLN F 208 -13.50 18.99 -55.56
C GLN F 208 -13.61 20.24 -56.44
N LYS F 209 -14.77 20.42 -57.09
CA LYS F 209 -14.97 21.60 -57.92
C LYS F 209 -15.02 22.88 -57.07
N LYS F 210 -15.50 22.78 -55.83
CA LYS F 210 -15.47 23.91 -54.91
C LYS F 210 -14.05 24.26 -54.52
N ILE F 211 -13.21 23.24 -54.30
CA ILE F 211 -11.81 23.47 -53.97
C ILE F 211 -11.08 24.11 -55.15
N LYS F 212 -11.43 23.71 -56.37
CA LYS F 212 -10.81 24.28 -57.57
C LYS F 212 -11.03 25.78 -57.69
N ARG F 213 -12.15 26.29 -57.16
CA ARG F 213 -12.50 27.70 -57.26
C ARG F 213 -11.95 28.55 -56.12
N GLU F 214 -10.86 28.12 -55.49
CA GLU F 214 -10.28 28.88 -54.38
C GLU F 214 -9.19 29.79 -54.90
N LYS F 215 -9.18 31.04 -54.41
CA LYS F 215 -8.26 32.06 -54.89
C LYS F 215 -7.41 32.59 -53.75
N ARG F 216 -6.80 31.70 -52.98
CA ARG F 216 -6.15 32.08 -51.73
C ARG F 216 -4.93 32.97 -51.96
N LEU F 217 -4.03 32.55 -52.84
CA LEU F 217 -2.87 33.40 -53.13
C LEU F 217 -3.25 34.64 -53.92
N ARG F 218 -4.31 34.57 -54.72
CA ARG F 218 -4.83 35.77 -55.38
C ARG F 218 -5.33 36.77 -54.34
N ILE F 219 -6.03 36.30 -53.32
CA ILE F 219 -6.51 37.16 -52.26
C ILE F 219 -5.34 37.72 -51.46
N TRP F 220 -4.32 36.91 -51.22
CA TRP F 220 -3.13 37.39 -50.51
C TRP F 220 -2.41 38.49 -51.30
N TYR F 221 -2.28 38.30 -52.61
CA TYR F 221 -1.61 39.29 -53.43
C TYR F 221 -2.43 40.57 -53.54
N ARG F 222 -3.75 40.45 -53.57
CA ARG F 222 -4.59 41.64 -53.68
C ARG F 222 -4.67 42.40 -52.36
N ARG F 223 -4.56 41.71 -51.23
CA ARG F 223 -4.64 42.36 -49.93
C ARG F 223 -3.31 43.01 -49.55
N THR G 42 -32.06 -32.31 -40.39
CA THR G 42 -32.46 -30.92 -40.21
C THR G 42 -31.33 -30.08 -39.66
N TYR G 43 -30.19 -30.71 -39.40
CA TYR G 43 -29.01 -30.00 -38.95
C TYR G 43 -27.77 -30.76 -39.40
N LYS G 44 -26.64 -30.07 -39.45
CA LYS G 44 -25.38 -30.66 -39.86
C LYS G 44 -24.28 -30.28 -38.88
N TYR G 45 -23.28 -31.16 -38.76
CA TYR G 45 -22.21 -31.00 -37.80
C TYR G 45 -21.04 -30.33 -38.48
N VAL G 46 -21.05 -29.00 -38.50
CA VAL G 46 -19.96 -28.24 -39.09
C VAL G 46 -18.76 -28.31 -38.17
N ASN G 47 -17.59 -28.65 -38.74
CA ASN G 47 -16.31 -28.74 -38.03
C ASN G 47 -16.35 -29.80 -36.93
N LEU G 48 -16.58 -31.04 -37.37
CA LEU G 48 -16.41 -32.23 -36.53
C LEU G 48 -15.60 -33.28 -37.26
N ARG G 49 -14.79 -32.88 -38.23
CA ARG G 49 -14.01 -33.81 -39.03
C ARG G 49 -12.72 -34.12 -38.31
N GLU G 50 -12.62 -35.33 -37.75
CA GLU G 50 -11.38 -35.77 -37.17
C GLU G 50 -10.35 -36.05 -38.26
N PRO G 51 -9.06 -35.86 -37.96
CA PRO G 51 -8.03 -36.11 -38.98
C PRO G 51 -7.84 -37.60 -39.23
N SER G 52 -7.10 -37.90 -40.28
CA SER G 52 -6.75 -39.27 -40.63
C SER G 52 -5.30 -39.52 -40.23
N MET G 53 -5.06 -40.66 -39.58
CA MET G 53 -3.77 -40.98 -38.99
C MET G 53 -2.82 -41.71 -39.94
N ASP G 54 -3.18 -41.86 -41.20
CA ASP G 54 -2.35 -42.60 -42.14
C ASP G 54 -1.06 -41.85 -42.43
N MET G 55 0.04 -42.61 -42.59
CA MET G 55 1.38 -42.04 -42.69
C MET G 55 1.57 -41.29 -44.01
N LYS G 56 0.94 -41.73 -45.09
CA LYS G 56 1.03 -41.00 -46.36
C LYS G 56 0.37 -39.63 -46.25
N SER G 57 -0.82 -39.56 -45.65
CA SER G 57 -1.48 -38.27 -45.46
C SER G 57 -0.78 -37.44 -44.39
N VAL G 58 -0.15 -38.09 -43.41
CA VAL G 58 0.65 -37.37 -42.41
C VAL G 58 1.86 -36.71 -43.09
N THR G 59 2.50 -37.41 -44.02
CA THR G 59 3.59 -36.82 -44.77
C THR G 59 3.10 -35.72 -45.71
N ASP G 60 1.91 -35.88 -46.28
CA ASP G 60 1.34 -34.82 -47.10
C ASP G 60 1.06 -33.56 -46.27
N ARG G 61 0.53 -33.74 -45.06
CA ARG G 61 0.30 -32.60 -44.17
C ARG G 61 1.60 -31.96 -43.72
N ALA G 62 2.65 -32.77 -43.52
CA ALA G 62 3.97 -32.23 -43.19
C ALA G 62 4.53 -31.41 -44.34
N ALA G 63 4.33 -31.88 -45.57
CA ALA G 63 4.76 -31.11 -46.74
C ALA G 63 3.98 -29.81 -46.87
N GLN G 64 2.68 -29.85 -46.58
CA GLN G 64 1.87 -28.63 -46.59
C GLN G 64 2.34 -27.65 -45.52
N THR G 65 2.70 -28.17 -44.33
CA THR G 65 3.21 -27.33 -43.26
C THR G 65 4.55 -26.69 -43.63
N LEU G 66 5.47 -27.48 -44.17
CA LEU G 66 6.81 -26.98 -44.44
C LEU G 66 6.89 -26.10 -45.69
N LEU G 67 6.05 -26.37 -46.70
CA LEU G 67 6.17 -25.69 -47.97
C LEU G 67 4.98 -24.77 -48.27
N TRP G 68 4.04 -24.63 -47.33
CA TRP G 68 2.99 -23.60 -47.36
C TRP G 68 2.07 -23.76 -48.58
N THR G 69 1.38 -24.89 -48.64
CA THR G 69 0.53 -25.19 -49.79
C THR G 69 -0.67 -24.24 -49.86
N GLU G 70 -1.40 -24.09 -48.76
CA GLU G 70 -2.61 -23.27 -48.81
C GLU G 70 -2.29 -21.77 -48.91
N LEU G 71 -1.09 -21.35 -48.51
CA LEU G 71 -0.69 -19.97 -48.71
C LEU G 71 -0.49 -19.68 -50.19
N ILE G 72 0.14 -20.60 -50.92
CA ILE G 72 0.26 -20.47 -52.36
C ILE G 72 -1.12 -20.60 -53.02
N ARG G 73 -2.03 -21.36 -52.41
CA ARG G 73 -3.40 -21.43 -52.92
C ARG G 73 -4.09 -20.06 -52.85
N GLY G 74 -3.93 -19.37 -51.72
CA GLY G 74 -4.47 -18.03 -51.61
C GLY G 74 -3.83 -17.05 -52.55
N LEU G 75 -2.50 -17.16 -52.73
CA LEU G 75 -1.80 -16.35 -53.72
C LEU G 75 -2.32 -16.58 -55.13
N GLY G 76 -2.56 -17.86 -55.47
CA GLY G 76 -3.06 -18.17 -56.80
C GLY G 76 -4.46 -17.66 -57.03
N MET G 77 -5.32 -17.73 -56.00
CA MET G 77 -6.66 -17.18 -56.12
C MET G 77 -6.62 -15.67 -56.34
N THR G 78 -5.76 -14.97 -55.61
CA THR G 78 -5.64 -13.53 -55.82
C THR G 78 -5.06 -13.20 -57.20
N LEU G 79 -4.10 -14.01 -57.67
CA LEU G 79 -3.52 -13.79 -58.99
C LEU G 79 -4.55 -13.99 -60.09
N SER G 80 -5.38 -15.03 -59.96
CA SER G 80 -6.47 -15.22 -60.91
C SER G 80 -7.49 -14.10 -60.82
N TYR G 81 -7.64 -13.50 -59.63
CA TYR G 81 -8.56 -12.39 -59.52
C TYR G 81 -7.97 -11.09 -60.05
N LEU G 82 -6.64 -11.05 -60.25
CA LEU G 82 -6.02 -9.89 -60.87
C LEU G 82 -6.41 -9.74 -62.34
N PHE G 83 -6.58 -10.86 -63.04
CA PHE G 83 -6.74 -10.84 -64.50
C PHE G 83 -8.20 -10.85 -64.93
N ARG G 84 -9.09 -10.22 -64.17
CA ARG G 84 -10.48 -10.09 -64.54
C ARG G 84 -10.78 -8.65 -64.95
N GLU G 85 -11.93 -8.46 -65.57
CA GLU G 85 -12.39 -7.11 -65.87
C GLU G 85 -12.85 -6.46 -64.58
N PRO G 86 -12.27 -5.33 -64.17
CA PRO G 86 -12.75 -4.65 -62.97
C PRO G 86 -14.13 -4.07 -63.19
N ALA G 87 -14.93 -4.07 -62.13
CA ALA G 87 -16.31 -3.65 -62.21
C ALA G 87 -16.50 -2.15 -62.02
N THR G 88 -15.47 -1.35 -62.27
CA THR G 88 -15.55 0.09 -62.07
C THR G 88 -16.26 0.73 -63.26
N ILE G 89 -17.37 1.40 -62.99
CA ILE G 89 -18.02 2.20 -64.03
C ILE G 89 -17.43 3.61 -63.98
N ASN G 90 -17.31 4.22 -65.15
CA ASN G 90 -16.58 5.48 -65.30
C ASN G 90 -17.53 6.65 -65.01
N TYR G 91 -17.79 6.87 -63.73
CA TYR G 91 -18.59 8.01 -63.32
C TYR G 91 -17.79 9.30 -63.56
N PRO G 92 -18.45 10.38 -64.02
CA PRO G 92 -19.86 10.63 -64.30
C PRO G 92 -20.30 10.27 -65.70
N PHE G 93 -19.42 9.68 -66.49
CA PHE G 93 -19.75 9.34 -67.86
C PHE G 93 -20.56 8.05 -67.96
N GLU G 94 -20.67 7.30 -66.88
CA GLU G 94 -21.55 6.15 -66.81
C GLU G 94 -22.31 6.18 -65.50
N LYS G 95 -23.55 5.69 -65.53
CA LYS G 95 -24.41 5.70 -64.38
C LYS G 95 -24.84 4.28 -64.05
N GLY G 96 -25.03 4.01 -62.76
CA GLY G 96 -25.51 2.72 -62.33
C GLY G 96 -26.94 2.50 -62.75
N PRO G 97 -27.34 1.23 -62.86
CA PRO G 97 -28.69 0.93 -63.32
C PRO G 97 -29.75 1.33 -62.30
N LEU G 98 -30.91 1.72 -62.81
CA LEU G 98 -32.01 2.15 -61.95
C LEU G 98 -33.31 1.52 -62.45
N SER G 99 -34.35 1.69 -61.66
CA SER G 99 -35.68 1.18 -61.94
C SER G 99 -36.66 2.34 -62.07
N PRO G 100 -37.77 2.16 -62.81
CA PRO G 100 -38.76 3.25 -62.90
C PRO G 100 -39.48 3.55 -61.59
N ARG G 101 -39.35 2.73 -60.56
CA ARG G 101 -39.95 3.00 -59.26
C ARG G 101 -39.04 3.81 -58.34
N PHE G 102 -37.97 4.38 -58.87
CA PHE G 102 -36.93 5.00 -58.04
C PHE G 102 -37.46 6.21 -57.30
N ARG G 103 -36.97 6.40 -56.07
CA ARG G 103 -37.38 7.48 -55.20
C ARG G 103 -36.23 8.47 -55.06
N GLY G 104 -36.36 9.62 -55.72
CA GLY G 104 -35.34 10.65 -55.64
C GLY G 104 -35.88 11.98 -55.19
N GLU G 105 -35.69 13.01 -56.02
CA GLU G 105 -36.08 14.36 -55.68
C GLU G 105 -37.58 14.56 -55.89
N HIS G 106 -38.20 15.35 -55.03
CA HIS G 106 -39.63 15.60 -55.09
C HIS G 106 -39.97 16.60 -56.18
N ALA G 107 -41.19 16.49 -56.71
CA ALA G 107 -41.67 17.38 -57.76
C ALA G 107 -43.18 17.44 -57.70
N LEU G 108 -43.74 18.53 -58.25
CA LEU G 108 -45.18 18.74 -58.32
C LEU G 108 -45.61 18.74 -59.78
N ARG G 109 -46.56 17.89 -60.11
CA ARG G 109 -46.98 17.73 -61.50
C ARG G 109 -48.19 18.59 -61.81
N ARG G 110 -48.51 18.65 -63.10
CA ARG G 110 -49.67 19.39 -63.60
C ARG G 110 -50.50 18.50 -64.51
N TYR G 111 -51.76 18.88 -64.68
CA TYR G 111 -52.60 18.25 -65.68
C TYR G 111 -52.09 18.65 -67.07
N PRO G 112 -52.42 17.87 -68.11
CA PRO G 112 -51.93 18.22 -69.45
C PRO G 112 -52.69 19.37 -70.10
N SER G 113 -53.00 20.41 -69.33
CA SER G 113 -53.57 21.64 -69.84
C SER G 113 -52.96 22.86 -69.19
N GLY G 114 -52.06 22.69 -68.22
CA GLY G 114 -51.47 23.79 -67.49
C GLY G 114 -51.90 23.87 -66.05
N GLU G 115 -53.06 23.31 -65.70
CA GLU G 115 -53.54 23.37 -64.33
C GLU G 115 -52.74 22.42 -63.45
N GLU G 116 -52.28 22.92 -62.31
CA GLU G 116 -51.55 22.09 -61.36
C GLU G 116 -52.46 21.06 -60.72
N ARG G 117 -51.88 19.90 -60.41
CA ARG G 117 -52.68 18.76 -59.98
C ARG G 117 -53.04 18.81 -58.51
N CYS G 118 -52.27 19.50 -57.66
CA CYS G 118 -52.54 19.50 -56.24
C CYS G 118 -53.78 20.31 -55.92
N ILE G 119 -54.58 19.80 -54.99
CA ILE G 119 -55.85 20.37 -54.61
C ILE G 119 -55.93 20.68 -53.12
N ALA G 120 -54.78 20.68 -52.43
CA ALA G 120 -54.67 21.05 -51.02
C ALA G 120 -55.53 20.15 -50.13
N CYS G 121 -55.43 18.85 -50.34
CA CYS G 121 -56.17 17.91 -49.53
C CYS G 121 -55.42 17.47 -48.29
N LYS G 122 -54.13 17.81 -48.19
CA LYS G 122 -53.31 17.64 -46.99
C LYS G 122 -53.18 16.18 -46.55
N LEU G 123 -53.33 15.24 -47.48
CA LEU G 123 -53.10 13.84 -47.14
C LEU G 123 -51.61 13.56 -47.00
N CYS G 124 -50.79 14.21 -47.83
CA CYS G 124 -49.36 13.98 -47.78
C CYS G 124 -48.76 14.50 -46.48
N GLU G 125 -49.24 15.64 -45.99
CA GLU G 125 -48.70 16.18 -44.75
C GLU G 125 -49.19 15.42 -43.53
N ALA G 126 -50.28 14.66 -43.65
CA ALA G 126 -50.76 13.86 -42.55
C ALA G 126 -50.20 12.44 -42.56
N VAL G 127 -49.76 11.96 -43.73
CA VAL G 127 -49.13 10.64 -43.80
C VAL G 127 -47.61 10.72 -43.71
N CYS G 128 -47.03 11.91 -43.75
CA CYS G 128 -45.58 12.05 -43.75
C CYS G 128 -45.00 11.62 -42.42
N PRO G 129 -44.13 10.60 -42.39
CA PRO G 129 -43.61 10.12 -41.10
C PRO G 129 -42.66 11.08 -40.42
N ALA G 130 -42.07 12.03 -41.15
CA ALA G 130 -41.09 12.93 -40.58
C ALA G 130 -41.61 14.34 -40.38
N GLN G 131 -42.89 14.60 -40.67
CA GLN G 131 -43.51 15.92 -40.57
C GLN G 131 -42.75 16.96 -41.39
N ALA G 132 -42.31 16.58 -42.58
CA ALA G 132 -41.50 17.45 -43.41
C ALA G 132 -42.33 18.33 -44.33
N ILE G 133 -43.65 18.18 -44.35
CA ILE G 133 -44.52 18.89 -45.28
C ILE G 133 -45.37 19.87 -44.49
N THR G 134 -45.37 21.14 -44.93
CA THR G 134 -46.22 22.18 -44.36
C THR G 134 -47.08 22.77 -45.47
N ILE G 135 -48.39 22.74 -45.29
CA ILE G 135 -49.34 23.20 -46.30
C ILE G 135 -50.24 24.26 -45.68
N GLU G 136 -50.41 25.38 -46.39
CA GLU G 136 -51.40 26.39 -46.08
C GLU G 136 -52.20 26.68 -47.34
N ALA G 137 -53.52 26.70 -47.22
CA ALA G 137 -54.40 26.74 -48.38
C ALA G 137 -55.48 27.80 -48.21
N GLU G 138 -55.95 28.31 -49.34
CA GLU G 138 -57.09 29.21 -49.40
C GLU G 138 -57.65 29.17 -50.81
N PRO G 139 -58.93 29.49 -51.00
CA PRO G 139 -59.49 29.53 -52.36
C PRO G 139 -58.95 30.73 -53.13
N ARG G 140 -58.53 30.48 -54.36
CA ARG G 140 -57.91 31.52 -55.19
C ARG G 140 -59.01 32.32 -55.90
N ALA G 141 -58.61 33.10 -56.91
CA ALA G 141 -59.48 34.12 -57.47
C ALA G 141 -60.67 33.54 -58.23
N ASP G 142 -60.56 32.31 -58.74
CA ASP G 142 -61.67 31.69 -59.45
C ASP G 142 -62.36 30.61 -58.63
N GLY G 143 -62.17 30.62 -57.31
CA GLY G 143 -62.89 29.71 -56.45
C GLY G 143 -62.42 28.27 -56.51
N SER G 144 -61.20 28.02 -56.95
CA SER G 144 -60.67 26.67 -57.03
C SER G 144 -59.81 26.39 -55.80
N ARG G 145 -59.95 25.19 -55.25
CA ARG G 145 -59.25 24.80 -54.04
C ARG G 145 -57.78 24.54 -54.34
N ARG G 146 -56.92 25.54 -54.14
CA ARG G 146 -55.50 25.42 -54.40
C ARG G 146 -54.72 25.84 -53.17
N THR G 147 -53.41 25.60 -53.20
CA THR G 147 -52.54 25.93 -52.10
C THR G 147 -51.99 27.34 -52.25
N THR G 148 -51.59 27.92 -51.11
CA THR G 148 -50.76 29.12 -51.10
C THR G 148 -49.38 28.85 -50.52
N ARG G 149 -49.20 27.75 -49.79
CA ARG G 149 -47.92 27.40 -49.23
C ARG G 149 -47.81 25.88 -49.22
N TYR G 150 -46.73 25.37 -49.79
CA TYR G 150 -46.48 23.92 -49.82
C TYR G 150 -44.97 23.73 -49.71
N ASP G 151 -44.50 23.51 -48.49
CA ASP G 151 -43.07 23.39 -48.21
C ASP G 151 -42.73 21.94 -47.88
N ILE G 152 -41.67 21.44 -48.48
CA ILE G 152 -41.08 20.16 -48.11
C ILE G 152 -39.68 20.44 -47.61
N ASP G 153 -39.39 20.05 -46.37
CA ASP G 153 -38.06 20.16 -45.81
C ASP G 153 -37.27 18.93 -46.24
N MET G 154 -36.33 19.11 -47.16
CA MET G 154 -35.61 17.98 -47.72
C MET G 154 -34.61 17.39 -46.74
N THR G 155 -34.25 18.15 -45.69
CA THR G 155 -33.35 17.65 -44.66
C THR G 155 -34.07 16.89 -43.55
N LYS G 156 -35.40 16.95 -43.51
CA LYS G 156 -36.18 16.08 -42.62
C LYS G 156 -36.71 14.86 -43.34
N CYS G 157 -36.91 14.95 -44.66
CA CYS G 157 -37.57 13.91 -45.42
C CYS G 157 -36.73 12.64 -45.43
N ILE G 158 -37.39 11.51 -45.13
CA ILE G 158 -36.71 10.22 -45.10
C ILE G 158 -36.76 9.50 -46.44
N TYR G 159 -37.37 10.11 -47.44
CA TYR G 159 -37.41 9.60 -48.82
C TYR G 159 -38.06 8.22 -48.89
N CYS G 160 -39.15 8.05 -48.15
CA CYS G 160 -39.85 6.77 -48.12
C CYS G 160 -40.99 6.70 -49.12
N GLY G 161 -41.36 7.80 -49.75
CA GLY G 161 -42.33 7.76 -50.81
C GLY G 161 -43.77 7.53 -50.39
N PHE G 162 -44.12 7.89 -49.16
CA PHE G 162 -45.50 7.74 -48.73
C PHE G 162 -46.39 8.84 -49.32
N CYS G 163 -45.84 10.03 -49.54
CA CYS G 163 -46.63 11.13 -50.10
C CYS G 163 -47.02 10.85 -51.53
N GLN G 164 -46.14 10.25 -52.32
CA GLN G 164 -46.43 9.98 -53.71
C GLN G 164 -47.45 8.86 -53.88
N GLU G 165 -47.67 8.06 -52.85
CA GLU G 165 -48.67 7.01 -52.89
C GLU G 165 -49.95 7.37 -52.14
N ALA G 166 -49.90 8.40 -51.30
CA ALA G 166 -51.10 8.88 -50.63
C ALA G 166 -51.83 9.97 -51.42
N CYS G 167 -51.24 10.46 -52.50
CA CYS G 167 -51.84 11.52 -53.28
C CYS G 167 -52.93 10.96 -54.18
N PRO G 168 -54.19 11.39 -54.04
CA PRO G 168 -55.26 10.85 -54.88
C PRO G 168 -55.28 11.37 -56.30
N VAL G 169 -54.43 12.34 -56.65
CA VAL G 169 -54.42 12.93 -57.97
C VAL G 169 -53.05 12.85 -58.63
N ASP G 170 -52.11 12.13 -58.02
CA ASP G 170 -50.73 11.99 -58.49
C ASP G 170 -50.04 13.34 -58.67
N ALA G 171 -50.31 14.26 -57.75
CA ALA G 171 -49.72 15.59 -57.83
C ALA G 171 -48.26 15.57 -57.40
N ILE G 172 -48.01 15.24 -56.14
CA ILE G 172 -46.65 15.13 -55.65
C ILE G 172 -46.07 13.80 -56.14
N VAL G 173 -44.85 13.86 -56.68
CA VAL G 173 -44.15 12.67 -57.12
C VAL G 173 -42.72 12.75 -56.60
N GLU G 174 -42.08 11.61 -56.53
CA GLU G 174 -40.68 11.53 -56.16
C GLU G 174 -39.93 11.11 -57.41
N GLY G 175 -39.33 12.10 -58.08
CA GLY G 175 -38.75 11.89 -59.39
C GLY G 175 -37.48 11.09 -59.36
N PRO G 176 -36.80 10.99 -60.50
CA PRO G 176 -35.58 10.20 -60.59
C PRO G 176 -34.29 10.97 -60.30
N ASN G 177 -34.38 12.27 -60.03
CA ASN G 177 -33.19 13.07 -59.79
C ASN G 177 -32.59 12.72 -58.42
N PHE G 178 -31.28 12.49 -58.40
CA PHE G 178 -30.56 12.28 -57.16
C PHE G 178 -29.28 13.09 -57.05
N GLU G 179 -28.82 13.71 -58.15
CA GLU G 179 -27.63 14.56 -58.11
C GLU G 179 -28.06 16.02 -57.93
N PHE G 180 -28.44 16.33 -56.69
CA PHE G 180 -28.91 17.67 -56.36
C PHE G 180 -28.33 18.15 -55.03
N SER G 181 -27.09 17.77 -54.73
CA SER G 181 -26.44 18.21 -53.51
C SER G 181 -26.11 19.70 -53.58
N THR G 182 -26.30 20.39 -52.46
CA THR G 182 -26.11 21.83 -52.37
C THR G 182 -24.96 22.15 -51.43
N GLU G 183 -24.52 23.40 -51.48
CA GLU G 183 -23.45 23.90 -50.62
C GLU G 183 -23.96 24.58 -49.36
N THR G 184 -25.28 24.72 -49.21
CA THR G 184 -25.84 25.44 -48.07
C THR G 184 -27.03 24.66 -47.55
N HIS G 185 -27.25 24.76 -46.24
CA HIS G 185 -28.38 24.08 -45.62
C HIS G 185 -29.71 24.64 -46.09
N GLU G 186 -29.80 25.97 -46.24
CA GLU G 186 -31.07 26.58 -46.61
C GLU G 186 -31.44 26.36 -48.07
N GLU G 187 -30.52 25.88 -48.90
CA GLU G 187 -30.89 25.54 -50.28
C GLU G 187 -31.68 24.25 -50.36
N LEU G 188 -31.73 23.46 -49.28
CA LEU G 188 -32.48 22.21 -49.24
C LEU G 188 -33.83 22.38 -48.53
N LEU G 189 -34.40 23.57 -48.55
CA LEU G 189 -35.70 23.84 -47.95
C LEU G 189 -36.60 24.33 -49.08
N TYR G 190 -37.33 23.39 -49.70
CA TYR G 190 -38.06 23.67 -50.92
C TYR G 190 -39.41 24.30 -50.60
N ASN G 191 -39.75 25.38 -51.30
CA ASN G 191 -41.09 25.92 -51.24
C ASN G 191 -41.86 25.52 -52.49
N LYS G 192 -43.04 26.10 -52.68
CA LYS G 192 -43.91 25.69 -53.78
C LYS G 192 -43.32 26.03 -55.14
N GLU G 193 -42.62 27.16 -55.23
CA GLU G 193 -42.02 27.56 -56.50
C GLU G 193 -40.92 26.60 -56.92
N LYS G 194 -40.10 26.17 -55.97
CA LYS G 194 -39.03 25.22 -56.30
C LYS G 194 -39.59 23.87 -56.71
N LEU G 195 -40.65 23.42 -56.03
CA LEU G 195 -41.27 22.14 -56.38
C LEU G 195 -41.94 22.21 -57.75
N LEU G 196 -42.59 23.34 -58.06
CA LEU G 196 -43.19 23.49 -59.38
C LEU G 196 -42.13 23.59 -60.47
N ASN G 197 -41.00 24.24 -60.18
CA ASN G 197 -39.90 24.27 -61.13
C ASN G 197 -39.32 22.89 -61.35
N ASN G 198 -39.21 22.08 -60.29
CA ASN G 198 -38.74 20.71 -60.44
C ASN G 198 -39.71 19.89 -61.28
N GLY G 199 -41.01 20.10 -61.07
CA GLY G 199 -42.01 19.39 -61.87
C GLY G 199 -41.94 19.76 -63.34
N ASP G 200 -41.81 21.05 -63.64
CA ASP G 200 -41.67 21.47 -65.04
C ASP G 200 -40.33 21.04 -65.63
N LYS G 201 -39.31 20.87 -64.78
CA LYS G 201 -38.01 20.45 -65.27
C LYS G 201 -38.00 18.97 -65.62
N TRP G 202 -38.66 18.14 -64.81
CA TRP G 202 -38.55 16.69 -64.95
C TRP G 202 -39.86 16.03 -65.37
N GLU G 203 -40.83 16.79 -65.88
CA GLU G 203 -42.11 16.20 -66.29
C GLU G 203 -41.93 15.21 -67.42
N ALA G 204 -41.03 15.50 -68.36
CA ALA G 204 -40.80 14.62 -69.51
C ALA G 204 -40.29 13.25 -69.10
N GLU G 205 -39.73 13.11 -67.90
CA GLU G 205 -39.28 11.84 -67.37
C GLU G 205 -40.27 11.22 -66.39
N ILE G 206 -40.87 12.03 -65.53
CA ILE G 206 -41.81 11.49 -64.55
C ILE G 206 -43.07 10.96 -65.23
N ALA G 207 -43.50 11.61 -66.32
CA ALA G 207 -44.65 11.11 -67.06
C ALA G 207 -44.39 9.74 -67.63
N ALA G 208 -43.20 9.52 -68.20
CA ALA G 208 -42.86 8.22 -68.76
C ALA G 208 -42.69 7.18 -67.67
N ASN G 209 -42.11 7.55 -66.52
CA ASN G 209 -41.94 6.59 -65.45
C ASN G 209 -43.27 6.16 -64.85
N ILE G 210 -44.19 7.11 -64.67
CA ILE G 210 -45.52 6.78 -64.18
C ILE G 210 -46.27 5.94 -65.21
N GLN G 211 -46.11 6.25 -66.50
CA GLN G 211 -46.73 5.45 -67.55
C GLN G 211 -46.20 4.02 -67.55
N ALA G 212 -44.92 3.85 -67.26
CA ALA G 212 -44.34 2.51 -67.21
C ALA G 212 -44.73 1.76 -65.94
N ASP G 213 -44.98 2.47 -64.84
CA ASP G 213 -45.13 1.80 -63.55
C ASP G 213 -46.56 1.70 -63.02
N TYR G 214 -47.49 2.52 -63.49
CA TYR G 214 -48.74 2.75 -62.77
C TYR G 214 -49.66 1.54 -62.70
N LEU G 215 -49.40 0.49 -63.46
CA LEU G 215 -50.25 -0.69 -63.39
C LEU G 215 -49.91 -1.60 -62.22
N TYR G 216 -48.82 -1.34 -61.50
CA TYR G 216 -48.51 -2.10 -60.30
C TYR G 216 -49.11 -1.48 -59.05
N ARG G 217 -49.36 -0.17 -59.05
CA ARG G 217 -49.87 0.51 -57.88
C ARG G 217 -51.37 0.33 -57.73
N PRO H 66 -139.30 -1.73 -67.21
CA PRO H 66 -139.08 -3.15 -67.51
C PRO H 66 -137.63 -3.55 -67.25
N PHE H 67 -137.35 -4.85 -67.27
CA PHE H 67 -136.00 -5.34 -67.00
C PHE H 67 -135.14 -5.14 -68.25
N ASP H 68 -134.15 -4.25 -68.16
CA ASP H 68 -133.21 -4.02 -69.24
C ASP H 68 -131.82 -4.40 -68.78
N ASN H 69 -131.09 -5.09 -69.66
CA ASN H 69 -129.73 -5.51 -69.36
C ASN H 69 -128.75 -5.07 -70.45
N THR H 70 -129.15 -4.12 -71.29
CA THR H 70 -128.33 -3.69 -72.42
C THR H 70 -127.96 -2.23 -72.39
N THR H 71 -128.91 -1.33 -72.09
CA THR H 71 -128.64 0.09 -72.17
C THR H 71 -127.78 0.54 -71.00
N TYR H 72 -126.71 1.27 -71.29
CA TYR H 72 -125.83 1.80 -70.27
C TYR H 72 -126.54 2.95 -69.57
N LYS H 73 -126.75 2.82 -68.25
CA LYS H 73 -127.49 3.82 -67.49
C LYS H 73 -126.60 4.91 -66.90
N ASN H 74 -125.28 4.80 -67.06
CA ASN H 74 -124.36 5.83 -66.57
C ASN H 74 -124.02 6.79 -67.72
N LEU H 75 -125.01 7.57 -68.11
CA LEU H 75 -124.86 8.57 -69.16
C LEU H 75 -124.86 9.98 -68.62
N GLN H 76 -124.85 10.14 -67.30
CA GLN H 76 -124.83 11.48 -66.70
C GLN H 76 -123.45 12.11 -66.78
N HIS H 77 -122.39 11.30 -66.89
CA HIS H 77 -121.04 11.81 -66.79
C HIS H 77 -120.50 12.37 -68.10
N HIS H 78 -121.30 12.37 -69.16
CA HIS H 78 -120.90 13.03 -70.40
C HIS H 78 -121.15 14.53 -70.36
N ASP H 79 -121.80 15.04 -69.33
CA ASP H 79 -122.13 16.45 -69.21
C ASP H 79 -121.53 17.06 -67.96
N TYR H 80 -120.34 16.61 -67.57
CA TYR H 80 -119.65 17.11 -66.39
C TYR H 80 -118.60 18.12 -66.81
N SER H 81 -118.68 19.32 -66.27
CA SER H 81 -117.76 20.39 -66.62
C SER H 81 -116.55 20.36 -65.70
N THR H 82 -115.75 21.41 -65.73
CA THR H 82 -114.55 21.50 -64.92
C THR H 82 -114.82 22.05 -63.52
N TYR H 83 -116.08 22.39 -63.21
CA TYR H 83 -116.43 22.94 -61.91
C TYR H 83 -117.52 22.13 -61.22
N THR H 84 -117.80 20.91 -61.69
CA THR H 84 -118.93 20.15 -61.18
C THR H 84 -118.68 19.67 -59.74
N PHE H 85 -117.48 19.14 -59.49
CA PHE H 85 -117.15 18.60 -58.17
C PHE H 85 -117.18 19.68 -57.11
N LEU H 86 -116.58 20.84 -57.40
CA LEU H 86 -116.50 21.90 -56.41
C LEU H 86 -117.85 22.57 -56.18
N ASP H 87 -118.67 22.69 -57.24
CA ASP H 87 -120.02 23.23 -57.06
C ASP H 87 -120.88 22.27 -56.24
N LEU H 88 -120.71 20.96 -56.44
CA LEU H 88 -121.43 19.99 -55.62
C LEU H 88 -120.99 20.07 -54.17
N ASN H 89 -119.69 20.24 -53.93
CA ASN H 89 -119.19 20.39 -52.57
C ASN H 89 -119.74 21.68 -51.92
N LEU H 90 -119.80 22.76 -52.69
CA LEU H 90 -120.35 24.02 -52.20
C LEU H 90 -121.83 23.89 -51.89
N ASP H 91 -122.57 23.11 -52.68
CA ASP H 91 -123.97 22.85 -52.37
C ASP H 91 -124.09 22.03 -51.09
N LEU H 92 -123.21 21.04 -50.91
CA LEU H 92 -123.26 20.21 -49.72
C LEU H 92 -122.82 20.92 -48.45
N SER H 93 -122.08 22.03 -48.58
CA SER H 93 -121.52 22.70 -47.41
C SER H 93 -122.58 23.32 -46.49
N LYS H 94 -123.83 23.42 -46.92
CA LYS H 94 -124.91 23.94 -46.09
C LYS H 94 -125.69 22.86 -45.36
N PHE H 95 -125.32 21.59 -45.52
CA PHE H 95 -126.03 20.49 -44.88
C PHE H 95 -125.25 19.86 -43.73
N ARG H 96 -124.01 20.25 -43.51
CA ARG H 96 -123.11 19.52 -42.63
C ARG H 96 -123.04 20.16 -41.25
N MET H 97 -122.69 19.34 -40.26
CA MET H 97 -122.56 19.82 -38.90
C MET H 97 -121.31 20.69 -38.73
N PRO H 98 -121.28 21.55 -37.72
CA PRO H 98 -120.05 22.31 -37.43
C PRO H 98 -118.91 21.39 -37.04
N GLN H 99 -117.71 21.78 -37.46
CA GLN H 99 -116.49 21.03 -37.27
C GLN H 99 -115.94 21.23 -35.86
N PRO H 100 -115.24 20.24 -35.32
CA PRO H 100 -114.57 20.43 -34.02
C PRO H 100 -113.37 21.34 -34.15
N SER H 101 -112.97 21.91 -33.02
CA SER H 101 -111.87 22.86 -32.97
C SER H 101 -110.80 22.37 -32.01
N SER H 102 -109.55 22.62 -32.34
CA SER H 102 -108.42 22.17 -31.54
C SER H 102 -108.01 23.19 -30.49
N GLY H 103 -108.72 24.30 -30.36
CA GLY H 103 -108.39 25.32 -29.39
C GLY H 103 -107.46 26.39 -29.90
N ARG H 104 -106.90 26.23 -31.10
CA ARG H 104 -106.07 27.25 -31.72
C ARG H 104 -106.48 27.37 -33.18
N GLU H 105 -106.23 28.54 -33.77
CA GLU H 105 -106.63 28.75 -35.15
C GLU H 105 -105.73 27.99 -36.11
N SER H 106 -104.43 27.94 -35.82
CA SER H 106 -103.44 27.22 -36.60
C SER H 106 -102.45 26.58 -35.64
N PRO H 107 -101.76 25.52 -36.05
CA PRO H 107 -100.77 24.90 -35.17
C PRO H 107 -99.62 25.82 -34.78
N ARG H 108 -99.29 26.82 -35.61
CA ARG H 108 -98.24 27.77 -35.29
C ARG H 108 -98.78 29.05 -34.66
N HIS H 109 -100.00 29.03 -34.14
CA HIS H 109 -100.56 30.14 -33.39
C HIS H 109 -100.72 29.78 -31.93
N GLY I 29 -47.28 34.91 -66.92
CA GLY I 29 -47.90 36.17 -66.59
C GLY I 29 -47.44 36.73 -65.27
N VAL I 30 -46.12 36.78 -65.08
CA VAL I 30 -45.56 37.27 -63.83
C VAL I 30 -45.67 38.80 -63.78
N ARG I 31 -45.74 39.34 -62.58
CA ARG I 31 -45.87 40.77 -62.35
C ARG I 31 -44.78 41.23 -61.40
N THR I 32 -44.20 42.40 -61.68
CA THR I 32 -43.08 42.93 -60.93
C THR I 32 -43.56 44.08 -60.06
N SER I 33 -43.15 44.06 -58.79
CA SER I 33 -43.42 45.15 -57.89
C SER I 33 -42.54 46.36 -58.21
N PRO I 34 -42.88 47.56 -57.70
CA PRO I 34 -42.02 48.72 -57.93
C PRO I 34 -40.60 48.58 -57.38
N THR I 35 -40.37 47.72 -56.39
CA THR I 35 -39.03 47.49 -55.89
C THR I 35 -38.20 46.63 -56.82
N GLY I 36 -38.78 46.07 -57.88
CA GLY I 36 -38.07 45.22 -58.80
C GLY I 36 -38.21 43.73 -58.54
N GLU I 37 -38.83 43.36 -57.43
CA GLU I 37 -39.02 41.96 -57.07
C GLU I 37 -40.33 41.44 -57.65
N LYS I 38 -40.28 40.26 -58.25
CA LYS I 38 -41.43 39.70 -58.92
C LYS I 38 -42.45 39.19 -57.91
N VAL I 39 -43.68 38.98 -58.39
CA VAL I 39 -44.78 38.51 -57.56
C VAL I 39 -45.19 37.13 -58.05
N THR I 40 -45.28 36.17 -57.13
CA THR I 40 -45.69 34.82 -57.47
C THR I 40 -47.20 34.77 -57.68
N HIS I 41 -47.70 33.58 -58.02
CA HIS I 41 -49.13 33.39 -58.20
C HIS I 41 -49.92 33.52 -56.91
N THR I 42 -49.28 33.28 -55.76
CA THR I 42 -49.95 33.43 -54.48
C THR I 42 -50.13 34.88 -54.06
N GLY I 43 -49.51 35.82 -54.78
CA GLY I 43 -49.59 37.21 -54.41
C GLY I 43 -48.57 37.66 -53.39
N GLN I 44 -47.62 36.80 -53.02
CA GLN I 44 -46.61 37.16 -52.04
C GLN I 44 -45.55 38.05 -52.69
N VAL I 45 -45.20 39.14 -52.01
CA VAL I 45 -44.07 39.97 -52.40
C VAL I 45 -43.64 40.73 -51.14
N TYR I 46 -42.39 41.20 -51.14
CA TYR I 46 -41.83 41.88 -50.00
C TYR I 46 -41.98 43.39 -50.13
N ASP I 47 -42.26 44.05 -49.01
CA ASP I 47 -42.40 45.48 -49.00
C ASP I 47 -41.03 46.14 -49.12
N ASP I 48 -41.05 47.46 -49.39
CA ASP I 48 -39.81 48.21 -49.51
C ASP I 48 -39.06 48.30 -48.19
N GLU I 49 -39.78 48.39 -47.07
CA GLU I 49 -39.16 48.50 -45.76
C GLU I 49 -38.88 47.15 -45.11
N ASP I 50 -39.17 46.05 -45.81
CA ASP I 50 -38.92 44.73 -45.26
C ASP I 50 -37.43 44.42 -45.27
N TYR I 51 -36.91 43.95 -44.13
CA TYR I 51 -35.51 43.58 -44.05
C TYR I 51 -35.23 42.20 -44.63
N ARG I 52 -36.26 41.43 -44.95
CA ARG I 52 -36.08 40.08 -45.43
C ARG I 52 -35.70 40.02 -46.90
N ARG I 53 -35.65 41.17 -47.59
CA ARG I 53 -35.17 41.22 -48.96
C ARG I 53 -33.67 40.99 -49.06
N VAL I 54 -32.94 41.03 -47.95
CA VAL I 54 -31.49 40.91 -47.99
C VAL I 54 -31.07 39.48 -48.35
N ARG I 55 -31.97 38.50 -48.25
CA ARG I 55 -31.65 37.15 -48.68
C ARG I 55 -31.57 37.02 -50.19
N PHE I 56 -32.10 38.00 -50.93
CA PHE I 56 -32.04 37.99 -52.39
C PHE I 56 -30.92 38.85 -52.94
N VAL I 57 -30.14 39.49 -52.08
CA VAL I 57 -29.05 40.35 -52.53
C VAL I 57 -27.86 39.49 -52.92
N GLY I 58 -27.41 39.64 -54.16
CA GLY I 58 -26.37 38.78 -54.68
C GLY I 58 -26.86 37.45 -55.19
N ARG I 59 -28.15 37.18 -55.09
CA ARG I 59 -28.76 35.93 -55.53
C ARG I 59 -30.06 36.29 -56.25
N GLN I 60 -30.91 35.30 -56.47
CA GLN I 60 -32.15 35.52 -57.20
C GLN I 60 -33.31 34.85 -56.49
N LYS I 61 -34.50 35.38 -56.73
CA LYS I 61 -35.73 34.84 -56.17
C LYS I 61 -36.31 33.81 -57.14
N GLU I 62 -36.50 32.59 -56.67
CA GLU I 62 -37.02 31.52 -57.51
C GLU I 62 -38.54 31.67 -57.60
N VAL I 63 -39.02 32.06 -58.78
CA VAL I 63 -40.45 32.24 -59.03
C VAL I 63 -40.82 31.49 -60.30
N ASN I 64 -41.89 30.71 -60.23
CA ASN I 64 -42.38 29.98 -61.40
C ASN I 64 -43.29 30.90 -62.21
N GLU I 65 -42.99 31.03 -63.50
CA GLU I 65 -43.71 31.97 -64.36
C GLU I 65 -44.89 31.33 -65.07
N ASN I 66 -45.06 30.02 -65.00
CA ASN I 66 -46.20 29.34 -65.62
C ASN I 66 -47.35 29.34 -64.63
N PHE I 67 -48.12 30.42 -64.63
CA PHE I 67 -49.23 30.57 -63.69
C PHE I 67 -50.38 29.69 -64.16
N ALA I 68 -50.85 28.81 -63.26
CA ALA I 68 -51.80 27.78 -63.65
C ALA I 68 -53.19 28.36 -63.95
N ILE I 69 -53.54 29.48 -63.32
CA ILE I 69 -54.85 30.07 -63.50
C ILE I 69 -55.02 30.58 -64.93
N ASP I 70 -53.98 31.21 -65.49
CA ASP I 70 -54.05 31.70 -66.86
C ASP I 70 -54.10 30.54 -67.85
N LEU I 71 -53.38 29.45 -67.59
CA LEU I 71 -53.37 28.33 -68.51
C LEU I 71 -54.67 27.53 -68.46
N ILE I 72 -55.32 27.47 -67.28
CA ILE I 72 -56.60 26.79 -67.24
C ILE I 72 -57.72 27.70 -67.74
N ALA I 73 -57.52 29.01 -67.74
CA ALA I 73 -58.52 29.91 -68.30
C ALA I 73 -58.55 29.89 -69.82
N GLU I 74 -57.50 29.38 -70.45
CA GLU I 74 -57.42 29.32 -71.91
C GLU I 74 -57.95 28.02 -72.49
N GLN I 75 -58.44 27.11 -71.67
CA GLN I 75 -59.02 25.88 -72.18
C GLN I 75 -60.40 26.15 -72.75
N PRO I 76 -60.71 25.61 -73.93
CA PRO I 76 -62.06 25.80 -74.48
C PRO I 76 -63.09 25.03 -73.67
N VAL I 77 -64.29 25.60 -73.60
CA VAL I 77 -65.40 24.95 -72.90
C VAL I 77 -65.99 23.86 -73.77
N SER I 78 -66.15 22.67 -73.21
CA SER I 78 -66.63 21.52 -73.96
C SER I 78 -68.15 21.52 -73.98
N GLN I 79 -68.74 21.50 -75.17
CA GLN I 79 -70.18 21.47 -75.33
C GLN I 79 -70.65 20.02 -75.45
N VAL I 80 -71.54 19.60 -74.56
CA VAL I 80 -72.04 18.23 -74.53
C VAL I 80 -73.55 18.25 -74.66
N GLY I 81 -74.13 17.05 -74.82
CA GLY I 81 -75.55 16.93 -75.05
C GLY I 81 -76.30 16.13 -74.00
N SER I 82 -75.93 16.28 -72.73
CA SER I 82 -76.60 15.59 -71.65
C SER I 82 -76.72 16.52 -70.45
N ARG I 83 -77.65 16.19 -69.57
CA ARG I 83 -77.83 16.98 -68.35
C ARG I 83 -76.66 16.80 -67.40
N VAL I 84 -76.09 15.60 -67.34
CA VAL I 84 -74.97 15.33 -66.46
C VAL I 84 -73.78 14.85 -67.30
N ILE I 85 -72.58 15.10 -66.78
CA ILE I 85 -71.36 14.69 -67.44
C ILE I 85 -70.41 14.12 -66.40
N SER I 86 -69.41 13.37 -66.85
CA SER I 86 -68.41 12.79 -65.97
C SER I 86 -67.03 13.28 -66.37
N CYS I 87 -66.21 13.60 -65.38
CA CYS I 87 -64.84 14.04 -65.61
C CYS I 87 -63.87 13.16 -64.83
N ASP I 88 -62.76 12.82 -65.47
CA ASP I 88 -61.70 12.07 -64.81
C ASP I 88 -60.31 12.66 -65.01
N GLY I 89 -60.20 13.78 -65.72
CA GLY I 89 -58.93 14.43 -65.95
C GLY I 89 -58.16 13.94 -67.15
N GLY I 90 -58.66 12.93 -67.85
CA GLY I 90 -57.96 12.40 -68.99
C GLY I 90 -56.87 11.41 -68.60
N GLY I 91 -56.89 10.23 -69.20
CA GLY I 91 -55.95 9.19 -68.87
C GLY I 91 -56.45 8.11 -67.94
N GLY I 92 -57.66 8.26 -67.41
CA GLY I 92 -58.24 7.23 -66.55
C GLY I 92 -57.63 7.20 -65.17
N ALA I 93 -56.84 6.17 -64.88
CA ALA I 93 -56.21 6.04 -63.58
C ALA I 93 -55.05 7.02 -63.39
N LEU I 94 -54.61 7.69 -64.44
CA LEU I 94 -53.60 8.74 -64.34
C LEU I 94 -54.20 10.10 -64.03
N GLY I 95 -55.52 10.19 -63.87
CA GLY I 95 -56.16 11.45 -63.53
C GLY I 95 -56.74 11.48 -62.15
N HIS I 96 -57.71 12.35 -61.92
CA HIS I 96 -58.35 12.51 -60.63
C HIS I 96 -59.52 11.53 -60.51
N PRO I 97 -60.07 11.36 -59.30
CA PRO I 97 -61.28 10.53 -59.16
C PRO I 97 -62.43 11.04 -60.02
N ARG I 98 -63.20 10.10 -60.56
CA ARG I 98 -64.22 10.44 -61.55
C ARG I 98 -65.41 11.11 -60.87
N VAL I 99 -65.64 12.37 -61.22
CA VAL I 99 -66.70 13.16 -60.61
C VAL I 99 -67.80 13.37 -61.65
N TYR I 100 -68.99 13.70 -61.17
CA TYR I 100 -70.15 13.95 -62.01
C TYR I 100 -70.60 15.40 -61.83
N ILE I 101 -70.85 16.07 -62.95
CA ILE I 101 -71.15 17.49 -63.00
C ILE I 101 -72.54 17.68 -63.59
N ASN I 102 -73.37 18.48 -62.91
CA ASN I 102 -74.70 18.80 -63.38
C ASN I 102 -74.67 20.03 -64.27
N LEU I 103 -75.49 20.03 -65.32
CA LEU I 103 -75.54 21.10 -66.29
C LEU I 103 -76.96 21.62 -66.45
N ASP I 104 -77.65 21.82 -65.34
CA ASP I 104 -79.00 22.35 -65.35
C ASP I 104 -79.06 23.87 -65.37
N LYS I 105 -77.93 24.55 -65.13
CA LYS I 105 -77.89 25.99 -65.16
C LYS I 105 -77.53 26.45 -66.57
N GLU I 106 -78.35 27.35 -67.13
CA GLU I 106 -78.09 27.91 -68.43
C GLU I 106 -77.32 29.22 -68.36
N THR I 107 -76.94 29.65 -67.16
CA THR I 107 -76.17 30.87 -66.97
C THR I 107 -74.67 30.62 -66.87
N LYS I 108 -74.27 29.60 -66.14
CA LYS I 108 -72.87 29.32 -65.87
C LYS I 108 -72.49 27.94 -66.42
N THR I 109 -71.20 27.74 -66.63
CA THR I 109 -70.69 26.45 -67.06
C THR I 109 -70.41 25.56 -65.85
N GLY I 110 -70.48 24.26 -66.07
CA GLY I 110 -70.18 23.32 -65.01
C GLY I 110 -68.69 23.00 -64.92
N THR I 111 -68.04 23.54 -63.90
CA THR I 111 -66.59 23.39 -63.75
C THR I 111 -66.28 22.16 -62.91
N CYS I 112 -65.34 21.35 -63.38
CA CYS I 112 -64.88 20.20 -62.61
C CYS I 112 -64.10 20.67 -61.38
N GLY I 113 -64.32 20.00 -60.26
CA GLY I 113 -63.73 20.45 -59.01
C GLY I 113 -62.23 20.18 -58.93
N TYR I 114 -61.74 19.19 -59.66
CA TYR I 114 -60.34 18.82 -59.58
C TYR I 114 -59.50 19.49 -60.67
N CYS I 115 -59.82 19.22 -61.93
CA CYS I 115 -58.99 19.68 -63.04
C CYS I 115 -59.37 21.07 -63.53
N GLY I 116 -60.54 21.58 -63.15
CA GLY I 116 -60.95 22.91 -63.54
C GLY I 116 -61.52 23.03 -64.93
N LEU I 117 -61.69 21.94 -65.66
CA LEU I 117 -62.32 22.00 -66.96
C LEU I 117 -63.81 22.29 -66.82
N GLN I 118 -64.33 23.11 -67.72
CA GLN I 118 -65.73 23.53 -67.68
C GLN I 118 -66.47 22.94 -68.87
N PHE I 119 -67.64 22.36 -68.61
CA PHE I 119 -68.49 21.80 -69.64
C PHE I 119 -69.80 22.56 -69.67
N ARG I 120 -70.51 22.45 -70.79
CA ARG I 120 -71.72 23.24 -71.00
C ARG I 120 -72.69 22.45 -71.86
N GLN I 121 -73.96 22.41 -71.44
CA GLN I 121 -75.00 21.80 -72.24
C GLN I 121 -75.37 22.71 -73.40
N GLN I 122 -75.61 22.11 -74.57
CA GLN I 122 -75.86 22.90 -75.77
C GLN I 122 -77.29 23.42 -75.85
N HIS I 123 -78.16 23.07 -74.91
CA HIS I 123 -79.51 23.63 -74.86
C HIS I 123 -79.65 24.61 -73.70
N THR J 45 -40.97 -6.99 9.98
CA THR J 45 -41.51 -5.66 9.79
C THR J 45 -41.25 -5.15 8.38
N GLN J 46 -40.02 -4.65 8.16
CA GLN J 46 -39.51 -4.02 6.94
C GLN J 46 -40.52 -3.12 6.25
N LEU J 47 -41.21 -2.28 7.02
CA LEU J 47 -42.10 -1.26 6.48
C LEU J 47 -41.92 0.04 7.27
N ILE J 48 -41.89 1.16 6.56
CA ILE J 48 -41.59 2.46 7.13
C ILE J 48 -42.86 3.29 7.18
N THR J 49 -43.17 3.84 8.36
CA THR J 49 -44.25 4.81 8.49
C THR J 49 -43.82 6.12 7.84
N VAL J 50 -44.44 6.46 6.71
CA VAL J 50 -44.16 7.69 5.98
C VAL J 50 -45.45 8.52 5.97
N ASP J 51 -45.35 9.77 6.43
CA ASP J 51 -46.52 10.63 6.54
C ASP J 51 -46.41 11.93 5.78
N GLU J 52 -45.26 12.24 5.18
CA GLU J 52 -45.09 13.49 4.47
C GLU J 52 -45.82 13.47 3.13
N LYS J 53 -45.96 14.64 2.54
CA LYS J 53 -46.61 14.77 1.24
C LYS J 53 -45.74 14.17 0.14
N LEU J 54 -46.37 13.47 -0.79
CA LEU J 54 -45.64 12.81 -1.87
C LEU J 54 -45.27 13.84 -2.93
N ASP J 55 -43.97 13.88 -3.27
CA ASP J 55 -43.51 14.72 -4.36
C ASP J 55 -42.31 14.05 -5.02
N ILE J 56 -42.21 14.19 -6.33
CA ILE J 56 -41.08 13.68 -7.09
C ILE J 56 -40.56 14.78 -7.99
N THR J 57 -40.73 16.03 -7.58
CA THR J 57 -40.32 17.17 -8.39
C THR J 57 -38.82 17.22 -8.57
N THR J 58 -38.05 16.81 -7.56
CA THR J 58 -36.61 16.83 -7.62
C THR J 58 -36.02 15.66 -8.41
N LEU J 59 -36.85 14.68 -8.77
CA LEU J 59 -36.37 13.53 -9.53
C LEU J 59 -36.73 13.59 -11.01
N THR J 60 -37.78 14.33 -11.38
CA THR J 60 -38.20 14.37 -12.77
C THR J 60 -37.24 15.15 -13.65
N GLY J 61 -36.47 16.09 -13.08
CA GLY J 61 -35.48 16.82 -13.84
C GLY J 61 -36.01 17.99 -14.63
N VAL J 62 -37.30 18.27 -14.55
CA VAL J 62 -37.85 19.45 -15.24
C VAL J 62 -37.42 20.71 -14.50
N PRO J 63 -36.97 21.76 -15.20
CA PRO J 63 -36.54 22.98 -14.52
C PRO J 63 -37.71 23.68 -13.81
N GLU J 64 -37.34 24.57 -12.89
CA GLU J 64 -38.32 25.16 -12.00
C GLU J 64 -39.28 26.09 -12.73
N GLU J 65 -38.83 26.73 -13.80
CA GLU J 65 -39.69 27.68 -14.52
C GLU J 65 -40.84 26.95 -15.20
N HIS J 66 -40.66 25.67 -15.53
CA HIS J 66 -41.73 24.84 -16.05
C HIS J 66 -42.42 24.01 -14.96
N ILE J 67 -42.14 24.29 -13.70
CA ILE J 67 -42.81 23.57 -12.63
C ILE J 67 -43.56 24.48 -11.65
N LYS J 68 -43.25 25.77 -11.57
CA LYS J 68 -44.02 26.66 -10.71
C LYS J 68 -44.69 27.81 -11.44
N THR J 69 -44.35 28.04 -12.71
CA THR J 69 -45.04 29.04 -13.51
C THR J 69 -46.06 28.43 -14.46
N ARG J 70 -46.21 27.11 -14.46
CA ARG J 70 -47.15 26.46 -15.35
C ARG J 70 -48.51 26.30 -14.67
N LYS J 71 -49.46 25.74 -15.41
CA LYS J 71 -50.81 25.56 -14.91
C LYS J 71 -51.45 24.42 -15.69
N ALA J 72 -51.63 23.28 -15.03
CA ALA J 72 -52.25 22.13 -15.67
C ALA J 72 -53.77 22.26 -15.67
N ARG J 73 -54.39 21.69 -16.69
CA ARG J 73 -55.82 21.76 -16.89
C ARG J 73 -56.35 20.34 -17.04
N ILE J 74 -57.22 19.92 -16.12
CA ILE J 74 -57.79 18.58 -16.10
C ILE J 74 -59.24 18.70 -16.51
N PHE J 75 -59.63 17.98 -17.57
CA PHE J 75 -60.93 18.20 -18.16
C PHE J 75 -61.33 16.99 -18.99
N VAL J 76 -62.63 16.77 -19.11
CA VAL J 76 -63.18 15.82 -20.07
C VAL J 76 -63.37 16.57 -21.39
N PRO J 77 -62.73 16.15 -22.48
CA PRO J 77 -62.79 16.93 -23.72
C PRO J 77 -64.19 16.98 -24.30
N ALA J 78 -64.54 18.14 -24.83
CA ALA J 78 -65.88 18.35 -25.38
C ALA J 78 -66.05 17.62 -26.69
N ARG J 79 -67.29 17.24 -26.98
CA ARG J 79 -67.60 16.53 -28.21
C ARG J 79 -67.43 17.45 -29.41
N ASN J 80 -66.81 16.91 -30.46
CA ASN J 80 -66.71 17.63 -31.73
C ASN J 80 -68.10 17.76 -32.33
N ASN J 81 -68.60 18.98 -32.43
CA ASN J 81 -69.97 19.21 -32.86
C ASN J 81 -70.20 18.93 -34.33
N MET J 82 -69.14 18.70 -35.11
CA MET J 82 -69.31 18.25 -36.48
C MET J 82 -69.79 16.80 -36.55
N GLN J 83 -69.69 16.04 -35.47
CA GLN J 83 -70.02 14.63 -35.47
C GLN J 83 -70.90 14.28 -34.28
N SER J 84 -71.63 13.18 -34.41
CA SER J 84 -72.52 12.70 -33.36
C SER J 84 -71.88 11.65 -32.47
N GLY J 85 -70.64 11.24 -32.75
CA GLY J 85 -69.99 10.23 -31.95
C GLY J 85 -69.52 10.75 -30.61
N VAL J 86 -69.60 9.90 -29.60
CA VAL J 86 -69.26 10.29 -28.23
C VAL J 86 -68.15 9.42 -27.65
N ASN J 87 -67.42 8.70 -28.49
CA ASN J 87 -66.36 7.83 -27.98
C ASN J 87 -65.11 8.58 -27.57
N ASN J 88 -64.98 9.85 -27.93
CA ASN J 88 -63.82 10.64 -27.56
C ASN J 88 -64.00 11.39 -26.24
N THR J 89 -65.18 11.32 -25.64
CA THR J 89 -65.47 12.00 -24.38
C THR J 89 -65.54 11.00 -23.22
N LYS J 90 -64.66 10.01 -23.23
CA LYS J 90 -64.68 8.97 -22.22
C LYS J 90 -63.59 9.11 -21.17
N LYS J 91 -62.43 9.64 -21.53
CA LYS J 91 -61.27 9.70 -20.65
C LYS J 91 -60.94 11.14 -20.29
N TRP J 92 -60.49 11.34 -19.05
CA TRP J 92 -60.02 12.65 -18.63
C TRP J 92 -58.69 12.96 -19.30
N LYS J 93 -58.45 14.24 -19.57
CA LYS J 93 -57.21 14.69 -20.17
C LYS J 93 -56.60 15.80 -19.31
N MET J 94 -55.29 15.73 -19.15
CA MET J 94 -54.52 16.82 -18.57
C MET J 94 -53.67 17.46 -19.65
N GLU J 95 -53.81 18.77 -19.80
CA GLU J 95 -53.07 19.55 -20.78
C GLU J 95 -52.44 20.75 -20.07
N PHE J 96 -51.69 21.55 -20.82
CA PHE J 96 -51.00 22.71 -20.28
C PHE J 96 -51.41 23.96 -21.02
N ASP J 97 -51.11 25.12 -20.42
CA ASP J 97 -51.44 26.39 -21.02
C ASP J 97 -50.58 26.66 -22.25
N THR J 98 -51.12 27.46 -23.16
CA THR J 98 -50.48 27.72 -24.44
C THR J 98 -49.59 28.96 -24.32
N ARG J 99 -48.30 28.78 -24.56
CA ARG J 99 -47.34 29.88 -24.53
C ARG J 99 -47.14 30.44 -25.94
N GLU J 100 -46.11 31.26 -26.12
CA GLU J 100 -45.94 32.03 -27.34
C GLU J 100 -45.49 31.15 -28.49
N ARG J 101 -46.10 31.36 -29.66
CA ARG J 101 -45.66 30.80 -30.93
C ARG J 101 -45.40 31.96 -31.88
N TRP J 102 -44.21 31.99 -32.47
CA TRP J 102 -43.86 33.07 -33.38
C TRP J 102 -43.54 32.51 -34.76
N GLU J 103 -43.44 33.42 -35.74
CA GLU J 103 -43.17 33.01 -37.10
C GLU J 103 -41.66 32.92 -37.34
N ASN J 104 -41.27 31.99 -38.17
CA ASN J 104 -39.87 31.82 -38.50
C ASN J 104 -39.43 32.91 -39.48
N PRO J 105 -38.29 33.56 -39.23
CA PRO J 105 -37.80 34.58 -40.18
C PRO J 105 -37.45 34.03 -41.55
N LEU J 106 -36.98 32.78 -41.61
CA LEU J 106 -36.59 32.22 -42.90
C LEU J 106 -37.79 31.67 -43.66
N MET J 107 -38.58 30.81 -43.03
CA MET J 107 -39.56 30.02 -43.74
C MET J 107 -41.00 30.24 -43.28
N GLY J 108 -41.23 31.05 -42.25
CA GLY J 108 -42.58 31.31 -41.81
C GLY J 108 -43.23 30.21 -41.01
N TRP J 109 -42.47 29.21 -40.57
CA TRP J 109 -43.03 28.17 -39.73
C TRP J 109 -43.31 28.70 -38.33
N ALA J 110 -44.09 27.94 -37.57
CA ALA J 110 -44.43 28.32 -36.20
C ALA J 110 -43.38 27.74 -35.27
N SER J 111 -42.49 28.60 -34.79
CA SER J 111 -41.52 28.23 -33.78
C SER J 111 -42.11 28.46 -32.39
N THR J 112 -41.69 27.62 -31.44
CA THR J 112 -42.08 27.79 -30.05
C THR J 112 -40.92 27.41 -29.14
N ALA J 113 -40.99 27.89 -27.90
CA ALA J 113 -39.99 27.58 -26.90
C ALA J 113 -40.54 26.75 -25.76
N ASP J 114 -41.81 26.36 -25.81
CA ASP J 114 -42.40 25.51 -24.79
C ASP J 114 -42.05 24.05 -25.05
N PRO J 115 -41.39 23.37 -24.12
CA PRO J 115 -41.25 21.91 -24.27
C PRO J 115 -42.54 21.16 -24.02
N LEU J 116 -43.43 21.72 -23.21
CA LEU J 116 -44.68 21.05 -22.81
C LEU J 116 -45.85 21.45 -23.70
N SER J 117 -45.58 21.83 -24.95
CA SER J 117 -46.65 22.37 -25.80
C SER J 117 -47.60 21.30 -26.30
N ASN J 118 -47.07 20.15 -26.71
CA ASN J 118 -47.86 19.10 -27.34
C ASN J 118 -48.11 17.93 -26.40
N LEU J 119 -47.89 18.11 -25.10
CA LEU J 119 -47.96 17.01 -24.15
C LEU J 119 -49.32 17.00 -23.46
N VAL J 120 -50.09 15.93 -23.67
CA VAL J 120 -51.34 15.69 -22.97
C VAL J 120 -51.26 14.31 -22.33
N LEU J 121 -52.09 14.11 -21.31
CA LEU J 121 -52.13 12.82 -20.62
C LEU J 121 -53.56 12.37 -20.43
N THR J 122 -53.77 11.06 -20.49
CA THR J 122 -55.08 10.44 -20.39
C THR J 122 -55.21 9.72 -19.06
N PHE J 123 -56.29 10.01 -18.34
CA PHE J 123 -56.57 9.40 -17.05
C PHE J 123 -57.97 8.82 -17.03
N SER J 124 -58.12 7.71 -16.30
CA SER J 124 -59.41 7.02 -16.27
C SER J 124 -60.45 7.77 -15.45
N THR J 125 -60.05 8.32 -14.31
CA THR J 125 -60.94 9.07 -13.45
C THR J 125 -60.33 10.41 -13.11
N LYS J 126 -61.13 11.25 -12.45
CA LYS J 126 -60.68 12.58 -12.04
C LYS J 126 -59.64 12.49 -10.94
N GLU J 127 -59.82 11.56 -10.00
CA GLU J 127 -58.94 11.48 -8.84
C GLU J 127 -57.53 11.08 -9.23
N ASP J 128 -57.39 10.20 -10.21
CA ASP J 128 -56.05 9.82 -10.68
C ASP J 128 -55.34 10.99 -11.31
N ALA J 129 -56.06 11.80 -12.09
CA ALA J 129 -55.46 12.99 -12.69
C ALA J 129 -55.04 13.98 -11.62
N ILE J 130 -55.86 14.16 -10.59
CA ILE J 130 -55.52 15.08 -9.50
C ILE J 130 -54.30 14.58 -8.74
N ALA J 131 -54.23 13.26 -8.49
CA ALA J 131 -53.09 12.69 -7.78
C ALA J 131 -51.80 12.81 -8.60
N PHE J 132 -51.89 12.59 -9.91
CA PHE J 132 -50.71 12.74 -10.77
C PHE J 132 -50.27 14.19 -10.84
N ALA J 133 -51.21 15.14 -10.88
CA ALA J 133 -50.84 16.54 -10.90
C ALA J 133 -50.22 16.98 -9.59
N GLU J 134 -50.75 16.50 -8.47
CA GLU J 134 -50.21 16.89 -7.17
C GLU J 134 -48.88 16.24 -6.89
N LYS J 135 -48.64 15.05 -7.45
CA LYS J 135 -47.38 14.35 -7.24
C LYS J 135 -46.22 15.09 -7.88
N ASN J 136 -46.43 15.66 -9.06
CA ASN J 136 -45.38 16.37 -9.80
C ASN J 136 -45.32 17.85 -9.46
N GLY J 137 -46.14 18.32 -8.51
CA GLY J 137 -46.09 19.72 -8.13
C GLY J 137 -46.58 20.69 -9.17
N TRP J 138 -47.67 20.38 -9.86
CA TRP J 138 -48.29 21.27 -10.82
C TRP J 138 -49.59 21.82 -10.23
N SER J 139 -49.76 23.13 -10.29
CA SER J 139 -51.04 23.74 -9.93
C SER J 139 -52.06 23.46 -11.02
N TYR J 140 -53.23 22.99 -10.63
CA TYR J 140 -54.19 22.42 -11.57
C TYR J 140 -55.55 23.11 -11.45
N ASP J 141 -56.27 23.12 -12.57
CA ASP J 141 -57.67 23.52 -12.59
C ASP J 141 -58.51 22.37 -13.11
N VAL J 142 -59.54 22.00 -12.36
CA VAL J 142 -60.40 20.87 -12.68
C VAL J 142 -61.77 21.41 -13.06
N GLU J 143 -62.23 21.05 -14.25
CA GLU J 143 -63.56 21.41 -14.73
C GLU J 143 -64.39 20.13 -14.88
N GLU J 144 -65.61 20.17 -14.36
CA GLU J 144 -66.43 18.98 -14.20
C GLU J 144 -66.90 18.44 -15.55
N ARG J 145 -67.18 17.15 -15.56
CA ARG J 145 -67.70 16.49 -16.76
C ARG J 145 -69.13 16.90 -17.02
N LYS J 146 -69.43 17.29 -18.24
CA LYS J 146 -70.76 17.69 -18.67
C LYS J 146 -71.37 16.56 -19.48
N VAL J 147 -72.47 16.00 -18.99
CA VAL J 147 -73.14 14.90 -19.67
C VAL J 147 -74.54 15.38 -20.09
N PRO J 148 -75.05 14.96 -21.24
CA PRO J 148 -76.36 15.46 -21.68
C PRO J 148 -77.49 14.82 -20.88
N LYS J 149 -78.46 15.65 -20.51
CA LYS J 149 -79.61 15.16 -19.77
C LYS J 149 -80.51 14.33 -20.68
N PRO J 150 -81.21 13.34 -20.12
CA PRO J 150 -82.12 12.51 -20.93
C PRO J 150 -83.34 13.32 -21.37
N LYS J 151 -83.56 13.39 -22.68
CA LYS J 151 -84.68 14.11 -23.24
C LYS J 151 -85.92 13.24 -23.24
N SER J 152 -87.01 13.76 -23.79
CA SER J 152 -88.26 13.02 -23.94
C SER J 152 -88.63 13.07 -25.43
N LYS J 153 -88.25 12.04 -26.16
CA LYS J 153 -88.46 11.97 -27.60
C LYS J 153 -89.58 10.99 -27.91
N SER J 154 -90.57 11.45 -28.66
CA SER J 154 -91.70 10.62 -29.07
C SER J 154 -92.05 10.94 -30.51
N TYR J 155 -92.34 9.90 -31.29
CA TYR J 155 -92.70 10.09 -32.68
C TYR J 155 -94.12 10.61 -32.84
N GLY J 156 -95.01 10.28 -31.91
CA GLY J 156 -96.39 10.69 -32.04
C GLY J 156 -96.63 12.16 -31.77
N ALA J 157 -95.64 12.85 -31.19
CA ALA J 157 -95.80 14.28 -30.94
C ALA J 157 -95.72 15.10 -32.21
N ASN J 158 -95.18 14.54 -33.30
CA ASN J 158 -95.15 15.25 -34.57
C ASN J 158 -96.53 15.43 -35.15
N PHE J 159 -97.51 14.63 -34.75
CA PHE J 159 -98.86 14.72 -35.27
C PHE J 159 -99.87 14.91 -34.15
N SER J 160 -99.61 15.86 -33.26
CA SER J 160 -100.51 16.12 -32.16
C SER J 160 -101.80 16.78 -32.66
N TRP J 161 -102.84 16.69 -31.84
CA TRP J 161 -104.15 17.21 -32.23
C TRP J 161 -104.37 18.63 -31.77
N ASN J 162 -103.83 19.01 -30.61
CA ASN J 162 -104.05 20.34 -30.08
C ASN J 162 -102.80 20.97 -29.49
N LYS J 163 -101.62 20.47 -29.82
CA LYS J 163 -100.36 20.99 -29.30
C LYS J 163 -99.63 21.76 -30.40
N ARG J 164 -98.65 22.55 -29.97
CA ARG J 164 -97.86 23.34 -30.90
C ARG J 164 -96.74 22.56 -31.56
N THR J 165 -96.53 21.30 -31.17
CA THR J 165 -95.43 20.50 -31.67
C THR J 165 -95.77 19.77 -32.97
N ARG J 166 -96.79 20.21 -33.69
CA ARG J 166 -97.05 19.66 -35.02
C ARG J 166 -95.97 20.09 -35.98
N VAL J 167 -95.42 19.14 -36.72
CA VAL J 167 -94.43 19.47 -37.74
C VAL J 167 -95.13 20.08 -38.94
N SER J 168 -94.47 21.06 -39.55
CA SER J 168 -95.04 21.67 -40.75
C SER J 168 -94.95 20.72 -41.94
N THR J 169 -93.85 19.98 -42.05
CA THR J 169 -93.69 19.00 -43.11
C THR J 169 -92.77 17.89 -42.61
N LYS J 170 -92.87 16.74 -43.26
CA LYS J 170 -92.14 15.56 -42.84
C LYS J 170 -91.25 15.03 -43.98
N LEU K 36 -43.03 51.30 -37.26
CA LEU K 36 -42.13 50.16 -37.09
C LEU K 36 -42.70 48.92 -37.78
N HIS K 37 -41.80 48.15 -38.40
CA HIS K 37 -42.23 47.00 -39.18
C HIS K 37 -42.67 45.85 -38.29
N HIS K 38 -43.50 44.97 -38.85
CA HIS K 38 -44.02 43.83 -38.11
C HIS K 38 -42.97 42.73 -37.93
N ALA K 39 -42.02 42.64 -38.86
CA ALA K 39 -41.00 41.59 -38.81
C ALA K 39 -39.79 41.97 -37.97
N VAL K 40 -39.73 43.19 -37.47
CA VAL K 40 -38.63 43.63 -36.60
C VAL K 40 -39.05 43.67 -35.14
N ILE K 41 -40.31 43.39 -34.85
CA ILE K 41 -40.76 43.28 -33.46
C ILE K 41 -40.13 42.04 -32.83
N PRO K 42 -39.53 42.15 -31.65
CA PRO K 42 -38.89 40.99 -31.02
C PRO K 42 -39.88 39.90 -30.65
N HIS K 43 -39.40 38.66 -30.73
CA HIS K 43 -40.22 37.49 -30.42
C HIS K 43 -39.34 36.43 -29.78
N GLY K 44 -39.97 35.49 -29.10
CA GLY K 44 -39.25 34.39 -28.51
C GLY K 44 -38.66 34.74 -27.16
N LYS K 45 -37.81 33.83 -26.67
CA LYS K 45 -37.19 33.95 -25.36
C LYS K 45 -35.72 34.37 -25.45
N GLY K 46 -35.30 34.94 -26.57
CA GLY K 46 -33.91 35.32 -26.72
C GLY K 46 -32.96 34.16 -26.91
N GLY K 47 -33.42 33.08 -27.51
CA GLY K 47 -32.59 31.94 -27.80
C GLY K 47 -32.00 31.98 -29.18
N ARG K 48 -31.61 30.81 -29.69
CA ARG K 48 -30.99 30.73 -31.01
C ARG K 48 -32.01 30.98 -32.11
N SER K 49 -33.21 30.42 -31.98
CA SER K 49 -34.24 30.53 -33.00
C SER K 49 -35.17 31.71 -32.78
N SER K 50 -34.93 32.52 -31.77
CA SER K 50 -35.78 33.66 -31.48
C SER K 50 -35.51 34.79 -32.48
N VAL K 51 -36.30 35.86 -32.35
CA VAL K 51 -36.13 37.06 -33.17
C VAL K 51 -35.84 38.22 -32.23
N SER K 52 -34.64 38.78 -32.33
CA SER K 52 -34.25 39.89 -31.46
C SER K 52 -34.52 41.25 -32.08
N GLY K 53 -34.96 41.30 -33.33
CA GLY K 53 -35.25 42.57 -33.95
C GLY K 53 -34.05 43.42 -34.27
N ILE K 54 -32.88 42.82 -34.39
CA ILE K 54 -31.64 43.54 -34.67
C ILE K 54 -31.13 43.07 -36.01
N VAL K 55 -31.02 44.00 -36.96
CA VAL K 55 -30.43 43.73 -38.26
C VAL K 55 -29.11 44.48 -38.30
N ALA K 56 -28.01 43.76 -38.16
CA ALA K 56 -26.70 44.36 -37.97
C ALA K 56 -25.80 44.02 -39.15
N THR K 57 -25.09 45.02 -39.66
CA THR K 57 -24.03 44.83 -40.63
C THR K 57 -22.71 45.09 -39.91
N VAL K 58 -21.92 44.04 -39.73
CA VAL K 58 -20.66 44.11 -39.01
C VAL K 58 -19.54 44.06 -40.03
N PHE K 59 -18.71 45.11 -40.08
CA PHE K 59 -17.63 45.19 -41.05
C PHE K 59 -16.34 44.65 -40.45
N GLY K 60 -15.63 43.86 -41.25
CA GLY K 60 -14.45 43.18 -40.75
C GLY K 60 -14.75 42.13 -39.69
N ALA K 61 -15.80 41.33 -39.92
CA ALA K 61 -16.23 40.35 -38.93
C ALA K 61 -15.36 39.10 -38.91
N THR K 62 -14.48 38.92 -39.88
CA THR K 62 -13.61 37.75 -39.94
C THR K 62 -12.30 37.97 -39.20
N GLY K 63 -12.25 38.93 -38.29
CA GLY K 63 -11.03 39.24 -37.59
C GLY K 63 -10.95 38.68 -36.19
N PHE K 64 -10.77 39.55 -35.20
CA PHE K 64 -10.62 39.16 -33.81
C PHE K 64 -11.85 39.50 -32.97
N LEU K 65 -12.28 40.76 -32.98
CA LEU K 65 -13.50 41.12 -32.28
C LEU K 65 -14.74 40.66 -33.03
N GLY K 66 -14.63 40.48 -34.35
CA GLY K 66 -15.78 40.12 -35.16
C GLY K 66 -16.32 38.75 -34.83
N ARG K 67 -15.45 37.80 -34.48
CA ARG K 67 -15.88 36.46 -34.10
C ARG K 67 -16.78 36.52 -32.87
N TYR K 68 -16.33 37.21 -31.83
CA TYR K 68 -17.10 37.31 -30.59
C TYR K 68 -18.37 38.12 -30.79
N LEU K 69 -18.30 39.18 -31.59
CA LEU K 69 -19.50 40.00 -31.80
C LEU K 69 -20.56 39.24 -32.59
N VAL K 70 -20.16 38.52 -33.65
CA VAL K 70 -21.12 37.73 -34.41
C VAL K 70 -21.66 36.58 -33.57
N ASN K 71 -20.82 36.01 -32.70
CA ASN K 71 -21.29 34.94 -31.81
C ASN K 71 -22.33 35.47 -30.82
N HIS K 72 -22.10 36.66 -30.26
CA HIS K 72 -23.06 37.20 -29.31
C HIS K 72 -24.31 37.70 -29.99
N LEU K 73 -24.21 38.16 -31.24
CA LEU K 73 -25.38 38.62 -31.96
C LEU K 73 -26.24 37.45 -32.44
N GLY K 74 -25.60 36.35 -32.85
CA GLY K 74 -26.35 35.22 -33.36
C GLY K 74 -27.03 34.38 -32.31
N ARG K 75 -26.58 34.44 -31.06
CA ARG K 75 -27.18 33.63 -30.01
C ARG K 75 -28.47 34.23 -29.46
N MET K 76 -28.75 35.50 -29.74
CA MET K 76 -30.04 36.08 -29.40
C MET K 76 -31.03 36.06 -30.56
N GLY K 77 -30.62 35.52 -31.70
CA GLY K 77 -31.50 35.48 -32.86
C GLY K 77 -31.57 36.80 -33.58
N SER K 78 -30.45 37.24 -34.15
CA SER K 78 -30.39 38.49 -34.88
C SER K 78 -30.00 38.22 -36.33
N GLN K 79 -30.50 39.06 -37.23
CA GLN K 79 -30.11 39.00 -38.63
C GLN K 79 -28.76 39.69 -38.77
N VAL K 80 -27.73 38.92 -39.10
CA VAL K 80 -26.36 39.42 -39.18
C VAL K 80 -25.90 39.36 -40.63
N ILE K 81 -25.40 40.49 -41.13
CA ILE K 81 -24.87 40.59 -42.48
C ILE K 81 -23.35 40.70 -42.37
N VAL K 82 -22.65 39.78 -43.02
CA VAL K 82 -21.19 39.76 -43.01
C VAL K 82 -20.67 40.06 -44.40
N PRO K 83 -20.15 41.27 -44.64
CA PRO K 83 -19.40 41.53 -45.87
C PRO K 83 -17.94 41.14 -45.66
N TYR K 84 -17.44 40.28 -46.53
CA TYR K 84 -16.12 39.71 -46.40
C TYR K 84 -15.28 39.99 -47.63
N ARG K 85 -14.01 40.30 -47.40
CA ARG K 85 -13.03 40.50 -48.47
C ARG K 85 -12.20 39.26 -48.74
N CYS K 86 -12.01 38.41 -47.74
CA CYS K 86 -11.11 37.27 -47.84
C CYS K 86 -11.82 36.08 -48.47
N GLU K 87 -11.22 34.90 -48.35
CA GLU K 87 -11.82 33.67 -48.80
C GLU K 87 -13.06 33.34 -47.97
N PRO K 88 -14.07 32.70 -48.57
CA PRO K 88 -15.15 32.11 -47.77
C PRO K 88 -14.68 31.03 -46.81
N TYR K 89 -13.55 30.39 -47.12
CA TYR K 89 -12.98 29.41 -46.22
C TYR K 89 -12.58 30.03 -44.88
N ASP K 90 -12.23 31.31 -44.89
CA ASP K 90 -12.01 32.02 -43.64
C ASP K 90 -13.31 32.43 -42.96
N THR K 91 -14.43 32.42 -43.67
CA THR K 91 -15.74 32.65 -43.08
C THR K 91 -16.41 31.36 -42.64
N MET K 92 -15.76 30.23 -42.89
CA MET K 92 -16.29 28.94 -42.46
C MET K 92 -16.49 28.90 -40.95
N HIS K 93 -15.55 29.44 -40.18
CA HIS K 93 -15.68 29.43 -38.74
C HIS K 93 -16.82 30.33 -38.27
N LEU K 94 -17.13 31.38 -39.02
CA LEU K 94 -18.28 32.22 -38.71
C LEU K 94 -19.60 31.58 -39.08
N ARG K 95 -19.57 30.61 -39.99
CA ARG K 95 -20.83 29.99 -40.45
C ARG K 95 -21.69 29.36 -39.35
N PRO K 96 -21.20 28.54 -38.43
CA PRO K 96 -22.11 27.90 -37.46
C PRO K 96 -22.48 28.76 -36.28
N MET K 97 -22.27 30.07 -36.33
CA MET K 97 -22.47 30.94 -35.18
C MET K 97 -23.91 31.40 -35.01
N GLY K 98 -24.78 31.11 -35.97
CA GLY K 98 -26.16 31.55 -35.89
C GLY K 98 -27.07 30.58 -36.60
N ASP K 99 -28.37 30.89 -36.58
CA ASP K 99 -29.40 29.98 -37.08
C ASP K 99 -29.46 30.03 -38.60
N LEU K 100 -30.45 29.36 -39.17
CA LEU K 100 -30.58 29.26 -40.62
C LEU K 100 -31.07 30.58 -41.20
N GLY K 101 -30.32 31.10 -42.17
CA GLY K 101 -30.70 32.34 -42.83
C GLY K 101 -30.49 33.59 -42.02
N GLN K 102 -29.82 33.49 -40.86
CA GLN K 102 -29.58 34.66 -40.04
C GLN K 102 -28.25 35.34 -40.33
N ILE K 103 -27.32 34.64 -40.98
CA ILE K 103 -26.04 35.22 -41.38
C ILE K 103 -26.01 35.22 -42.91
N ILE K 104 -25.83 36.40 -43.48
CA ILE K 104 -25.81 36.58 -44.93
C ILE K 104 -24.41 37.06 -45.30
N PHE K 105 -23.67 36.23 -46.03
CA PHE K 105 -22.32 36.58 -46.46
C PHE K 105 -22.36 37.22 -47.84
N MET K 106 -21.66 38.34 -48.00
CA MET K 106 -21.50 38.90 -49.34
C MET K 106 -20.19 39.65 -49.45
N ASP K 107 -19.76 39.83 -50.70
CA ASP K 107 -18.48 40.45 -51.01
C ASP K 107 -18.57 41.97 -50.96
N TRP K 108 -17.45 42.60 -50.63
CA TRP K 108 -17.37 44.05 -50.57
C TRP K 108 -15.93 44.48 -50.74
N ASN K 109 -15.76 45.74 -51.11
CA ASN K 109 -14.44 46.34 -51.26
C ASN K 109 -14.39 47.63 -50.47
N GLY K 110 -13.20 47.97 -49.96
CA GLY K 110 -13.07 49.17 -49.16
C GLY K 110 -13.13 50.44 -49.98
N ARG K 111 -12.78 50.37 -51.26
CA ARG K 111 -12.77 51.54 -52.14
C ARG K 111 -13.93 51.53 -53.11
N ASP K 112 -15.05 50.91 -52.73
CA ASP K 112 -16.20 50.77 -53.63
C ASP K 112 -17.39 51.11 -52.74
N LYS K 113 -17.91 52.33 -52.87
CA LYS K 113 -19.02 52.76 -52.05
C LYS K 113 -20.32 52.05 -52.42
N ASP K 114 -20.42 51.57 -53.67
CA ASP K 114 -21.64 50.90 -54.10
C ASP K 114 -21.82 49.55 -53.41
N SER K 115 -20.72 48.85 -53.14
CA SER K 115 -20.80 47.60 -52.39
C SER K 115 -21.27 47.85 -50.96
N ILE K 116 -20.81 48.94 -50.35
CA ILE K 116 -21.26 49.27 -49.00
C ILE K 116 -22.73 49.67 -49.03
N ARG K 117 -23.16 50.38 -50.08
CA ARG K 117 -24.57 50.73 -50.23
C ARG K 117 -25.42 49.48 -50.39
N ARG K 118 -24.88 48.47 -51.08
CA ARG K 118 -25.56 47.19 -51.18
C ARG K 118 -25.64 46.49 -49.82
N ALA K 119 -24.60 46.62 -49.02
CA ALA K 119 -24.54 45.89 -47.75
C ALA K 119 -25.42 46.51 -46.67
N VAL K 120 -25.52 47.84 -46.62
CA VAL K 120 -26.17 48.51 -45.49
C VAL K 120 -27.56 49.04 -45.83
N GLU K 121 -28.09 48.73 -47.01
CA GLU K 121 -29.38 49.28 -47.42
C GLU K 121 -30.54 48.68 -46.65
N HIS K 122 -30.38 47.50 -46.06
CA HIS K 122 -31.46 46.86 -45.31
C HIS K 122 -31.18 46.75 -43.82
N SER K 123 -29.96 47.07 -43.38
CA SER K 123 -29.62 46.97 -41.97
C SER K 123 -30.20 48.14 -41.19
N ASN K 124 -30.28 47.97 -39.87
CA ASN K 124 -30.65 49.05 -38.98
C ASN K 124 -29.57 49.40 -37.97
N VAL K 125 -28.58 48.53 -37.77
CA VAL K 125 -27.39 48.85 -36.99
C VAL K 125 -26.18 48.53 -37.84
N VAL K 126 -25.21 49.44 -37.87
CA VAL K 126 -23.95 49.24 -38.57
C VAL K 126 -22.83 49.31 -37.53
N ILE K 127 -21.94 48.31 -37.55
CA ILE K 127 -20.82 48.23 -36.63
C ILE K 127 -19.53 48.22 -37.44
N ASN K 128 -18.59 49.09 -37.09
CA ASN K 128 -17.36 49.28 -37.83
C ASN K 128 -16.18 48.83 -36.97
N LEU K 129 -15.56 47.72 -37.38
CA LEU K 129 -14.41 47.12 -36.73
C LEU K 129 -13.25 46.97 -37.69
N VAL K 130 -13.20 47.77 -38.75
CA VAL K 130 -12.16 47.62 -39.77
C VAL K 130 -10.86 48.21 -39.26
N GLY K 131 -9.80 47.42 -39.31
CA GLY K 131 -8.50 47.89 -38.85
C GLY K 131 -7.44 46.90 -39.23
N ARG K 132 -6.19 47.32 -39.08
CA ARG K 132 -5.06 46.45 -39.37
C ARG K 132 -3.84 46.97 -38.61
N GLU K 133 -3.08 46.03 -38.04
CA GLU K 133 -1.93 46.38 -37.20
C GLU K 133 -0.74 46.88 -37.99
N TRP K 134 -0.75 46.75 -39.32
CA TRP K 134 0.36 47.17 -40.16
C TRP K 134 -0.18 47.69 -41.48
N GLU K 135 0.65 48.43 -42.19
CA GLU K 135 0.31 48.95 -43.50
C GLU K 135 0.96 48.08 -44.57
N THR K 136 0.19 47.70 -45.57
CA THR K 136 0.64 46.80 -46.62
C THR K 136 0.82 47.57 -47.93
N LYS K 137 1.16 46.83 -48.99
CA LYS K 137 1.46 47.42 -50.28
C LYS K 137 0.23 48.04 -50.94
N ASN K 138 -0.97 47.65 -50.52
CA ASN K 138 -2.20 48.17 -51.11
C ASN K 138 -2.90 49.19 -50.22
N PHE K 139 -2.94 48.95 -48.92
CA PHE K 139 -3.62 49.82 -47.97
C PHE K 139 -2.62 50.34 -46.95
N ASP K 140 -2.60 51.65 -46.76
CA ASP K 140 -1.82 52.27 -45.72
C ASP K 140 -2.71 52.44 -44.48
N PHE K 141 -2.20 53.14 -43.46
CA PHE K 141 -3.01 53.36 -42.26
C PHE K 141 -4.14 54.35 -42.53
N GLU K 142 -3.92 55.30 -43.43
CA GLU K 142 -4.95 56.27 -43.76
C GLU K 142 -6.15 55.61 -44.45
N ASP K 143 -5.91 54.61 -45.28
CA ASP K 143 -7.02 53.94 -45.95
C ASP K 143 -7.88 53.15 -44.98
N VAL K 144 -7.25 52.34 -44.13
CA VAL K 144 -8.03 51.49 -43.22
C VAL K 144 -8.52 52.22 -41.98
N PHE K 145 -8.02 53.43 -41.71
CA PHE K 145 -8.40 54.12 -40.49
C PHE K 145 -9.16 55.42 -40.72
N VAL K 146 -9.11 55.99 -41.93
CA VAL K 146 -9.77 57.26 -42.22
C VAL K 146 -10.75 57.12 -43.38
N LYS K 147 -10.30 56.55 -44.50
CA LYS K 147 -11.11 56.55 -45.72
C LYS K 147 -12.29 55.61 -45.61
N ILE K 148 -12.03 54.35 -45.27
CA ILE K 148 -13.08 53.32 -45.18
C ILE K 148 -14.11 53.64 -44.09
N PRO K 149 -13.73 54.01 -42.85
CA PRO K 149 -14.78 54.41 -41.89
C PRO K 149 -15.61 55.61 -42.32
N GLN K 150 -14.99 56.59 -42.97
CA GLN K 150 -15.75 57.75 -43.44
C GLN K 150 -16.72 57.35 -44.55
N ALA K 151 -16.28 56.49 -45.47
CA ALA K 151 -17.16 56.02 -46.53
C ALA K 151 -18.32 55.20 -45.97
N ILE K 152 -18.03 54.32 -45.00
CA ILE K 152 -19.07 53.49 -44.39
C ILE K 152 -20.09 54.35 -43.65
N ALA K 153 -19.61 55.33 -42.88
CA ALA K 153 -20.51 56.19 -42.13
C ALA K 153 -21.33 57.08 -43.06
N GLN K 154 -20.73 57.56 -44.15
CA GLN K 154 -21.46 58.39 -45.11
C GLN K 154 -22.56 57.59 -45.81
N VAL K 155 -22.26 56.37 -46.24
CA VAL K 155 -23.30 55.60 -46.91
C VAL K 155 -24.29 55.00 -45.93
N SER K 156 -23.97 54.92 -44.65
CA SER K 156 -24.96 54.53 -43.66
C SER K 156 -25.90 55.69 -43.35
N LYS K 157 -25.37 56.91 -43.30
CA LYS K 157 -26.22 58.08 -43.14
C LYS K 157 -27.12 58.28 -44.35
N GLU K 158 -26.59 58.05 -45.55
CA GLU K 158 -27.39 58.20 -46.76
C GLU K 158 -28.44 57.12 -46.91
N ALA K 159 -28.25 55.95 -46.28
CA ALA K 159 -29.22 54.87 -46.34
C ALA K 159 -30.21 54.88 -45.19
N GLY K 160 -30.11 55.85 -44.29
CA GLY K 160 -31.06 55.95 -43.20
C GLY K 160 -30.87 54.96 -42.08
N VAL K 161 -29.65 54.55 -41.81
CA VAL K 161 -29.38 53.68 -40.68
C VAL K 161 -29.41 54.50 -39.39
N GLU K 162 -30.20 54.06 -38.42
CA GLU K 162 -30.37 54.82 -37.20
C GLU K 162 -29.13 54.74 -36.31
N LYS K 163 -28.56 53.55 -36.15
CA LYS K 163 -27.48 53.31 -35.21
C LYS K 163 -26.20 52.97 -35.95
N PHE K 164 -25.15 53.76 -35.72
CA PHE K 164 -23.84 53.51 -36.30
C PHE K 164 -22.83 53.50 -35.15
N ILE K 165 -21.95 52.50 -35.14
CA ILE K 165 -20.99 52.31 -34.08
C ILE K 165 -19.60 52.18 -34.71
N HIS K 166 -18.64 52.95 -34.19
CA HIS K 166 -17.26 52.94 -34.68
C HIS K 166 -16.33 52.54 -33.56
N ILE K 167 -15.39 51.63 -33.83
CA ILE K 167 -14.46 51.18 -32.81
C ILE K 167 -13.12 51.87 -33.05
N SER K 168 -12.81 52.86 -32.22
CA SER K 168 -11.54 53.58 -32.25
C SER K 168 -10.57 52.96 -31.24
N HIS K 169 -9.50 53.68 -30.92
CA HIS K 169 -8.57 53.28 -29.87
C HIS K 169 -8.62 54.29 -28.73
N LEU K 170 -8.30 53.81 -27.52
CA LEU K 170 -8.36 54.69 -26.35
C LEU K 170 -7.30 55.77 -26.39
N ASN K 171 -6.08 55.43 -26.81
CA ASN K 171 -4.97 56.36 -26.84
C ASN K 171 -4.85 57.11 -28.15
N ALA K 172 -5.96 57.32 -28.85
CA ALA K 172 -5.94 58.00 -30.13
C ALA K 172 -5.57 59.46 -29.91
N ASP K 173 -4.39 59.86 -30.39
CA ASP K 173 -3.89 61.21 -30.22
C ASP K 173 -3.43 61.76 -31.55
N ILE K 174 -3.72 63.04 -31.78
CA ILE K 174 -3.26 63.70 -32.99
C ILE K 174 -1.75 63.96 -32.95
N LYS K 175 -1.18 64.03 -31.75
CA LYS K 175 0.27 64.25 -31.58
C LYS K 175 1.01 62.99 -31.19
N SER K 176 0.41 61.82 -31.42
CA SER K 176 1.05 60.56 -31.05
C SER K 176 2.24 60.27 -31.96
N SER K 177 3.15 59.43 -31.45
CA SER K 177 4.36 59.12 -32.20
C SER K 177 4.08 58.23 -33.40
N SER K 178 3.31 57.16 -33.19
CA SER K 178 3.06 56.18 -34.25
C SER K 178 1.89 56.62 -35.13
N LYS K 179 1.91 56.15 -36.37
CA LYS K 179 0.86 56.49 -37.33
C LYS K 179 -0.48 55.85 -36.98
N TYR K 180 -0.45 54.76 -36.20
CA TYR K 180 -1.67 54.06 -35.81
C TYR K 180 -2.61 54.99 -35.05
N LEU K 181 -2.10 55.61 -33.99
CA LEU K 181 -2.97 56.42 -33.13
C LEU K 181 -3.33 57.75 -33.80
N ARG K 182 -2.43 58.31 -34.60
CA ARG K 182 -2.74 59.53 -35.35
C ARG K 182 -3.87 59.29 -36.33
N ASN K 183 -3.76 58.21 -37.12
CA ASN K 183 -4.81 57.90 -38.08
C ASN K 183 -6.11 57.52 -37.40
N LYS K 184 -6.05 56.84 -36.25
CA LYS K 184 -7.27 56.50 -35.54
C LYS K 184 -7.97 57.74 -35.01
N ALA K 185 -7.20 58.71 -34.50
CA ALA K 185 -7.81 59.95 -34.03
C ALA K 185 -8.44 60.73 -35.17
N VAL K 186 -7.75 60.81 -36.32
CA VAL K 186 -8.29 61.53 -37.47
C VAL K 186 -9.56 60.86 -37.99
N GLY K 187 -9.55 59.53 -38.07
CA GLY K 187 -10.73 58.82 -38.54
C GLY K 187 -11.90 58.91 -37.57
N GLU K 188 -11.62 58.90 -36.28
CA GLU K 188 -12.68 59.08 -35.29
C GLU K 188 -13.31 60.45 -35.41
N LYS K 189 -12.49 61.49 -35.61
CA LYS K 189 -13.02 62.83 -35.81
C LYS K 189 -13.86 62.91 -37.10
N GLU K 190 -13.39 62.26 -38.17
CA GLU K 190 -14.15 62.27 -39.42
C GLU K 190 -15.49 61.56 -39.27
N VAL K 191 -15.51 60.43 -38.57
CA VAL K 191 -16.75 59.69 -38.34
C VAL K 191 -17.71 60.52 -37.50
N ARG K 192 -17.21 61.17 -36.45
CA ARG K 192 -18.07 62.00 -35.60
C ARG K 192 -18.61 63.19 -36.37
N GLU K 193 -17.80 63.79 -37.25
CA GLU K 193 -18.26 64.94 -38.02
C GLU K 193 -19.18 64.56 -39.16
N THR K 194 -19.16 63.30 -39.63
CA THR K 194 -20.03 62.90 -40.72
C THR K 194 -21.25 62.10 -40.25
N PHE K 195 -21.27 61.65 -39.00
CA PHE K 195 -22.40 60.95 -38.43
C PHE K 195 -22.60 61.50 -37.02
N PRO K 196 -23.47 62.51 -36.87
CA PRO K 196 -23.64 63.14 -35.55
C PRO K 196 -24.25 62.23 -34.50
N GLU K 197 -24.89 61.13 -34.89
CA GLU K 197 -25.49 60.20 -33.95
C GLU K 197 -24.69 58.91 -33.83
N ALA K 198 -23.40 58.94 -34.17
CA ALA K 198 -22.58 57.75 -34.11
C ALA K 198 -22.04 57.52 -32.70
N THR K 199 -21.99 56.26 -32.29
CA THR K 199 -21.44 55.87 -31.00
C THR K 199 -20.01 55.38 -31.22
N ILE K 200 -19.06 56.04 -30.56
CA ILE K 200 -17.64 55.72 -30.72
C ILE K 200 -17.17 55.02 -29.46
N ILE K 201 -16.61 53.82 -29.63
CA ILE K 201 -16.15 53.00 -28.52
C ILE K 201 -14.63 52.92 -28.59
N LYS K 202 -13.96 53.25 -27.49
CA LYS K 202 -12.50 53.33 -27.44
C LYS K 202 -11.95 52.33 -26.44
N PRO K 203 -11.65 51.11 -26.87
CA PRO K 203 -11.02 50.14 -25.97
C PRO K 203 -9.55 50.44 -25.74
N ALA K 204 -9.05 49.99 -24.60
CA ALA K 204 -7.65 50.22 -24.27
C ALA K 204 -6.75 49.19 -24.94
N ASP K 205 -6.89 47.92 -24.54
CA ASP K 205 -6.11 46.83 -25.10
C ASP K 205 -6.86 45.54 -24.80
N ILE K 206 -7.06 44.72 -25.82
CA ILE K 206 -7.88 43.52 -25.70
C ILE K 206 -6.98 42.33 -25.48
N PHE K 207 -7.30 41.50 -24.50
CA PHE K 207 -6.64 40.21 -24.32
C PHE K 207 -7.68 39.11 -24.42
N GLY K 208 -7.33 38.04 -25.12
CA GLY K 208 -8.26 36.96 -25.36
C GLY K 208 -7.53 35.75 -25.89
N ARG K 209 -8.32 34.76 -26.32
CA ARG K 209 -7.73 33.51 -26.80
C ARG K 209 -6.94 33.71 -28.09
N GLU K 210 -7.46 34.51 -29.01
CA GLU K 210 -6.82 34.76 -30.29
C GLU K 210 -6.34 36.20 -30.39
N ASP K 211 -5.83 36.75 -29.30
CA ASP K 211 -5.41 38.13 -29.28
C ASP K 211 -4.01 38.27 -29.88
N ARG K 212 -3.53 39.51 -29.91
CA ARG K 212 -2.15 39.80 -30.30
C ARG K 212 -1.50 40.68 -29.26
N PHE K 213 -1.93 40.57 -28.00
CA PHE K 213 -1.37 41.33 -26.90
C PHE K 213 -0.66 40.42 -25.90
N LEU K 214 -1.36 39.44 -25.33
CA LEU K 214 -0.70 38.47 -24.48
C LEU K 214 0.05 37.42 -25.29
N ASN K 215 -0.47 37.06 -26.47
CA ASN K 215 0.21 36.13 -27.34
C ASN K 215 1.53 36.69 -27.86
N TYR K 216 1.58 38.00 -28.12
CA TYR K 216 2.81 38.65 -28.54
C TYR K 216 3.88 38.52 -27.46
N PHE K 217 3.52 38.79 -26.20
CA PHE K 217 4.46 38.68 -25.11
C PHE K 217 4.87 37.24 -24.86
N ALA K 218 3.93 36.30 -25.00
CA ALA K 218 4.26 34.90 -24.79
C ALA K 218 5.03 34.28 -25.96
N ASN K 219 5.04 34.93 -27.12
CA ASN K 219 5.81 34.44 -28.25
C ASN K 219 7.13 35.17 -28.44
N ILE K 220 7.34 36.29 -27.77
CA ILE K 220 8.61 37.01 -27.86
C ILE K 220 9.77 36.18 -27.27
N ARG K 221 9.45 35.25 -26.36
CA ARG K 221 10.46 34.40 -25.72
C ARG K 221 11.28 33.57 -26.69
N TRP K 222 10.79 33.34 -27.91
CA TRP K 222 11.57 32.61 -28.91
C TRP K 222 12.85 33.36 -29.27
N PHE K 223 12.77 34.68 -29.37
CA PHE K 223 13.86 35.48 -29.91
C PHE K 223 14.89 35.89 -28.87
N GLY K 224 14.69 35.53 -27.60
CA GLY K 224 15.67 35.92 -26.59
C GLY K 224 15.10 36.10 -25.19
N GLY K 225 15.31 37.28 -24.63
CA GLY K 225 14.94 37.54 -23.25
C GLY K 225 14.04 38.73 -23.01
N VAL K 226 13.04 38.95 -23.86
CA VAL K 226 12.01 39.98 -23.72
C VAL K 226 12.59 41.38 -23.46
N PRO K 227 13.15 42.02 -24.48
CA PRO K 227 13.63 43.39 -24.31
C PRO K 227 12.48 44.37 -24.11
N LEU K 228 12.76 45.38 -23.30
CA LEU K 228 11.81 46.46 -23.04
C LEU K 228 12.51 47.80 -23.15
N ILE K 229 11.73 48.87 -23.05
CA ILE K 229 12.25 50.22 -23.04
C ILE K 229 12.24 50.72 -21.60
N SER K 230 13.43 51.08 -21.10
CA SER K 230 13.62 51.55 -19.72
C SER K 230 13.08 50.54 -18.71
N LEU K 231 13.35 49.25 -18.98
CA LEU K 231 12.91 48.08 -18.23
C LEU K 231 11.40 47.93 -18.18
N GLY K 232 10.66 48.70 -18.97
CA GLY K 232 9.21 48.62 -18.98
C GLY K 232 8.56 49.02 -17.67
N LYS K 233 9.15 49.95 -16.93
CA LYS K 233 8.57 50.44 -15.70
C LYS K 233 8.26 51.93 -15.77
N LYS K 234 8.06 52.45 -16.98
CA LYS K 234 7.60 53.82 -17.18
C LYS K 234 6.26 53.88 -17.89
N THR K 235 5.71 52.75 -18.32
CA THR K 235 4.45 52.70 -19.05
C THR K 235 3.43 51.91 -18.25
N VAL K 236 2.18 52.38 -18.27
CA VAL K 236 1.09 51.78 -17.52
C VAL K 236 0.04 51.28 -18.52
N LYS K 237 -0.41 50.04 -18.34
CA LYS K 237 -1.43 49.44 -19.18
C LYS K 237 -2.60 48.98 -18.33
N GLN K 238 -3.81 49.08 -18.89
CA GLN K 238 -5.01 48.52 -18.28
C GLN K 238 -5.76 47.75 -19.36
N PRO K 239 -5.42 46.48 -19.57
CA PRO K 239 -6.10 45.68 -20.60
C PRO K 239 -7.51 45.29 -20.18
N VAL K 240 -8.34 45.03 -21.19
CA VAL K 240 -9.75 44.72 -20.99
C VAL K 240 -10.06 43.39 -21.70
N TYR K 241 -10.89 42.57 -21.06
CA TYR K 241 -11.27 41.28 -21.63
C TYR K 241 -12.17 41.46 -22.85
N ILE K 242 -12.06 40.50 -23.79
CA ILE K 242 -12.77 40.59 -25.06
C ILE K 242 -14.27 40.41 -24.87
N VAL K 243 -14.67 39.50 -23.97
CA VAL K 243 -16.09 39.22 -23.75
C VAL K 243 -16.79 40.44 -23.15
N ASP K 244 -16.10 41.16 -22.27
CA ASP K 244 -16.67 42.37 -21.69
C ASP K 244 -16.84 43.46 -22.74
N VAL K 245 -15.90 43.56 -23.68
CA VAL K 245 -16.02 44.51 -24.78
C VAL K 245 -17.22 44.15 -25.66
N THR K 246 -17.40 42.85 -25.93
CA THR K 246 -18.53 42.40 -26.72
C THR K 246 -19.85 42.69 -26.02
N LYS K 247 -19.91 42.45 -24.71
CA LYS K 247 -21.13 42.75 -23.95
C LYS K 247 -21.41 44.25 -23.94
N GLY K 248 -20.37 45.07 -23.83
CA GLY K 248 -20.56 46.51 -23.91
C GLY K 248 -21.06 46.96 -25.26
N ILE K 249 -20.57 46.34 -26.33
CA ILE K 249 -21.06 46.67 -27.67
C ILE K 249 -22.52 46.29 -27.82
N ILE K 250 -22.90 45.11 -27.35
CA ILE K 250 -24.29 44.66 -27.44
C ILE K 250 -25.21 45.57 -26.63
N ASN K 251 -24.79 45.94 -25.42
CA ASN K 251 -25.59 46.83 -24.60
C ASN K 251 -25.67 48.23 -25.20
N ALA K 252 -24.61 48.69 -25.87
CA ALA K 252 -24.67 49.97 -26.56
C ALA K 252 -25.60 49.92 -27.76
N ILE K 253 -25.71 48.75 -28.40
CA ILE K 253 -26.70 48.57 -29.45
C ILE K 253 -28.11 48.67 -28.86
N LYS K 254 -28.34 48.00 -27.73
CA LYS K 254 -29.68 48.00 -27.15
C LYS K 254 -30.04 49.32 -26.48
N ASP K 255 -29.07 49.99 -25.87
CA ASP K 255 -29.36 51.19 -25.09
C ASP K 255 -29.69 52.36 -26.00
N PRO K 256 -30.84 53.02 -25.83
CA PRO K 256 -31.13 54.20 -26.66
C PRO K 256 -30.33 55.43 -26.26
N ASP K 257 -29.77 55.47 -25.06
CA ASP K 257 -29.03 56.63 -24.60
C ASP K 257 -27.55 56.60 -24.97
N ALA K 258 -27.10 55.55 -25.65
CA ALA K 258 -25.72 55.49 -26.11
C ALA K 258 -25.50 56.17 -27.45
N ARG K 259 -26.56 56.73 -28.04
CA ARG K 259 -26.43 57.41 -29.33
C ARG K 259 -25.76 58.75 -29.13
N GLY K 260 -24.60 58.94 -29.75
CA GLY K 260 -23.85 60.16 -29.60
C GLY K 260 -22.83 60.16 -28.49
N LYS K 261 -22.78 59.12 -27.66
CA LYS K 261 -21.79 59.03 -26.60
C LYS K 261 -20.44 58.62 -27.17
N THR K 262 -19.41 58.75 -26.33
CA THR K 262 -18.05 58.31 -26.67
C THR K 262 -17.50 57.57 -25.46
N PHE K 263 -17.64 56.25 -25.46
CA PHE K 263 -17.26 55.45 -24.32
C PHE K 263 -15.76 55.17 -24.34
N ALA K 264 -15.25 54.73 -23.18
CA ALA K 264 -13.85 54.35 -23.01
C ALA K 264 -13.82 53.04 -22.22
N PHE K 265 -13.60 51.95 -22.94
CA PHE K 265 -13.64 50.61 -22.34
C PHE K 265 -12.24 50.26 -21.84
N VAL K 266 -12.07 50.25 -20.52
CA VAL K 266 -10.79 49.94 -19.91
C VAL K 266 -11.00 48.89 -18.83
N GLY K 267 -9.92 48.19 -18.49
CA GLY K 267 -9.99 47.12 -17.52
C GLY K 267 -10.07 47.65 -16.11
N PRO K 268 -10.30 46.74 -15.17
CA PRO K 268 -10.48 47.14 -13.77
C PRO K 268 -9.19 47.40 -13.02
N ASN K 269 -8.04 47.05 -13.57
CA ASN K 269 -6.78 47.20 -12.86
C ASN K 269 -5.73 47.79 -13.81
N ARG K 270 -4.80 48.55 -13.24
CA ARG K 270 -3.70 49.15 -13.97
C ARG K 270 -2.39 48.49 -13.55
N TYR K 271 -1.62 48.04 -14.53
CA TYR K 271 -0.33 47.42 -14.27
C TYR K 271 0.76 48.17 -15.01
N LEU K 272 1.95 48.21 -14.43
CA LEU K 272 3.11 48.60 -15.20
C LEU K 272 3.45 47.50 -16.19
N LEU K 273 4.24 47.85 -17.21
CA LEU K 273 4.53 46.87 -18.25
C LEU K 273 5.45 45.76 -17.76
N PHE K 274 6.38 46.09 -16.86
CA PHE K 274 7.39 45.13 -16.42
C PHE K 274 6.76 43.96 -15.66
N ASP K 275 5.95 44.26 -14.64
CA ASP K 275 5.31 43.18 -13.91
C ASP K 275 4.15 42.55 -14.69
N LEU K 276 3.62 43.23 -15.70
CA LEU K 276 2.64 42.59 -16.58
C LEU K 276 3.30 41.49 -17.40
N VAL K 277 4.45 41.79 -18.02
CA VAL K 277 5.18 40.76 -18.75
C VAL K 277 5.68 39.68 -17.79
N GLN K 278 6.05 40.08 -16.57
CA GLN K 278 6.46 39.10 -15.57
C GLN K 278 5.33 38.14 -15.22
N TYR K 279 4.11 38.65 -15.06
CA TYR K 279 2.97 37.80 -14.79
C TYR K 279 2.63 36.91 -15.98
N VAL K 280 2.80 37.43 -17.19
CA VAL K 280 2.57 36.62 -18.39
C VAL K 280 3.54 35.45 -18.45
N PHE K 281 4.82 35.71 -18.17
CA PHE K 281 5.80 34.63 -18.20
C PHE K 281 5.66 33.70 -17.01
N ALA K 282 5.19 34.21 -15.87
CA ALA K 282 4.95 33.34 -14.72
C ALA K 282 3.75 32.42 -14.95
N VAL K 283 2.74 32.91 -15.67
CA VAL K 283 1.62 32.06 -16.05
C VAL K 283 2.09 30.98 -17.01
N ALA K 284 2.88 31.37 -18.01
CA ALA K 284 3.39 30.40 -18.98
C ALA K 284 4.49 29.52 -18.42
N HIS K 285 4.97 29.80 -17.21
CA HIS K 285 6.02 29.04 -16.53
C HIS K 285 7.31 28.96 -17.35
N ARG K 286 7.63 30.05 -18.00
CA ARG K 286 8.76 30.29 -18.87
C ARG K 286 9.83 31.09 -18.14
N PRO K 287 11.11 30.87 -18.46
CA PRO K 287 12.17 31.65 -17.81
C PRO K 287 12.14 33.11 -18.22
N PHE K 288 12.18 33.99 -17.24
CA PHE K 288 11.96 35.42 -17.42
C PHE K 288 13.27 36.16 -17.10
N LEU K 289 13.95 36.62 -18.16
CA LEU K 289 15.24 37.32 -18.02
C LEU K 289 15.20 38.63 -18.79
N PRO K 290 14.54 39.65 -18.27
CA PRO K 290 14.43 40.92 -19.00
C PRO K 290 15.74 41.67 -19.07
N TYR K 291 15.90 42.47 -20.11
CA TYR K 291 17.06 43.32 -20.30
C TYR K 291 16.63 44.62 -20.98
N PRO K 292 17.26 45.74 -20.65
CA PRO K 292 16.86 47.02 -21.24
C PRO K 292 17.27 47.12 -22.70
N MET K 293 16.55 47.95 -23.44
CA MET K 293 16.88 48.25 -24.82
C MET K 293 16.60 49.73 -25.04
N PRO K 294 17.51 50.46 -25.70
CA PRO K 294 17.25 51.88 -26.00
C PRO K 294 16.13 52.03 -27.01
N HIS K 295 15.54 53.23 -27.02
CA HIS K 295 14.42 53.50 -27.91
C HIS K 295 14.85 53.51 -29.38
N PHE K 296 16.04 54.05 -29.66
CA PHE K 296 16.50 54.05 -31.04
C PHE K 296 16.93 52.66 -31.50
N ALA K 297 17.34 51.80 -30.57
CA ALA K 297 17.74 50.45 -30.93
C ALA K 297 16.52 49.57 -31.19
N TYR K 298 15.42 49.85 -30.51
CA TYR K 298 14.22 49.04 -30.69
C TYR K 298 13.54 49.34 -32.02
N ARG K 299 13.62 50.60 -32.48
CA ARG K 299 13.00 50.98 -33.75
C ARG K 299 13.69 50.28 -34.91
N TRP K 300 15.02 50.15 -34.85
CA TRP K 300 15.75 49.43 -35.89
C TRP K 300 15.40 47.95 -35.89
N ILE K 301 15.12 47.37 -34.72
CA ILE K 301 14.67 45.99 -34.65
C ILE K 301 13.29 45.85 -35.27
N GLY K 302 12.40 46.80 -34.99
CA GLY K 302 11.08 46.76 -35.61
C GLY K 302 11.11 47.01 -37.11
N ARG K 303 12.14 47.72 -37.58
CA ARG K 303 12.31 47.90 -39.03
C ARG K 303 12.65 46.60 -39.71
N LEU K 304 13.46 45.75 -39.05
CA LEU K 304 13.89 44.49 -39.66
C LEU K 304 12.73 43.50 -39.77
N PHE K 305 11.85 43.46 -38.77
CA PHE K 305 10.77 42.50 -38.77
C PHE K 305 9.64 42.85 -39.73
N GLU K 306 9.51 44.12 -40.13
CA GLU K 306 8.35 44.57 -40.88
C GLU K 306 8.58 44.59 -42.39
N ILE K 307 9.68 44.02 -42.86
CA ILE K 307 9.89 43.90 -44.31
C ILE K 307 9.36 42.60 -44.87
N SER K 308 8.77 41.74 -44.04
CA SER K 308 8.29 40.45 -44.51
C SER K 308 7.04 40.62 -45.36
N PRO K 309 6.96 39.95 -46.52
CA PRO K 309 5.75 40.05 -47.35
C PRO K 309 4.51 39.44 -46.69
N PHE K 310 4.69 38.54 -45.73
CA PHE K 310 3.57 37.99 -44.98
C PHE K 310 3.22 38.95 -43.85
N GLU K 311 2.44 38.50 -42.89
CA GLU K 311 2.15 39.34 -41.72
C GLU K 311 3.41 39.50 -40.89
N PRO K 312 3.83 40.72 -40.59
CA PRO K 312 5.06 40.91 -39.82
C PRO K 312 4.87 40.54 -38.36
N TRP K 313 5.92 39.97 -37.77
CA TRP K 313 5.87 39.59 -36.37
C TRP K 313 5.76 40.81 -35.47
N THR K 314 6.49 41.87 -35.79
CA THR K 314 6.40 43.14 -35.08
C THR K 314 6.80 44.25 -36.02
N THR K 315 6.49 45.48 -35.61
CA THR K 315 6.81 46.66 -36.40
C THR K 315 7.07 47.82 -35.44
N ARG K 316 7.53 48.94 -36.00
CA ARG K 316 7.80 50.11 -35.17
C ARG K 316 6.52 50.68 -34.57
N ASP K 317 5.41 50.60 -35.29
CA ASP K 317 4.15 51.06 -34.74
C ASP K 317 3.69 50.20 -33.57
N LYS K 318 3.85 48.88 -33.69
CA LYS K 318 3.57 47.99 -32.58
C LYS K 318 4.50 48.25 -31.40
N VAL K 319 5.75 48.60 -31.69
CA VAL K 319 6.72 48.94 -30.65
C VAL K 319 6.28 50.19 -29.89
N GLU K 320 5.87 51.23 -30.63
CA GLU K 320 5.49 52.48 -29.99
C GLU K 320 4.17 52.34 -29.24
N ARG K 321 3.26 51.50 -29.74
CA ARG K 321 2.01 51.29 -29.01
C ARG K 321 2.19 50.38 -27.81
N ILE K 322 3.16 49.48 -27.84
CA ILE K 322 3.41 48.60 -26.70
C ILE K 322 3.95 49.41 -25.52
N HIS K 323 4.80 50.40 -25.81
CA HIS K 323 5.43 51.21 -24.77
C HIS K 323 4.78 52.58 -24.65
N THR K 324 3.47 52.65 -24.78
CA THR K 324 2.70 53.89 -24.62
C THR K 324 1.76 53.73 -23.44
N THR K 325 1.82 54.68 -22.50
CA THR K 325 0.97 54.62 -21.33
C THR K 325 -0.48 54.88 -21.71
N ASP K 326 -1.38 54.06 -21.16
CA ASP K 326 -2.80 54.22 -21.42
C ASP K 326 -3.33 55.41 -20.64
N ARG K 327 -3.87 56.40 -21.36
CA ARG K 327 -4.35 57.61 -20.72
C ARG K 327 -5.64 57.36 -19.94
N THR K 328 -5.89 58.23 -18.97
CA THR K 328 -7.10 58.17 -18.16
C THR K 328 -8.04 59.29 -18.58
N LEU K 329 -9.29 58.93 -18.87
CA LEU K 329 -10.33 59.86 -19.29
C LEU K 329 -11.53 59.69 -18.38
N PRO K 330 -11.50 60.32 -17.19
CA PRO K 330 -12.64 60.17 -16.26
C PRO K 330 -13.93 60.77 -16.77
N HIS K 331 -13.86 61.74 -17.68
CA HIS K 331 -15.05 62.40 -18.21
C HIS K 331 -15.82 61.54 -19.20
N LEU K 332 -15.26 60.41 -19.63
CA LEU K 332 -16.01 59.56 -20.55
C LEU K 332 -16.62 58.37 -19.81
N PRO K 333 -17.83 57.97 -20.18
CA PRO K 333 -18.44 56.79 -19.55
C PRO K 333 -17.69 55.51 -19.92
N GLY K 334 -17.73 54.54 -19.01
CA GLY K 334 -17.01 53.30 -19.22
C GLY K 334 -17.92 52.08 -19.26
N LEU K 335 -17.36 50.89 -19.02
CA LEU K 335 -18.13 49.67 -19.04
C LEU K 335 -19.14 49.59 -17.89
N GLU K 336 -18.92 50.34 -16.81
CA GLU K 336 -19.83 50.30 -15.69
C GLU K 336 -21.13 51.03 -15.99
N ASP K 337 -21.09 52.00 -16.91
CA ASP K 337 -22.29 52.72 -17.32
C ASP K 337 -23.17 51.91 -18.26
N LEU K 338 -22.66 50.82 -18.83
CA LEU K 338 -23.43 49.93 -19.69
C LEU K 338 -23.80 48.65 -18.98
N GLY K 339 -23.60 48.57 -17.67
CA GLY K 339 -23.99 47.39 -16.92
C GLY K 339 -23.08 46.20 -17.08
N VAL K 340 -21.85 46.39 -17.53
CA VAL K 340 -20.89 45.32 -17.73
C VAL K 340 -19.86 45.40 -16.61
N GLN K 341 -19.74 44.32 -15.84
CA GLN K 341 -18.77 44.26 -14.76
C GLN K 341 -17.43 43.80 -15.32
N ALA K 342 -16.39 44.59 -15.11
CA ALA K 342 -15.08 44.29 -15.67
C ALA K 342 -14.47 43.08 -14.96
N THR K 343 -13.97 42.12 -15.76
CA THR K 343 -13.29 40.95 -15.22
C THR K 343 -11.79 41.13 -15.27
N PRO K 344 -11.08 40.89 -14.17
CA PRO K 344 -9.64 41.14 -14.15
C PRO K 344 -8.87 40.10 -14.95
N LEU K 345 -7.61 40.44 -15.22
CA LEU K 345 -6.73 39.59 -16.02
C LEU K 345 -6.38 38.28 -15.32
N GLU K 346 -6.51 38.23 -13.98
CA GLU K 346 -6.08 37.05 -13.24
C GLU K 346 -6.99 35.85 -13.45
N LEU K 347 -8.24 36.06 -13.88
CA LEU K 347 -9.17 34.97 -14.09
C LEU K 347 -9.16 34.45 -15.52
N LYS K 348 -8.54 35.16 -16.46
CA LYS K 348 -8.53 34.76 -17.86
C LYS K 348 -7.13 34.60 -18.44
N ALA K 349 -6.08 35.00 -17.73
CA ALA K 349 -4.73 34.91 -18.27
C ALA K 349 -4.30 33.48 -18.50
N ILE K 350 -4.69 32.58 -17.60
CA ILE K 350 -4.37 31.17 -17.76
C ILE K 350 -5.11 30.58 -18.97
N GLU K 351 -6.36 30.99 -19.17
CA GLU K 351 -7.11 30.56 -20.34
C GLU K 351 -6.45 31.03 -21.63
N VAL K 352 -5.90 32.25 -21.61
CA VAL K 352 -5.23 32.78 -22.78
C VAL K 352 -3.91 32.05 -23.02
N LEU K 353 -3.12 31.83 -21.97
CA LEU K 353 -1.72 31.47 -22.11
C LEU K 353 -1.41 30.03 -21.72
N ARG K 354 -2.41 29.16 -21.58
CA ARG K 354 -2.12 27.78 -21.24
C ARG K 354 -1.49 27.03 -22.41
N ARG K 355 -1.76 27.46 -23.64
CA ARG K 355 -1.20 26.80 -24.80
C ARG K 355 0.28 27.11 -25.01
N HIS K 356 0.85 28.04 -24.24
CA HIS K 356 2.24 28.41 -24.35
C HIS K 356 3.14 27.70 -23.35
N ARG K 357 2.59 26.80 -22.54
CA ARG K 357 3.38 26.06 -21.57
C ARG K 357 3.93 24.78 -22.20
N THR K 358 4.94 24.20 -21.55
CA THR K 358 5.48 22.93 -21.98
C THR K 358 4.68 21.80 -21.33
N TYR K 359 5.13 20.56 -21.52
CA TYR K 359 4.40 19.43 -20.94
C TYR K 359 4.54 19.39 -19.43
N ARG K 360 5.65 19.90 -18.90
CA ARG K 360 5.89 19.86 -17.46
C ARG K 360 4.88 20.69 -16.69
N TRP K 361 4.49 21.85 -17.21
CA TRP K 361 3.64 22.78 -16.47
C TRP K 361 2.26 22.93 -17.10
N LEU K 362 1.80 21.90 -17.82
CA LEU K 362 0.53 22.04 -18.53
C LEU K 362 -0.67 21.99 -17.59
N SER K 363 -0.57 21.27 -16.47
CA SER K 363 -1.71 21.03 -15.60
C SER K 363 -1.65 21.82 -14.29
N SER K 364 -0.93 22.94 -14.28
CA SER K 364 -0.89 23.76 -13.08
C SER K 364 -2.20 24.52 -12.91
N GLU K 365 -2.57 24.76 -11.65
CA GLU K 365 -3.91 25.23 -11.31
C GLU K 365 -4.00 26.75 -11.45
N ILE K 366 -5.10 27.30 -10.93
CA ILE K 366 -5.34 28.74 -11.00
C ILE K 366 -4.37 29.49 -10.09
N GLU K 367 -4.24 29.03 -8.86
CA GLU K 367 -3.76 29.86 -7.76
C GLU K 367 -2.26 29.75 -7.50
N ASP K 368 -1.56 28.86 -8.17
CA ASP K 368 -0.13 28.70 -7.91
C ASP K 368 0.71 29.61 -8.81
N VAL K 369 0.30 30.86 -8.90
CA VAL K 369 1.01 31.93 -9.59
C VAL K 369 0.77 33.19 -8.78
N GLN K 370 1.84 33.86 -8.37
CA GLN K 370 1.70 35.08 -7.59
C GLN K 370 1.10 36.17 -8.47
N PRO K 371 -0.01 36.79 -8.07
CA PRO K 371 -0.68 37.78 -8.93
C PRO K 371 0.16 39.04 -9.08
N ALA K 372 -0.15 39.79 -10.15
CA ALA K 372 0.60 40.99 -10.48
C ALA K 372 0.33 42.09 -9.47
N LYS K 373 1.25 43.06 -9.45
CA LYS K 373 1.15 44.19 -8.54
C LYS K 373 0.65 45.42 -9.29
N THR K 374 -0.43 46.01 -8.80
CA THR K 374 -1.06 47.13 -9.46
C THR K 374 -0.41 48.44 -9.01
N VAL K 375 -0.99 49.56 -9.42
CA VAL K 375 -0.51 50.88 -9.00
C VAL K 375 -1.53 51.55 -8.09
N LEU L 14 -58.58 59.57 4.81
CA LEU L 14 -59.48 60.70 5.04
C LEU L 14 -60.80 60.16 5.60
N GLY L 15 -61.58 59.49 4.75
CA GLY L 15 -62.90 59.02 5.14
C GLY L 15 -63.25 57.74 4.43
N LEU L 16 -64.48 57.29 4.67
CA LEU L 16 -64.97 56.04 4.12
C LEU L 16 -65.54 56.25 2.73
N ARG L 17 -65.21 55.34 1.81
CA ARG L 17 -65.67 55.41 0.44
C ARG L 17 -66.72 54.35 0.09
N GLU L 18 -66.55 53.11 0.54
CA GLU L 18 -67.51 52.07 0.25
C GLU L 18 -67.45 51.01 1.33
N ILE L 19 -68.54 50.25 1.45
CA ILE L 19 -68.66 49.15 2.40
C ILE L 19 -69.03 47.91 1.63
N ARG L 20 -68.38 46.79 1.92
CA ARG L 20 -68.71 45.51 1.31
C ARG L 20 -69.06 44.52 2.40
N ILE L 21 -70.21 43.86 2.28
CA ILE L 21 -70.67 42.86 3.23
C ILE L 21 -70.80 41.54 2.49
N HIS L 22 -69.95 40.58 2.81
CA HIS L 22 -70.01 39.25 2.23
C HIS L 22 -70.64 38.29 3.22
N LEU L 23 -71.50 37.41 2.72
CA LEU L 23 -72.18 36.46 3.58
C LEU L 23 -72.63 35.27 2.76
N CYS L 24 -73.24 34.30 3.43
CA CYS L 24 -73.80 33.12 2.80
C CYS L 24 -75.31 33.08 3.04
N GLN L 25 -76.01 32.32 2.19
CA GLN L 25 -77.45 32.22 2.29
C GLN L 25 -77.91 31.01 3.10
N ARG L 26 -77.09 29.96 3.20
CA ARG L 26 -77.50 28.73 3.86
C ARG L 26 -76.75 28.45 5.16
N SER L 27 -75.59 29.04 5.37
CA SER L 27 -74.81 28.73 6.55
C SER L 27 -75.44 29.37 7.79
N PRO L 28 -75.34 28.72 8.96
CA PRO L 28 -75.81 29.36 10.20
C PRO L 28 -74.88 30.43 10.73
N GLY L 29 -73.65 30.52 10.22
CA GLY L 29 -72.76 31.59 10.64
C GLY L 29 -73.16 32.94 10.11
N SER L 30 -73.87 32.96 8.98
CA SER L 30 -74.36 34.19 8.37
C SER L 30 -75.78 34.52 8.80
N GLN L 31 -76.30 33.84 9.83
CA GLN L 31 -77.67 34.03 10.27
C GLN L 31 -77.91 35.44 10.76
N GLY L 32 -76.99 35.95 11.59
CA GLY L 32 -77.15 37.29 12.13
C GLY L 32 -77.03 38.36 11.07
N VAL L 33 -76.13 38.16 10.10
CA VAL L 33 -75.98 39.14 9.02
C VAL L 33 -77.22 39.15 8.13
N ARG L 34 -77.79 37.97 7.86
CA ARG L 34 -79.02 37.89 7.08
C ARG L 34 -80.17 38.57 7.79
N ASP L 35 -80.29 38.36 9.11
CA ASP L 35 -81.31 39.05 9.88
C ASP L 35 -81.10 40.55 9.87
N PHE L 36 -79.85 41.00 10.03
CA PHE L 36 -79.57 42.44 10.04
C PHE L 36 -79.95 43.07 8.72
N ILE L 37 -79.61 42.40 7.60
CA ILE L 37 -79.96 42.93 6.29
C ILE L 37 -81.48 43.04 6.16
N GLU L 38 -82.17 41.91 6.35
CA GLU L 38 -83.61 41.86 6.08
C GLU L 38 -84.41 42.77 7.02
N LYS L 39 -83.89 43.07 8.20
CA LYS L 39 -84.57 44.07 9.03
C LYS L 39 -84.16 45.50 8.67
N ARG L 40 -82.87 45.82 8.81
CA ARG L 40 -82.45 47.21 8.93
C ARG L 40 -81.68 47.76 7.73
N TYR L 41 -81.56 47.00 6.63
CA TYR L 41 -80.76 47.51 5.51
C TYR L 41 -81.42 48.71 4.84
N VAL L 42 -82.75 48.75 4.79
CA VAL L 42 -83.43 49.83 4.07
C VAL L 42 -83.21 51.17 4.78
N GLU L 43 -83.38 51.20 6.11
CA GLU L 43 -83.13 52.44 6.83
C GLU L 43 -81.64 52.74 6.94
N LEU L 44 -80.77 51.73 6.87
CA LEU L 44 -79.34 52.01 6.74
C LEU L 44 -79.05 52.73 5.43
N LYS L 45 -79.66 52.28 4.34
CA LYS L 45 -79.46 52.92 3.04
C LYS L 45 -80.07 54.31 3.00
N LYS L 46 -81.20 54.50 3.68
CA LYS L 46 -81.77 55.84 3.79
C LYS L 46 -80.89 56.75 4.63
N ALA L 47 -80.17 56.19 5.61
CA ALA L 47 -79.24 57.00 6.40
C ALA L 47 -78.05 57.45 5.56
N ASN L 48 -77.57 56.59 4.66
CA ASN L 48 -76.38 56.86 3.85
C ASN L 48 -76.74 56.65 2.38
N PRO L 49 -77.33 57.66 1.74
CA PRO L 49 -77.81 57.46 0.36
C PRO L 49 -76.73 57.48 -0.70
N ASP L 50 -75.58 58.10 -0.43
CA ASP L 50 -74.49 58.19 -1.40
C ASP L 50 -73.35 57.23 -1.10
N LEU L 51 -73.50 56.34 -0.13
CA LEU L 51 -72.44 55.43 0.25
C LEU L 51 -72.72 54.06 -0.33
N PRO L 52 -71.89 53.55 -1.24
CA PRO L 52 -72.15 52.21 -1.79
C PRO L 52 -71.90 51.09 -0.79
N ILE L 53 -72.99 50.42 -0.40
CA ILE L 53 -72.94 49.29 0.52
C ILE L 53 -73.26 48.01 -0.26
N LEU L 54 -72.23 47.36 -0.78
CA LEU L 54 -72.42 46.23 -1.67
C LEU L 54 -72.62 44.96 -0.86
N ILE L 55 -73.77 44.32 -1.05
CA ILE L 55 -74.10 43.05 -0.40
C ILE L 55 -73.77 41.93 -1.38
N ARG L 56 -72.99 40.95 -0.92
CA ARG L 56 -72.56 39.84 -1.78
C ARG L 56 -72.84 38.52 -1.08
N GLU L 57 -73.75 37.75 -1.66
CA GLU L 57 -74.06 36.41 -1.18
C GLU L 57 -73.20 35.39 -1.91
N CYS L 58 -72.82 34.35 -1.19
CA CYS L 58 -72.01 33.28 -1.76
C CYS L 58 -72.40 31.97 -1.11
N SER L 59 -71.72 30.89 -1.51
CA SER L 59 -72.11 29.56 -1.10
C SER L 59 -71.41 29.10 0.17
N ASP L 60 -70.09 29.16 0.22
CA ASP L 60 -69.30 28.61 1.32
C ASP L 60 -68.26 29.62 1.77
N VAL L 61 -68.69 30.85 2.03
CA VAL L 61 -67.78 31.87 2.55
C VAL L 61 -68.18 32.22 3.98
N GLN L 62 -67.25 32.80 4.68
CA GLN L 62 -67.39 33.29 6.03
C GLN L 62 -68.00 34.69 6.03
N PRO L 63 -68.81 35.03 7.03
CA PRO L 63 -69.37 36.39 7.11
C PRO L 63 -68.26 37.38 7.42
N LYS L 64 -68.06 38.34 6.52
CA LYS L 64 -66.93 39.23 6.57
C LYS L 64 -67.38 40.63 6.19
N LEU L 65 -66.71 41.64 6.75
CA LEU L 65 -67.05 43.04 6.50
C LEU L 65 -65.81 43.77 5.99
N TRP L 66 -65.95 44.43 4.86
CA TRP L 66 -64.86 45.12 4.20
C TRP L 66 -65.18 46.61 4.13
N ALA L 67 -64.22 47.44 4.53
CA ALA L 67 -64.37 48.88 4.43
C ALA L 67 -63.23 49.45 3.61
N ARG L 68 -63.56 50.26 2.61
CA ARG L 68 -62.57 50.94 1.80
C ARG L 68 -62.48 52.39 2.24
N TYR L 69 -61.26 52.85 2.50
CA TYR L 69 -61.02 54.21 2.93
C TYR L 69 -60.31 54.98 1.82
N ALA L 70 -59.94 56.21 2.13
CA ALA L 70 -59.28 57.04 1.13
C ALA L 70 -57.88 56.52 0.83
N PHE L 71 -57.47 56.70 -0.44
CA PHE L 71 -56.18 56.25 -0.96
C PHE L 71 -56.00 54.74 -0.86
N GLY L 72 -57.10 53.99 -0.89
CA GLY L 72 -57.05 52.56 -1.03
C GLY L 72 -56.85 51.77 0.25
N GLN L 73 -56.89 52.40 1.42
CA GLN L 73 -56.79 51.66 2.67
C GLN L 73 -58.05 50.85 2.90
N GLU L 74 -57.88 49.55 3.17
CA GLU L 74 -58.99 48.64 3.38
C GLU L 74 -58.88 48.00 4.76
N LYS L 75 -60.02 47.85 5.43
CA LYS L 75 -60.08 47.27 6.75
C LYS L 75 -61.06 46.11 6.76
N ASN L 76 -60.77 45.13 7.59
CA ASN L 76 -61.50 43.87 7.65
C ASN L 76 -62.07 43.67 9.04
N VAL L 77 -63.32 43.20 9.10
CA VAL L 77 -63.97 42.86 10.36
C VAL L 77 -64.58 41.47 10.22
N SER L 78 -64.24 40.58 11.14
CA SER L 78 -64.84 39.25 11.16
C SER L 78 -66.27 39.34 11.67
N LEU L 79 -67.18 38.66 10.98
CA LEU L 79 -68.59 38.66 11.35
C LEU L 79 -69.12 37.26 11.65
N ASN L 80 -68.23 36.33 12.00
CA ASN L 80 -68.64 34.94 12.17
C ASN L 80 -69.38 34.73 13.48
N ASN L 81 -70.47 33.97 13.40
CA ASN L 81 -71.30 33.60 14.55
C ASN L 81 -71.81 34.83 15.30
N PHE L 82 -72.17 35.86 14.56
CA PHE L 82 -72.68 37.10 15.14
C PHE L 82 -74.20 37.09 15.14
N SER L 83 -74.77 37.77 16.12
CA SER L 83 -76.17 38.10 16.08
C SER L 83 -76.33 39.43 15.35
N ALA L 84 -77.58 39.83 15.11
CA ALA L 84 -77.82 41.03 14.31
C ALA L 84 -77.37 42.29 15.03
N ASP L 85 -77.52 42.30 16.35
CA ASP L 85 -77.14 43.49 17.12
C ASP L 85 -75.62 43.70 17.14
N GLN L 86 -74.86 42.61 17.23
CA GLN L 86 -73.40 42.72 17.12
C GLN L 86 -73.00 43.25 15.75
N VAL L 87 -73.70 42.81 14.71
CA VAL L 87 -73.44 43.27 13.35
C VAL L 87 -73.70 44.76 13.23
N THR L 88 -74.79 45.26 13.81
CA THR L 88 -75.04 46.68 13.62
C THR L 88 -74.22 47.59 14.54
N ARG L 89 -73.83 47.17 15.75
CA ARG L 89 -72.72 47.90 16.40
C ARG L 89 -71.42 47.88 15.59
N ALA L 90 -71.08 46.76 14.96
CA ALA L 90 -69.87 46.76 14.12
C ALA L 90 -70.00 47.75 12.96
N LEU L 91 -71.18 47.82 12.36
CA LEU L 91 -71.37 48.68 11.20
C LEU L 91 -71.43 50.15 11.59
N GLU L 92 -72.06 50.50 12.72
CA GLU L 92 -71.97 51.87 13.18
C GLU L 92 -70.56 52.24 13.62
N ASN L 93 -69.80 51.28 14.15
CA ASN L 93 -68.40 51.54 14.48
C ASN L 93 -67.60 51.90 13.24
N VAL L 94 -67.76 51.14 12.16
CA VAL L 94 -66.98 51.42 10.96
C VAL L 94 -67.52 52.64 10.22
N LEU L 95 -68.80 52.98 10.44
CA LEU L 95 -69.35 54.20 9.86
C LEU L 95 -68.85 55.44 10.58
N SER L 96 -68.73 55.38 11.90
CA SER L 96 -68.30 56.52 12.68
C SER L 96 -66.78 56.63 12.80
N SER L 97 -66.04 55.61 12.38
CA SER L 97 -64.57 55.69 12.47
C SER L 97 -64.03 56.66 11.43
N LYS L 98 -64.23 56.34 10.15
CA LYS L 98 -63.74 57.13 9.01
C LYS L 98 -62.23 57.37 9.09
N ALA L 99 -61.49 56.30 9.38
CA ALA L 99 -60.04 56.39 9.43
C ALA L 99 -59.40 55.17 8.78
N LEU M 4 -21.68 -47.24 -24.24
CA LEU M 4 -21.17 -46.89 -25.56
C LEU M 4 -19.93 -46.00 -25.44
N LEU M 5 -19.85 -45.27 -24.33
CA LEU M 5 -18.77 -44.32 -24.03
C LEU M 5 -18.65 -43.27 -25.13
N LYS M 6 -19.70 -42.44 -25.21
CA LYS M 6 -19.74 -41.35 -26.18
C LYS M 6 -18.58 -40.40 -25.95
N LYS M 7 -17.95 -39.98 -27.06
CA LYS M 7 -16.75 -39.16 -26.97
C LYS M 7 -17.04 -37.77 -26.45
N THR M 8 -17.87 -37.02 -27.18
CA THR M 8 -18.29 -35.68 -26.78
C THR M 8 -19.80 -35.64 -26.62
N THR M 9 -20.28 -34.75 -25.76
CA THR M 9 -21.71 -34.56 -25.62
C THR M 9 -22.29 -33.63 -26.67
N GLY M 10 -21.44 -32.91 -27.40
CA GLY M 10 -21.88 -31.98 -28.41
C GLY M 10 -22.04 -30.55 -27.95
N LEU M 11 -22.14 -30.31 -26.64
CA LEU M 11 -22.29 -28.97 -26.09
C LEU M 11 -20.99 -28.54 -25.43
N VAL M 12 -20.62 -27.29 -25.64
CA VAL M 12 -19.40 -26.75 -25.08
C VAL M 12 -19.60 -26.52 -23.59
N GLY M 13 -18.65 -26.99 -22.79
CA GLY M 13 -18.71 -26.80 -21.35
C GLY M 13 -19.47 -27.86 -20.59
N LEU M 14 -20.02 -28.85 -21.26
CA LEU M 14 -20.75 -29.93 -20.61
C LEU M 14 -19.87 -31.17 -20.63
N ALA M 15 -19.36 -31.54 -19.45
CA ALA M 15 -18.46 -32.69 -19.36
C ALA M 15 -19.23 -33.99 -19.53
N VAL M 16 -18.62 -34.94 -20.25
CA VAL M 16 -19.25 -36.23 -20.46
C VAL M 16 -19.18 -37.05 -19.18
N CYS M 17 -20.30 -37.66 -18.80
CA CYS M 17 -20.40 -38.43 -17.56
C CYS M 17 -20.11 -39.90 -17.85
N GLU M 18 -19.23 -40.49 -17.05
CA GLU M 18 -18.89 -41.89 -17.23
C GLU M 18 -20.00 -42.80 -16.73
N THR M 19 -20.62 -42.46 -15.61
CA THR M 19 -21.66 -43.30 -14.99
C THR M 19 -22.94 -42.50 -14.85
N PRO M 20 -23.86 -42.60 -15.82
CA PRO M 20 -25.09 -41.81 -15.75
C PRO M 20 -26.14 -42.36 -14.81
N HIS M 21 -26.28 -43.69 -14.74
CA HIS M 21 -27.37 -44.29 -13.99
C HIS M 21 -27.21 -44.07 -12.49
N GLU M 22 -25.99 -44.27 -11.98
CA GLU M 22 -25.72 -44.05 -10.57
C GLU M 22 -25.93 -42.60 -10.18
N ARG M 23 -25.45 -41.67 -11.01
CA ARG M 23 -25.62 -40.25 -10.75
C ARG M 23 -27.08 -39.86 -10.74
N LEU M 24 -27.86 -40.38 -11.69
CA LEU M 24 -29.28 -40.03 -11.79
C LEU M 24 -30.06 -40.58 -10.61
N LYS M 25 -29.77 -41.82 -10.20
CA LYS M 25 -30.45 -42.40 -9.03
C LYS M 25 -30.10 -41.64 -7.76
N ILE M 26 -28.83 -41.24 -7.61
CA ILE M 26 -28.41 -40.48 -6.45
C ILE M 26 -29.12 -39.13 -6.40
N LEU M 27 -29.19 -38.45 -7.54
CA LEU M 27 -29.83 -37.13 -7.58
C LEU M 27 -31.33 -37.23 -7.33
N TYR M 28 -31.99 -38.25 -7.88
CA TYR M 28 -33.42 -38.40 -7.66
C TYR M 28 -33.73 -38.75 -6.21
N THR M 29 -32.92 -39.60 -5.59
CA THR M 29 -33.11 -39.91 -4.17
C THR M 29 -32.84 -38.68 -3.30
N LYS M 30 -31.86 -37.86 -3.67
CA LYS M 30 -31.61 -36.62 -2.95
C LYS M 30 -32.78 -35.66 -3.07
N ILE M 31 -33.39 -35.56 -4.27
CA ILE M 31 -34.53 -34.68 -4.47
C ILE M 31 -35.72 -35.15 -3.65
N LEU M 32 -35.95 -36.47 -3.63
CA LEU M 32 -37.05 -37.02 -2.83
C LEU M 32 -36.82 -36.79 -1.34
N ASP M 33 -35.58 -36.94 -0.88
CA ASP M 33 -35.25 -36.69 0.52
C ASP M 33 -35.45 -35.23 0.90
N VAL M 34 -35.13 -34.31 -0.01
CA VAL M 34 -35.33 -32.90 0.27
C VAL M 34 -36.82 -32.57 0.28
N LEU M 35 -37.58 -33.12 -0.68
CA LEU M 35 -39.02 -32.90 -0.73
C LEU M 35 -39.76 -33.54 0.43
N GLY M 36 -39.13 -34.47 1.14
CA GLY M 36 -39.75 -35.03 2.33
C GLY M 36 -39.96 -34.05 3.47
N HIS M 37 -39.37 -32.85 3.39
CA HIS M 37 -39.52 -31.84 4.44
C HIS M 37 -40.60 -30.80 4.13
N ILE M 38 -40.98 -30.63 2.87
CA ILE M 38 -42.08 -29.72 2.51
C ILE M 38 -43.40 -30.32 2.99
N PRO M 39 -44.32 -29.52 3.54
CA PRO M 39 -45.61 -30.08 3.98
C PRO M 39 -46.41 -30.64 2.82
N LYS M 40 -47.23 -31.64 3.13
CA LYS M 40 -47.96 -32.37 2.10
C LYS M 40 -49.04 -31.55 1.41
N ASN M 41 -49.54 -30.50 2.06
CA ASN M 41 -50.62 -29.72 1.47
C ASN M 41 -50.16 -28.92 0.26
N ALA M 42 -48.87 -28.65 0.14
CA ALA M 42 -48.36 -27.88 -0.99
C ALA M 42 -48.42 -28.72 -2.25
N ALA M 43 -48.96 -28.12 -3.32
CA ALA M 43 -49.04 -28.81 -4.60
C ALA M 43 -47.68 -28.97 -5.25
N TYR M 44 -46.71 -28.12 -4.89
CA TYR M 44 -45.37 -28.24 -5.45
C TYR M 44 -44.73 -29.56 -5.05
N ARG M 45 -44.89 -29.98 -3.80
CA ARG M 45 -44.35 -31.26 -3.37
C ARG M 45 -45.00 -32.41 -4.11
N LYS M 46 -46.33 -32.36 -4.28
CA LYS M 46 -47.05 -33.42 -4.98
C LYS M 46 -46.56 -33.55 -6.41
N TYR M 47 -46.49 -32.43 -7.13
CA TYR M 47 -46.11 -32.46 -8.53
C TYR M 47 -44.65 -32.88 -8.72
N THR M 48 -43.75 -32.32 -7.91
CA THR M 48 -42.33 -32.66 -8.07
C THR M 48 -42.06 -34.09 -7.66
N GLU M 49 -42.71 -34.57 -6.59
CA GLU M 49 -42.55 -35.95 -6.17
C GLU M 49 -43.08 -36.91 -7.24
N GLN M 50 -44.20 -36.57 -7.86
CA GLN M 50 -44.74 -37.41 -8.94
C GLN M 50 -43.79 -37.49 -10.13
N ILE M 51 -43.31 -36.34 -10.61
CA ILE M 51 -42.49 -36.35 -11.82
C ILE M 51 -41.13 -36.99 -11.54
N THR M 52 -40.56 -36.76 -10.36
CA THR M 52 -39.28 -37.39 -10.06
C THR M 52 -39.44 -38.87 -9.79
N ASN M 53 -40.60 -39.32 -9.31
CA ASN M 53 -40.84 -40.75 -9.15
C ASN M 53 -40.96 -41.44 -10.50
N GLU M 54 -41.65 -40.81 -11.44
CA GLU M 54 -41.76 -41.41 -12.77
C GLU M 54 -40.40 -41.42 -13.48
N LYS M 55 -39.58 -40.37 -13.29
CA LYS M 55 -38.27 -40.35 -13.92
C LYS M 55 -37.34 -41.37 -13.28
N LEU M 56 -37.44 -41.56 -11.97
CA LEU M 56 -36.65 -42.57 -11.29
C LEU M 56 -37.03 -43.97 -11.73
N SER M 57 -38.33 -44.23 -11.92
CA SER M 57 -38.77 -45.53 -12.38
C SER M 57 -38.27 -45.82 -13.80
N ILE M 58 -38.32 -44.82 -14.68
CA ILE M 58 -37.79 -44.98 -16.03
C ILE M 58 -36.29 -45.25 -15.99
N VAL M 59 -35.55 -44.51 -15.15
CA VAL M 59 -34.10 -44.68 -15.06
C VAL M 59 -33.74 -46.06 -14.53
N LYS M 60 -34.47 -46.53 -13.50
CA LYS M 60 -34.18 -47.82 -12.91
C LYS M 60 -34.53 -48.97 -13.84
N ALA M 61 -35.56 -48.81 -14.69
CA ALA M 61 -35.96 -49.90 -15.56
C ALA M 61 -34.96 -50.15 -16.69
N GLU M 62 -34.48 -49.08 -17.33
CA GLU M 62 -33.71 -49.22 -18.56
C GLU M 62 -32.21 -49.19 -18.27
N PRO M 63 -31.47 -50.26 -18.59
CA PRO M 63 -30.01 -50.24 -18.41
C PRO M 63 -29.24 -49.62 -19.57
N ASP M 64 -29.80 -49.60 -20.78
CA ASP M 64 -29.12 -48.98 -21.91
C ASP M 64 -29.28 -47.47 -21.86
N VAL M 65 -28.26 -46.77 -22.37
CA VAL M 65 -28.21 -45.32 -22.24
C VAL M 65 -28.90 -44.63 -23.42
N LYS M 66 -28.76 -45.16 -24.63
CA LYS M 66 -29.42 -44.57 -25.78
C LYS M 66 -30.93 -44.67 -25.67
N LYS M 67 -31.44 -45.83 -25.24
CA LYS M 67 -32.88 -45.98 -25.07
C LYS M 67 -33.39 -45.15 -23.90
N LEU M 68 -32.58 -45.01 -22.85
CA LEU M 68 -32.96 -44.15 -21.74
C LEU M 68 -33.03 -42.69 -22.15
N GLU M 69 -32.09 -42.26 -22.99
CA GLU M 69 -32.14 -40.89 -23.53
C GLU M 69 -33.36 -40.71 -24.41
N GLU M 70 -33.70 -41.74 -25.20
CA GLU M 70 -34.83 -41.62 -26.11
C GLU M 70 -36.16 -41.57 -25.37
N GLN M 71 -36.30 -42.34 -24.29
CA GLN M 71 -37.56 -42.42 -23.57
C GLN M 71 -37.63 -41.51 -22.35
N LEU M 72 -36.55 -40.82 -22.01
CA LEU M 72 -36.61 -39.79 -20.99
C LEU M 72 -37.10 -38.46 -21.53
N GLN M 73 -36.97 -38.24 -22.85
CA GLN M 73 -37.39 -37.02 -23.53
C GLN M 73 -36.75 -35.78 -22.92
N GLY M 74 -35.47 -35.88 -22.58
CA GLY M 74 -34.75 -34.77 -22.01
C GLY M 74 -33.42 -34.51 -22.68
N GLY M 75 -33.26 -34.98 -23.92
CA GLY M 75 -32.04 -34.79 -24.65
C GLY M 75 -30.91 -35.67 -24.19
N GLN M 76 -29.69 -35.14 -24.15
CA GLN M 76 -28.54 -35.89 -23.69
C GLN M 76 -28.64 -36.14 -22.18
N ILE M 77 -28.00 -37.22 -21.74
CA ILE M 77 -28.12 -37.62 -20.34
C ILE M 77 -27.38 -36.65 -19.41
N GLU M 78 -26.41 -35.90 -19.93
CA GLU M 78 -25.75 -34.89 -19.11
C GLU M 78 -26.68 -33.71 -18.83
N GLU M 79 -27.52 -33.36 -19.80
CA GLU M 79 -28.52 -32.32 -19.56
C GLU M 79 -29.58 -32.79 -18.59
N VAL M 80 -29.91 -34.09 -18.60
CA VAL M 80 -30.83 -34.63 -17.60
C VAL M 80 -30.24 -34.56 -16.21
N ILE M 81 -28.94 -34.90 -16.09
CA ILE M 81 -28.24 -34.78 -14.81
C ILE M 81 -28.23 -33.34 -14.32
N LEU M 82 -27.93 -32.40 -15.23
CA LEU M 82 -27.91 -30.98 -14.88
C LEU M 82 -29.29 -30.49 -14.44
N GLN M 83 -30.33 -30.95 -15.12
CA GLN M 83 -31.69 -30.60 -14.72
C GLN M 83 -32.03 -31.15 -13.35
N ALA M 84 -31.52 -32.34 -13.02
CA ALA M 84 -31.72 -32.87 -11.68
C ALA M 84 -31.04 -32.01 -10.63
N GLU M 85 -29.83 -31.53 -10.90
CA GLU M 85 -29.16 -30.60 -9.98
C GLU M 85 -29.97 -29.32 -9.81
N ASN M 86 -30.50 -28.79 -10.91
CA ASN M 86 -31.28 -27.55 -10.83
C ASN M 86 -32.57 -27.76 -10.05
N GLU M 87 -33.21 -28.92 -10.21
CA GLU M 87 -34.42 -29.22 -9.46
C GLU M 87 -34.12 -29.37 -7.97
N LEU M 88 -32.98 -29.97 -7.62
CA LEU M 88 -32.57 -30.08 -6.23
C LEU M 88 -32.34 -28.71 -5.61
N SER M 89 -31.65 -27.82 -6.34
CA SER M 89 -31.42 -26.47 -5.84
C SER M 89 -32.72 -25.70 -5.67
N LEU M 90 -33.64 -25.84 -6.63
CA LEU M 90 -34.93 -25.17 -6.54
C LEU M 90 -35.73 -25.68 -5.35
N ALA M 91 -35.67 -26.98 -5.08
CA ALA M 91 -36.40 -27.54 -3.94
C ALA M 91 -35.83 -27.03 -2.62
N ARG M 92 -34.51 -26.90 -2.54
CA ARG M 92 -33.91 -26.30 -1.33
C ARG M 92 -34.37 -24.85 -1.15
N LYS M 93 -34.40 -24.08 -2.24
CA LYS M 93 -34.86 -22.71 -2.14
C LYS M 93 -36.35 -22.62 -1.81
N MET M 94 -37.15 -23.59 -2.26
CA MET M 94 -38.56 -23.59 -1.91
C MET M 94 -38.77 -23.96 -0.46
N ILE M 95 -37.89 -24.79 0.10
CA ILE M 95 -37.90 -25.00 1.54
C ILE M 95 -37.59 -23.70 2.27
N GLN M 96 -36.61 -22.93 1.77
CA GLN M 96 -36.25 -21.69 2.42
C GLN M 96 -37.28 -20.57 2.21
N TRP M 97 -38.08 -20.63 1.16
CA TRP M 97 -38.96 -19.52 0.79
C TRP M 97 -40.38 -19.68 1.32
N LYS M 98 -40.90 -20.90 1.36
CA LYS M 98 -42.28 -21.25 1.67
C LYS M 98 -43.26 -20.47 0.79
N PRO M 99 -43.37 -20.80 -0.49
CA PRO M 99 -44.34 -20.11 -1.36
C PRO M 99 -45.75 -20.70 -1.36
N TRP M 100 -46.03 -21.71 -0.54
CA TRP M 100 -47.37 -22.29 -0.49
C TRP M 100 -48.30 -21.53 0.44
N GLU M 101 -47.81 -20.49 1.11
CA GLU M 101 -48.64 -19.66 1.96
C GLU M 101 -49.60 -18.81 1.11
N PRO M 102 -50.69 -18.29 1.72
CA PRO M 102 -51.63 -17.46 0.94
C PRO M 102 -51.04 -16.17 0.39
N LEU M 103 -51.83 -15.47 -0.43
CA LEU M 103 -51.35 -14.30 -1.16
C LEU M 103 -50.97 -13.18 -0.20
N VAL M 104 -49.81 -12.58 -0.45
CA VAL M 104 -49.26 -11.58 0.48
C VAL M 104 -50.07 -10.29 0.44
N GLU M 105 -50.48 -9.85 -0.75
CA GLU M 105 -51.21 -8.59 -0.87
C GLU M 105 -52.05 -8.59 -2.13
N GLU M 106 -53.32 -8.25 -1.98
CA GLU M 106 -54.19 -8.07 -3.12
C GLU M 106 -53.81 -6.79 -3.87
N PRO M 107 -53.75 -6.83 -5.20
CA PRO M 107 -53.39 -5.63 -5.97
C PRO M 107 -54.48 -4.59 -5.90
N PRO M 108 -54.21 -3.34 -6.31
CA PRO M 108 -55.26 -2.31 -6.34
C PRO M 108 -56.39 -2.61 -7.31
N ALA M 109 -57.38 -1.70 -7.35
CA ALA M 109 -58.63 -1.96 -8.03
C ALA M 109 -58.44 -2.10 -9.54
N SER M 110 -57.65 -1.25 -10.16
CA SER M 110 -57.45 -1.25 -11.60
C SER M 110 -56.00 -1.52 -11.95
N GLN M 111 -55.38 -2.46 -11.25
CA GLN M 111 -53.96 -2.73 -11.47
C GLN M 111 -53.73 -3.49 -12.77
N TRP M 112 -54.56 -4.49 -13.05
CA TRP M 112 -54.39 -5.31 -14.24
C TRP M 112 -55.47 -5.05 -15.29
N LYS M 113 -56.16 -3.92 -15.20
CA LYS M 113 -57.18 -3.56 -16.18
C LYS M 113 -56.51 -2.92 -17.38
N TRP M 114 -56.77 -3.48 -18.56
CA TRP M 114 -56.25 -2.95 -19.81
C TRP M 114 -57.30 -3.17 -20.88
N PRO M 115 -57.61 -2.14 -21.71
CA PRO M 115 -57.07 -0.78 -21.67
C PRO M 115 -57.73 0.08 -20.60
N ILE M 116 -57.02 1.11 -20.15
CA ILE M 116 -57.54 2.00 -19.12
C ILE M 116 -58.58 2.95 -19.71
N THR N 27 -50.11 3.41 5.32
CA THR N 27 -49.07 4.27 4.78
C THR N 27 -47.69 3.65 4.96
N SER N 28 -47.64 2.40 5.41
CA SER N 28 -46.39 1.71 5.61
C SER N 28 -45.85 1.22 4.28
N VAL N 29 -44.65 1.67 3.92
CA VAL N 29 -44.10 1.45 2.58
C VAL N 29 -42.70 0.86 2.70
N LYS N 30 -42.25 0.25 1.60
CA LYS N 30 -40.93 -0.35 1.55
C LYS N 30 -39.86 0.75 1.48
N PRO N 31 -38.78 0.63 2.25
CA PRO N 31 -37.70 1.62 2.19
C PRO N 31 -36.80 1.33 1.00
N ILE N 32 -35.80 2.21 0.83
CA ILE N 32 -34.75 2.01 -0.15
C ILE N 32 -33.44 1.63 0.52
N PHE N 33 -32.88 2.53 1.32
CA PHE N 33 -31.72 2.19 2.14
C PHE N 33 -31.88 2.60 3.59
N SER N 34 -32.51 3.73 3.87
CA SER N 34 -32.59 4.26 5.22
C SER N 34 -34.01 4.13 5.76
N ARG N 35 -34.12 3.74 7.02
CA ARG N 35 -35.43 3.64 7.65
C ARG N 35 -35.98 5.02 7.99
N ASP N 36 -35.15 5.91 8.50
CA ASP N 36 -35.60 7.22 8.95
C ASP N 36 -34.69 8.30 8.37
N MET N 37 -35.00 9.55 8.72
CA MET N 37 -34.31 10.69 8.11
C MET N 37 -32.89 10.87 8.64
N ASN N 38 -32.57 10.31 9.81
CA ASN N 38 -31.23 10.46 10.35
C ASN N 38 -30.21 9.69 9.51
N GLU N 39 -30.55 8.48 9.09
CA GLU N 39 -29.63 7.70 8.26
C GLU N 39 -29.50 8.30 6.87
N ALA N 40 -30.58 8.86 6.35
CA ALA N 40 -30.51 9.56 5.06
C ALA N 40 -29.65 10.81 5.18
N LYS N 41 -29.74 11.53 6.29
CA LYS N 41 -28.86 12.68 6.51
C LYS N 41 -27.41 12.23 6.63
N ARG N 42 -27.17 11.08 7.24
CA ARG N 42 -25.82 10.52 7.32
C ARG N 42 -25.27 10.23 5.93
N ARG N 43 -26.10 9.64 5.07
CA ARG N 43 -25.68 9.36 3.69
C ARG N 43 -25.40 10.66 2.93
N VAL N 44 -26.24 11.68 3.15
CA VAL N 44 -26.04 12.99 2.52
C VAL N 44 -24.70 13.58 2.95
N ARG N 45 -24.40 13.51 4.25
CA ARG N 45 -23.17 14.06 4.77
C ARG N 45 -21.95 13.34 4.21
N GLU N 46 -22.00 12.00 4.14
CA GLU N 46 -20.88 11.25 3.57
C GLU N 46 -20.67 11.57 2.10
N LEU N 47 -21.76 11.67 1.34
CA LEU N 47 -21.66 12.02 -0.07
C LEU N 47 -21.07 13.41 -0.26
N TYR N 48 -21.46 14.35 0.60
CA TYR N 48 -20.96 15.70 0.43
C TYR N 48 -19.49 15.79 0.82
N ARG N 49 -19.07 14.98 1.81
CA ARG N 49 -17.65 14.88 2.13
C ARG N 49 -16.85 14.37 0.95
N ALA N 50 -17.35 13.32 0.29
CA ALA N 50 -16.64 12.75 -0.85
C ALA N 50 -16.60 13.73 -2.02
N TRP N 51 -17.68 14.46 -2.26
CA TRP N 51 -17.69 15.48 -3.31
C TRP N 51 -16.69 16.60 -3.02
N TYR N 52 -16.66 17.07 -1.77
CA TYR N 52 -15.71 18.10 -1.36
C TYR N 52 -14.28 17.64 -1.51
N ARG N 53 -14.02 16.35 -1.29
CA ARG N 53 -12.71 15.80 -1.61
C ARG N 53 -12.44 15.82 -3.11
N GLU N 54 -13.47 15.54 -3.92
CA GLU N 54 -13.26 15.31 -5.34
C GLU N 54 -13.02 16.61 -6.11
N VAL N 55 -13.58 17.76 -5.66
CA VAL N 55 -13.50 19.00 -6.45
C VAL N 55 -12.07 19.40 -6.88
N PRO N 56 -11.03 19.33 -6.03
CA PRO N 56 -9.68 19.65 -6.54
C PRO N 56 -9.19 18.72 -7.65
N ASN N 57 -9.44 17.42 -7.56
CA ASN N 57 -9.05 16.53 -8.65
C ASN N 57 -9.87 16.81 -9.90
N THR N 58 -11.15 17.19 -9.74
CA THR N 58 -11.99 17.51 -10.89
C THR N 58 -11.45 18.72 -11.64
N VAL N 59 -11.07 19.78 -10.91
CA VAL N 59 -10.54 20.96 -11.60
C VAL N 59 -9.12 20.73 -12.09
N HIS N 60 -8.40 19.76 -11.52
CA HIS N 60 -7.06 19.47 -12.00
C HIS N 60 -7.04 18.63 -13.28
N LEU N 61 -7.69 17.47 -13.26
CA LEU N 61 -7.61 16.54 -14.39
C LEU N 61 -8.32 17.07 -15.63
N PHE N 62 -9.48 17.71 -15.43
CA PHE N 62 -10.25 18.21 -16.57
C PHE N 62 -9.75 19.55 -17.08
N GLN N 63 -8.78 20.17 -16.40
CA GLN N 63 -8.15 21.42 -16.79
C GLN N 63 -9.16 22.56 -16.92
N LEU N 64 -10.05 22.67 -15.94
CA LEU N 64 -10.95 23.81 -15.87
C LEU N 64 -10.19 25.08 -15.50
N ASP N 65 -10.73 26.22 -15.91
CA ASP N 65 -10.15 27.52 -15.64
C ASP N 65 -10.77 28.20 -14.43
N ILE N 66 -11.60 27.50 -13.68
CA ILE N 66 -12.21 28.04 -12.48
C ILE N 66 -11.34 27.70 -11.28
N SER N 67 -11.48 28.48 -10.22
CA SER N 67 -10.77 28.17 -8.99
C SER N 67 -11.48 27.04 -8.25
N VAL N 68 -10.77 26.46 -7.28
CA VAL N 68 -11.34 25.38 -6.47
C VAL N 68 -12.47 25.90 -5.61
N LYS N 69 -12.37 27.15 -5.16
CA LYS N 69 -13.44 27.74 -4.37
C LYS N 69 -14.73 27.85 -5.16
N GLN N 70 -14.64 28.19 -6.45
CA GLN N 70 -15.82 28.27 -7.29
C GLN N 70 -16.48 26.91 -7.45
N GLY N 71 -15.68 25.86 -7.63
CA GLY N 71 -16.25 24.52 -7.71
C GLY N 71 -16.91 24.07 -6.42
N ARG N 72 -16.31 24.43 -5.28
CA ARG N 72 -16.90 24.05 -4.00
C ARG N 72 -18.18 24.83 -3.72
N ASP N 73 -18.24 26.09 -4.13
CA ASP N 73 -19.50 26.82 -4.04
C ASP N 73 -20.56 26.24 -4.97
N LYS N 74 -20.16 25.76 -6.15
CA LYS N 74 -21.12 25.11 -7.03
C LYS N 74 -21.66 23.82 -6.41
N VAL N 75 -20.79 23.05 -5.77
CA VAL N 75 -21.22 21.82 -5.09
C VAL N 75 -22.18 22.16 -3.94
N ARG N 76 -21.86 23.20 -3.17
CA ARG N 76 -22.73 23.62 -2.08
C ARG N 76 -24.08 24.11 -2.59
N GLU N 77 -24.08 24.84 -3.71
CA GLU N 77 -25.34 25.32 -4.28
C GLU N 77 -26.19 24.17 -4.80
N MET N 78 -25.56 23.18 -5.45
CA MET N 78 -26.30 22.03 -5.92
C MET N 78 -26.84 21.20 -4.77
N PHE N 79 -26.15 21.18 -3.63
CA PHE N 79 -26.68 20.50 -2.46
C PHE N 79 -27.82 21.29 -1.83
N LYS N 80 -27.72 22.61 -1.83
CA LYS N 80 -28.74 23.46 -1.23
C LYS N 80 -30.00 23.56 -2.09
N LYS N 81 -29.91 23.18 -3.38
CA LYS N 81 -31.09 23.21 -4.24
C LYS N 81 -32.16 22.21 -3.83
N ASN N 82 -31.82 21.21 -3.02
CA ASN N 82 -32.76 20.17 -2.58
C ASN N 82 -32.88 20.13 -1.07
N ALA N 83 -32.92 21.30 -0.43
CA ALA N 83 -32.88 21.36 1.03
C ALA N 83 -34.25 21.33 1.68
N HIS N 84 -35.34 21.38 0.90
CA HIS N 84 -36.67 21.47 1.47
C HIS N 84 -37.39 20.14 1.55
N VAL N 85 -36.75 19.03 1.20
CA VAL N 85 -37.42 17.75 1.08
C VAL N 85 -37.12 16.89 2.32
N THR N 86 -38.17 16.30 2.90
CA THR N 86 -38.07 15.56 4.16
C THR N 86 -38.52 14.10 4.06
N ASP N 87 -38.72 13.57 2.87
CA ASP N 87 -39.16 12.18 2.72
C ASP N 87 -37.94 11.29 2.54
N PRO N 88 -37.74 10.25 3.36
CA PRO N 88 -36.50 9.46 3.28
C PRO N 88 -36.24 8.77 1.95
N ARG N 89 -37.29 8.29 1.27
CA ARG N 89 -37.06 7.50 0.06
C ARG N 89 -36.55 8.36 -1.08
N VAL N 90 -37.13 9.56 -1.25
CA VAL N 90 -36.71 10.42 -2.36
C VAL N 90 -35.32 10.99 -2.11
N VAL N 91 -34.98 11.28 -0.84
CA VAL N 91 -33.62 11.77 -0.59
C VAL N 91 -32.62 10.62 -0.69
N ASP N 92 -33.05 9.38 -0.44
CA ASP N 92 -32.21 8.24 -0.74
C ASP N 92 -31.96 8.11 -2.23
N LEU N 93 -32.99 8.37 -3.04
CA LEU N 93 -32.82 8.31 -4.49
C LEU N 93 -31.90 9.43 -4.97
N LEU N 94 -32.01 10.63 -4.39
CA LEU N 94 -31.07 11.70 -4.76
C LEU N 94 -29.66 11.38 -4.32
N VAL N 95 -29.49 10.71 -3.18
CA VAL N 95 -28.17 10.27 -2.75
C VAL N 95 -27.59 9.25 -3.74
N ILE N 96 -28.45 8.35 -4.22
CA ILE N 96 -28.03 7.36 -5.22
C ILE N 96 -27.59 8.05 -6.51
N LYS N 97 -28.38 9.04 -6.97
CA LYS N 97 -28.02 9.77 -8.18
C LYS N 97 -26.74 10.58 -8.00
N GLY N 98 -26.56 11.19 -6.82
CA GLY N 98 -25.34 11.93 -6.57
C GLY N 98 -24.11 11.05 -6.51
N LYS N 99 -24.25 9.85 -5.95
CA LYS N 99 -23.15 8.89 -5.96
C LYS N 99 -22.86 8.41 -7.36
N MET N 100 -23.90 8.28 -8.19
CA MET N 100 -23.71 7.91 -9.59
C MET N 100 -22.90 8.98 -10.33
N GLU N 101 -23.25 10.25 -10.12
CA GLU N 101 -22.51 11.34 -10.75
C GLU N 101 -21.09 11.46 -10.21
N LEU N 102 -20.90 11.18 -8.92
CA LEU N 102 -19.56 11.18 -8.34
C LEU N 102 -18.69 10.09 -8.97
N GLU N 103 -19.25 8.88 -9.13
CA GLU N 103 -18.51 7.81 -9.79
C GLU N 103 -18.27 8.14 -11.26
N GLU N 104 -19.20 8.85 -11.89
CA GLU N 104 -19.02 9.28 -13.27
C GLU N 104 -17.88 10.28 -13.41
N THR N 105 -17.70 11.14 -12.40
CA THR N 105 -16.63 12.13 -12.43
C THR N 105 -15.29 11.60 -11.91
N ILE N 106 -15.30 10.54 -11.08
CA ILE N 106 -14.06 9.99 -10.55
C ILE N 106 -13.21 9.42 -11.67
N ASN N 107 -13.81 8.60 -12.54
CA ASN N 107 -13.20 8.28 -13.80
C ASN N 107 -13.50 9.40 -14.79
N VAL N 108 -12.77 9.43 -15.89
CA VAL N 108 -12.99 10.46 -16.91
C VAL N 108 -14.02 9.88 -17.87
N TRP N 109 -15.27 9.91 -17.46
CA TRP N 109 -16.39 9.57 -18.33
C TRP N 109 -17.15 10.81 -18.79
N LYS N 110 -17.22 11.82 -17.93
CA LYS N 110 -17.62 13.15 -18.37
C LYS N 110 -16.51 13.76 -19.20
N GLN N 111 -16.87 14.77 -19.98
CA GLN N 111 -15.91 15.58 -20.70
C GLN N 111 -15.71 16.89 -19.93
N ARG N 112 -14.98 17.82 -20.55
CA ARG N 112 -14.94 19.17 -20.00
C ARG N 112 -16.31 19.83 -20.10
N THR N 113 -17.02 19.61 -21.21
CA THR N 113 -18.34 20.21 -21.39
C THR N 113 -19.35 19.65 -20.40
N HIS N 114 -19.26 18.37 -20.07
CA HIS N 114 -20.20 17.80 -19.11
C HIS N 114 -19.96 18.34 -17.71
N VAL N 115 -18.70 18.60 -17.35
CA VAL N 115 -18.39 19.19 -16.06
C VAL N 115 -18.85 20.64 -16.01
N MET N 116 -18.57 21.40 -17.07
CA MET N 116 -18.93 22.82 -17.04
C MET N 116 -20.38 23.07 -17.42
N ARG N 117 -21.17 22.04 -17.71
CA ARG N 117 -22.60 22.25 -17.88
C ARG N 117 -23.31 22.65 -16.60
N PHE N 118 -22.68 22.46 -15.43
CA PHE N 118 -23.21 23.01 -14.19
C PHE N 118 -23.07 24.52 -14.11
N PHE N 119 -22.15 25.09 -14.90
CA PHE N 119 -21.96 26.54 -14.96
C PHE N 119 -22.57 27.02 -16.27
N HIS N 120 -23.74 27.65 -16.19
CA HIS N 120 -24.46 28.11 -17.38
C HIS N 120 -23.88 29.46 -17.81
N GLU N 121 -22.64 29.40 -18.31
CA GLU N 121 -21.94 30.62 -18.71
C GLU N 121 -22.45 31.15 -20.04
N THR N 122 -22.79 30.25 -20.97
CA THR N 122 -23.22 30.68 -22.30
C THR N 122 -24.63 31.24 -22.27
N GLU N 123 -25.46 30.83 -21.32
CA GLU N 123 -26.84 31.29 -21.27
C GLU N 123 -26.91 32.71 -20.76
N ALA N 124 -27.67 33.55 -21.45
CA ALA N 124 -27.85 34.93 -21.03
C ALA N 124 -28.71 34.99 -19.77
N PRO N 125 -28.47 36.00 -18.91
CA PRO N 125 -29.29 36.12 -17.70
C PRO N 125 -30.73 36.49 -18.04
N ARG N 126 -31.66 35.80 -17.39
CA ARG N 126 -33.07 36.00 -17.64
C ARG N 126 -33.61 37.14 -16.79
N PRO N 127 -34.73 37.75 -17.20
CA PRO N 127 -35.41 38.71 -16.33
C PRO N 127 -35.87 38.09 -15.02
N LYS N 128 -35.84 38.89 -13.96
CA LYS N 128 -36.25 38.45 -12.64
C LYS N 128 -37.42 39.26 -12.09
N ASP N 129 -37.37 40.58 -12.18
CA ASP N 129 -38.45 41.41 -11.69
C ASP N 129 -39.64 41.34 -12.64
N PHE N 130 -40.75 41.97 -12.22
CA PHE N 130 -41.94 41.96 -13.04
C PHE N 130 -41.79 42.84 -14.27
N LEU N 131 -41.10 43.98 -14.13
CA LEU N 131 -41.03 44.97 -15.21
C LEU N 131 -40.25 44.43 -16.41
N SER N 132 -39.14 43.74 -16.16
CA SER N 132 -38.34 43.22 -17.27
C SER N 132 -39.07 42.09 -17.98
N LYS N 133 -39.80 41.26 -17.23
CA LYS N 133 -40.61 40.22 -17.86
C LYS N 133 -41.75 40.83 -18.66
N PHE N 134 -42.32 41.93 -18.18
CA PHE N 134 -43.37 42.61 -18.93
C PHE N 134 -42.82 43.23 -20.21
N TYR N 135 -41.58 43.72 -20.16
CA TYR N 135 -40.97 44.30 -21.35
C TYR N 135 -40.59 43.23 -22.36
N VAL N 136 -40.13 42.06 -21.90
CA VAL N 136 -39.49 41.13 -22.82
C VAL N 136 -40.52 40.26 -23.55
N GLY N 137 -41.68 39.99 -22.96
CA GLY N 137 -42.62 39.10 -23.61
C GLY N 137 -43.84 38.86 -22.76
N HIS N 138 -44.69 37.94 -23.23
CA HIS N 138 -45.94 37.63 -22.57
C HIS N 138 -45.82 36.53 -21.53
N ASP N 139 -44.63 35.94 -21.35
CA ASP N 139 -44.49 34.86 -20.40
C ASP N 139 -44.55 35.39 -18.98
N PRO N 140 -45.08 34.59 -18.04
CA PRO N 140 -45.12 34.97 -16.62
C PRO N 140 -43.89 34.49 -15.86
N SER O 4 -14.12 -10.38 -72.97
CA SER O 4 -13.20 -9.89 -73.99
C SER O 4 -11.78 -10.34 -73.67
N ALA O 5 -11.66 -11.42 -72.91
CA ALA O 5 -10.36 -11.93 -72.50
C ALA O 5 -9.80 -12.85 -73.57
N THR O 6 -8.51 -12.69 -73.85
CA THR O 6 -7.82 -13.62 -74.72
C THR O 6 -7.67 -14.98 -74.03
N ARG O 7 -7.50 -16.03 -74.85
CA ARG O 7 -7.47 -17.38 -74.30
C ARG O 7 -6.23 -17.65 -73.47
N LEU O 8 -5.14 -16.90 -73.69
CA LEU O 8 -3.95 -17.06 -72.85
C LEU O 8 -4.23 -16.60 -71.41
N ILE O 9 -4.75 -15.39 -71.26
CA ILE O 9 -5.03 -14.84 -69.93
C ILE O 9 -6.17 -15.60 -69.28
N GLN O 10 -7.17 -16.01 -70.08
CA GLN O 10 -8.26 -16.82 -69.57
C GLN O 10 -7.76 -18.16 -69.06
N GLY O 11 -6.86 -18.81 -69.80
CA GLY O 11 -6.29 -20.06 -69.33
C GLY O 11 -5.44 -19.90 -68.10
N LEU O 12 -4.68 -18.79 -68.02
CA LEU O 12 -3.85 -18.53 -66.84
C LEU O 12 -4.71 -18.32 -65.61
N ARG O 13 -5.79 -17.55 -65.71
CA ARG O 13 -6.63 -17.32 -64.55
C ARG O 13 -7.46 -18.55 -64.20
N ASN O 14 -7.79 -19.40 -65.18
CA ASN O 14 -8.45 -20.66 -64.88
C ASN O 14 -7.50 -21.60 -64.15
N TRP O 15 -6.22 -21.60 -64.52
CA TRP O 15 -5.25 -22.43 -63.83
C TRP O 15 -4.98 -21.92 -62.42
N ALA O 16 -4.84 -20.61 -62.25
CA ALA O 16 -4.51 -20.06 -60.94
C ALA O 16 -5.70 -20.18 -59.99
N SER O 17 -6.91 -19.94 -60.47
CA SER O 17 -8.09 -20.13 -59.61
C SER O 17 -8.39 -21.59 -59.40
N GLY O 18 -8.09 -22.44 -60.39
CA GLY O 18 -8.41 -23.84 -60.31
C GLY O 18 -9.83 -24.19 -60.65
N ARG O 19 -10.66 -23.21 -61.00
CA ARG O 19 -12.05 -23.46 -61.33
C ARG O 19 -12.44 -22.68 -62.58
N ASP O 20 -13.45 -23.19 -63.29
CA ASP O 20 -13.89 -22.59 -64.54
C ASP O 20 -14.59 -21.26 -64.25
N LEU O 21 -13.96 -20.16 -64.66
CA LEU O 21 -14.49 -18.83 -64.38
C LEU O 21 -15.34 -18.28 -65.50
N GLN O 22 -15.26 -18.85 -66.70
CA GLN O 22 -16.08 -18.36 -67.80
C GLN O 22 -17.52 -18.83 -67.70
N ALA O 23 -17.76 -19.99 -67.09
CA ALA O 23 -19.12 -20.50 -66.98
C ALA O 23 -19.95 -19.65 -66.02
N LYS O 24 -19.33 -19.17 -64.95
CA LYS O 24 -20.00 -18.31 -63.96
C LYS O 24 -19.20 -17.01 -63.89
N LEU O 25 -19.51 -16.09 -64.80
CA LEU O 25 -18.91 -14.77 -64.79
C LEU O 25 -19.72 -13.86 -63.87
N GLN O 26 -19.05 -13.21 -62.93
CA GLN O 26 -19.74 -12.34 -61.98
C GLN O 26 -20.19 -11.03 -62.60
N LEU O 27 -19.77 -10.73 -63.82
CA LEU O 27 -20.20 -9.53 -64.51
C LEU O 27 -21.43 -9.86 -65.36
N ARG O 28 -22.48 -9.08 -65.21
CA ARG O 28 -23.70 -9.32 -65.96
C ARG O 28 -23.51 -8.89 -67.42
N TYR O 29 -24.28 -9.52 -68.30
CA TYR O 29 -24.17 -9.30 -69.74
C TYR O 29 -25.59 -9.29 -70.30
N GLN O 30 -25.71 -9.48 -71.61
CA GLN O 30 -27.00 -9.44 -72.30
C GLN O 30 -27.94 -10.58 -71.93
N GLU O 31 -27.54 -11.49 -71.05
CA GLU O 31 -28.44 -12.56 -70.61
C GLU O 31 -29.50 -12.08 -69.64
N ILE O 32 -29.32 -10.91 -69.04
CA ILE O 32 -30.26 -10.40 -68.04
C ILE O 32 -31.52 -9.88 -68.72
N SER O 33 -32.56 -9.64 -67.93
CA SER O 33 -33.84 -9.20 -68.48
C SER O 33 -33.72 -7.80 -69.07
N LYS O 34 -34.49 -7.56 -70.13
CA LYS O 34 -34.50 -6.26 -70.77
C LYS O 34 -35.14 -5.22 -69.85
N ARG O 35 -34.68 -3.98 -69.99
CA ARG O 35 -35.09 -2.93 -69.07
C ARG O 35 -36.50 -2.41 -69.32
N THR O 36 -37.09 -2.72 -70.47
CA THR O 36 -38.49 -2.41 -70.73
C THR O 36 -39.28 -3.70 -70.80
N GLN O 37 -40.49 -3.68 -70.24
CA GLN O 37 -41.31 -4.87 -70.13
C GLN O 37 -42.71 -4.56 -70.62
N PRO O 38 -43.43 -5.58 -71.11
CA PRO O 38 -44.86 -5.38 -71.42
C PRO O 38 -45.64 -5.11 -70.16
N PRO O 39 -46.77 -4.40 -70.25
CA PRO O 39 -47.52 -4.07 -69.04
C PRO O 39 -48.14 -5.30 -68.42
N PRO O 40 -48.29 -5.33 -67.09
CA PRO O 40 -48.85 -6.51 -66.44
C PRO O 40 -50.37 -6.45 -66.33
N LYS O 41 -50.97 -7.51 -65.80
CA LYS O 41 -52.39 -7.51 -65.44
C LYS O 41 -52.49 -8.22 -64.11
N LEU O 42 -52.48 -7.46 -63.03
CA LEU O 42 -52.40 -8.04 -61.70
C LEU O 42 -53.75 -8.63 -61.30
N PRO O 43 -53.79 -9.88 -60.83
CA PRO O 43 -55.06 -10.49 -60.44
C PRO O 43 -55.59 -9.91 -59.15
N VAL O 44 -56.89 -10.11 -58.95
CA VAL O 44 -57.59 -9.60 -57.78
C VAL O 44 -57.72 -10.72 -56.75
N GLY O 45 -58.03 -10.33 -55.52
CA GLY O 45 -58.08 -11.27 -54.42
C GLY O 45 -59.38 -12.05 -54.38
N PRO O 46 -59.52 -12.86 -53.33
CA PRO O 46 -60.69 -13.73 -53.24
C PRO O 46 -61.97 -13.02 -52.81
N SER O 47 -61.88 -11.81 -52.28
CA SER O 47 -63.05 -11.08 -51.81
C SER O 47 -63.55 -10.07 -52.84
N HIS O 48 -63.07 -10.14 -54.08
CA HIS O 48 -63.56 -9.29 -55.15
C HIS O 48 -64.74 -9.99 -55.81
N ARG O 49 -65.88 -9.93 -55.14
CA ARG O 49 -67.10 -10.60 -55.59
C ARG O 49 -68.28 -9.67 -55.43
N LEU O 50 -69.41 -10.07 -56.01
CA LEU O 50 -70.67 -9.37 -55.85
C LEU O 50 -71.74 -10.19 -55.16
N SER O 51 -71.51 -11.49 -54.97
CA SER O 51 -72.49 -12.37 -54.36
C SER O 51 -71.85 -13.09 -53.18
N ASN O 52 -72.53 -13.07 -52.04
CA ASN O 52 -72.07 -13.66 -50.78
C ASN O 52 -70.69 -13.13 -50.41
N ASN O 53 -70.61 -11.81 -50.34
CA ASN O 53 -69.37 -11.11 -49.99
C ASN O 53 -69.63 -10.09 -48.92
N TYR O 54 -70.42 -10.46 -47.91
CA TYR O 54 -70.71 -9.56 -46.81
C TYR O 54 -69.49 -9.43 -45.92
N TYR O 55 -69.28 -8.22 -45.40
CA TYR O 55 -68.09 -7.96 -44.59
C TYR O 55 -68.19 -8.57 -43.21
N CYS O 56 -69.40 -8.81 -42.70
CA CYS O 56 -69.56 -9.35 -41.36
C CYS O 56 -69.04 -10.78 -41.25
N ALA O 57 -69.06 -11.52 -42.35
CA ALA O 57 -68.66 -12.92 -42.35
C ALA O 57 -67.21 -13.14 -42.77
N ARG O 58 -66.44 -12.06 -43.00
CA ARG O 58 -65.05 -12.23 -43.40
C ARG O 58 -64.13 -11.21 -42.74
N ASP O 59 -64.53 -10.62 -41.63
CA ASP O 59 -63.75 -9.59 -40.97
C ASP O 59 -63.07 -10.26 -39.80
N GLY O 60 -61.74 -10.14 -39.73
CA GLY O 60 -60.98 -10.79 -38.68
C GLY O 60 -60.75 -9.93 -37.47
N ARG O 61 -60.95 -8.62 -37.61
CA ARG O 61 -60.69 -7.71 -36.49
C ARG O 61 -61.75 -7.85 -35.39
N ARG O 62 -63.01 -8.11 -35.77
CA ARG O 62 -64.05 -8.26 -34.77
C ARG O 62 -64.01 -9.62 -34.06
N GLU O 63 -63.27 -10.58 -34.60
CA GLU O 63 -63.10 -11.86 -33.93
C GLU O 63 -62.09 -11.81 -32.79
N ALA O 64 -61.36 -10.71 -32.64
CA ALA O 64 -60.47 -10.55 -31.50
C ALA O 64 -61.29 -10.38 -30.23
N MET O 65 -60.84 -11.02 -29.17
CA MET O 65 -61.53 -11.05 -27.89
C MET O 65 -60.58 -10.61 -26.78
N PRO O 66 -61.10 -10.12 -25.67
CA PRO O 66 -60.24 -9.88 -24.51
C PRO O 66 -59.65 -11.18 -24.01
N PRO O 67 -58.46 -11.13 -23.41
CA PRO O 67 -57.80 -12.37 -22.96
C PRO O 67 -58.61 -13.08 -21.88
N SER O 68 -58.58 -14.41 -21.93
CA SER O 68 -59.36 -15.23 -21.03
C SER O 68 -58.65 -15.34 -19.69
N ILE O 69 -59.32 -14.88 -18.63
CA ILE O 69 -58.76 -14.95 -17.29
C ILE O 69 -58.95 -16.37 -16.77
N VAL O 70 -57.84 -17.03 -16.43
CA VAL O 70 -57.90 -18.40 -15.93
C VAL O 70 -58.06 -18.38 -14.42
N MET O 71 -57.16 -17.69 -13.73
CA MET O 71 -57.23 -17.55 -12.28
C MET O 71 -57.08 -16.08 -11.93
N SER O 72 -58.01 -15.57 -11.12
CA SER O 72 -57.92 -14.20 -10.63
C SER O 72 -58.21 -14.19 -9.13
N SER O 73 -57.69 -13.17 -8.46
CA SER O 73 -57.92 -12.99 -7.04
C SER O 73 -59.09 -12.07 -6.74
N GLN O 74 -59.88 -11.73 -7.77
CA GLN O 74 -61.05 -10.84 -7.68
C GLN O 74 -60.71 -9.48 -7.10
N SER O 91 -58.41 -33.29 -7.91
CA SER O 91 -57.76 -34.25 -7.02
C SER O 91 -56.36 -34.59 -7.51
N GLU O 92 -56.20 -35.82 -8.03
CA GLU O 92 -54.89 -36.32 -8.45
C GLU O 92 -54.63 -35.97 -9.92
N LYS O 93 -54.58 -34.67 -10.20
CA LYS O 93 -54.29 -34.21 -11.55
C LYS O 93 -52.81 -34.39 -11.85
N LYS O 94 -52.52 -34.76 -13.10
CA LYS O 94 -51.14 -34.98 -13.51
C LYS O 94 -50.41 -33.65 -13.69
N ALA O 95 -49.11 -33.66 -13.44
CA ALA O 95 -48.29 -32.48 -13.68
C ALA O 95 -48.16 -32.23 -15.17
N VAL O 96 -48.28 -30.97 -15.57
CA VAL O 96 -48.33 -30.59 -16.98
C VAL O 96 -47.11 -29.74 -17.31
N SER O 97 -46.94 -29.51 -18.60
CA SER O 97 -45.87 -28.72 -19.18
C SER O 97 -46.49 -27.73 -20.14
N PRO O 98 -45.80 -26.65 -20.49
CA PRO O 98 -46.36 -25.68 -21.45
C PRO O 98 -46.63 -26.27 -22.82
N ALA O 99 -45.95 -27.35 -23.19
CA ALA O 99 -46.13 -28.01 -24.48
C ALA O 99 -45.54 -29.41 -24.34
N PRO O 100 -45.78 -30.28 -25.32
CA PRO O 100 -44.99 -31.51 -25.40
C PRO O 100 -43.51 -31.19 -25.54
N PRO O 101 -42.64 -31.98 -24.91
CA PRO O 101 -41.19 -31.77 -25.09
C PRO O 101 -40.78 -31.96 -26.54
N ILE O 102 -39.83 -31.14 -26.98
CA ILE O 102 -39.49 -31.09 -28.40
C ILE O 102 -38.73 -32.35 -28.78
N LYS O 103 -39.00 -32.85 -29.98
CA LYS O 103 -38.30 -34.02 -30.48
C LYS O 103 -36.86 -33.68 -30.83
N ARG O 104 -35.99 -34.67 -30.70
CA ARG O 104 -34.59 -34.45 -31.03
C ARG O 104 -34.40 -34.28 -32.53
N TRP O 105 -33.46 -33.40 -32.89
CA TRP O 105 -33.20 -33.10 -34.29
C TRP O 105 -32.42 -34.23 -34.92
N GLU O 106 -32.86 -34.66 -36.10
CA GLU O 106 -32.19 -35.72 -36.83
C GLU O 106 -31.09 -35.14 -37.71
N LEU O 107 -30.01 -35.91 -37.86
CA LEU O 107 -28.89 -35.47 -38.68
C LEU O 107 -29.31 -35.45 -40.15
N SER O 108 -28.77 -34.48 -40.88
CA SER O 108 -29.16 -34.28 -42.27
C SER O 108 -28.66 -35.41 -43.15
N GLN O 109 -29.44 -35.74 -44.17
CA GLN O 109 -29.08 -36.78 -45.11
C GLN O 109 -28.25 -36.28 -46.29
N ASP O 110 -28.41 -35.00 -46.65
CA ASP O 110 -27.72 -34.46 -47.80
C ASP O 110 -26.23 -34.37 -47.55
N GLU O 111 -25.83 -33.57 -46.56
CA GLU O 111 -24.42 -33.38 -46.22
C GLU O 111 -24.33 -33.23 -44.72
N PRO O 112 -24.06 -34.33 -44.00
CA PRO O 112 -23.93 -34.24 -42.55
C PRO O 112 -22.57 -33.80 -42.08
N TYR O 113 -21.64 -33.55 -43.01
CA TYR O 113 -20.24 -33.22 -42.70
C TYR O 113 -19.59 -34.30 -41.84
N LEU O 114 -19.92 -35.56 -42.13
CA LEU O 114 -19.42 -36.68 -41.36
C LEU O 114 -18.74 -37.70 -42.27
N MET P 1 -2.59 -15.05 -84.10
CA MET P 1 -2.22 -15.03 -82.70
C MET P 1 -3.07 -13.94 -82.06
N GLU P 2 -3.72 -14.25 -80.94
CA GLU P 2 -4.73 -13.34 -80.40
C GLU P 2 -4.13 -12.09 -79.76
N LEU P 3 -2.83 -12.04 -79.53
CA LEU P 3 -2.21 -10.79 -79.09
C LEU P 3 -2.14 -9.79 -80.23
N LEU P 4 -1.89 -10.28 -81.45
CA LEU P 4 -1.88 -9.41 -82.62
C LEU P 4 -3.23 -8.74 -82.82
N GLN P 5 -4.32 -9.48 -82.53
CA GLN P 5 -5.64 -8.86 -82.57
C GLN P 5 -5.80 -7.80 -81.49
N VAL P 6 -5.13 -7.97 -80.35
CA VAL P 6 -5.21 -6.97 -79.28
C VAL P 6 -4.51 -5.68 -79.71
N LEU P 7 -3.30 -5.79 -80.28
CA LEU P 7 -2.65 -4.59 -80.82
C LEU P 7 -3.44 -3.98 -81.97
N LYS P 8 -4.08 -4.81 -82.79
CA LYS P 8 -4.89 -4.27 -83.88
C LYS P 8 -6.11 -3.53 -83.36
N ARG P 9 -6.77 -4.04 -82.32
CA ARG P 9 -7.92 -3.33 -81.79
C ARG P 9 -7.51 -2.09 -81.02
N GLY P 10 -6.29 -2.07 -80.46
CA GLY P 10 -5.78 -0.83 -79.90
C GLY P 10 -5.52 0.23 -80.96
N LEU P 11 -4.92 -0.16 -82.08
CA LEU P 11 -4.71 0.78 -83.18
C LEU P 11 -6.02 1.25 -83.78
N GLN P 12 -7.02 0.37 -83.83
CA GLN P 12 -8.32 0.79 -84.35
C GLN P 12 -9.06 1.67 -83.38
N GLN P 13 -8.81 1.53 -82.07
CA GLN P 13 -9.32 2.51 -81.12
C GLN P 13 -8.65 3.86 -81.31
N VAL P 14 -7.36 3.86 -81.63
CA VAL P 14 -6.66 5.12 -81.91
C VAL P 14 -7.23 5.76 -83.17
N SER P 15 -7.43 4.98 -84.22
CA SER P 15 -7.90 5.51 -85.49
C SER P 15 -9.39 5.83 -85.50
N GLY P 16 -10.17 5.25 -84.60
CA GLY P 16 -11.60 5.49 -84.54
C GLY P 16 -12.02 6.69 -83.74
N HIS P 17 -11.08 7.40 -83.11
CA HIS P 17 -11.38 8.59 -82.33
C HIS P 17 -11.05 9.87 -83.07
N GLY P 18 -11.06 9.83 -84.41
CA GLY P 18 -10.75 11.02 -85.18
C GLY P 18 -9.30 11.40 -85.22
N GLY P 19 -8.40 10.47 -84.96
CA GLY P 19 -6.98 10.75 -85.01
C GLY P 19 -6.37 10.88 -83.63
N LEU P 20 -5.09 11.25 -83.62
CA LEU P 20 -4.35 11.33 -82.38
C LEU P 20 -4.84 12.48 -81.50
N ARG P 21 -5.19 13.62 -82.11
CA ARG P 21 -5.67 14.74 -81.33
C ARG P 21 -7.00 14.43 -80.64
N GLY P 22 -7.93 13.83 -81.38
CA GLY P 22 -9.19 13.42 -80.78
C GLY P 22 -9.02 12.31 -79.75
N TYR P 23 -8.09 11.39 -80.00
CA TYR P 23 -7.80 10.33 -79.05
C TYR P 23 -7.29 10.90 -77.73
N LEU P 24 -6.33 11.81 -77.80
CA LEU P 24 -5.81 12.42 -76.59
C LEU P 24 -6.85 13.31 -75.92
N ARG P 25 -7.72 13.94 -76.70
CA ARG P 25 -8.80 14.74 -76.13
C ARG P 25 -9.74 13.88 -75.30
N VAL P 26 -10.19 12.76 -75.86
CA VAL P 26 -11.12 11.91 -75.11
C VAL P 26 -10.40 11.21 -73.95
N LEU P 27 -9.10 10.97 -74.09
CA LEU P 27 -8.34 10.37 -72.99
C LEU P 27 -8.21 11.32 -71.82
N PHE P 28 -7.92 12.60 -72.10
CA PHE P 28 -7.76 13.57 -71.02
C PHE P 28 -9.08 14.10 -70.50
N ARG P 29 -10.18 13.93 -71.24
CA ARG P 29 -11.47 14.41 -70.78
C ARG P 29 -12.29 13.34 -70.06
N ALA P 30 -12.28 12.10 -70.55
CA ALA P 30 -13.17 11.08 -70.00
C ALA P 30 -12.45 9.83 -69.51
N ASN P 31 -11.13 9.74 -69.70
CA ASN P 31 -10.28 8.66 -69.19
C ASN P 31 -10.63 7.28 -69.76
N ASP P 32 -11.43 7.22 -70.82
CA ASP P 32 -11.65 5.97 -71.53
C ASP P 32 -11.54 6.25 -73.01
N VAL P 33 -11.06 5.25 -73.75
CA VAL P 33 -10.73 5.46 -75.15
C VAL P 33 -11.46 4.45 -76.00
N ARG P 34 -12.37 3.68 -75.40
CA ARG P 34 -13.07 2.65 -76.15
C ARG P 34 -14.10 3.27 -77.07
N VAL P 35 -14.18 2.75 -78.28
CA VAL P 35 -15.09 3.28 -79.29
C VAL P 35 -16.47 2.65 -79.10
N GLY P 36 -17.47 3.27 -79.73
CA GLY P 36 -18.82 2.75 -79.65
C GLY P 36 -19.69 3.41 -80.70
N THR P 37 -20.86 2.83 -80.90
CA THR P 37 -21.80 3.33 -81.89
C THR P 37 -22.59 4.50 -81.32
N LEU P 38 -22.66 5.59 -82.07
CA LEU P 38 -23.29 6.81 -81.59
C LEU P 38 -24.80 6.65 -81.61
N VAL P 39 -25.41 6.57 -80.43
CA VAL P 39 -26.86 6.47 -80.35
C VAL P 39 -27.51 7.80 -80.72
N GLY P 40 -26.98 8.90 -80.18
CA GLY P 40 -27.63 10.17 -80.46
C GLY P 40 -26.84 11.35 -79.95
N GLU P 41 -27.46 12.52 -80.09
CA GLU P 41 -26.88 13.78 -79.65
C GLU P 41 -28.01 14.73 -79.31
N ASP P 42 -27.88 15.47 -78.21
CA ASP P 42 -28.96 16.30 -77.72
C ASP P 42 -28.87 17.71 -78.32
N LYS P 43 -29.66 18.61 -77.75
CA LYS P 43 -29.61 20.02 -78.11
C LYS P 43 -28.36 20.70 -77.57
N TYR P 44 -27.84 20.22 -76.44
CA TYR P 44 -26.75 20.90 -75.75
C TYR P 44 -25.37 20.42 -76.17
N GLY P 45 -25.28 19.35 -76.96
CA GLY P 45 -24.02 18.92 -77.53
C GLY P 45 -23.41 17.68 -76.95
N ASN P 46 -24.04 17.03 -75.97
CA ASN P 46 -23.53 15.76 -75.49
C ASN P 46 -23.80 14.68 -76.51
N LYS P 47 -22.88 13.72 -76.61
CA LYS P 47 -23.00 12.63 -77.57
C LYS P 47 -23.14 11.32 -76.81
N TYR P 48 -24.22 10.60 -77.08
CA TYR P 48 -24.55 9.38 -76.35
C TYR P 48 -24.21 8.17 -77.21
N TYR P 49 -23.37 7.29 -76.68
CA TYR P 49 -22.89 6.09 -77.35
C TYR P 49 -23.30 4.85 -76.57
N GLU P 50 -23.36 3.73 -77.27
CA GLU P 50 -23.61 2.43 -76.67
C GLU P 50 -22.65 1.40 -77.24
N ASP P 51 -22.44 0.33 -76.47
CA ASP P 51 -21.65 -0.82 -76.93
C ASP P 51 -22.12 -2.02 -76.12
N ASN P 52 -22.93 -2.87 -76.73
CA ASN P 52 -23.60 -3.94 -75.99
C ASN P 52 -22.66 -5.08 -75.62
N LYS P 53 -21.46 -5.14 -76.20
CA LYS P 53 -20.53 -6.20 -75.84
C LYS P 53 -19.88 -5.97 -74.49
N GLN P 54 -19.93 -4.75 -73.97
CA GLN P 54 -19.45 -4.49 -72.63
C GLN P 54 -20.42 -5.06 -71.60
N PHE P 55 -19.94 -5.22 -70.37
CA PHE P 55 -20.79 -5.73 -69.31
C PHE P 55 -21.76 -4.64 -68.86
N PHE P 56 -22.75 -5.07 -68.07
CA PHE P 56 -23.88 -4.21 -67.73
C PHE P 56 -23.42 -3.07 -66.83
N GLY P 57 -23.49 -1.85 -67.33
CA GLY P 57 -23.02 -0.68 -66.62
C GLY P 57 -22.09 0.14 -67.48
N ARG P 58 -21.26 -0.53 -68.28
CA ARG P 58 -20.35 0.12 -69.21
C ARG P 58 -20.84 0.05 -70.64
N HIS P 59 -22.09 -0.38 -70.86
CA HIS P 59 -22.62 -0.54 -72.20
C HIS P 59 -23.31 0.70 -72.74
N ARG P 60 -23.47 1.74 -71.92
CA ARG P 60 -24.02 3.01 -72.36
C ARG P 60 -23.25 4.13 -71.71
N TRP P 61 -22.81 5.12 -72.50
CA TRP P 61 -22.08 6.24 -71.90
C TRP P 61 -22.28 7.50 -72.73
N VAL P 62 -21.78 8.60 -72.19
CA VAL P 62 -21.99 9.94 -72.74
C VAL P 62 -20.65 10.66 -72.76
N ILE P 63 -20.38 11.38 -73.85
CA ILE P 63 -19.30 12.34 -73.91
C ILE P 63 -19.93 13.72 -73.83
N TYR P 64 -19.59 14.45 -72.77
CA TYR P 64 -20.24 15.72 -72.50
C TYR P 64 -19.79 16.80 -73.47
N THR P 65 -20.55 17.89 -73.50
CA THR P 65 -20.20 19.04 -74.33
C THR P 65 -19.09 19.85 -73.66
N THR P 66 -18.48 20.73 -74.46
CA THR P 66 -17.46 21.63 -73.95
C THR P 66 -18.01 23.02 -73.64
N GLU P 67 -19.31 23.25 -73.86
CA GLU P 67 -19.91 24.56 -73.65
C GLU P 67 -21.41 24.35 -73.45
N MET P 68 -21.91 24.64 -72.25
CA MET P 68 -23.33 24.48 -71.96
C MET P 68 -23.79 25.60 -71.04
N ASN P 69 -24.85 26.30 -71.46
CA ASN P 69 -25.45 27.39 -70.71
C ASN P 69 -24.43 28.49 -70.38
N GLY P 70 -23.57 28.80 -71.34
CA GLY P 70 -22.62 29.87 -71.16
C GLY P 70 -21.45 29.56 -70.27
N LYS P 71 -21.19 28.29 -69.97
CA LYS P 71 -20.10 27.88 -69.10
C LYS P 71 -19.16 26.98 -69.89
N ASN P 72 -17.86 27.22 -69.76
CA ASN P 72 -16.86 26.39 -70.41
C ASN P 72 -16.68 25.11 -69.58
N THR P 73 -17.12 23.99 -70.13
CA THR P 73 -17.09 22.70 -69.44
C THR P 73 -16.16 21.73 -70.14
N PHE P 74 -14.98 22.19 -70.56
CA PHE P 74 -14.01 21.28 -71.16
C PHE P 74 -13.46 20.32 -70.11
N TRP P 75 -13.22 20.81 -68.89
CA TRP P 75 -12.77 19.98 -67.80
C TRP P 75 -13.81 19.77 -66.72
N ASP P 76 -14.70 20.74 -66.52
CA ASP P 76 -15.69 20.68 -65.43
C ASP P 76 -16.94 19.94 -65.90
N VAL P 77 -16.79 18.62 -66.01
CA VAL P 77 -17.92 17.78 -66.37
C VAL P 77 -18.84 17.62 -65.16
N ASP P 78 -20.13 17.81 -65.38
CA ASP P 78 -21.13 17.74 -64.32
C ASP P 78 -22.13 16.64 -64.64
N GLY P 79 -22.51 15.87 -63.62
CA GLY P 79 -23.45 14.78 -63.83
C GLY P 79 -24.88 15.21 -64.04
N SER P 80 -25.21 16.47 -63.74
CA SER P 80 -26.55 16.98 -63.93
C SER P 80 -26.73 17.69 -65.27
N MET P 81 -25.76 17.58 -66.16
CA MET P 81 -25.88 18.16 -67.49
C MET P 81 -26.77 17.36 -68.42
N VAL P 82 -27.15 16.15 -68.03
CA VAL P 82 -27.94 15.29 -68.90
C VAL P 82 -29.40 15.72 -68.84
N PRO P 83 -30.04 15.99 -69.98
CA PRO P 83 -31.47 16.29 -69.99
C PRO P 83 -32.30 15.08 -69.59
N PRO P 84 -33.53 15.27 -69.12
CA PRO P 84 -34.32 14.13 -68.61
C PRO P 84 -34.63 13.06 -69.64
N GLU P 85 -34.87 13.44 -70.89
CA GLU P 85 -35.21 12.46 -71.93
C GLU P 85 -34.05 11.53 -72.21
N TRP P 86 -32.82 11.99 -72.03
CA TRP P 86 -31.66 11.12 -72.07
C TRP P 86 -31.31 10.57 -70.70
N HIS P 87 -31.80 11.20 -69.63
CA HIS P 87 -31.57 10.67 -68.29
C HIS P 87 -32.33 9.37 -68.06
N ARG P 88 -33.46 9.19 -68.76
CA ARG P 88 -34.13 7.89 -68.72
C ARG P 88 -33.27 6.79 -69.34
N TRP P 89 -32.69 7.07 -70.50
CA TRP P 89 -31.97 6.03 -71.23
C TRP P 89 -30.60 5.76 -70.63
N LEU P 90 -29.93 6.79 -70.12
CA LEU P 90 -28.57 6.63 -69.62
C LEU P 90 -28.52 5.80 -68.34
N HIS P 91 -29.53 5.92 -67.49
CA HIS P 91 -29.55 5.20 -66.22
C HIS P 91 -30.22 3.83 -66.33
N CYS P 92 -30.29 3.28 -67.55
CA CYS P 92 -30.79 1.93 -67.82
C CYS P 92 -32.23 1.75 -67.35
N MET P 93 -33.02 2.81 -67.38
CA MET P 93 -34.43 2.73 -67.05
C MET P 93 -35.30 2.29 -68.22
N THR P 94 -34.75 2.30 -69.44
CA THR P 94 -35.50 1.90 -70.62
C THR P 94 -34.52 1.50 -71.71
N ASP P 95 -35.05 0.82 -72.72
CA ASP P 95 -34.28 0.46 -73.89
C ASP P 95 -34.39 1.48 -75.02
N ASP P 96 -35.39 2.35 -74.98
CA ASP P 96 -35.66 3.26 -76.08
C ASP P 96 -34.99 4.60 -75.81
N PRO P 97 -34.05 5.03 -76.64
CA PRO P 97 -33.55 6.40 -76.55
C PRO P 97 -34.61 7.37 -77.02
N PRO P 98 -34.52 8.65 -76.65
CA PRO P 98 -35.51 9.63 -77.11
C PRO P 98 -35.50 9.86 -78.62
N THR P 99 -34.44 9.46 -79.31
CA THR P 99 -34.46 9.49 -80.77
C THR P 99 -35.46 8.49 -81.33
N VAL P 100 -35.56 7.32 -80.72
CA VAL P 100 -36.50 6.30 -81.18
C VAL P 100 -37.89 6.58 -80.64
N LYS P 101 -38.01 6.80 -79.33
CA LYS P 101 -39.29 7.05 -78.67
C LYS P 101 -39.20 8.37 -77.91
N PRO P 102 -39.54 9.49 -78.54
CA PRO P 102 -39.47 10.77 -77.85
C PRO P 102 -40.54 10.88 -76.78
N PRO P 103 -40.28 11.64 -75.71
CA PRO P 103 -41.32 11.84 -74.69
C PRO P 103 -42.42 12.77 -75.18
N THR P 104 -43.57 12.65 -74.54
CA THR P 104 -44.70 13.52 -74.84
C THR P 104 -44.40 14.95 -74.41
N ALA P 105 -44.65 15.90 -75.30
CA ALA P 105 -44.30 17.29 -75.07
C ALA P 105 -45.57 18.11 -74.78
N ARG P 106 -45.52 18.88 -73.71
CA ARG P 106 -46.57 19.84 -73.37
C ARG P 106 -45.99 21.25 -73.45
N LYS P 107 -46.81 22.23 -73.08
CA LYS P 107 -46.46 23.62 -73.27
C LYS P 107 -45.73 24.25 -72.09
N PHE P 108 -45.49 23.49 -71.01
CA PHE P 108 -44.84 24.05 -69.83
C PHE P 108 -43.51 23.39 -69.49
N ILE P 109 -43.11 22.34 -70.19
CA ILE P 109 -41.81 21.72 -69.96
C ILE P 109 -40.71 22.68 -70.42
N TRP P 110 -39.66 22.80 -69.61
CA TRP P 110 -38.54 23.67 -69.91
C TRP P 110 -37.88 23.28 -71.23
N THR P 111 -37.58 24.29 -72.04
CA THR P 111 -36.87 24.09 -73.30
C THR P 111 -35.36 24.31 -73.16
N ASN P 112 -34.88 24.55 -71.94
CA ASN P 112 -33.45 24.75 -71.69
C ASN P 112 -33.13 24.16 -70.32
N HIS P 113 -32.44 23.03 -70.31
CA HIS P 113 -32.05 22.40 -69.06
C HIS P 113 -30.95 23.20 -68.39
N LYS P 114 -30.95 23.17 -67.05
CA LYS P 114 -29.92 23.82 -66.26
C LYS P 114 -29.35 22.82 -65.27
N PHE P 115 -28.03 22.87 -65.08
CA PHE P 115 -27.36 21.94 -64.18
C PHE P 115 -27.53 22.40 -62.74
N ASN P 116 -26.74 21.80 -61.84
CA ASN P 116 -26.80 22.18 -60.43
C ASN P 116 -26.22 23.57 -60.25
N LEU P 117 -27.06 24.50 -59.79
CA LEU P 117 -26.70 25.91 -59.72
C LEU P 117 -26.21 26.32 -58.33
N SER P 118 -25.91 25.36 -57.46
CA SER P 118 -25.48 25.70 -56.11
C SER P 118 -24.09 26.32 -56.14
N GLY P 119 -23.92 27.39 -55.36
CA GLY P 119 -22.68 28.13 -55.34
C GLY P 119 -22.59 29.24 -56.36
N THR P 120 -23.57 29.38 -57.23
CA THR P 120 -23.67 30.39 -58.26
C THR P 120 -24.65 31.48 -57.84
N PRO P 121 -24.59 32.65 -58.47
CA PRO P 121 -25.63 33.66 -58.20
C PRO P 121 -27.03 33.25 -58.59
N GLN P 122 -27.20 32.25 -59.46
CA GLN P 122 -28.53 31.77 -59.84
C GLN P 122 -29.00 30.60 -58.98
N GLN P 123 -28.57 30.52 -57.73
CA GLN P 123 -28.99 29.44 -56.85
C GLN P 123 -30.33 29.78 -56.20
N TYR P 124 -30.93 28.77 -55.59
CA TYR P 124 -32.26 28.90 -55.02
C TYR P 124 -32.19 29.41 -53.59
N VAL P 125 -33.01 30.40 -53.29
CA VAL P 125 -33.12 30.99 -51.95
C VAL P 125 -34.55 30.79 -51.46
N PRO P 126 -34.77 30.14 -50.33
CA PRO P 126 -36.14 29.92 -49.86
C PRO P 126 -36.76 31.17 -49.27
N TYR P 127 -38.09 31.20 -49.28
CA TYR P 127 -38.84 32.31 -48.70
C TYR P 127 -40.26 31.83 -48.41
N SER P 128 -40.94 32.58 -47.57
CA SER P 128 -42.34 32.30 -47.27
C SER P 128 -43.21 32.74 -48.44
N THR P 129 -44.13 31.86 -48.86
CA THR P 129 -44.97 32.11 -50.02
C THR P 129 -46.36 32.59 -49.64
N THR P 130 -46.54 33.11 -48.43
CA THR P 130 -47.82 33.59 -47.95
C THR P 130 -47.79 35.09 -47.76
N ARG P 131 -48.98 35.69 -47.70
CA ARG P 131 -49.11 37.12 -47.49
C ARG P 131 -49.00 37.44 -45.99
N LYS P 132 -49.31 38.68 -45.63
CA LYS P 132 -49.35 39.05 -44.22
C LYS P 132 -50.54 38.41 -43.53
N LYS P 133 -50.38 38.10 -42.25
CA LYS P 133 -51.40 37.39 -41.49
C LYS P 133 -52.27 38.31 -40.64
N ILE P 134 -51.67 39.31 -39.99
CA ILE P 134 -52.41 40.23 -39.13
C ILE P 134 -52.28 41.63 -39.72
N GLN P 135 -53.43 42.23 -40.06
CA GLN P 135 -53.42 43.60 -40.53
C GLN P 135 -53.33 44.55 -39.35
N GLU P 136 -52.67 45.69 -39.57
CA GLU P 136 -52.26 46.59 -38.51
C GLU P 136 -52.94 47.93 -38.71
N TRP P 137 -53.42 48.52 -37.61
CA TRP P 137 -54.26 49.72 -37.69
C TRP P 137 -53.42 50.94 -38.01
N VAL P 138 -53.49 51.39 -39.25
CA VAL P 138 -52.75 52.58 -39.68
C VAL P 138 -53.35 53.81 -39.01
N PRO P 139 -52.55 54.60 -38.29
CA PRO P 139 -53.10 55.75 -37.58
C PRO P 139 -53.53 56.83 -38.56
N PRO P 140 -54.50 57.67 -38.19
CA PRO P 140 -54.93 58.75 -39.08
C PRO P 140 -53.87 59.83 -39.20
N SER P 141 -53.94 60.57 -40.31
CA SER P 141 -52.99 61.64 -40.62
C SER P 141 -53.60 63.02 -40.39
N THR P 142 -54.39 63.18 -39.33
CA THR P 142 -55.08 64.42 -39.05
C THR P 142 -54.80 64.86 -37.62
N PRO P 143 -54.82 66.18 -37.35
CA PRO P 143 -54.73 66.64 -35.96
C PRO P 143 -55.93 66.20 -35.14
N TYR P 144 -55.70 65.97 -33.86
CA TYR P 144 -56.67 65.35 -32.97
C TYR P 144 -57.51 66.34 -32.20
N LYS P 145 -57.36 67.64 -32.47
CA LYS P 145 -58.15 68.64 -31.75
C LYS P 145 -59.31 69.15 -32.60
N PRO Q 74 0.75 17.03 18.60
CA PRO Q 74 -0.44 16.80 19.43
C PRO Q 74 -0.11 16.14 20.76
N LEU Q 75 1.00 16.55 21.38
CA LEU Q 75 1.40 15.96 22.64
C LEU Q 75 0.61 16.55 23.81
N THR Q 76 0.75 17.85 24.05
CA THR Q 76 0.07 18.53 25.13
C THR Q 76 -1.25 19.12 24.66
N LEU Q 77 -2.14 19.37 25.62
CA LEU Q 77 -3.48 19.84 25.31
C LEU Q 77 -3.45 21.28 24.77
N GLU Q 78 -2.55 22.11 25.27
CA GLU Q 78 -2.52 23.51 24.85
C GLU Q 78 -2.09 23.63 23.39
N GLY Q 79 -1.17 22.77 22.94
CA GLY Q 79 -0.77 22.79 21.54
C GLY Q 79 -1.90 22.40 20.61
N ILE Q 80 -2.67 21.37 20.99
CA ILE Q 80 -3.83 20.98 20.19
C ILE Q 80 -4.86 22.10 20.18
N LYS Q 81 -5.05 22.77 21.32
CA LYS Q 81 -6.03 23.85 21.39
C LYS Q 81 -5.63 25.02 20.50
N ASP Q 82 -4.34 25.40 20.49
CA ASP Q 82 -3.97 26.53 19.65
C ASP Q 82 -3.96 26.14 18.18
N ARG Q 83 -3.67 24.88 17.84
CA ARG Q 83 -3.76 24.46 16.45
C ARG Q 83 -5.22 24.46 15.97
N VAL Q 84 -6.14 24.03 16.83
CA VAL Q 84 -7.56 24.07 16.52
C VAL Q 84 -8.04 25.50 16.34
N LEU Q 85 -7.61 26.40 17.23
CA LEU Q 85 -7.97 27.81 17.07
C LEU Q 85 -7.37 28.40 15.79
N TYR Q 86 -6.18 27.93 15.41
CA TYR Q 86 -5.54 28.41 14.19
C TYR Q 86 -6.33 28.01 12.95
N VAL Q 87 -6.74 26.75 12.88
CA VAL Q 87 -7.49 26.33 11.69
C VAL Q 87 -8.90 26.91 11.73
N LEU Q 88 -9.42 27.20 12.92
CA LEU Q 88 -10.70 27.90 13.03
C LEU Q 88 -10.64 29.30 12.45
N LYS Q 89 -9.60 30.06 12.79
CA LYS Q 89 -9.52 31.39 12.21
C LYS Q 89 -8.94 31.37 10.80
N LEU Q 90 -8.46 30.23 10.31
CA LEU Q 90 -8.15 30.12 8.89
C LEU Q 90 -9.41 30.04 8.04
N TYR Q 91 -10.52 29.60 8.63
CA TYR Q 91 -11.77 29.46 7.88
C TYR Q 91 -12.35 30.85 7.61
N ASP Q 92 -12.71 31.09 6.35
CA ASP Q 92 -13.14 32.43 5.92
C ASP Q 92 -14.56 32.74 6.34
N LYS Q 93 -15.43 31.75 6.44
CA LYS Q 93 -16.84 31.99 6.72
C LYS Q 93 -17.13 32.33 8.17
N ILE Q 94 -16.13 32.28 9.05
CA ILE Q 94 -16.31 32.63 10.45
C ILE Q 94 -15.44 33.84 10.77
N ASP Q 95 -16.03 34.83 11.42
CA ASP Q 95 -15.28 35.97 11.92
C ASP Q 95 -14.57 35.58 13.22
N PRO Q 96 -13.23 35.62 13.27
CA PRO Q 96 -12.52 35.20 14.49
C PRO Q 96 -12.64 36.18 15.64
N GLU Q 97 -13.31 37.33 15.45
CA GLU Q 97 -13.57 38.22 16.57
C GLU Q 97 -14.53 37.59 17.57
N LYS Q 98 -15.55 36.88 17.08
CA LYS Q 98 -16.53 36.24 17.94
C LYS Q 98 -16.11 34.83 18.37
N LEU Q 99 -15.24 34.18 17.59
CA LEU Q 99 -14.79 32.82 17.87
C LEU Q 99 -14.11 32.72 19.23
N SER Q 100 -14.55 31.74 20.02
CA SER Q 100 -13.99 31.48 21.34
C SER Q 100 -13.90 29.97 21.54
N VAL Q 101 -13.27 29.57 22.64
CA VAL Q 101 -13.08 28.15 22.92
C VAL Q 101 -14.40 27.48 23.23
N ASN Q 102 -15.30 28.18 23.92
CA ASN Q 102 -16.59 27.63 24.33
C ASN Q 102 -17.76 28.27 23.58
N SER Q 103 -17.60 28.48 22.28
CA SER Q 103 -18.65 28.99 21.44
C SER Q 103 -19.24 27.85 20.60
N HIS Q 104 -20.54 27.95 20.33
CA HIS Q 104 -21.26 26.95 19.57
C HIS Q 104 -21.32 27.35 18.10
N PHE Q 105 -21.09 26.38 17.21
CA PHE Q 105 -21.08 26.67 15.78
C PHE Q 105 -22.45 27.05 15.26
N MET Q 106 -23.50 26.39 15.76
CA MET Q 106 -24.82 26.54 15.18
C MET Q 106 -25.50 27.84 15.58
N LYS Q 107 -25.65 28.07 16.87
CA LYS Q 107 -26.41 29.22 17.36
C LYS Q 107 -25.57 30.49 17.47
N ASP Q 108 -24.33 30.38 17.95
CA ASP Q 108 -23.55 31.57 18.23
C ASP Q 108 -22.79 32.07 17.00
N LEU Q 109 -22.03 31.18 16.35
CA LEU Q 109 -21.25 31.58 15.19
C LEU Q 109 -22.09 31.69 13.93
N GLY Q 110 -23.31 31.13 13.93
CA GLY Q 110 -24.18 31.25 12.79
C GLY Q 110 -23.71 30.47 11.57
N LEU Q 111 -23.76 29.15 11.64
CA LEU Q 111 -23.32 28.30 10.54
C LEU Q 111 -24.39 27.26 10.24
N ASP Q 112 -24.19 26.56 9.13
CA ASP Q 112 -24.99 25.42 8.74
C ASP Q 112 -24.22 24.14 9.07
N SER Q 113 -24.93 23.00 9.04
CA SER Q 113 -24.28 21.71 9.27
C SER Q 113 -23.21 21.43 8.22
N LEU Q 114 -23.39 21.91 6.99
CA LEU Q 114 -22.37 21.74 5.97
C LEU Q 114 -21.11 22.50 6.33
N ASP Q 115 -21.25 23.70 6.90
CA ASP Q 115 -20.06 24.43 7.37
C ASP Q 115 -19.34 23.64 8.45
N GLN Q 116 -20.09 22.97 9.33
CA GLN Q 116 -19.50 22.10 10.33
C GLN Q 116 -18.74 20.95 9.68
N VAL Q 117 -19.25 20.45 8.55
CA VAL Q 117 -18.54 19.41 7.80
C VAL Q 117 -17.21 19.94 7.27
N GLU Q 118 -17.20 21.19 6.76
CA GLU Q 118 -15.94 21.83 6.38
C GLU Q 118 -14.94 21.89 7.53
N ILE Q 119 -15.39 22.28 8.73
CA ILE Q 119 -14.45 22.35 9.86
C ILE Q 119 -13.94 20.96 10.22
N ILE Q 120 -14.82 19.96 10.21
CA ILE Q 120 -14.41 18.61 10.62
C ILE Q 120 -13.41 18.02 9.63
N MET Q 121 -13.65 18.21 8.33
CA MET Q 121 -12.66 17.71 7.38
C MET Q 121 -11.40 18.57 7.34
N ALA Q 122 -11.47 19.82 7.81
CA ALA Q 122 -10.24 20.58 8.01
C ALA Q 122 -9.39 19.95 9.10
N MET Q 123 -10.02 19.51 10.20
CA MET Q 123 -9.28 18.74 11.21
C MET Q 123 -8.77 17.41 10.65
N GLU Q 124 -9.58 16.74 9.83
CA GLU Q 124 -9.16 15.47 9.24
C GLU Q 124 -7.93 15.64 8.36
N ASP Q 125 -7.89 16.74 7.58
CA ASP Q 125 -6.75 16.99 6.72
C ASP Q 125 -5.53 17.45 7.52
N GLU Q 126 -5.75 18.27 8.55
CA GLU Q 126 -4.63 18.85 9.27
C GLU Q 126 -3.99 17.85 10.23
N PHE Q 127 -4.78 16.99 10.87
CA PHE Q 127 -4.25 16.03 11.83
C PHE Q 127 -3.94 14.67 11.22
N GLY Q 128 -4.54 14.33 10.08
CA GLY Q 128 -4.17 13.13 9.38
C GLY Q 128 -4.81 11.87 9.90
N PHE Q 129 -6.09 11.93 10.27
CA PHE Q 129 -6.82 10.75 10.68
C PHE Q 129 -8.30 10.94 10.37
N GLU Q 130 -8.96 9.87 9.95
CA GLU Q 130 -10.35 9.94 9.52
C GLU Q 130 -11.27 10.06 10.72
N ILE Q 131 -12.16 11.05 10.67
CA ILE Q 131 -13.21 11.22 11.66
C ILE Q 131 -14.51 10.69 11.06
N PRO Q 132 -15.13 9.67 11.62
CA PRO Q 132 -16.39 9.18 11.08
C PRO Q 132 -17.54 10.13 11.40
N ASP Q 133 -18.66 9.90 10.73
CA ASP Q 133 -19.78 10.82 10.77
C ASP Q 133 -20.51 10.72 12.10
N ILE Q 134 -20.61 9.51 12.68
CA ILE Q 134 -21.50 9.26 13.81
C ILE Q 134 -21.10 10.03 15.06
N ASP Q 135 -19.84 10.43 15.21
CA ASP Q 135 -19.44 11.26 16.33
C ASP Q 135 -19.16 12.71 15.94
N ALA Q 136 -18.95 12.99 14.65
CA ALA Q 136 -18.75 14.36 14.20
C ALA Q 136 -20.06 15.13 14.14
N GLU Q 137 -21.20 14.46 14.20
CA GLU Q 137 -22.48 15.17 14.19
C GLU Q 137 -22.73 15.86 15.53
N LYS Q 138 -22.44 15.18 16.64
CA LYS Q 138 -22.63 15.71 17.97
C LYS Q 138 -21.42 16.50 18.46
N LEU Q 139 -20.66 17.08 17.54
CA LEU Q 139 -19.35 17.63 17.80
C LEU Q 139 -19.37 19.08 17.32
N MET Q 140 -19.76 20.00 18.21
CA MET Q 140 -20.15 21.35 17.79
C MET Q 140 -19.49 22.44 18.63
N CYS Q 141 -18.23 22.27 19.01
CA CYS Q 141 -17.51 23.28 19.79
C CYS Q 141 -16.03 23.07 19.61
N PRO Q 142 -15.22 24.14 19.67
CA PRO Q 142 -13.76 23.96 19.74
C PRO Q 142 -13.31 23.13 20.92
N GLN Q 143 -13.97 23.29 22.08
CA GLN Q 143 -13.68 22.44 23.22
C GLN Q 143 -14.03 20.99 22.92
N GLU Q 144 -15.16 20.76 22.24
CA GLU Q 144 -15.55 19.39 21.91
C GLU Q 144 -14.59 18.75 20.93
N ILE Q 145 -14.14 19.48 19.91
CA ILE Q 145 -13.24 18.88 18.93
C ILE Q 145 -11.86 18.64 19.54
N VAL Q 146 -11.39 19.55 20.40
CA VAL Q 146 -10.09 19.32 21.04
C VAL Q 146 -10.17 18.18 22.04
N ASP Q 147 -11.31 18.03 22.73
CA ASP Q 147 -11.49 16.89 23.61
C ASP Q 147 -11.59 15.59 22.83
N TYR Q 148 -12.17 15.64 21.64
CA TYR Q 148 -12.28 14.42 20.83
C TYR Q 148 -10.92 13.96 20.34
N ILE Q 149 -10.08 14.88 19.85
CA ILE Q 149 -8.76 14.44 19.38
C ILE Q 149 -7.89 14.05 20.56
N ALA Q 150 -8.07 14.70 21.72
CA ALA Q 150 -7.36 14.28 22.91
C ALA Q 150 -7.80 12.90 23.39
N ASP Q 151 -9.08 12.55 23.19
CA ASP Q 151 -9.57 11.24 23.62
C ASP Q 151 -9.14 10.12 22.66
N LYS Q 152 -9.02 10.42 21.37
CA LYS Q 152 -8.59 9.43 20.39
C LYS Q 152 -7.07 9.24 20.36
N LYS Q 153 -6.33 10.02 21.13
CA LYS Q 153 -4.90 9.83 21.26
C LYS Q 153 -4.55 9.72 22.74
N ASP Q 154 -3.25 9.72 23.06
CA ASP Q 154 -2.85 9.57 24.46
C ASP Q 154 -3.03 10.88 25.24
N VAL Q 155 -2.30 11.92 24.83
CA VAL Q 155 -2.27 13.23 25.48
C VAL Q 155 -1.96 13.13 26.98
N MET R 1 36.70 8.98 -46.73
CA MET R 1 36.24 10.36 -46.79
C MET R 1 34.89 10.44 -47.49
N ASN R 2 34.71 9.57 -48.48
CA ASN R 2 33.48 9.61 -49.27
C ASN R 2 32.26 9.22 -48.45
N LEU R 3 32.44 8.38 -47.43
CA LEU R 3 31.30 7.95 -46.63
C LEU R 3 30.75 9.10 -45.78
N MET R 4 31.63 9.95 -45.25
CA MET R 4 31.12 11.10 -44.49
C MET R 4 30.44 12.12 -45.40
N ILE R 5 30.95 12.30 -46.62
CA ILE R 5 30.26 13.16 -47.59
C ILE R 5 28.89 12.60 -47.92
N THR R 6 28.79 11.28 -48.11
CA THR R 6 27.49 10.68 -48.40
C THR R 6 26.52 10.81 -47.22
N LEU R 7 27.01 10.58 -46.00
CA LEU R 7 26.15 10.69 -44.83
C LEU R 7 25.69 12.13 -44.62
N LEU R 8 26.59 13.10 -44.83
CA LEU R 8 26.21 14.49 -44.70
C LEU R 8 25.21 14.90 -45.78
N THR R 9 25.39 14.40 -47.00
CA THR R 9 24.44 14.70 -48.07
C THR R 9 23.06 14.15 -47.75
N ASN R 10 23.00 12.93 -47.22
CA ASN R 10 21.72 12.35 -46.83
C ASN R 10 21.10 13.13 -45.68
N PHE R 11 21.90 13.56 -44.72
CA PHE R 11 21.37 14.29 -43.56
C PHE R 11 20.83 15.66 -43.95
N THR R 12 21.55 16.41 -44.78
CA THR R 12 21.01 17.70 -45.20
C THR R 12 19.97 17.58 -46.30
N LEU R 13 19.80 16.42 -46.92
CA LEU R 13 18.59 16.22 -47.70
C LEU R 13 17.40 15.98 -46.78
N ALA R 14 17.59 15.21 -45.71
CA ALA R 14 16.49 14.90 -44.80
C ALA R 14 16.04 16.12 -44.01
N THR R 15 16.99 16.92 -43.52
CA THR R 15 16.63 18.08 -42.72
C THR R 15 16.20 19.27 -43.56
N LEU R 16 16.37 19.21 -44.87
CA LEU R 16 15.85 20.27 -45.72
C LEU R 16 14.34 20.13 -45.89
N LEU R 17 13.84 18.91 -46.02
CA LEU R 17 12.41 18.69 -46.21
C LEU R 17 11.62 19.00 -44.95
N VAL R 18 12.19 18.73 -43.78
CA VAL R 18 11.50 19.05 -42.53
C VAL R 18 11.44 20.55 -42.32
N THR R 19 12.54 21.25 -42.61
CA THR R 19 12.60 22.69 -42.38
C THR R 19 11.68 23.46 -43.31
N ILE R 20 11.43 22.93 -44.52
CA ILE R 20 10.45 23.55 -45.41
C ILE R 20 9.04 23.07 -45.15
N ALA R 21 8.86 22.07 -44.27
CA ALA R 21 7.54 21.61 -43.89
C ALA R 21 7.03 22.28 -42.62
N PHE R 22 7.84 23.14 -41.98
CA PHE R 22 7.45 23.81 -40.75
C PHE R 22 7.21 25.30 -40.92
N TRP R 23 7.80 25.94 -41.92
CA TRP R 23 7.69 27.38 -42.11
C TRP R 23 6.86 27.79 -43.33
N LEU R 24 6.61 26.86 -44.27
CA LEU R 24 5.93 27.25 -45.51
C LEU R 24 4.43 27.51 -45.31
N PRO R 25 3.60 26.56 -44.88
CA PRO R 25 2.15 26.74 -44.99
C PRO R 25 1.61 27.69 -43.92
N GLN R 26 0.33 28.02 -44.07
CA GLN R 26 -0.36 28.86 -43.10
C GLN R 26 -0.77 28.01 -41.89
N LEU R 27 -0.52 28.56 -40.70
CA LEU R 27 -0.75 27.85 -39.44
C LEU R 27 -1.94 28.46 -38.70
N ASN R 28 -2.77 27.60 -38.11
CA ASN R 28 -3.86 28.00 -37.22
C ASN R 28 -3.77 27.09 -36.00
N VAL R 29 -2.98 27.49 -35.01
CA VAL R 29 -2.66 26.66 -33.86
C VAL R 29 -3.44 27.16 -32.66
N TYR R 30 -4.22 26.28 -32.06
CA TYR R 30 -5.10 26.62 -30.95
C TYR R 30 -4.81 25.68 -29.78
N SER R 31 -5.51 25.88 -28.67
CA SER R 31 -5.37 24.92 -27.57
C SER R 31 -6.44 23.84 -27.65
N GLU R 32 -6.67 23.34 -28.86
CA GLU R 32 -7.44 22.12 -29.11
C GLU R 32 -6.83 21.26 -30.21
N LYS R 33 -5.99 21.85 -31.08
CA LYS R 33 -5.43 21.12 -32.22
C LYS R 33 -4.38 20.12 -31.78
N THR R 34 -3.62 20.45 -30.73
CA THR R 34 -2.46 19.68 -30.32
C THR R 34 -2.75 18.75 -29.16
N SER R 35 -4.02 18.55 -28.81
CA SER R 35 -4.37 17.62 -27.75
C SER R 35 -4.04 16.19 -28.17
N PRO R 36 -3.74 15.31 -27.23
CA PRO R 36 -3.52 13.89 -27.58
C PRO R 36 -4.79 13.26 -28.15
N TYR R 37 -4.59 12.34 -29.08
CA TYR R 37 -5.69 11.72 -29.80
C TYR R 37 -6.05 10.41 -29.10
N GLU R 38 -7.26 10.35 -28.54
CA GLU R 38 -7.77 9.17 -27.84
C GLU R 38 -9.12 8.76 -28.39
N CYS R 39 -9.20 8.68 -29.72
CA CYS R 39 -10.39 8.25 -30.46
C CYS R 39 -11.60 9.15 -30.21
N GLY R 40 -11.36 10.44 -29.98
CA GLY R 40 -12.42 11.42 -29.86
C GLY R 40 -12.76 11.83 -28.44
N PHE R 41 -12.34 11.07 -27.44
CA PHE R 41 -12.68 11.38 -26.06
C PHE R 41 -11.43 11.75 -25.29
N ASP R 42 -11.64 12.39 -24.14
CA ASP R 42 -10.54 12.80 -23.29
C ASP R 42 -9.87 11.56 -22.68
N PRO R 43 -8.54 11.53 -22.65
CA PRO R 43 -7.84 10.39 -22.04
C PRO R 43 -8.05 10.37 -20.53
N MET R 44 -7.96 9.16 -19.97
CA MET R 44 -8.19 8.92 -18.55
C MET R 44 -6.83 8.60 -17.93
N GLY R 45 -6.04 9.63 -17.67
CA GLY R 45 -4.70 9.47 -17.16
C GLY R 45 -3.63 9.81 -18.19
N SER R 46 -2.39 9.80 -17.72
CA SER R 46 -1.25 10.19 -18.53
C SER R 46 -0.79 9.06 -19.45
N ALA R 47 0.00 9.42 -20.45
CA ALA R 47 0.62 8.44 -21.34
C ALA R 47 2.01 8.03 -20.88
N ARG R 48 2.47 8.55 -19.76
CA ARG R 48 3.77 8.20 -19.18
C ARG R 48 3.63 7.23 -18.02
N LEU R 49 2.48 6.57 -17.89
CA LEU R 49 2.29 5.56 -16.86
C LEU R 49 3.12 4.32 -17.19
N PRO R 50 3.44 3.50 -16.18
CA PRO R 50 4.16 2.25 -16.44
C PRO R 50 3.37 1.29 -17.32
N PHE R 51 3.85 1.10 -18.55
CA PHE R 51 3.24 0.21 -19.51
C PHE R 51 3.92 -1.15 -19.38
N SER R 52 3.32 -2.03 -18.58
CA SER R 52 3.97 -3.27 -18.18
C SER R 52 4.19 -4.20 -19.36
N MET R 53 5.32 -4.89 -19.36
CA MET R 53 5.75 -5.74 -20.46
C MET R 53 5.79 -7.19 -20.01
N LYS R 54 5.22 -8.07 -20.83
CA LYS R 54 5.13 -9.49 -20.51
C LYS R 54 6.28 -10.32 -21.06
N PHE R 55 6.95 -9.85 -22.10
CA PHE R 55 8.02 -10.62 -22.75
C PHE R 55 9.40 -10.22 -22.23
N PHE R 56 9.60 -10.16 -20.91
CA PHE R 56 10.88 -9.72 -20.40
C PHE R 56 11.94 -10.82 -20.54
N LEU R 57 11.54 -12.07 -20.31
CA LEU R 57 12.47 -13.18 -20.40
C LEU R 57 12.97 -13.36 -21.83
N VAL R 58 12.07 -13.18 -22.81
CA VAL R 58 12.47 -13.27 -24.20
C VAL R 58 13.41 -12.14 -24.58
N ALA R 59 13.27 -10.97 -23.96
CA ALA R 59 14.20 -9.87 -24.24
C ALA R 59 15.59 -10.15 -23.66
N ILE R 60 15.65 -10.67 -22.43
CA ILE R 60 16.93 -11.04 -21.82
C ILE R 60 17.63 -12.11 -22.65
N THR R 61 16.89 -13.14 -23.04
CA THR R 61 17.50 -14.17 -23.86
C THR R 61 17.74 -13.69 -25.29
N PHE R 62 17.07 -12.61 -25.73
CA PHE R 62 17.45 -12.00 -26.98
C PHE R 62 18.83 -11.37 -26.88
N LEU R 63 19.13 -10.73 -25.74
CA LEU R 63 20.49 -10.25 -25.50
C LEU R 63 21.50 -11.38 -25.55
N LEU R 64 21.20 -12.48 -24.87
CA LEU R 64 22.14 -13.59 -24.82
C LEU R 64 22.31 -14.25 -26.19
N PHE R 65 21.23 -14.39 -26.96
CA PHE R 65 21.32 -15.01 -28.27
C PHE R 65 21.92 -14.07 -29.32
N ASP R 66 21.72 -12.76 -29.17
CA ASP R 66 22.43 -11.79 -29.99
C ASP R 66 23.93 -11.89 -29.76
N LEU R 67 24.34 -12.12 -28.52
CA LEU R 67 25.77 -12.26 -28.28
C LEU R 67 26.28 -13.61 -28.77
N GLU R 68 25.43 -14.65 -28.71
CA GLU R 68 25.80 -15.94 -29.28
C GLU R 68 26.03 -15.85 -30.79
N ILE R 69 25.16 -15.13 -31.51
CA ILE R 69 25.38 -14.98 -32.94
C ILE R 69 26.48 -13.96 -33.23
N ALA R 70 26.79 -13.06 -32.28
CA ALA R 70 27.95 -12.20 -32.46
C ALA R 70 29.24 -13.00 -32.40
N LEU R 71 29.29 -14.01 -31.53
CA LEU R 71 30.45 -14.89 -31.47
C LEU R 71 30.57 -15.76 -32.73
N LEU R 72 29.46 -15.97 -33.44
CA LEU R 72 29.38 -16.95 -34.51
C LEU R 72 29.75 -16.39 -35.88
N LEU R 73 29.79 -15.08 -36.05
CA LEU R 73 30.06 -14.44 -37.34
C LEU R 73 31.49 -14.57 -37.90
N PRO R 74 32.56 -14.75 -37.10
CA PRO R 74 33.86 -15.06 -37.71
C PRO R 74 33.99 -16.38 -38.47
N LEU R 75 32.90 -17.13 -38.62
CA LEU R 75 32.97 -18.44 -39.28
C LEU R 75 33.48 -18.44 -40.71
N PRO R 76 33.08 -17.53 -41.63
CA PRO R 76 33.67 -17.57 -42.98
C PRO R 76 35.17 -17.39 -43.02
N TRP R 77 35.74 -16.58 -42.13
CA TRP R 77 37.18 -16.46 -42.05
C TRP R 77 37.82 -17.63 -41.32
N ALA R 78 37.12 -18.17 -40.31
CA ALA R 78 37.67 -19.30 -39.56
C ALA R 78 37.66 -20.58 -40.37
N SER R 79 36.87 -20.65 -41.43
CA SER R 79 36.93 -21.79 -42.33
C SER R 79 38.19 -21.81 -43.18
N GLN R 80 38.98 -20.75 -43.17
CA GLN R 80 40.23 -20.65 -43.93
C GLN R 80 41.44 -21.02 -43.09
N THR R 81 41.29 -21.91 -42.12
CA THR R 81 42.38 -22.27 -41.22
C THR R 81 43.03 -23.56 -41.68
N THR R 82 44.08 -23.96 -40.95
CA THR R 82 44.71 -25.26 -41.15
C THR R 82 44.21 -26.30 -40.16
N ASN R 83 44.04 -25.94 -38.89
CA ASN R 83 43.47 -26.86 -37.90
C ASN R 83 41.96 -26.90 -38.12
N LEU R 84 41.57 -27.63 -39.17
CA LEU R 84 40.19 -27.62 -39.62
C LEU R 84 39.28 -28.46 -38.73
N ASN R 85 39.79 -29.56 -38.19
CA ASN R 85 38.97 -30.43 -37.35
C ASN R 85 38.60 -29.74 -36.04
N THR R 86 39.56 -29.07 -35.42
CA THR R 86 39.28 -28.37 -34.17
C THR R 86 38.33 -27.20 -34.39
N MET R 87 38.50 -26.46 -35.49
CA MET R 87 37.59 -25.38 -35.80
C MET R 87 36.17 -25.90 -36.02
N LEU R 88 36.04 -27.00 -36.76
CA LEU R 88 34.74 -27.61 -37.01
C LEU R 88 34.09 -28.07 -35.71
N THR R 89 34.88 -28.69 -34.83
CA THR R 89 34.37 -29.15 -33.55
C THR R 89 33.91 -28.00 -32.68
N MET R 90 34.69 -26.91 -32.61
CA MET R 90 34.29 -25.79 -31.75
C MET R 90 33.08 -25.05 -32.32
N ALA R 91 32.99 -24.92 -33.64
CA ALA R 91 31.81 -24.31 -34.24
C ALA R 91 30.56 -25.13 -33.96
N LEU R 92 30.67 -26.45 -34.14
CA LEU R 92 29.55 -27.34 -33.89
C LEU R 92 29.16 -27.33 -32.41
N LEU R 93 30.16 -27.28 -31.52
CA LEU R 93 29.88 -27.29 -30.09
C LEU R 93 29.23 -25.98 -29.64
N LEU R 94 29.67 -24.84 -30.20
CA LEU R 94 29.04 -23.58 -29.87
C LEU R 94 27.58 -23.54 -30.33
N ILE R 95 27.32 -24.02 -31.54
CA ILE R 95 25.96 -24.00 -32.06
C ILE R 95 25.08 -24.98 -31.28
N PHE R 96 25.66 -26.13 -30.90
CA PHE R 96 24.96 -27.10 -30.09
C PHE R 96 24.64 -26.54 -28.70
N LEU R 97 25.54 -25.74 -28.13
CA LEU R 97 25.25 -25.12 -26.84
C LEU R 97 24.14 -24.07 -26.98
N LEU R 98 24.13 -23.35 -28.10
CA LEU R 98 23.02 -22.42 -28.37
C LEU R 98 21.69 -23.16 -28.43
N ALA R 99 21.67 -24.28 -29.15
CA ALA R 99 20.45 -25.08 -29.28
C ALA R 99 20.03 -25.68 -27.95
N VAL R 100 21.01 -26.07 -27.12
CA VAL R 100 20.72 -26.60 -25.80
C VAL R 100 20.07 -25.54 -24.92
N SER R 101 20.58 -24.31 -24.97
CA SER R 101 19.97 -23.22 -24.21
C SER R 101 18.55 -22.94 -24.67
N LEU R 102 18.33 -22.93 -25.99
CA LEU R 102 16.99 -22.71 -26.53
C LEU R 102 16.04 -23.82 -26.12
N ALA R 103 16.50 -25.07 -26.16
CA ALA R 103 15.65 -26.20 -25.78
C ALA R 103 15.34 -26.20 -24.30
N TYR R 104 16.30 -25.79 -23.47
CA TYR R 104 16.04 -25.70 -22.04
C TYR R 104 15.03 -24.61 -21.73
N GLU R 105 15.07 -23.50 -22.46
CA GLU R 105 14.02 -22.50 -22.29
C GLU R 105 12.67 -23.00 -22.77
N TRP R 106 12.66 -23.74 -23.88
CA TRP R 106 11.41 -24.26 -24.42
C TRP R 106 10.75 -25.25 -23.46
N THR R 107 11.53 -26.17 -22.89
CA THR R 107 10.95 -27.17 -22.01
C THR R 107 10.51 -26.59 -20.67
N GLN R 108 11.03 -25.44 -20.28
CA GLN R 108 10.72 -24.85 -18.98
C GLN R 108 9.70 -23.72 -19.08
N LYS R 109 8.98 -23.63 -20.20
CA LYS R 109 7.92 -22.64 -20.43
C LYS R 109 8.43 -21.21 -20.30
N GLY R 110 9.69 -20.98 -20.65
CA GLY R 110 10.24 -19.63 -20.57
C GLY R 110 9.79 -18.75 -21.72
N LEU R 111 9.54 -19.33 -22.88
CA LEU R 111 9.10 -18.55 -24.03
C LEU R 111 7.62 -18.17 -23.94
N GLU R 112 6.84 -18.87 -23.12
CA GLU R 112 5.44 -18.53 -22.95
C GLU R 112 5.31 -17.22 -22.19
N TRP R 113 4.40 -16.36 -22.65
CA TRP R 113 4.25 -15.03 -22.08
C TRP R 113 3.52 -15.10 -20.75
N THR R 114 3.87 -14.18 -19.86
CA THR R 114 3.21 -14.10 -18.57
C THR R 114 1.82 -13.50 -18.71
N GLU R 115 0.89 -14.00 -17.90
CA GLU R 115 -0.51 -13.55 -17.86
C GLU R 115 -1.20 -13.67 -19.21
N MET S 1 34.07 14.23 -58.83
CA MET S 1 32.69 14.06 -59.24
C MET S 1 31.97 13.03 -58.39
N PHE S 2 32.16 13.12 -57.07
CA PHE S 2 31.44 12.21 -56.19
C PHE S 2 30.05 12.73 -55.83
N MET S 3 29.89 14.05 -55.71
CA MET S 3 28.61 14.61 -55.32
C MET S 3 27.56 14.37 -56.40
N ILE S 4 27.97 14.39 -57.67
CA ILE S 4 27.07 14.06 -58.77
C ILE S 4 26.62 12.61 -58.67
N ASN S 5 27.55 11.71 -58.31
CA ASN S 5 27.21 10.31 -58.11
C ASN S 5 26.21 10.13 -56.96
N VAL S 6 26.43 10.85 -55.87
CA VAL S 6 25.53 10.76 -54.72
C VAL S 6 24.15 11.28 -55.07
N LEU S 7 24.07 12.41 -55.79
CA LEU S 7 22.78 12.96 -56.17
C LEU S 7 22.04 12.03 -57.14
N THR S 8 22.75 11.46 -58.12
CA THR S 8 22.14 10.54 -59.06
C THR S 8 21.84 9.18 -58.45
N LEU S 9 22.34 8.91 -57.25
CA LEU S 9 21.81 7.77 -56.50
C LEU S 9 20.57 8.15 -55.69
N ILE S 10 20.60 9.28 -54.99
CA ILE S 10 19.57 9.56 -54.00
C ILE S 10 18.29 10.15 -54.57
N ILE S 11 18.33 10.76 -55.75
CA ILE S 11 17.10 11.28 -56.35
C ILE S 11 16.26 10.18 -57.01
N PRO S 12 16.80 9.30 -57.85
CA PRO S 12 15.92 8.27 -58.46
C PRO S 12 15.32 7.29 -57.47
N ILE S 13 15.95 7.07 -56.32
CA ILE S 13 15.36 6.11 -55.38
C ILE S 13 14.08 6.69 -54.77
N LEU S 14 14.05 8.00 -54.48
CA LEU S 14 12.81 8.57 -53.97
C LEU S 14 11.78 8.79 -55.07
N LEU S 15 12.22 9.06 -56.32
CA LEU S 15 11.27 9.05 -57.43
C LEU S 15 10.62 7.68 -57.59
N ALA S 16 11.42 6.61 -57.51
CA ALA S 16 10.89 5.28 -57.58
C ALA S 16 10.05 4.93 -56.35
N VAL S 17 10.32 5.58 -55.22
CA VAL S 17 9.46 5.40 -54.04
C VAL S 17 8.07 5.95 -54.31
N ALA S 18 8.00 7.16 -54.89
CA ALA S 18 6.71 7.74 -55.23
C ALA S 18 5.97 6.89 -56.26
N PHE S 19 6.69 6.43 -57.28
CA PHE S 19 6.02 5.58 -58.27
C PHE S 19 5.72 4.19 -57.74
N LEU S 20 6.41 3.74 -56.70
CA LEU S 20 6.02 2.49 -56.04
C LEU S 20 4.73 2.68 -55.25
N THR S 21 4.55 3.86 -54.65
CA THR S 21 3.26 4.15 -54.02
C THR S 21 2.14 4.13 -55.06
N LEU S 22 2.42 4.69 -56.24
CA LEU S 22 1.46 4.64 -57.35
C LEU S 22 1.16 3.20 -57.75
N VAL S 23 2.20 2.39 -57.98
CA VAL S 23 2.04 1.03 -58.46
C VAL S 23 1.37 0.16 -57.42
N GLU S 24 1.71 0.38 -56.14
CA GLU S 24 1.08 -0.36 -55.05
C GLU S 24 -0.39 -0.04 -54.96
N ARG S 25 -0.76 1.23 -55.10
CA ARG S 25 -2.18 1.58 -55.08
C ARG S 25 -2.90 1.00 -56.29
N LYS S 26 -2.24 0.96 -57.45
CA LYS S 26 -2.86 0.38 -58.64
C LYS S 26 -3.03 -1.13 -58.53
N VAL S 27 -2.02 -1.83 -58.01
CA VAL S 27 -2.11 -3.28 -57.88
C VAL S 27 -3.11 -3.64 -56.78
N LEU S 28 -3.08 -2.91 -55.66
CA LEU S 28 -4.05 -3.09 -54.59
C LEU S 28 -5.45 -2.70 -55.02
N GLY S 29 -5.58 -1.88 -56.08
CA GLY S 29 -6.87 -1.77 -56.72
C GLY S 29 -7.21 -2.98 -57.56
N TYR S 30 -6.25 -3.44 -58.38
CA TYR S 30 -6.63 -4.32 -59.46
C TYR S 30 -6.82 -5.76 -59.00
N MET S 31 -6.22 -6.13 -57.87
CA MET S 31 -6.46 -7.48 -57.34
C MET S 31 -7.84 -7.57 -56.70
N GLN S 32 -8.29 -6.50 -56.08
CA GLN S 32 -9.60 -6.46 -55.42
C GLN S 32 -10.69 -5.93 -56.36
N PHE S 33 -10.74 -6.48 -57.57
CA PHE S 33 -11.84 -6.33 -58.52
C PHE S 33 -12.13 -4.88 -58.89
N ARG S 34 -11.20 -3.96 -58.66
CA ARG S 34 -11.45 -2.56 -59.01
C ARG S 34 -10.24 -1.97 -59.70
N LYS S 35 -10.20 -0.66 -59.84
CA LYS S 35 -9.11 0.02 -60.51
C LYS S 35 -8.30 0.84 -59.51
N GLY S 36 -7.17 1.35 -59.97
CA GLY S 36 -6.37 2.26 -59.18
C GLY S 36 -6.70 3.68 -59.57
N PRO S 37 -5.84 4.62 -59.19
CA PRO S 37 -6.03 6.02 -59.61
C PRO S 37 -5.81 6.16 -61.11
N ASN S 38 -6.86 6.55 -61.82
CA ASN S 38 -6.74 6.75 -63.27
C ASN S 38 -7.47 8.01 -63.72
N VAL S 39 -7.68 8.98 -62.84
CA VAL S 39 -8.43 10.18 -63.16
C VAL S 39 -7.55 11.41 -63.21
N VAL S 40 -6.52 11.49 -62.36
CA VAL S 40 -5.73 12.72 -62.24
C VAL S 40 -4.94 12.99 -63.52
N GLY S 41 -4.30 11.97 -64.07
CA GLY S 41 -3.53 12.12 -65.28
C GLY S 41 -3.78 11.00 -66.27
N PRO S 42 -2.90 10.89 -67.27
CA PRO S 42 -3.01 9.76 -68.20
C PRO S 42 -2.64 8.45 -67.53
N TYR S 43 -3.66 7.63 -67.24
CA TYR S 43 -3.55 6.41 -66.44
C TYR S 43 -2.96 6.70 -65.05
N GLY S 44 -3.27 7.87 -64.51
CA GLY S 44 -2.87 8.23 -63.15
C GLY S 44 -1.39 8.38 -62.90
N LEU S 45 -0.65 8.94 -63.86
CA LEU S 45 0.79 9.10 -63.68
C LEU S 45 1.16 10.29 -62.81
N LEU S 46 0.21 11.17 -62.49
CA LEU S 46 0.49 12.38 -61.73
C LEU S 46 -0.03 12.30 -60.30
N GLN S 47 -0.50 11.12 -59.86
CA GLN S 47 -0.97 10.97 -58.49
C GLN S 47 0.13 11.12 -57.43
N PRO S 48 1.33 10.52 -57.55
CA PRO S 48 2.37 10.79 -56.54
C PRO S 48 2.79 12.25 -56.47
N ILE S 49 2.78 12.97 -57.59
CA ILE S 49 3.11 14.39 -57.57
C ILE S 49 2.07 15.17 -56.76
N ALA S 50 0.79 14.86 -56.98
CA ALA S 50 -0.27 15.53 -56.24
C ALA S 50 -0.23 15.20 -54.77
N ASP S 51 0.05 13.94 -54.43
CA ASP S 51 0.19 13.55 -53.03
C ASP S 51 1.37 14.25 -52.38
N ALA S 52 2.49 14.37 -53.09
CA ALA S 52 3.68 14.99 -52.51
C ALA S 52 3.49 16.49 -52.31
N ILE S 53 2.86 17.17 -53.27
CA ILE S 53 2.62 18.60 -53.11
C ILE S 53 1.60 18.85 -52.01
N LYS S 54 0.60 17.97 -51.89
CA LYS S 54 -0.42 18.14 -50.86
C LYS S 54 0.17 18.02 -49.46
N LEU S 55 1.08 17.07 -49.26
CA LEU S 55 1.59 16.80 -47.92
C LEU S 55 2.55 17.88 -47.42
N PHE S 56 3.05 18.74 -48.30
CA PHE S 56 3.99 19.77 -47.93
C PHE S 56 3.37 21.16 -47.87
N ILE S 57 2.04 21.27 -47.90
CA ILE S 57 1.37 22.55 -47.74
C ILE S 57 0.30 22.45 -46.65
N LYS S 58 0.29 21.33 -45.93
CA LYS S 58 -0.60 21.11 -44.80
C LYS S 58 0.08 21.53 -43.51
N GLU S 59 -0.71 21.58 -42.44
CA GLU S 59 -0.21 22.10 -41.17
C GLU S 59 0.81 21.15 -40.55
N PRO S 60 1.88 21.68 -39.93
CA PRO S 60 2.90 20.80 -39.34
C PRO S 60 2.44 20.09 -38.08
N LEU S 61 1.79 20.81 -37.16
CA LEU S 61 1.10 20.26 -36.00
C LEU S 61 2.04 19.49 -35.07
N ARG S 62 2.93 20.24 -34.43
CA ARG S 62 3.71 19.69 -33.33
C ARG S 62 2.87 19.70 -32.07
N PRO S 63 2.69 18.57 -31.38
CA PRO S 63 1.85 18.55 -30.18
C PRO S 63 2.47 19.30 -29.02
N ALA S 64 1.61 19.75 -28.10
CA ALA S 64 2.06 20.47 -26.92
C ALA S 64 2.65 19.52 -25.88
N THR S 65 2.07 18.34 -25.71
CA THR S 65 2.52 17.39 -24.70
C THR S 65 3.68 16.54 -25.17
N SER S 66 4.14 16.73 -26.40
CA SER S 66 5.22 15.94 -26.95
C SER S 66 6.55 16.66 -26.78
N SER S 67 7.60 15.89 -26.48
CA SER S 67 8.95 16.43 -26.44
C SER S 67 9.38 16.75 -27.87
N ILE S 68 9.59 18.04 -28.15
CA ILE S 68 9.71 18.50 -29.52
C ILE S 68 11.01 18.04 -30.16
N SER S 69 12.08 17.88 -29.37
CA SER S 69 13.39 17.55 -29.92
C SER S 69 13.39 16.17 -30.56
N MET S 70 12.95 15.15 -29.82
CA MET S 70 12.89 13.81 -30.39
C MET S 70 11.79 13.69 -31.44
N PHE S 71 10.71 14.46 -31.29
CA PHE S 71 9.63 14.46 -32.26
C PHE S 71 10.10 14.92 -33.63
N ILE S 72 10.95 15.95 -33.68
CA ILE S 72 11.52 16.35 -34.96
C ILE S 72 12.65 15.43 -35.37
N LEU S 73 13.42 14.90 -34.41
CA LEU S 73 14.61 14.12 -34.74
C LEU S 73 14.28 12.77 -35.37
N ALA S 74 13.19 12.13 -34.93
CA ALA S 74 12.89 10.77 -35.39
C ALA S 74 12.63 10.64 -36.90
N PRO S 75 11.80 11.47 -37.57
CA PRO S 75 11.65 11.29 -39.02
C PRO S 75 12.90 11.59 -39.81
N ILE S 76 13.73 12.53 -39.34
CA ILE S 76 15.01 12.80 -39.98
C ILE S 76 15.89 11.57 -39.93
N LEU S 77 15.94 10.91 -38.77
CA LEU S 77 16.71 9.68 -38.63
C LEU S 77 16.16 8.58 -39.52
N ALA S 78 14.84 8.48 -39.62
CA ALA S 78 14.22 7.44 -40.47
C ALA S 78 14.59 7.63 -41.93
N LEU S 79 14.44 8.85 -42.45
CA LEU S 79 14.77 9.11 -43.85
C LEU S 79 16.26 8.96 -44.12
N THR S 80 17.10 9.44 -43.20
CA THR S 80 18.54 9.33 -43.41
C THR S 80 19.01 7.88 -43.35
N LEU S 81 18.40 7.07 -42.48
CA LEU S 81 18.76 5.67 -42.39
C LEU S 81 18.29 4.89 -43.61
N ALA S 82 17.12 5.26 -44.16
CA ALA S 82 16.69 4.63 -45.40
C ALA S 82 17.54 5.07 -46.58
N LEU S 83 18.09 6.28 -46.53
CA LEU S 83 18.86 6.80 -47.65
C LEU S 83 20.30 6.29 -47.65
N THR S 84 20.90 6.16 -46.47
CA THR S 84 22.23 5.57 -46.36
C THR S 84 22.21 4.06 -46.38
N MET S 85 21.02 3.47 -46.42
CA MET S 85 20.88 2.03 -46.54
C MET S 85 21.38 1.54 -47.89
N TRP S 86 21.18 2.34 -48.94
CA TRP S 86 21.37 1.94 -50.32
C TRP S 86 22.82 2.00 -50.79
N ILE S 87 23.72 2.52 -49.96
CA ILE S 87 25.06 2.92 -50.41
C ILE S 87 25.92 1.75 -50.93
N PRO S 88 26.10 0.62 -50.21
CA PRO S 88 27.03 -0.38 -50.73
C PRO S 88 26.40 -1.42 -51.65
N LEU S 89 25.23 -1.12 -52.19
CA LEU S 89 24.53 -2.08 -53.02
C LEU S 89 25.15 -2.10 -54.43
N PRO S 90 25.65 -3.25 -54.89
CA PRO S 90 26.32 -3.30 -56.20
C PRO S 90 25.31 -3.48 -57.33
N MET S 91 25.21 -2.49 -58.20
CA MET S 91 24.29 -2.55 -59.34
C MET S 91 24.98 -2.16 -60.64
N PRO S 92 26.01 -2.91 -61.09
CA PRO S 92 26.85 -3.98 -60.54
C PRO S 92 28.04 -3.41 -59.77
N TYR S 93 28.21 -2.09 -59.82
CA TYR S 93 29.22 -1.40 -59.05
C TYR S 93 28.55 -0.59 -57.95
N PRO S 94 28.86 -0.84 -56.69
CA PRO S 94 28.25 -0.06 -55.61
C PRO S 94 28.83 1.35 -55.58
N LEU S 95 28.09 2.24 -54.91
CA LEU S 95 28.59 3.59 -54.68
C LEU S 95 29.84 3.57 -53.83
N ILE S 96 29.85 2.76 -52.77
CA ILE S 96 30.98 2.64 -51.87
C ILE S 96 31.29 1.16 -51.73
N ASN S 97 32.39 0.72 -52.34
CA ASN S 97 32.85 -0.65 -52.18
C ASN S 97 33.34 -0.84 -50.76
N MET S 98 32.76 -1.80 -50.05
CA MET S 98 33.09 -2.03 -48.65
C MET S 98 33.49 -3.47 -48.43
N ASN S 99 34.49 -3.67 -47.57
CA ASN S 99 34.93 -5.01 -47.23
C ASN S 99 33.84 -5.78 -46.51
N LEU S 100 33.13 -5.12 -45.59
CA LEU S 100 32.04 -5.72 -44.81
C LEU S 100 30.78 -4.90 -45.02
N GLY S 101 30.04 -5.21 -46.08
CA GLY S 101 28.82 -4.47 -46.37
C GLY S 101 27.61 -5.08 -45.69
N VAL S 102 27.62 -6.39 -45.53
CA VAL S 102 26.50 -7.12 -44.93
C VAL S 102 26.32 -6.71 -43.47
N LEU S 103 27.42 -6.63 -42.72
CA LEU S 103 27.33 -6.15 -41.35
C LEU S 103 26.90 -4.69 -41.28
N PHE S 104 27.21 -3.90 -42.31
CA PHE S 104 26.74 -2.52 -42.35
C PHE S 104 25.23 -2.46 -42.53
N MET S 105 24.67 -3.30 -43.40
CA MET S 105 23.22 -3.41 -43.47
C MET S 105 22.61 -3.86 -42.16
N LEU S 106 23.25 -4.82 -41.49
CA LEU S 106 22.71 -5.31 -40.22
C LEU S 106 22.71 -4.22 -39.15
N ALA S 107 23.81 -3.47 -39.03
CA ALA S 107 23.91 -2.41 -38.05
C ALA S 107 22.92 -1.28 -38.36
N MET S 108 22.76 -0.93 -39.64
CA MET S 108 21.81 0.12 -39.97
C MET S 108 20.37 -0.35 -39.87
N SER S 109 20.13 -1.66 -39.99
CA SER S 109 18.81 -2.21 -39.70
C SER S 109 18.51 -2.10 -38.22
N SER S 110 19.51 -2.33 -37.38
CA SER S 110 19.35 -2.12 -35.95
C SER S 110 19.08 -0.66 -35.62
N LEU S 111 19.74 0.25 -36.34
CA LEU S 111 19.61 1.67 -36.02
C LEU S 111 18.27 2.24 -36.48
N ALA S 112 17.71 1.72 -37.58
CA ALA S 112 16.50 2.31 -38.16
C ALA S 112 15.27 2.06 -37.31
N VAL S 113 15.30 1.06 -36.42
CA VAL S 113 14.20 0.80 -35.50
C VAL S 113 14.01 1.97 -34.54
N TYR S 114 15.10 2.63 -34.16
CA TYR S 114 15.07 3.67 -33.15
C TYR S 114 14.27 4.89 -33.60
N SER S 115 14.16 5.11 -34.91
CA SER S 115 13.28 6.19 -35.38
C SER S 115 11.83 5.89 -35.05
N ILE S 116 11.39 4.65 -35.27
CA ILE S 116 10.05 4.23 -34.90
C ILE S 116 9.85 4.32 -33.40
N LEU S 117 10.84 3.85 -32.63
CA LEU S 117 10.72 3.85 -31.18
C LEU S 117 10.65 5.26 -30.60
N TRP S 118 11.51 6.16 -31.08
CA TRP S 118 11.51 7.51 -30.55
C TRP S 118 10.33 8.34 -31.06
N SER S 119 9.83 8.06 -32.26
CA SER S 119 8.62 8.74 -32.71
C SER S 119 7.40 8.27 -31.92
N GLY S 120 7.39 7.00 -31.53
CA GLY S 120 6.34 6.54 -30.63
C GLY S 120 6.46 7.13 -29.24
N TRP S 121 7.68 7.23 -28.71
CA TRP S 121 7.84 7.69 -27.34
C TRP S 121 7.62 9.19 -27.22
N ALA S 122 8.13 9.97 -28.17
CA ALA S 122 8.10 11.43 -28.06
C ALA S 122 6.67 11.95 -28.13
N SER S 123 5.88 11.44 -29.08
CA SER S 123 4.48 11.81 -29.14
C SER S 123 3.76 11.18 -27.95
N ASN S 124 3.29 12.03 -27.04
CA ASN S 124 2.72 11.59 -25.77
C ASN S 124 1.36 10.95 -26.02
N SER S 125 1.39 9.69 -26.45
CA SER S 125 0.17 8.97 -26.79
C SER S 125 0.28 7.53 -26.31
N LYS S 126 -0.86 6.97 -25.92
CA LYS S 126 -0.89 5.57 -25.51
C LYS S 126 -0.80 4.64 -26.71
N TYR S 127 -1.48 4.97 -27.81
CA TYR S 127 -1.39 4.17 -29.03
C TYR S 127 0.03 4.21 -29.61
N ALA S 128 0.70 5.35 -29.50
CA ALA S 128 2.07 5.47 -29.97
C ALA S 128 3.02 4.60 -29.14
N LEU S 129 2.81 4.55 -27.82
CA LEU S 129 3.63 3.69 -26.99
C LEU S 129 3.35 2.22 -27.25
N ILE S 130 2.09 1.89 -27.54
CA ILE S 130 1.73 0.52 -27.89
C ILE S 130 2.43 0.11 -29.18
N GLY S 131 2.41 0.99 -30.18
CA GLY S 131 3.11 0.70 -31.42
C GLY S 131 4.62 0.60 -31.24
N ALA S 132 5.18 1.43 -30.35
CA ALA S 132 6.61 1.37 -30.08
C ALA S 132 7.01 0.05 -29.42
N LEU S 133 6.22 -0.41 -28.44
CA LEU S 133 6.58 -1.68 -27.80
C LEU S 133 6.32 -2.86 -28.72
N ARG S 134 5.34 -2.75 -29.62
CA ARG S 134 5.17 -3.80 -30.62
C ARG S 134 6.36 -3.84 -31.58
N ALA S 135 6.92 -2.67 -31.93
CA ALA S 135 8.13 -2.64 -32.74
C ALA S 135 9.32 -3.26 -32.01
N VAL S 136 9.42 -3.01 -30.71
CA VAL S 136 10.48 -3.60 -29.90
C VAL S 136 10.37 -5.12 -29.92
N ALA S 137 9.17 -5.64 -29.69
CA ALA S 137 8.96 -7.09 -29.68
C ALA S 137 9.23 -7.70 -31.06
N GLN S 138 8.82 -6.99 -32.12
CA GLN S 138 9.08 -7.48 -33.47
C GLN S 138 10.57 -7.57 -33.76
N THR S 139 11.34 -6.58 -33.31
CA THR S 139 12.78 -6.58 -33.54
C THR S 139 13.47 -7.70 -32.77
N ILE S 140 13.12 -7.89 -31.50
CA ILE S 140 13.72 -9.00 -30.75
C ILE S 140 13.23 -10.35 -31.26
N SER S 141 12.13 -10.38 -32.00
CA SER S 141 11.73 -11.62 -32.64
C SER S 141 12.58 -11.92 -33.87
N TYR S 142 12.75 -10.93 -34.76
CA TYR S 142 13.30 -11.26 -36.07
C TYR S 142 14.83 -11.18 -36.16
N GLU S 143 15.48 -10.37 -35.33
CA GLU S 143 16.86 -9.98 -35.59
C GLU S 143 17.83 -11.16 -35.53
N VAL S 144 17.66 -12.05 -34.55
CA VAL S 144 18.57 -13.18 -34.38
C VAL S 144 18.49 -14.11 -35.58
N THR S 145 17.27 -14.46 -36.00
CA THR S 145 17.09 -15.35 -37.13
C THR S 145 17.58 -14.71 -38.42
N LEU S 146 17.39 -13.39 -38.56
CA LEU S 146 17.89 -12.70 -39.76
C LEU S 146 19.41 -12.78 -39.83
N ALA S 147 20.09 -12.46 -38.74
CA ALA S 147 21.55 -12.47 -38.73
C ALA S 147 22.10 -13.87 -38.94
N ILE S 148 21.47 -14.88 -38.34
CA ILE S 148 22.03 -16.23 -38.48
C ILE S 148 21.70 -16.83 -39.85
N ILE S 149 20.56 -16.44 -40.47
CA ILE S 149 20.29 -16.86 -41.84
C ILE S 149 21.33 -16.28 -42.78
N LEU S 150 21.63 -14.99 -42.61
CA LEU S 150 22.60 -14.35 -43.49
C LEU S 150 24.02 -14.87 -43.26
N LEU S 151 24.33 -15.23 -42.01
CA LEU S 151 25.61 -15.87 -41.71
C LEU S 151 25.71 -17.23 -42.39
N SER S 152 24.69 -18.07 -42.25
CA SER S 152 24.76 -19.41 -42.83
C SER S 152 24.67 -19.40 -44.34
N VAL S 153 24.17 -18.31 -44.93
CA VAL S 153 24.20 -18.20 -46.39
C VAL S 153 25.56 -17.72 -46.88
N LEU S 154 26.17 -16.74 -46.20
CA LEU S 154 27.43 -16.18 -46.66
C LEU S 154 28.61 -17.13 -46.51
N LEU S 155 28.43 -18.28 -45.85
CA LEU S 155 29.53 -19.23 -45.68
C LEU S 155 29.94 -19.85 -47.00
N MET S 156 29.04 -19.86 -47.98
CA MET S 156 29.37 -20.32 -49.33
C MET S 156 29.92 -19.20 -50.21
N ASN S 157 29.81 -17.96 -49.76
CA ASN S 157 30.36 -16.81 -50.48
C ASN S 157 31.83 -16.59 -50.14
N GLY S 158 32.20 -16.75 -48.87
CA GLY S 158 33.57 -16.61 -48.43
C GLY S 158 33.89 -15.30 -47.75
N SER S 159 33.07 -14.28 -47.96
CA SER S 159 33.32 -12.98 -47.36
C SER S 159 32.02 -12.20 -47.32
N PHE S 160 32.01 -11.13 -46.53
CA PHE S 160 30.84 -10.29 -46.36
C PHE S 160 30.69 -9.27 -47.48
N THR S 161 31.61 -9.23 -48.42
CA THR S 161 31.55 -8.27 -49.52
C THR S 161 30.42 -8.62 -50.48
N LEU S 162 29.60 -7.63 -50.82
CA LEU S 162 28.44 -7.87 -51.67
C LEU S 162 28.83 -8.06 -53.13
N SER S 163 29.95 -7.49 -53.56
CA SER S 163 30.36 -7.65 -54.95
C SER S 163 30.83 -9.08 -55.24
N THR S 164 31.39 -9.75 -54.22
CA THR S 164 31.76 -11.16 -54.36
C THR S 164 30.54 -12.05 -54.53
N LEU S 165 29.36 -11.58 -54.09
CA LEU S 165 28.14 -12.34 -54.26
C LEU S 165 27.70 -12.43 -55.71
N ILE S 166 28.16 -11.50 -56.56
CA ILE S 166 27.94 -11.62 -57.99
C ILE S 166 28.78 -12.75 -58.56
N ILE S 167 30.06 -12.79 -58.19
CA ILE S 167 30.98 -13.79 -58.75
C ILE S 167 30.66 -15.18 -58.23
N THR S 168 30.21 -15.28 -56.97
CA THR S 168 30.02 -16.59 -56.36
C THR S 168 28.84 -17.36 -56.91
N GLN S 169 27.95 -16.72 -57.68
CA GLN S 169 26.82 -17.43 -58.27
C GLN S 169 26.72 -17.13 -59.76
N GLU S 170 27.85 -16.92 -60.41
CA GLU S 170 27.84 -16.71 -61.86
C GLU S 170 27.60 -17.99 -62.63
N GLN S 171 27.76 -19.15 -61.98
CA GLN S 171 27.45 -20.42 -62.64
C GLN S 171 25.99 -20.79 -62.46
N VAL S 172 25.55 -20.97 -61.21
CA VAL S 172 24.16 -21.29 -60.90
C VAL S 172 23.67 -20.32 -59.84
N TRP S 173 22.34 -20.22 -59.75
CA TRP S 173 21.72 -19.35 -58.77
C TRP S 173 21.93 -19.88 -57.36
N LEU S 174 22.07 -18.96 -56.40
CA LEU S 174 22.24 -19.34 -55.01
C LEU S 174 20.92 -19.72 -54.35
N ILE S 175 19.80 -19.58 -55.05
CA ILE S 175 18.51 -20.04 -54.52
C ILE S 175 18.37 -21.55 -54.58
N PHE S 176 19.22 -22.24 -55.34
CA PHE S 176 19.15 -23.68 -55.42
C PHE S 176 19.74 -24.39 -54.20
N PRO S 177 20.98 -24.11 -53.76
CA PRO S 177 21.49 -24.84 -52.60
C PRO S 177 21.04 -24.28 -51.26
N ALA S 178 20.28 -23.19 -51.26
CA ALA S 178 19.75 -22.63 -50.02
C ALA S 178 18.30 -22.18 -50.23
N TRP S 179 17.50 -23.02 -50.90
CA TRP S 179 16.08 -22.72 -51.01
C TRP S 179 15.33 -22.64 -49.68
N PRO S 180 15.53 -23.50 -48.67
CA PRO S 180 14.84 -23.23 -47.39
C PRO S 180 15.31 -21.95 -46.74
N LEU S 181 16.62 -21.69 -46.80
CA LEU S 181 17.15 -20.43 -46.29
C LEU S 181 16.60 -19.25 -47.07
N ALA S 182 16.33 -19.44 -48.36
CA ALA S 182 15.70 -18.38 -49.16
C ALA S 182 14.29 -18.08 -48.67
N MET S 183 13.49 -19.13 -48.38
CA MET S 183 12.12 -18.89 -47.92
C MET S 183 12.10 -18.20 -46.56
N MET S 184 12.90 -18.69 -45.61
CA MET S 184 12.93 -18.03 -44.31
C MET S 184 13.57 -16.66 -44.36
N TRP S 185 14.50 -16.42 -45.30
CA TRP S 185 14.99 -15.07 -45.50
C TRP S 185 13.88 -14.15 -45.99
N PHE S 186 13.06 -14.63 -46.94
CA PHE S 186 11.97 -13.81 -47.46
C PHE S 186 10.96 -13.48 -46.37
N ILE S 187 10.65 -14.45 -45.51
CA ILE S 187 9.73 -14.19 -44.41
C ILE S 187 10.34 -13.21 -43.41
N SER S 188 11.65 -13.34 -43.16
CA SER S 188 12.31 -12.45 -42.20
C SER S 188 12.35 -11.01 -42.71
N THR S 189 12.58 -10.82 -44.00
CA THR S 189 12.50 -9.46 -44.54
C THR S 189 11.07 -8.97 -44.68
N LEU S 190 10.08 -9.86 -44.78
CA LEU S 190 8.70 -9.41 -44.67
C LEU S 190 8.43 -8.86 -43.27
N ALA S 191 8.98 -9.50 -42.25
CA ALA S 191 8.81 -9.02 -40.89
C ALA S 191 9.64 -7.78 -40.60
N GLU S 192 10.80 -7.63 -41.25
CA GLU S 192 11.67 -6.49 -41.00
C GLU S 192 11.05 -5.20 -41.47
N THR S 193 10.42 -5.22 -42.64
CA THR S 193 9.92 -4.02 -43.30
C THR S 193 8.55 -3.59 -42.80
N ASN S 194 8.02 -4.24 -41.75
CA ASN S 194 6.70 -3.97 -41.17
C ASN S 194 5.59 -4.03 -42.22
N ARG S 195 5.66 -5.02 -43.10
CA ARG S 195 4.65 -5.20 -44.13
C ARG S 195 3.81 -6.42 -43.82
N ALA S 196 2.62 -6.47 -44.43
CA ALA S 196 1.66 -7.52 -44.14
C ALA S 196 2.21 -8.88 -44.61
N PRO S 197 1.95 -9.96 -43.87
CA PRO S 197 1.10 -10.10 -42.69
C PRO S 197 1.77 -9.80 -41.36
N PHE S 198 2.93 -9.14 -41.37
CA PHE S 198 3.59 -8.80 -40.12
C PHE S 198 3.65 -7.29 -39.93
N ASP S 199 2.53 -6.60 -40.15
CA ASP S 199 2.53 -5.14 -39.98
C ASP S 199 2.81 -4.74 -38.54
N LEU S 200 1.83 -4.96 -37.66
CA LEU S 200 1.93 -4.93 -36.20
C LEU S 200 2.43 -3.62 -35.60
N THR S 201 2.75 -2.63 -36.43
CA THR S 201 3.19 -1.33 -35.93
C THR S 201 2.27 -0.21 -36.40
N GLU S 202 2.06 -0.09 -37.71
CA GLU S 202 1.08 0.85 -38.27
C GLU S 202 -0.25 0.17 -38.51
N GLY S 203 -0.77 -0.49 -37.47
CA GLY S 203 -2.02 -1.20 -37.59
C GLY S 203 -3.20 -0.24 -37.60
N GLU S 204 -4.00 -0.27 -38.67
CA GLU S 204 -5.16 0.58 -38.79
C GLU S 204 -6.42 -0.04 -38.19
N SER S 205 -6.30 -1.23 -37.60
CA SER S 205 -7.43 -1.92 -36.98
C SER S 205 -7.25 -2.11 -35.47
N GLU S 206 -6.12 -2.68 -35.04
CA GLU S 206 -5.85 -2.79 -33.61
C GLU S 206 -5.63 -1.42 -32.99
N LEU S 207 -4.93 -0.55 -33.70
CA LEU S 207 -4.77 0.85 -33.35
C LEU S 207 -5.40 1.66 -34.49
N VAL S 208 -5.21 2.97 -34.46
CA VAL S 208 -5.76 3.85 -35.49
C VAL S 208 -4.74 4.12 -36.58
N SER S 209 -3.54 4.61 -36.21
CA SER S 209 -2.47 4.78 -37.18
C SER S 209 -1.11 4.41 -36.63
N GLY S 210 -1.04 3.77 -35.46
CA GLY S 210 0.22 3.30 -34.92
C GLY S 210 1.08 4.35 -34.27
N PHE S 211 2.39 4.29 -34.49
CA PHE S 211 3.32 5.21 -33.86
C PHE S 211 3.20 6.63 -34.42
N ASN S 212 2.73 6.78 -35.66
CA ASN S 212 2.53 8.09 -36.27
C ASN S 212 1.06 8.50 -36.24
N VAL S 213 0.35 8.20 -35.15
CA VAL S 213 -1.06 8.60 -35.05
C VAL S 213 -1.21 10.08 -34.73
N GLU S 214 -0.14 10.75 -34.28
CA GLU S 214 -0.16 12.18 -34.02
C GLU S 214 0.57 12.98 -35.09
N TYR S 215 1.34 12.31 -35.95
CA TYR S 215 2.11 12.99 -36.98
C TYR S 215 1.18 13.45 -38.10
N ALA S 216 1.11 14.76 -38.30
CA ALA S 216 0.37 15.32 -39.43
C ALA S 216 1.24 15.26 -40.67
N ALA S 217 0.82 15.94 -41.74
CA ALA S 217 1.49 15.83 -43.02
C ALA S 217 2.87 16.49 -43.00
N GLY S 218 3.71 16.06 -43.94
CA GLY S 218 5.08 16.51 -44.04
C GLY S 218 6.04 15.60 -43.29
N PRO S 219 6.09 15.73 -41.97
CA PRO S 219 6.80 14.74 -41.16
C PRO S 219 6.31 13.31 -41.33
N PHE S 220 5.00 13.11 -41.56
CA PHE S 220 4.51 11.76 -41.80
C PHE S 220 5.01 11.22 -43.13
N ALA S 221 5.15 12.09 -44.12
CA ALA S 221 5.65 11.66 -45.43
C ALA S 221 7.07 11.12 -45.34
N LEU S 222 7.86 11.60 -44.37
CA LEU S 222 9.21 11.09 -44.20
C LEU S 222 9.21 9.61 -43.83
N PHE S 223 8.29 9.21 -42.95
CA PHE S 223 8.15 7.80 -42.61
C PHE S 223 7.67 7.00 -43.81
N PHE S 224 6.81 7.61 -44.64
CA PHE S 224 6.27 6.90 -45.79
C PHE S 224 7.36 6.59 -46.81
N MET S 225 8.14 7.59 -47.21
CA MET S 225 9.21 7.28 -48.16
C MET S 225 10.35 6.50 -47.52
N ALA S 226 10.57 6.62 -46.19
CA ALA S 226 11.55 5.77 -45.54
C ALA S 226 11.15 4.30 -45.62
N GLU S 227 9.88 4.00 -45.35
CA GLU S 227 9.42 2.62 -45.41
C GLU S 227 9.46 2.07 -46.83
N TYR S 228 9.09 2.90 -47.82
CA TYR S 228 9.08 2.38 -49.18
C TYR S 228 10.49 2.20 -49.74
N ALA S 229 11.42 3.09 -49.38
CA ALA S 229 12.82 2.87 -49.73
C ALA S 229 13.36 1.61 -49.05
N ASN S 230 12.91 1.35 -47.82
CA ASN S 230 13.31 0.13 -47.12
C ASN S 230 12.84 -1.11 -47.86
N ILE S 231 11.59 -1.13 -48.31
CA ILE S 231 11.09 -2.34 -48.96
C ILE S 231 11.76 -2.54 -50.32
N ILE S 232 12.04 -1.44 -51.05
CA ILE S 232 12.71 -1.58 -52.34
C ILE S 232 14.13 -2.11 -52.15
N MET S 233 14.89 -1.54 -51.20
CA MET S 233 16.25 -2.02 -51.06
C MET S 233 16.29 -3.40 -50.44
N MET S 234 15.27 -3.79 -49.68
CA MET S 234 15.33 -5.12 -49.09
C MET S 234 15.04 -6.18 -50.16
N ASN S 235 14.15 -5.88 -51.09
CA ASN S 235 13.97 -6.76 -52.25
C ASN S 235 15.24 -6.80 -53.10
N ILE S 236 15.92 -5.66 -53.22
CA ILE S 236 17.20 -5.61 -53.94
C ILE S 236 18.25 -6.45 -53.25
N PHE S 237 18.29 -6.41 -51.91
CA PHE S 237 19.20 -7.22 -51.13
C PHE S 237 18.94 -8.71 -51.34
N THR S 238 17.67 -9.11 -51.35
CA THR S 238 17.32 -10.51 -51.62
C THR S 238 17.71 -10.92 -53.04
N THR S 239 17.50 -10.03 -54.01
CA THR S 239 17.87 -10.30 -55.40
C THR S 239 19.37 -10.50 -55.54
N THR S 240 20.17 -9.67 -54.87
CA THR S 240 21.61 -9.85 -54.90
C THR S 240 22.03 -11.14 -54.20
N LEU S 241 21.39 -11.46 -53.07
CA LEU S 241 21.77 -12.64 -52.30
C LEU S 241 21.49 -13.93 -53.07
N PHE S 242 20.28 -14.09 -53.59
CA PHE S 242 19.86 -15.40 -54.09
C PHE S 242 19.65 -15.46 -55.58
N LEU S 243 19.53 -14.32 -56.28
CA LEU S 243 19.19 -14.32 -57.68
C LEU S 243 20.20 -13.51 -58.50
N GLY S 244 21.49 -13.80 -58.33
CA GLY S 244 22.50 -13.07 -59.05
C GLY S 244 22.41 -13.30 -60.55
N ALA S 245 22.72 -12.27 -61.32
CA ALA S 245 22.55 -12.27 -62.76
C ALA S 245 23.91 -12.34 -63.46
N PHE S 246 23.86 -12.43 -64.78
CA PHE S 246 25.06 -12.48 -65.59
C PHE S 246 25.68 -11.08 -65.67
N HIS S 247 26.97 -10.99 -65.37
CA HIS S 247 27.66 -9.71 -65.35
C HIS S 247 28.75 -9.71 -66.41
N ASN S 248 28.70 -8.72 -67.30
CA ASN S 248 29.74 -8.48 -68.27
C ASN S 248 30.47 -7.20 -67.88
N PRO S 249 31.77 -7.25 -67.61
CA PRO S 249 32.48 -6.02 -67.22
C PRO S 249 32.55 -4.98 -68.31
N TYR S 250 32.34 -5.36 -69.58
CA TYR S 250 32.32 -4.37 -70.65
C TYR S 250 30.96 -3.72 -70.82
N MET S 251 29.88 -4.45 -70.56
CA MET S 251 28.52 -3.92 -70.66
C MET S 251 27.81 -4.14 -69.32
N PRO S 252 27.93 -3.19 -68.39
CA PRO S 252 27.24 -3.34 -67.09
C PRO S 252 25.73 -3.17 -67.18
N GLU S 253 25.23 -2.61 -68.28
CA GLU S 253 23.79 -2.37 -68.40
C GLU S 253 23.01 -3.65 -68.50
N LEU S 254 23.62 -4.74 -68.96
CA LEU S 254 22.95 -6.04 -68.96
C LEU S 254 22.66 -6.50 -67.55
N TYR S 255 23.65 -6.41 -66.66
CA TYR S 255 23.42 -6.77 -65.26
C TYR S 255 22.42 -5.82 -64.63
N THR S 256 22.49 -4.54 -64.99
CA THR S 256 21.55 -3.57 -64.40
C THR S 256 20.11 -3.89 -64.79
N ILE S 257 19.86 -4.21 -66.07
CA ILE S 257 18.50 -4.47 -66.49
C ILE S 257 17.99 -5.82 -65.96
N ASN S 258 18.86 -6.84 -65.91
CA ASN S 258 18.47 -8.13 -65.34
C ASN S 258 18.12 -7.99 -63.87
N PHE S 259 18.98 -7.32 -63.12
CA PHE S 259 18.79 -7.08 -61.70
C PHE S 259 17.54 -6.24 -61.44
N THR S 260 17.29 -5.22 -62.28
CA THR S 260 16.13 -4.36 -62.10
C THR S 260 14.83 -5.13 -62.33
N ILE S 261 14.80 -5.98 -63.37
CA ILE S 261 13.61 -6.78 -63.64
C ILE S 261 13.35 -7.75 -62.50
N LYS S 262 14.40 -8.39 -61.98
CA LYS S 262 14.22 -9.33 -60.89
C LYS S 262 13.74 -8.64 -59.62
N SER S 263 14.30 -7.48 -59.29
CA SER S 263 13.86 -6.77 -58.10
C SER S 263 12.45 -6.21 -58.24
N LEU S 264 12.07 -5.78 -59.46
CA LEU S 264 10.69 -5.34 -59.68
C LEU S 264 9.71 -6.49 -59.51
N LEU S 265 10.08 -7.68 -59.99
CA LEU S 265 9.22 -8.85 -59.81
C LEU S 265 9.12 -9.22 -58.34
N LEU S 266 10.22 -9.06 -57.59
CA LEU S 266 10.18 -9.29 -56.16
C LEU S 266 9.26 -8.31 -55.43
N SER S 267 9.30 -7.03 -55.82
CA SER S 267 8.40 -6.06 -55.20
C SER S 267 6.94 -6.30 -55.59
N ILE S 268 6.70 -6.77 -56.82
CA ILE S 268 5.35 -7.16 -57.21
C ILE S 268 4.85 -8.31 -56.36
N THR S 269 5.71 -9.31 -56.12
CA THR S 269 5.37 -10.39 -55.20
C THR S 269 5.17 -9.89 -53.77
N PHE S 270 5.88 -8.83 -53.39
CA PHE S 270 5.74 -8.26 -52.06
C PHE S 270 4.34 -7.66 -51.88
N LEU S 271 3.90 -6.86 -52.86
CA LEU S 271 2.54 -6.32 -52.84
C LEU S 271 1.50 -7.42 -52.99
N TRP S 272 1.86 -8.50 -53.69
CA TRP S 272 0.99 -9.66 -53.80
C TRP S 272 0.78 -10.32 -52.46
N ILE S 273 1.85 -10.42 -51.65
CA ILE S 273 1.73 -10.94 -50.29
C ILE S 273 0.90 -9.99 -49.43
N ARG S 274 1.01 -8.68 -49.68
CA ARG S 274 0.28 -7.69 -48.91
C ARG S 274 -1.23 -7.87 -49.02
N ALA S 275 -1.73 -8.16 -50.23
CA ALA S 275 -3.16 -8.24 -50.48
C ALA S 275 -3.69 -9.67 -50.51
N SER S 276 -3.17 -10.54 -49.64
CA SER S 276 -3.63 -11.91 -49.61
C SER S 276 -3.90 -12.48 -48.23
N TYR S 277 -3.31 -11.95 -47.16
CA TYR S 277 -3.31 -12.64 -45.89
C TYR S 277 -3.77 -11.74 -44.76
N PRO S 278 -4.41 -12.31 -43.74
CA PRO S 278 -4.72 -11.53 -42.54
C PRO S 278 -3.46 -11.24 -41.74
N ARG S 279 -3.54 -10.21 -40.91
CA ARG S 279 -2.40 -9.83 -40.08
C ARG S 279 -2.26 -10.76 -38.89
N PHE S 280 -1.01 -11.08 -38.56
CA PHE S 280 -0.72 -11.90 -37.39
C PHE S 280 -0.99 -11.14 -36.11
N ARG S 281 -0.94 -11.86 -34.99
CA ARG S 281 -0.79 -11.21 -33.71
C ARG S 281 0.67 -10.81 -33.50
N TYR S 282 0.93 -10.01 -32.48
CA TYR S 282 2.30 -9.62 -32.19
C TYR S 282 2.98 -10.54 -31.18
N ASP S 283 2.26 -11.52 -30.64
CA ASP S 283 2.89 -12.62 -29.92
C ASP S 283 2.93 -13.92 -30.73
N GLN S 284 2.04 -14.05 -31.73
CA GLN S 284 2.13 -15.19 -32.63
C GLN S 284 3.34 -15.09 -33.55
N LEU S 285 3.75 -13.87 -33.88
CA LEU S 285 4.99 -13.67 -34.61
C LEU S 285 6.21 -14.06 -33.79
N MET S 286 6.19 -13.77 -32.49
CA MET S 286 7.30 -14.16 -31.62
C MET S 286 7.40 -15.67 -31.48
N HIS S 287 6.27 -16.38 -31.48
CA HIS S 287 6.27 -17.82 -31.47
C HIS S 287 6.52 -18.43 -32.83
N LEU S 288 6.68 -17.61 -33.87
CA LEU S 288 6.96 -18.09 -35.21
C LEU S 288 8.45 -18.13 -35.51
N LEU S 289 9.15 -17.03 -35.28
CA LEU S 289 10.58 -16.99 -35.57
C LEU S 289 11.42 -17.74 -34.55
N TRP S 290 10.88 -18.01 -33.37
CA TRP S 290 11.62 -18.68 -32.31
C TRP S 290 11.36 -20.18 -32.26
N LYS S 291 10.09 -20.59 -32.36
CA LYS S 291 9.72 -21.99 -32.26
C LYS S 291 9.78 -22.73 -33.58
N ASN S 292 9.91 -22.02 -34.69
CA ASN S 292 9.80 -22.68 -35.99
C ASN S 292 10.99 -22.37 -36.88
N PHE S 293 11.48 -21.13 -36.84
CA PHE S 293 12.58 -20.74 -37.70
C PHE S 293 13.94 -20.97 -37.06
N LEU S 294 14.07 -20.61 -35.78
CA LEU S 294 15.38 -20.70 -35.11
C LEU S 294 15.94 -22.12 -35.00
N PRO S 295 15.18 -23.16 -34.63
CA PRO S 295 15.81 -24.50 -34.59
C PRO S 295 16.24 -25.01 -35.95
N LEU S 296 15.41 -24.80 -36.97
CA LEU S 296 15.80 -25.18 -38.32
C LEU S 296 16.98 -24.37 -38.81
N THR S 297 17.11 -23.12 -38.35
CA THR S 297 18.24 -22.31 -38.78
C THR S 297 19.52 -22.75 -38.11
N LEU S 298 19.44 -23.16 -36.84
CA LEU S 298 20.62 -23.72 -36.18
C LEU S 298 21.06 -25.01 -36.84
N ALA S 299 20.09 -25.86 -37.23
CA ALA S 299 20.42 -27.08 -37.96
C ALA S 299 21.03 -26.77 -39.32
N LEU S 300 20.48 -25.79 -40.03
CA LEU S 300 21.02 -25.40 -41.32
C LEU S 300 22.39 -24.76 -41.19
N CYS S 301 22.66 -24.09 -40.07
CA CYS S 301 23.98 -23.53 -39.85
C CYS S 301 25.00 -24.63 -39.57
N MET S 302 24.62 -25.66 -38.82
CA MET S 302 25.47 -26.84 -38.71
C MET S 302 25.75 -27.45 -40.08
N TRP S 303 24.71 -27.57 -40.90
CA TRP S 303 24.85 -28.18 -42.22
C TRP S 303 25.77 -27.36 -43.11
N HIS S 304 25.61 -26.04 -43.12
CA HIS S 304 26.42 -25.19 -43.97
C HIS S 304 27.79 -24.87 -43.38
N VAL S 305 28.05 -25.24 -42.12
CA VAL S 305 29.43 -25.24 -41.65
C VAL S 305 30.12 -26.53 -42.06
N SER S 306 29.45 -27.67 -41.89
CA SER S 306 30.10 -28.96 -42.16
C SER S 306 30.23 -29.23 -43.66
N LEU S 307 29.32 -28.71 -44.48
CA LEU S 307 29.29 -29.02 -45.91
C LEU S 307 30.49 -28.54 -46.73
N PRO S 308 31.00 -27.31 -46.58
CA PRO S 308 32.24 -26.97 -47.29
C PRO S 308 33.43 -27.81 -46.86
N ILE S 309 33.50 -28.20 -45.59
CA ILE S 309 34.50 -29.17 -45.16
C ILE S 309 34.22 -30.52 -45.80
N LEU S 310 32.94 -30.86 -45.97
CA LEU S 310 32.54 -32.17 -46.50
C LEU S 310 32.96 -32.34 -47.94
N LEU S 311 32.68 -31.35 -48.78
CA LEU S 311 32.86 -31.48 -50.22
C LEU S 311 34.13 -30.80 -50.71
N SER S 312 35.00 -30.35 -49.80
CA SER S 312 36.21 -29.59 -50.11
C SER S 312 35.90 -28.38 -50.98
N SER S 313 34.79 -27.72 -50.66
CA SER S 313 34.26 -26.61 -51.45
C SER S 313 34.33 -25.31 -50.66
N ILE S 314 35.43 -25.10 -49.95
CA ILE S 314 35.58 -23.89 -49.15
C ILE S 314 35.85 -22.72 -50.09
N PRO S 315 35.01 -21.69 -50.10
CA PRO S 315 35.18 -20.61 -51.05
C PRO S 315 36.38 -19.76 -50.68
N PRO S 316 37.00 -19.09 -51.64
CA PRO S 316 38.11 -18.18 -51.33
C PRO S 316 37.63 -16.97 -50.55
N GLN S 317 38.49 -16.49 -49.66
CA GLN S 317 38.21 -15.26 -48.94
C GLN S 317 38.82 -14.04 -49.62
N THR S 318 39.45 -14.21 -50.77
CA THR S 318 40.02 -13.10 -51.52
C THR S 318 39.19 -12.80 -52.74
N MET T 1 43.40 20.11 -39.45
CA MET T 1 42.22 19.80 -38.66
C MET T 1 41.76 18.37 -38.96
N MET T 2 41.80 18.00 -40.24
CA MET T 2 41.37 16.67 -40.64
C MET T 2 42.33 15.59 -40.14
N THR T 3 43.57 15.94 -39.82
CA THR T 3 44.47 14.99 -39.18
C THR T 3 44.04 14.66 -37.77
N TYR T 4 43.23 15.51 -37.16
CA TYR T 4 42.71 15.30 -35.81
C TYR T 4 41.34 14.63 -35.82
N ILE T 5 41.08 13.76 -36.80
CA ILE T 5 39.76 13.17 -36.95
C ILE T 5 39.42 12.29 -35.76
N VAL T 6 40.37 11.46 -35.32
CA VAL T 6 40.12 10.62 -34.15
C VAL T 6 40.00 11.47 -32.88
N PHE T 7 40.68 12.62 -32.84
CA PHE T 7 40.49 13.53 -31.72
C PHE T 7 39.07 14.09 -31.67
N ILE T 8 38.51 14.45 -32.83
CA ILE T 8 37.16 14.99 -32.85
C ILE T 8 36.15 13.89 -32.54
N LEU T 9 36.40 12.68 -33.03
CA LEU T 9 35.51 11.57 -32.69
C LEU T 9 35.59 11.24 -31.20
N SER T 10 36.77 11.32 -30.60
CA SER T 10 36.87 11.06 -29.17
C SER T 10 36.25 12.19 -28.36
N ILE T 11 36.25 13.41 -28.88
CA ILE T 11 35.57 14.47 -28.13
C ILE T 11 34.05 14.28 -28.18
N ILE T 12 33.51 13.79 -29.30
CA ILE T 12 32.10 13.45 -29.33
C ILE T 12 31.82 12.25 -28.42
N PHE T 13 32.77 11.32 -28.34
CA PHE T 13 32.68 10.18 -27.43
C PHE T 13 32.53 10.62 -25.98
N VAL T 14 33.42 11.51 -25.53
CA VAL T 14 33.34 12.00 -24.15
C VAL T 14 32.12 12.88 -23.95
N MET T 15 31.69 13.63 -24.98
CA MET T 15 30.48 14.43 -24.86
C MET T 15 29.26 13.57 -24.63
N GLY T 16 29.14 12.45 -25.36
CA GLY T 16 28.05 11.53 -25.11
C GLY T 16 28.15 10.85 -23.75
N PHE T 17 29.37 10.53 -23.33
CA PHE T 17 29.56 9.89 -22.03
C PHE T 17 29.15 10.80 -20.89
N VAL T 18 29.47 12.09 -20.98
CA VAL T 18 29.04 13.01 -19.94
C VAL T 18 27.59 13.42 -20.12
N GLY T 19 27.03 13.25 -21.31
CA GLY T 19 25.61 13.45 -21.48
C GLY T 19 24.78 12.39 -20.80
N PHE T 20 25.21 11.14 -20.89
CA PHE T 20 24.42 10.06 -20.29
C PHE T 20 24.88 9.66 -18.90
N SER T 21 26.05 10.12 -18.46
CA SER T 21 26.51 9.85 -17.10
C SER T 21 25.98 10.87 -16.10
N SER T 22 25.30 11.91 -16.57
CA SER T 22 24.52 12.76 -15.69
C SER T 22 23.23 12.10 -15.25
N LYS T 23 22.87 11.00 -15.90
CA LYS T 23 21.63 10.26 -15.64
C LYS T 23 20.37 11.14 -15.66
N PRO T 24 20.06 11.78 -16.80
CA PRO T 24 18.83 12.60 -16.83
C PRO T 24 17.58 11.75 -16.82
N SER T 25 17.49 10.82 -17.77
CA SER T 25 16.37 9.92 -17.93
C SER T 25 16.91 8.79 -18.78
N PRO T 26 16.53 7.54 -18.52
CA PRO T 26 17.15 6.43 -19.24
C PRO T 26 16.81 6.38 -20.73
N ILE T 27 15.78 7.09 -21.18
CA ILE T 27 15.56 7.27 -22.61
C ILE T 27 16.69 8.11 -23.21
N TYR T 28 16.98 9.25 -22.57
CA TYR T 28 18.03 10.12 -23.06
C TYR T 28 19.41 9.54 -22.75
N GLY T 29 19.52 8.78 -21.67
CA GLY T 29 20.73 8.01 -21.44
C GLY T 29 20.95 6.97 -22.53
N GLY T 30 19.86 6.35 -23.00
CA GLY T 30 19.97 5.44 -24.12
C GLY T 30 20.41 6.13 -25.40
N LEU T 31 19.86 7.32 -25.65
CA LEU T 31 20.30 8.10 -26.81
C LEU T 31 21.77 8.45 -26.71
N GLY T 32 22.22 8.86 -25.52
CA GLY T 32 23.63 9.20 -25.33
C GLY T 32 24.55 8.01 -25.51
N LEU T 33 24.15 6.85 -25.02
CA LEU T 33 25.00 5.68 -25.18
C LEU T 33 24.99 5.17 -26.62
N ILE T 34 23.89 5.38 -27.33
CA ILE T 34 23.86 5.07 -28.77
C ILE T 34 24.85 5.94 -29.51
N VAL T 35 24.87 7.24 -29.19
CA VAL T 35 25.81 8.16 -29.81
C VAL T 35 27.25 7.75 -29.49
N SER T 36 27.52 7.42 -28.23
CA SER T 36 28.86 7.05 -27.82
C SER T 36 29.31 5.75 -28.49
N GLY T 37 28.42 4.77 -28.61
CA GLY T 37 28.77 3.53 -29.29
C GLY T 37 29.05 3.73 -30.77
N GLY T 38 28.24 4.56 -31.44
CA GLY T 38 28.48 4.82 -32.84
C GLY T 38 29.80 5.53 -33.10
N VAL T 39 30.11 6.53 -32.28
CA VAL T 39 31.36 7.24 -32.52
C VAL T 39 32.57 6.43 -32.04
N GLY T 40 32.41 5.54 -31.06
CA GLY T 40 33.49 4.62 -30.71
C GLY T 40 33.76 3.62 -31.82
N CYS T 41 32.69 3.15 -32.48
CA CYS T 41 32.86 2.32 -33.67
C CYS T 41 33.61 3.08 -34.75
N GLY T 42 33.30 4.38 -34.91
CA GLY T 42 34.06 5.20 -35.83
C GLY T 42 35.54 5.28 -35.49
N ILE T 43 35.85 5.51 -34.21
CA ILE T 43 37.23 5.64 -33.76
C ILE T 43 38.02 4.38 -34.07
N VAL T 44 37.48 3.23 -33.67
CA VAL T 44 38.19 1.98 -33.91
C VAL T 44 38.15 1.58 -35.37
N LEU T 45 37.31 2.22 -36.18
CA LEU T 45 37.37 1.95 -37.61
C LEU T 45 38.49 2.73 -38.28
N ASN T 46 38.72 4.00 -37.89
CA ASN T 46 39.96 4.64 -38.36
C ASN T 46 41.21 3.98 -37.81
N PHE T 47 41.15 3.31 -36.66
CA PHE T 47 42.34 2.57 -36.30
C PHE T 47 42.51 1.27 -37.07
N GLY T 48 41.52 0.85 -37.86
CA GLY T 48 41.66 -0.24 -38.79
C GLY T 48 40.72 -1.41 -38.57
N GLY T 49 40.26 -1.63 -37.34
CA GLY T 49 39.42 -2.77 -37.03
C GLY T 49 37.94 -2.56 -37.31
N SER T 50 37.55 -2.65 -38.57
CA SER T 50 36.16 -2.36 -38.95
C SER T 50 35.19 -3.39 -38.39
N PHE T 51 35.61 -4.66 -38.34
CA PHE T 51 34.75 -5.73 -37.83
C PHE T 51 34.41 -5.51 -36.37
N LEU T 52 35.40 -5.13 -35.57
CA LEU T 52 35.18 -4.91 -34.14
C LEU T 52 34.24 -3.74 -33.90
N GLY T 53 34.39 -2.67 -34.68
CA GLY T 53 33.48 -1.54 -34.59
C GLY T 53 32.05 -1.90 -34.97
N LEU T 54 31.89 -2.68 -36.05
CA LEU T 54 30.56 -3.08 -36.46
C LEU T 54 29.90 -3.98 -35.42
N MET T 55 30.67 -4.89 -34.83
CA MET T 55 30.12 -5.74 -33.77
C MET T 55 29.73 -4.95 -32.53
N VAL T 56 30.57 -4.01 -32.08
CA VAL T 56 30.22 -3.28 -30.87
C VAL T 56 29.02 -2.37 -31.13
N PHE T 57 28.92 -1.81 -32.35
CA PHE T 57 27.77 -0.99 -32.71
C PHE T 57 26.49 -1.81 -32.72
N LEU T 58 26.53 -3.00 -33.36
CA LEU T 58 25.34 -3.84 -33.45
C LEU T 58 24.90 -4.34 -32.07
N ILE T 59 25.85 -4.81 -31.27
CA ILE T 59 25.54 -5.35 -29.95
C ILE T 59 24.97 -4.27 -29.04
N TYR T 60 25.58 -3.09 -29.04
CA TYR T 60 25.08 -2.03 -28.18
C TYR T 60 23.74 -1.50 -28.67
N LEU T 61 23.50 -1.48 -29.98
CA LEU T 61 22.19 -1.05 -30.45
C LEU T 61 21.09 -2.01 -30.02
N GLY T 62 21.34 -3.32 -30.11
CA GLY T 62 20.35 -4.28 -29.63
C GLY T 62 20.09 -4.17 -28.13
N GLY T 63 21.17 -4.07 -27.35
CA GLY T 63 21.01 -3.92 -25.90
C GLY T 63 20.30 -2.64 -25.52
N MET T 64 20.57 -1.55 -26.25
CA MET T 64 19.97 -0.27 -25.91
C MET T 64 18.49 -0.27 -26.25
N MET T 65 18.10 -0.96 -27.33
CA MET T 65 16.67 -1.02 -27.65
C MET T 65 15.91 -1.88 -26.63
N VAL T 66 16.50 -2.99 -26.21
CA VAL T 66 15.84 -3.81 -25.19
C VAL T 66 15.71 -3.04 -23.88
N VAL T 67 16.76 -2.35 -23.46
CA VAL T 67 16.65 -1.59 -22.23
C VAL T 67 15.72 -0.40 -22.39
N PHE T 68 15.55 0.13 -23.61
CA PHE T 68 14.51 1.14 -23.85
C PHE T 68 13.13 0.57 -23.58
N GLY T 69 12.89 -0.66 -24.05
CA GLY T 69 11.64 -1.33 -23.72
C GLY T 69 11.46 -1.50 -22.23
N TYR T 70 12.57 -1.78 -21.53
CA TYR T 70 12.51 -1.96 -20.07
C TYR T 70 12.13 -0.66 -19.36
N THR T 71 12.78 0.45 -19.69
CA THR T 71 12.44 1.70 -19.01
C THR T 71 11.07 2.24 -19.42
N THR T 72 10.59 1.94 -20.63
CA THR T 72 9.21 2.26 -20.91
C THR T 72 8.26 1.37 -20.13
N ALA T 73 8.71 0.19 -19.71
CA ALA T 73 7.91 -0.63 -18.81
C ALA T 73 8.13 -0.25 -17.34
N MET T 74 9.38 -0.08 -16.94
CA MET T 74 9.73 -0.08 -15.52
C MET T 74 10.24 1.25 -15.01
N ALA T 75 11.28 1.81 -15.63
CA ALA T 75 11.87 3.06 -15.15
C ALA T 75 11.29 4.24 -15.90
N THR T 76 10.12 4.68 -15.46
CA THR T 76 9.50 5.88 -16.00
C THR T 76 8.65 6.53 -14.93
N GLU T 77 8.39 7.82 -15.11
CA GLU T 77 7.65 8.61 -14.14
C GLU T 77 6.71 9.53 -14.89
N GLN T 78 6.03 10.40 -14.13
CA GLN T 78 5.04 11.29 -14.72
C GLN T 78 5.69 12.35 -15.61
N TYR T 79 6.72 13.02 -15.09
CA TYR T 79 7.41 14.09 -15.80
C TYR T 79 8.89 13.75 -15.82
N PRO T 80 9.36 13.07 -16.86
CA PRO T 80 10.77 12.67 -16.90
C PRO T 80 11.68 13.87 -17.10
N GLU T 81 12.70 13.98 -16.27
CA GLU T 81 13.70 15.03 -16.46
C GLU T 81 14.57 14.69 -17.64
N VAL T 82 14.13 15.11 -18.83
CA VAL T 82 14.81 14.74 -20.06
C VAL T 82 16.17 15.41 -20.15
N TRP T 83 16.22 16.70 -19.86
CA TRP T 83 17.40 17.55 -19.68
C TRP T 83 16.85 18.91 -19.25
N VAL T 84 17.66 19.71 -18.54
CA VAL T 84 17.34 21.07 -18.09
C VAL T 84 16.15 21.11 -17.12
N SER T 85 15.44 20.00 -16.96
CA SER T 85 14.31 19.93 -16.03
C SER T 85 14.74 19.76 -14.58
N ASN T 86 16.02 19.48 -14.32
CA ASN T 86 16.50 19.34 -12.97
C ASN T 86 17.77 20.16 -12.81
N LYS T 87 17.98 20.66 -11.59
CA LYS T 87 19.12 21.54 -11.34
C LYS T 87 20.43 20.78 -11.31
N VAL T 88 20.47 19.64 -10.60
CA VAL T 88 21.74 18.92 -10.44
C VAL T 88 22.17 18.28 -11.75
N VAL T 89 21.22 17.81 -12.56
CA VAL T 89 21.57 17.18 -13.82
C VAL T 89 22.19 18.19 -14.78
N LEU T 90 21.55 19.35 -14.92
CA LEU T 90 22.09 20.40 -15.77
C LEU T 90 23.43 20.90 -15.24
N GLY T 91 23.54 21.03 -13.92
CA GLY T 91 24.80 21.49 -13.34
C GLY T 91 25.95 20.53 -13.60
N THR T 92 25.72 19.22 -13.43
CA THR T 92 26.80 18.28 -13.64
C THR T 92 27.11 18.08 -15.13
N PHE T 93 26.10 18.23 -16.01
CA PHE T 93 26.36 18.18 -17.44
C PHE T 93 27.23 19.36 -17.88
N ILE T 94 26.91 20.56 -17.39
CA ILE T 94 27.71 21.74 -17.71
C ILE T 94 29.10 21.62 -17.12
N THR T 95 29.21 21.07 -15.91
CA THR T 95 30.51 20.89 -15.27
C THR T 95 31.40 19.93 -16.06
N GLY T 96 30.83 18.80 -16.49
CA GLY T 96 31.60 17.86 -17.29
C GLY T 96 32.02 18.43 -18.63
N LEU T 97 31.11 19.11 -19.31
CA LEU T 97 31.45 19.71 -20.61
C LEU T 97 32.52 20.78 -20.46
N LEU T 98 32.43 21.60 -19.42
CA LEU T 98 33.42 22.64 -19.18
C LEU T 98 34.79 22.04 -18.86
N MET T 99 34.82 20.99 -18.04
CA MET T 99 36.08 20.34 -17.71
C MET T 99 36.71 19.71 -18.95
N GLU T 100 35.90 19.06 -19.79
CA GLU T 100 36.42 18.43 -20.99
C GLU T 100 36.97 19.45 -21.98
N PHE T 101 36.24 20.54 -22.20
CA PHE T 101 36.74 21.58 -23.11
C PHE T 101 37.96 22.28 -22.52
N LEU T 102 38.03 22.39 -21.19
CA LEU T 102 39.19 22.97 -20.54
C LEU T 102 40.44 22.15 -20.81
N MET T 103 40.35 20.83 -20.66
CA MET T 103 41.56 20.03 -20.90
C MET T 103 41.86 19.89 -22.39
N VAL T 104 40.85 20.00 -23.26
CA VAL T 104 41.15 20.05 -24.69
C VAL T 104 41.91 21.31 -25.06
N TYR T 105 41.49 22.46 -24.52
CA TYR T 105 42.24 23.69 -24.73
C TYR T 105 43.64 23.60 -24.15
N TYR T 106 43.77 22.93 -23.00
CA TYR T 106 45.09 22.79 -22.39
C TYR T 106 46.02 21.93 -23.22
N VAL T 107 45.51 20.83 -23.79
CA VAL T 107 46.39 19.97 -24.57
C VAL T 107 46.62 20.51 -25.97
N LEU T 108 45.76 21.40 -26.47
CA LEU T 108 45.99 22.01 -27.77
C LEU T 108 46.80 23.29 -27.67
N LYS T 109 47.29 23.63 -26.48
CA LYS T 109 48.15 24.79 -26.29
C LYS T 109 49.56 24.37 -25.89
N ASP T 110 49.71 23.63 -24.80
CA ASP T 110 51.02 23.20 -24.35
C ASP T 110 51.54 21.99 -25.11
N LYS T 111 50.66 21.29 -25.84
CA LYS T 111 50.95 20.07 -26.59
C LYS T 111 51.44 18.92 -25.70
N GLU T 112 51.17 18.99 -24.39
CA GLU T 112 51.52 17.96 -23.43
C GLU T 112 50.77 18.19 -22.13
N VAL T 113 50.07 17.18 -21.62
CA VAL T 113 49.39 17.30 -20.33
C VAL T 113 49.79 16.14 -19.44
N GLU T 114 49.69 16.35 -18.13
CA GLU T 114 50.05 15.35 -17.14
C GLU T 114 48.87 15.16 -16.19
N ILE T 115 47.97 14.26 -16.55
CA ILE T 115 46.91 13.77 -15.67
C ILE T 115 47.06 12.26 -15.70
N VAL T 116 47.02 11.63 -14.53
CA VAL T 116 48.13 10.90 -13.92
C VAL T 116 49.18 10.34 -14.89
N PHE T 117 48.79 9.82 -16.04
CA PHE T 117 49.75 9.57 -17.10
C PHE T 117 50.10 10.88 -17.81
N LYS T 118 50.93 10.76 -18.85
CA LYS T 118 51.35 11.91 -19.65
C LYS T 118 50.86 11.72 -21.08
N PHE T 119 50.11 12.70 -21.58
CA PHE T 119 49.50 12.62 -22.90
C PHE T 119 50.07 13.69 -23.82
N ASN T 120 50.37 13.28 -25.05
CA ASN T 120 50.98 14.14 -26.06
C ASN T 120 49.92 14.96 -26.79
N GLY T 121 50.40 15.97 -27.52
CA GLY T 121 49.52 16.96 -28.12
C GLY T 121 49.14 16.75 -29.58
N MET T 122 49.95 16.01 -30.33
CA MET T 122 49.64 15.84 -31.74
C MET T 122 48.48 14.87 -31.94
N GLY T 123 48.11 14.68 -33.20
CA GLY T 123 47.15 13.66 -33.54
C GLY T 123 47.73 12.27 -33.35
N ASP T 124 46.87 11.27 -33.47
CA ASP T 124 47.30 9.89 -33.33
C ASP T 124 47.60 9.24 -34.67
N TRP T 125 47.82 10.02 -35.71
CA TRP T 125 48.32 9.48 -36.97
C TRP T 125 49.79 9.14 -36.89
N VAL T 126 50.51 9.68 -35.91
CA VAL T 126 51.96 9.47 -35.84
C VAL T 126 52.28 8.04 -35.41
N ILE T 127 51.42 7.43 -34.60
CA ILE T 127 51.74 6.14 -33.99
C ILE T 127 51.30 4.99 -34.89
N TYR T 128 50.96 5.30 -36.14
CA TYR T 128 50.57 4.28 -37.10
C TYR T 128 51.81 3.54 -37.59
N ASP T 129 51.62 2.64 -38.54
CA ASP T 129 52.72 1.88 -39.12
C ASP T 129 52.80 2.15 -40.62
N THR T 130 54.03 2.12 -41.14
CA THR T 130 54.29 2.40 -42.54
C THR T 130 54.25 1.17 -43.43
N GLY T 131 54.15 -0.03 -42.86
CA GLY T 131 54.14 -1.24 -43.65
C GLY T 131 52.75 -1.62 -44.14
N ASP T 132 52.71 -2.67 -44.94
CA ASP T 132 51.47 -3.22 -45.47
C ASP T 132 51.10 -4.51 -44.76
N SER T 133 49.83 -4.88 -44.85
CA SER T 133 49.32 -6.09 -44.23
C SER T 133 49.18 -7.24 -45.21
N GLY T 134 49.56 -7.05 -46.47
CA GLY T 134 49.48 -8.15 -47.42
C GLY T 134 48.06 -8.40 -47.89
N PHE T 135 47.66 -9.67 -47.88
CA PHE T 135 46.36 -10.10 -48.37
C PHE T 135 45.44 -10.57 -47.25
N PHE T 136 45.54 -9.96 -46.07
CA PHE T 136 44.63 -10.31 -44.98
C PHE T 136 44.46 -9.12 -44.06
N SER T 137 43.39 -9.17 -43.27
CA SER T 137 43.10 -8.19 -42.24
C SER T 137 43.38 -8.82 -40.89
N GLU T 138 44.13 -8.10 -40.06
CA GLU T 138 44.66 -8.70 -38.84
C GLU T 138 43.56 -9.02 -37.83
N GLU T 139 42.60 -8.11 -37.66
CA GLU T 139 41.54 -8.32 -36.68
C GLU T 139 40.63 -9.47 -37.07
N ALA T 140 40.28 -9.55 -38.36
CA ALA T 140 39.43 -10.64 -38.84
C ALA T 140 40.11 -11.98 -38.68
N MET T 141 41.43 -12.03 -38.93
CA MET T 141 42.16 -13.27 -38.78
C MET T 141 42.34 -13.65 -37.32
N GLY T 142 42.46 -12.68 -36.42
CA GLY T 142 42.52 -13.01 -35.00
C GLY T 142 41.22 -13.61 -34.50
N ILE T 143 40.08 -12.97 -34.83
CA ILE T 143 38.82 -13.55 -34.38
C ILE T 143 38.46 -14.80 -35.15
N ALA T 144 39.06 -15.02 -36.32
CA ALA T 144 38.96 -16.33 -36.97
C ALA T 144 39.76 -17.38 -36.22
N ALA T 145 40.95 -17.01 -35.76
CA ALA T 145 41.81 -17.90 -34.99
C ALA T 145 41.24 -18.20 -33.61
N LEU T 146 40.21 -17.45 -33.20
CA LEU T 146 39.48 -17.81 -31.97
C LEU T 146 38.97 -19.25 -32.01
N TYR T 147 38.57 -19.73 -33.18
CA TYR T 147 38.03 -21.09 -33.28
C TYR T 147 39.13 -22.14 -33.28
N SER T 148 40.25 -21.85 -33.94
CA SER T 148 41.31 -22.84 -34.12
C SER T 148 42.34 -22.83 -33.01
N TYR T 149 42.52 -21.69 -32.32
CA TYR T 149 43.41 -21.62 -31.16
C TYR T 149 42.65 -21.66 -29.85
N GLY T 150 41.62 -20.84 -29.71
CA GLY T 150 40.93 -20.69 -28.44
C GLY T 150 39.78 -21.66 -28.24
N THR T 151 40.09 -22.94 -28.09
CA THR T 151 39.06 -23.91 -27.76
C THR T 151 38.61 -23.77 -26.31
N TRP T 152 39.56 -23.51 -25.41
CA TRP T 152 39.25 -23.30 -24.00
C TRP T 152 38.38 -22.06 -23.81
N LEU T 153 38.68 -20.99 -24.55
CA LEU T 153 37.88 -19.78 -24.50
C LEU T 153 36.46 -20.04 -24.98
N VAL T 154 36.32 -20.81 -26.06
CA VAL T 154 35.01 -21.19 -26.57
C VAL T 154 34.24 -22.00 -25.54
N ILE T 155 34.91 -22.95 -24.88
CA ILE T 155 34.25 -23.80 -23.90
C ILE T 155 33.74 -22.97 -22.72
N VAL T 156 34.59 -22.10 -22.17
CA VAL T 156 34.17 -21.33 -21.00
C VAL T 156 33.11 -20.29 -21.37
N THR T 157 33.18 -19.72 -22.57
CA THR T 157 32.18 -18.74 -22.98
C THR T 157 30.82 -19.40 -23.22
N GLY T 158 30.80 -20.53 -23.92
CA GLY T 158 29.54 -21.23 -24.15
C GLY T 158 28.92 -21.74 -22.86
N TRP T 159 29.73 -22.28 -21.96
CA TRP T 159 29.20 -22.75 -20.68
C TRP T 159 28.66 -21.60 -19.85
N SER T 160 29.36 -20.47 -19.84
CA SER T 160 28.90 -19.31 -19.09
C SER T 160 27.59 -18.78 -19.65
N LEU T 161 27.42 -18.80 -20.97
CA LEU T 161 26.18 -18.30 -21.56
C LEU T 161 25.01 -19.24 -21.31
N LEU T 162 25.25 -20.56 -21.38
CA LEU T 162 24.18 -21.52 -21.10
C LEU T 162 23.73 -21.44 -19.65
N ILE T 163 24.69 -21.38 -18.71
CA ILE T 163 24.27 -21.22 -17.33
C ILE T 163 23.76 -19.82 -17.06
N GLY T 164 24.09 -18.84 -17.89
CA GLY T 164 23.46 -17.54 -17.74
C GLY T 164 21.99 -17.55 -18.09
N VAL T 165 21.62 -18.31 -19.14
CA VAL T 165 20.21 -18.52 -19.45
C VAL T 165 19.51 -19.21 -18.29
N VAL T 166 20.16 -20.25 -17.74
CA VAL T 166 19.61 -20.95 -16.58
C VAL T 166 19.47 -20.00 -15.38
N VAL T 167 20.46 -19.13 -15.18
CA VAL T 167 20.45 -18.21 -14.04
C VAL T 167 19.31 -17.22 -14.15
N ILE T 168 19.13 -16.61 -15.33
CA ILE T 168 18.08 -15.62 -15.47
C ILE T 168 16.71 -16.27 -15.47
N MET T 169 16.58 -17.53 -15.88
CA MET T 169 15.27 -18.17 -15.79
C MET T 169 14.93 -18.62 -14.38
N GLU T 170 15.91 -19.04 -13.59
CA GLU T 170 15.65 -19.37 -12.19
C GLU T 170 15.75 -18.17 -11.25
N ILE T 171 16.03 -16.98 -11.75
CA ILE T 171 15.89 -15.78 -10.92
C ILE T 171 14.46 -15.26 -10.96
N THR T 172 13.92 -15.09 -12.17
CA THR T 172 12.55 -14.57 -12.32
C THR T 172 11.55 -15.72 -12.23
N ARG T 173 11.47 -16.28 -11.04
CA ARG T 173 10.54 -17.38 -10.74
C ARG T 173 9.47 -16.98 -9.74
N GLY T 174 9.83 -16.21 -8.71
CA GLY T 174 8.86 -15.67 -7.78
C GLY T 174 8.70 -16.46 -6.50
N ASN T 175 9.19 -17.69 -6.44
CA ASN T 175 9.02 -18.53 -5.27
C ASN T 175 10.10 -19.61 -5.19
N SER U 2 49.35 8.74 -26.58
CA SER U 2 48.49 9.50 -27.47
C SER U 2 47.32 10.13 -26.72
N LEU U 3 46.77 11.20 -27.28
CA LEU U 3 45.67 11.93 -26.65
C LEU U 3 44.32 11.24 -26.82
N VAL U 4 44.21 10.32 -27.76
CA VAL U 4 43.00 9.51 -27.84
C VAL U 4 42.89 8.64 -26.60
N TYR U 5 44.03 8.19 -26.05
CA TYR U 5 44.02 7.49 -24.78
C TYR U 5 43.51 8.39 -23.67
N MET U 6 43.92 9.66 -23.69
CA MET U 6 43.42 10.63 -22.72
C MET U 6 41.91 10.70 -22.73
N ASN U 7 41.34 10.85 -23.92
CA ASN U 7 39.88 10.98 -24.00
C ASN U 7 39.17 9.69 -23.62
N ILE U 8 39.74 8.52 -23.94
CA ILE U 8 39.07 7.27 -23.61
C ILE U 8 39.07 7.04 -22.09
N MET U 9 40.23 7.22 -21.44
CA MET U 9 40.23 7.07 -19.98
C MET U 9 39.44 8.18 -19.29
N MET U 10 39.35 9.36 -19.90
CA MET U 10 38.58 10.44 -19.32
C MET U 10 37.09 10.14 -19.39
N ALA U 11 36.65 9.50 -20.48
CA ALA U 11 35.29 8.99 -20.57
C ALA U 11 35.04 7.89 -19.53
N PHE U 12 36.03 7.01 -19.33
CA PHE U 12 35.90 5.97 -18.30
C PHE U 12 35.73 6.59 -16.92
N THR U 13 36.50 7.64 -16.62
CA THR U 13 36.39 8.29 -15.32
C THR U 13 35.06 9.03 -15.15
N VAL U 14 34.54 9.60 -16.24
CA VAL U 14 33.21 10.22 -16.20
C VAL U 14 32.15 9.19 -15.85
N SER U 15 32.17 8.05 -16.53
CA SER U 15 31.18 7.04 -16.23
C SER U 15 31.40 6.37 -14.89
N LEU U 16 32.63 6.39 -14.37
CA LEU U 16 32.88 5.88 -13.03
C LEU U 16 32.31 6.80 -11.96
N THR U 17 32.49 8.12 -12.11
CA THR U 17 31.84 9.04 -11.18
C THR U 17 30.33 9.02 -11.36
N GLY U 18 29.84 8.70 -12.56
CA GLY U 18 28.41 8.55 -12.75
C GLY U 18 27.84 7.34 -12.03
N LEU U 19 28.57 6.23 -12.05
CA LEU U 19 28.08 5.01 -11.39
C LEU U 19 28.13 5.14 -9.88
N LEU U 20 29.14 5.82 -9.35
CA LEU U 20 29.36 5.86 -7.91
C LEU U 20 28.54 6.93 -7.20
N MET U 21 27.80 7.76 -7.92
CA MET U 21 26.90 8.75 -7.32
C MET U 21 25.51 8.53 -7.89
N TYR U 22 24.63 7.93 -7.11
CA TYR U 22 23.32 7.52 -7.59
C TYR U 22 22.36 8.69 -7.67
N ARG U 23 21.39 8.58 -8.57
CA ARG U 23 20.39 9.61 -8.81
C ARG U 23 18.98 9.07 -8.64
N SER U 24 18.82 8.15 -7.68
CA SER U 24 17.53 7.49 -7.39
C SER U 24 16.94 6.81 -8.62
N HIS U 25 17.77 6.06 -9.35
CA HIS U 25 17.32 5.26 -10.47
C HIS U 25 18.35 4.19 -10.71
N LEU U 26 17.99 2.92 -10.52
CA LEU U 26 18.96 1.84 -10.67
C LEU U 26 19.33 1.62 -12.13
N MET U 27 18.37 1.83 -13.04
CA MET U 27 18.60 1.55 -14.45
C MET U 27 19.60 2.53 -15.06
N SER U 28 19.64 3.76 -14.56
CA SER U 28 20.64 4.71 -15.02
C SER U 28 22.05 4.27 -14.62
N SER U 29 22.19 3.71 -13.42
CA SER U 29 23.47 3.14 -13.02
C SER U 29 23.84 1.94 -13.86
N LEU U 30 22.85 1.15 -14.29
CA LEU U 30 23.12 0.07 -15.24
C LEU U 30 23.63 0.62 -16.57
N LEU U 31 23.05 1.72 -17.04
CA LEU U 31 23.52 2.34 -18.27
C LEU U 31 24.96 2.83 -18.12
N CYS U 32 25.28 3.42 -16.97
CA CYS U 32 26.65 3.85 -16.70
C CYS U 32 27.61 2.66 -16.68
N LEU U 33 27.15 1.52 -16.18
CA LEU U 33 27.95 0.30 -16.20
C LEU U 33 28.26 -0.14 -17.64
N GLU U 34 27.25 -0.12 -18.51
CA GLU U 34 27.49 -0.44 -19.92
C GLU U 34 28.38 0.59 -20.61
N GLY U 35 28.30 1.86 -20.19
CA GLY U 35 29.23 2.85 -20.71
C GLY U 35 30.67 2.53 -20.32
N MET U 36 30.88 2.11 -19.07
CA MET U 36 32.22 1.74 -18.64
C MET U 36 32.75 0.54 -19.40
N MET U 37 31.90 -0.46 -19.65
CA MET U 37 32.36 -1.59 -20.45
C MET U 37 32.65 -1.21 -21.90
N LEU U 38 31.87 -0.28 -22.45
CA LEU U 38 32.15 0.20 -23.80
C LEU U 38 33.50 0.91 -23.85
N SER U 39 33.80 1.71 -22.82
CA SER U 39 35.08 2.40 -22.77
C SER U 39 36.25 1.43 -22.65
N LEU U 40 36.08 0.38 -21.83
CA LEU U 40 37.09 -0.66 -21.73
C LEU U 40 37.32 -1.35 -23.07
N PHE U 41 36.22 -1.64 -23.78
CA PHE U 41 36.31 -2.25 -25.10
C PHE U 41 37.10 -1.36 -26.05
N ILE U 42 36.77 -0.07 -26.10
CA ILE U 42 37.42 0.84 -27.04
C ILE U 42 38.90 0.96 -26.73
N LEU U 43 39.24 1.12 -25.45
CA LEU U 43 40.64 1.24 -25.04
C LEU U 43 41.45 0.00 -25.40
N ALA U 44 40.89 -1.18 -25.08
CA ALA U 44 41.57 -2.44 -25.37
C ALA U 44 41.80 -2.62 -26.86
N THR U 45 40.76 -2.40 -27.67
CA THR U 45 40.95 -2.64 -29.10
C THR U 45 41.83 -1.58 -29.74
N LEU U 46 41.88 -0.36 -29.18
CA LEU U 46 42.80 0.64 -29.71
C LEU U 46 44.24 0.21 -29.51
N MET U 47 44.59 -0.23 -28.30
CA MET U 47 45.98 -0.63 -28.09
C MET U 47 46.31 -1.92 -28.83
N ILE U 48 45.37 -2.86 -28.88
CA ILE U 48 45.58 -4.13 -29.56
C ILE U 48 45.80 -3.92 -31.05
N LEU U 49 45.00 -3.04 -31.68
CA LEU U 49 45.18 -2.78 -33.10
C LEU U 49 46.42 -1.94 -33.38
N ASN U 50 46.81 -1.07 -32.45
CA ASN U 50 48.00 -0.25 -32.70
C ASN U 50 49.27 -1.09 -32.59
N SER U 51 49.36 -1.96 -31.60
CA SER U 51 50.57 -2.75 -31.37
C SER U 51 50.57 -4.05 -32.17
N HIS U 52 49.56 -4.28 -33.01
CA HIS U 52 49.49 -5.41 -33.94
C HIS U 52 49.54 -6.75 -33.21
N PHE U 53 48.92 -6.82 -32.04
CA PHE U 53 48.77 -8.08 -31.32
C PHE U 53 47.57 -8.80 -31.95
N THR U 54 47.86 -9.59 -32.98
CA THR U 54 46.79 -10.14 -33.81
C THR U 54 46.01 -11.24 -33.10
N LEU U 55 46.68 -12.05 -32.28
CA LEU U 55 46.00 -13.11 -31.56
C LEU U 55 45.09 -12.57 -30.48
N ALA U 56 45.30 -11.35 -30.02
CA ALA U 56 44.48 -10.75 -28.98
C ALA U 56 43.23 -10.08 -29.52
N SER U 57 43.01 -10.13 -30.84
CA SER U 57 41.80 -9.57 -31.41
C SER U 57 40.54 -10.33 -31.02
N MET U 58 40.69 -11.58 -30.57
CA MET U 58 39.54 -12.36 -30.12
C MET U 58 39.12 -11.96 -28.71
N MET U 59 39.99 -11.23 -27.98
CA MET U 59 39.68 -10.89 -26.59
C MET U 59 38.50 -9.95 -26.44
N PRO U 60 38.45 -8.77 -27.11
CA PRO U 60 37.38 -7.81 -26.79
C PRO U 60 35.99 -8.31 -27.12
N ILE U 61 35.88 -9.25 -28.06
CA ILE U 61 34.60 -9.92 -28.30
C ILE U 61 34.17 -10.69 -27.06
N ILE U 62 35.10 -11.41 -26.43
CA ILE U 62 34.79 -12.15 -25.21
C ILE U 62 34.46 -11.21 -24.07
N LEU U 63 35.18 -10.09 -23.97
CA LEU U 63 34.92 -9.11 -22.93
C LEU U 63 33.52 -8.51 -23.08
N LEU U 64 33.13 -8.20 -24.31
CA LEU U 64 31.79 -7.65 -24.56
C LEU U 64 30.71 -8.71 -24.36
N VAL U 65 31.02 -9.97 -24.63
CA VAL U 65 30.10 -11.07 -24.34
C VAL U 65 29.79 -11.14 -22.85
N PHE U 66 30.84 -11.09 -22.02
CA PHE U 66 30.61 -11.17 -20.59
C PHE U 66 29.97 -9.89 -20.04
N ALA U 67 30.26 -8.75 -20.70
CA ALA U 67 29.56 -7.51 -20.37
C ALA U 67 28.06 -7.66 -20.56
N ALA U 68 27.64 -8.21 -21.69
CA ALA U 68 26.22 -8.38 -21.95
C ALA U 68 25.60 -9.42 -21.03
N CYS U 69 26.36 -10.46 -20.66
CA CYS U 69 25.85 -11.45 -19.72
C CYS U 69 25.56 -10.83 -18.36
N GLU U 70 26.48 -10.02 -17.85
CA GLU U 70 26.24 -9.35 -16.58
C GLU U 70 25.17 -8.26 -16.68
N ALA U 71 25.01 -7.66 -17.88
CA ALA U 71 23.91 -6.73 -18.08
C ALA U 71 22.56 -7.43 -18.01
N ALA U 72 22.47 -8.61 -18.61
CA ALA U 72 21.24 -9.39 -18.54
C ALA U 72 20.94 -9.80 -17.10
N LEU U 73 21.97 -10.16 -16.34
CA LEU U 73 21.78 -10.46 -14.93
C LEU U 73 21.25 -9.24 -14.17
N GLY U 74 21.79 -8.05 -14.47
CA GLY U 74 21.31 -6.85 -13.83
C GLY U 74 19.86 -6.53 -14.16
N LEU U 75 19.48 -6.72 -15.43
CA LEU U 75 18.09 -6.51 -15.81
C LEU U 75 17.14 -7.48 -15.12
N SER U 76 17.55 -8.75 -14.98
CA SER U 76 16.69 -9.71 -14.28
C SER U 76 16.51 -9.36 -12.80
N LEU U 77 17.60 -8.96 -12.14
CA LEU U 77 17.48 -8.48 -10.77
C LEU U 77 16.60 -7.25 -10.68
N LEU U 78 16.65 -6.38 -11.68
CA LEU U 78 15.78 -5.22 -11.72
C LEU U 78 14.31 -5.59 -11.92
N VAL U 79 14.01 -6.64 -12.70
CA VAL U 79 12.63 -7.13 -12.78
C VAL U 79 12.14 -7.59 -11.42
N MET U 80 12.98 -8.32 -10.68
CA MET U 80 12.56 -8.74 -9.34
C MET U 80 12.32 -7.55 -8.41
N VAL U 81 13.21 -6.54 -8.46
CA VAL U 81 13.05 -5.36 -7.61
C VAL U 81 11.78 -4.61 -7.96
N SER U 82 11.53 -4.41 -9.26
CA SER U 82 10.32 -3.70 -9.69
C SER U 82 9.05 -4.51 -9.47
N ASN U 83 9.15 -5.83 -9.36
CA ASN U 83 8.00 -6.63 -9.01
C ASN U 83 7.73 -6.64 -7.51
N THR U 84 8.73 -6.33 -6.69
CA THR U 84 8.44 -6.23 -5.26
C THR U 84 7.82 -4.87 -4.92
N TYR U 85 8.50 -3.78 -5.23
CA TYR U 85 8.03 -2.44 -4.90
C TYR U 85 7.32 -1.83 -6.10
N GLY U 86 6.85 -0.60 -5.92
CA GLY U 86 6.15 0.07 -7.00
C GLY U 86 7.06 0.43 -8.16
N THR U 87 8.27 0.91 -7.86
CA THR U 87 9.19 1.43 -8.85
C THR U 87 10.56 0.81 -8.66
N ASP U 88 11.54 1.33 -9.38
CA ASP U 88 12.91 0.84 -9.35
C ASP U 88 13.86 1.73 -8.56
N TYR U 89 13.34 2.57 -7.67
CA TYR U 89 14.17 3.52 -6.93
C TYR U 89 15.12 2.79 -5.98
N VAL U 90 16.36 3.27 -5.92
CA VAL U 90 17.38 2.61 -5.10
C VAL U 90 17.21 2.88 -3.61
N GLN U 91 16.36 3.83 -3.23
CA GLN U 91 16.12 4.08 -1.82
C GLN U 91 15.18 3.07 -1.18
N ASN U 92 14.49 2.27 -1.98
CA ASN U 92 13.63 1.23 -1.44
C ASN U 92 14.40 0.02 -0.94
N LEU U 93 15.68 -0.10 -1.27
CA LEU U 93 16.51 -1.20 -0.81
C LEU U 93 17.23 -0.80 0.48
N ASN U 94 16.43 -0.59 1.54
CA ASN U 94 16.97 -0.19 2.83
C ASN U 94 16.43 -1.06 3.96
N LEU U 95 15.99 -2.28 3.65
CA LEU U 95 15.51 -3.18 4.68
C LEU U 95 16.64 -3.70 5.55
N LEU U 96 17.84 -3.83 4.99
CA LEU U 96 18.97 -4.42 5.71
C LEU U 96 19.80 -3.34 6.42
N GLN U 97 19.11 -2.60 7.29
CA GLN U 97 19.74 -1.55 8.07
C GLN U 97 19.65 -1.75 9.57
N CYS U 98 18.78 -2.64 10.04
CA CYS U 98 18.58 -2.82 11.47
C CYS U 98 19.60 -3.77 12.08
N ASN V 2 77.49 -30.70 83.04
CA ASN V 2 76.55 -31.76 82.69
C ASN V 2 75.27 -31.73 83.51
N LEU V 3 75.30 -31.00 84.61
CA LEU V 3 74.12 -30.84 85.47
C LEU V 3 73.34 -29.58 85.18
N PHE V 4 74.05 -28.48 84.92
CA PHE V 4 73.45 -27.18 84.65
C PHE V 4 72.53 -27.23 83.44
N SER V 5 73.07 -27.70 82.30
CA SER V 5 72.32 -27.70 81.05
C SER V 5 71.14 -28.67 81.10
N SER V 6 71.37 -29.85 81.68
CA SER V 6 70.30 -30.84 81.80
C SER V 6 69.16 -30.32 82.65
N LEU V 7 69.48 -29.68 83.78
CA LEU V 7 68.42 -29.21 84.68
C LEU V 7 67.65 -28.03 84.08
N THR V 8 68.34 -27.11 83.40
CA THR V 8 67.62 -26.00 82.78
C THR V 8 66.72 -26.48 81.62
N LEU V 9 67.25 -27.36 80.78
CA LEU V 9 66.43 -27.87 79.68
C LEU V 9 65.28 -28.72 80.19
N VAL V 10 65.45 -29.43 81.31
CA VAL V 10 64.32 -30.19 81.82
C VAL V 10 63.33 -29.29 82.54
N THR V 11 63.75 -28.12 83.03
CA THR V 11 62.77 -27.12 83.47
C THR V 11 61.89 -26.70 82.31
N LEU V 12 62.50 -26.42 81.16
CA LEU V 12 61.71 -26.00 79.99
C LEU V 12 60.79 -27.12 79.50
N ILE V 13 61.31 -28.35 79.40
CA ILE V 13 60.52 -29.45 78.88
C ILE V 13 59.43 -29.86 79.87
N LEU V 14 59.72 -29.80 81.17
CA LEU V 14 58.72 -30.06 82.19
C LEU V 14 57.59 -29.05 82.11
N LEU V 15 57.92 -27.78 81.83
CA LEU V 15 56.87 -26.78 81.66
C LEU V 15 56.04 -27.05 80.41
N THR V 16 56.68 -27.50 79.32
CA THR V 16 55.88 -27.71 78.11
C THR V 16 55.11 -29.04 78.11
N MET V 17 55.38 -29.94 79.05
CA MET V 17 54.70 -31.23 79.08
C MET V 17 53.18 -31.17 79.29
N PRO V 18 52.61 -30.39 80.23
CA PRO V 18 51.14 -30.40 80.37
C PRO V 18 50.37 -29.86 79.17
N ILE V 19 51.02 -29.08 78.29
CA ILE V 19 50.36 -28.66 77.05
C ILE V 19 50.06 -29.86 76.18
N ALA V 20 51.05 -30.73 75.99
CA ALA V 20 50.82 -31.96 75.25
C ALA V 20 49.90 -32.91 76.01
N ALA V 21 49.89 -32.81 77.35
CA ALA V 21 48.98 -33.64 78.13
C ALA V 21 47.52 -33.25 77.88
N ILE V 22 47.22 -31.97 77.79
CA ILE V 22 45.84 -31.54 77.58
C ILE V 22 45.45 -31.55 76.11
N ASN V 23 46.40 -31.47 75.19
CA ASN V 23 46.04 -31.50 73.78
C ASN V 23 45.68 -32.90 73.30
N PHE V 24 46.20 -33.94 73.94
CA PHE V 24 46.04 -35.32 73.49
C PHE V 24 45.07 -36.11 74.36
N ASN V 25 44.09 -35.44 74.95
CA ASN V 25 43.15 -36.12 75.83
C ASN V 25 41.87 -36.43 75.09
N THR V 26 41.09 -37.35 75.66
CA THR V 26 39.76 -37.70 75.18
C THR V 26 38.69 -37.51 76.22
N HIS V 27 38.97 -37.87 77.46
CA HIS V 27 38.04 -37.76 78.58
C HIS V 27 38.12 -36.35 79.18
N LYS V 28 37.49 -36.18 80.34
CA LYS V 28 37.65 -34.99 81.16
C LYS V 28 38.71 -35.25 82.23
N PHE V 29 39.66 -34.33 82.35
CA PHE V 29 40.84 -34.58 83.16
C PHE V 29 40.51 -34.46 84.64
N THR V 30 41.12 -35.31 85.46
CA THR V 30 40.85 -35.35 86.90
C THR V 30 41.74 -34.34 87.60
N ASN V 31 41.20 -33.14 87.83
CA ASN V 31 41.90 -32.00 88.44
C ASN V 31 43.17 -31.65 87.65
N TYR V 32 42.94 -31.29 86.39
CA TYR V 32 44.01 -30.75 85.55
C TYR V 32 44.69 -29.51 86.14
N PRO V 33 43.99 -28.54 86.78
CA PRO V 33 44.73 -27.47 87.48
C PRO V 33 45.70 -27.97 88.53
N LEU V 34 45.35 -29.05 89.24
CA LEU V 34 46.28 -29.63 90.21
C LEU V 34 47.52 -30.17 89.53
N TYR V 35 47.35 -30.80 88.37
CA TYR V 35 48.48 -31.31 87.62
C TYR V 35 49.39 -30.18 87.15
N VAL V 36 48.81 -29.08 86.66
CA VAL V 36 49.60 -27.94 86.21
C VAL V 36 50.35 -27.30 87.38
N LYS V 37 49.69 -27.14 88.53
CA LYS V 37 50.33 -26.55 89.70
C LYS V 37 51.47 -27.42 90.21
N THR V 38 51.27 -28.74 90.26
CA THR V 38 52.32 -29.65 90.68
C THR V 38 53.51 -29.58 89.74
N THR V 39 53.24 -29.53 88.44
CA THR V 39 54.30 -29.43 87.44
C THR V 39 55.10 -28.15 87.61
N ILE V 40 54.41 -27.04 87.89
CA ILE V 40 55.07 -25.75 88.00
C ILE V 40 55.93 -25.69 89.26
N SER V 41 55.43 -26.24 90.38
CA SER V 41 56.26 -26.28 91.59
C SER V 41 57.49 -27.15 91.41
N CYS V 42 57.33 -28.29 90.74
CA CYS V 42 58.48 -29.15 90.46
C CYS V 42 59.50 -28.44 89.57
N ALA V 43 59.01 -27.73 88.55
CA ALA V 43 59.91 -26.95 87.70
C ALA V 43 60.57 -25.83 88.47
N PHE V 44 59.89 -25.27 89.48
CA PHE V 44 60.49 -24.22 90.28
C PHE V 44 61.68 -24.73 91.06
N ILE V 45 61.55 -25.89 91.71
CA ILE V 45 62.72 -26.40 92.44
C ILE V 45 63.82 -26.88 91.47
N THR V 46 63.41 -27.39 90.30
CA THR V 46 64.38 -27.84 89.32
C THR V 46 65.20 -26.69 88.77
N SER V 47 64.58 -25.53 88.55
CA SER V 47 65.30 -24.33 88.16
C SER V 47 65.98 -23.66 89.36
N MET V 48 65.55 -23.97 90.57
CA MET V 48 66.20 -23.44 91.76
C MET V 48 67.59 -24.01 91.94
N ILE V 49 67.80 -25.26 91.51
CA ILE V 49 69.14 -25.87 91.66
C ILE V 49 70.25 -25.13 90.90
N PRO V 50 70.16 -24.89 89.58
CA PRO V 50 71.29 -24.23 88.90
C PRO V 50 71.43 -22.76 89.24
N THR V 51 70.40 -22.12 89.79
CA THR V 51 70.57 -20.79 90.35
C THR V 51 71.53 -20.83 91.53
N MET V 52 71.40 -21.85 92.39
CA MET V 52 72.36 -22.04 93.47
C MET V 52 73.74 -22.37 92.92
N MET V 53 73.80 -23.11 91.81
CA MET V 53 75.08 -23.37 91.16
C MET V 53 75.75 -22.07 90.71
N PHE V 54 74.98 -21.16 90.11
CA PHE V 54 75.51 -19.88 89.68
C PHE V 54 75.94 -19.02 90.86
N ILE V 55 75.16 -19.05 91.94
CA ILE V 55 75.48 -18.25 93.12
C ILE V 55 76.79 -18.73 93.75
N HIS V 56 76.99 -20.05 93.82
CA HIS V 56 78.23 -20.57 94.37
C HIS V 56 79.41 -20.25 93.46
N THR V 57 79.39 -20.77 92.23
CA THR V 57 80.58 -20.67 91.40
C THR V 57 80.60 -19.41 90.54
N GLY V 58 79.53 -19.19 89.78
CA GLY V 58 79.50 -18.12 88.80
C GLY V 58 79.36 -18.68 87.41
N GLN V 59 78.73 -19.84 87.30
CA GLN V 59 78.61 -20.56 86.04
C GLN V 59 77.51 -19.94 85.18
N GLU V 60 77.84 -19.64 83.93
CA GLU V 60 76.87 -19.24 82.93
C GLU V 60 77.26 -19.92 81.63
N MET V 61 76.28 -20.16 80.76
CA MET V 61 76.58 -20.93 79.56
C MET V 61 75.55 -20.62 78.47
N ILE V 62 75.84 -21.13 77.28
CA ILE V 62 74.98 -21.02 76.11
C ILE V 62 74.90 -22.40 75.47
N ILE V 63 73.69 -22.86 75.16
CA ILE V 63 73.49 -24.10 74.43
C ILE V 63 72.77 -23.77 73.13
N SER V 64 73.50 -23.83 72.02
CA SER V 64 72.91 -23.73 70.69
C SER V 64 72.68 -25.17 70.22
N ASN V 65 71.57 -25.75 70.69
CA ASN V 65 71.44 -27.20 70.60
C ASN V 65 70.81 -27.69 69.32
N TRP V 66 70.15 -26.82 68.56
CA TRP V 66 69.46 -27.22 67.34
C TRP V 66 69.78 -26.22 66.24
N HIS V 67 70.45 -26.69 65.19
CA HIS V 67 70.74 -25.87 64.01
C HIS V 67 69.48 -25.78 63.18
N TRP V 68 68.82 -24.62 63.24
CA TRP V 68 67.52 -24.48 62.58
C TRP V 68 67.67 -24.11 61.12
N LEU V 69 68.45 -23.08 60.81
CA LEU V 69 68.46 -22.56 59.46
C LEU V 69 69.77 -21.83 59.21
N THR V 70 70.21 -21.83 57.96
CA THR V 70 71.39 -21.08 57.54
C THR V 70 71.05 -20.25 56.32
N ILE V 71 71.15 -18.93 56.45
CA ILE V 71 70.75 -17.99 55.43
C ILE V 71 72.01 -17.24 55.05
N GLN V 72 72.67 -17.65 53.96
CA GLN V 72 73.95 -17.11 53.52
C GLN V 72 74.96 -17.15 54.65
N THR V 73 75.37 -15.96 55.11
CA THR V 73 76.31 -15.87 56.21
C THR V 73 75.65 -16.08 57.57
N LEU V 74 74.44 -15.57 57.74
CA LEU V 74 73.76 -15.67 59.03
C LEU V 74 73.31 -17.10 59.27
N LYS V 75 73.32 -17.51 60.54
CA LYS V 75 72.76 -18.80 60.89
C LYS V 75 71.92 -18.69 62.15
N LEU V 76 70.71 -19.22 62.08
CA LEU V 76 69.75 -19.18 63.18
C LEU V 76 69.70 -20.55 63.81
N SER V 77 69.98 -20.61 65.10
CA SER V 77 70.01 -21.86 65.85
C SER V 77 69.25 -21.67 67.14
N LEU V 78 68.64 -22.75 67.62
CA LEU V 78 67.92 -22.72 68.90
C LEU V 78 68.94 -22.61 70.00
N SER V 79 69.15 -21.38 70.48
CA SER V 79 70.24 -21.04 71.37
C SER V 79 69.65 -20.51 72.66
N PHE V 80 69.79 -21.28 73.73
CA PHE V 80 69.37 -20.87 75.07
C PHE V 80 70.59 -20.32 75.79
N LYS V 81 70.49 -19.07 76.23
CA LYS V 81 71.57 -18.40 76.95
C LYS V 81 71.15 -18.24 78.39
N MET V 82 71.95 -18.78 79.31
CA MET V 82 71.70 -18.63 80.73
C MET V 82 72.86 -17.89 81.38
N ASP V 83 72.53 -16.78 82.03
CA ASP V 83 73.48 -15.87 82.65
C ASP V 83 72.87 -15.43 83.96
N PHE V 84 73.35 -14.30 84.52
CA PHE V 84 72.84 -13.80 85.79
C PHE V 84 71.35 -13.49 85.71
N PHE V 85 70.92 -12.85 84.62
CA PHE V 85 69.53 -12.43 84.49
C PHE V 85 68.58 -13.61 84.43
N SER V 86 68.91 -14.62 83.62
CA SER V 86 67.99 -15.74 83.44
C SER V 86 67.85 -16.58 84.71
N MET V 87 68.98 -16.93 85.34
CA MET V 87 68.92 -17.71 86.57
C MET V 87 68.38 -16.90 87.74
N MET V 88 68.47 -15.58 87.72
CA MET V 88 67.84 -14.82 88.79
C MET V 88 66.38 -14.55 88.53
N PHE V 89 65.91 -14.67 87.29
CA PHE V 89 64.53 -14.36 86.98
C PHE V 89 63.61 -15.58 86.91
N VAL V 90 64.08 -16.72 86.44
CA VAL V 90 63.16 -17.86 86.29
C VAL V 90 62.62 -18.43 87.61
N PRO V 91 63.35 -18.51 88.74
CA PRO V 91 62.68 -19.05 89.94
C PRO V 91 61.69 -18.06 90.55
N VAL V 92 61.94 -16.76 90.42
CA VAL V 92 61.00 -15.75 90.91
C VAL V 92 59.70 -15.85 90.13
N ALA V 93 59.81 -15.93 88.80
CA ALA V 93 58.62 -16.06 87.96
C ALA V 93 57.89 -17.36 88.21
N LEU V 94 58.64 -18.44 88.44
CA LEU V 94 58.00 -19.72 88.70
C LEU V 94 57.29 -19.74 90.06
N PHE V 95 57.89 -19.13 91.08
CA PHE V 95 57.25 -19.02 92.38
C PHE V 95 55.99 -18.18 92.31
N VAL V 96 56.06 -17.06 91.59
CA VAL V 96 54.90 -16.19 91.41
C VAL V 96 53.77 -16.91 90.68
N THR V 97 54.11 -17.63 89.61
CA THR V 97 53.09 -18.39 88.88
C THR V 97 52.53 -19.51 89.71
N TRP V 98 53.32 -20.12 90.59
CA TRP V 98 52.81 -21.13 91.51
C TRP V 98 51.75 -20.55 92.43
N SER V 99 52.03 -19.38 93.00
CA SER V 99 51.07 -18.75 93.91
C SER V 99 49.78 -18.35 93.19
N ILE V 100 49.90 -17.69 92.03
CA ILE V 100 48.71 -17.35 91.25
C ILE V 100 48.00 -18.58 90.69
N MET V 101 48.71 -19.69 90.46
CA MET V 101 48.04 -20.89 89.99
C MET V 101 47.18 -21.52 91.09
N GLU V 102 47.68 -21.55 92.32
CA GLU V 102 46.82 -22.00 93.42
C GLU V 102 45.65 -21.05 93.66
N PHE V 103 45.93 -19.74 93.62
CA PHE V 103 44.87 -18.76 93.85
C PHE V 103 43.81 -18.81 92.77
N SER V 104 44.20 -19.09 91.53
CA SER V 104 43.25 -19.23 90.44
C SER V 104 42.50 -20.55 90.49
N MET V 105 43.14 -21.58 91.04
CA MET V 105 42.42 -22.83 91.31
C MET V 105 41.27 -22.58 92.28
N TRP V 106 41.50 -21.72 93.28
CA TRP V 106 40.38 -21.34 94.15
C TRP V 106 39.40 -20.39 93.44
N TYR V 107 39.94 -19.39 92.73
CA TYR V 107 39.14 -18.27 92.24
C TYR V 107 38.22 -18.67 91.10
N MET V 108 38.76 -19.40 90.11
CA MET V 108 38.00 -19.80 88.94
C MET V 108 37.43 -21.20 89.08
N HIS V 109 37.03 -21.58 90.29
CA HIS V 109 36.50 -22.91 90.55
C HIS V 109 35.17 -23.14 89.83
N SER V 110 34.39 -22.10 89.63
CA SER V 110 33.07 -22.19 89.03
C SER V 110 33.09 -22.05 87.51
N ASP V 111 34.25 -21.83 86.91
CA ASP V 111 34.32 -21.68 85.46
C ASP V 111 34.17 -23.05 84.80
N PRO V 112 33.22 -23.22 83.88
CA PRO V 112 33.15 -24.49 83.13
C PRO V 112 34.27 -24.67 82.13
N ASN V 113 35.05 -23.63 81.84
CA ASN V 113 36.21 -23.71 80.97
C ASN V 113 37.49 -23.45 81.74
N ILE V 114 37.61 -24.04 82.93
CA ILE V 114 38.77 -23.81 83.78
C ILE V 114 40.03 -24.42 83.18
N ASN V 115 39.90 -25.57 82.52
CA ASN V 115 41.05 -26.24 81.92
C ASN V 115 41.67 -25.42 80.80
N GLN V 116 40.82 -24.78 79.97
CA GLN V 116 41.34 -23.90 78.92
C GLN V 116 42.04 -22.69 79.52
N PHE V 117 41.53 -22.18 80.64
CA PHE V 117 42.16 -21.05 81.32
C PHE V 117 43.55 -21.43 81.81
N PHE V 118 43.68 -22.61 82.42
CA PHE V 118 44.99 -23.03 82.91
C PHE V 118 45.93 -23.35 81.75
N LYS V 119 45.40 -23.88 80.65
CA LYS V 119 46.23 -24.10 79.47
C LYS V 119 46.79 -22.78 78.93
N TYR V 120 45.93 -21.76 78.85
CA TYR V 120 46.37 -20.46 78.34
C TYR V 120 47.41 -19.82 79.27
N LEU V 121 47.20 -19.94 80.57
CA LEU V 121 48.13 -19.33 81.52
C LEU V 121 49.48 -20.04 81.51
N LEU V 122 49.48 -21.37 81.38
CA LEU V 122 50.72 -22.11 81.18
C LEU V 122 51.41 -21.73 79.88
N LEU V 123 50.63 -21.51 78.81
CA LEU V 123 51.21 -21.10 77.53
C LEU V 123 51.88 -19.75 77.64
N PHE V 124 51.27 -18.83 78.40
CA PHE V 124 51.91 -17.55 78.65
C PHE V 124 53.24 -17.74 79.39
N LEU V 125 53.25 -18.62 80.40
CA LEU V 125 54.49 -18.87 81.13
C LEU V 125 55.59 -19.43 80.23
N ILE V 126 55.21 -20.36 79.34
CA ILE V 126 56.17 -20.93 78.39
C ILE V 126 56.73 -19.86 77.46
N THR V 127 55.85 -18.98 76.94
CA THR V 127 56.33 -17.94 76.02
C THR V 127 57.23 -16.94 76.73
N MET V 128 56.92 -16.61 77.99
CA MET V 128 57.77 -15.68 78.71
C MET V 128 59.14 -16.29 79.03
N LEU V 129 59.18 -17.58 79.35
CA LEU V 129 60.49 -18.20 79.58
C LEU V 129 61.23 -18.47 78.28
N ILE V 130 60.53 -18.52 77.15
CA ILE V 130 61.21 -18.47 75.85
C ILE V 130 61.84 -17.10 75.65
N LEU V 131 61.13 -16.04 76.05
CA LEU V 131 61.66 -14.68 75.92
C LEU V 131 62.91 -14.47 76.76
N VAL V 132 62.84 -14.85 78.05
CA VAL V 132 63.89 -14.41 78.99
C VAL V 132 65.19 -15.18 78.86
N THR V 133 65.19 -16.32 78.17
CA THR V 133 66.40 -17.12 78.01
C THR V 133 66.88 -17.17 76.57
N ALA V 134 66.40 -16.27 75.73
CA ALA V 134 66.79 -16.27 74.33
C ALA V 134 68.18 -15.69 74.15
N ASN V 135 68.88 -16.17 73.13
CA ASN V 135 70.18 -15.65 72.74
C ASN V 135 70.12 -14.80 71.49
N ASN V 136 69.48 -15.27 70.43
CA ASN V 136 69.32 -14.46 69.24
C ASN V 136 68.04 -13.65 69.34
N LEU V 137 67.95 -12.61 68.49
CA LEU V 137 66.79 -11.74 68.53
C LEU V 137 65.56 -12.38 67.93
N PHE V 138 65.72 -13.45 67.13
CA PHE V 138 64.55 -14.13 66.58
C PHE V 138 63.77 -14.87 67.65
N GLN V 139 64.47 -15.56 68.54
CA GLN V 139 63.80 -16.25 69.65
C GLN V 139 63.19 -15.27 70.63
N LEU V 140 63.88 -14.14 70.87
CA LEU V 140 63.32 -13.07 71.69
C LEU V 140 62.06 -12.50 71.05
N PHE V 141 62.05 -12.39 69.72
CA PHE V 141 60.85 -11.93 69.02
C PHE V 141 59.72 -12.94 69.13
N ILE V 142 60.06 -14.23 69.11
CA ILE V 142 59.06 -15.28 69.30
C ILE V 142 58.40 -15.12 70.66
N GLY V 143 59.22 -14.92 71.70
CA GLY V 143 58.66 -14.71 73.03
C GLY V 143 57.82 -13.45 73.13
N TRP V 144 58.28 -12.37 72.48
CA TRP V 144 57.57 -11.10 72.45
C TRP V 144 56.17 -11.25 71.88
N GLU V 145 56.09 -11.81 70.68
CA GLU V 145 54.80 -11.97 70.01
C GLU V 145 53.92 -12.98 70.73
N GLY V 146 54.51 -14.03 71.30
CA GLY V 146 53.72 -15.01 72.02
C GLY V 146 53.06 -14.42 73.26
N VAL V 147 53.82 -13.63 74.04
CA VAL V 147 53.21 -13.05 75.22
C VAL V 147 52.22 -11.96 74.84
N GLY V 148 52.43 -11.28 73.70
CA GLY V 148 51.40 -10.36 73.23
C GLY V 148 50.09 -11.04 72.87
N ILE V 149 50.16 -12.17 72.17
CA ILE V 149 48.95 -12.88 71.75
C ILE V 149 48.25 -13.50 72.96
N MET V 150 49.01 -14.06 73.89
CA MET V 150 48.39 -14.57 75.12
C MET V 150 47.79 -13.46 75.96
N SER V 151 48.39 -12.25 75.93
CA SER V 151 47.76 -11.10 76.56
C SER V 151 46.42 -10.78 75.93
N PHE V 152 46.36 -10.85 74.60
CA PHE V 152 45.10 -10.63 73.89
C PHE V 152 44.03 -11.61 74.34
N LEU V 153 44.35 -12.90 74.33
CA LEU V 153 43.37 -13.91 74.67
C LEU V 153 42.95 -13.87 76.14
N LEU V 154 43.90 -13.63 77.05
CA LEU V 154 43.59 -13.59 78.47
C LEU V 154 42.88 -12.33 78.91
N ILE V 155 43.07 -11.21 78.21
CA ILE V 155 42.21 -10.06 78.43
C ILE V 155 40.82 -10.33 77.87
N GLY V 156 40.74 -10.90 76.66
CA GLY V 156 39.45 -11.22 76.09
C GLY V 156 38.94 -12.59 76.45
N TRP V 157 39.23 -13.01 77.69
CA TRP V 157 38.71 -14.28 78.20
C TRP V 157 37.18 -14.31 78.18
N TRP V 158 36.53 -13.26 78.64
CA TRP V 158 35.07 -13.18 78.58
C TRP V 158 34.69 -12.46 77.29
N TYR V 159 34.58 -13.21 76.21
CA TYR V 159 34.42 -12.60 74.90
C TYR V 159 33.01 -12.09 74.65
N GLY V 160 32.03 -12.45 75.47
CA GLY V 160 30.71 -11.84 75.32
C GLY V 160 30.67 -10.38 75.70
N ARG V 161 31.61 -9.94 76.52
CA ARG V 161 31.68 -8.55 76.94
C ARG V 161 32.41 -7.73 75.88
N THR V 162 31.78 -6.64 75.44
CA THR V 162 32.40 -5.81 74.40
C THR V 162 33.65 -5.10 74.91
N ASP V 163 33.66 -4.74 76.19
CA ASP V 163 34.80 -4.04 76.78
C ASP V 163 36.03 -4.94 76.84
N ALA V 164 35.84 -6.24 77.03
CA ALA V 164 36.97 -7.16 77.05
C ALA V 164 37.65 -7.25 75.69
N ASN V 165 36.84 -7.38 74.62
CA ASN V 165 37.41 -7.42 73.28
C ASN V 165 38.05 -6.10 72.92
N THR V 166 37.45 -4.98 73.33
CA THR V 166 38.01 -3.68 73.04
C THR V 166 39.35 -3.47 73.73
N ALA V 167 39.44 -3.86 75.00
CA ALA V 167 40.70 -3.76 75.73
C ALA V 167 41.77 -4.67 75.14
N ALA V 168 41.38 -5.88 74.73
CA ALA V 168 42.32 -6.80 74.12
C ALA V 168 42.87 -6.27 72.81
N LEU V 169 41.99 -5.70 71.97
CA LEU V 169 42.43 -5.11 70.72
C LEU V 169 43.36 -3.93 70.95
N GLN V 170 43.06 -3.12 71.97
CA GLN V 170 43.92 -1.99 72.30
C GLN V 170 45.31 -2.43 72.75
N ALA V 171 45.35 -3.47 73.59
CA ALA V 171 46.64 -4.02 74.02
C ALA V 171 47.44 -4.53 72.83
N ILE V 172 46.77 -5.20 71.89
CA ILE V 172 47.43 -5.70 70.70
C ILE V 172 48.01 -4.54 69.87
N LEU V 173 47.23 -3.46 69.70
CA LEU V 173 47.70 -2.34 68.89
C LEU V 173 48.93 -1.67 69.48
N TYR V 174 48.91 -1.42 70.79
CA TYR V 174 50.07 -0.78 71.42
C TYR V 174 51.29 -1.70 71.39
N ASN V 175 51.08 -3.01 71.60
CA ASN V 175 52.18 -3.93 71.51
C ASN V 175 52.72 -4.04 70.08
N ARG V 176 51.88 -3.83 69.07
CA ARG V 176 52.39 -3.87 67.70
C ARG V 176 53.21 -2.62 67.37
N ILE V 177 52.89 -1.48 67.97
CA ILE V 177 53.78 -0.32 67.83
C ILE V 177 55.12 -0.59 68.50
N GLY V 178 55.10 -1.25 69.67
CA GLY V 178 56.35 -1.71 70.27
C GLY V 178 57.13 -2.65 69.35
N ASP V 179 56.42 -3.54 68.66
CA ASP V 179 57.08 -4.43 67.72
C ASP V 179 57.59 -3.69 66.50
N ILE V 180 56.99 -2.54 66.15
CA ILE V 180 57.56 -1.70 65.10
C ILE V 180 58.97 -1.28 65.50
N GLY V 181 59.10 -0.81 66.75
CA GLY V 181 60.42 -0.44 67.25
C GLY V 181 61.40 -1.61 67.31
N PHE V 182 60.91 -2.77 67.76
CA PHE V 182 61.75 -3.96 67.83
C PHE V 182 62.24 -4.41 66.45
N ILE V 183 61.35 -4.37 65.47
CA ILE V 183 61.70 -4.79 64.11
C ILE V 183 62.72 -3.83 63.51
N LEU V 184 62.58 -2.53 63.80
CA LEU V 184 63.59 -1.56 63.37
C LEU V 184 64.94 -1.89 63.97
N ALA V 185 64.97 -2.25 65.26
CA ALA V 185 66.23 -2.60 65.91
C ALA V 185 66.87 -3.83 65.26
N MET V 186 66.06 -4.86 64.97
CA MET V 186 66.59 -6.07 64.35
C MET V 186 67.13 -5.78 62.95
N ALA V 187 66.43 -4.93 62.19
CA ALA V 187 66.89 -4.59 60.85
C ALA V 187 68.22 -3.85 60.90
N TRP V 188 68.36 -2.89 61.82
CA TRP V 188 69.63 -2.18 61.93
C TRP V 188 70.76 -3.12 62.32
N PHE V 189 70.49 -4.03 63.26
CA PHE V 189 71.53 -4.96 63.71
C PHE V 189 71.96 -5.90 62.59
N LEU V 190 71.01 -6.43 61.83
CA LEU V 190 71.36 -7.34 60.74
C LEU V 190 72.12 -6.61 59.62
N ILE V 191 71.69 -5.39 59.28
CA ILE V 191 72.33 -4.70 58.16
C ILE V 191 73.73 -4.25 58.54
N ASN V 192 73.89 -3.62 59.71
CA ASN V 192 75.15 -2.97 60.03
C ASN V 192 76.09 -3.83 60.85
N LEU V 193 75.64 -4.94 61.43
CA LEU V 193 76.48 -5.78 62.26
C LEU V 193 76.54 -7.23 61.80
N ASN V 194 75.69 -7.63 60.86
CA ASN V 194 75.65 -8.98 60.27
C ASN V 194 75.48 -10.05 61.35
N THR V 195 74.57 -9.81 62.29
CA THR V 195 74.31 -10.78 63.33
C THR V 195 72.93 -10.58 63.91
N TRP V 196 72.46 -11.63 64.58
CA TRP V 196 71.32 -11.54 65.47
C TRP V 196 71.60 -12.10 66.86
N ASP V 197 72.70 -12.82 67.04
CA ASP V 197 73.10 -13.27 68.37
C ASP V 197 73.62 -12.10 69.19
N LEU V 198 73.52 -12.24 70.51
CA LEU V 198 73.91 -11.15 71.39
C LEU V 198 75.41 -11.02 71.56
N GLN V 199 76.15 -12.13 71.41
CA GLN V 199 77.59 -12.09 71.62
C GLN V 199 78.29 -11.23 70.58
N GLN V 200 77.90 -11.36 69.32
CA GLN V 200 78.53 -10.57 68.27
C GLN V 200 78.17 -9.09 68.40
N ILE V 201 76.93 -8.79 68.79
CA ILE V 201 76.52 -7.41 69.01
C ILE V 201 77.33 -6.80 70.16
N PHE V 202 77.52 -7.56 71.24
CA PHE V 202 78.26 -7.05 72.38
C PHE V 202 79.74 -6.89 72.05
N MET V 203 80.30 -7.78 71.23
CA MET V 203 81.71 -7.63 70.86
C MET V 203 81.96 -6.46 69.94
N LEU V 204 81.14 -6.32 68.88
CA LEU V 204 81.44 -5.33 67.86
C LEU V 204 81.32 -3.92 68.40
N ASN V 205 80.32 -3.67 69.27
CA ASN V 205 80.12 -2.45 70.04
C ASN V 205 80.10 -1.22 69.16
N PRO V 206 79.03 -1.01 68.39
CA PRO V 206 79.02 0.11 67.44
C PRO V 206 78.97 1.46 68.14
N ASN V 207 79.52 2.46 67.44
CA ASN V 207 79.50 3.82 67.95
C ASN V 207 78.22 4.55 67.56
N ASP V 208 77.87 4.52 66.27
CA ASP V 208 76.70 5.25 65.77
C ASP V 208 75.44 4.41 65.97
N SER V 209 75.10 4.22 67.25
CA SER V 209 74.01 3.33 67.64
C SER V 209 72.85 4.08 68.26
N ASN V 210 72.64 5.35 67.85
CA ASN V 210 71.50 6.09 68.38
C ASN V 210 70.19 5.53 67.86
N LEU V 211 70.17 5.09 66.60
CA LEU V 211 68.92 4.69 65.97
C LEU V 211 68.42 3.32 66.47
N PRO V 212 69.24 2.25 66.56
CA PRO V 212 68.71 1.02 67.16
C PRO V 212 68.35 1.16 68.62
N LEU V 213 69.06 2.00 69.37
CA LEU V 213 68.67 2.24 70.76
C LEU V 213 67.34 2.96 70.85
N MET V 214 67.07 3.89 69.93
CA MET V 214 65.75 4.51 69.87
C MET V 214 64.68 3.49 69.51
N GLY V 215 65.01 2.54 68.62
CA GLY V 215 64.08 1.46 68.32
C GLY V 215 63.77 0.58 69.52
N LEU V 216 64.80 0.26 70.31
CA LEU V 216 64.59 -0.55 71.51
C LEU V 216 63.81 0.20 72.58
N ILE V 217 64.05 1.51 72.71
CA ILE V 217 63.28 2.32 73.65
C ILE V 217 61.83 2.40 73.21
N LEU V 218 61.58 2.47 71.90
CA LEU V 218 60.20 2.41 71.40
C LEU V 218 59.55 1.08 71.71
N ALA V 219 60.30 -0.01 71.59
CA ALA V 219 59.77 -1.33 71.92
C ALA V 219 59.42 -1.43 73.41
N ALA V 220 60.27 -0.89 74.27
CA ALA V 220 59.98 -0.89 75.71
C ALA V 220 58.78 -0.01 76.03
N THR V 221 58.65 1.13 75.36
CA THR V 221 57.51 2.00 75.55
C THR V 221 56.21 1.29 75.17
N GLY V 222 56.23 0.57 74.06
CA GLY V 222 55.05 -0.17 73.66
C GLY V 222 54.71 -1.32 74.60
N LYS V 223 55.70 -2.09 74.99
CA LYS V 223 55.45 -3.32 75.74
C LYS V 223 55.32 -3.09 77.24
N SER V 224 56.16 -2.25 77.83
CA SER V 224 56.11 -1.99 79.26
C SER V 224 55.21 -0.82 79.62
N ALA V 225 54.50 -0.24 78.64
CA ALA V 225 53.48 0.79 78.85
C ALA V 225 54.04 2.03 79.53
N GLN V 226 54.96 2.70 78.82
CA GLN V 226 55.47 3.98 79.26
C GLN V 226 54.52 5.09 78.78
N PHE V 227 54.96 6.34 78.87
CA PHE V 227 54.13 7.46 78.46
C PHE V 227 53.93 7.47 76.96
N GLY V 228 52.75 7.91 76.54
CA GLY V 228 52.35 7.92 75.15
C GLY V 228 51.60 6.67 74.76
N LEU V 229 52.05 5.52 75.24
CA LEU V 229 51.44 4.23 74.93
C LEU V 229 51.01 3.51 76.21
N HIS V 230 50.61 4.27 77.23
CA HIS V 230 50.20 3.70 78.51
C HIS V 230 48.81 3.07 78.65
N PRO V 231 47.72 3.57 78.03
CA PRO V 231 46.39 3.25 78.56
C PRO V 231 45.94 1.80 78.40
N TRP V 232 46.66 0.99 77.62
CA TRP V 232 46.32 -0.42 77.53
C TRP V 232 46.52 -1.14 78.84
N LEU V 233 47.53 -0.74 79.63
CA LEU V 233 47.75 -1.38 80.92
C LEU V 233 46.60 -1.15 81.90
N PRO V 234 46.06 0.06 82.10
CA PRO V 234 44.86 0.16 82.94
C PRO V 234 43.60 -0.36 82.27
N SER V 235 43.52 -0.34 80.93
CA SER V 235 42.36 -0.92 80.28
C SER V 235 42.35 -2.44 80.36
N ALA V 236 43.51 -3.07 80.59
CA ALA V 236 43.64 -4.51 80.62
C ALA V 236 43.13 -5.15 81.91
N MET V 237 42.41 -4.41 82.74
CA MET V 237 41.80 -4.97 83.94
C MET V 237 40.42 -5.55 83.68
N GLU V 238 40.00 -5.62 82.41
CA GLU V 238 38.74 -6.25 82.08
C GLU V 238 38.80 -7.77 82.21
N GLY V 239 39.99 -8.34 82.24
CA GLY V 239 40.13 -9.78 82.38
C GLY V 239 39.94 -10.21 83.82
N PRO V 240 40.02 -11.52 84.03
CA PRO V 240 39.91 -12.05 85.39
C PRO V 240 41.08 -11.63 86.26
N THR V 241 40.84 -11.66 87.56
CA THR V 241 41.85 -11.20 88.52
C THR V 241 43.18 -11.98 88.48
N PRO V 242 43.21 -13.32 88.37
CA PRO V 242 44.53 -13.97 88.21
C PRO V 242 45.27 -13.54 86.96
N VAL V 243 44.55 -13.23 85.88
CA VAL V 243 45.19 -12.76 84.66
C VAL V 243 45.91 -11.44 84.90
N SER V 244 45.24 -10.50 85.57
CA SER V 244 45.88 -9.24 85.92
C SER V 244 47.06 -9.46 86.84
N ALA V 245 46.85 -10.26 87.88
CA ALA V 245 47.84 -10.49 88.95
C ALA V 245 49.12 -11.09 88.40
N LEU V 246 49.01 -12.00 87.46
CA LEU V 246 50.22 -12.53 86.83
C LEU V 246 50.72 -11.61 85.74
N LEU V 247 49.93 -11.46 84.68
CA LEU V 247 50.36 -10.84 83.44
C LEU V 247 50.77 -9.39 83.64
N HIS V 248 49.83 -8.56 84.08
CA HIS V 248 49.99 -7.12 83.92
C HIS V 248 50.75 -6.48 85.07
N SER V 249 51.15 -7.26 86.07
CA SER V 249 51.88 -6.69 87.17
C SER V 249 53.03 -7.54 87.68
N SER V 250 53.20 -8.76 87.22
CA SER V 250 54.29 -9.60 87.72
C SER V 250 55.32 -9.92 86.65
N THR V 251 54.90 -10.47 85.52
CA THR V 251 55.82 -11.15 84.61
C THR V 251 55.86 -10.55 83.21
N MET V 252 54.71 -10.31 82.58
CA MET V 252 54.73 -9.89 81.18
C MET V 252 55.14 -8.44 81.03
N VAL V 253 54.62 -7.55 81.88
CA VAL V 253 54.78 -6.12 81.68
C VAL V 253 56.19 -5.62 81.91
N VAL V 254 57.08 -6.47 82.43
CA VAL V 254 58.47 -6.10 82.61
C VAL V 254 59.34 -6.53 81.42
N ALA V 255 58.71 -6.87 80.30
CA ALA V 255 59.47 -7.39 79.16
C ALA V 255 60.30 -6.31 78.48
N GLY V 256 59.75 -5.10 78.34
CA GLY V 256 60.52 -4.03 77.75
C GLY V 256 61.69 -3.59 78.63
N ILE V 257 61.44 -3.52 79.94
CA ILE V 257 62.50 -3.20 80.88
C ILE V 257 63.56 -4.28 80.86
N PHE V 258 63.15 -5.56 80.86
CA PHE V 258 64.12 -6.64 80.83
C PHE V 258 64.90 -6.67 79.52
N LEU V 259 64.27 -6.24 78.42
CA LEU V 259 65.01 -6.07 77.18
C LEU V 259 66.07 -4.98 77.30
N LEU V 260 65.74 -3.89 77.98
CA LEU V 260 66.75 -2.84 78.16
C LEU V 260 67.88 -3.25 79.10
N ILE V 261 67.59 -4.09 80.11
CA ILE V 261 68.69 -4.65 80.90
C ILE V 261 69.51 -5.64 80.09
N ARG V 262 68.88 -6.33 79.13
CA ARG V 262 69.63 -7.26 78.29
C ARG V 262 70.67 -6.53 77.44
N PHE V 263 70.32 -5.36 76.92
CA PHE V 263 71.20 -4.60 76.03
C PHE V 263 71.93 -3.49 76.77
N TYR V 264 72.33 -3.73 78.01
CA TYR V 264 72.97 -2.68 78.81
C TYR V 264 74.35 -2.17 78.34
N PRO V 265 75.19 -2.90 77.59
CA PRO V 265 76.41 -2.25 77.11
C PRO V 265 76.17 -1.13 76.10
N LEU V 266 75.25 -1.33 75.16
CA LEU V 266 75.00 -0.33 74.13
C LEU V 266 74.43 0.95 74.73
N THR V 267 73.48 0.82 75.66
CA THR V 267 72.97 1.99 76.36
C THR V 267 73.97 2.54 77.36
N GLU V 268 74.87 1.71 77.86
CA GLU V 268 75.92 2.19 78.76
C GLU V 268 76.86 3.13 78.04
N ASN V 269 77.19 2.83 76.78
CA ASN V 269 78.12 3.69 76.04
C ASN V 269 77.46 4.90 75.39
N ASN V 270 76.15 5.06 75.49
CA ASN V 270 75.44 6.15 74.83
C ASN V 270 74.79 7.04 75.88
N LYS V 271 75.17 8.33 75.88
CA LYS V 271 74.56 9.26 76.82
C LYS V 271 73.17 9.68 76.39
N PHE V 272 72.96 9.84 75.08
CA PHE V 272 71.68 10.35 74.58
C PHE V 272 70.53 9.39 74.85
N GLY V 273 70.76 8.09 74.64
CA GLY V 273 69.72 7.12 74.94
C GLY V 273 69.37 7.09 76.42
N GLN V 274 70.40 7.24 77.27
CA GLN V 274 70.17 7.30 78.71
C GLN V 274 69.34 8.51 79.10
N SER V 275 69.63 9.67 78.50
CA SER V 275 68.86 10.86 78.77
C SER V 275 67.41 10.69 78.33
N ILE V 276 67.19 10.08 77.16
CA ILE V 276 65.84 9.88 76.65
C ILE V 276 65.05 8.96 77.57
N MET V 277 65.64 7.82 77.97
CA MET V 277 64.89 6.88 78.79
C MET V 277 64.67 7.42 80.20
N LEU V 278 65.60 8.22 80.71
CA LEU V 278 65.43 8.84 82.01
C LEU V 278 64.28 9.85 82.00
N CYS V 279 64.24 10.71 80.98
CA CYS V 279 63.15 11.69 80.89
C CYS V 279 61.81 11.01 80.69
N LEU V 280 61.77 9.99 79.84
CA LEU V 280 60.52 9.28 79.58
C LEU V 280 60.04 8.53 80.81
N GLY V 281 60.95 7.94 81.57
CA GLY V 281 60.56 7.28 82.80
C GLY V 281 60.03 8.24 83.85
N ALA V 282 60.64 9.42 83.97
CA ALA V 282 60.14 10.41 84.93
C ALA V 282 58.74 10.90 84.55
N MET V 283 58.52 11.16 83.25
CA MET V 283 57.20 11.55 82.78
C MET V 283 56.17 10.46 83.06
N THR V 284 56.52 9.20 82.77
CA THR V 284 55.60 8.09 82.98
C THR V 284 55.23 7.95 84.45
N THR V 285 56.23 8.04 85.34
CA THR V 285 55.95 7.77 86.75
C THR V 285 55.11 8.88 87.37
N LEU V 286 55.37 10.16 87.04
CA LEU V 286 54.51 11.20 87.60
C LEU V 286 53.10 11.12 87.03
N PHE V 287 52.97 10.95 85.71
CA PHE V 287 51.63 10.96 85.12
C PHE V 287 50.78 9.80 85.63
N THR V 288 51.37 8.62 85.75
CA THR V 288 50.59 7.48 86.20
C THR V 288 50.30 7.55 87.70
N ALA V 289 51.21 8.10 88.51
CA ALA V 289 50.90 8.28 89.92
C ALA V 289 49.77 9.29 90.13
N MET V 290 49.81 10.39 89.37
CA MET V 290 48.75 11.38 89.43
C MET V 290 47.42 10.78 89.00
N CYS V 291 47.44 9.94 87.96
CA CYS V 291 46.21 9.26 87.53
C CYS V 291 45.70 8.30 88.61
N ALA V 292 46.61 7.64 89.33
CA ALA V 292 46.20 6.72 90.38
C ALA V 292 45.67 7.43 91.62
N LEU V 293 45.98 8.71 91.77
CA LEU V 293 45.68 9.40 93.03
C LEU V 293 44.18 9.44 93.34
N THR V 294 43.33 9.64 92.32
CA THR V 294 41.90 9.75 92.58
C THR V 294 41.08 8.81 91.74
N GLN V 295 41.62 7.63 91.42
CA GLN V 295 40.80 6.61 90.81
C GLN V 295 40.02 5.87 91.89
N ASN V 296 38.87 5.32 91.49
CA ASN V 296 37.98 4.68 92.44
C ASN V 296 37.89 3.17 92.30
N ASP V 297 38.17 2.63 91.12
CA ASP V 297 38.19 1.19 90.92
C ASP V 297 39.54 0.66 91.35
N ILE V 298 39.53 -0.35 92.23
CA ILE V 298 40.76 -0.74 92.93
C ILE V 298 41.78 -1.34 91.97
N LYS V 299 41.32 -2.16 91.02
CA LYS V 299 42.25 -2.76 90.06
C LYS V 299 42.86 -1.71 89.14
N LYS V 300 42.13 -0.64 88.85
CA LYS V 300 42.72 0.48 88.10
C LYS V 300 43.81 1.17 88.90
N ILE V 301 43.61 1.33 90.21
CA ILE V 301 44.62 1.97 91.06
C ILE V 301 45.88 1.12 91.09
N ILE V 302 45.73 -0.20 91.25
CA ILE V 302 46.91 -1.05 91.31
C ILE V 302 47.59 -1.15 89.94
N ALA V 303 46.82 -1.07 88.85
CA ALA V 303 47.42 -1.04 87.52
C ALA V 303 48.24 0.22 87.31
N PHE V 304 47.73 1.36 87.77
CA PHE V 304 48.49 2.60 87.67
C PHE V 304 49.71 2.58 88.57
N SER V 305 49.60 1.92 89.73
CA SER V 305 50.78 1.71 90.58
C SER V 305 51.83 0.89 89.85
N THR V 306 51.41 -0.14 89.11
CA THR V 306 52.35 -0.93 88.33
C THR V 306 53.03 -0.09 87.26
N SER V 307 52.28 0.77 86.57
CA SER V 307 52.90 1.60 85.54
C SER V 307 53.86 2.62 86.14
N SER V 308 53.55 3.15 87.33
CA SER V 308 54.47 4.07 88.00
C SER V 308 55.76 3.36 88.43
N GLN V 309 55.63 2.14 88.95
CA GLN V 309 56.82 1.35 89.29
C GLN V 309 57.66 1.06 88.05
N LEU V 310 57.01 0.74 86.93
CA LEU V 310 57.73 0.46 85.68
C LEU V 310 58.46 1.71 85.19
N GLY V 311 57.84 2.88 85.34
CA GLY V 311 58.54 4.12 85.04
C GLY V 311 59.74 4.35 85.95
N LEU V 312 59.64 3.94 87.21
CA LEU V 312 60.79 4.04 88.10
C LEU V 312 61.93 3.14 87.64
N MET V 313 61.63 1.91 87.19
CA MET V 313 62.70 1.07 86.65
C MET V 313 63.29 1.65 85.38
N MET V 314 62.48 2.31 84.55
CA MET V 314 63.04 2.99 83.38
C MET V 314 63.99 4.12 83.79
N VAL V 315 63.63 4.86 84.84
CA VAL V 315 64.50 5.92 85.35
C VAL V 315 65.82 5.34 85.85
N THR V 316 65.75 4.25 86.61
CA THR V 316 67.00 3.71 87.16
C THR V 316 67.83 2.97 86.14
N ILE V 317 67.26 2.56 85.00
CA ILE V 317 68.12 2.19 83.88
C ILE V 317 68.77 3.44 83.30
N GLY V 318 68.03 4.55 83.26
CA GLY V 318 68.56 5.79 82.68
C GLY V 318 69.71 6.41 83.45
N ILE V 319 69.92 6.02 84.69
CA ILE V 319 71.02 6.54 85.49
C ILE V 319 72.20 5.56 85.51
N ASN V 320 72.29 4.69 84.50
CA ASN V 320 73.36 3.70 84.34
C ASN V 320 73.40 2.71 85.51
N GLN V 321 72.23 2.25 85.94
CA GLN V 321 72.11 1.26 87.00
C GLN V 321 71.15 0.16 86.56
N PRO V 322 71.60 -0.77 85.72
CA PRO V 322 70.69 -1.81 85.23
C PRO V 322 70.43 -2.92 86.23
N HIS V 323 71.41 -3.19 87.09
CA HIS V 323 71.27 -4.30 88.04
C HIS V 323 70.35 -3.94 89.19
N LEU V 324 70.31 -2.66 89.60
CA LEU V 324 69.29 -2.23 90.54
C LEU V 324 67.90 -2.32 89.93
N ALA V 325 67.80 -2.06 88.62
CA ALA V 325 66.51 -2.24 87.94
C ALA V 325 66.08 -3.70 87.95
N PHE V 326 67.03 -4.61 87.74
CA PHE V 326 66.71 -6.03 87.79
C PHE V 326 66.28 -6.45 89.19
N LEU V 327 66.94 -5.93 90.22
CA LEU V 327 66.53 -6.22 91.60
C LEU V 327 65.13 -5.68 91.87
N HIS V 328 64.82 -4.50 91.33
CA HIS V 328 63.49 -3.94 91.48
C HIS V 328 62.45 -4.78 90.77
N ILE V 329 62.80 -5.37 89.63
CA ILE V 329 61.90 -6.31 88.96
C ILE V 329 61.59 -7.49 89.86
N CYS V 330 62.65 -8.12 90.39
CA CYS V 330 62.51 -9.33 91.18
C CYS V 330 61.81 -9.10 92.51
N THR V 331 61.77 -7.86 92.99
CA THR V 331 61.03 -7.53 94.21
C THR V 331 59.58 -7.11 93.92
N HIS V 332 59.41 -6.27 92.90
CA HIS V 332 58.10 -5.74 92.55
C HIS V 332 57.16 -6.84 92.11
N ALA V 333 57.69 -7.88 91.44
CA ALA V 333 56.84 -9.01 91.06
C ALA V 333 56.20 -9.65 92.29
N PHE V 334 57.00 -9.89 93.33
CA PHE V 334 56.53 -10.49 94.58
C PHE V 334 55.40 -9.67 95.19
N PHE V 335 55.70 -8.43 95.57
CA PHE V 335 54.69 -7.74 96.38
C PHE V 335 53.50 -7.28 95.55
N LYS V 336 53.69 -7.02 94.25
CA LYS V 336 52.56 -6.59 93.43
C LYS V 336 51.62 -7.75 93.11
N ALA V 337 52.18 -8.95 92.89
CA ALA V 337 51.33 -10.12 92.70
C ALA V 337 50.52 -10.40 93.95
N MET V 338 51.13 -10.27 95.14
CA MET V 338 50.36 -10.60 96.32
C MET V 338 49.32 -9.52 96.64
N LEU V 339 49.62 -8.25 96.30
CA LEU V 339 48.62 -7.20 96.44
C LEU V 339 47.41 -7.43 95.54
N PHE V 340 47.64 -7.83 94.29
CA PHE V 340 46.52 -8.20 93.42
C PHE V 340 45.76 -9.40 93.94
N MET V 341 46.45 -10.37 94.56
CA MET V 341 45.74 -11.50 95.13
C MET V 341 44.82 -11.08 96.28
N CYS V 342 45.29 -10.14 97.12
CA CYS V 342 44.44 -9.62 98.19
C CYS V 342 43.22 -8.90 97.64
N SER V 343 43.42 -8.07 96.61
CA SER V 343 42.30 -7.36 96.01
C SER V 343 41.31 -8.33 95.36
N GLY V 344 41.82 -9.41 94.76
CA GLY V 344 40.95 -10.43 94.23
C GLY V 344 40.15 -11.16 95.29
N SER V 345 40.77 -11.40 96.45
CA SER V 345 40.05 -12.02 97.56
C SER V 345 38.92 -11.13 98.04
N ILE V 346 39.18 -9.82 98.16
CA ILE V 346 38.14 -8.87 98.57
C ILE V 346 37.03 -8.82 97.53
N ILE V 347 37.39 -8.78 96.24
CA ILE V 347 36.39 -8.70 95.17
C ILE V 347 35.53 -9.96 95.14
N HIS V 348 36.15 -11.13 95.23
CA HIS V 348 35.40 -12.38 95.15
C HIS V 348 34.49 -12.58 96.35
N SER V 349 34.95 -12.20 97.53
CA SER V 349 34.12 -12.45 98.70
C SER V 349 33.05 -11.39 98.92
N LEU V 350 32.99 -10.36 98.07
CA LEU V 350 31.95 -9.34 98.14
C LEU V 350 31.08 -9.33 96.88
N ASN V 351 30.93 -10.51 96.27
CA ASN V 351 30.05 -10.73 95.12
C ASN V 351 30.42 -9.84 93.92
N ASP V 352 31.69 -10.00 93.50
CA ASP V 352 32.22 -9.39 92.28
C ASP V 352 32.09 -7.86 92.29
N GLU V 353 32.29 -7.26 93.44
CA GLU V 353 32.22 -5.81 93.59
C GLU V 353 33.63 -5.24 93.55
N GLN V 354 33.87 -4.31 92.63
CA GLN V 354 35.21 -3.80 92.39
C GLN V 354 35.41 -2.37 92.88
N ASP V 355 34.35 -1.65 93.21
CA ASP V 355 34.46 -0.24 93.56
C ASP V 355 34.72 -0.10 95.05
N ILE V 356 35.71 0.73 95.41
CA ILE V 356 36.04 0.91 96.83
C ILE V 356 35.04 1.80 97.55
N ARG V 357 34.19 2.52 96.82
CA ARG V 357 33.21 3.38 97.45
C ARG V 357 32.05 2.60 98.05
N LYS V 358 31.96 1.29 97.79
CA LYS V 358 30.97 0.42 98.41
C LYS V 358 31.64 -0.66 99.23
N MET V 359 32.78 -0.35 99.83
CA MET V 359 33.44 -1.28 100.74
C MET V 359 33.81 -0.55 102.02
N GLY V 360 34.55 -1.20 102.91
CA GLY V 360 34.92 -0.56 104.15
C GLY V 360 34.59 -1.39 105.37
N GLY V 361 35.25 -1.09 106.49
CA GLY V 361 35.04 -1.88 107.69
C GLY V 361 35.57 -3.29 107.59
N LEU V 362 36.55 -3.52 106.72
CA LEU V 362 37.07 -4.85 106.45
C LEU V 362 38.26 -5.22 107.31
N PHE V 363 38.65 -4.36 108.27
CA PHE V 363 39.85 -4.60 109.05
C PHE V 363 39.70 -5.83 109.94
N LYS V 364 38.53 -6.00 110.56
CA LYS V 364 38.34 -7.12 111.47
C LYS V 364 37.65 -8.31 110.83
N ALA V 365 36.99 -8.11 109.69
CA ALA V 365 36.28 -9.21 109.06
C ALA V 365 37.19 -10.08 108.20
N MET V 366 38.35 -9.56 107.79
CA MET V 366 39.24 -10.24 106.86
C MET V 366 40.69 -10.17 107.33
N PRO V 367 41.01 -10.74 108.51
CA PRO V 367 42.28 -10.42 109.16
C PRO V 367 43.54 -10.80 108.38
N PHE V 368 43.53 -11.95 107.70
CA PHE V 368 44.66 -12.33 106.86
C PHE V 368 44.81 -11.38 105.68
N THR V 369 43.70 -11.00 105.06
CA THR V 369 43.75 -10.10 103.91
C THR V 369 44.28 -8.73 104.32
N THR V 370 43.85 -8.23 105.49
CA THR V 370 44.38 -6.96 105.99
C THR V 370 45.86 -7.05 106.30
N THR V 371 46.29 -8.18 106.88
CA THR V 371 47.71 -8.38 107.18
C THR V 371 48.55 -8.32 105.91
N ALA V 372 48.16 -9.09 104.90
CA ALA V 372 48.94 -9.15 103.66
C ALA V 372 48.87 -7.83 102.90
N LEU V 373 47.71 -7.15 102.93
CA LEU V 373 47.58 -5.89 102.24
C LEU V 373 48.43 -4.80 102.89
N ILE V 374 48.48 -4.79 104.22
CA ILE V 374 49.32 -3.82 104.93
C ILE V 374 50.79 -4.10 104.66
N ILE V 375 51.19 -5.38 104.65
CA ILE V 375 52.58 -5.74 104.36
C ILE V 375 52.97 -5.31 102.95
N GLY V 376 52.08 -5.54 101.98
CA GLY V 376 52.38 -5.14 100.61
C GLY V 376 52.40 -3.64 100.40
N SER V 377 51.49 -2.91 101.04
CA SER V 377 51.52 -1.45 100.93
C SER V 377 52.77 -0.88 101.57
N LEU V 378 53.20 -1.45 102.70
CA LEU V 378 54.41 -0.96 103.35
C LEU V 378 55.67 -1.37 102.58
N ALA V 379 55.62 -2.47 101.83
CA ALA V 379 56.75 -2.80 100.97
C ALA V 379 56.79 -1.92 99.73
N LEU V 380 55.62 -1.64 99.15
CA LEU V 380 55.51 -0.80 97.96
C LEU V 380 55.94 0.63 98.26
N THR V 381 55.58 1.15 99.43
CA THR V 381 56.06 2.46 99.84
C THR V 381 57.54 2.46 100.21
N GLY V 382 58.17 1.28 100.30
CA GLY V 382 59.59 1.23 100.56
C GLY V 382 59.96 1.48 102.00
N MET V 383 59.11 1.08 102.95
CA MET V 383 59.39 1.31 104.35
C MET V 383 60.52 0.36 104.77
N PRO V 384 61.45 0.80 105.62
CA PRO V 384 62.75 0.10 105.75
C PRO V 384 62.67 -1.37 106.15
N PHE V 385 63.59 -2.14 105.57
CA PHE V 385 63.86 -3.55 105.89
C PHE V 385 62.70 -4.47 105.54
N LEU V 386 61.86 -4.05 104.62
CA LEU V 386 60.97 -4.94 103.89
C LEU V 386 61.64 -5.28 102.57
N THR V 387 60.90 -5.95 101.67
CA THR V 387 61.53 -6.38 100.42
C THR V 387 61.76 -5.21 99.47
N GLY V 388 60.89 -4.19 99.50
CA GLY V 388 61.06 -3.05 98.62
C GLY V 388 62.10 -2.07 99.06
N PHE V 389 62.63 -2.26 100.27
CA PHE V 389 63.67 -1.37 100.76
C PHE V 389 65.00 -1.63 100.06
N TYR V 390 65.29 -2.88 99.74
CA TYR V 390 66.59 -3.24 99.19
C TYR V 390 66.74 -2.89 97.72
N SER V 391 65.67 -2.46 97.06
CA SER V 391 65.73 -2.09 95.65
C SER V 391 65.40 -0.62 95.40
N LYS V 392 64.29 -0.14 95.95
CA LYS V 392 63.84 1.23 95.66
C LYS V 392 64.75 2.26 96.33
N ASP V 393 65.21 1.98 97.55
CA ASP V 393 66.04 2.93 98.28
C ASP V 393 67.40 3.10 97.61
N LEU V 394 68.00 2.00 97.14
CA LEU V 394 69.26 2.10 96.40
C LEU V 394 69.07 2.86 95.10
N ILE V 395 67.92 2.65 94.44
CA ILE V 395 67.60 3.35 93.20
C ILE V 395 67.54 4.85 93.44
N ILE V 396 66.87 5.25 94.52
CA ILE V 396 66.71 6.67 94.78
C ILE V 396 68.01 7.29 95.28
N GLU V 397 68.86 6.50 95.94
CA GLU V 397 70.16 7.02 96.39
C GLU V 397 71.10 7.21 95.21
N SER V 398 71.08 6.29 94.25
CA SER V 398 71.92 6.45 93.07
C SER V 398 71.39 7.56 92.17
N ALA V 399 70.07 7.75 92.13
CA ALA V 399 69.51 8.86 91.34
C ALA V 399 69.82 10.20 91.98
N ASN V 400 69.89 10.27 93.31
CA ASN V 400 70.25 11.52 93.97
C ASN V 400 71.71 11.88 93.74
N THR V 401 72.59 10.90 93.81
CA THR V 401 74.04 11.12 93.74
C THR V 401 74.57 10.81 92.34
N SER V 402 74.15 11.61 91.36
CA SER V 402 74.55 11.33 89.99
C SER V 402 74.50 12.60 89.15
N TYR V 403 75.19 12.56 88.01
CA TYR V 403 75.12 13.62 87.00
C TYR V 403 73.87 13.40 86.17
N THR V 404 72.73 13.76 86.76
CA THR V 404 71.43 13.43 86.22
C THR V 404 70.65 14.72 85.96
N ASN V 405 69.49 14.56 85.33
CA ASN V 405 68.56 15.67 85.19
C ASN V 405 67.99 16.01 86.56
N ALA V 406 68.09 17.29 86.93
CA ALA V 406 67.51 17.72 88.21
C ALA V 406 66.00 17.64 88.18
N TRP V 407 65.40 17.98 87.04
CA TRP V 407 63.95 17.92 86.90
C TRP V 407 63.44 16.49 87.05
N ALA V 408 64.14 15.53 86.47
CA ALA V 408 63.71 14.14 86.58
C ALA V 408 63.92 13.59 87.99
N LEU V 409 64.96 14.03 88.69
CA LEU V 409 65.15 13.62 90.07
C LEU V 409 64.01 14.13 90.96
N LEU V 410 63.66 15.41 90.79
CA LEU V 410 62.52 15.95 91.52
C LEU V 410 61.23 15.25 91.12
N MET V 411 61.12 14.89 89.84
CA MET V 411 59.96 14.16 89.33
C MET V 411 59.81 12.82 90.03
N THR V 412 60.93 12.11 90.20
CA THR V 412 60.93 10.82 90.89
C THR V 412 60.56 10.98 92.35
N LEU V 413 61.04 12.05 93.00
CA LEU V 413 60.70 12.27 94.41
C LEU V 413 59.21 12.52 94.60
N VAL V 414 58.63 13.39 93.76
CA VAL V 414 57.19 13.62 93.85
C VAL V 414 56.40 12.37 93.48
N ALA V 415 56.93 11.56 92.56
CA ALA V 415 56.29 10.29 92.24
C ALA V 415 56.26 9.36 93.44
N THR V 416 57.36 9.31 94.21
CA THR V 416 57.38 8.45 95.40
C THR V 416 56.40 8.94 96.45
N SER V 417 56.29 10.26 96.62
CA SER V 417 55.29 10.80 97.54
C SER V 417 53.88 10.42 97.11
N PHE V 418 53.62 10.47 95.80
CA PHE V 418 52.30 10.08 95.31
C PHE V 418 52.07 8.58 95.46
N THR V 419 53.11 7.75 95.38
CA THR V 419 52.94 6.32 95.63
C THR V 419 52.51 6.08 97.07
N ALA V 420 53.12 6.79 98.01
CA ALA V 420 52.67 6.71 99.40
C ALA V 420 51.22 7.14 99.53
N ILE V 421 50.84 8.22 98.82
CA ILE V 421 49.48 8.76 98.94
C ILE V 421 48.45 7.76 98.41
N TYR V 422 48.71 7.15 97.25
CA TYR V 422 47.67 6.26 96.73
C TYR V 422 47.65 4.92 97.48
N SER V 423 48.79 4.46 98.00
CA SER V 423 48.77 3.26 98.82
C SER V 423 47.98 3.47 100.10
N THR V 424 48.18 4.61 100.77
CA THR V 424 47.39 4.86 101.97
C THR V 424 45.92 5.12 101.63
N ARG V 425 45.63 5.65 100.44
CA ARG V 425 44.24 5.78 100.02
C ARG V 425 43.57 4.42 99.85
N ILE V 426 44.29 3.46 99.26
CA ILE V 426 43.76 2.11 99.09
C ILE V 426 43.47 1.47 100.45
N ILE V 427 44.45 1.51 101.36
CA ILE V 427 44.26 0.81 102.63
C ILE V 427 43.24 1.54 103.51
N PHE V 428 43.12 2.87 103.39
CA PHE V 428 42.12 3.60 104.16
C PHE V 428 40.71 3.33 103.65
N PHE V 429 40.44 3.65 102.37
CA PHE V 429 39.09 3.55 101.86
C PHE V 429 38.62 2.11 101.73
N ALA V 430 39.48 1.22 101.25
CA ALA V 430 39.05 -0.14 100.99
C ALA V 430 38.86 -0.97 102.26
N LEU V 431 39.54 -0.62 103.34
CA LEU V 431 39.65 -1.57 104.43
C LEU V 431 39.34 -0.94 105.79
N LEU V 432 39.57 0.36 105.94
CA LEU V 432 39.33 1.04 107.20
C LEU V 432 38.02 1.83 107.16
N GLY V 433 37.47 2.07 108.34
CA GLY V 433 36.27 2.88 108.45
C GLY V 433 35.03 2.09 108.77
N GLN V 434 33.92 2.43 108.11
CA GLN V 434 32.62 1.84 108.35
C GLN V 434 32.18 1.03 107.13
N PRO V 435 31.34 0.01 107.31
CA PRO V 435 30.95 -0.83 106.18
C PRO V 435 30.10 -0.09 105.18
N ARG V 436 30.21 -0.50 103.91
CA ARG V 436 29.40 0.06 102.85
C ARG V 436 28.88 -0.98 101.86
N PHE V 437 29.18 -2.26 102.05
CA PHE V 437 28.68 -3.29 101.16
C PHE V 437 27.19 -3.51 101.37
N PRO V 438 26.49 -4.14 100.43
CA PRO V 438 25.06 -4.43 100.62
C PRO V 438 24.79 -5.31 101.83
N THR V 439 23.50 -5.45 102.11
CA THR V 439 23.02 -5.90 103.42
C THR V 439 23.42 -7.35 103.72
N LEU V 440 23.33 -8.23 102.74
CA LEU V 440 23.73 -9.62 102.95
C LEU V 440 25.24 -9.72 103.10
N ILE V 441 25.69 -10.51 104.06
CA ILE V 441 27.10 -10.66 104.39
C ILE V 441 27.53 -12.06 104.00
N ASN V 442 28.56 -12.16 103.17
CA ASN V 442 29.06 -13.44 102.69
C ASN V 442 30.57 -13.46 102.72
N ILE V 443 31.16 -12.90 103.78
CA ILE V 443 32.60 -12.73 103.87
C ILE V 443 33.23 -14.02 104.36
N ASN V 444 34.14 -14.57 103.57
CA ASN V 444 34.76 -15.85 103.88
C ASN V 444 36.10 -15.94 103.18
N GLU V 445 37.14 -16.34 103.91
CA GLU V 445 38.46 -16.53 103.31
C GLU V 445 39.15 -17.78 103.82
N ASN V 446 38.39 -18.74 104.36
CA ASN V 446 38.97 -19.90 105.02
C ASN V 446 39.42 -21.00 104.05
N ASN V 447 39.36 -20.77 102.74
CA ASN V 447 39.81 -21.78 101.79
C ASN V 447 41.31 -21.94 101.86
N PRO V 448 41.82 -23.18 101.92
CA PRO V 448 43.27 -23.37 102.09
C PRO V 448 44.11 -22.97 100.90
N PHE V 449 43.57 -23.00 99.68
CA PHE V 449 44.33 -22.60 98.49
C PHE V 449 44.72 -21.13 98.58
N LEU V 450 43.74 -20.27 98.83
CA LEU V 450 43.97 -18.82 98.91
C LEU V 450 44.90 -18.47 100.06
N ILE V 451 44.69 -19.10 101.22
CA ILE V 451 45.52 -18.83 102.39
C ILE V 451 46.96 -19.27 102.15
N ASN V 452 47.15 -20.45 101.56
CA ASN V 452 48.50 -20.95 101.31
C ASN V 452 49.23 -20.08 100.28
N SER V 453 48.52 -19.65 99.23
CA SER V 453 49.15 -18.78 98.24
C SER V 453 49.54 -17.43 98.83
N ILE V 454 48.66 -16.83 99.64
CA ILE V 454 48.97 -15.56 100.27
C ILE V 454 50.11 -15.73 101.26
N LYS V 455 50.19 -16.86 101.95
CA LYS V 455 51.26 -17.09 102.91
C LYS V 455 52.61 -17.26 102.23
N ARG V 456 52.65 -17.98 101.10
CA ARG V 456 53.90 -18.11 100.35
C ARG V 456 54.38 -16.76 99.83
N LEU V 457 53.46 -15.98 99.25
CA LEU V 457 53.88 -14.69 98.74
C LEU V 457 54.19 -13.70 99.87
N LEU V 458 53.63 -13.92 101.06
CA LEU V 458 53.96 -13.10 102.22
C LEU V 458 55.37 -13.38 102.71
N ILE V 459 55.75 -14.66 102.77
CA ILE V 459 57.12 -15.01 103.13
C ILE V 459 58.09 -14.45 102.09
N GLY V 460 57.71 -14.51 100.81
CA GLY V 460 58.52 -13.90 99.77
C GLY V 460 58.68 -12.40 99.95
N SER V 461 57.56 -11.69 100.16
CA SER V 461 57.61 -10.25 100.34
C SER V 461 58.22 -9.83 101.67
N LEU V 462 58.44 -10.77 102.59
CA LEU V 462 59.16 -10.42 103.81
C LEU V 462 60.67 -10.63 103.67
N PHE V 463 61.11 -11.71 103.04
CA PHE V 463 62.52 -12.07 103.09
C PHE V 463 63.26 -12.10 101.76
N ALA V 464 62.56 -12.05 100.62
CA ALA V 464 63.20 -12.30 99.34
C ALA V 464 64.11 -11.15 98.93
N GLY V 465 63.76 -9.92 99.30
CA GLY V 465 64.64 -8.79 99.01
C GLY V 465 65.98 -8.93 99.71
N PHE V 466 65.95 -9.30 100.99
CA PHE V 466 67.18 -9.53 101.75
C PHE V 466 67.98 -10.68 101.15
N ILE V 467 67.30 -11.77 100.80
CA ILE V 467 68.00 -12.95 100.28
C ILE V 467 68.67 -12.63 98.94
N ILE V 468 67.91 -12.05 98.01
CA ILE V 468 68.44 -11.76 96.67
C ILE V 468 69.53 -10.70 96.74
N SER V 469 69.36 -9.70 97.61
CA SER V 469 70.40 -8.70 97.77
C SER V 469 71.67 -9.29 98.35
N ASN V 470 71.55 -10.35 99.16
CA ASN V 470 72.75 -11.00 99.68
C ASN V 470 73.46 -11.83 98.61
N ASN V 471 72.71 -12.62 97.82
CA ASN V 471 73.38 -13.58 96.95
C ASN V 471 74.00 -12.97 95.70
N ILE V 472 73.48 -11.86 95.19
CA ILE V 472 73.93 -11.39 93.87
C ILE V 472 75.35 -10.83 93.99
N PRO V 473 76.19 -10.94 92.97
CA PRO V 473 77.52 -10.37 93.04
C PRO V 473 77.50 -8.90 92.64
N PRO V 474 78.45 -8.10 93.13
CA PRO V 474 78.44 -6.69 92.79
C PRO V 474 78.94 -6.43 91.38
N MET V 475 78.04 -6.11 90.46
CA MET V 475 78.43 -5.71 89.12
C MET V 475 78.62 -4.20 88.99
N THR V 476 78.20 -3.43 89.99
CA THR V 476 78.38 -1.99 90.02
C THR V 476 79.10 -1.60 91.30
N ILE V 477 79.87 -0.52 91.24
CA ILE V 477 80.46 0.06 92.44
C ILE V 477 79.34 0.77 93.20
N PRO V 478 79.09 0.41 94.45
CA PRO V 478 77.95 1.00 95.17
C PRO V 478 78.21 2.45 95.54
N GLN V 479 77.18 3.27 95.39
CA GLN V 479 77.23 4.69 95.74
C GLN V 479 76.79 4.84 97.18
N MET V 480 77.74 5.07 98.10
CA MET V 480 77.45 4.86 99.50
C MET V 480 77.70 6.11 100.34
N THR V 481 78.68 6.93 99.95
CA THR V 481 78.97 8.19 100.64
C THR V 481 78.14 9.30 100.00
N MET V 482 77.34 9.98 100.81
CA MET V 482 76.41 11.00 100.32
C MET V 482 76.09 11.94 101.48
N PRO V 483 75.61 13.15 101.20
CA PRO V 483 75.21 14.05 102.28
C PRO V 483 74.03 13.49 103.06
N HIS V 484 73.82 14.07 104.24
CA HIS V 484 72.79 13.55 105.14
C HIS V 484 71.39 13.82 104.60
N TYR V 485 71.19 14.96 103.93
CA TYR V 485 69.87 15.24 103.39
C TYR V 485 69.55 14.43 102.16
N LEU V 486 70.55 13.79 101.54
CA LEU V 486 70.29 12.86 100.45
C LEU V 486 70.03 11.44 100.95
N LYS V 487 70.50 11.10 102.14
CA LYS V 487 70.38 9.72 102.62
C LYS V 487 68.96 9.39 103.05
N MET V 488 68.28 10.34 103.69
CA MET V 488 66.94 10.11 104.22
C MET V 488 65.87 10.78 103.38
N THR V 489 66.11 10.97 102.08
CA THR V 489 65.14 11.65 101.23
C THR V 489 63.94 10.76 100.95
N ALA V 490 64.16 9.46 100.72
CA ALA V 490 63.06 8.55 100.46
C ALA V 490 62.14 8.41 101.67
N LEU V 491 62.72 8.29 102.86
CA LEU V 491 61.92 8.24 104.08
C LEU V 491 61.17 9.54 104.29
N THR V 492 61.82 10.68 104.01
CA THR V 492 61.17 11.96 104.21
C THR V 492 59.97 12.15 103.28
N VAL V 493 60.12 11.79 101.99
CA VAL V 493 59.00 11.96 101.08
C VAL V 493 57.90 10.94 101.38
N THR V 494 58.25 9.72 101.81
CA THR V 494 57.23 8.74 102.17
C THR V 494 56.44 9.19 103.40
N ILE V 495 57.12 9.72 104.41
CA ILE V 495 56.45 10.19 105.61
C ILE V 495 55.59 11.42 105.31
N LEU V 496 56.10 12.33 104.48
CA LEU V 496 55.32 13.51 104.09
C LEU V 496 54.08 13.13 103.31
N GLY V 497 54.21 12.15 102.39
CA GLY V 497 53.04 11.68 101.66
C GLY V 497 52.02 11.01 102.57
N PHE V 498 52.50 10.22 103.53
CA PHE V 498 51.61 9.57 104.49
C PHE V 498 50.85 10.60 105.32
N ILE V 499 51.54 11.62 105.79
CA ILE V 499 50.91 12.68 106.58
C ILE V 499 49.88 13.45 105.75
N LEU V 500 50.28 13.86 104.55
CA LEU V 500 49.42 14.67 103.70
C LEU V 500 48.15 13.92 103.31
N ALA V 501 48.30 12.67 102.90
CA ALA V 501 47.11 11.91 102.51
C ALA V 501 46.30 11.42 103.70
N LEU V 502 46.91 11.28 104.88
CA LEU V 502 46.11 11.03 106.07
C LEU V 502 45.22 12.22 106.39
N GLU V 503 45.76 13.43 106.26
CA GLU V 503 44.92 14.61 106.46
C GLU V 503 43.86 14.74 105.37
N ILE V 504 44.17 14.32 104.15
CA ILE V 504 43.18 14.31 103.07
C ILE V 504 42.03 13.36 103.42
N SER V 505 42.37 12.14 103.83
CA SER V 505 41.36 11.14 104.16
C SER V 505 40.59 11.53 105.42
N ASN V 506 41.20 12.31 106.31
CA ASN V 506 40.47 12.81 107.46
C ASN V 506 39.51 13.92 107.08
N THR V 507 39.93 14.82 106.18
CA THR V 507 39.05 15.89 105.74
C THR V 507 37.92 15.39 104.85
N THR V 508 38.09 14.20 104.26
CA THR V 508 37.00 13.59 103.50
C THR V 508 35.79 13.28 104.38
N HIS V 509 36.03 12.90 105.63
CA HIS V 509 34.96 12.46 106.53
C HIS V 509 34.10 13.61 107.06
N TYR V 510 34.47 14.86 106.80
CA TYR V 510 33.71 15.99 107.32
C TYR V 510 32.39 16.15 106.59
N LEU V 511 31.40 16.74 107.28
CA LEU V 511 30.04 16.87 106.74
C LEU V 511 29.87 18.17 105.95
N LYS V 512 30.67 18.30 104.90
CA LYS V 512 30.56 19.44 104.00
C LYS V 512 30.86 19.02 102.57
N PHE V 513 30.10 19.58 101.64
CA PHE V 513 30.18 19.21 100.23
C PHE V 513 31.15 20.14 99.50
N ASN V 514 31.91 19.57 98.57
CA ASN V 514 32.87 20.31 97.77
C ASN V 514 32.64 20.05 96.29
N TYR V 515 32.86 21.08 95.47
CA TYR V 515 32.70 20.98 94.03
C TYR V 515 34.00 20.46 93.40
N PRO V 516 33.91 19.79 92.24
CA PRO V 516 35.12 19.23 91.63
C PRO V 516 35.96 20.31 90.96
N SER V 517 37.20 20.44 91.41
CA SER V 517 38.13 21.38 90.80
C SER V 517 38.75 20.77 89.55
N ASN V 518 39.46 21.61 88.79
CA ASN V 518 40.03 21.19 87.51
C ASN V 518 41.15 20.18 87.69
N THR V 519 41.91 20.28 88.78
CA THR V 519 42.94 19.29 89.06
C THR V 519 42.33 17.93 89.36
N PHE V 520 41.21 17.92 90.09
CA PHE V 520 40.51 16.68 90.40
C PHE V 520 40.03 15.98 89.13
N LYS V 521 39.45 16.73 88.20
CA LYS V 521 38.95 16.13 86.97
C LYS V 521 40.08 15.79 86.02
N PHE V 522 41.17 16.55 86.04
CA PHE V 522 42.32 16.20 85.21
C PHE V 522 42.96 14.91 85.69
N SER V 523 43.02 14.69 87.00
CA SER V 523 43.57 13.44 87.51
C SER V 523 42.53 12.33 87.59
N ASN V 524 41.26 12.63 87.36
CA ASN V 524 40.18 11.66 87.48
C ASN V 524 39.76 11.07 86.14
N LEU V 525 39.77 11.87 85.07
CA LEU V 525 39.61 11.36 83.72
C LEU V 525 40.94 11.07 83.05
N LEU V 526 41.95 10.72 83.84
CA LEU V 526 43.21 10.13 83.38
C LEU V 526 44.02 11.09 82.52
N GLY V 527 43.93 12.39 82.81
CA GLY V 527 44.64 13.36 82.00
C GLY V 527 44.09 13.56 80.62
N TYR V 528 42.84 13.13 80.39
CA TYR V 528 42.13 13.24 79.12
C TYR V 528 42.83 12.51 77.97
N TYR V 529 43.76 11.61 78.26
CA TYR V 529 44.42 10.86 77.20
C TYR V 529 43.55 9.71 76.67
N PRO V 530 42.86 8.91 77.49
CA PRO V 530 41.94 7.93 76.91
C PRO V 530 40.62 8.50 76.39
N THR V 531 40.44 9.81 76.41
CA THR V 531 39.25 10.42 75.81
C THR V 531 39.54 11.15 74.52
N ILE V 532 40.73 11.75 74.38
CA ILE V 532 41.06 12.45 73.15
C ILE V 532 41.62 11.48 72.12
N MET V 533 42.71 10.78 72.46
CA MET V 533 43.39 9.94 71.49
C MET V 533 42.61 8.66 71.18
N HIS V 534 41.80 8.17 72.12
CA HIS V 534 40.97 7.01 71.83
C HIS V 534 39.79 7.34 70.94
N ARG V 535 39.43 8.62 70.81
CA ARG V 535 38.31 9.04 70.00
C ARG V 535 38.71 9.73 68.72
N LEU V 536 39.78 10.54 68.75
CA LEU V 536 40.19 11.29 67.57
C LEU V 536 40.89 10.39 66.55
N THR V 537 41.91 9.64 66.98
CA THR V 537 42.70 8.83 66.07
C THR V 537 41.90 7.72 65.37
N PRO V 538 41.07 6.90 66.07
CA PRO V 538 40.26 5.94 65.30
C PRO V 538 39.26 6.60 64.36
N TYR V 539 38.68 7.73 64.75
CA TYR V 539 37.72 8.39 63.88
C TYR V 539 38.40 8.90 62.61
N MET V 540 39.57 9.54 62.75
CA MET V 540 40.29 10.03 61.59
C MET V 540 40.75 8.88 60.70
N ASN V 541 41.28 7.80 61.30
CA ASN V 541 41.76 6.69 60.49
C ASN V 541 40.62 5.99 59.75
N LEU V 542 39.48 5.79 60.41
CA LEU V 542 38.39 5.09 59.75
C LEU V 542 37.66 5.97 58.72
N THR V 543 37.58 7.29 58.96
CA THR V 543 37.02 8.16 57.94
C THR V 543 37.93 8.27 56.73
N MET V 544 39.25 8.30 56.95
CA MET V 544 40.18 8.27 55.83
C MET V 544 40.10 6.94 55.08
N SER V 545 39.93 5.84 55.81
CA SER V 545 39.90 4.53 55.18
C SER V 545 38.61 4.26 54.43
N GLN V 546 37.52 4.93 54.80
CA GLN V 546 36.28 4.70 54.05
C GLN V 546 36.06 5.74 52.96
N LYS V 547 36.27 7.02 53.27
CA LYS V 547 35.94 8.07 52.30
C LYS V 547 37.01 8.26 51.25
N SER V 548 38.22 7.74 51.45
CA SER V 548 39.28 7.85 50.46
C SER V 548 39.65 6.50 49.87
N ALA V 549 40.00 5.53 50.72
CA ALA V 549 40.40 4.23 50.22
C ALA V 549 39.21 3.43 49.71
N SER V 550 38.18 3.29 50.54
CA SER V 550 37.09 2.37 50.23
C SER V 550 36.14 2.94 49.18
N SER V 551 36.00 4.25 49.10
CA SER V 551 35.02 4.86 48.20
C SER V 551 35.65 5.64 47.06
N LEU V 552 36.51 6.63 47.38
CA LEU V 552 36.91 7.60 46.37
C LEU V 552 37.85 7.01 45.34
N LEU V 553 38.86 6.26 45.79
CA LEU V 553 39.89 5.80 44.86
C LEU V 553 39.60 4.39 44.36
N ASP V 554 39.54 3.42 45.27
CA ASP V 554 39.47 2.02 44.90
C ASP V 554 38.05 1.55 44.62
N LEU V 555 37.09 2.48 44.55
CA LEU V 555 35.74 2.17 44.10
C LEU V 555 35.18 3.15 43.09
N ILE V 556 35.78 4.33 42.94
CA ILE V 556 35.24 5.33 42.04
C ILE V 556 36.27 5.77 41.00
N TRP V 557 37.40 6.32 41.43
CA TRP V 557 38.26 7.01 40.47
C TRP V 557 39.16 6.04 39.71
N LEU V 558 39.75 5.06 40.39
CA LEU V 558 40.53 4.05 39.69
C LEU V 558 39.65 3.19 38.80
N GLU V 559 38.37 3.04 39.17
CA GLU V 559 37.41 2.41 38.28
C GLU V 559 37.00 3.35 37.14
N THR V 560 37.09 4.66 37.36
CA THR V 560 36.73 5.58 36.29
C THR V 560 37.80 5.65 35.22
N ILE V 561 39.08 5.66 35.60
CA ILE V 561 40.13 5.98 34.63
C ILE V 561 40.34 4.81 33.65
N LEU V 562 40.72 3.65 34.15
CA LEU V 562 41.10 2.61 33.19
C LEU V 562 39.92 1.87 32.57
N PRO V 563 39.05 1.13 33.33
CA PRO V 563 38.09 0.27 32.63
C PRO V 563 36.90 0.97 31.98
N LYS V 564 36.26 1.92 32.66
CA LYS V 564 34.97 2.38 32.15
C LYS V 564 35.09 3.49 31.11
N THR V 565 36.17 4.28 31.14
CA THR V 565 36.36 5.22 30.04
C THR V 565 36.66 4.48 28.75
N ILE V 566 37.43 3.40 28.82
CA ILE V 566 37.70 2.57 27.66
C ILE V 566 36.42 1.91 27.18
N SER V 567 35.60 1.41 28.11
CA SER V 567 34.33 0.79 27.75
C SER V 567 33.39 1.78 27.07
N LEU V 568 33.32 3.01 27.59
CA LEU V 568 32.43 4.01 27.01
C LEU V 568 32.93 4.46 25.64
N ALA V 569 34.24 4.57 25.48
CA ALA V 569 34.80 4.88 24.16
C ALA V 569 34.47 3.80 23.15
N GLN V 570 34.57 2.53 23.56
CA GLN V 570 34.24 1.43 22.65
C GLN V 570 32.75 1.42 22.32
N MET V 571 31.90 1.74 23.29
CA MET V 571 30.46 1.82 23.03
C MET V 571 30.13 2.94 22.06
N LYS V 572 30.75 4.12 22.24
CA LYS V 572 30.51 5.23 21.32
C LYS V 572 31.00 4.91 19.92
N MET V 573 32.16 4.27 19.81
CA MET V 573 32.66 3.91 18.49
C MET V 573 31.80 2.84 17.83
N SER V 574 31.31 1.88 18.60
CA SER V 574 30.45 0.83 18.05
C SER V 574 29.11 1.39 17.61
N THR V 575 28.56 2.36 18.34
CA THR V 575 27.30 2.96 17.91
C THR V 575 27.49 4.05 16.87
N THR V 576 28.73 4.49 16.61
CA THR V 576 28.98 5.39 15.50
C THR V 576 29.21 4.61 14.21
N ILE V 577 29.90 3.47 14.29
CA ILE V 577 30.20 2.68 13.11
C ILE V 577 28.94 2.08 12.51
N THR V 578 28.06 1.53 13.34
CA THR V 578 26.90 0.77 12.89
C THR V 578 25.62 1.61 12.85
N SER V 579 25.73 2.91 12.70
CA SER V 579 24.57 3.79 12.65
C SER V 579 24.20 4.21 11.23
N GLN V 580 24.50 3.37 10.25
CA GLN V 580 24.18 3.68 8.87
C GLN V 580 22.77 3.25 8.51
N LYS V 581 22.24 3.82 7.44
CA LYS V 581 20.87 3.61 7.01
C LYS V 581 20.73 2.52 5.96
N GLY V 582 21.81 1.88 5.55
CA GLY V 582 21.74 0.84 4.55
C GLY V 582 21.33 1.30 3.17
N LEU V 583 21.85 2.44 2.72
CA LEU V 583 21.57 2.95 1.39
C LEU V 583 22.78 2.74 0.48
N ILE V 584 22.51 2.31 -0.75
CA ILE V 584 23.60 2.11 -1.71
C ILE V 584 24.21 3.44 -2.11
N LYS V 585 23.41 4.51 -2.09
CA LYS V 585 23.84 5.82 -2.55
C LYS V 585 24.98 6.36 -1.70
N LEU V 586 24.81 6.30 -0.37
CA LEU V 586 25.83 6.82 0.53
C LEU V 586 27.06 5.93 0.54
N TYR V 587 26.87 4.61 0.41
CA TYR V 587 27.99 3.68 0.32
C TYR V 587 28.86 3.99 -0.90
N PHE V 588 28.23 4.19 -2.05
CA PHE V 588 28.99 4.41 -3.26
C PHE V 588 29.61 5.80 -3.30
N LEU V 589 28.95 6.78 -2.69
CA LEU V 589 29.57 8.09 -2.53
C LEU V 589 30.82 8.01 -1.64
N SER V 590 30.76 7.22 -0.57
CA SER V 590 31.93 7.02 0.26
C SER V 590 33.03 6.27 -0.48
N PHE V 591 32.66 5.35 -1.38
CA PHE V 591 33.67 4.67 -2.21
C PHE V 591 34.38 5.67 -3.11
N LEU V 592 33.62 6.58 -3.71
CA LEU V 592 34.22 7.61 -4.55
C LEU V 592 35.14 8.52 -3.74
N ILE V 593 34.73 8.86 -2.52
CA ILE V 593 35.57 9.68 -1.65
C ILE V 593 36.86 8.96 -1.30
N THR V 594 36.77 7.64 -1.05
CA THR V 594 37.97 6.84 -0.77
C THR V 594 38.93 6.82 -1.94
N ILE V 595 38.40 6.61 -3.16
CA ILE V 595 39.25 6.60 -4.35
C ILE V 595 39.92 7.95 -4.56
N LEU V 596 39.16 9.03 -4.36
CA LEU V 596 39.70 10.38 -4.50
C LEU V 596 40.78 10.67 -3.46
N ILE V 597 40.59 10.21 -2.23
CA ILE V 597 41.57 10.45 -1.18
C ILE V 597 42.86 9.66 -1.45
N SER V 598 42.72 8.41 -1.89
CA SER V 598 43.90 7.60 -2.18
C SER V 598 44.66 8.13 -3.39
N THR V 599 43.96 8.59 -4.42
CA THR V 599 44.64 9.06 -5.62
C THR V 599 45.28 10.43 -5.41
N THR V 600 44.59 11.35 -4.74
CA THR V 600 45.06 12.73 -4.66
C THR V 600 45.89 13.00 -3.42
N LEU V 601 45.38 12.68 -2.23
CA LEU V 601 46.06 13.06 -1.00
C LEU V 601 47.18 12.10 -0.66
N LEU V 602 46.85 10.83 -0.41
CA LEU V 602 47.83 9.88 0.09
C LEU V 602 48.82 9.43 -0.99
N ASN V 603 48.43 9.54 -2.26
CA ASN V 603 49.27 9.17 -3.41
C ASN V 603 49.73 7.71 -3.32
N PHE V 604 48.75 6.81 -3.19
CA PHE V 604 49.05 5.38 -3.18
C PHE V 604 49.47 4.85 -4.54
N HIS V 605 49.20 5.60 -5.61
CA HIS V 605 49.48 5.15 -6.96
C HIS V 605 50.78 5.69 -7.53
N GLU V 606 51.62 6.30 -6.71
CA GLU V 606 52.97 6.64 -7.14
C GLU V 606 53.94 5.47 -6.95
N LEU W 2 56.94 -36.08 32.95
CA LEU W 2 55.96 -36.96 32.34
C LEU W 2 55.40 -37.94 33.35
N LYS W 3 56.05 -38.04 34.52
CA LYS W 3 55.50 -38.88 35.58
C LYS W 3 54.46 -38.16 36.43
N TYR W 4 54.26 -36.87 36.21
CA TYR W 4 53.20 -36.12 36.89
C TYR W 4 52.10 -35.65 35.95
N ILE W 5 52.41 -35.45 34.67
CA ILE W 5 51.39 -35.07 33.70
C ILE W 5 50.51 -36.26 33.35
N ILE W 6 51.13 -37.42 33.07
CA ILE W 6 50.37 -38.60 32.66
C ILE W 6 49.39 -39.08 33.73
N PRO W 7 49.72 -39.11 35.04
CA PRO W 7 48.67 -39.38 36.03
C PRO W 7 47.53 -38.36 36.03
N THR W 8 47.77 -37.11 35.66
CA THR W 8 46.69 -36.13 35.57
C THR W 8 45.76 -36.41 34.38
N MET W 9 46.36 -36.65 33.20
CA MET W 9 45.54 -37.03 32.06
C MET W 9 44.99 -38.44 32.17
N MET W 10 45.41 -39.20 33.19
CA MET W 10 44.72 -40.44 33.54
C MET W 10 43.68 -40.23 34.63
N LEU W 11 43.77 -39.15 35.40
CA LEU W 11 42.71 -38.77 36.32
C LEU W 11 41.46 -38.34 35.58
N MET W 12 41.63 -37.76 34.38
CA MET W 12 40.44 -37.38 33.61
C MET W 12 39.53 -38.56 33.24
N PRO W 13 40.02 -39.69 32.68
CA PRO W 13 39.12 -40.84 32.49
C PRO W 13 38.65 -41.47 33.78
N LEU W 14 39.34 -41.23 34.89
CA LEU W 14 38.91 -41.79 36.16
C LEU W 14 37.62 -41.13 36.63
N THR W 15 37.52 -39.81 36.50
CA THR W 15 36.27 -39.15 36.86
C THR W 15 35.24 -39.22 35.75
N TRP W 16 35.65 -39.54 34.52
CA TRP W 16 34.65 -39.66 33.47
C TRP W 16 34.09 -41.06 33.31
N LEU W 17 34.61 -42.04 34.06
CA LEU W 17 34.11 -43.41 33.98
C LEU W 17 33.65 -43.96 35.32
N SER W 18 33.57 -43.13 36.35
CA SER W 18 33.23 -43.60 37.67
C SER W 18 31.72 -43.77 37.81
N LYS W 19 31.29 -44.24 38.98
CA LYS W 19 29.87 -44.46 39.25
C LYS W 19 29.21 -43.15 39.71
N ASN W 20 27.93 -43.25 40.05
CA ASN W 20 27.17 -42.05 40.42
C ASN W 20 27.56 -41.53 41.80
N SER W 21 28.01 -42.41 42.70
CA SER W 21 28.25 -42.04 44.08
C SER W 21 29.72 -42.11 44.48
N MET W 22 30.61 -42.49 43.55
CA MET W 22 32.01 -42.72 43.89
C MET W 22 32.95 -41.83 43.12
N ILE W 23 32.45 -40.74 42.52
CA ILE W 23 33.33 -39.84 41.79
C ILE W 23 34.26 -39.11 42.76
N TRP W 24 33.69 -38.55 43.83
CA TRP W 24 34.47 -37.76 44.78
C TRP W 24 35.50 -38.63 45.51
N ILE W 25 35.10 -39.84 45.91
CA ILE W 25 35.99 -40.73 46.67
C ILE W 25 37.20 -41.10 45.85
N ASN W 26 36.96 -41.60 44.62
CA ASN W 26 38.04 -42.06 43.76
C ASN W 26 38.95 -40.91 43.36
N THR W 27 38.38 -39.76 43.01
CA THR W 27 39.21 -38.65 42.56
C THR W 27 40.04 -38.06 43.70
N THR W 28 39.45 -37.96 44.90
CA THR W 28 40.21 -37.52 46.06
C THR W 28 41.35 -38.48 46.37
N LEU W 29 41.07 -39.78 46.30
CA LEU W 29 42.08 -40.81 46.56
C LEU W 29 43.26 -40.69 45.61
N HIS W 30 42.99 -40.64 44.31
CA HIS W 30 44.10 -40.67 43.37
C HIS W 30 44.82 -39.33 43.26
N SER W 31 44.13 -38.21 43.49
CA SER W 31 44.83 -36.95 43.59
C SER W 31 45.71 -36.89 44.83
N LEU W 32 45.31 -37.54 45.92
CA LEU W 32 46.19 -37.61 47.08
C LEU W 32 47.39 -38.49 46.81
N LEU W 33 47.22 -39.55 46.01
CA LEU W 33 48.37 -40.37 45.62
C LEU W 33 49.35 -39.59 44.76
N ILE W 34 48.82 -38.76 43.84
CA ILE W 34 49.69 -37.89 43.04
C ILE W 34 50.41 -36.87 43.94
N SER W 35 49.70 -36.34 44.94
CA SER W 35 50.34 -35.41 45.88
C SER W 35 51.45 -36.09 46.67
N LEU W 36 51.27 -37.37 47.00
CA LEU W 36 52.34 -38.11 47.67
C LEU W 36 53.53 -38.29 46.75
N THR W 37 53.29 -38.71 45.51
CA THR W 37 54.41 -38.94 44.59
C THR W 37 55.07 -37.65 44.12
N SER W 38 54.46 -36.50 44.43
CA SER W 38 55.07 -35.20 44.14
C SER W 38 56.36 -34.94 44.89
N LEU W 39 56.66 -35.71 45.94
CA LEU W 39 57.83 -35.42 46.77
C LEU W 39 59.15 -35.73 46.09
N LEU W 40 59.13 -36.38 44.94
CA LEU W 40 60.37 -36.67 44.23
C LEU W 40 60.99 -35.43 43.60
N LEU W 41 60.27 -34.31 43.57
CA LEU W 41 60.80 -33.06 43.05
C LEU W 41 61.83 -32.41 43.96
N LEU W 42 61.99 -32.91 45.19
CA LEU W 42 62.91 -32.32 46.15
C LEU W 42 64.35 -32.77 45.93
N ASN W 43 64.66 -33.39 44.80
CA ASN W 43 66.03 -33.77 44.45
C ASN W 43 66.74 -32.54 43.91
N GLN W 44 67.09 -31.63 44.81
CA GLN W 44 67.76 -30.40 44.43
C GLN W 44 69.24 -30.50 44.76
N PHE W 45 70.05 -29.87 43.93
CA PHE W 45 71.50 -29.86 44.08
C PHE W 45 71.96 -28.44 44.36
N GLY W 46 73.10 -28.32 45.05
CA GLY W 46 73.56 -27.03 45.52
C GLY W 46 74.04 -26.11 44.42
N ASP W 47 74.38 -26.65 43.27
CA ASP W 47 74.86 -25.86 42.15
C ASP W 47 73.96 -25.92 40.92
N ASN W 48 73.47 -27.10 40.57
CA ASN W 48 72.73 -27.31 39.33
C ASN W 48 71.26 -27.54 39.63
N SER W 49 70.40 -26.85 38.89
CA SER W 49 68.97 -27.12 38.98
C SER W 49 68.63 -28.45 38.33
N LEU W 50 67.54 -29.05 38.79
CA LEU W 50 67.12 -30.35 38.30
C LEU W 50 66.52 -30.19 36.90
N ASN W 51 67.21 -30.72 35.90
CA ASN W 51 66.79 -30.61 34.50
C ASN W 51 66.31 -31.98 34.02
N PHE W 52 65.14 -32.00 33.40
CA PHE W 52 64.51 -33.24 32.96
C PHE W 52 64.74 -33.54 31.48
N SER W 53 64.42 -32.59 30.62
CA SER W 53 64.57 -32.77 29.18
C SER W 53 64.74 -31.39 28.56
N LEU W 54 64.57 -31.30 27.24
CA LEU W 54 64.73 -30.02 26.56
C LEU W 54 63.63 -29.04 26.92
N THR W 55 62.46 -29.51 27.33
CA THR W 55 61.30 -28.66 27.54
C THR W 55 60.94 -28.45 28.99
N PHE W 56 61.27 -29.38 29.88
CA PHE W 56 60.85 -29.33 31.28
C PHE W 56 62.06 -29.33 32.20
N PHE W 57 61.96 -28.57 33.29
CA PHE W 57 63.02 -28.49 34.29
C PHE W 57 62.38 -28.03 35.59
N SER W 58 63.13 -28.12 36.68
CA SER W 58 62.61 -27.68 37.97
C SER W 58 63.77 -27.26 38.87
N ASP W 59 63.92 -25.97 39.09
CA ASP W 59 64.88 -25.48 40.06
C ASP W 59 64.21 -25.48 41.44
N SER W 60 64.83 -24.81 42.42
CA SER W 60 64.27 -24.81 43.75
C SER W 60 63.13 -23.80 43.92
N LEU W 61 62.84 -23.00 42.89
CA LEU W 61 61.75 -22.04 42.97
C LEU W 61 60.42 -22.66 42.62
N SER W 62 60.37 -23.46 41.55
CA SER W 62 59.12 -24.02 41.10
C SER W 62 58.72 -25.27 41.87
N THR W 63 59.64 -25.87 42.63
CA THR W 63 59.30 -27.05 43.42
C THR W 63 58.25 -26.79 44.50
N PRO W 64 58.34 -25.76 45.36
CA PRO W 64 57.24 -25.53 46.31
C PRO W 64 55.92 -25.20 45.65
N LEU W 65 55.95 -24.49 44.52
CA LEU W 65 54.70 -24.17 43.82
C LEU W 65 54.07 -25.42 43.22
N LEU W 66 54.88 -26.34 42.70
CA LEU W 66 54.34 -27.58 42.17
C LEU W 66 53.73 -28.43 43.27
N ILE W 67 54.43 -28.53 44.41
CA ILE W 67 53.91 -29.30 45.54
C ILE W 67 52.62 -28.67 46.05
N LEU W 68 52.56 -27.34 46.05
CA LEU W 68 51.36 -26.64 46.49
C LEU W 68 50.18 -26.89 45.55
N THR W 69 50.42 -26.90 44.23
CA THR W 69 49.33 -27.15 43.29
C THR W 69 48.76 -28.56 43.44
N MET W 70 49.65 -29.55 43.40
CA MET W 70 49.17 -30.93 43.43
C MET W 70 48.80 -31.38 44.82
N TRP W 71 49.06 -30.58 45.86
CA TRP W 71 48.45 -30.77 47.16
C TRP W 71 47.12 -30.05 47.28
N LEU W 72 46.96 -28.94 46.56
CA LEU W 72 45.76 -28.13 46.66
C LEU W 72 44.57 -28.76 45.96
N LEU W 73 44.81 -29.48 44.85
CA LEU W 73 43.70 -30.08 44.11
C LEU W 73 42.78 -30.99 44.94
N PRO W 74 43.30 -31.92 45.77
CA PRO W 74 42.36 -32.68 46.63
C PRO W 74 41.58 -31.82 47.59
N LEU W 75 42.11 -30.68 48.02
CA LEU W 75 41.41 -29.86 49.00
C LEU W 75 40.20 -29.18 48.38
N MET W 76 40.35 -28.66 47.17
CA MET W 76 39.19 -28.19 46.41
C MET W 76 38.21 -29.31 46.14
N LEU W 77 38.73 -30.53 45.95
CA LEU W 77 37.87 -31.67 45.71
C LEU W 77 37.00 -31.99 46.94
N MET W 78 37.58 -31.93 48.14
CA MET W 78 36.76 -32.14 49.34
C MET W 78 35.80 -30.99 49.59
N ALA W 79 36.24 -29.75 49.40
CA ALA W 79 35.39 -28.64 49.80
C ALA W 79 34.35 -28.27 48.76
N SER W 80 34.45 -28.79 47.54
CA SER W 80 33.50 -28.43 46.48
C SER W 80 32.41 -29.48 46.30
N GLN W 81 32.09 -30.25 47.32
CA GLN W 81 31.11 -31.31 47.19
C GLN W 81 29.88 -31.13 48.06
N HIS W 82 29.82 -30.08 48.87
CA HIS W 82 28.59 -29.82 49.62
C HIS W 82 27.64 -28.89 48.90
N HIS W 83 28.13 -28.06 47.97
CA HIS W 83 27.27 -27.21 47.18
C HIS W 83 27.00 -27.78 45.79
N LEU W 84 27.44 -29.01 45.53
CA LEU W 84 27.15 -29.70 44.27
C LEU W 84 26.51 -31.05 44.49
N SER W 85 25.95 -31.29 45.67
CA SER W 85 25.26 -32.56 45.92
C SER W 85 23.95 -32.64 45.16
N LYS W 86 23.26 -31.51 44.97
CA LYS W 86 22.01 -31.43 44.23
C LYS W 86 22.24 -31.15 42.75
N GLU W 87 23.35 -31.58 42.21
CA GLU W 87 23.75 -31.26 40.84
C GLU W 87 23.64 -32.50 39.96
N ASN W 88 23.37 -32.26 38.67
CA ASN W 88 23.40 -33.31 37.67
C ASN W 88 24.79 -33.95 37.61
N LEU W 89 24.82 -35.25 37.32
CA LEU W 89 26.07 -36.00 37.36
C LEU W 89 27.03 -35.56 36.26
N ALA W 90 26.50 -35.25 35.07
CA ALA W 90 27.35 -34.76 33.98
C ALA W 90 27.95 -33.42 34.32
N ARG W 91 27.19 -32.53 34.96
CA ARG W 91 27.71 -31.23 35.35
C ARG W 91 28.76 -31.37 36.46
N LYS W 92 28.56 -32.32 37.38
CA LYS W 92 29.56 -32.57 38.42
C LYS W 92 30.85 -33.08 37.81
N LYS W 93 30.75 -34.01 36.86
CA LYS W 93 31.94 -34.51 36.18
C LYS W 93 32.61 -33.42 35.36
N LEU W 94 31.84 -32.50 34.77
CA LEU W 94 32.43 -31.38 34.06
C LEU W 94 33.20 -30.45 34.99
N PHE W 95 32.64 -30.17 36.17
CA PHE W 95 33.32 -29.35 37.16
C PHE W 95 34.65 -29.97 37.58
N ILE W 96 34.61 -31.27 37.88
CA ILE W 96 35.84 -31.97 38.28
C ILE W 96 36.85 -31.96 37.13
N SER W 97 36.38 -32.13 35.89
CA SER W 97 37.26 -32.17 34.74
C SER W 97 37.96 -30.84 34.51
N MET W 98 37.23 -29.73 34.68
CA MET W 98 37.90 -28.42 34.59
C MET W 98 38.92 -28.24 35.70
N LEU W 99 38.65 -28.77 36.89
CA LEU W 99 39.63 -28.69 37.98
C LEU W 99 40.91 -29.46 37.62
N ILE W 100 40.77 -30.67 37.07
CA ILE W 100 41.94 -31.45 36.66
C ILE W 100 42.69 -30.76 35.53
N LEU W 101 41.95 -30.19 34.57
CA LEU W 101 42.58 -29.49 33.45
C LEU W 101 43.37 -28.28 33.92
N LEU W 102 42.81 -27.53 34.87
CA LEU W 102 43.51 -26.36 35.41
C LEU W 102 44.76 -26.77 36.17
N GLN W 103 44.69 -27.88 36.93
CA GLN W 103 45.89 -28.37 37.62
C GLN W 103 46.95 -28.81 36.63
N LEU W 104 46.55 -29.47 35.55
CA LEU W 104 47.49 -29.88 34.50
C LEU W 104 48.19 -28.68 33.88
N PHE W 105 47.41 -27.62 33.58
CA PHE W 105 48.00 -26.43 32.99
C PHE W 105 48.95 -25.74 33.97
N LEU W 106 48.59 -25.72 35.25
CA LEU W 106 49.44 -25.11 36.25
C LEU W 106 50.76 -25.85 36.42
N ILE W 107 50.74 -27.18 36.45
CA ILE W 107 52.00 -27.90 36.57
C ILE W 107 52.79 -27.87 35.27
N MET W 108 52.14 -27.62 34.14
CA MET W 108 52.89 -27.44 32.91
C MET W 108 53.35 -25.99 32.73
N THR W 109 52.94 -25.10 33.64
CA THR W 109 53.33 -23.70 33.62
C THR W 109 54.65 -23.44 34.34
N PHE W 110 54.74 -23.86 35.61
CA PHE W 110 55.93 -23.56 36.42
C PHE W 110 57.16 -24.28 35.89
N THR W 111 56.98 -25.47 35.33
CA THR W 111 58.10 -26.36 35.04
C THR W 111 58.75 -26.04 33.70
N ALA W 112 57.97 -25.53 32.74
CA ALA W 112 58.42 -25.38 31.35
C ALA W 112 59.64 -24.48 31.23
N THR W 113 60.73 -25.04 30.69
CA THR W 113 61.99 -24.31 30.59
C THR W 113 61.88 -23.19 29.57
N GLU W 114 61.38 -23.49 28.39
CA GLU W 114 61.24 -22.49 27.35
C GLU W 114 60.18 -21.48 27.74
N LEU W 115 60.46 -20.20 27.50
CA LEU W 115 59.63 -19.14 28.05
C LEU W 115 58.29 -19.02 27.34
N ILE W 116 58.25 -19.26 26.02
CA ILE W 116 56.98 -19.09 25.33
C ILE W 116 56.05 -20.25 25.65
N PHE W 117 56.60 -21.41 26.02
CA PHE W 117 55.78 -22.49 26.56
C PHE W 117 55.14 -22.10 27.88
N PHE W 118 55.91 -21.43 28.74
CA PHE W 118 55.38 -20.90 29.99
C PHE W 118 54.29 -19.88 29.72
N TYR W 119 54.46 -19.05 28.69
CA TYR W 119 53.41 -18.09 28.33
C TYR W 119 52.16 -18.77 27.82
N ILE W 120 52.31 -19.81 26.99
CA ILE W 120 51.15 -20.53 26.46
C ILE W 120 50.36 -21.16 27.59
N MET W 121 51.05 -21.73 28.57
CA MET W 121 50.32 -22.37 29.66
C MET W 121 49.73 -21.31 30.61
N PHE W 122 50.45 -20.19 30.76
CA PHE W 122 50.01 -19.08 31.60
C PHE W 122 48.73 -18.44 31.08
N GLU W 123 48.54 -18.41 29.76
CA GLU W 123 47.26 -18.02 29.19
C GLU W 123 46.27 -19.16 29.08
N ALA W 124 46.74 -20.41 29.06
CA ALA W 124 45.82 -21.54 29.04
C ALA W 124 45.08 -21.68 30.35
N THR W 125 45.64 -21.19 31.45
CA THR W 125 44.93 -21.16 32.72
C THR W 125 43.76 -20.19 32.74
N LEU W 126 43.59 -19.34 31.72
CA LEU W 126 42.48 -18.38 31.73
C LEU W 126 41.14 -19.06 31.49
N VAL W 127 41.09 -20.03 30.58
CA VAL W 127 39.80 -20.61 30.17
C VAL W 127 39.10 -21.40 31.29
N PRO W 128 39.74 -22.36 31.98
CA PRO W 128 38.99 -23.11 33.00
C PRO W 128 38.59 -22.26 34.20
N THR W 129 39.41 -21.29 34.58
CA THR W 129 39.04 -20.43 35.70
C THR W 129 37.82 -19.58 35.38
N LEU W 130 37.79 -19.01 34.17
CA LEU W 130 36.63 -18.26 33.73
C LEU W 130 35.39 -19.13 33.64
N ILE W 131 35.53 -20.35 33.12
CA ILE W 131 34.37 -21.22 33.00
C ILE W 131 33.83 -21.60 34.36
N ILE W 132 34.72 -21.92 35.32
CA ILE W 132 34.30 -22.28 36.67
C ILE W 132 33.59 -21.11 37.34
N ILE W 133 34.18 -19.92 37.25
CA ILE W 133 33.60 -18.73 37.88
C ILE W 133 32.22 -18.40 37.30
N THR W 134 32.13 -18.36 35.97
CA THR W 134 30.91 -17.89 35.33
C THR W 134 29.83 -18.96 35.21
N ARG W 135 30.16 -20.23 35.45
CA ARG W 135 29.14 -21.27 35.40
C ARG W 135 28.67 -21.69 36.78
N TRP W 136 29.59 -21.96 37.71
CA TRP W 136 29.22 -22.46 39.02
C TRP W 136 29.27 -21.38 40.09
N GLY W 137 29.10 -20.12 39.69
CA GLY W 137 28.94 -19.04 40.64
C GLY W 137 27.55 -19.01 41.22
N ASN W 138 27.29 -17.99 42.03
CA ASN W 138 26.03 -17.96 42.75
C ASN W 138 25.29 -16.64 42.56
N GLN W 139 26.02 -15.56 42.32
CA GLN W 139 25.43 -14.24 42.26
C GLN W 139 25.15 -13.84 40.83
N THR W 140 24.71 -12.59 40.65
CA THR W 140 24.47 -12.02 39.33
C THR W 140 25.73 -11.46 38.70
N GLU W 141 26.62 -10.89 39.49
CA GLU W 141 27.81 -10.21 38.98
C GLU W 141 28.95 -11.16 38.65
N ARG W 142 28.69 -12.47 38.58
CA ARG W 142 29.75 -13.41 38.21
C ARG W 142 30.17 -13.23 36.77
N LEU W 143 29.23 -12.88 35.88
CA LEU W 143 29.55 -12.63 34.49
C LEU W 143 30.45 -11.42 34.34
N ASN W 144 30.14 -10.35 35.08
CA ASN W 144 30.97 -9.16 35.08
C ASN W 144 32.34 -9.44 35.68
N ALA W 145 32.39 -10.26 36.73
CA ALA W 145 33.67 -10.62 37.34
C ALA W 145 34.56 -11.39 36.36
N GLY W 146 33.96 -12.33 35.63
CA GLY W 146 34.71 -13.05 34.62
C GLY W 146 35.21 -12.16 33.50
N LEU W 147 34.36 -11.22 33.07
CA LEU W 147 34.78 -10.27 32.04
C LEU W 147 35.95 -9.40 32.50
N TYR W 148 35.85 -8.86 33.73
CA TYR W 148 36.92 -8.04 34.27
C TYR W 148 38.23 -8.81 34.39
N PHE W 149 38.16 -10.04 34.91
CA PHE W 149 39.35 -10.86 35.10
C PHE W 149 40.03 -11.17 33.76
N LEU W 150 39.24 -11.67 32.80
CA LEU W 150 39.77 -12.05 31.49
C LEU W 150 40.37 -10.85 30.77
N PHE W 151 39.67 -9.71 30.78
CA PHE W 151 40.16 -8.60 29.99
C PHE W 151 41.32 -7.87 30.65
N TYR W 152 41.37 -7.79 31.97
CA TYR W 152 42.57 -7.25 32.61
C TYR W 152 43.78 -8.11 32.28
N THR W 153 43.64 -9.44 32.39
CA THR W 153 44.76 -10.33 32.13
C THR W 153 45.24 -10.22 30.67
N LEU W 154 44.31 -10.33 29.72
CA LEU W 154 44.72 -10.38 28.32
C LEU W 154 45.21 -9.02 27.81
N ALA W 155 44.56 -7.93 28.25
CA ALA W 155 45.00 -6.60 27.86
C ALA W 155 46.36 -6.29 28.46
N GLY W 156 46.67 -6.82 29.64
CA GLY W 156 48.03 -6.66 30.12
C GLY W 156 49.04 -7.56 29.45
N SER W 157 48.61 -8.69 28.90
CA SER W 157 49.56 -9.72 28.55
C SER W 157 49.75 -10.00 27.06
N LEU W 158 49.04 -9.32 26.17
CA LEU W 158 49.43 -9.52 24.76
C LEU W 158 50.72 -8.78 24.36
N PRO W 159 51.00 -7.56 24.89
CA PRO W 159 52.36 -7.01 24.74
C PRO W 159 53.47 -7.90 25.27
N LEU W 160 53.20 -8.71 26.30
CA LEU W 160 54.21 -9.65 26.77
C LEU W 160 54.56 -10.67 25.70
N LEU W 161 53.56 -11.13 24.95
CA LEU W 161 53.82 -12.06 23.86
C LEU W 161 54.64 -11.39 22.75
N VAL W 162 54.32 -10.13 22.45
CA VAL W 162 55.10 -9.42 21.42
C VAL W 162 56.55 -9.24 21.85
N ALA W 163 56.76 -8.85 23.10
CA ALA W 163 58.13 -8.65 23.59
C ALA W 163 58.88 -9.97 23.67
N LEU W 164 58.21 -11.06 24.03
CA LEU W 164 58.86 -12.36 24.10
C LEU W 164 59.28 -12.84 22.72
N ILE W 165 58.44 -12.63 21.70
CA ILE W 165 58.81 -13.02 20.36
C ILE W 165 59.98 -12.16 19.84
N TYR W 166 60.00 -10.87 20.20
CA TYR W 166 61.15 -10.05 19.85
C TYR W 166 62.43 -10.53 20.52
N ILE W 167 62.34 -10.95 21.79
CA ILE W 167 63.50 -11.47 22.50
C ILE W 167 63.99 -12.76 21.86
N GLN W 168 63.07 -13.61 21.41
CA GLN W 168 63.44 -14.80 20.64
C GLN W 168 64.17 -14.42 19.36
N ASN W 169 63.69 -13.41 18.66
CA ASN W 169 64.29 -13.03 17.40
C ASN W 169 65.62 -12.30 17.55
N THR W 170 65.91 -11.76 18.73
CA THR W 170 67.17 -11.04 18.95
C THR W 170 68.24 -11.94 19.57
N MET W 171 67.93 -12.56 20.71
CA MET W 171 68.91 -13.40 21.40
C MET W 171 69.12 -14.72 20.67
N GLY W 172 68.10 -15.20 19.97
CA GLY W 172 68.18 -16.44 19.23
C GLY W 172 67.48 -17.61 19.90
N SER W 173 67.16 -17.51 21.18
CA SER W 173 66.48 -18.59 21.89
C SER W 173 65.72 -18.03 23.07
N LEU W 174 64.65 -18.73 23.44
CA LEU W 174 63.87 -18.38 24.63
C LEU W 174 63.97 -19.44 25.71
N ASN W 175 64.93 -20.36 25.62
CA ASN W 175 65.17 -21.31 26.69
C ASN W 175 65.74 -20.58 27.89
N PHE W 176 65.28 -20.95 29.09
CA PHE W 176 65.74 -20.22 30.26
C PHE W 176 67.17 -20.58 30.64
N LEU W 177 67.59 -21.81 30.35
CA LEU W 177 68.96 -22.20 30.65
C LEU W 177 69.96 -21.40 29.83
N ILE W 178 69.67 -21.20 28.54
CA ILE W 178 70.56 -20.42 27.69
C ILE W 178 70.54 -18.96 28.08
N LEU W 179 69.37 -18.45 28.48
CA LEU W 179 69.24 -17.04 28.83
C LEU W 179 69.99 -16.69 30.12
N GLN W 180 70.31 -17.69 30.95
CA GLN W 180 71.17 -17.44 32.10
C GLN W 180 72.61 -17.24 31.67
N TYR W 181 72.99 -17.72 30.49
CA TYR W 181 74.35 -17.62 30.00
C TYR W 181 74.50 -16.74 28.77
N TRP W 182 73.41 -16.31 28.15
CA TRP W 182 73.48 -15.45 26.98
C TRP W 182 72.84 -14.09 27.22
N VAL W 183 72.75 -13.67 28.47
CA VAL W 183 72.09 -12.41 28.80
C VAL W 183 73.01 -11.25 28.45
N GLN W 184 72.41 -10.12 28.13
CA GLN W 184 73.11 -8.90 27.75
C GLN W 184 72.57 -7.73 28.55
N PRO W 185 73.41 -6.74 28.85
CA PRO W 185 72.90 -5.52 29.48
C PRO W 185 71.97 -4.76 28.54
N MET W 186 70.90 -4.21 29.11
CA MET W 186 69.91 -3.49 28.33
C MET W 186 70.04 -2.00 28.59
N PRO W 187 70.46 -1.21 27.61
CA PRO W 187 70.90 0.17 27.89
C PRO W 187 69.76 1.16 28.11
N ASN W 188 70.12 2.43 28.23
CA ASN W 188 69.17 3.51 28.46
C ASN W 188 68.61 3.99 27.12
N SER W 189 67.34 3.73 26.88
CA SER W 189 66.62 4.25 25.73
C SER W 189 65.13 4.13 25.99
N TRP W 190 64.33 4.79 25.16
CA TRP W 190 62.88 4.66 25.29
C TRP W 190 62.41 3.28 24.87
N SER W 191 63.08 2.69 23.88
CA SER W 191 62.69 1.37 23.40
C SER W 191 62.86 0.31 24.49
N ASN W 192 63.97 0.37 25.22
CA ASN W 192 64.15 -0.56 26.34
C ASN W 192 63.17 -0.27 27.48
N THR W 193 62.79 1.00 27.64
CA THR W 193 61.76 1.35 28.63
C THR W 193 60.43 0.68 28.30
N PHE W 194 60.02 0.74 27.04
CA PHE W 194 58.75 0.11 26.68
C PHE W 194 58.87 -1.42 26.63
N MET W 195 60.06 -1.94 26.36
CA MET W 195 60.28 -3.37 26.50
C MET W 195 60.11 -3.83 27.94
N TRP W 196 60.66 -3.07 28.89
CA TRP W 196 60.49 -3.38 30.30
C TRP W 196 59.03 -3.30 30.70
N LEU W 197 58.32 -2.29 30.21
CA LEU W 197 56.90 -2.16 30.51
C LEU W 197 56.11 -3.35 29.98
N ALA W 198 56.38 -3.75 28.73
CA ALA W 198 55.67 -4.88 28.14
C ALA W 198 55.96 -6.17 28.87
N CYS W 199 57.21 -6.34 29.34
CA CYS W 199 57.56 -7.56 30.05
C CYS W 199 56.96 -7.59 31.45
N MET W 200 56.75 -6.43 32.09
CA MET W 200 56.41 -6.44 33.50
C MET W 200 54.93 -6.23 33.80
N MET W 201 54.23 -5.40 33.02
CA MET W 201 52.85 -5.07 33.35
C MET W 201 51.90 -6.26 33.28
N ALA W 202 52.20 -7.28 32.46
CA ALA W 202 51.37 -8.47 32.44
C ALA W 202 51.39 -9.18 33.79
N PHE W 203 52.59 -9.46 34.30
CA PHE W 203 52.72 -10.15 35.57
C PHE W 203 52.24 -9.29 36.73
N MET W 204 52.40 -7.97 36.65
CA MET W 204 51.94 -7.17 37.77
C MET W 204 50.46 -6.81 37.70
N VAL W 205 49.82 -6.98 36.55
CA VAL W 205 48.36 -6.98 36.52
C VAL W 205 47.84 -8.29 37.09
N LYS W 206 48.50 -9.40 36.77
CA LYS W 206 48.08 -10.69 37.31
C LYS W 206 48.36 -10.80 38.80
N MET W 207 49.31 -10.02 39.33
CA MET W 207 49.85 -10.29 40.66
C MET W 207 48.86 -10.07 41.80
N PRO W 208 48.12 -8.93 41.91
CA PRO W 208 47.99 -7.69 41.16
C PRO W 208 48.79 -6.51 41.73
N LEU W 209 48.90 -5.45 40.94
CA LEU W 209 49.44 -4.18 41.37
C LEU W 209 48.31 -3.28 41.82
N TYR W 210 48.62 -2.35 42.71
CA TYR W 210 47.64 -1.36 43.14
C TYR W 210 47.23 -0.47 41.97
N GLY W 211 45.94 -0.18 41.89
CA GLY W 211 45.37 0.54 40.77
C GLY W 211 44.89 -0.39 39.68
N LEU W 212 45.63 -1.47 39.44
CA LEU W 212 45.23 -2.52 38.51
C LEU W 212 44.60 -3.69 39.23
N HIS W 213 44.29 -3.54 40.51
CA HIS W 213 43.80 -4.61 41.36
C HIS W 213 42.28 -4.77 41.31
N LEU W 214 41.59 -4.00 40.46
CA LEU W 214 40.14 -3.95 40.49
C LEU W 214 39.49 -5.26 40.04
N TRP W 215 40.22 -6.13 39.35
CA TRP W 215 39.64 -7.41 38.96
C TRP W 215 39.57 -8.40 40.10
N LEU W 216 40.40 -8.24 41.14
CA LEU W 216 40.49 -9.26 42.18
C LEU W 216 39.31 -9.31 43.13
N PRO W 217 38.84 -8.22 43.75
CA PRO W 217 37.70 -8.36 44.67
C PRO W 217 36.37 -8.60 43.97
N LYS W 218 36.33 -8.57 42.65
CA LYS W 218 35.13 -9.00 41.94
C LYS W 218 35.19 -10.49 41.62
N ALA W 219 36.34 -10.97 41.14
CA ALA W 219 36.47 -12.36 40.76
C ALA W 219 36.54 -13.31 41.95
N HIS W 220 36.73 -12.80 43.16
CA HIS W 220 36.79 -13.65 44.34
C HIS W 220 35.45 -13.77 45.06
N VAL W 221 34.64 -12.73 45.05
CA VAL W 221 33.39 -12.74 45.81
C VAL W 221 32.21 -13.31 45.03
N GLU W 222 32.40 -13.60 43.74
CA GLU W 222 31.35 -14.25 42.95
C GLU W 222 31.76 -15.61 42.43
N ALA W 223 32.98 -16.05 42.69
CA ALA W 223 33.43 -17.39 42.33
C ALA W 223 32.90 -18.39 43.35
N PRO W 224 32.89 -19.69 43.00
CA PRO W 224 32.64 -20.71 44.03
C PRO W 224 33.83 -20.88 44.97
N ILE W 225 33.75 -21.84 45.89
CA ILE W 225 34.80 -21.96 46.89
C ILE W 225 36.10 -22.46 46.27
N ALA W 226 36.02 -23.47 45.39
CA ALA W 226 37.21 -24.00 44.75
C ALA W 226 37.87 -22.97 43.85
N GLY W 227 37.04 -22.19 43.14
CA GLY W 227 37.58 -21.12 42.33
C GLY W 227 38.29 -20.06 43.16
N SER W 228 37.75 -19.76 44.34
CA SER W 228 38.40 -18.81 45.23
C SER W 228 39.71 -19.35 45.76
N MET W 229 39.78 -20.64 46.10
CA MET W 229 41.04 -21.24 46.53
C MET W 229 42.08 -21.16 45.43
N VAL W 230 41.72 -21.58 44.22
CA VAL W 230 42.71 -21.64 43.15
C VAL W 230 43.05 -20.25 42.65
N LEU W 231 42.18 -19.25 42.86
CA LEU W 231 42.54 -17.88 42.56
C LEU W 231 43.52 -17.34 43.60
N ALA W 232 43.24 -17.57 44.87
CA ALA W 232 44.01 -16.94 45.93
C ALA W 232 45.36 -17.59 46.14
N ALA W 233 45.44 -18.91 46.00
CA ALA W 233 46.62 -19.62 46.47
C ALA W 233 47.63 -19.93 45.38
N ILE W 234 47.22 -20.02 44.12
CA ILE W 234 48.17 -20.41 43.07
C ILE W 234 48.17 -19.39 41.94
N LEU W 235 47.00 -19.07 41.41
CA LEU W 235 46.91 -18.28 40.18
C LEU W 235 47.46 -16.86 40.32
N LEU W 236 47.57 -16.35 41.55
CA LEU W 236 48.25 -15.08 41.77
C LEU W 236 49.77 -15.21 41.66
N LYS W 237 50.30 -16.41 41.82
CA LYS W 237 51.73 -16.62 41.87
C LYS W 237 52.37 -16.82 40.51
N LEU W 238 51.55 -16.94 39.45
CA LEU W 238 52.10 -16.97 38.10
C LEU W 238 52.80 -15.66 37.79
N GLY W 239 52.24 -14.54 38.26
CA GLY W 239 52.90 -13.26 38.10
C GLY W 239 54.22 -13.18 38.84
N GLY W 240 54.27 -13.68 40.07
CA GLY W 240 55.51 -13.64 40.83
C GLY W 240 56.59 -14.52 40.23
N TYR W 241 56.22 -15.74 39.82
CA TYR W 241 57.16 -16.62 39.15
C TYR W 241 57.65 -16.03 37.83
N GLY W 242 56.73 -15.42 37.06
CA GLY W 242 57.12 -14.79 35.81
C GLY W 242 58.04 -13.61 36.03
N MET W 243 57.79 -12.81 37.08
CA MET W 243 58.68 -11.71 37.43
C MET W 243 60.07 -12.22 37.78
N MET W 244 60.13 -13.29 38.59
CA MET W 244 61.42 -13.86 38.97
C MET W 244 62.17 -14.42 37.76
N ARG W 245 61.44 -14.97 36.80
CA ARG W 245 62.09 -15.49 35.60
C ARG W 245 62.48 -14.39 34.62
N ILE W 246 61.75 -13.28 34.59
CA ILE W 246 61.90 -12.31 33.50
C ILE W 246 62.75 -11.11 33.89
N THR W 247 63.01 -10.90 35.18
CA THR W 247 63.93 -9.82 35.56
C THR W 247 65.38 -10.13 35.25
N LEU W 248 65.67 -11.36 34.80
CA LEU W 248 67.03 -11.71 34.40
C LEU W 248 67.47 -10.90 33.19
N LEU W 249 66.59 -10.68 32.24
CA LEU W 249 66.91 -10.03 30.97
C LEU W 249 66.72 -8.53 31.01
N LEU W 250 66.33 -7.96 32.15
CA LEU W 250 65.97 -6.56 32.26
C LEU W 250 66.96 -5.79 33.15
N ASN W 251 68.24 -6.05 32.96
CA ASN W 251 69.34 -5.35 33.61
C ASN W 251 70.11 -4.54 32.58
N PRO W 252 70.68 -3.39 32.96
CA PRO W 252 70.62 -2.71 34.24
C PRO W 252 69.64 -1.55 34.23
N ILE W 253 68.42 -1.81 33.77
CA ILE W 253 67.41 -0.76 33.65
C ILE W 253 66.46 -0.74 34.84
N THR W 254 66.42 -1.80 35.64
CA THR W 254 65.43 -1.91 36.71
C THR W 254 65.74 -1.04 37.90
N ASP W 255 66.99 -0.57 38.04
CA ASP W 255 67.35 0.20 39.22
C ASP W 255 66.82 1.62 39.17
N PHE W 256 66.30 2.09 38.03
CA PHE W 256 65.66 3.39 37.97
C PHE W 256 64.37 3.37 37.17
N MET W 257 63.87 2.18 36.81
CA MET W 257 62.56 2.05 36.20
C MET W 257 61.52 1.53 37.18
N ALA W 258 61.95 0.82 38.22
CA ALA W 258 61.05 0.16 39.15
C ALA W 258 60.60 1.06 40.30
N TYR W 259 60.96 2.34 40.28
CA TYR W 259 60.52 3.26 41.33
C TYR W 259 59.00 3.42 41.40
N PRO W 260 58.28 3.78 40.32
CA PRO W 260 56.84 4.05 40.49
C PRO W 260 56.03 2.83 40.88
N PHE W 261 56.43 1.65 40.45
CA PHE W 261 55.74 0.45 40.89
C PHE W 261 55.99 0.18 42.38
N ILE W 262 57.18 0.52 42.87
CA ILE W 262 57.45 0.37 44.30
C ILE W 262 56.58 1.32 45.11
N MET W 263 56.46 2.58 44.66
CA MET W 263 55.60 3.53 45.37
C MET W 263 54.14 3.11 45.32
N LEU W 264 53.70 2.61 44.15
CA LEU W 264 52.35 2.13 44.00
C LEU W 264 52.06 0.97 44.95
N SER W 265 53.00 0.03 45.08
CA SER W 265 52.76 -1.11 45.94
C SER W 265 52.80 -0.75 47.42
N LEU W 266 53.69 0.17 47.82
CA LEU W 266 53.74 0.56 49.22
C LEU W 266 52.47 1.30 49.64
N TRP W 267 52.09 2.34 48.89
CA TRP W 267 50.87 3.06 49.25
C TRP W 267 49.64 2.18 49.04
N GLY W 268 49.70 1.22 48.12
CA GLY W 268 48.60 0.31 47.91
C GLY W 268 48.41 -0.70 49.01
N MET W 269 49.50 -1.19 49.60
CA MET W 269 49.35 -2.10 50.72
C MET W 269 48.82 -1.35 51.94
N ILE W 270 49.23 -0.08 52.11
CA ILE W 270 48.65 0.73 53.19
C ILE W 270 47.16 0.95 52.97
N MET W 271 46.78 1.32 51.74
CA MET W 271 45.39 1.62 51.45
C MET W 271 44.50 0.38 51.48
N THR W 272 45.02 -0.78 51.06
CA THR W 272 44.20 -1.99 51.09
C THR W 272 44.05 -2.55 52.50
N SER W 273 45.06 -2.40 53.35
CA SER W 273 44.85 -2.71 54.76
C SER W 273 43.80 -1.78 55.37
N SER W 274 43.85 -0.49 55.01
CA SER W 274 42.83 0.45 55.48
C SER W 274 41.45 0.07 54.97
N ILE W 275 41.36 -0.45 53.74
CA ILE W 275 40.10 -0.95 53.21
C ILE W 275 39.59 -2.12 54.05
N CYS W 276 40.49 -3.05 54.39
CA CYS W 276 40.10 -4.20 55.22
C CYS W 276 39.61 -3.75 56.59
N LEU W 277 40.04 -2.59 57.07
CA LEU W 277 39.49 -2.08 58.32
C LEU W 277 38.03 -1.62 58.21
N ARG W 278 37.48 -1.47 57.01
CA ARG W 278 36.13 -0.94 56.84
C ARG W 278 35.37 -1.71 55.76
N GLN W 279 35.45 -3.04 55.79
CA GLN W 279 34.81 -3.89 54.80
C GLN W 279 33.61 -4.59 55.41
N THR W 280 32.48 -4.55 54.70
CA THR W 280 31.24 -5.13 55.18
C THR W 280 31.11 -6.62 54.87
N ASP W 281 32.09 -7.22 54.19
CA ASP W 281 32.02 -8.60 53.77
C ASP W 281 33.30 -9.33 54.12
N LEU W 282 33.16 -10.63 54.40
CA LEU W 282 34.31 -11.47 54.74
C LEU W 282 35.17 -11.75 53.52
N LYS W 283 34.53 -12.12 52.40
CA LYS W 283 35.27 -12.49 51.19
C LYS W 283 36.04 -11.32 50.62
N SER W 284 35.42 -10.13 50.62
CA SER W 284 36.13 -8.94 50.15
C SER W 284 37.26 -8.56 51.09
N LEU W 285 37.09 -8.81 52.40
CA LEU W 285 38.17 -8.58 53.35
C LEU W 285 39.38 -9.45 53.03
N ILE W 286 39.14 -10.73 52.77
CA ILE W 286 40.24 -11.63 52.44
C ILE W 286 40.86 -11.26 51.09
N ALA W 287 40.04 -10.81 50.14
CA ALA W 287 40.55 -10.39 48.84
C ALA W 287 41.48 -9.20 48.95
N TYR W 288 41.10 -8.19 49.74
CA TYR W 288 41.97 -7.02 49.87
C TYR W 288 43.21 -7.34 50.71
N SER W 289 43.10 -8.28 51.65
CA SER W 289 44.29 -8.77 52.33
C SER W 289 45.27 -9.42 51.36
N SER W 290 44.73 -10.20 50.41
CA SER W 290 45.56 -10.79 49.38
C SER W 290 46.24 -9.74 48.54
N VAL W 291 45.51 -8.67 48.20
CA VAL W 291 46.11 -7.57 47.42
C VAL W 291 47.27 -6.93 48.17
N SER W 292 47.12 -6.74 49.48
CA SER W 292 48.20 -6.15 50.29
C SER W 292 49.44 -7.05 50.32
N HIS W 293 49.24 -8.36 50.55
CA HIS W 293 50.39 -9.26 50.62
C HIS W 293 51.08 -9.39 49.27
N MET W 294 50.31 -9.35 48.18
CA MET W 294 50.93 -9.43 46.86
C MET W 294 51.66 -8.13 46.52
N ALA W 295 51.22 -7.00 47.06
CA ALA W 295 52.01 -5.77 46.93
C ALA W 295 53.35 -5.91 47.64
N LEU W 296 53.35 -6.55 48.81
CA LEU W 296 54.60 -6.83 49.50
C LEU W 296 55.54 -7.70 48.66
N VAL W 297 54.99 -8.73 48.02
CA VAL W 297 55.79 -9.61 47.16
C VAL W 297 56.33 -8.84 45.95
N ILE W 298 55.53 -7.90 45.42
CA ILE W 298 55.97 -7.09 44.29
C ILE W 298 57.19 -6.26 44.66
N VAL W 299 57.14 -5.61 45.83
CA VAL W 299 58.28 -4.80 46.29
C VAL W 299 59.52 -5.67 46.45
N ALA W 300 59.34 -6.85 47.06
CA ALA W 300 60.47 -7.75 47.29
C ALA W 300 61.12 -8.19 45.98
N ILE W 301 60.31 -8.54 44.99
CA ILE W 301 60.87 -8.98 43.70
C ILE W 301 61.52 -7.81 42.97
N LEU W 302 60.93 -6.62 43.07
CA LEU W 302 61.44 -5.48 42.31
C LEU W 302 62.80 -5.01 42.82
N ILE W 303 63.02 -5.01 44.15
CA ILE W 303 64.32 -4.54 44.63
C ILE W 303 65.45 -5.52 44.39
N GLN W 304 65.15 -6.80 44.12
CA GLN W 304 66.05 -7.88 43.69
C GLN W 304 67.36 -7.93 44.48
N THR W 305 67.22 -8.32 45.74
CA THR W 305 68.31 -8.75 46.60
C THR W 305 68.03 -10.17 47.07
N PRO W 306 69.06 -10.94 47.44
CA PRO W 306 68.82 -12.35 47.82
C PRO W 306 67.87 -12.55 48.99
N TRP W 307 67.96 -11.71 50.02
CA TRP W 307 67.04 -11.80 51.15
C TRP W 307 65.62 -11.51 50.72
N SER W 308 65.46 -10.55 49.80
CA SER W 308 64.14 -10.25 49.27
C SER W 308 63.57 -11.43 48.51
N TYR W 309 64.40 -12.17 47.79
CA TYR W 309 63.91 -13.32 47.03
C TYR W 309 63.49 -14.46 47.96
N MET W 310 64.29 -14.74 48.99
CA MET W 310 63.89 -15.73 49.99
C MET W 310 62.57 -15.37 50.65
N GLY W 311 62.46 -14.11 51.07
CA GLY W 311 61.23 -13.67 51.71
C GLY W 311 60.05 -13.68 50.77
N ALA W 312 60.29 -13.38 49.49
CA ALA W 312 59.22 -13.39 48.50
C ALA W 312 58.65 -14.79 48.32
N THR W 313 59.52 -15.80 48.15
CA THR W 313 58.98 -17.13 47.90
C THR W 313 58.31 -17.72 49.14
N ALA W 314 58.89 -17.47 50.33
CA ALA W 314 58.23 -17.89 51.56
C ALA W 314 56.88 -17.19 51.72
N LEU W 315 56.81 -15.92 51.33
CA LEU W 315 55.58 -15.16 51.42
C LEU W 315 54.50 -15.73 50.50
N MET W 316 54.86 -16.08 49.26
CA MET W 316 53.85 -16.64 48.36
C MET W 316 53.32 -17.98 48.87
N ILE W 317 54.19 -18.86 49.36
CA ILE W 317 53.70 -20.17 49.82
C ILE W 317 52.81 -20.01 51.06
N ALA W 318 53.28 -19.22 52.03
CA ALA W 318 52.52 -19.03 53.27
C ALA W 318 51.21 -18.30 53.02
N HIS W 319 51.21 -17.28 52.16
CA HIS W 319 49.99 -16.55 51.85
C HIS W 319 49.00 -17.43 51.12
N GLY W 320 49.49 -18.31 50.23
CA GLY W 320 48.59 -19.22 49.56
C GLY W 320 47.85 -20.12 50.53
N LEU W 321 48.59 -20.73 51.46
CA LEU W 321 47.95 -21.60 52.44
C LEU W 321 46.98 -20.83 53.33
N THR W 322 47.39 -19.65 53.82
CA THR W 322 46.56 -18.88 54.73
C THR W 322 45.28 -18.38 54.06
N SER W 323 45.40 -17.84 52.86
CA SER W 323 44.24 -17.31 52.15
C SER W 323 43.27 -18.44 51.78
N SER W 324 43.80 -19.60 51.39
CA SER W 324 42.93 -20.73 51.09
C SER W 324 42.14 -21.16 52.33
N MET W 325 42.80 -21.21 53.49
CA MET W 325 42.09 -21.60 54.70
C MET W 325 41.03 -20.58 55.09
N LEU W 326 41.36 -19.29 54.97
CA LEU W 326 40.40 -18.25 55.32
C LEU W 326 39.17 -18.30 54.42
N PHE W 327 39.38 -18.56 53.14
CA PHE W 327 38.25 -18.71 52.23
C PHE W 327 37.42 -19.94 52.55
N CYS W 328 38.07 -21.03 52.97
CA CYS W 328 37.33 -22.21 53.38
C CYS W 328 36.44 -21.94 54.60
N LEU W 329 36.98 -21.23 55.59
CA LEU W 329 36.20 -20.90 56.78
C LEU W 329 35.02 -19.98 56.45
N ALA W 330 35.26 -18.98 55.60
CA ALA W 330 34.19 -18.09 55.19
C ALA W 330 33.11 -18.84 54.42
N ASN W 331 33.50 -19.81 53.59
CA ASN W 331 32.50 -20.57 52.85
C ASN W 331 31.72 -21.51 53.75
N SER W 332 32.35 -22.05 54.80
CA SER W 332 31.59 -22.86 55.75
C SER W 332 30.54 -22.02 56.46
N ASN W 333 30.91 -20.81 56.89
CA ASN W 333 29.94 -19.92 57.52
C ASN W 333 28.84 -19.51 56.54
N TYR W 334 29.20 -19.28 55.28
CA TYR W 334 28.21 -18.95 54.25
C TYR W 334 27.27 -20.12 53.97
N GLU W 335 27.76 -21.35 54.06
CA GLU W 335 26.88 -22.50 53.92
C GLU W 335 25.95 -22.61 55.12
N ARG W 336 26.40 -22.20 56.31
CA ARG W 336 25.55 -22.30 57.49
C ARG W 336 24.47 -21.22 57.55
N VAL W 337 24.78 -19.98 57.15
CA VAL W 337 23.83 -18.88 57.31
C VAL W 337 23.23 -18.41 55.99
N HIS W 338 23.74 -18.86 54.85
CA HIS W 338 23.25 -18.49 53.52
C HIS W 338 23.26 -16.97 53.28
N SER W 339 24.29 -16.31 53.80
CA SER W 339 24.50 -14.90 53.51
C SER W 339 25.97 -14.56 53.71
N ARG W 340 26.42 -13.55 52.99
CA ARG W 340 27.83 -13.21 52.88
C ARG W 340 28.27 -12.13 53.86
N THR W 341 27.35 -11.52 54.58
CA THR W 341 27.66 -10.38 55.43
C THR W 341 28.36 -10.83 56.70
N MET W 342 29.47 -10.17 57.03
CA MET W 342 30.23 -10.51 58.23
C MET W 342 29.46 -10.20 59.51
N ILE W 343 28.76 -9.06 59.54
CA ILE W 343 28.05 -8.63 60.75
C ILE W 343 26.73 -9.36 60.96
N LEU W 344 26.32 -10.22 60.03
CA LEU W 344 25.04 -10.91 60.15
C LEU W 344 25.03 -11.88 61.32
N ALA W 345 26.03 -12.74 61.40
CA ALA W 345 26.13 -13.73 62.46
C ALA W 345 27.30 -13.39 63.38
N ARG W 346 27.10 -13.55 64.67
CA ARG W 346 28.10 -13.18 65.66
C ARG W 346 28.14 -14.22 66.76
N GLY W 347 29.26 -14.25 67.48
CA GLY W 347 29.39 -15.11 68.64
C GLY W 347 29.35 -16.59 68.34
N LEU W 348 30.02 -17.01 67.28
CA LEU W 348 30.01 -18.41 66.88
C LEU W 348 30.92 -19.28 67.74
N GLN W 349 31.72 -18.68 68.63
CA GLN W 349 32.56 -19.48 69.51
C GLN W 349 31.73 -20.21 70.55
N THR W 350 30.59 -19.64 70.95
CA THR W 350 29.72 -20.30 71.92
C THR W 350 29.03 -21.52 71.32
N LEU W 351 28.88 -21.58 70.00
CA LEU W 351 28.19 -22.67 69.32
C LEU W 351 29.13 -23.62 68.61
N LEU W 352 30.20 -23.11 68.00
CA LEU W 352 31.15 -23.90 67.23
C LEU W 352 32.54 -23.66 67.79
N PRO W 353 32.90 -24.35 68.88
CA PRO W 353 34.18 -24.06 69.54
C PRO W 353 35.40 -24.51 68.74
N LEU W 354 35.37 -25.69 68.13
CA LEU W 354 36.54 -26.17 67.39
C LEU W 354 36.76 -25.36 66.13
N MET W 355 35.68 -24.98 65.44
CA MET W 355 35.82 -24.09 64.31
C MET W 355 36.32 -22.73 64.74
N ALA W 356 35.97 -22.28 65.95
CA ALA W 356 36.54 -21.05 66.49
C ALA W 356 38.04 -21.20 66.74
N ALA W 357 38.49 -22.39 67.15
CA ALA W 357 39.92 -22.64 67.29
C ALA W 357 40.63 -22.58 65.94
N TRP W 358 40.02 -23.15 64.90
CA TRP W 358 40.61 -23.05 63.56
C TRP W 358 40.64 -21.61 63.07
N TRP W 359 39.58 -20.85 63.38
CA TRP W 359 39.55 -19.42 63.06
C TRP W 359 40.67 -18.67 63.74
N LEU W 360 40.91 -18.99 65.01
CA LEU W 360 41.99 -18.36 65.77
C LEU W 360 43.35 -18.68 65.15
N LEU W 361 43.57 -19.94 64.78
CA LEU W 361 44.86 -20.33 64.21
C LEU W 361 45.10 -19.64 62.87
N ALA W 362 44.06 -19.56 62.03
CA ALA W 362 44.20 -18.89 60.74
C ALA W 362 44.44 -17.40 60.91
N SER W 363 43.74 -16.76 61.84
CA SER W 363 43.93 -15.33 62.06
C SER W 363 45.30 -15.04 62.66
N LEU W 364 45.81 -15.96 63.49
CA LEU W 364 47.14 -15.77 64.07
C LEU W 364 48.23 -15.91 63.02
N THR W 365 48.12 -16.93 62.15
CA THR W 365 49.11 -17.07 61.10
C THR W 365 48.98 -15.99 60.04
N ASN W 366 47.81 -15.35 59.91
CA ASN W 366 47.65 -14.30 58.92
C ASN W 366 48.38 -13.02 59.35
N LEU W 367 48.38 -12.69 60.64
CA LEU W 367 49.06 -11.51 61.14
C LEU W 367 50.54 -11.77 61.41
N ALA W 368 51.11 -12.83 60.83
CA ALA W 368 52.53 -13.18 60.90
C ALA W 368 52.97 -13.41 62.35
N LEU W 369 52.41 -14.46 62.93
CA LEU W 369 52.85 -14.91 64.23
C LEU W 369 54.08 -15.80 64.07
N PRO W 370 55.18 -15.51 64.77
CA PRO W 370 56.38 -16.35 64.67
C PRO W 370 56.19 -17.64 65.44
N PRO W 371 56.93 -18.70 65.08
CA PRO W 371 57.91 -18.80 64.00
C PRO W 371 57.34 -19.34 62.70
N SER W 372 56.13 -18.94 62.36
CA SER W 372 55.52 -19.44 61.13
C SER W 372 56.22 -18.81 59.91
N ILE W 373 56.01 -19.45 58.76
CA ILE W 373 56.69 -19.02 57.55
C ILE W 373 56.16 -17.69 57.03
N ASN W 374 54.98 -17.27 57.47
CA ASN W 374 54.45 -15.96 57.11
C ASN W 374 55.38 -14.85 57.59
N LEU W 375 55.74 -14.88 58.87
CA LEU W 375 56.66 -13.88 59.36
C LEU W 375 58.09 -14.13 58.89
N ILE W 376 58.43 -15.35 58.49
CA ILE W 376 59.73 -15.60 57.88
C ILE W 376 59.86 -14.79 56.59
N GLY W 377 58.86 -14.92 55.71
CA GLY W 377 58.87 -14.15 54.48
C GLY W 377 58.76 -12.65 54.71
N GLU W 378 57.84 -12.25 55.58
CA GLU W 378 57.64 -10.83 55.89
C GLU W 378 58.90 -10.22 56.49
N LEU W 379 59.57 -10.97 57.36
CA LEU W 379 60.78 -10.51 58.02
C LEU W 379 61.90 -10.31 57.02
N PHE W 380 62.09 -11.28 56.11
CA PHE W 380 63.18 -11.15 55.15
C PHE W 380 62.94 -9.97 54.22
N VAL W 381 61.70 -9.77 53.79
CA VAL W 381 61.40 -8.60 52.95
C VAL W 381 61.60 -7.31 53.73
N VAL W 382 61.31 -7.32 55.03
CA VAL W 382 61.48 -6.11 55.84
C VAL W 382 62.95 -5.74 55.95
N MET W 383 63.83 -6.72 56.23
CA MET W 383 65.27 -6.43 56.27
C MET W 383 65.79 -5.98 54.91
N SER W 384 65.32 -6.60 53.83
CA SER W 384 65.79 -6.21 52.51
C SER W 384 65.36 -4.79 52.16
N THR W 385 64.13 -4.41 52.49
CA THR W 385 63.68 -3.06 52.20
C THR W 385 64.34 -2.04 53.09
N PHE W 386 64.67 -2.41 54.33
CA PHE W 386 65.44 -1.50 55.18
C PHE W 386 66.84 -1.31 54.62
N SER W 387 67.42 -2.35 54.02
CA SER W 387 68.68 -2.18 53.30
C SER W 387 68.52 -1.25 52.11
N TRP W 388 67.37 -1.34 51.43
CA TRP W 388 67.10 -0.46 50.30
C TRP W 388 66.97 1.00 50.73
N SER W 389 66.14 1.27 51.73
CA SER W 389 65.93 2.62 52.23
C SER W 389 65.34 2.54 53.62
N ASN W 390 65.67 3.52 54.45
CA ASN W 390 65.29 3.44 55.86
C ASN W 390 63.82 3.75 56.11
N ILE W 391 63.20 4.65 55.35
CA ILE W 391 61.81 5.02 55.58
C ILE W 391 60.83 3.89 55.25
N THR W 392 61.32 2.87 54.57
CA THR W 392 60.54 1.66 54.40
C THR W 392 60.20 0.98 55.71
N ILE W 393 60.96 1.20 56.79
CA ILE W 393 60.55 0.56 58.04
C ILE W 393 59.31 1.26 58.59
N ILE W 394 59.19 2.56 58.37
CA ILE W 394 57.97 3.29 58.72
C ILE W 394 56.79 2.73 57.96
N LEU W 395 56.94 2.59 56.64
CA LEU W 395 55.84 2.08 55.82
C LEU W 395 55.48 0.64 56.19
N MET W 396 56.49 -0.22 56.36
CA MET W 396 56.29 -1.63 56.68
C MET W 396 55.61 -1.80 58.03
N GLY W 397 56.05 -1.02 59.02
CA GLY W 397 55.47 -1.14 60.34
C GLY W 397 54.04 -0.66 60.41
N LEU W 398 53.72 0.42 59.67
CA LEU W 398 52.33 0.83 59.57
C LEU W 398 51.48 -0.27 58.94
N ASN W 399 52.00 -0.93 57.91
CA ASN W 399 51.30 -2.05 57.31
C ASN W 399 51.08 -3.18 58.31
N MET W 400 52.08 -3.49 59.12
CA MET W 400 51.95 -4.57 60.10
C MET W 400 50.91 -4.25 61.16
N VAL W 401 50.88 -2.99 61.62
CA VAL W 401 49.91 -2.57 62.63
C VAL W 401 48.49 -2.71 62.09
N ILE W 402 48.25 -2.21 60.87
CA ILE W 402 46.90 -2.30 60.33
C ILE W 402 46.53 -3.75 59.99
N THR W 403 47.53 -4.58 59.65
CA THR W 403 47.26 -5.98 59.38
C THR W 403 46.77 -6.71 60.63
N ALA W 404 47.45 -6.49 61.76
CA ALA W 404 46.99 -7.08 63.02
C ALA W 404 45.62 -6.56 63.39
N LEU W 405 45.38 -5.26 63.15
CA LEU W 405 44.10 -4.65 63.49
C LEU W 405 42.96 -5.29 62.71
N TYR W 406 43.12 -5.47 61.40
CA TYR W 406 42.00 -6.02 60.64
C TYR W 406 41.84 -7.52 60.86
N SER W 407 42.93 -8.26 61.09
CA SER W 407 42.79 -9.69 61.38
C SER W 407 42.01 -9.90 62.67
N LEU W 408 42.36 -9.16 63.73
CA LEU W 408 41.62 -9.37 64.97
C LEU W 408 40.22 -8.74 64.93
N TYR W 409 40.01 -7.68 64.14
CA TYR W 409 38.66 -7.16 63.95
C TYR W 409 37.77 -8.19 63.29
N MET W 410 38.30 -8.88 62.27
CA MET W 410 37.57 -9.96 61.61
C MET W 410 37.28 -11.10 62.58
N LEU W 411 38.27 -11.48 63.38
CA LEU W 411 38.06 -12.57 64.34
C LEU W 411 37.00 -12.20 65.39
N ILE W 412 37.05 -10.97 65.90
CA ILE W 412 36.11 -10.54 66.94
C ILE W 412 34.71 -10.42 66.38
N THR W 413 34.56 -9.85 65.19
CA THR W 413 33.22 -9.70 64.61
C THR W 413 32.63 -11.02 64.16
N THR W 414 33.44 -12.01 63.79
CA THR W 414 32.86 -13.27 63.36
C THR W 414 32.66 -14.26 64.50
N GLN W 415 33.54 -14.28 65.50
CA GLN W 415 33.56 -15.35 66.48
C GLN W 415 33.18 -14.92 67.89
N ARG W 416 33.40 -13.67 68.27
CA ARG W 416 33.24 -13.25 69.65
C ARG W 416 32.09 -12.28 69.79
N GLY W 417 31.64 -12.11 71.02
CA GLY W 417 30.50 -11.26 71.33
C GLY W 417 29.27 -12.07 71.67
N LYS W 418 28.18 -11.35 71.89
CA LYS W 418 26.89 -11.99 72.10
C LYS W 418 26.42 -12.64 70.80
N HIS W 419 25.93 -13.87 70.91
CA HIS W 419 25.44 -14.58 69.75
C HIS W 419 24.18 -13.92 69.19
N THR W 420 23.96 -14.10 67.90
CA THR W 420 22.76 -13.58 67.28
C THR W 420 21.54 -14.39 67.74
N HIS W 421 20.38 -13.76 67.69
CA HIS W 421 19.19 -14.33 68.30
C HIS W 421 18.29 -15.08 67.32
N HIS W 422 18.07 -14.54 66.13
CA HIS W 422 17.06 -15.08 65.23
C HIS W 422 17.62 -16.07 64.23
N ILE W 423 18.90 -16.42 64.33
CA ILE W 423 19.53 -17.39 63.44
C ILE W 423 19.69 -18.68 64.21
N ASN W 424 18.93 -19.71 63.82
CA ASN W 424 18.88 -20.97 64.56
C ASN W 424 19.02 -22.15 63.61
N ASN W 425 20.02 -22.11 62.74
CA ASN W 425 20.33 -23.26 61.91
C ASN W 425 21.82 -23.56 61.92
N ILE W 426 22.50 -23.20 62.99
CA ILE W 426 23.93 -23.44 63.12
C ILE W 426 24.13 -24.90 63.52
N LEU W 427 24.29 -25.77 62.52
CA LEU W 427 24.59 -27.16 62.78
C LEU W 427 26.02 -27.30 63.26
N PRO W 428 26.33 -28.37 64.00
CA PRO W 428 27.72 -28.61 64.38
C PRO W 428 28.57 -28.94 63.16
N SER W 429 29.86 -28.68 63.30
CA SER W 429 30.79 -28.84 62.18
C SER W 429 30.91 -30.29 61.79
N PHE W 430 30.88 -30.55 60.48
CA PHE W 430 31.05 -31.89 59.96
C PHE W 430 32.50 -32.33 60.10
N THR W 431 32.73 -33.63 59.93
CA THR W 431 34.09 -34.13 59.89
C THR W 431 34.80 -33.66 58.63
N ARG W 432 34.04 -33.36 57.57
CA ARG W 432 34.64 -32.90 56.32
C ARG W 432 35.26 -31.52 56.47
N GLU W 433 34.53 -30.58 57.07
CA GLU W 433 35.05 -29.22 57.23
C GLU W 433 36.22 -29.17 58.19
N ASN W 434 36.14 -29.92 59.28
CA ASN W 434 37.25 -29.97 60.23
C ASN W 434 38.48 -30.63 59.60
N ALA W 435 38.26 -31.68 58.80
CA ALA W 435 39.38 -32.34 58.13
C ALA W 435 40.03 -31.40 57.12
N LEU W 436 39.23 -30.60 56.42
CA LEU W 436 39.77 -29.61 55.50
C LEU W 436 40.58 -28.54 56.23
N MET W 437 40.08 -28.09 57.39
CA MET W 437 40.81 -27.11 58.18
C MET W 437 42.14 -27.67 58.66
N SER W 438 42.14 -28.92 59.11
CA SER W 438 43.35 -29.55 59.61
C SER W 438 44.35 -29.78 58.48
N LEU W 439 43.86 -30.13 57.28
CA LEU W 439 44.74 -30.28 56.13
C LEU W 439 45.33 -28.95 55.68
N HIS W 440 44.64 -27.84 55.95
CA HIS W 440 45.26 -26.55 55.69
C HIS W 440 46.28 -26.16 56.75
N MET W 441 45.98 -26.45 58.02
CA MET W 441 46.88 -26.05 59.11
C MET W 441 48.14 -26.87 59.19
N LEU W 442 48.04 -28.19 59.19
CA LEU W 442 49.18 -29.03 59.58
C LEU W 442 50.42 -28.89 58.70
N PRO W 443 50.34 -28.85 57.35
CA PRO W 443 51.55 -28.46 56.59
C PRO W 443 52.06 -27.07 56.91
N LEU W 444 51.16 -26.10 57.16
CA LEU W 444 51.58 -24.72 57.39
C LEU W 444 52.35 -24.58 58.70
N LEU W 445 51.91 -25.28 59.75
CA LEU W 445 52.68 -25.27 60.99
C LEU W 445 53.90 -26.17 60.92
N LEU W 446 53.83 -27.26 60.17
CA LEU W 446 54.96 -28.18 60.10
C LEU W 446 56.12 -27.58 59.32
N LEU W 447 55.83 -26.68 58.38
CA LEU W 447 56.90 -26.06 57.60
C LEU W 447 57.77 -25.12 58.42
N SER W 448 57.36 -24.76 59.63
CA SER W 448 58.24 -24.02 60.53
C SER W 448 59.37 -24.89 61.07
N LEU W 449 59.19 -26.22 61.06
CA LEU W 449 60.24 -27.11 61.55
C LEU W 449 61.38 -27.20 60.55
N ASN W 450 61.06 -27.29 59.26
CA ASN W 450 62.07 -27.39 58.20
C ASN W 450 61.73 -26.39 57.11
N PRO W 451 62.06 -25.12 57.32
CA PRO W 451 61.73 -24.09 56.34
C PRO W 451 62.74 -23.92 55.21
N LYS W 452 63.78 -24.76 55.16
CA LYS W 452 64.80 -24.62 54.15
C LYS W 452 64.34 -25.07 52.78
N ILE W 453 63.19 -25.74 52.68
CA ILE W 453 62.73 -26.26 51.39
C ILE W 453 61.87 -25.28 50.61
N ILE W 454 61.56 -24.12 51.17
CA ILE W 454 60.74 -23.12 50.49
C ILE W 454 61.46 -21.78 50.38
N LEU W 455 62.79 -21.76 50.49
CA LEU W 455 63.55 -20.51 50.51
C LEU W 455 64.21 -20.21 49.17
N GLY W 456 63.58 -20.60 48.07
CA GLY W 456 63.98 -20.12 46.77
C GLY W 456 65.22 -20.79 46.21
N PRO W 457 65.61 -20.40 45.00
CA PRO W 457 66.72 -21.07 44.32
C PRO W 457 68.09 -20.69 44.86
N LEU W 458 68.18 -19.60 45.62
CA LEU W 458 69.46 -19.08 46.09
C LEU W 458 69.64 -19.23 47.59
N TYR W 459 68.95 -20.21 48.18
CA TYR W 459 69.18 -20.64 49.56
C TYR W 459 70.62 -21.06 49.79
N MET X 1 13.69 -25.17 -5.83
CA MET X 1 14.78 -25.30 -6.78
C MET X 1 14.96 -26.75 -7.22
N ASN X 2 15.16 -26.95 -8.52
CA ASN X 2 15.50 -28.27 -9.03
C ASN X 2 16.89 -28.66 -8.52
N PRO X 3 17.04 -29.82 -7.87
CA PRO X 3 18.37 -30.23 -7.40
C PRO X 3 19.39 -30.44 -8.51
N ILE X 4 18.96 -30.82 -9.72
CA ILE X 4 19.89 -30.91 -10.83
C ILE X 4 20.44 -29.54 -11.20
N ILE X 5 19.57 -28.53 -11.26
CA ILE X 5 19.99 -27.16 -11.54
C ILE X 5 20.88 -26.64 -10.43
N LEU X 6 20.55 -26.95 -9.17
CA LEU X 6 21.36 -26.52 -8.05
C LEU X 6 22.75 -27.15 -8.09
N ILE X 7 22.82 -28.44 -8.43
CA ILE X 7 24.10 -29.12 -8.56
C ILE X 7 24.93 -28.50 -9.70
N ILE X 8 24.28 -28.22 -10.83
CA ILE X 8 24.97 -27.62 -11.97
C ILE X 8 25.51 -26.25 -11.61
N ILE X 9 24.72 -25.46 -10.89
CA ILE X 9 25.14 -24.11 -10.50
C ILE X 9 26.29 -24.16 -9.51
N LEU X 10 26.24 -25.10 -8.56
CA LEU X 10 27.34 -25.23 -7.60
C LEU X 10 28.63 -25.67 -8.28
N MET X 11 28.55 -26.64 -9.20
CA MET X 11 29.75 -27.03 -9.94
C MET X 11 30.26 -25.91 -10.83
N THR X 12 29.37 -25.04 -11.31
CA THR X 12 29.83 -23.90 -12.11
C THR X 12 30.54 -22.86 -11.25
N VAL X 13 30.06 -22.67 -10.01
CA VAL X 13 30.74 -21.79 -9.06
C VAL X 13 32.15 -22.31 -8.77
N MET X 14 32.25 -23.62 -8.49
CA MET X 14 33.55 -24.23 -8.25
C MET X 14 34.44 -24.15 -9.48
N LEU X 15 33.86 -24.30 -10.67
CA LEU X 15 34.61 -24.22 -11.91
C LEU X 15 35.18 -22.82 -12.12
N GLY X 16 34.39 -21.80 -11.80
CA GLY X 16 34.91 -20.43 -11.89
C GLY X 16 36.05 -20.19 -10.92
N THR X 17 35.94 -20.73 -9.71
CA THR X 17 37.03 -20.59 -8.75
C THR X 17 38.31 -21.27 -9.23
N ILE X 18 38.19 -22.48 -9.80
CA ILE X 18 39.44 -23.12 -10.22
C ILE X 18 39.96 -22.50 -11.50
N ILE X 19 39.08 -21.92 -12.33
CA ILE X 19 39.52 -21.22 -13.53
C ILE X 19 40.34 -20.00 -13.13
N VAL X 20 39.95 -19.31 -12.06
CA VAL X 20 40.80 -18.26 -11.53
C VAL X 20 42.10 -18.86 -10.99
N MET X 21 42.00 -19.98 -10.26
CA MET X 21 43.16 -20.48 -9.53
C MET X 21 44.25 -21.08 -10.42
N ILE X 22 43.91 -21.59 -11.60
CA ILE X 22 44.86 -22.34 -12.41
C ILE X 22 45.31 -21.61 -13.67
N SER X 23 44.75 -20.44 -13.96
CA SER X 23 45.04 -19.77 -15.23
C SER X 23 46.29 -18.90 -15.12
N THR X 24 46.93 -18.70 -16.28
CA THR X 24 48.12 -17.85 -16.41
C THR X 24 47.84 -16.60 -17.23
N HIS X 25 46.59 -16.15 -17.23
CA HIS X 25 46.16 -15.04 -18.08
C HIS X 25 45.24 -14.13 -17.28
N TRP X 26 45.34 -12.83 -17.50
CA TRP X 26 44.51 -11.90 -16.76
C TRP X 26 43.07 -11.94 -17.23
N LEU X 27 42.86 -12.12 -18.53
CA LEU X 27 41.52 -12.22 -19.07
C LEU X 27 40.80 -13.47 -18.58
N LEU X 28 41.54 -14.57 -18.42
CA LEU X 28 40.93 -15.78 -17.88
C LEU X 28 40.61 -15.63 -16.40
N ILE X 29 41.45 -14.91 -15.66
CA ILE X 29 41.16 -14.55 -14.28
C ILE X 29 39.85 -13.78 -14.21
N TRP X 30 39.71 -12.79 -15.10
CA TRP X 30 38.50 -11.98 -15.11
C TRP X 30 37.27 -12.80 -15.49
N ILE X 31 37.42 -13.72 -16.45
CA ILE X 31 36.33 -14.58 -16.87
C ILE X 31 35.87 -15.47 -15.71
N GLY X 32 36.83 -16.01 -14.96
CA GLY X 32 36.49 -16.81 -13.79
C GLY X 32 35.75 -16.00 -12.74
N PHE X 33 36.18 -14.76 -12.52
CA PHE X 33 35.50 -13.89 -11.57
C PHE X 33 34.05 -13.63 -12.00
N GLU X 34 33.85 -13.34 -13.28
CA GLU X 34 32.51 -13.05 -13.78
C GLU X 34 31.60 -14.26 -13.68
N MET X 35 32.10 -15.43 -14.06
CA MET X 35 31.25 -16.61 -14.05
C MET X 35 30.95 -17.05 -12.62
N ASN X 36 31.89 -16.86 -11.69
CA ASN X 36 31.63 -17.12 -10.28
C ASN X 36 30.52 -16.21 -9.74
N MET X 37 30.61 -14.92 -10.03
CA MET X 37 29.60 -13.97 -9.51
C MET X 37 28.23 -14.26 -10.10
N LEU X 38 28.16 -14.47 -11.41
CA LEU X 38 26.88 -14.68 -12.08
C LEU X 38 26.30 -16.06 -11.78
N ALA X 39 27.11 -17.01 -11.33
CA ALA X 39 26.56 -18.28 -10.88
C ALA X 39 26.20 -18.29 -9.40
N ILE X 40 26.79 -17.43 -8.57
CA ILE X 40 26.39 -17.40 -7.17
C ILE X 40 25.26 -16.42 -6.88
N ILE X 41 24.90 -15.56 -7.83
CA ILE X 41 23.71 -14.72 -7.64
C ILE X 41 22.44 -15.53 -7.33
N PRO X 42 22.07 -16.60 -8.05
CA PRO X 42 20.79 -17.26 -7.74
C PRO X 42 20.81 -18.13 -6.51
N ILE X 43 21.98 -18.50 -5.98
CA ILE X 43 22.02 -19.21 -4.71
C ILE X 43 21.51 -18.30 -3.59
N MET X 44 21.83 -17.02 -3.68
CA MET X 44 21.35 -16.04 -2.71
C MET X 44 19.87 -15.73 -2.88
N MET X 45 19.24 -16.13 -3.99
CA MET X 45 17.82 -15.91 -4.23
C MET X 45 17.04 -17.21 -4.15
N LYS X 46 17.39 -18.07 -3.18
CA LYS X 46 16.76 -19.37 -3.07
C LYS X 46 15.37 -19.30 -2.43
N LYS X 47 15.15 -18.37 -1.50
CA LYS X 47 13.89 -18.33 -0.77
C LYS X 47 12.90 -17.32 -1.30
N HIS X 48 13.35 -16.37 -2.13
CA HIS X 48 12.51 -15.43 -2.87
C HIS X 48 11.67 -14.56 -1.94
N ASN X 49 12.36 -13.84 -1.07
CA ASN X 49 11.82 -12.79 -0.22
C ASN X 49 12.46 -11.47 -0.63
N PRO X 50 11.85 -10.33 -0.28
CA PRO X 50 12.44 -9.03 -0.67
C PRO X 50 13.84 -8.79 -0.15
N ARG X 51 14.17 -9.33 1.03
CA ARG X 51 15.51 -9.18 1.57
C ARG X 51 16.55 -9.87 0.70
N ALA X 52 16.19 -11.00 0.08
CA ALA X 52 17.10 -11.65 -0.84
C ALA X 52 17.32 -10.80 -2.09
N THR X 53 16.27 -10.13 -2.57
CA THR X 53 16.43 -9.23 -3.71
C THR X 53 17.37 -8.07 -3.36
N GLU X 54 17.22 -7.51 -2.15
CA GLU X 54 18.08 -6.42 -1.73
C GLU X 54 19.54 -6.89 -1.63
N ALA X 55 19.75 -8.04 -1.00
CA ALA X 55 21.10 -8.56 -0.85
C ALA X 55 21.74 -8.87 -2.20
N SER X 56 20.96 -9.46 -3.11
CA SER X 56 21.47 -9.80 -4.43
C SER X 56 21.79 -8.54 -5.24
N THR X 57 20.96 -7.50 -5.14
CA THR X 57 21.22 -6.27 -5.87
C THR X 57 22.48 -5.57 -5.35
N LYS X 58 22.63 -5.49 -4.02
CA LYS X 58 23.80 -4.83 -3.47
C LYS X 58 25.08 -5.61 -3.77
N TYR X 59 25.02 -6.94 -3.64
CA TYR X 59 26.17 -7.77 -3.97
C TYR X 59 26.53 -7.66 -5.45
N PHE X 60 25.52 -7.64 -6.32
CA PHE X 60 25.75 -7.54 -7.75
C PHE X 60 26.41 -6.21 -8.11
N LEU X 61 25.94 -5.10 -7.52
CA LEU X 61 26.54 -3.80 -7.80
C LEU X 61 27.98 -3.73 -7.32
N THR X 62 28.25 -4.24 -6.11
CA THR X 62 29.61 -4.18 -5.57
C THR X 62 30.58 -5.03 -6.39
N GLN X 63 30.20 -6.27 -6.69
CA GLN X 63 31.09 -7.14 -7.46
C GLN X 63 31.24 -6.65 -8.90
N SER X 64 30.19 -6.06 -9.48
CA SER X 64 30.32 -5.50 -10.82
C SER X 64 31.33 -4.37 -10.85
N THR X 65 31.21 -3.41 -9.93
CA THR X 65 32.14 -2.28 -9.89
C THR X 65 33.58 -2.74 -9.63
N ALA X 66 33.74 -3.73 -8.74
CA ALA X 66 35.05 -4.29 -8.49
C ALA X 66 35.63 -4.95 -9.74
N SER X 67 34.78 -5.63 -10.51
CA SER X 67 35.26 -6.26 -11.74
C SER X 67 35.66 -5.23 -12.79
N MET X 68 34.95 -4.10 -12.85
CA MET X 68 35.34 -3.03 -13.76
C MET X 68 36.71 -2.47 -13.39
N LEU X 69 36.95 -2.26 -12.10
CA LEU X 69 38.26 -1.79 -11.67
C LEU X 69 39.34 -2.82 -11.98
N LEU X 70 39.02 -4.10 -11.81
CA LEU X 70 39.94 -5.18 -12.15
C LEU X 70 40.30 -5.15 -13.63
N MET X 71 39.30 -4.95 -14.49
CA MET X 71 39.54 -4.92 -15.93
C MET X 71 40.33 -3.69 -16.35
N MET X 72 40.07 -2.55 -15.72
CA MET X 72 40.85 -1.34 -16.02
C MET X 72 42.31 -1.53 -15.63
N ALA X 73 42.57 -2.13 -14.47
CA ALA X 73 43.95 -2.39 -14.06
C ALA X 73 44.63 -3.36 -15.02
N ILE X 74 43.89 -4.38 -15.47
CA ILE X 74 44.43 -5.35 -16.43
C ILE X 74 44.79 -4.66 -17.74
N ILE X 75 43.92 -3.76 -18.22
CA ILE X 75 44.15 -3.10 -19.50
C ILE X 75 45.32 -2.12 -19.41
N ILE X 76 45.46 -1.42 -18.28
CA ILE X 76 46.60 -0.52 -18.09
C ILE X 76 47.91 -1.32 -18.04
N ASN X 77 47.89 -2.48 -17.40
CA ASN X 77 49.06 -3.35 -17.40
C ASN X 77 49.39 -3.85 -18.81
N LEU X 78 48.35 -4.18 -19.59
CA LEU X 78 48.56 -4.55 -20.99
C LEU X 78 49.22 -3.42 -21.77
N MET X 79 48.76 -2.19 -21.52
CA MET X 79 49.35 -1.04 -22.19
C MET X 79 50.82 -0.90 -21.86
N PHE X 80 51.16 -0.91 -20.58
CA PHE X 80 52.53 -0.62 -20.18
C PHE X 80 53.43 -1.86 -20.22
N SER X 81 52.89 -3.03 -20.59
CA SER X 81 53.63 -4.28 -20.58
C SER X 81 53.60 -5.02 -21.91
N GLY X 82 52.47 -4.98 -22.62
CA GLY X 82 52.37 -5.70 -23.86
C GLY X 82 52.21 -7.20 -23.70
N GLN X 83 51.88 -7.68 -22.51
CA GLN X 83 51.75 -9.09 -22.22
C GLN X 83 50.52 -9.30 -21.34
N TRP X 84 50.31 -10.55 -20.92
CA TRP X 84 49.11 -10.89 -20.18
C TRP X 84 49.36 -11.78 -18.96
N THR X 85 50.61 -12.09 -18.64
CA THR X 85 50.90 -13.13 -17.66
C THR X 85 50.55 -12.66 -16.25
N VAL X 86 50.00 -13.57 -15.45
CA VAL X 86 49.65 -13.29 -14.07
C VAL X 86 50.95 -13.27 -13.26
N MET X 87 51.49 -12.08 -13.07
CA MET X 87 52.65 -11.86 -12.21
C MET X 87 52.49 -10.47 -11.62
N LYS X 88 53.59 -9.86 -11.21
CA LYS X 88 53.55 -8.49 -10.72
C LYS X 88 53.07 -7.54 -11.82
N LEU X 89 52.50 -6.43 -11.39
CA LEU X 89 52.00 -5.42 -12.32
C LEU X 89 53.14 -4.45 -12.64
N PHE X 90 53.17 -3.99 -13.89
CA PHE X 90 54.21 -3.08 -14.33
C PHE X 90 53.78 -1.63 -14.27
N ASN X 91 52.78 -1.31 -13.46
CA ASN X 91 52.37 0.07 -13.28
C ASN X 91 51.81 0.22 -11.86
N PRO X 92 52.22 1.26 -11.13
CA PRO X 92 51.61 1.51 -9.81
C PRO X 92 50.13 1.85 -9.86
N MET X 93 49.66 2.50 -10.93
CA MET X 93 48.24 2.80 -11.06
C MET X 93 47.43 1.51 -11.19
N ALA X 94 47.93 0.58 -12.01
CA ALA X 94 47.29 -0.73 -12.14
C ALA X 94 47.35 -1.51 -10.85
N SER X 95 48.45 -1.42 -10.11
CA SER X 95 48.55 -2.10 -8.82
C SER X 95 47.54 -1.55 -7.82
N MET X 96 47.37 -0.23 -7.78
CA MET X 96 46.43 0.36 -6.84
C MET X 96 44.99 0.02 -7.21
N LEU X 97 44.67 0.04 -8.51
CA LEU X 97 43.33 -0.31 -8.93
C LEU X 97 43.03 -1.78 -8.70
N MET X 98 44.01 -2.65 -8.93
CA MET X 98 43.83 -4.07 -8.67
C MET X 98 43.67 -4.35 -7.18
N THR X 99 44.43 -3.64 -6.35
CA THR X 99 44.29 -3.82 -4.91
C THR X 99 42.94 -3.35 -4.40
N MET X 100 42.44 -2.21 -4.89
CA MET X 100 41.11 -1.79 -4.49
C MET X 100 40.02 -2.70 -5.05
N ALA X 101 40.20 -3.25 -6.24
CA ALA X 101 39.23 -4.19 -6.77
C ALA X 101 39.16 -5.45 -5.92
N LEU X 102 40.31 -5.98 -5.53
CA LEU X 102 40.31 -7.18 -4.70
C LEU X 102 39.86 -6.88 -3.27
N ALA X 103 40.06 -5.65 -2.81
CA ALA X 103 39.52 -5.26 -1.51
C ALA X 103 38.01 -5.15 -1.56
N MET X 104 37.46 -4.61 -2.64
CA MET X 104 36.02 -4.54 -2.80
C MET X 104 35.41 -5.93 -2.93
N LYS X 105 36.14 -6.84 -3.57
CA LYS X 105 35.67 -8.22 -3.67
C LYS X 105 35.77 -8.94 -2.33
N LEU X 106 36.75 -8.59 -1.50
CA LEU X 106 36.92 -9.22 -0.21
C LEU X 106 36.07 -8.62 0.89
N GLY X 107 35.39 -7.50 0.63
CA GLY X 107 34.66 -6.83 1.69
C GLY X 107 35.52 -6.20 2.75
N MET X 108 36.61 -5.57 2.35
CA MET X 108 37.53 -4.90 3.26
C MET X 108 37.15 -3.45 3.44
N ALA X 109 37.23 -2.96 4.69
CA ALA X 109 36.94 -1.56 4.93
C ALA X 109 37.98 -0.68 4.25
N PRO X 110 37.58 0.51 3.74
CA PRO X 110 36.24 1.10 3.75
C PRO X 110 35.35 0.71 2.58
N PHE X 111 35.48 -0.51 2.07
CA PHE X 111 34.53 -1.10 1.14
C PHE X 111 33.78 -2.25 1.80
N HIS X 112 33.48 -2.12 3.09
CA HIS X 112 32.95 -3.21 3.90
C HIS X 112 31.46 -3.16 4.11
N PHE X 113 30.76 -2.18 3.53
CA PHE X 113 29.39 -1.92 3.91
C PHE X 113 28.43 -3.01 3.45
N TRP X 114 28.70 -3.63 2.31
CA TRP X 114 27.76 -4.58 1.76
C TRP X 114 27.76 -5.90 2.51
N VAL X 115 28.84 -6.22 3.22
CA VAL X 115 29.01 -7.58 3.76
C VAL X 115 27.99 -7.93 4.84
N PRO X 116 27.75 -7.12 5.88
CA PRO X 116 26.72 -7.53 6.85
C PRO X 116 25.32 -7.58 6.27
N GLU X 117 24.99 -6.66 5.36
CA GLU X 117 23.66 -6.65 4.77
C GLU X 117 23.44 -7.87 3.86
N VAL X 118 24.42 -8.18 3.02
CA VAL X 118 24.32 -9.33 2.14
C VAL X 118 24.29 -10.62 2.94
N THR X 119 25.11 -10.70 4.00
CA THR X 119 25.12 -11.89 4.85
C THR X 119 23.79 -12.07 5.56
N GLN X 120 23.19 -10.97 6.03
CA GLN X 120 21.92 -11.07 6.74
C GLN X 120 20.77 -11.43 5.80
N GLY X 121 20.76 -10.90 4.59
CA GLY X 121 19.60 -11.07 3.75
C GLY X 121 19.47 -12.42 3.06
N ILE X 122 20.43 -13.31 3.20
CA ILE X 122 20.45 -14.58 2.47
C ILE X 122 20.41 -15.70 3.50
N PRO X 123 20.03 -16.91 3.11
CA PRO X 123 20.02 -18.02 4.07
C PRO X 123 21.41 -18.37 4.60
N LEU X 124 21.40 -19.24 5.61
CA LEU X 124 22.64 -19.57 6.32
C LEU X 124 23.62 -20.33 5.43
N SER X 125 23.11 -21.26 4.61
CA SER X 125 23.99 -22.03 3.73
C SER X 125 24.61 -21.14 2.65
N SER X 126 23.82 -20.23 2.08
CA SER X 126 24.37 -19.31 1.09
C SER X 126 25.38 -18.36 1.71
N GLY X 127 25.14 -17.95 2.96
CA GLY X 127 26.12 -17.13 3.66
C GLY X 127 27.41 -17.88 3.92
N LEU X 128 27.31 -19.17 4.24
CA LEU X 128 28.51 -19.98 4.43
C LEU X 128 29.29 -20.12 3.13
N ILE X 129 28.59 -20.39 2.03
CA ILE X 129 29.22 -20.51 0.72
C ILE X 129 29.90 -19.20 0.35
N LEU X 130 29.23 -18.08 0.60
CA LEU X 130 29.81 -16.76 0.35
C LEU X 130 31.10 -16.57 1.16
N LEU X 131 30.98 -16.55 2.48
CA LEU X 131 32.08 -16.19 3.36
C LEU X 131 33.24 -17.17 3.32
N THR X 132 33.04 -18.39 2.84
CA THR X 132 34.17 -19.31 2.71
C THR X 132 34.69 -19.41 1.28
N TRP X 133 33.83 -19.78 0.32
CA TRP X 133 34.30 -20.03 -1.03
C TRP X 133 34.67 -18.74 -1.75
N GLN X 134 33.84 -17.68 -1.63
CA GLN X 134 34.08 -16.50 -2.45
C GLN X 134 35.34 -15.73 -2.04
N LYS X 135 35.93 -16.07 -0.90
CA LYS X 135 37.05 -15.35 -0.34
C LYS X 135 38.36 -16.12 -0.54
N LEU X 136 38.46 -16.80 -1.67
CA LEU X 136 39.61 -17.59 -2.09
C LEU X 136 40.22 -17.08 -3.38
N ALA X 137 39.41 -16.79 -4.38
CA ALA X 137 39.92 -16.22 -5.63
C ALA X 137 40.56 -14.84 -5.46
N PRO X 138 39.97 -13.87 -4.74
CA PRO X 138 40.74 -12.64 -4.47
C PRO X 138 41.99 -12.88 -3.66
N MET X 139 41.97 -13.82 -2.72
CA MET X 139 43.19 -14.12 -1.97
C MET X 139 44.23 -14.79 -2.85
N SER X 140 43.81 -15.62 -3.80
CA SER X 140 44.76 -16.21 -4.73
C SER X 140 45.40 -15.15 -5.61
N VAL X 141 44.59 -14.24 -6.17
CA VAL X 141 45.13 -13.19 -7.04
C VAL X 141 46.04 -12.26 -6.24
N LEU X 142 45.70 -11.98 -4.98
CA LEU X 142 46.57 -11.19 -4.12
C LEU X 142 47.87 -11.94 -3.82
N TYR X 143 47.81 -13.26 -3.72
CA TYR X 143 49.03 -14.05 -3.57
C TYR X 143 49.90 -13.99 -4.81
N GLN X 144 49.30 -13.80 -5.99
CA GLN X 144 50.09 -13.78 -7.21
C GLN X 144 50.85 -12.47 -7.40
N ILE X 145 50.32 -11.35 -6.93
CA ILE X 145 50.85 -10.05 -7.31
C ILE X 145 51.51 -9.34 -6.14
N LEU X 146 51.96 -10.09 -5.14
CA LEU X 146 52.59 -9.48 -3.97
C LEU X 146 53.90 -8.69 -4.21
N PRO X 147 54.68 -8.90 -5.30
CA PRO X 147 55.75 -7.93 -5.56
C PRO X 147 55.29 -6.52 -5.88
N SER X 148 54.03 -6.32 -6.28
CA SER X 148 53.62 -5.02 -6.80
C SER X 148 52.68 -4.22 -5.90
N ILE X 149 52.17 -4.78 -4.80
CA ILE X 149 51.24 -4.03 -3.98
C ILE X 149 51.99 -3.00 -3.15
N ASN X 150 51.42 -1.80 -3.08
CA ASN X 150 51.94 -0.76 -2.21
C ASN X 150 51.72 -1.15 -0.76
N LEU X 151 52.78 -1.09 0.05
CA LEU X 151 52.70 -1.55 1.43
C LEU X 151 51.77 -0.68 2.26
N ASP X 152 51.83 0.64 2.04
CA ASP X 152 51.03 1.57 2.84
C ASP X 152 49.55 1.36 2.60
N LEU X 153 49.16 1.15 1.34
CA LEU X 153 47.74 0.95 1.01
C LEU X 153 47.20 -0.33 1.65
N ILE X 154 47.93 -1.43 1.51
CA ILE X 154 47.42 -2.70 2.01
C ILE X 154 47.44 -2.73 3.53
N LEU X 155 48.43 -2.09 4.17
CA LEU X 155 48.44 -2.06 5.62
C LEU X 155 47.35 -1.14 6.17
N THR X 156 47.08 -0.03 5.46
CA THR X 156 45.96 0.83 5.83
C THR X 156 44.64 0.09 5.74
N LEU X 157 44.45 -0.67 4.66
CA LEU X 157 43.23 -1.46 4.50
C LEU X 157 43.11 -2.52 5.59
N SER X 158 44.23 -3.17 5.93
CA SER X 158 44.20 -4.24 6.91
C SER X 158 43.86 -3.72 8.31
N ILE X 159 44.57 -2.69 8.78
CA ILE X 159 44.29 -2.19 10.12
C ILE X 159 42.94 -1.49 10.18
N LEU X 160 42.52 -0.84 9.08
CA LEU X 160 41.22 -0.20 9.05
C LEU X 160 40.10 -1.22 9.14
N SER X 161 40.22 -2.32 8.39
CA SER X 161 39.19 -3.34 8.42
C SER X 161 39.18 -4.08 9.75
N ILE X 162 40.36 -4.27 10.36
CA ILE X 162 40.42 -4.91 11.67
C ILE X 162 39.71 -4.06 12.71
N THR X 163 40.03 -2.76 12.76
CA THR X 163 39.39 -1.87 13.72
C THR X 163 37.90 -1.73 13.48
N ILE X 164 37.50 -1.60 12.21
CA ILE X 164 36.09 -1.38 11.90
C ILE X 164 35.27 -2.63 12.16
N GLY X 165 35.79 -3.81 11.82
CA GLY X 165 35.08 -5.04 12.12
C GLY X 165 34.97 -5.33 13.60
N GLY X 166 36.06 -5.09 14.35
CA GLY X 166 36.00 -5.28 15.79
C GLY X 166 35.06 -4.31 16.47
N TRP X 167 35.00 -3.07 16.00
CA TRP X 167 34.07 -2.11 16.58
C TRP X 167 32.63 -2.43 16.20
N GLY X 168 32.38 -2.80 14.94
CA GLY X 168 31.03 -3.07 14.51
C GLY X 168 30.46 -4.36 15.02
N GLY X 169 31.30 -5.29 15.46
CA GLY X 169 30.76 -6.52 16.01
C GLY X 169 30.16 -6.39 17.40
N LEU X 170 30.27 -5.22 18.03
CA LEU X 170 29.77 -5.02 19.38
C LEU X 170 28.31 -4.62 19.45
N ASN X 171 27.68 -4.31 18.32
CA ASN X 171 26.35 -3.71 18.32
C ASN X 171 25.33 -4.59 17.59
N GLN X 172 25.55 -5.90 17.56
CA GLN X 172 24.71 -6.78 16.76
C GLN X 172 24.09 -7.85 17.63
N THR X 173 22.81 -8.14 17.38
CA THR X 173 22.12 -9.25 18.01
C THR X 173 21.75 -10.35 17.04
N GLN X 174 21.92 -10.12 15.74
CA GLN X 174 21.75 -11.17 14.75
C GLN X 174 23.09 -11.87 14.53
N LEU X 175 23.04 -13.18 14.30
CA LEU X 175 24.28 -13.94 14.21
C LEU X 175 25.01 -13.72 12.91
N ARG X 176 24.28 -13.47 11.82
CA ARG X 176 24.93 -13.32 10.51
C ARG X 176 25.69 -12.01 10.40
N LYS X 177 25.17 -10.94 11.00
CA LYS X 177 25.91 -9.68 11.02
C LYS X 177 27.17 -9.78 11.87
N ILE X 178 27.07 -10.49 13.00
CA ILE X 178 28.24 -10.77 13.85
C ILE X 178 29.29 -11.50 13.04
N MET X 179 28.87 -12.51 12.29
CA MET X 179 29.81 -13.31 11.52
C MET X 179 30.44 -12.51 10.38
N ALA X 180 29.69 -11.59 9.78
CA ALA X 180 30.25 -10.75 8.74
C ALA X 180 31.30 -9.79 9.29
N TYR X 181 31.04 -9.18 10.44
CA TYR X 181 32.04 -8.27 11.02
C TYR X 181 33.28 -9.04 11.47
N SER X 182 33.09 -10.26 11.99
CA SER X 182 34.22 -11.12 12.31
C SER X 182 35.03 -11.47 11.06
N SER X 183 34.33 -11.70 9.94
CA SER X 183 35.01 -11.98 8.68
C SER X 183 35.86 -10.80 8.24
N ILE X 184 35.34 -9.58 8.39
CA ILE X 184 36.10 -8.38 8.02
C ILE X 184 37.38 -8.28 8.85
N ALA X 185 37.26 -8.52 10.16
CA ALA X 185 38.44 -8.49 11.03
C ALA X 185 39.47 -9.55 10.62
N HIS X 186 39.00 -10.74 10.25
CA HIS X 186 39.93 -11.80 9.89
C HIS X 186 40.64 -11.53 8.57
N MET X 187 39.96 -10.91 7.60
CA MET X 187 40.65 -10.55 6.36
C MET X 187 41.69 -9.45 6.60
N GLY X 188 41.41 -8.55 7.54
CA GLY X 188 42.45 -7.62 7.94
C GLY X 188 43.66 -8.33 8.53
N TRP X 189 43.42 -9.33 9.37
CA TRP X 189 44.50 -10.11 9.96
C TRP X 189 45.34 -10.82 8.91
N MET X 190 44.69 -11.44 7.92
CA MET X 190 45.46 -12.15 6.89
C MET X 190 46.24 -11.21 5.99
N THR X 191 45.64 -10.11 5.55
CA THR X 191 46.36 -9.30 4.58
C THR X 191 47.35 -8.35 5.21
N ALA X 192 47.36 -8.19 6.54
CA ALA X 192 48.44 -7.45 7.16
C ALA X 192 49.78 -8.16 7.03
N VAL X 193 49.79 -9.48 6.81
CA VAL X 193 51.02 -10.27 6.79
C VAL X 193 51.38 -10.72 5.38
N LEU X 194 50.55 -10.41 4.38
CA LEU X 194 50.73 -10.97 3.04
C LEU X 194 52.03 -10.51 2.40
N LEU X 195 52.39 -9.25 2.59
CA LEU X 195 53.63 -8.76 1.99
C LEU X 195 54.87 -9.22 2.73
N TYR X 196 54.73 -9.76 3.93
CA TYR X 196 55.87 -10.28 4.67
C TYR X 196 56.08 -11.76 4.44
N ASN X 197 55.03 -12.57 4.64
CA ASN X 197 55.10 -14.00 4.38
C ASN X 197 53.72 -14.51 3.99
N PRO X 198 53.49 -14.85 2.71
CA PRO X 198 52.16 -15.27 2.30
C PRO X 198 51.75 -16.66 2.79
N THR X 199 52.71 -17.48 3.26
CA THR X 199 52.36 -18.75 3.86
C THR X 199 51.54 -18.55 5.13
N MET X 200 51.83 -17.47 5.86
CA MET X 200 51.03 -17.10 7.02
C MET X 200 49.60 -16.77 6.61
N THR X 201 49.45 -16.09 5.46
CA THR X 201 48.11 -15.80 4.96
C THR X 201 47.36 -17.06 4.57
N LEU X 202 48.04 -18.03 3.96
CA LEU X 202 47.37 -19.29 3.62
C LEU X 202 46.97 -20.06 4.87
N LEU X 203 47.84 -20.10 5.89
CA LEU X 203 47.49 -20.77 7.14
C LEU X 203 46.31 -20.10 7.83
N ASN X 204 46.30 -18.77 7.86
CA ASN X 204 45.19 -18.03 8.45
C ASN X 204 43.91 -18.26 7.68
N LEU X 205 44.01 -18.35 6.35
CA LEU X 205 42.83 -18.62 5.52
C LEU X 205 42.24 -19.98 5.85
N ILE X 206 43.09 -21.00 5.97
CA ILE X 206 42.60 -22.35 6.24
C ILE X 206 41.95 -22.43 7.61
N ILE X 207 42.60 -21.85 8.63
CA ILE X 207 42.06 -21.93 9.98
C ILE X 207 40.76 -21.15 10.09
N TYR X 208 40.69 -19.96 9.48
CA TYR X 208 39.47 -19.17 9.53
C TYR X 208 38.33 -19.86 8.79
N ILE X 209 38.63 -20.50 7.66
CA ILE X 209 37.60 -21.24 6.91
C ILE X 209 37.05 -22.38 7.75
N ILE X 210 37.94 -23.15 8.40
CA ILE X 210 37.51 -24.27 9.23
C ILE X 210 36.64 -23.79 10.38
N MET X 211 37.07 -22.70 11.05
CA MET X 211 36.38 -22.21 12.22
C MET X 211 35.00 -21.66 11.88
N THR X 212 34.91 -20.82 10.85
CA THR X 212 33.62 -20.25 10.49
C THR X 212 32.70 -21.29 9.87
N SER X 213 33.25 -22.34 9.23
CA SER X 213 32.42 -23.41 8.73
C SER X 213 31.82 -24.22 9.86
N THR X 214 32.61 -24.48 10.90
CA THR X 214 32.10 -25.20 12.08
C THR X 214 30.98 -24.41 12.73
N MET X 215 31.16 -23.10 12.88
CA MET X 215 30.13 -22.29 13.53
C MET X 215 28.87 -22.18 12.68
N PHE X 216 29.01 -22.05 11.36
CA PHE X 216 27.83 -21.97 10.51
C PHE X 216 27.07 -23.30 10.48
N THR X 217 27.80 -24.42 10.53
CA THR X 217 27.13 -25.72 10.60
C THR X 217 26.42 -25.89 11.93
N LEU X 218 27.01 -25.37 13.02
CA LEU X 218 26.33 -25.41 14.31
C LEU X 218 25.04 -24.60 14.29
N PHE X 219 25.09 -23.41 13.70
CA PHE X 219 23.89 -22.56 13.63
C PHE X 219 22.83 -23.18 12.72
N MET X 220 23.25 -23.84 11.65
CA MET X 220 22.29 -24.54 10.79
C MET X 220 21.66 -25.73 11.50
N ALA X 221 22.47 -26.48 12.26
CA ALA X 221 21.96 -27.66 12.96
C ALA X 221 20.97 -27.26 14.05
N ASN X 222 21.26 -26.20 14.79
CA ASN X 222 20.32 -25.73 15.80
C ASN X 222 19.17 -24.92 15.23
N SER X 223 19.27 -24.51 13.95
CA SER X 223 18.27 -23.69 13.27
C SER X 223 17.96 -22.40 14.04
N THR X 224 19.01 -21.74 14.51
CA THR X 224 18.90 -20.47 15.20
C THR X 224 19.61 -19.39 14.40
N THR X 225 18.98 -18.22 14.28
CA THR X 225 19.57 -17.10 13.56
C THR X 225 19.70 -15.84 14.40
N THR X 226 19.12 -15.80 15.60
CA THR X 226 19.29 -14.69 16.54
C THR X 226 19.83 -15.24 17.85
N THR X 227 20.38 -14.33 18.68
CA THR X 227 20.99 -14.77 19.93
C THR X 227 19.94 -15.28 20.91
N LEU X 228 18.75 -14.67 20.92
CA LEU X 228 17.69 -15.15 21.77
C LEU X 228 17.13 -16.48 21.29
N SER X 229 17.25 -16.77 20.00
CA SER X 229 16.93 -18.10 19.50
C SER X 229 18.06 -19.08 19.81
N LEU X 230 19.30 -18.60 19.85
CA LEU X 230 20.43 -19.47 20.21
C LEU X 230 20.38 -19.85 21.68
N SER X 231 19.76 -19.01 22.51
CA SER X 231 19.75 -19.23 23.95
C SER X 231 18.88 -20.41 24.39
N HIS X 232 18.10 -20.99 23.48
CA HIS X 232 17.24 -22.12 23.82
C HIS X 232 17.92 -23.46 23.71
N THR X 233 19.20 -23.48 23.28
CA THR X 233 19.84 -24.75 22.97
C THR X 233 20.16 -25.58 24.20
N TRP X 234 20.31 -24.93 25.37
CA TRP X 234 20.53 -25.68 26.61
C TRP X 234 19.31 -26.52 26.98
N ASN X 235 18.12 -26.10 26.57
CA ASN X 235 16.91 -26.87 26.77
C ASN X 235 16.66 -27.85 25.64
N LYS X 236 17.46 -27.79 24.57
CA LYS X 236 17.29 -28.64 23.41
C LYS X 236 18.39 -29.67 23.28
N ALA X 237 19.65 -29.24 23.31
CA ALA X 237 20.80 -30.15 23.26
C ALA X 237 21.98 -29.46 23.93
N PRO X 238 22.31 -29.85 25.18
CA PRO X 238 23.41 -29.18 25.88
C PRO X 238 24.78 -29.41 25.25
N ILE X 239 24.96 -30.52 24.54
CA ILE X 239 26.24 -30.79 23.88
C ILE X 239 26.52 -29.76 22.80
N MET X 240 25.46 -29.28 22.13
CA MET X 240 25.64 -28.23 21.13
C MET X 240 26.03 -26.91 21.79
N THR X 241 25.56 -26.67 23.01
CA THR X 241 26.02 -25.50 23.76
C THR X 241 27.49 -25.61 24.13
N ILE X 242 27.94 -26.81 24.50
CA ILE X 242 29.36 -27.01 24.77
C ILE X 242 30.18 -26.77 23.50
N LEU X 243 29.68 -27.24 22.35
CA LEU X 243 30.39 -27.07 21.09
C LEU X 243 30.50 -25.61 20.69
N VAL X 244 29.40 -24.85 20.81
CA VAL X 244 29.47 -23.44 20.46
C VAL X 244 30.33 -22.68 21.47
N LEU X 245 30.37 -23.14 22.73
CA LEU X 245 31.23 -22.52 23.72
C LEU X 245 32.70 -22.65 23.35
N ILE X 246 33.13 -23.88 23.00
CA ILE X 246 34.55 -24.06 22.70
C ILE X 246 34.91 -23.42 21.37
N THR X 247 33.99 -23.38 20.40
CA THR X 247 34.33 -22.75 19.12
C THR X 247 34.36 -21.24 19.24
N LEU X 248 33.51 -20.64 20.09
CA LEU X 248 33.58 -19.20 20.30
C LEU X 248 34.82 -18.83 21.12
N LEU X 249 35.22 -19.70 22.05
CA LEU X 249 36.48 -19.48 22.76
C LEU X 249 37.67 -19.53 21.81
N SER X 250 37.65 -20.48 20.87
CA SER X 250 38.74 -20.57 19.89
C SER X 250 38.73 -19.43 18.90
N MET X 251 37.55 -18.92 18.53
CA MET X 251 37.46 -17.88 17.52
C MET X 251 38.02 -16.55 18.00
N GLY X 252 38.11 -16.34 19.31
CA GLY X 252 38.69 -15.13 19.84
C GLY X 252 40.19 -15.16 19.98
N GLY X 253 40.83 -16.23 19.52
CA GLY X 253 42.26 -16.36 19.70
C GLY X 253 42.67 -16.68 21.11
N LEU X 254 41.90 -17.51 21.82
CA LEU X 254 42.22 -17.86 23.19
C LEU X 254 42.99 -19.18 23.22
N PRO X 255 44.23 -19.18 23.66
CA PRO X 255 44.98 -20.43 23.78
C PRO X 255 44.43 -21.27 24.93
N PRO X 256 44.64 -22.59 24.92
CA PRO X 256 45.41 -23.40 23.98
C PRO X 256 44.57 -23.95 22.83
N LEU X 257 43.70 -23.13 22.27
CA LEU X 257 42.84 -23.55 21.18
C LEU X 257 43.42 -23.09 19.85
N SER X 258 43.01 -23.77 18.78
CA SER X 258 43.67 -23.66 17.48
C SER X 258 43.49 -22.30 16.82
N GLY X 259 42.51 -21.50 17.27
CA GLY X 259 42.32 -20.20 16.67
C GLY X 259 43.36 -19.18 17.07
N PHE X 260 44.14 -19.45 18.12
CA PHE X 260 45.19 -18.54 18.53
C PHE X 260 46.44 -18.72 17.68
N MET X 261 46.59 -19.89 17.06
CA MET X 261 47.75 -20.17 16.22
C MET X 261 47.95 -19.18 15.07
N PRO X 262 46.92 -18.79 14.28
CA PRO X 262 47.19 -17.79 13.23
C PRO X 262 47.69 -16.46 13.75
N LYS X 263 47.06 -15.90 14.77
CA LYS X 263 47.47 -14.59 15.29
C LYS X 263 48.86 -14.66 15.90
N TRP X 264 49.17 -15.77 16.57
CA TRP X 264 50.51 -15.97 17.12
C TRP X 264 51.56 -16.01 16.01
N MET X 265 51.28 -16.71 14.91
CA MET X 265 52.27 -16.74 13.84
C MET X 265 52.33 -15.42 13.07
N ILE X 266 51.25 -14.66 13.03
CA ILE X 266 51.29 -13.33 12.41
C ILE X 266 52.20 -12.41 13.20
N ILE X 267 52.03 -12.40 14.53
CA ILE X 267 52.88 -11.59 15.40
C ILE X 267 54.32 -12.06 15.31
N GLN X 268 54.53 -13.37 15.20
CA GLN X 268 55.88 -13.90 15.08
C GLN X 268 56.55 -13.46 13.78
N GLU X 269 55.82 -13.47 12.68
CA GLU X 269 56.38 -13.11 11.40
C GLU X 269 56.59 -11.61 11.24
N MET X 270 55.70 -10.79 11.78
CA MET X 270 55.79 -9.35 11.56
C MET X 270 56.82 -8.66 12.46
N THR X 271 57.34 -9.34 13.47
CA THR X 271 58.38 -8.77 14.32
C THR X 271 59.78 -9.16 13.89
N LYS X 272 59.92 -10.00 12.86
CA LYS X 272 61.24 -10.23 12.27
C LYS X 272 61.71 -9.04 11.45
N ASN X 273 60.78 -8.15 11.09
CA ASN X 273 61.04 -7.02 10.23
C ASN X 273 60.89 -5.69 10.96
N ASP X 274 60.94 -5.72 12.28
CA ASP X 274 60.91 -4.54 13.15
C ASP X 274 59.65 -3.72 12.95
N SER X 275 58.50 -4.38 13.12
CA SER X 275 57.22 -3.71 13.19
C SER X 275 56.55 -4.20 14.48
N ILE X 276 56.53 -3.33 15.49
CA ILE X 276 56.05 -3.71 16.81
C ILE X 276 54.74 -3.03 17.18
N ILE X 277 54.52 -1.79 16.74
CA ILE X 277 53.30 -1.07 17.06
C ILE X 277 52.09 -1.74 16.42
N LEU X 278 52.22 -2.11 15.15
CA LEU X 278 51.10 -2.69 14.41
C LEU X 278 50.59 -4.00 15.01
N PRO X 279 51.41 -5.03 15.33
CA PRO X 279 50.83 -6.24 15.93
C PRO X 279 50.20 -6.01 17.29
N THR X 280 50.68 -5.02 18.04
CA THR X 280 50.02 -4.69 19.31
C THR X 280 48.62 -4.12 19.07
N LEU X 281 48.47 -3.22 18.08
CA LEU X 281 47.14 -2.69 17.78
C LEU X 281 46.21 -3.80 17.29
N MET X 282 46.71 -4.69 16.44
CA MET X 282 45.89 -5.82 15.99
C MET X 282 45.52 -6.75 17.15
N ALA X 283 46.41 -6.92 18.13
CA ALA X 283 46.09 -7.72 19.30
C ALA X 283 44.96 -7.09 20.13
N ILE X 284 44.99 -5.78 20.31
CA ILE X 284 43.94 -5.13 21.10
C ILE X 284 42.59 -5.18 20.38
N THR X 285 42.58 -5.01 19.06
CA THR X 285 41.30 -5.14 18.39
C THR X 285 40.82 -6.60 18.33
N ALA X 286 41.76 -7.55 18.33
CA ALA X 286 41.38 -8.94 18.52
C ALA X 286 40.74 -9.16 19.89
N LEU X 287 41.17 -8.38 20.89
CA LEU X 287 40.50 -8.42 22.18
C LEU X 287 39.06 -7.94 22.09
N LEU X 288 38.81 -6.91 21.26
CA LEU X 288 37.41 -6.48 21.03
C LEU X 288 36.57 -7.60 20.41
N ASN X 289 37.15 -8.32 19.42
CA ASN X 289 36.45 -9.45 18.83
C ASN X 289 36.16 -10.52 19.88
N LEU X 290 37.14 -10.80 20.74
CA LEU X 290 36.94 -11.73 21.84
C LEU X 290 35.86 -11.24 22.79
N TYR X 291 35.67 -9.93 22.91
CA TYR X 291 34.61 -9.42 23.78
C TYR X 291 33.23 -9.79 23.24
N PHE X 292 32.98 -9.56 21.96
CA PHE X 292 31.62 -9.91 21.54
C PHE X 292 31.44 -11.42 21.42
N TYR X 293 32.52 -12.17 21.23
CA TYR X 293 32.43 -13.63 21.37
C TYR X 293 32.07 -14.04 22.80
N MET X 294 32.64 -13.34 23.79
CA MET X 294 32.34 -13.62 25.19
C MET X 294 30.90 -13.31 25.52
N ARG X 295 30.37 -12.23 24.96
CA ARG X 295 28.95 -11.91 25.14
C ARG X 295 28.06 -13.01 24.57
N LEU X 296 28.40 -13.50 23.37
CA LEU X 296 27.62 -14.59 22.79
C LEU X 296 27.68 -15.86 23.64
N THR X 297 28.87 -16.22 24.13
CA THR X 297 28.98 -17.44 24.92
C THR X 297 28.41 -17.28 26.32
N TYR X 298 28.25 -16.05 26.81
CA TYR X 298 27.48 -15.84 28.03
C TYR X 298 25.99 -16.07 27.75
N SER X 299 25.54 -15.66 26.56
CA SER X 299 24.14 -15.86 26.19
C SER X 299 23.80 -17.34 26.04
N THR X 300 24.66 -18.12 25.39
CA THR X 300 24.23 -19.46 24.98
C THR X 300 24.68 -20.60 25.89
N ALA X 301 25.83 -20.49 26.57
CA ALA X 301 26.41 -21.65 27.22
C ALA X 301 26.51 -21.51 28.73
N LEU X 302 27.05 -20.40 29.23
CA LEU X 302 27.36 -20.28 30.65
C LEU X 302 26.17 -19.84 31.50
N THR X 303 25.02 -19.57 30.89
CA THR X 303 23.80 -19.25 31.63
C THR X 303 22.65 -20.04 31.03
N MET X 304 21.56 -20.12 31.78
CA MET X 304 20.36 -20.81 31.35
C MET X 304 19.26 -19.76 31.19
N PHE X 305 19.08 -19.30 29.96
CA PHE X 305 18.01 -18.34 29.67
C PHE X 305 16.65 -19.04 29.80
N PRO X 306 15.59 -18.28 30.12
CA PRO X 306 14.26 -18.89 30.20
C PRO X 306 13.80 -19.45 28.86
N SER X 307 13.13 -20.60 28.92
CA SER X 307 12.63 -21.28 27.74
C SER X 307 11.11 -21.20 27.71
N THR X 308 10.52 -21.86 26.72
CA THR X 308 9.09 -21.80 26.50
C THR X 308 8.45 -23.15 26.79
N ASN X 309 7.14 -23.24 26.54
CA ASN X 309 6.41 -24.45 26.86
C ASN X 309 6.51 -25.50 25.76
N ASN X 310 6.63 -25.09 24.50
CA ASN X 310 6.66 -26.02 23.39
C ASN X 310 8.00 -26.71 23.23
N MET X 311 8.99 -26.31 24.03
CA MET X 311 10.27 -27.01 24.05
C MET X 311 10.11 -28.46 24.48
N LYS X 312 9.06 -28.80 25.24
CA LYS X 312 8.79 -30.21 25.54
C LYS X 312 8.45 -30.98 24.27
N MET X 313 7.59 -30.40 23.44
CA MET X 313 7.26 -30.98 22.15
C MET X 313 8.50 -31.12 21.28
N LYS X 314 9.44 -30.17 21.38
CA LYS X 314 10.69 -30.35 20.67
C LYS X 314 11.60 -31.39 21.33
N TRP X 315 11.46 -31.63 22.63
CA TRP X 315 12.23 -32.69 23.28
C TRP X 315 11.84 -34.05 22.75
N GLN X 316 10.55 -34.24 22.46
CA GLN X 316 10.11 -35.59 22.09
C GLN X 316 10.60 -36.05 20.72
N PHE X 317 11.23 -35.21 19.91
CA PHE X 317 11.64 -35.58 18.57
C PHE X 317 13.16 -35.51 18.44
N PRO X 318 13.81 -36.57 17.96
CA PRO X 318 15.25 -36.53 17.74
C PRO X 318 15.58 -35.93 16.39
N THR X 319 16.75 -35.28 16.32
CA THR X 319 17.13 -34.54 15.13
C THR X 319 17.51 -35.48 13.99
N THR X 320 17.14 -35.10 12.77
CA THR X 320 17.47 -35.86 11.57
C THR X 320 18.25 -35.02 10.57
N LYS X 321 18.90 -33.96 11.03
CA LYS X 321 19.60 -33.06 10.13
C LYS X 321 20.85 -33.70 9.55
N ARG X 322 21.31 -33.15 8.43
CA ARG X 322 22.51 -33.64 7.76
C ARG X 322 23.70 -32.77 8.18
N MET X 323 24.17 -33.00 9.40
CA MET X 323 25.31 -32.27 9.95
C MET X 323 26.58 -32.89 9.38
N THR X 324 26.91 -32.48 8.16
CA THR X 324 28.01 -33.08 7.42
C THR X 324 29.35 -32.56 7.97
N LEU X 325 30.19 -33.49 8.40
CA LEU X 325 31.56 -33.24 8.86
C LEU X 325 31.62 -32.30 10.06
N LEU X 326 30.54 -32.19 10.83
CA LEU X 326 30.56 -31.33 12.01
C LEU X 326 31.54 -31.78 13.10
N PRO X 327 31.60 -33.06 13.52
CA PRO X 327 32.56 -33.38 14.59
C PRO X 327 34.02 -33.26 14.17
N THR X 328 34.35 -33.67 12.95
CA THR X 328 35.71 -33.55 12.46
C THR X 328 36.13 -32.08 12.39
N MET X 329 35.24 -31.23 11.91
CA MET X 329 35.55 -29.82 11.76
C MET X 329 35.62 -29.12 13.11
N THR X 330 34.80 -29.54 14.07
CA THR X 330 34.92 -29.01 15.43
C THR X 330 36.25 -29.39 16.07
N VAL X 331 36.66 -30.65 15.89
CA VAL X 331 37.93 -31.10 16.45
C VAL X 331 39.10 -30.36 15.82
N LEU X 332 39.05 -30.18 14.50
CA LEU X 332 40.10 -29.41 13.83
C LEU X 332 40.08 -27.95 14.24
N SER X 333 38.90 -27.39 14.51
CA SER X 333 38.80 -26.00 14.93
C SER X 333 39.17 -25.78 16.38
N THR X 334 39.29 -26.84 17.19
CA THR X 334 39.62 -26.66 18.59
C THR X 334 41.03 -27.10 18.95
N MET X 335 41.47 -28.29 18.54
CA MET X 335 42.67 -28.87 19.12
C MET X 335 43.79 -29.11 18.11
N LEU X 336 44.07 -28.12 17.26
CA LEU X 336 45.13 -28.23 16.27
C LEU X 336 46.40 -27.48 16.65
N LEU X 337 46.52 -27.09 17.92
CA LEU X 337 47.67 -26.29 18.34
C LEU X 337 48.96 -27.09 18.60
N PRO X 338 48.93 -28.29 19.22
CA PRO X 338 50.18 -29.07 19.30
C PRO X 338 50.70 -29.58 17.96
N LEU X 339 49.92 -29.49 16.89
CA LEU X 339 50.38 -29.79 15.54
C LEU X 339 50.68 -28.53 14.74
N THR X 340 51.21 -27.50 15.39
CA THR X 340 51.51 -26.25 14.71
C THR X 340 52.54 -26.36 13.57
N PRO X 341 53.69 -27.09 13.71
CA PRO X 341 54.63 -27.14 12.57
C PRO X 341 54.14 -27.87 11.32
N ILE X 342 52.87 -28.29 11.30
CA ILE X 342 52.20 -28.77 10.10
C ILE X 342 52.11 -27.67 9.05
N LEU X 343 52.19 -26.40 9.48
CA LEU X 343 52.06 -25.26 8.57
C LEU X 343 53.14 -25.21 7.50
N SER X 344 54.24 -25.94 7.67
CA SER X 344 55.30 -25.94 6.66
C SER X 344 54.90 -26.61 5.36
N ILE X 345 53.81 -27.39 5.36
CA ILE X 345 53.37 -28.00 4.12
C ILE X 345 52.80 -26.98 3.14
N LEU X 346 52.43 -25.80 3.63
CA LEU X 346 51.91 -24.74 2.78
C LEU X 346 53.02 -23.90 2.15
N GLU X 347 54.28 -24.20 2.45
CA GLU X 347 55.40 -23.45 1.90
C GLU X 347 55.58 -23.75 0.41
N LYS Y 3 51.81 13.30 2.44
CA LYS Y 3 53.16 12.87 2.74
C LYS Y 3 54.09 14.07 2.75
N THR Y 4 53.91 14.96 1.78
CA THR Y 4 54.76 16.14 1.70
C THR Y 4 54.42 17.16 2.78
N LEU Y 5 53.24 17.08 3.38
CA LEU Y 5 52.92 17.97 4.49
C LEU Y 5 53.68 17.55 5.75
N LEU Y 6 53.76 16.25 6.00
CA LEU Y 6 54.53 15.76 7.14
C LEU Y 6 56.01 16.04 6.95
N HIS Y 7 56.52 15.90 5.72
CA HIS Y 7 57.91 16.23 5.45
C HIS Y 7 58.16 17.73 5.50
N GLN Y 8 57.13 18.55 5.25
CA GLN Y 8 57.26 19.98 5.45
C GLN Y 8 57.28 20.33 6.93
N TYR Y 9 56.57 19.57 7.76
CA TYR Y 9 56.61 19.83 9.19
C TYR Y 9 57.92 19.36 9.83
N TRP Y 10 58.40 18.16 9.47
CA TRP Y 10 59.45 17.53 10.25
C TRP Y 10 60.85 18.05 9.92
N ASP Y 11 61.05 18.80 8.84
CA ASP Y 11 62.39 19.21 8.48
C ASP Y 11 62.89 20.39 9.30
N ILE Y 12 62.01 21.16 9.91
CA ILE Y 12 62.42 22.30 10.73
C ILE Y 12 62.96 21.77 12.06
N PRO Y 13 64.10 22.28 12.54
CA PRO Y 13 64.57 21.89 13.87
C PRO Y 13 63.62 22.37 14.95
N GLU Y 14 63.44 21.54 15.98
CA GLU Y 14 62.44 21.81 17.00
C GLU Y 14 62.88 22.97 17.89
N GLY Y 15 61.90 23.75 18.34
CA GLY Y 15 62.16 24.89 19.20
C GLY Y 15 62.94 26.01 18.56
N THR Y 16 62.75 26.24 17.25
CA THR Y 16 63.48 27.28 16.54
C THR Y 16 62.56 28.38 16.04
N GLU Y 17 61.59 28.05 15.20
CA GLU Y 17 60.66 29.04 14.64
C GLU Y 17 59.25 28.56 14.91
N CYS Y 18 58.55 29.25 15.82
CA CYS Y 18 57.22 28.81 16.21
C CYS Y 18 56.20 29.02 15.12
N HIS Y 19 56.42 30.02 14.26
CA HIS Y 19 55.41 30.41 13.29
C HIS Y 19 55.32 29.40 12.15
N ARG Y 20 56.46 28.94 11.65
CA ARG Y 20 56.44 27.96 10.55
C ARG Y 20 55.91 26.62 11.03
N LYS Y 21 56.29 26.19 12.24
CA LYS Y 21 55.76 24.96 12.80
C LYS Y 21 54.27 25.07 13.07
N THR Y 22 53.81 26.24 13.53
CA THR Y 22 52.38 26.46 13.72
C THR Y 22 51.62 26.35 12.40
N TYR Y 23 52.15 26.96 11.34
CA TYR Y 23 51.50 26.88 10.05
C TYR Y 23 51.48 25.45 9.51
N ALA Y 24 52.58 24.72 9.67
CA ALA Y 24 52.64 23.34 9.19
C ALA Y 24 51.66 22.44 9.94
N ALA Y 25 51.62 22.55 11.26
CA ALA Y 25 50.70 21.73 12.03
C ALA Y 25 49.25 22.13 11.78
N THR Y 26 48.99 23.42 11.52
CA THR Y 26 47.64 23.82 11.12
C THR Y 26 47.28 23.24 9.76
N SER Y 27 48.24 23.09 8.86
CA SER Y 27 47.98 22.43 7.59
C SER Y 27 47.62 20.96 7.78
N ILE Y 28 48.31 20.27 8.70
CA ILE Y 28 47.97 18.87 9.00
C ILE Y 28 46.55 18.79 9.57
N GLY Y 29 46.22 19.69 10.50
CA GLY Y 29 44.89 19.70 11.06
C GLY Y 29 43.81 20.00 10.03
N GLY Y 30 44.10 20.93 9.12
CA GLY Y 30 43.14 21.24 8.07
C GLY Y 30 42.90 20.07 7.12
N ALA Y 31 43.96 19.36 6.76
CA ALA Y 31 43.79 18.19 5.90
C ALA Y 31 42.97 17.11 6.60
N SER Y 32 43.25 16.88 7.89
CA SER Y 32 42.47 15.90 8.65
C SER Y 32 41.00 16.30 8.74
N GLY Y 33 40.74 17.60 8.96
CA GLY Y 33 39.37 18.07 9.03
C GLY Y 33 38.63 17.95 7.72
N LEU Y 34 39.31 18.23 6.60
CA LEU Y 34 38.66 18.08 5.30
C LEU Y 34 38.29 16.63 5.00
N VAL Y 35 39.22 15.69 5.24
CA VAL Y 35 38.88 14.30 4.93
C VAL Y 35 37.80 13.76 5.89
N VAL Y 36 37.84 14.17 7.17
CA VAL Y 36 36.82 13.73 8.12
C VAL Y 36 35.46 14.30 7.75
N SER Y 37 35.42 15.59 7.39
CA SER Y 37 34.15 16.22 7.06
C SER Y 37 33.58 15.67 5.77
N ALA Y 38 34.44 15.37 4.78
CA ALA Y 38 33.95 14.80 3.53
C ALA Y 38 33.36 13.41 3.75
N TYR Y 39 34.02 12.59 4.56
CA TYR Y 39 33.45 11.29 4.91
C TYR Y 39 32.15 11.45 5.69
N SER Y 40 32.07 12.48 6.53
CA SER Y 40 30.88 12.69 7.33
C SER Y 40 29.68 13.10 6.47
N VAL Y 41 29.90 13.97 5.48
CA VAL Y 41 28.76 14.39 4.67
C VAL Y 41 28.40 13.31 3.66
N ALA Y 42 29.38 12.50 3.25
CA ALA Y 42 29.04 11.39 2.36
C ALA Y 42 28.23 10.32 3.08
N LEU Y 43 28.68 9.90 4.27
CA LEU Y 43 28.01 8.81 4.96
C LEU Y 43 26.75 9.27 5.68
N LYS Y 44 26.74 10.48 6.23
CA LYS Y 44 25.57 11.04 6.90
C LYS Y 44 25.11 12.26 6.14
N THR Y 45 23.95 12.18 5.52
CA THR Y 45 23.46 13.24 4.67
C THR Y 45 22.99 14.42 5.52
N PRO Y 46 23.47 15.63 5.26
CA PRO Y 46 22.98 16.80 6.00
C PRO Y 46 21.55 17.15 5.59
N THR Y 47 20.95 18.04 6.38
CA THR Y 47 19.57 18.44 6.12
C THR Y 47 19.46 19.27 4.85
N SER Y 48 20.43 20.13 4.58
CA SER Y 48 20.39 20.98 3.40
C SER Y 48 21.83 21.33 3.00
N PHE Y 49 21.97 22.27 2.07
CA PHE Y 49 23.29 22.70 1.64
C PHE Y 49 24.01 23.47 2.73
N LEU Y 50 23.31 24.42 3.38
CA LEU Y 50 23.93 25.29 4.37
C LEU Y 50 24.39 24.50 5.57
N GLU Y 51 23.61 23.51 5.99
CA GLU Y 51 24.01 22.65 7.10
C GLU Y 51 25.27 21.87 6.76
N GLY Y 52 25.37 21.40 5.52
CA GLY Y 52 26.55 20.65 5.11
C GLY Y 52 27.81 21.49 5.10
N VAL Y 53 27.74 22.69 4.54
CA VAL Y 53 28.94 23.53 4.51
C VAL Y 53 29.28 24.02 5.91
N ALA Y 54 28.28 24.27 6.76
CA ALA Y 54 28.53 24.65 8.15
C ALA Y 54 29.21 23.52 8.92
N ARG Y 55 28.75 22.28 8.75
CA ARG Y 55 29.40 21.15 9.42
C ARG Y 55 30.82 20.95 8.94
N THR Y 56 31.04 21.06 7.62
CA THR Y 56 32.39 20.90 7.07
C THR Y 56 33.33 21.97 7.61
N GLY Y 57 32.86 23.23 7.62
CA GLY Y 57 33.67 24.32 8.13
C GLY Y 57 33.95 24.20 9.62
N ARG Y 58 32.96 23.77 10.39
CA ARG Y 58 33.16 23.58 11.82
C ARG Y 58 34.20 22.50 12.09
N TYR Y 59 34.14 21.40 11.34
CA TYR Y 59 35.09 20.31 11.52
C TYR Y 59 36.51 20.76 11.19
N THR Y 60 36.68 21.45 10.04
CA THR Y 60 38.03 21.80 9.66
C THR Y 60 38.58 22.92 10.54
N PHE Y 61 37.72 23.81 11.05
CA PHE Y 61 38.21 24.82 11.98
C PHE Y 61 38.61 24.20 13.31
N THR Y 62 37.85 23.21 13.79
CA THR Y 62 38.22 22.53 15.02
C THR Y 62 39.56 21.84 14.90
N ALA Y 63 39.75 21.07 13.81
CA ALA Y 63 41.01 20.36 13.65
C ALA Y 63 42.18 21.31 13.34
N ALA Y 64 41.91 22.41 12.64
CA ALA Y 64 42.95 23.42 12.39
C ALA Y 64 43.37 24.10 13.69
N ALA Y 65 42.41 24.37 14.58
CA ALA Y 65 42.75 24.90 15.90
C ALA Y 65 43.59 23.91 16.69
N ILE Y 66 43.23 22.62 16.62
CA ILE Y 66 43.99 21.58 17.32
C ILE Y 66 45.44 21.60 16.86
N GLY Y 67 45.65 21.59 15.54
CA GLY Y 67 47.00 21.60 15.00
C GLY Y 67 47.76 22.87 15.34
N ALA Y 68 47.10 24.02 15.22
CA ALA Y 68 47.77 25.30 15.41
C ALA Y 68 48.27 25.46 16.84
N ILE Y 69 47.39 25.26 17.82
CA ILE Y 69 47.84 25.43 19.20
C ILE Y 69 48.73 24.29 19.65
N PHE Y 70 48.60 23.08 19.07
CA PHE Y 70 49.56 22.03 19.39
C PHE Y 70 50.97 22.41 18.95
N GLY Y 71 51.11 22.86 17.71
CA GLY Y 71 52.42 23.25 17.21
C GLY Y 71 53.00 24.44 17.95
N LEU Y 72 52.16 25.44 18.24
CA LEU Y 72 52.61 26.61 18.97
C LEU Y 72 53.08 26.24 20.37
N THR Y 73 52.29 25.42 21.09
CA THR Y 73 52.65 25.03 22.45
C THR Y 73 53.93 24.21 22.47
N SER Y 74 54.07 23.25 21.54
CA SER Y 74 55.27 22.42 21.51
C SER Y 74 56.51 23.24 21.19
N CYS Y 75 56.41 24.17 20.22
CA CYS Y 75 57.58 24.96 19.86
C CYS Y 75 57.94 25.96 20.96
N ILE Y 76 56.94 26.55 21.62
CA ILE Y 76 57.20 27.45 22.74
C ILE Y 76 57.86 26.71 23.89
N SER Y 77 57.38 25.50 24.20
CA SER Y 77 57.96 24.73 25.29
C SER Y 77 59.40 24.31 24.98
N ALA Y 78 59.66 23.88 23.74
CA ALA Y 78 61.02 23.51 23.37
C ALA Y 78 61.93 24.74 23.32
N GLN Y 79 61.37 25.91 23.06
CA GLN Y 79 62.18 27.13 23.06
C GLN Y 79 62.53 27.58 24.48
N VAL Y 80 61.55 27.50 25.39
CA VAL Y 80 61.78 27.94 26.77
C VAL Y 80 62.69 26.96 27.49
N ARG Y 81 62.45 25.66 27.32
CA ARG Y 81 63.22 24.66 28.05
C ARG Y 81 64.63 24.48 27.50
N GLU Y 82 64.86 24.88 26.24
CA GLU Y 82 66.13 24.70 25.53
C GLU Y 82 66.51 23.22 25.39
N LYS Y 83 65.52 22.33 25.40
CA LYS Y 83 65.73 20.90 25.21
C LYS Y 83 64.80 20.44 24.09
N PRO Y 84 65.25 20.53 22.84
CA PRO Y 84 64.32 20.33 21.71
C PRO Y 84 63.98 18.87 21.46
N ASP Y 85 64.92 17.95 21.63
CA ASP Y 85 64.70 16.54 21.33
C ASP Y 85 64.18 15.80 22.56
N ASP Y 86 63.04 16.29 23.07
CA ASP Y 86 62.47 15.80 24.30
C ASP Y 86 60.98 15.59 24.12
N PRO Y 87 60.44 14.44 24.53
CA PRO Y 87 58.99 14.21 24.41
C PRO Y 87 58.15 15.01 25.37
N LEU Y 88 58.74 15.67 26.37
CA LEU Y 88 57.95 16.45 27.32
C LEU Y 88 57.25 17.61 26.63
N ASN Y 89 57.95 18.28 25.70
CA ASN Y 89 57.36 19.39 24.96
C ASN Y 89 56.13 18.92 24.19
N TYR Y 90 56.22 17.76 23.56
CA TYR Y 90 55.08 17.23 22.83
C TYR Y 90 53.98 16.75 23.78
N LEU Y 91 54.32 16.35 25.01
CA LEU Y 91 53.29 16.01 25.99
C LEU Y 91 52.46 17.24 26.36
N ILE Y 92 53.13 18.37 26.62
CA ILE Y 92 52.39 19.61 26.90
C ILE Y 92 51.61 20.06 25.67
N GLY Y 93 52.17 19.86 24.47
CA GLY Y 93 51.44 20.19 23.26
C GLY Y 93 50.18 19.36 23.09
N GLY Y 94 50.27 18.07 23.38
CA GLY Y 94 49.11 17.21 23.29
C GLY Y 94 48.04 17.56 24.31
N CYS Y 95 48.46 17.91 25.53
CA CYS Y 95 47.45 18.31 26.53
C CYS Y 95 46.80 19.64 26.17
N ALA Y 96 47.56 20.58 25.60
CA ALA Y 96 46.97 21.83 25.16
C ALA Y 96 45.98 21.60 24.03
N GLY Y 97 46.31 20.69 23.10
CA GLY Y 97 45.36 20.32 22.07
C GLY Y 97 44.10 19.68 22.63
N GLY Y 98 44.27 18.82 23.64
CA GLY Y 98 43.11 18.19 24.25
C GLY Y 98 42.21 19.18 24.96
N LEU Y 99 42.82 20.19 25.60
CA LEU Y 99 42.05 21.27 26.19
C LEU Y 99 41.31 22.05 25.12
N THR Y 100 41.94 22.25 23.95
CA THR Y 100 41.28 22.94 22.85
C THR Y 100 40.09 22.16 22.34
N LEU Y 101 40.24 20.82 22.23
CA LEU Y 101 39.12 19.97 21.81
C LEU Y 101 37.99 20.01 22.83
N GLY Y 102 38.33 20.05 24.12
CA GLY Y 102 37.30 20.18 25.14
C GLY Y 102 36.58 21.52 25.06
N ALA Y 103 37.31 22.59 24.75
CA ALA Y 103 36.67 23.89 24.55
C ALA Y 103 35.80 23.92 23.31
N ARG Y 104 36.20 23.21 22.26
CA ARG Y 104 35.41 23.16 21.03
C ARG Y 104 34.14 22.33 21.22
N THR Y 105 34.21 21.26 22.02
CA THR Y 105 33.05 20.45 22.31
C THR Y 105 32.22 20.97 23.48
N ARG Y 106 32.77 21.90 24.27
CA ARG Y 106 32.15 22.45 25.48
C ARG Y 106 31.79 21.32 26.46
N SER Y 107 32.85 20.69 26.95
CA SER Y 107 32.77 19.67 27.99
C SER Y 107 34.16 19.51 28.60
N TYR Y 108 34.19 19.25 29.90
CA TYR Y 108 35.47 19.09 30.59
C TYR Y 108 35.97 17.66 30.55
N GLY Y 109 35.07 16.67 30.52
CA GLY Y 109 35.51 15.29 30.50
C GLY Y 109 36.20 14.91 29.21
N ILE Y 110 35.65 15.34 28.08
CA ILE Y 110 36.32 15.13 26.79
C ILE Y 110 37.64 15.88 26.75
N GLY Y 111 37.68 17.06 27.35
CA GLY Y 111 38.93 17.81 27.41
C GLY Y 111 40.02 17.10 28.20
N ALA Y 112 39.67 16.56 29.37
CA ALA Y 112 40.65 15.85 30.19
C ALA Y 112 41.11 14.56 29.53
N ALA Y 113 40.16 13.79 28.98
CA ALA Y 113 40.52 12.54 28.32
C ALA Y 113 41.38 12.80 27.08
N ALA Y 114 41.04 13.82 26.30
CA ALA Y 114 41.81 14.14 25.12
C ALA Y 114 43.18 14.69 25.47
N CYS Y 115 43.29 15.48 26.54
CA CYS Y 115 44.59 15.90 27.05
C CYS Y 115 45.47 14.71 27.36
N ALA Y 116 44.96 13.75 28.15
CA ALA Y 116 45.75 12.60 28.53
C ALA Y 116 46.17 11.78 27.32
N TYR Y 117 45.20 11.41 26.48
CA TYR Y 117 45.50 10.47 25.41
C TYR Y 117 46.32 11.13 24.30
N MET Y 118 46.00 12.38 23.94
CA MET Y 118 46.77 13.02 22.89
C MET Y 118 48.15 13.43 23.37
N GLY Y 119 48.32 13.71 24.67
CA GLY Y 119 49.66 13.89 25.19
C GLY Y 119 50.48 12.62 25.12
N LEU Y 120 49.87 11.47 25.47
CA LEU Y 120 50.59 10.21 25.36
C LEU Y 120 50.96 9.90 23.91
N THR Y 121 50.04 10.12 22.98
CA THR Y 121 50.32 9.82 21.57
C THR Y 121 51.37 10.77 21.00
N ALA Y 122 51.32 12.06 21.38
CA ALA Y 122 52.31 13.01 20.88
C ALA Y 122 53.70 12.72 21.43
N ALA Y 123 53.78 12.34 22.72
CA ALA Y 123 55.06 11.93 23.28
C ALA Y 123 55.60 10.70 22.58
N LEU Y 124 54.74 9.71 22.32
CA LEU Y 124 55.16 8.52 21.61
C LEU Y 124 55.61 8.83 20.19
N VAL Y 125 54.97 9.80 19.55
CA VAL Y 125 55.38 10.22 18.20
C VAL Y 125 56.77 10.84 18.24
N LYS Y 126 57.05 11.66 19.26
CA LYS Y 126 58.40 12.21 19.38
C LYS Y 126 59.43 11.13 19.66
N MET Y 127 59.07 10.13 20.47
CA MET Y 127 59.98 9.02 20.72
C MET Y 127 60.26 8.23 19.45
N GLY Y 128 59.22 8.00 18.64
CA GLY Y 128 59.41 7.30 17.38
C GLY Y 128 60.25 8.09 16.38
N GLN Y 129 60.09 9.41 16.39
CA GLN Y 129 60.91 10.25 15.52
C GLN Y 129 62.36 10.25 15.99
N LEU Y 130 62.59 10.14 17.29
CA LEU Y 130 63.95 10.10 17.82
C LEU Y 130 64.63 8.78 17.51
N GLU Y 131 63.93 7.66 17.73
CA GLU Y 131 64.53 6.34 17.61
C GLU Y 131 64.22 5.66 16.29
N GLY Y 132 63.52 6.31 15.38
CA GLY Y 132 63.24 5.73 14.08
C GLY Y 132 62.35 4.52 14.10
N TRP Y 133 61.30 4.54 14.93
CA TRP Y 133 60.34 3.45 14.93
C TRP Y 133 59.54 3.49 13.63
N LYS Y 134 59.29 2.33 13.06
CA LYS Y 134 58.58 2.21 11.80
C LYS Y 134 57.23 1.55 12.02
N VAL Y 135 56.17 2.19 11.55
CA VAL Y 135 54.83 1.60 11.59
C VAL Y 135 54.54 0.80 10.33
N PHE Y 136 54.72 1.42 9.16
CA PHE Y 136 54.63 0.71 7.89
C PHE Y 136 56.05 0.31 7.47
N ALA Y 137 56.61 -0.63 8.22
CA ALA Y 137 57.99 -1.05 8.00
C ALA Y 137 58.09 -1.87 6.73
N GLU Y 138 59.09 -1.54 5.90
CA GLU Y 138 59.36 -2.32 4.70
C GLU Y 138 59.82 -3.72 5.08
N PRO Y 139 59.53 -4.72 4.25
CA PRO Y 139 59.99 -6.07 4.55
C PRO Y 139 61.51 -6.17 4.53
N LYS Y 140 62.05 -6.96 5.45
CA LYS Y 140 63.49 -7.20 5.51
C LYS Y 140 63.84 -8.66 5.27
N VAL Y 141 63.22 -9.57 6.00
CA VAL Y 141 63.50 -10.99 5.81
C VAL Y 141 62.29 -11.65 5.15
N GLY Z 51 20.90 -30.93 96.12
CA GLY Z 51 21.75 -29.80 95.80
C GLY Z 51 21.21 -28.97 94.66
N LYS Z 52 20.08 -29.43 94.11
CA LYS Z 52 19.39 -28.80 92.97
C LYS Z 52 20.33 -28.68 91.77
N ARG Z 53 20.74 -29.84 91.26
CA ARG Z 53 21.59 -29.88 90.09
C ARG Z 53 20.80 -29.41 88.88
N LEU Z 54 21.38 -28.47 88.13
CA LEU Z 54 20.70 -27.82 87.02
C LEU Z 54 21.34 -28.20 85.70
N PHE Z 55 20.50 -28.33 84.68
CA PHE Z 55 20.97 -28.69 83.35
C PHE Z 55 21.67 -27.49 82.73
N ILE Z 56 22.94 -27.65 82.41
CA ILE Z 56 23.72 -26.60 81.75
C ILE Z 56 23.67 -26.88 80.26
N ILE Z 57 23.01 -26.00 79.50
CA ILE Z 57 22.83 -26.20 78.07
C ILE Z 57 24.15 -25.93 77.36
N LYS Z 58 24.58 -26.89 76.55
CA LYS Z 58 25.81 -26.78 75.78
C LYS Z 58 25.55 -27.30 74.37
N PRO Z 59 26.27 -26.77 73.38
CA PRO Z 59 26.18 -27.36 72.04
C PRO Z 59 26.82 -28.75 72.04
N SER Z 60 26.46 -29.54 71.02
CA SER Z 60 26.86 -30.93 70.98
C SER Z 60 28.36 -31.04 70.77
N GLY Z 61 29.07 -31.56 71.77
CA GLY Z 61 30.48 -31.85 71.68
C GLY Z 61 30.79 -33.24 71.19
N PHE Z 62 29.79 -33.94 70.65
CA PHE Z 62 30.03 -35.29 70.13
C PHE Z 62 30.83 -35.25 68.84
N TYR Z 63 30.48 -34.34 67.93
CA TYR Z 63 31.08 -34.35 66.60
C TYR Z 63 32.52 -33.86 66.62
N ASP Z 64 32.81 -32.83 67.42
CA ASP Z 64 34.18 -32.37 67.55
C ASP Z 64 35.07 -33.42 68.20
N LYS Z 65 34.57 -34.09 69.24
CA LYS Z 65 35.36 -35.14 69.89
C LYS Z 65 35.55 -36.34 68.97
N ARG Z 66 34.54 -36.67 68.17
CA ARG Z 66 34.69 -37.74 67.20
C ARG Z 66 35.75 -37.41 66.17
N PHE Z 67 35.75 -36.17 65.68
CA PHE Z 67 36.77 -35.75 64.72
C PHE Z 67 38.17 -35.79 65.33
N LEU Z 68 38.31 -35.33 66.57
CA LEU Z 68 39.61 -35.32 67.22
C LEU Z 68 40.13 -36.74 67.45
N LYS Z 69 39.24 -37.65 67.87
CA LYS Z 69 39.64 -39.03 68.08
C LYS Z 69 40.04 -39.69 66.76
N LEU Z 70 39.30 -39.42 65.69
CA LEU Z 70 39.66 -39.98 64.38
C LEU Z 70 40.99 -39.43 63.90
N LEU Z 71 41.23 -38.13 64.08
CA LEU Z 71 42.50 -37.53 63.67
C LEU Z 71 43.67 -38.13 64.44
N ARG Z 72 43.52 -38.29 65.76
CA ARG Z 72 44.59 -38.87 66.56
C ARG Z 72 44.84 -40.32 66.18
N PHE Z 73 43.78 -41.09 65.96
CA PHE Z 73 43.96 -42.50 65.60
C PHE Z 73 44.60 -42.65 64.25
N TYR Z 74 44.18 -41.87 63.25
CA TYR Z 74 44.74 -42.02 61.92
C TYR Z 74 46.15 -41.47 61.82
N ILE Z 75 46.50 -40.48 62.65
CA ILE Z 75 47.90 -40.05 62.69
C ILE Z 75 48.77 -41.11 63.34
N LEU Z 76 48.32 -41.64 64.49
CA LEU Z 76 49.15 -42.59 65.23
C LEU Z 76 49.27 -43.93 64.52
N LEU Z 77 48.27 -44.29 63.69
CA LEU Z 77 48.26 -45.57 62.99
C LEU Z 77 49.48 -45.76 62.09
N THR Z 78 50.00 -44.68 61.53
CA THR Z 78 51.23 -44.74 60.77
C THR Z 78 52.40 -44.13 61.53
N GLY Z 79 52.15 -43.24 62.50
CA GLY Z 79 53.23 -42.65 63.27
C GLY Z 79 53.96 -43.65 64.16
N ILE Z 80 53.22 -44.53 64.83
CA ILE Z 80 53.85 -45.52 65.72
C ILE Z 80 54.73 -46.51 64.95
N PRO Z 81 54.29 -47.13 63.82
CA PRO Z 81 55.24 -47.96 63.06
C PRO Z 81 56.42 -47.19 62.51
N VAL Z 82 56.22 -45.95 62.09
CA VAL Z 82 57.34 -45.14 61.60
C VAL Z 82 58.33 -44.87 62.71
N VAL Z 83 57.84 -44.55 63.91
CA VAL Z 83 58.73 -44.26 65.03
C VAL Z 83 59.50 -45.50 65.47
N ILE Z 84 58.83 -46.65 65.55
CA ILE Z 84 59.56 -47.85 65.97
C ILE Z 84 60.53 -48.30 64.88
N GLY Z 85 60.20 -48.12 63.60
CA GLY Z 85 61.14 -48.45 62.55
C GLY Z 85 62.34 -47.54 62.55
N ILE Z 86 62.13 -46.25 62.80
CA ILE Z 86 63.22 -45.28 62.87
C ILE Z 86 64.13 -45.60 64.05
N THR Z 87 63.54 -45.96 65.20
CA THR Z 87 64.34 -46.33 66.37
C THR Z 87 65.13 -47.60 66.12
N LEU Z 88 64.53 -48.60 65.47
CA LEU Z 88 65.27 -49.83 65.19
C LEU Z 88 66.37 -49.61 64.17
N ILE Z 89 66.16 -48.69 63.22
CA ILE Z 89 67.21 -48.33 62.28
C ILE Z 89 68.36 -47.64 63.02
N ASN Z 90 68.03 -46.71 63.92
CA ASN Z 90 69.06 -45.93 64.59
C ASN Z 90 69.83 -46.76 65.60
N VAL Z 91 69.20 -47.78 66.19
CA VAL Z 91 69.87 -48.54 67.23
C VAL Z 91 70.73 -49.65 66.63
N PHE Z 92 70.18 -50.40 65.68
CA PHE Z 92 70.83 -51.61 65.20
C PHE Z 92 71.63 -51.40 63.92
N ILE Z 93 71.05 -50.76 62.91
CA ILE Z 93 71.78 -50.51 61.67
C ILE Z 93 72.87 -49.47 61.89
N GLY Z 94 72.54 -48.38 62.59
CA GLY Z 94 73.53 -47.40 62.95
C GLY Z 94 73.86 -46.44 61.82
N GLU Z 95 74.73 -45.50 62.15
CA GLU Z 95 75.15 -44.47 61.22
C GLU Z 95 76.54 -44.76 60.66
N ALA Z 96 76.84 -44.12 59.55
CA ALA Z 96 78.12 -44.32 58.87
C ALA Z 96 79.23 -43.51 59.55
N GLU Z 97 80.46 -43.87 59.23
CA GLU Z 97 81.64 -43.20 59.77
C GLU Z 97 82.37 -42.50 58.64
N LEU Z 98 82.78 -41.25 58.87
CA LEU Z 98 83.51 -40.51 57.86
C LEU Z 98 84.90 -41.13 57.65
N ALA Z 99 85.22 -41.43 56.40
CA ALA Z 99 86.47 -42.08 56.06
C ALA Z 99 87.09 -41.44 54.83
N GLU Z 100 88.41 -41.57 54.72
CA GLU Z 100 89.12 -41.09 53.55
C GLU Z 100 88.81 -41.98 52.35
N ILE Z 101 88.84 -41.36 51.16
CA ILE Z 101 88.56 -42.05 49.91
C ILE Z 101 89.70 -43.02 49.63
N PRO Z 102 89.42 -44.28 49.29
CA PRO Z 102 90.49 -45.22 48.96
C PRO Z 102 91.06 -44.94 47.57
N GLU Z 103 92.23 -45.50 47.32
CA GLU Z 103 92.92 -45.28 46.06
C GLU Z 103 92.28 -46.09 44.95
N GLY Z 104 92.03 -45.45 43.82
CA GLY Z 104 91.46 -46.12 42.67
C GLY Z 104 90.03 -46.60 42.83
N TYR Z 105 89.32 -46.13 43.86
CA TYR Z 105 87.96 -46.57 44.13
C TYR Z 105 87.02 -45.38 43.97
N VAL Z 106 85.96 -45.57 43.22
CA VAL Z 106 84.90 -44.58 43.05
C VAL Z 106 83.65 -45.07 43.77
N PRO Z 107 83.03 -44.26 44.61
CA PRO Z 107 81.81 -44.70 45.30
C PRO Z 107 80.59 -44.53 44.40
N GLU Z 108 79.50 -45.13 44.84
CA GLU Z 108 78.21 -44.88 44.23
C GLU Z 108 77.70 -43.51 44.65
N HIS Z 109 76.68 -43.02 43.96
CA HIS Z 109 76.18 -41.68 44.25
C HIS Z 109 75.43 -41.59 45.56
N TRP Z 110 75.04 -42.72 46.14
CA TRP Z 110 74.30 -42.72 47.40
C TRP Z 110 75.19 -43.01 48.60
N GLU Z 111 76.48 -43.19 48.41
CA GLU Z 111 77.38 -43.55 49.50
C GLU Z 111 77.98 -42.35 50.20
N TYR Z 112 77.62 -41.13 49.79
CA TYR Z 112 78.16 -39.92 50.40
C TYR Z 112 77.31 -39.39 51.53
N PHE Z 113 76.30 -40.13 51.97
CA PHE Z 113 75.33 -39.64 52.95
C PHE Z 113 75.42 -40.45 54.23
N LYS Z 114 75.01 -39.82 55.33
CA LYS Z 114 75.25 -40.36 56.67
C LYS Z 114 74.20 -41.40 57.06
N HIS Z 115 72.94 -40.98 57.15
CA HIS Z 115 71.90 -41.83 57.72
C HIS Z 115 71.52 -42.95 56.75
N PRO Z 116 71.10 -44.11 57.27
CA PRO Z 116 70.60 -45.17 56.38
C PRO Z 116 69.39 -44.76 55.56
N ILE Z 117 68.47 -43.99 56.14
CA ILE Z 117 67.25 -43.64 55.42
C ILE Z 117 67.54 -42.65 54.29
N SER Z 118 68.44 -41.70 54.53
CA SER Z 118 68.84 -40.79 53.47
C SER Z 118 69.58 -41.52 52.37
N ARG Z 119 70.41 -42.49 52.74
CA ARG Z 119 71.09 -43.32 51.74
C ARG Z 119 70.09 -44.12 50.92
N TRP Z 120 69.07 -44.67 51.56
CA TRP Z 120 68.05 -45.43 50.83
C TRP Z 120 67.23 -44.53 49.91
N ILE Z 121 66.91 -43.32 50.38
CA ILE Z 121 66.15 -42.37 49.56
C ILE Z 121 66.96 -41.96 48.33
N ALA Z 122 68.24 -41.66 48.52
CA ALA Z 122 69.08 -41.27 47.39
C ALA Z 122 69.38 -42.44 46.46
N ARG Z 123 69.45 -43.66 47.00
CA ARG Z 123 69.72 -44.81 46.17
C ARG Z 123 68.50 -45.21 45.33
N THR Z 124 67.32 -45.15 45.92
CA THR Z 124 66.12 -45.64 45.25
C THR Z 124 65.53 -44.60 44.30
N PHE Z 125 65.18 -43.43 44.83
CA PHE Z 125 64.42 -42.46 44.06
C PHE Z 125 65.30 -41.47 43.32
N PHE Z 126 66.21 -40.80 44.02
CA PHE Z 126 66.86 -39.62 43.48
C PHE Z 126 67.95 -39.99 42.49
N ASP Z 127 68.08 -39.18 41.44
CA ASP Z 127 69.08 -39.40 40.41
C ASP Z 127 70.46 -38.94 40.89
N ALA Z 128 71.48 -39.45 40.23
CA ALA Z 128 72.84 -39.08 40.56
C ALA Z 128 73.11 -37.64 40.15
N PRO Z 129 73.97 -36.93 40.88
CA PRO Z 129 74.36 -35.58 40.42
C PRO Z 129 75.10 -35.58 39.09
N GLU Z 130 75.86 -36.64 38.81
CA GLU Z 130 76.56 -36.74 37.53
C GLU Z 130 75.58 -36.88 36.38
N LYS Z 131 74.50 -37.65 36.58
CA LYS Z 131 73.50 -37.82 35.54
C LYS Z 131 72.83 -36.50 35.22
N ASN Z 132 72.46 -35.72 36.24
CA ASN Z 132 71.86 -34.41 36.00
C ASN Z 132 72.85 -33.44 35.35
N TYR Z 133 74.12 -33.52 35.75
CA TYR Z 133 75.16 -32.68 35.17
C TYR Z 133 75.30 -32.91 33.67
N GLU Z 134 75.47 -34.17 33.28
CA GLU Z 134 75.69 -34.46 31.87
C GLU Z 134 74.40 -34.33 31.05
N ARG Z 135 73.25 -34.58 31.66
CA ARG Z 135 71.98 -34.31 31.01
C ARG Z 135 71.83 -32.82 30.72
N THR Z 136 72.21 -31.96 31.68
CA THR Z 136 72.16 -30.53 31.48
C THR Z 136 73.11 -30.08 30.38
N MET Z 137 74.30 -30.68 30.33
CA MET Z 137 75.26 -30.30 29.29
C MET Z 137 74.73 -30.66 27.91
N ALA Z 138 74.13 -31.85 27.77
CA ALA Z 138 73.53 -32.24 26.50
C ALA Z 138 72.39 -31.31 26.09
N ILE Z 139 71.55 -30.94 27.05
CA ILE Z 139 70.46 -30.02 26.79
C ILE Z 139 70.98 -28.67 26.30
N LEU Z 140 72.00 -28.14 26.99
CA LEU Z 140 72.55 -26.84 26.65
C LEU Z 140 73.19 -26.85 25.27
N GLN Z 141 73.87 -27.95 24.92
CA GLN Z 141 74.46 -28.05 23.59
C GLN Z 141 73.39 -28.05 22.50
N ILE Z 142 72.31 -28.80 22.72
CA ILE Z 142 71.23 -28.86 21.73
C ILE Z 142 70.59 -27.50 21.53
N GLU Z 143 70.31 -26.79 22.62
CA GLU Z 143 69.65 -25.50 22.50
C GLU Z 143 70.57 -24.43 21.91
N SER Z 144 71.87 -24.47 22.22
CA SER Z 144 72.79 -23.52 21.61
C SER Z 144 72.90 -23.74 20.10
N GLU Z 145 72.94 -25.01 19.67
CA GLU Z 145 72.96 -25.29 18.25
C GLU Z 145 71.70 -24.79 17.56
N LYS Z 146 70.53 -25.01 18.18
CA LYS Z 146 69.28 -24.55 17.59
C LYS Z 146 69.23 -23.02 17.51
N ALA Z 147 69.71 -22.33 18.54
CA ALA Z 147 69.70 -20.87 18.53
C ALA Z 147 70.62 -20.31 17.46
N GLU Z 148 71.81 -20.88 17.30
CA GLU Z 148 72.70 -20.40 16.25
C GLU Z 148 72.13 -20.67 14.87
N LEU Z 149 71.44 -21.80 14.71
CA LEU Z 149 70.80 -22.09 13.43
C LEU Z 149 69.65 -21.11 13.14
N ARG Z 150 68.91 -20.71 14.17
CA ARG Z 150 67.83 -19.73 13.98
C ARG Z 150 68.39 -18.38 13.55
N LEU Z 151 69.48 -17.94 14.18
CA LEU Z 151 70.08 -16.67 13.80
C LEU Z 151 70.63 -16.73 12.37
N LYS Z 152 71.24 -17.86 12.00
CA LYS Z 152 71.70 -18.05 10.63
C LYS Z 152 70.55 -18.02 9.64
N GLU Z 153 69.40 -18.60 10.01
CA GLU Z 153 68.24 -18.59 9.13
C GLU Z 153 67.74 -17.17 8.90
N LEU Z 154 67.69 -16.37 9.96
CA LEU Z 154 67.25 -14.97 9.82
C LEU Z 154 68.19 -14.17 8.91
N GLU Z 155 69.50 -14.32 9.12
CA GLU Z 155 70.44 -13.56 8.28
C GLU Z 155 70.43 -14.05 6.83
N VAL Z 156 70.26 -15.36 6.63
CA VAL Z 156 70.17 -15.91 5.28
C VAL Z 156 68.94 -15.37 4.57
N ARG Z 157 67.80 -15.32 5.28
CA ARG Z 157 66.57 -14.80 4.68
C ARG Z 157 66.73 -13.35 4.28
N ARG Z 158 67.35 -12.54 5.15
CA ARG Z 158 67.55 -11.13 4.84
C ARG Z 158 68.44 -10.95 3.61
N LEU Z 159 69.54 -11.68 3.54
CA LEU Z 159 70.46 -11.51 2.42
C LEU Z 159 69.86 -12.03 1.11
N MET Z 160 69.11 -13.14 1.18
CA MET Z 160 68.45 -13.70 0.02
C MET Z 160 67.39 -12.77 -0.53
N ARG Z 161 66.62 -12.14 0.37
CA ARG Z 161 65.61 -11.19 -0.08
C ARG Z 161 66.25 -9.94 -0.66
N ALA Z 162 67.36 -9.47 -0.07
CA ALA Z 162 67.99 -8.26 -0.56
C ALA Z 162 68.62 -8.48 -1.94
N LYS Z 163 69.37 -9.55 -2.12
CA LYS Z 163 70.11 -9.76 -3.36
C LYS Z 163 69.33 -10.54 -4.40
N GLY Z 164 68.53 -11.52 -3.99
CA GLY Z 164 67.67 -12.24 -4.91
C GLY Z 164 68.28 -13.43 -5.62
N ASP Z 165 69.52 -13.79 -5.30
CA ASP Z 165 70.22 -14.82 -6.06
C ASP Z 165 69.98 -16.24 -5.57
N GLY Z 166 69.46 -16.42 -4.36
CA GLY Z 166 69.25 -17.75 -3.84
C GLY Z 166 67.98 -18.38 -4.37
N PRO Z 167 67.78 -19.65 -4.01
CA PRO Z 167 66.53 -20.33 -4.41
C PRO Z 167 65.28 -19.75 -3.78
N TRP Z 168 65.39 -18.98 -2.71
CA TRP Z 168 64.19 -18.39 -2.11
C TRP Z 168 63.90 -17.04 -2.73
N PHE Z 169 62.64 -16.62 -2.61
CA PHE Z 169 62.12 -15.34 -3.13
C PHE Z 169 62.32 -15.22 -4.63
N GLN Z 170 62.17 -16.34 -5.34
CA GLN Z 170 62.36 -16.38 -6.78
C GLN Z 170 60.98 -16.27 -7.44
N TYR Z 171 60.54 -15.03 -7.61
CA TYR Z 171 59.28 -14.77 -8.28
C TYR Z 171 59.41 -15.10 -9.76
N PRO Z 172 58.45 -15.81 -10.35
CA PRO Z 172 58.62 -16.28 -11.73
C PRO Z 172 58.45 -15.16 -12.73
N THR Z 173 59.14 -15.32 -13.86
CA THR Z 173 59.01 -14.45 -15.00
C THR Z 173 58.50 -15.26 -16.18
N ILE Z 174 58.48 -14.63 -17.35
CA ILE Z 174 57.92 -15.27 -18.54
C ILE Z 174 58.91 -16.29 -19.07
N ASP Z 175 58.42 -17.49 -19.33
CA ASP Z 175 59.25 -18.55 -19.90
C ASP Z 175 59.56 -18.18 -21.36
N LYS Z 176 60.68 -18.68 -21.87
CA LYS Z 176 61.11 -18.37 -23.23
C LYS Z 176 60.82 -19.49 -24.22
N ALA Z 177 60.09 -20.52 -23.81
CA ALA Z 177 59.64 -21.53 -24.77
C ALA Z 177 58.38 -21.11 -25.52
N LEU Z 178 57.80 -19.97 -25.16
CA LEU Z 178 56.61 -19.46 -25.83
C LEU Z 178 56.95 -18.52 -26.97
N ILE Z 179 58.19 -18.52 -27.44
CA ILE Z 179 58.64 -17.60 -28.49
C ILE Z 179 58.64 -18.34 -29.82
N ASP Z 180 58.02 -17.73 -30.82
CA ASP Z 180 57.99 -18.27 -32.18
C ASP Z 180 59.24 -17.83 -32.92
N HIS Z 181 60.10 -18.79 -33.26
CA HIS Z 181 61.38 -18.51 -33.90
C HIS Z 181 61.37 -18.77 -35.41
N SER Z 182 60.20 -19.02 -35.99
CA SER Z 182 60.11 -19.21 -37.43
C SER Z 182 60.29 -17.88 -38.16
N PRO Z 183 60.67 -17.91 -39.44
CA PRO Z 183 60.69 -16.67 -40.23
C PRO Z 183 59.28 -16.14 -40.45
N LYS Z 184 59.05 -14.89 -40.03
CA LYS Z 184 57.73 -14.31 -40.11
C LYS Z 184 57.50 -13.73 -41.51
N ALA Z 185 56.35 -13.08 -41.69
CA ALA Z 185 55.98 -12.55 -42.99
C ALA Z 185 56.59 -11.17 -43.27
N THR Z 186 57.29 -10.59 -42.30
CA THR Z 186 57.94 -9.30 -42.46
C THR Z 186 59.37 -9.43 -41.95
N PRO Z 187 60.37 -8.98 -42.70
CA PRO Z 187 61.76 -9.23 -42.28
C PRO Z 187 62.21 -8.41 -41.08
N ASP Z 188 61.72 -7.18 -40.89
CA ASP Z 188 62.27 -6.29 -39.88
C ASP Z 188 61.65 -6.61 -38.52
N ASN Z 189 62.12 -7.70 -37.93
CA ASN Z 189 61.67 -8.10 -36.60
C ASN Z 189 62.73 -8.92 -35.89
N ASP AA 71 30.22 -18.96 96.38
CA ASP AA 71 29.62 -17.68 96.73
C ASP AA 71 28.15 -17.62 96.32
N ALA AA 72 27.51 -16.49 96.61
CA ALA AA 72 26.14 -16.12 96.23
C ALA AA 72 25.12 -17.20 96.57
N PRO AA 73 24.75 -17.35 97.85
CA PRO AA 73 23.72 -18.33 98.22
C PRO AA 73 22.39 -17.99 97.58
N PRO AA 74 21.69 -18.99 97.02
CA PRO AA 74 20.49 -18.70 96.23
C PRO AA 74 19.35 -18.17 97.08
N LEU AA 75 18.50 -17.38 96.44
CA LEU AA 75 17.37 -16.75 97.09
C LEU AA 75 16.09 -17.54 96.83
N THR AA 76 15.17 -17.46 97.77
CA THR AA 76 13.83 -18.01 97.63
C THR AA 76 12.82 -16.88 97.75
N LEU AA 77 11.55 -17.18 97.46
CA LEU AA 77 10.50 -16.16 97.49
C LEU AA 77 10.29 -15.62 98.89
N GLU AA 78 10.27 -16.49 99.90
CA GLU AA 78 10.11 -16.01 101.26
C GLU AA 78 11.32 -15.20 101.72
N GLY AA 79 12.51 -15.49 101.18
CA GLY AA 79 13.67 -14.70 101.53
C GLY AA 79 13.60 -13.28 101.03
N ILE AA 80 13.30 -13.11 99.74
CA ILE AA 80 13.21 -11.75 99.19
C ILE AA 80 11.99 -11.03 99.75
N LYS AA 81 10.90 -11.77 100.04
CA LYS AA 81 9.73 -11.17 100.69
C LYS AA 81 10.08 -10.66 102.08
N ASP AA 82 10.82 -11.46 102.86
CA ASP AA 82 11.21 -11.06 104.19
C ASP AA 82 12.15 -9.86 104.15
N ARG AA 83 13.05 -9.82 103.17
CA ARG AA 83 13.98 -8.70 103.08
C ARG AA 83 13.28 -7.41 102.65
N VAL AA 84 12.35 -7.48 101.69
CA VAL AA 84 11.63 -6.28 101.27
C VAL AA 84 10.70 -5.79 102.38
N LEU AA 85 10.08 -6.70 103.13
CA LEU AA 85 9.26 -6.29 104.25
C LEU AA 85 10.11 -5.71 105.37
N TYR AA 86 11.33 -6.24 105.56
CA TYR AA 86 12.25 -5.70 106.56
C TYR AA 86 12.62 -4.25 106.24
N VAL AA 87 12.99 -3.98 104.99
CA VAL AA 87 13.40 -2.63 104.63
C VAL AA 87 12.22 -1.68 104.67
N LEU AA 88 11.04 -2.14 104.27
CA LEU AA 88 9.87 -1.28 104.38
C LEU AA 88 9.47 -1.04 105.84
N LYS AA 89 9.73 -2.00 106.72
CA LYS AA 89 9.49 -1.81 108.15
C LYS AA 89 10.50 -0.88 108.77
N LEU AA 90 11.70 -0.76 108.19
CA LEU AA 90 12.73 0.14 108.69
C LEU AA 90 12.59 1.56 108.15
N TYR AA 91 11.40 1.94 107.69
CA TYR AA 91 11.14 3.24 107.10
C TYR AA 91 10.26 4.05 108.05
N ASP AA 92 10.68 5.28 108.34
CA ASP AA 92 9.99 6.08 109.35
C ASP AA 92 8.64 6.58 108.87
N LYS AA 93 8.48 6.78 107.56
CA LYS AA 93 7.22 7.28 107.02
C LYS AA 93 6.17 6.19 106.87
N ILE AA 94 6.51 4.93 107.14
CA ILE AA 94 5.60 3.81 106.99
C ILE AA 94 5.43 3.15 108.35
N ASP AA 95 4.20 3.05 108.81
CA ASP AA 95 3.92 2.33 110.05
C ASP AA 95 3.88 0.83 109.76
N PRO AA 96 4.68 0.02 110.45
CA PRO AA 96 4.74 -1.41 110.12
C PRO AA 96 3.48 -2.18 110.50
N GLU AA 97 2.60 -1.62 111.34
CA GLU AA 97 1.39 -2.33 111.72
C GLU AA 97 0.34 -2.36 110.62
N LYS AA 98 0.43 -1.45 109.66
CA LYS AA 98 -0.45 -1.44 108.49
C LYS AA 98 0.21 -2.02 107.26
N LEU AA 99 1.37 -2.65 107.41
CA LEU AA 99 2.12 -3.16 106.27
C LEU AA 99 1.64 -4.55 105.89
N SER AA 100 1.28 -4.72 104.63
CA SER AA 100 0.97 -6.02 104.06
C SER AA 100 1.73 -6.15 102.75
N VAL AA 101 1.84 -7.39 102.26
CA VAL AA 101 2.58 -7.63 101.02
C VAL AA 101 1.87 -7.08 99.80
N ASN AA 102 0.61 -6.67 99.92
CA ASN AA 102 -0.13 -6.07 98.82
C ASN AA 102 -0.69 -4.72 99.20
N SER AA 103 -0.02 -4.00 100.09
CA SER AA 103 -0.45 -2.65 100.45
C SER AA 103 0.12 -1.66 99.44
N HIS AA 104 -0.78 -0.95 98.75
CA HIS AA 104 -0.37 0.00 97.74
C HIS AA 104 0.27 1.22 98.39
N PHE AA 105 1.34 1.73 97.77
CA PHE AA 105 2.04 2.88 98.32
C PHE AA 105 1.24 4.16 98.13
N MET AA 106 0.68 4.35 96.93
CA MET AA 106 0.07 5.63 96.59
C MET AA 106 -1.31 5.83 97.20
N LYS AA 107 -2.07 4.75 97.38
CA LYS AA 107 -3.45 4.89 97.85
C LYS AA 107 -3.73 4.23 99.19
N ASP AA 108 -2.94 3.25 99.62
CA ASP AA 108 -3.17 2.58 100.88
C ASP AA 108 -2.20 3.00 101.97
N LEU AA 109 -1.22 3.84 101.65
CA LEU AA 109 -0.18 4.20 102.60
C LEU AA 109 0.12 5.68 102.68
N GLY AA 110 -0.46 6.49 101.80
CA GLY AA 110 -0.33 7.93 101.90
C GLY AA 110 1.07 8.47 101.68
N LEU AA 111 1.78 7.95 100.70
CA LEU AA 111 3.09 8.45 100.35
C LEU AA 111 2.97 9.39 99.15
N ASP AA 112 4.10 9.81 98.61
CA ASP AA 112 4.18 10.49 97.33
C ASP AA 112 5.16 9.74 96.45
N SER AA 113 5.26 10.19 95.19
CA SER AA 113 6.10 9.50 94.21
C SER AA 113 7.58 9.58 94.56
N LEU AA 114 7.99 10.65 95.25
CA LEU AA 114 9.37 10.77 95.71
C LEU AA 114 9.72 9.67 96.71
N ASP AA 115 8.80 9.36 97.62
CA ASP AA 115 9.04 8.27 98.56
C ASP AA 115 9.12 6.94 97.86
N GLN AA 116 8.31 6.74 96.81
CA GLN AA 116 8.41 5.52 96.01
C GLN AA 116 9.76 5.42 95.31
N VAL AA 117 10.27 6.55 94.82
CA VAL AA 117 11.61 6.57 94.22
C VAL AA 117 12.66 6.18 95.24
N GLU AA 118 12.57 6.73 96.46
CA GLU AA 118 13.53 6.42 97.50
C GLU AA 118 13.45 4.95 97.92
N ILE AA 119 12.23 4.41 97.95
CA ILE AA 119 12.04 2.99 98.28
C ILE AA 119 12.69 2.11 97.23
N ILE AA 120 12.52 2.46 95.95
CA ILE AA 120 13.15 1.68 94.88
C ILE AA 120 14.67 1.73 94.97
N MET AA 121 15.23 2.91 95.28
CA MET AA 121 16.67 2.99 95.52
C MET AA 121 17.10 2.14 96.71
N ALA AA 122 16.25 2.07 97.75
CA ALA AA 122 16.57 1.25 98.92
C ALA AA 122 16.66 -0.23 98.55
N MET AA 123 15.71 -0.72 97.77
CA MET AA 123 15.79 -2.12 97.35
C MET AA 123 16.94 -2.36 96.38
N GLU AA 124 17.27 -1.34 95.57
CA GLU AA 124 18.41 -1.43 94.67
C GLU AA 124 19.71 -1.61 95.44
N ASP AA 125 19.95 -0.76 96.44
CA ASP AA 125 21.19 -0.93 97.21
C ASP AA 125 21.12 -2.08 98.20
N GLU AA 126 19.94 -2.63 98.47
CA GLU AA 126 19.90 -3.91 99.14
C GLU AA 126 20.42 -5.03 98.26
N PHE AA 127 19.75 -5.27 97.14
CA PHE AA 127 19.98 -6.49 96.38
C PHE AA 127 21.07 -6.37 95.34
N GLY AA 128 21.73 -5.22 95.24
CA GLY AA 128 22.90 -5.09 94.41
C GLY AA 128 22.66 -5.00 92.92
N PHE AA 129 21.41 -4.87 92.49
CA PHE AA 129 21.10 -4.71 91.08
C PHE AA 129 20.15 -3.54 90.91
N GLU AA 130 20.25 -2.88 89.76
CA GLU AA 130 19.49 -1.66 89.51
C GLU AA 130 18.20 -1.98 88.78
N ILE AA 131 17.08 -1.51 89.33
CA ILE AA 131 15.81 -1.55 88.62
C ILE AA 131 15.77 -0.35 87.69
N PRO AA 132 15.62 -0.53 86.38
CA PRO AA 132 15.55 0.62 85.48
C PRO AA 132 14.30 1.43 85.72
N ASP AA 133 14.37 2.71 85.36
CA ASP AA 133 13.31 3.65 85.71
C ASP AA 133 11.98 3.31 85.04
N ILE AA 134 12.02 2.78 83.81
CA ILE AA 134 10.78 2.44 83.15
C ILE AA 134 10.15 1.18 83.73
N ASP AA 135 10.89 0.39 84.51
CA ASP AA 135 10.30 -0.61 85.38
C ASP AA 135 10.16 -0.15 86.82
N ALA AA 136 10.91 0.86 87.24
CA ALA AA 136 10.83 1.33 88.61
C ALA AA 136 9.59 2.18 88.87
N GLU AA 137 9.12 2.91 87.85
CA GLU AA 137 7.93 3.73 88.02
C GLU AA 137 6.68 2.89 88.21
N LYS AA 138 6.68 1.66 87.69
CA LYS AA 138 5.49 0.82 87.68
C LYS AA 138 5.37 -0.08 88.89
N LEU AA 139 6.27 0.02 89.87
CA LEU AA 139 6.23 -0.80 91.07
C LEU AA 139 5.58 0.01 92.19
N MET AA 140 4.40 -0.45 92.65
CA MET AA 140 3.63 0.29 93.63
C MET AA 140 3.23 -0.50 94.87
N CYS AA 141 3.46 -1.80 94.91
CA CYS AA 141 3.18 -2.61 96.08
C CYS AA 141 4.33 -3.57 96.29
N PRO AA 142 4.52 -4.07 97.52
CA PRO AA 142 5.63 -5.01 97.76
C PRO AA 142 5.56 -6.30 96.95
N GLN AA 143 4.36 -6.75 96.58
CA GLN AA 143 4.25 -7.96 95.76
C GLN AA 143 4.87 -7.74 94.38
N GLU AA 144 4.73 -6.55 93.82
CA GLU AA 144 5.33 -6.26 92.52
C GLU AA 144 6.85 -6.26 92.61
N ILE AA 145 7.40 -5.74 93.71
CA ILE AA 145 8.85 -5.76 93.91
C ILE AA 145 9.36 -7.19 94.08
N VAL AA 146 8.61 -8.01 94.83
CA VAL AA 146 8.97 -9.42 94.99
C VAL AA 146 8.97 -10.12 93.64
N ASP AA 147 7.95 -9.87 92.83
CA ASP AA 147 7.87 -10.50 91.51
C ASP AA 147 8.99 -10.03 90.59
N TYR AA 148 9.35 -8.74 90.66
CA TYR AA 148 10.44 -8.23 89.84
C TYR AA 148 11.78 -8.85 90.22
N ILE AA 149 12.08 -8.94 91.51
CA ILE AA 149 13.32 -9.59 91.92
C ILE AA 149 13.28 -11.08 91.58
N ALA AA 150 12.09 -11.69 91.66
CA ALA AA 150 11.94 -13.11 91.36
C ALA AA 150 12.25 -13.42 89.90
N ASP AA 151 11.66 -12.66 88.97
CA ASP AA 151 11.94 -12.96 87.58
C ASP AA 151 13.21 -12.31 87.06
N LYS AA 152 13.85 -11.45 87.85
CA LYS AA 152 15.17 -10.94 87.47
C LYS AA 152 16.30 -11.81 88.00
N LYS AA 153 16.08 -12.60 89.04
CA LYS AA 153 17.10 -13.49 89.56
C LYS AA 153 16.80 -14.97 89.37
N ASP AA 154 15.69 -15.30 88.69
CA ASP AA 154 15.35 -16.66 88.27
C ASP AA 154 15.21 -17.63 89.44
N VAL AA 155 14.39 -17.26 90.42
CA VAL AA 155 14.15 -18.09 91.58
C VAL AA 155 13.02 -19.07 91.27
N TYR AA 156 12.84 -20.07 92.15
CA TYR AA 156 11.91 -21.19 91.97
C TYR AA 156 12.21 -21.96 90.69
N GLU AA 157 13.40 -22.53 90.67
CA GLU AA 157 13.81 -23.44 89.61
C GLU AA 157 13.45 -24.86 90.05
N PRO BA 1 71.25 8.12 -26.43
CA PRO BA 1 72.03 6.93 -26.77
C PRO BA 1 72.95 7.13 -27.97
N GLY BA 2 72.80 6.28 -28.98
CA GLY BA 2 73.66 6.33 -30.16
C GLY BA 2 73.01 7.07 -31.30
N ILE BA 3 73.84 7.73 -32.10
CA ILE BA 3 73.35 8.41 -33.30
C ILE BA 3 73.02 7.37 -34.35
N VAL BA 4 71.80 7.42 -34.87
CA VAL BA 4 71.33 6.38 -35.79
C VAL BA 4 72.03 6.55 -37.15
N GLU BA 5 72.29 5.43 -37.80
CA GLU BA 5 73.08 5.40 -39.02
C GLU BA 5 72.17 5.36 -40.23
N LEU BA 6 72.62 5.97 -41.32
CA LEU BA 6 71.81 6.09 -42.52
C LEU BA 6 72.68 6.32 -43.74
N PRO BA 7 72.53 5.52 -44.79
CA PRO BA 7 73.35 5.72 -46.00
C PRO BA 7 73.01 7.00 -46.72
N SER BA 8 74.01 7.55 -47.41
CA SER BA 8 73.82 8.80 -48.13
C SER BA 8 72.94 8.60 -49.35
N LEU BA 9 72.45 9.72 -49.90
CA LEU BA 9 71.51 9.66 -51.01
C LEU BA 9 72.15 9.18 -52.30
N GLU BA 10 73.48 9.23 -52.40
CA GLU BA 10 74.14 8.70 -53.58
C GLU BA 10 74.17 7.18 -53.55
N ASP BA 11 74.11 6.58 -52.37
CA ASP BA 11 74.06 5.13 -52.26
C ASP BA 11 72.69 4.56 -52.57
N LEU BA 12 71.64 5.38 -52.51
CA LEU BA 12 70.28 4.91 -52.75
C LEU BA 12 69.81 5.14 -54.19
N LYS BA 13 70.58 5.84 -55.01
CA LYS BA 13 70.13 6.14 -56.36
C LYS BA 13 70.27 4.93 -57.26
N VAL BA 14 69.26 4.71 -58.10
CA VAL BA 14 69.22 3.55 -58.99
C VAL BA 14 68.25 3.87 -60.12
N GLN BA 15 68.46 3.23 -61.26
CA GLN BA 15 67.47 3.29 -62.33
C GLN BA 15 66.23 2.50 -61.92
N GLU BA 16 65.06 3.07 -62.17
CA GLU BA 16 63.80 2.54 -61.66
C GLU BA 16 63.08 1.77 -62.75
N VAL BA 17 62.43 0.67 -62.37
CA VAL BA 17 61.54 -0.03 -63.29
C VAL BA 17 60.21 0.70 -63.29
N LYS BA 18 60.07 1.65 -64.21
CA LYS BA 18 58.92 2.56 -64.21
C LYS BA 18 57.81 1.98 -65.10
N VAL BA 19 57.04 1.06 -64.51
CA VAL BA 19 55.88 0.49 -65.17
C VAL BA 19 54.73 0.45 -64.18
N SER BA 20 53.52 0.34 -64.72
CA SER BA 20 52.33 0.26 -63.87
C SER BA 20 52.23 -1.13 -63.24
N SER BA 21 51.27 -1.27 -62.32
CA SER BA 21 51.07 -2.54 -61.65
C SER BA 21 50.48 -3.58 -62.57
N SER BA 22 49.80 -3.17 -63.64
CA SER BA 22 49.28 -4.13 -64.60
C SER BA 22 50.40 -4.77 -65.41
N VAL BA 23 51.45 -4.02 -65.70
CA VAL BA 23 52.61 -4.59 -66.39
C VAL BA 23 53.30 -5.63 -65.52
N LEU BA 24 53.41 -5.35 -64.22
CA LEU BA 24 53.99 -6.32 -63.30
C LEU BA 24 53.09 -7.55 -63.14
N LYS BA 25 51.78 -7.34 -63.04
CA LYS BA 25 50.85 -8.45 -62.80
C LYS BA 25 50.72 -9.33 -64.03
N ALA BA 26 50.77 -8.75 -65.22
CA ALA BA 26 50.65 -9.53 -66.45
C ALA BA 26 51.83 -10.48 -66.63
N ALA BA 27 53.05 -9.95 -66.48
CA ALA BA 27 54.26 -10.74 -66.64
C ALA BA 27 54.83 -11.20 -65.29
N ALA BA 28 53.96 -11.49 -64.32
CA ALA BA 28 54.43 -11.87 -62.99
C ALA BA 28 55.06 -13.26 -63.00
N HIS BA 29 54.43 -14.21 -63.70
CA HIS BA 29 54.92 -15.58 -63.66
C HIS BA 29 56.22 -15.73 -64.43
N HIS BA 30 56.36 -15.04 -65.57
CA HIS BA 30 57.61 -15.08 -66.30
C HIS BA 30 58.74 -14.42 -65.54
N TYR BA 31 58.44 -13.30 -64.86
CA TYR BA 31 59.44 -12.64 -64.02
C TYR BA 31 59.86 -13.53 -62.86
N GLY BA 32 58.91 -14.21 -62.24
CA GLY BA 32 59.24 -15.10 -61.14
C GLY BA 32 60.05 -16.30 -61.59
N ALA BA 33 59.76 -16.83 -62.77
CA ALA BA 33 60.48 -18.00 -63.26
C ALA BA 33 61.87 -17.66 -63.77
N GLN BA 34 62.03 -16.52 -64.45
CA GLN BA 34 63.30 -16.24 -65.10
C GLN BA 34 64.32 -15.64 -64.14
N CYS BA 35 63.90 -14.74 -63.27
CA CYS BA 35 64.81 -13.97 -62.42
C CYS BA 35 64.82 -14.48 -60.98
N ASP BA 36 64.80 -15.81 -60.79
CA ASP BA 36 64.66 -16.33 -59.44
C ASP BA 36 65.92 -16.11 -58.60
N LYS BA 37 67.11 -16.08 -59.22
CA LYS BA 37 68.33 -16.13 -58.42
C LYS BA 37 68.64 -14.82 -57.70
N PRO BA 38 68.69 -13.64 -58.36
CA PRO BA 38 68.94 -12.42 -57.56
C PRO BA 38 67.78 -12.05 -56.65
N ASN BA 39 66.53 -12.35 -57.07
CA ASN BA 39 65.38 -12.11 -56.19
C ASN BA 39 65.48 -12.95 -54.93
N LYS BA 40 65.82 -14.23 -55.06
CA LYS BA 40 65.89 -15.10 -53.90
C LYS BA 40 67.11 -14.80 -53.05
N GLU BA 41 68.23 -14.38 -53.66
CA GLU BA 41 69.37 -13.94 -52.87
C GLU BA 41 69.03 -12.71 -52.03
N PHE BA 42 68.34 -11.75 -52.65
CA PHE BA 42 67.92 -10.55 -51.93
C PHE BA 42 66.94 -10.89 -50.82
N MET BA 43 66.00 -11.80 -51.09
CA MET BA 43 65.03 -12.19 -50.07
C MET BA 43 65.68 -12.92 -48.91
N LEU BA 44 66.62 -13.82 -49.21
CA LEU BA 44 67.34 -14.54 -48.16
C LEU BA 44 68.14 -13.58 -47.29
N CYS BA 45 68.86 -12.64 -47.90
CA CYS BA 45 69.64 -11.70 -47.12
C CYS BA 45 68.75 -10.77 -46.31
N ARG BA 46 67.67 -10.27 -46.91
CA ARG BA 46 66.76 -9.36 -46.24
C ARG BA 46 66.05 -10.03 -45.07
N TRP BA 47 65.71 -11.31 -45.20
CA TRP BA 47 65.16 -12.03 -44.07
C TRP BA 47 66.21 -12.45 -43.06
N GLU BA 48 67.47 -12.52 -43.46
CA GLU BA 48 68.50 -13.02 -42.56
C GLU BA 48 69.02 -11.93 -41.63
N GLU BA 49 69.47 -10.80 -42.19
CA GLU BA 49 70.10 -9.81 -41.31
C GLU BA 49 69.15 -8.75 -40.79
N LYS BA 50 67.90 -8.72 -41.27
CA LYS BA 50 66.84 -7.84 -40.76
C LYS BA 50 67.24 -6.36 -40.80
N ASP BA 51 67.88 -5.95 -41.88
CA ASP BA 51 68.34 -4.57 -41.97
C ASP BA 51 68.31 -4.09 -43.41
N PRO BA 52 67.60 -3.01 -43.71
CA PRO BA 52 67.60 -2.48 -45.08
C PRO BA 52 68.82 -1.65 -45.41
N ARG BA 53 69.58 -1.19 -44.42
CA ARG BA 53 70.80 -0.45 -44.71
C ARG BA 53 71.92 -1.37 -45.17
N ARG BA 54 71.90 -2.63 -44.76
CA ARG BA 54 72.90 -3.61 -45.16
C ARG BA 54 72.45 -4.44 -46.35
N CYS BA 55 71.31 -4.13 -46.94
CA CYS BA 55 70.71 -4.91 -48.02
C CYS BA 55 70.43 -4.03 -49.22
N LEU BA 56 71.40 -3.19 -49.59
CA LEU BA 56 71.17 -2.21 -50.65
C LEU BA 56 71.70 -2.64 -52.00
N GLU BA 57 72.88 -3.24 -52.04
CA GLU BA 57 73.46 -3.68 -53.31
C GLU BA 57 72.66 -4.81 -53.93
N GLU BA 58 72.03 -5.65 -53.11
CA GLU BA 58 71.18 -6.70 -53.65
C GLU BA 58 69.88 -6.14 -54.20
N GLY BA 59 69.35 -5.08 -53.59
CA GLY BA 59 68.22 -4.39 -54.19
C GLY BA 59 68.60 -3.73 -55.51
N LYS BA 60 69.82 -3.20 -55.58
CA LYS BA 60 70.32 -2.65 -56.84
C LYS BA 60 70.39 -3.73 -57.90
N LEU BA 61 70.92 -4.90 -57.53
CA LEU BA 61 71.06 -6.02 -58.46
C LEU BA 61 69.68 -6.54 -58.91
N VAL BA 62 68.71 -6.60 -58.01
CA VAL BA 62 67.38 -7.07 -58.39
C VAL BA 62 66.70 -6.05 -59.30
N ASN BA 63 66.96 -4.76 -59.12
CA ASN BA 63 66.42 -3.77 -60.04
C ASN BA 63 67.02 -3.91 -61.43
N GLN BA 64 68.34 -4.12 -61.51
CA GLN BA 64 68.98 -4.33 -62.81
C GLN BA 64 68.44 -5.60 -63.49
N CYS BA 65 68.23 -6.66 -62.72
CA CYS BA 65 67.74 -7.90 -63.33
C CYS BA 65 66.30 -7.77 -63.83
N ALA BA 66 65.43 -7.10 -63.06
CA ALA BA 66 64.06 -6.90 -63.52
C ALA BA 66 64.02 -6.02 -64.75
N LEU BA 67 64.86 -4.98 -64.78
CA LEU BA 67 64.91 -4.10 -65.94
C LEU BA 67 65.45 -4.82 -67.16
N GLU BA 68 66.43 -5.71 -66.97
CA GLU BA 68 66.94 -6.49 -68.09
C GLU BA 68 65.89 -7.44 -68.65
N PHE BA 69 65.12 -8.07 -67.76
CA PHE BA 69 64.04 -8.96 -68.21
C PHE BA 69 62.98 -8.20 -69.00
N PHE BA 70 62.61 -7.00 -68.52
CA PHE BA 70 61.62 -6.22 -69.25
C PHE BA 70 62.16 -5.69 -70.58
N ARG BA 71 63.45 -5.33 -70.61
CA ARG BA 71 64.06 -4.88 -71.86
C ARG BA 71 64.16 -6.00 -72.88
N GLN BA 72 64.37 -7.24 -72.40
CA GLN BA 72 64.31 -8.39 -73.29
C GLN BA 72 62.89 -8.62 -73.81
N ILE BA 73 61.89 -8.41 -72.94
CA ILE BA 73 60.49 -8.57 -73.36
C ILE BA 73 60.12 -7.56 -74.43
N LYS BA 74 60.58 -6.32 -74.26
CA LYS BA 74 60.25 -5.24 -75.20
C LYS BA 74 60.83 -5.47 -76.58
N ARG BA 75 61.93 -6.20 -76.69
CA ARG BA 75 62.62 -6.35 -77.97
C ARG BA 75 61.86 -7.27 -78.92
N HIS BA 76 61.16 -8.28 -78.41
CA HIS BA 76 60.61 -9.35 -79.24
C HIS BA 76 59.10 -9.31 -79.38
N CYS BA 77 58.37 -9.21 -78.28
CA CYS BA 77 56.92 -9.41 -78.26
C CYS BA 77 56.21 -8.21 -77.63
N ALA BA 78 56.56 -7.00 -78.08
CA ALA BA 78 56.01 -5.80 -77.48
C ALA BA 78 54.50 -5.67 -77.69
N GLU BA 79 54.01 -6.06 -78.86
CA GLU BA 79 52.60 -5.86 -79.18
C GLU BA 79 51.66 -6.86 -78.50
N PRO BA 80 51.93 -8.19 -78.51
CA PRO BA 80 51.08 -9.07 -77.70
C PRO BA 80 51.13 -8.77 -76.21
N PHE BA 81 52.28 -8.36 -75.70
CA PHE BA 81 52.37 -7.96 -74.30
C PHE BA 81 51.57 -6.69 -74.04
N THR BA 82 51.58 -5.75 -74.99
CA THR BA 82 50.80 -4.53 -74.84
C THR BA 82 49.31 -4.83 -74.77
N GLU BA 83 48.83 -5.69 -75.68
CA GLU BA 83 47.42 -6.08 -75.66
C GLU BA 83 47.06 -6.85 -74.40
N TYR BA 84 47.97 -7.70 -73.94
CA TYR BA 84 47.73 -8.50 -72.74
C TYR BA 84 47.62 -7.63 -71.50
N TRP BA 85 48.56 -6.70 -71.31
CA TRP BA 85 48.47 -5.87 -70.11
C TRP BA 85 47.34 -4.86 -70.21
N THR BA 86 46.94 -4.45 -71.42
CA THR BA 86 45.75 -3.62 -71.55
C THR BA 86 44.49 -4.38 -71.12
N CYS BA 87 44.35 -5.63 -71.56
CA CYS BA 87 43.20 -6.43 -71.18
C CYS BA 87 43.21 -6.76 -69.69
N ILE BA 88 44.39 -6.89 -69.08
CA ILE BA 88 44.45 -7.01 -67.62
C ILE BA 88 44.02 -5.70 -66.97
N ASP BA 89 44.49 -4.57 -67.49
CA ASP BA 89 44.30 -3.29 -66.82
C ASP BA 89 42.89 -2.75 -66.95
N TYR BA 90 42.09 -3.25 -67.89
CA TYR BA 90 40.70 -2.80 -67.92
C TYR BA 90 39.92 -3.26 -66.70
N SER BA 91 40.23 -4.44 -66.18
CA SER BA 91 39.44 -5.01 -65.09
C SER BA 91 39.64 -4.23 -63.79
N GLY BA 92 38.57 -4.10 -63.02
CA GLY BA 92 38.64 -3.37 -61.77
C GLY BA 92 39.49 -4.05 -60.72
N LEU BA 93 39.35 -5.37 -60.59
CA LEU BA 93 40.13 -6.14 -59.63
C LEU BA 93 41.34 -6.81 -60.25
N GLN BA 94 41.61 -6.53 -61.53
CA GLN BA 94 42.73 -7.10 -62.29
C GLN BA 94 42.69 -8.63 -62.30
N LEU BA 95 41.57 -9.16 -62.76
CA LEU BA 95 41.38 -10.61 -62.80
C LEU BA 95 42.26 -11.26 -63.85
N PHE BA 96 42.81 -12.41 -63.50
CA PHE BA 96 43.57 -13.20 -64.46
C PHE BA 96 42.67 -13.95 -65.42
N ARG BA 97 41.46 -14.32 -64.97
CA ARG BA 97 40.59 -15.24 -65.71
C ARG BA 97 39.83 -14.57 -66.82
N ARG BA 98 39.92 -13.25 -66.97
CA ARG BA 98 39.20 -12.54 -68.02
C ARG BA 98 40.02 -12.34 -69.29
N CYS BA 99 41.27 -12.81 -69.32
CA CYS BA 99 42.18 -12.61 -70.45
C CYS BA 99 42.96 -13.88 -70.76
N ARG BA 100 42.26 -15.02 -70.84
CA ARG BA 100 42.94 -16.26 -71.20
C ARG BA 100 43.37 -16.29 -72.65
N LYS BA 101 42.68 -15.57 -73.53
CA LYS BA 101 43.09 -15.51 -74.93
C LYS BA 101 44.41 -14.76 -75.08
N GLU BA 102 44.55 -13.62 -74.41
CA GLU BA 102 45.83 -12.92 -74.42
C GLU BA 102 46.90 -13.68 -73.66
N GLN BA 103 46.50 -14.48 -72.65
CA GLN BA 103 47.43 -15.39 -72.01
C GLN BA 103 48.03 -16.36 -73.02
N ALA BA 104 47.17 -17.01 -73.82
CA ALA BA 104 47.66 -17.96 -74.81
C ALA BA 104 48.50 -17.28 -75.87
N GLN BA 105 48.09 -16.09 -76.31
CA GLN BA 105 48.86 -15.37 -77.34
C GLN BA 105 50.24 -14.97 -76.84
N PHE BA 106 50.31 -14.39 -75.63
CA PHE BA 106 51.59 -14.01 -75.04
C PHE BA 106 52.47 -15.22 -74.78
N ASP BA 107 51.88 -16.29 -74.27
CA ASP BA 107 52.64 -17.51 -73.99
C ASP BA 107 53.21 -18.12 -75.27
N LYS BA 108 52.41 -18.18 -76.34
CA LYS BA 108 52.89 -18.73 -77.59
C LYS BA 108 53.99 -17.87 -78.20
N CYS BA 109 53.82 -16.54 -78.18
CA CYS BA 109 54.84 -15.66 -78.76
C CYS BA 109 56.14 -15.73 -77.98
N VAL BA 110 56.07 -15.75 -76.65
CA VAL BA 110 57.28 -15.81 -75.84
C VAL BA 110 57.95 -17.16 -75.98
N LEU BA 111 57.18 -18.25 -75.98
CA LEU BA 111 57.76 -19.59 -76.08
C LEU BA 111 58.42 -19.81 -77.44
N ASP BA 112 57.80 -19.30 -78.52
CA ASP BA 112 58.40 -19.48 -79.82
C ASP BA 112 59.59 -18.55 -80.05
N LYS BA 113 59.55 -17.36 -79.46
CA LYS BA 113 60.62 -16.41 -79.71
C LYS BA 113 61.82 -16.66 -78.79
N LEU BA 114 61.60 -16.74 -77.49
CA LEU BA 114 62.69 -16.90 -76.53
C LEU BA 114 62.73 -18.25 -75.84
N GLY BA 115 61.61 -18.93 -75.70
CA GLY BA 115 61.62 -20.21 -75.02
C GLY BA 115 61.53 -20.09 -73.52
N TRP BA 116 60.48 -19.42 -73.04
CA TRP BA 116 60.18 -19.34 -71.62
C TRP BA 116 58.88 -20.07 -71.34
N VAL BA 117 58.93 -21.02 -70.41
CA VAL BA 117 57.75 -21.80 -70.02
C VAL BA 117 57.20 -21.23 -68.72
N ARG BA 118 55.91 -20.97 -68.69
CA ARG BA 118 55.27 -20.45 -67.49
C ARG BA 118 55.30 -21.49 -66.37
N PRO BA 119 55.39 -21.05 -65.12
CA PRO BA 119 55.27 -22.00 -64.00
C PRO BA 119 53.87 -22.59 -63.92
N ASP BA 120 53.79 -23.80 -63.40
CA ASP BA 120 52.52 -24.47 -63.18
C ASP BA 120 51.87 -23.93 -61.91
N LEU BA 121 50.72 -24.51 -61.57
CA LEU BA 121 50.05 -24.13 -60.33
C LEU BA 121 50.82 -24.66 -59.13
N GLY BA 122 51.03 -23.80 -58.14
CA GLY BA 122 51.70 -24.19 -56.91
C GLY BA 122 53.20 -24.21 -56.97
N GLU BA 123 53.80 -23.80 -58.09
CA GLU BA 123 55.24 -23.88 -58.25
C GLU BA 123 55.96 -22.63 -57.74
N LEU BA 124 55.40 -21.45 -57.98
CA LEU BA 124 56.05 -20.23 -57.52
C LEU BA 124 55.97 -20.04 -56.01
N SER BA 125 55.13 -20.81 -55.32
CA SER BA 125 55.08 -20.79 -53.87
C SER BA 125 56.02 -21.81 -53.25
N LYS BA 126 56.78 -22.54 -54.05
CA LYS BA 126 57.73 -23.49 -53.51
C LYS BA 126 58.85 -22.77 -52.76
N VAL BA 127 59.41 -23.45 -51.77
CA VAL BA 127 60.52 -22.93 -50.99
C VAL BA 127 61.80 -23.58 -51.50
N THR BA 128 62.79 -22.74 -51.81
CA THR BA 128 63.98 -23.18 -52.51
C THR BA 128 65.20 -23.06 -51.58
N LYS BA 129 66.35 -23.45 -52.09
CA LYS BA 129 67.62 -23.26 -51.41
C LYS BA 129 68.51 -22.34 -52.23
N VAL BA 130 69.19 -21.42 -51.55
CA VAL BA 130 70.01 -20.41 -52.18
C VAL BA 130 71.45 -20.60 -51.72
N LYS BA 131 72.36 -20.70 -52.69
CA LYS BA 131 73.78 -20.76 -52.41
C LYS BA 131 74.38 -19.39 -52.67
N THR BA 132 74.93 -18.76 -51.63
CA THR BA 132 75.55 -17.45 -51.73
C THR BA 132 76.86 -17.44 -50.96
N ASP BA 133 77.58 -16.32 -51.08
CA ASP BA 133 78.92 -16.21 -50.51
C ASP BA 133 79.00 -15.31 -49.29
N ARG BA 134 77.90 -14.70 -48.86
CA ARG BA 134 77.96 -13.85 -47.68
C ARG BA 134 78.10 -14.71 -46.43
N PRO BA 135 78.85 -14.24 -45.44
CA PRO BA 135 78.90 -14.97 -44.16
C PRO BA 135 77.58 -14.86 -43.43
N LEU BA 136 77.32 -15.86 -42.60
CA LEU BA 136 76.12 -15.85 -41.77
C LEU BA 136 76.30 -14.82 -40.66
N PRO BA 137 75.36 -13.88 -40.49
CA PRO BA 137 75.47 -12.91 -39.39
C PRO BA 137 75.29 -13.60 -38.04
N GLU BA 138 76.30 -13.46 -37.18
CA GLU BA 138 76.27 -14.15 -35.90
C GLU BA 138 75.24 -13.54 -34.95
N ASN BA 139 75.12 -12.22 -34.95
CA ASN BA 139 74.21 -11.50 -34.05
C ASN BA 139 73.36 -10.55 -34.86
N PRO BA 140 72.27 -11.02 -35.45
CA PRO BA 140 71.38 -10.11 -36.19
C PRO BA 140 70.52 -9.25 -35.28
N TYR BA 141 70.29 -9.67 -34.05
CA TYR BA 141 69.44 -8.95 -33.12
C TYR BA 141 70.20 -7.98 -32.24
N HIS BA 142 71.53 -7.95 -32.32
CA HIS BA 142 72.40 -7.09 -31.52
C HIS BA 142 72.13 -7.29 -30.03
N SER BA 143 71.98 -8.55 -29.62
CA SER BA 143 71.70 -8.86 -28.23
C SER BA 143 72.95 -8.65 -27.38
N ARG BA 144 72.76 -8.13 -26.18
CA ARG BA 144 73.87 -7.97 -25.26
C ARG BA 144 74.17 -9.31 -24.60
N ALA BA 145 75.14 -9.30 -23.70
CA ALA BA 145 75.48 -10.52 -22.96
C ALA BA 145 74.36 -10.88 -22.01
N ARG BA 146 73.99 -12.15 -21.99
CA ARG BA 146 72.89 -12.58 -21.14
C ARG BA 146 73.35 -12.64 -19.69
N PRO BA 147 72.46 -12.36 -18.74
CA PRO BA 147 72.82 -12.40 -17.33
C PRO BA 147 73.12 -13.83 -16.87
N GLU BA 148 73.93 -13.92 -15.82
CA GLU BA 148 74.28 -15.21 -15.26
C GLU BA 148 73.07 -15.86 -14.63
N PRO BA 149 72.81 -17.14 -14.90
CA PRO BA 149 71.65 -17.80 -14.28
C PRO BA 149 71.91 -18.13 -12.82
N ASN BA 150 70.83 -18.42 -12.11
CA ASN BA 150 70.93 -18.79 -10.71
C ASN BA 150 71.59 -20.16 -10.57
N PRO BA 151 72.34 -20.39 -9.49
CA PRO BA 151 72.92 -21.71 -9.27
C PRO BA 151 71.86 -22.76 -9.03
N GLU BA 152 72.15 -23.99 -9.45
CA GLU BA 152 71.20 -25.08 -9.38
C GLU BA 152 71.34 -25.83 -8.06
N VAL BA 153 70.21 -26.23 -7.49
CA VAL BA 153 70.22 -26.93 -6.20
C VAL BA 153 70.72 -28.36 -6.41
N GLU BA 154 71.69 -28.76 -5.60
CA GLU BA 154 72.36 -30.04 -5.74
C GLU BA 154 72.61 -30.63 -4.37
N GLY BA 155 72.93 -31.93 -4.36
CA GLY BA 155 73.29 -32.60 -3.14
C GLY BA 155 72.17 -33.45 -2.58
N ASP BA 156 72.55 -34.43 -1.77
CA ASP BA 156 71.58 -35.31 -1.14
C ASP BA 156 70.82 -34.56 -0.06
N LEU BA 157 69.58 -34.97 0.17
CA LEU BA 157 68.71 -34.32 1.13
C LEU BA 157 68.93 -34.95 2.49
N LYS BA 158 69.61 -34.23 3.37
CA LYS BA 158 69.79 -34.66 4.75
C LYS BA 158 68.53 -34.35 5.56
N PRO BA 159 68.30 -35.08 6.65
CA PRO BA 159 67.21 -34.72 7.55
C PRO BA 159 67.46 -33.37 8.20
N ALA BA 160 66.37 -32.74 8.63
CA ALA BA 160 66.42 -31.40 9.18
C ALA BA 160 67.19 -31.39 10.50
N ARG BA 161 68.01 -30.38 10.69
CA ARG BA 161 68.82 -30.28 11.91
C ARG BA 161 67.93 -29.95 13.10
N HIS BA 162 67.88 -30.88 14.06
CA HIS BA 162 67.12 -30.73 15.30
C HIS BA 162 65.63 -30.47 15.04
N GLY BA 163 65.09 -31.11 14.00
CA GLY BA 163 63.67 -31.06 13.76
C GLY BA 163 63.15 -29.75 13.22
N SER BA 164 62.04 -29.28 13.80
CA SER BA 164 61.34 -28.13 13.25
C SER BA 164 62.08 -26.83 13.51
N ARG BA 165 62.75 -26.71 14.66
CA ARG BA 165 63.39 -25.47 15.11
C ARG BA 165 62.41 -24.32 15.13
N LEU BA 166 61.19 -24.60 15.59
CA LEU BA 166 60.13 -23.61 15.69
C LEU BA 166 59.70 -23.52 17.15
N PHE BA 167 60.17 -22.47 17.84
CA PHE BA 167 59.84 -22.18 19.24
C PHE BA 167 60.28 -23.36 20.10
N PHE BA 168 59.36 -24.08 20.74
CA PHE BA 168 59.71 -25.12 21.69
C PHE BA 168 59.58 -26.53 21.14
N TRP BA 169 59.24 -26.68 19.86
CA TRP BA 169 58.95 -28.00 19.31
C TRP BA 169 60.24 -28.75 19.05
N THR BA 170 60.38 -29.91 19.69
CA THR BA 170 61.60 -30.70 19.59
C THR BA 170 61.66 -31.56 18.33
N MET BA 171 60.53 -31.73 17.64
CA MET BA 171 60.53 -32.44 16.36
C MET BA 171 59.82 -31.62 15.28
N SER CA 3 83.55 -36.65 67.13
CA SER CA 3 84.38 -35.50 67.48
C SER CA 3 84.32 -34.44 66.40
N TRP CA 4 85.22 -33.47 66.48
CA TRP CA 4 85.33 -32.42 65.48
C TRP CA 4 86.80 -32.09 65.31
N ASP CA 5 87.08 -30.99 64.62
CA ASP CA 5 88.46 -30.58 64.31
C ASP CA 5 88.88 -29.53 65.32
N LYS CA 6 89.92 -29.83 66.08
CA LYS CA 6 90.38 -28.92 67.13
C LYS CA 6 91.31 -27.84 66.63
N ASP CA 7 91.66 -27.84 65.35
CA ASP CA 7 92.50 -26.80 64.78
C ASP CA 7 91.71 -25.68 64.12
N VAL CA 8 90.53 -25.99 63.57
CA VAL CA 8 89.68 -24.96 63.00
C VAL CA 8 88.74 -24.34 64.02
N TYR CA 9 88.59 -24.97 65.18
CA TYR CA 9 87.78 -24.45 66.28
C TYR CA 9 88.66 -24.43 67.52
N PRO CA 10 89.52 -23.43 67.66
CA PRO CA 10 90.49 -23.45 68.76
C PRO CA 10 89.83 -23.20 70.09
N GLU CA 11 90.47 -23.69 71.12
CA GLU CA 11 89.98 -23.55 72.49
C GLU CA 11 91.16 -23.55 73.44
N PRO CA 12 91.34 -22.48 74.21
CA PRO CA 12 92.42 -22.46 75.19
C PRO CA 12 92.16 -23.49 76.27
N PRO CA 13 93.21 -24.07 76.86
CA PRO CA 13 93.02 -25.06 77.92
C PRO CA 13 92.47 -24.39 79.17
N ARG CA 14 91.38 -24.93 79.69
CA ARG CA 14 90.74 -24.37 80.87
C ARG CA 14 91.61 -24.60 82.10
N ARG CA 15 91.45 -23.71 83.07
CA ARG CA 15 92.20 -23.76 84.33
C ARG CA 15 91.18 -23.54 85.46
N THR CA 16 90.60 -24.63 85.92
CA THR CA 16 89.62 -24.51 86.99
C THR CA 16 90.34 -24.46 88.35
N PRO CA 17 89.92 -23.56 89.24
CA PRO CA 17 90.50 -23.52 90.58
C PRO CA 17 90.08 -24.73 91.39
N ALA CA 18 90.98 -25.16 92.28
CA ALA CA 18 90.64 -26.24 93.19
C ALA CA 18 89.59 -25.77 94.18
N PRO CA 19 88.65 -26.62 94.57
CA PRO CA 19 87.66 -26.20 95.57
C PRO CA 19 88.27 -26.13 96.95
N SER CA 20 88.33 -24.92 97.52
CA SER CA 20 88.90 -24.69 98.85
C SER CA 20 87.80 -24.14 99.74
N PRO CA 21 87.09 -25.00 100.46
CA PRO CA 21 86.02 -24.51 101.35
C PRO CA 21 86.59 -23.78 102.55
N GLN CA 22 85.75 -22.93 103.12
CA GLN CA 22 86.14 -22.11 104.26
C GLN CA 22 85.27 -22.32 105.48
N THR CA 23 83.97 -22.52 105.30
CA THR CA 23 83.04 -22.71 106.40
C THR CA 23 82.73 -24.19 106.59
N SER CA 24 81.79 -24.49 107.48
CA SER CA 24 81.46 -25.85 107.85
C SER CA 24 80.16 -26.35 107.25
N LEU CA 25 79.32 -25.47 106.73
CA LEU CA 25 78.07 -25.91 106.11
C LEU CA 25 78.36 -26.55 104.76
N PRO CA 26 77.90 -27.77 104.51
CA PRO CA 26 78.17 -28.42 103.23
C PRO CA 26 77.29 -27.86 102.12
N ASN CA 27 77.87 -27.70 100.93
CA ASN CA 27 77.07 -27.21 99.82
C ASN CA 27 76.22 -28.33 99.25
N PRO CA 28 75.00 -28.04 98.81
CA PRO CA 28 74.17 -29.08 98.18
C PRO CA 28 74.63 -29.48 96.79
N ILE CA 29 75.50 -28.69 96.15
CA ILE CA 29 75.89 -28.97 94.77
C ILE CA 29 76.68 -30.28 94.68
N THR CA 30 77.57 -30.54 95.65
CA THR CA 30 78.36 -31.76 95.61
C THR CA 30 77.48 -33.00 95.80
N TYR CA 31 76.56 -32.96 96.76
CA TYR CA 31 75.68 -34.11 96.98
C TYR CA 31 74.73 -34.32 95.82
N LEU CA 32 74.22 -33.22 95.24
CA LEU CA 32 73.37 -33.35 94.06
C LEU CA 32 74.16 -33.86 92.86
N THR CA 33 75.45 -33.52 92.76
CA THR CA 33 76.29 -34.06 91.71
C THR CA 33 76.52 -35.56 91.89
N LYS CA 34 76.71 -35.99 93.14
CA LYS CA 34 76.83 -37.43 93.40
C LYS CA 34 75.55 -38.16 93.03
N ALA CA 35 74.39 -37.59 93.39
CA ALA CA 35 73.11 -38.19 93.03
C ALA CA 35 72.89 -38.18 91.52
N PHE CA 36 73.38 -37.15 90.83
CA PHE CA 36 73.26 -37.09 89.38
C PHE CA 36 74.12 -38.16 88.71
N ASP CA 37 75.37 -38.29 89.12
CA ASP CA 37 76.24 -39.30 88.54
C ASP CA 37 75.92 -40.72 89.03
N LEU CA 38 75.07 -40.86 90.04
CA LEU CA 38 74.62 -42.19 90.43
C LEU CA 38 73.30 -42.57 89.76
N LEU CA 39 72.40 -41.60 89.53
CA LEU CA 39 71.07 -41.88 89.02
C LEU CA 39 70.91 -41.61 87.53
N VAL CA 40 71.64 -40.65 86.97
CA VAL CA 40 71.41 -40.19 85.61
C VAL CA 40 72.53 -40.63 84.67
N ASP CA 41 73.79 -40.39 85.06
CA ASP CA 41 74.90 -40.69 84.17
C ASP CA 41 75.07 -42.18 83.93
N ARG CA 42 74.88 -43.00 84.98
CA ARG CA 42 75.10 -44.44 84.82
C ARG CA 42 74.10 -45.12 83.89
N PRO CA 43 72.78 -44.94 84.01
CA PRO CA 43 71.89 -45.60 83.04
C PRO CA 43 72.06 -45.10 81.62
N VAL CA 44 72.33 -43.81 81.45
CA VAL CA 44 72.57 -43.25 80.12
C VAL CA 44 73.83 -43.87 79.52
N THR CA 45 74.88 -44.02 80.34
CA THR CA 45 76.11 -44.64 79.87
C THR CA 45 75.89 -46.10 79.51
N LEU CA 46 75.08 -46.82 80.29
CA LEU CA 46 74.81 -48.23 79.99
C LEU CA 46 74.04 -48.38 78.68
N VAL CA 47 73.03 -47.53 78.45
CA VAL CA 47 72.26 -47.62 77.22
C VAL CA 47 73.10 -47.23 76.02
N ARG CA 48 73.94 -46.19 76.16
CA ARG CA 48 74.81 -45.80 75.05
C ARG CA 48 75.87 -46.87 74.77
N GLU CA 49 76.36 -47.55 75.80
CA GLU CA 49 77.29 -48.65 75.58
C GLU CA 49 76.61 -49.78 74.82
N PHE CA 50 75.35 -50.05 75.15
CA PHE CA 50 74.60 -51.07 74.41
C PHE CA 50 74.43 -50.68 72.94
N ILE CA 51 74.10 -49.41 72.68
CA ILE CA 51 73.91 -48.98 71.30
C ILE CA 51 75.23 -48.98 70.54
N GLU CA 52 76.33 -48.62 71.20
CA GLU CA 52 77.64 -48.66 70.57
C GLU CA 52 78.06 -50.09 70.25
N ARG CA 53 77.77 -51.03 71.15
CA ARG CA 53 78.05 -52.44 70.87
C ARG CA 53 77.23 -52.93 69.69
N GLN CA 54 75.97 -52.50 69.58
CA GLN CA 54 75.17 -52.87 68.41
C GLN CA 54 75.70 -52.22 67.14
N HIS CA 55 76.27 -51.02 67.24
CA HIS CA 55 76.86 -50.38 66.07
C HIS CA 55 78.15 -51.06 65.65
N ALA CA 56 78.84 -51.71 66.58
CA ALA CA 56 80.17 -52.27 66.26
C ALA CA 56 80.08 -53.44 65.28
N LYS CA 57 78.96 -54.16 65.25
CA LYS CA 57 78.85 -55.31 64.35
C LYS CA 57 78.71 -54.87 62.90
N ASN CA 58 77.85 -53.90 62.63
CA ASN CA 58 77.61 -53.39 61.28
C ASN CA 58 78.33 -52.05 61.16
N LYS CA 59 79.49 -52.06 60.52
CA LYS CA 59 80.26 -50.85 60.27
C LYS CA 59 80.31 -50.59 58.77
N TYR CA 60 79.87 -49.40 58.36
CA TYR CA 60 80.01 -48.96 56.99
C TYR CA 60 80.40 -47.49 56.98
N TYR CA 61 80.98 -47.05 55.88
CA TYR CA 61 81.59 -45.74 55.82
C TYR CA 61 80.92 -44.87 54.77
N TYR CA 62 80.83 -43.58 55.07
CA TYR CA 62 80.38 -42.57 54.13
C TYR CA 62 81.58 -41.70 53.79
N TYR CA 63 81.66 -41.27 52.53
CA TYR CA 63 82.78 -40.47 52.07
C TYR CA 63 82.36 -39.03 51.83
N HIS CA 64 83.36 -38.17 51.72
CA HIS CA 64 83.19 -36.76 51.41
C HIS CA 64 83.45 -36.56 49.92
N ARG CA 65 82.49 -35.96 49.22
CA ARG CA 65 82.61 -35.81 47.77
C ARG CA 65 83.68 -34.77 47.43
N GLU CA 66 84.60 -35.15 46.56
CA GLU CA 66 85.70 -34.30 46.14
C GLU CA 66 85.45 -33.82 44.72
N PHE CA 67 85.66 -32.52 44.49
CA PHE CA 67 85.46 -31.90 43.19
C PHE CA 67 86.80 -31.48 42.62
N ARG CA 68 87.10 -31.90 41.40
CA ARG CA 68 88.33 -31.46 40.76
C ARG CA 68 88.12 -30.10 40.10
N ARG CA 69 89.22 -29.38 39.93
CA ARG CA 69 89.14 -27.99 39.45
C ARG CA 69 89.02 -27.98 37.93
N VAL CA 70 87.98 -27.33 37.43
CA VAL CA 70 87.76 -27.11 36.00
C VAL CA 70 88.18 -25.67 35.68
N PRO CA 71 88.48 -25.34 34.42
CA PRO CA 71 88.78 -23.93 34.09
C PRO CA 71 87.61 -23.01 34.40
N ASP CA 72 87.94 -21.83 34.91
CA ASP CA 72 86.94 -20.89 35.39
C ASP CA 72 86.40 -20.06 34.24
N ILE CA 73 85.65 -19.00 34.57
CA ILE CA 73 85.01 -18.17 33.55
C ILE CA 73 86.03 -17.34 32.78
N THR CA 74 87.24 -17.14 33.33
CA THR CA 74 88.20 -16.26 32.69
C THR CA 74 88.90 -16.90 31.50
N GLU CA 75 88.74 -18.20 31.28
CA GLU CA 75 89.39 -18.86 30.15
C GLU CA 75 88.39 -19.67 29.36
N CYS CA 76 87.20 -19.12 29.12
CA CYS CA 76 86.23 -19.71 28.23
C CYS CA 76 85.73 -18.65 27.27
N HIS CA 77 85.42 -19.07 26.04
CA HIS CA 77 85.00 -18.13 25.01
C HIS CA 77 83.63 -17.55 25.35
N GLU CA 78 83.36 -16.39 24.78
CA GLU CA 78 82.08 -15.74 24.97
C GLU CA 78 80.97 -16.56 24.31
N LYS CA 79 79.85 -16.70 25.04
CA LYS CA 79 78.67 -17.46 24.59
C LYS CA 79 79.00 -18.92 24.28
N ASP CA 80 79.87 -19.51 25.09
CA ASP CA 80 80.21 -20.93 24.98
C ASP CA 80 79.59 -21.64 26.19
N VAL CA 81 78.41 -22.25 25.98
CA VAL CA 81 77.63 -22.77 27.10
C VAL CA 81 78.28 -23.98 27.73
N LEU CA 82 78.94 -24.83 26.94
CA LEU CA 82 79.49 -26.08 27.46
C LEU CA 82 80.66 -25.86 28.42
N CYS CA 83 81.31 -24.70 28.37
CA CYS CA 83 82.35 -24.35 29.32
C CYS CA 83 81.85 -23.41 30.41
N MET CA 84 81.01 -22.45 30.02
CA MET CA 84 80.47 -21.49 30.96
C MET CA 84 79.57 -22.15 31.99
N PHE CA 85 78.88 -23.23 31.62
CA PHE CA 85 78.06 -23.95 32.58
C PHE CA 85 78.91 -24.54 33.69
N GLU CA 86 80.00 -25.21 33.33
CA GLU CA 86 80.87 -25.81 34.34
C GLU CA 86 81.57 -24.74 35.19
N ALA CA 87 81.98 -23.64 34.54
CA ALA CA 87 82.60 -22.54 35.29
C ALA CA 87 81.62 -21.93 36.28
N GLU CA 88 80.35 -21.79 35.89
CA GLU CA 88 79.35 -21.23 36.80
C GLU CA 88 79.05 -22.18 37.95
N MET CA 89 78.99 -23.49 37.68
CA MET CA 89 78.79 -24.45 38.77
C MET CA 89 79.95 -24.41 39.76
N GLN CA 90 81.18 -24.33 39.25
CA GLN CA 90 82.36 -24.23 40.13
C GLN CA 90 82.31 -22.94 40.94
N TRP CA 91 81.90 -21.84 40.31
CA TRP CA 91 81.80 -20.57 41.02
C TRP CA 91 80.76 -20.62 42.13
N LYS CA 92 79.62 -21.27 41.87
CA LYS CA 92 78.58 -21.35 42.89
C LYS CA 92 78.99 -22.24 44.06
N ARG CA 93 79.72 -23.32 43.76
CA ARG CA 93 80.26 -24.14 44.83
C ARG CA 93 81.26 -23.36 45.68
N ASP CA 94 82.11 -22.55 45.04
CA ASP CA 94 83.02 -21.70 45.78
C ASP CA 94 82.26 -20.67 46.63
N TYR CA 95 81.15 -20.17 46.11
CA TYR CA 95 80.32 -19.22 46.84
C TYR CA 95 79.80 -19.84 48.12
N LYS CA 96 79.28 -21.07 48.04
CA LYS CA 96 78.79 -21.77 49.23
C LYS CA 96 79.93 -22.03 50.22
N VAL CA 97 81.09 -22.41 49.71
CA VAL CA 97 82.22 -22.72 50.58
C VAL CA 97 82.67 -21.49 51.36
N ASP CA 98 82.78 -20.34 50.67
CA ASP CA 98 83.18 -19.12 51.36
C ASP CA 98 82.12 -18.63 52.34
N GLN CA 99 80.84 -18.82 52.02
CA GLN CA 99 79.79 -18.51 53.00
C GLN CA 99 79.97 -19.32 54.27
N GLU CA 100 80.22 -20.62 54.15
CA GLU CA 100 80.40 -21.43 55.34
C GLU CA 100 81.70 -21.09 56.07
N ILE CA 101 82.71 -20.60 55.34
CA ILE CA 101 83.94 -20.13 55.99
C ILE CA 101 83.64 -18.94 56.90
N VAL CA 102 82.85 -17.98 56.40
CA VAL CA 102 82.48 -16.85 57.23
C VAL CA 102 81.62 -17.31 58.41
N ASN CA 103 80.79 -18.35 58.21
CA ASN CA 103 80.03 -18.91 59.33
C ASN CA 103 80.96 -19.45 60.42
N ILE CA 104 82.03 -20.13 60.02
CA ILE CA 104 82.99 -20.68 60.98
C ILE CA 104 83.67 -19.56 61.76
N ILE CA 105 84.07 -18.49 61.06
CA ILE CA 105 84.75 -17.39 61.75
C ILE CA 105 83.80 -16.67 62.70
N GLN CA 106 82.53 -16.51 62.30
CA GLN CA 106 81.54 -15.92 63.20
C GLN CA 106 81.33 -16.77 64.44
N GLU CA 107 81.31 -18.10 64.27
CA GLU CA 107 81.17 -18.99 65.42
C GLU CA 107 82.35 -18.86 66.37
N ARG CA 108 83.56 -18.72 65.81
CA ARG CA 108 84.75 -18.49 66.64
C ARG CA 108 84.62 -17.21 67.44
N LEU CA 109 84.17 -16.14 66.80
CA LEU CA 109 84.04 -14.84 67.45
C LEU CA 109 83.05 -14.90 68.61
N LYS CA 110 81.86 -15.47 68.35
CA LYS CA 110 80.84 -15.55 69.39
C LYS CA 110 81.27 -16.46 70.53
N ALA CA 111 81.96 -17.57 70.21
CA ALA CA 111 82.43 -18.48 71.24
C ALA CA 111 83.44 -17.81 72.15
N CYS CA 112 84.37 -17.02 71.60
CA CYS CA 112 85.37 -16.45 72.48
C CYS CA 112 84.77 -15.30 73.27
N GLN CA 113 83.73 -14.64 72.71
CA GLN CA 113 82.99 -13.64 73.49
C GLN CA 113 82.36 -14.26 74.73
N GLN CA 114 81.63 -15.36 74.55
CA GLN CA 114 80.96 -15.98 75.69
C GLN CA 114 81.98 -16.55 76.67
N ARG CA 115 83.05 -17.13 76.16
CA ARG CA 115 84.01 -17.83 77.02
C ARG CA 115 84.84 -16.86 77.85
N GLU CA 116 85.27 -15.75 77.26
CA GLU CA 116 86.23 -14.91 77.96
C GLU CA 116 85.63 -14.05 79.07
N GLY CA 117 84.31 -14.02 79.21
CA GLY CA 117 83.70 -13.36 80.34
C GLY CA 117 83.72 -11.85 80.26
N GLU CA 118 83.91 -11.20 81.40
CA GLU CA 118 83.84 -9.75 81.48
C GLU CA 118 85.09 -9.05 80.98
N SER CA 119 86.17 -9.80 80.70
CA SER CA 119 87.36 -9.26 80.07
C SER CA 119 87.41 -9.59 78.59
N HIS CA 120 86.25 -9.63 77.92
CA HIS CA 120 86.18 -10.17 76.57
C HIS CA 120 86.78 -9.23 75.55
N ARG CA 121 86.72 -7.92 75.78
CA ARG CA 121 87.16 -6.97 74.76
C ARG CA 121 88.67 -6.87 74.65
N GLN CA 122 89.41 -7.49 75.58
CA GLN CA 122 90.86 -7.57 75.50
C GLN CA 122 91.35 -8.89 74.92
N ASN CA 123 90.71 -9.99 75.28
CA ASN CA 123 91.22 -11.31 74.91
C ASN CA 123 90.92 -11.67 73.46
N CYS CA 124 89.77 -11.26 72.93
CA CYS CA 124 89.38 -11.65 71.58
C CYS CA 124 89.81 -10.64 70.52
N ALA CA 125 90.96 -10.00 70.68
CA ALA CA 125 91.46 -9.11 69.63
C ALA CA 125 91.82 -9.89 68.37
N LYS CA 126 92.39 -11.09 68.54
CA LYS CA 126 92.74 -11.91 67.38
C LYS CA 126 91.50 -12.38 66.63
N GLU CA 127 90.47 -12.81 67.35
CA GLU CA 127 89.23 -13.21 66.70
C GLU CA 127 88.57 -12.04 66.01
N LEU CA 128 88.63 -10.86 66.61
CA LEU CA 128 88.07 -9.67 65.99
C LEU CA 128 88.79 -9.30 64.70
N GLN CA 129 90.12 -9.39 64.69
CA GLN CA 129 90.84 -9.03 63.47
C GLN CA 129 90.67 -10.10 62.39
N GLN CA 130 90.54 -11.37 62.78
CA GLN CA 130 90.23 -12.41 61.79
C GLN CA 130 88.86 -12.20 61.18
N PHE CA 131 87.87 -11.85 62.01
CA PHE CA 131 86.52 -11.60 61.52
C PHE CA 131 86.51 -10.39 60.59
N THR CA 132 87.24 -9.33 60.95
CA THR CA 132 87.29 -8.13 60.11
C THR CA 132 87.94 -8.43 58.76
N GLN CA 133 89.04 -9.18 58.76
CA GLN CA 133 89.70 -9.54 57.51
C GLN CA 133 88.81 -10.41 56.62
N VAL CA 134 88.15 -11.41 57.21
CA VAL CA 134 87.30 -12.31 56.44
C VAL CA 134 86.08 -11.59 55.89
N VAL CA 135 85.49 -10.70 56.69
CA VAL CA 135 84.35 -9.91 56.24
C VAL CA 135 84.75 -8.99 55.11
N LYS CA 136 85.92 -8.35 55.21
CA LYS CA 136 86.39 -7.48 54.14
C LYS CA 136 86.62 -8.25 52.84
N ALA CA 137 87.23 -9.44 52.94
CA ALA CA 137 87.48 -10.23 51.74
C ALA CA 137 86.17 -10.71 51.10
N TYR CA 138 85.21 -11.15 51.92
CA TYR CA 138 83.93 -11.59 51.39
C TYR CA 138 83.16 -10.44 50.76
N GLN CA 139 83.23 -9.24 51.35
CA GLN CA 139 82.55 -8.09 50.78
C GLN CA 139 83.19 -7.66 49.48
N ASP CA 140 84.52 -7.73 49.39
CA ASP CA 140 85.18 -7.42 48.12
C ASP CA 140 84.83 -8.44 47.06
N ARG CA 141 84.59 -9.69 47.46
CA ARG CA 141 84.31 -10.73 46.48
C ARG CA 141 82.85 -10.71 46.00
N TYR CA 142 81.90 -10.88 46.92
CA TYR CA 142 80.55 -11.25 46.56
C TYR CA 142 79.47 -10.23 46.90
N HIS CA 143 79.82 -9.06 47.43
CA HIS CA 143 78.79 -8.09 47.75
C HIS CA 143 78.31 -7.38 46.49
N ASP CA 144 77.09 -6.84 46.57
CA ASP CA 144 76.47 -5.99 45.56
C ASP CA 144 76.31 -6.67 44.20
N LEU CA 145 76.29 -7.99 44.16
CA LEU CA 145 76.09 -8.67 42.88
C LEU CA 145 74.63 -8.68 42.45
N GLY CA 146 73.70 -8.73 43.39
CA GLY CA 146 72.29 -8.82 43.09
C GLY CA 146 71.76 -10.24 43.28
N ALA CA 147 70.44 -10.36 43.17
CA ALA CA 147 69.78 -11.65 43.33
C ALA CA 147 70.03 -12.56 42.13
N HIS CA 148 70.46 -12.00 41.02
CA HIS CA 148 70.76 -12.73 39.78
C HIS CA 148 72.25 -12.87 39.57
N TYR CA 149 73.01 -13.17 40.63
CA TYR CA 149 74.47 -13.21 40.53
C TYR CA 149 74.93 -14.32 39.60
N SER CA 150 76.11 -14.12 39.02
CA SER CA 150 76.74 -15.09 38.16
C SER CA 150 78.24 -14.89 38.22
N ALA CA 151 78.98 -15.73 37.51
CA ALA CA 151 80.43 -15.56 37.45
C ALA CA 151 80.80 -14.29 36.69
N ARG CA 152 79.99 -13.91 35.69
CA ARG CA 152 80.27 -12.71 34.91
C ARG CA 152 80.15 -11.45 35.75
N LYS CA 153 79.16 -11.39 36.63
CA LYS CA 153 78.99 -10.24 37.50
C LYS CA 153 80.17 -10.08 38.46
N CYS CA 154 80.62 -11.20 39.05
CA CYS CA 154 81.77 -11.15 39.94
C CYS CA 154 83.04 -10.76 39.20
N LEU CA 155 83.21 -11.27 37.97
CA LEU CA 155 84.35 -10.89 37.15
C LEU CA 155 84.31 -9.41 36.82
N ALA CA 156 83.13 -8.88 36.49
CA ALA CA 156 83.00 -7.46 36.17
C ALA CA 156 83.29 -6.59 37.38
N LYS CA 157 82.84 -7.00 38.56
CA LYS CA 157 83.16 -6.26 39.78
C LYS CA 157 84.65 -6.27 40.06
N GLN CA 158 85.29 -7.42 39.87
CA GLN CA 158 86.75 -7.50 40.06
C GLN CA 158 87.48 -6.62 39.08
N LYS CA 159 87.05 -6.60 37.82
CA LYS CA 159 87.69 -5.76 36.81
C LYS CA 159 87.52 -4.29 37.13
N GLN CA 160 86.33 -3.89 37.60
CA GLN CA 160 86.10 -2.49 37.97
C GLN CA 160 86.97 -2.09 39.16
N ARG CA 161 87.05 -2.95 40.18
CA ARG CA 161 87.89 -2.65 41.34
C ARG CA 161 89.36 -2.59 40.97
N MET CA 162 89.81 -3.48 40.08
CA MET CA 162 91.21 -3.47 39.67
C MET CA 162 91.53 -2.24 38.81
N LEU CA 163 90.57 -1.81 37.98
CA LEU CA 163 90.74 -0.57 37.24
C LEU CA 163 90.86 0.62 38.19
N ALA CA 164 90.02 0.65 39.22
CA ALA CA 164 90.08 1.73 40.21
C ALA CA 164 91.41 1.73 40.95
N GLU CA 165 91.89 0.55 41.34
CA GLU CA 165 93.17 0.44 42.04
C GLU CA 165 94.33 0.87 41.16
N ARG CA 166 94.30 0.48 39.88
CA ARG CA 166 95.36 0.89 38.96
C ARG CA 166 95.35 2.40 38.73
N LYS CA 167 94.16 2.98 38.61
CA LYS CA 167 94.04 4.43 38.46
C LYS CA 167 94.54 5.16 39.70
N ALA CA 168 94.22 4.65 40.89
CA ALA CA 168 94.68 5.27 42.13
C ALA CA 168 96.19 5.16 42.28
N THR CA 169 96.77 4.03 41.89
CA THR CA 169 98.22 3.87 41.94
C THR CA 169 98.91 4.80 40.94
N LYS CA 170 98.39 4.91 39.73
CA LYS CA 170 99.00 5.76 38.71
C LYS CA 170 98.85 7.25 39.05
N GLU CA 171 97.75 7.63 39.72
CA GLU CA 171 97.57 9.02 40.10
C GLU CA 171 98.31 9.39 41.38
N ALA CA 172 98.89 8.42 42.09
CA ALA CA 172 99.66 8.67 43.30
C ALA CA 172 101.13 8.36 43.13
N ALA CA 173 101.57 8.04 41.92
CA ALA CA 173 102.97 7.73 41.66
C ALA CA 173 103.83 8.98 41.73
N LEU DA 36 18.59 -41.28 6.47
CA LEU DA 36 17.20 -40.98 6.16
C LEU DA 36 16.65 -41.91 5.10
N GLN DA 37 15.45 -41.62 4.62
CA GLN DA 37 14.80 -42.45 3.62
C GLN DA 37 14.57 -41.71 2.31
N TYR DA 38 14.02 -40.50 2.37
CA TYR DA 38 13.76 -39.71 1.18
C TYR DA 38 14.71 -38.52 1.14
N GLY DA 39 15.19 -38.20 -0.05
CA GLY DA 39 16.08 -37.08 -0.22
C GLY DA 39 16.16 -36.64 -1.66
N PRO DA 40 17.06 -35.69 -1.95
CA PRO DA 40 17.23 -35.24 -3.34
C PRO DA 40 17.73 -36.32 -4.28
N LEU DA 41 18.47 -37.31 -3.76
CA LEU DA 41 18.96 -38.39 -4.61
C LEU DA 41 17.81 -39.26 -5.12
N ALA DA 42 16.80 -39.49 -4.28
CA ALA DA 42 15.63 -40.24 -4.71
C ALA DA 42 14.84 -39.48 -5.77
N TYR DA 43 14.72 -38.16 -5.60
CA TYR DA 43 13.98 -37.36 -6.58
C TYR DA 43 14.72 -37.27 -7.91
N ILE DA 44 16.05 -37.19 -7.86
CA ILE DA 44 16.84 -37.18 -9.08
C ILE DA 44 16.70 -38.50 -9.84
N LEU DA 45 16.75 -39.62 -9.11
CA LEU DA 45 16.73 -40.93 -9.73
C LEU DA 45 15.37 -41.26 -10.34
N GLY DA 46 14.28 -40.74 -9.76
CA GLY DA 46 12.99 -40.99 -10.35
C GLY DA 46 11.82 -41.18 -9.40
N GLU DA 47 12.05 -41.09 -8.10
CA GLU DA 47 10.97 -41.22 -7.13
C GLU DA 47 10.16 -39.92 -7.14
N LYS DA 48 9.13 -39.88 -7.96
CA LYS DA 48 8.33 -38.68 -8.17
C LYS DA 48 7.04 -38.76 -7.37
N THR DA 49 6.59 -37.60 -6.88
CA THR DA 49 5.36 -37.54 -6.10
C THR DA 49 4.13 -37.65 -6.98
N THR DA 50 4.13 -37.00 -8.14
CA THR DA 50 2.94 -36.90 -8.97
C THR DA 50 2.60 -38.19 -9.70
N LYS DA 51 3.48 -39.18 -9.71
CA LYS DA 51 3.17 -40.44 -10.38
C LYS DA 51 2.30 -41.35 -9.54
N LYS DA 52 2.18 -41.10 -8.23
CA LYS DA 52 1.34 -41.90 -7.36
C LYS DA 52 0.15 -41.12 -6.82
N MET DA 53 0.05 -39.83 -7.14
CA MET DA 53 -1.03 -38.98 -6.66
C MET DA 53 -2.24 -39.19 -7.56
N THR DA 54 -3.07 -40.16 -7.20
CA THR DA 54 -4.25 -40.49 -7.99
C THR DA 54 -5.36 -39.49 -7.74
N GLU DA 55 -6.57 -39.80 -8.19
CA GLU DA 55 -7.71 -38.94 -7.94
C GLU DA 55 -8.39 -39.23 -6.61
N ASN DA 56 -7.94 -40.25 -5.88
CA ASN DA 56 -8.41 -40.49 -4.53
C ASN DA 56 -7.54 -39.82 -3.47
N SER DA 57 -6.44 -39.17 -3.88
CA SER DA 57 -5.52 -38.54 -2.94
C SER DA 57 -6.07 -37.17 -2.57
N LYS DA 58 -7.08 -37.18 -1.71
CA LYS DA 58 -7.75 -35.98 -1.27
C LYS DA 58 -7.51 -35.78 0.22
N LEU DA 59 -7.07 -34.59 0.59
CA LEU DA 59 -6.91 -34.23 2.00
C LEU DA 59 -8.21 -33.59 2.46
N ILE DA 60 -8.91 -34.25 3.36
CA ILE DA 60 -10.23 -33.84 3.83
C ILE DA 60 -10.16 -33.60 5.33
N THR DA 61 -10.82 -32.54 5.80
CA THR DA 61 -10.99 -32.32 7.23
C THR DA 61 -12.48 -32.17 7.55
N VAL DA 62 -12.89 -32.78 8.65
CA VAL DA 62 -14.26 -32.69 9.16
C VAL DA 62 -14.27 -31.72 10.34
N ASP DA 63 -15.20 -30.78 10.31
CA ASP DA 63 -15.21 -29.68 11.26
C ASP DA 63 -16.60 -29.48 11.83
N GLY DA 64 -16.67 -28.98 13.06
CA GLY DA 64 -17.93 -28.66 13.68
C GLY DA 64 -17.73 -27.99 15.03
N ASN DA 65 -18.82 -27.90 15.78
CA ASN DA 65 -18.78 -27.33 17.13
C ASN DA 65 -18.30 -28.39 18.12
N ILE DA 66 -18.46 -28.13 19.42
CA ILE DA 66 -17.86 -28.98 20.45
C ILE DA 66 -18.53 -30.36 20.46
N CYS DA 67 -19.86 -30.41 20.39
CA CYS DA 67 -20.53 -31.70 20.37
C CYS DA 67 -21.30 -31.86 19.06
N SER DA 68 -20.64 -31.56 17.94
CA SER DA 68 -21.27 -31.66 16.64
C SER DA 68 -21.47 -33.10 16.17
N GLY DA 69 -20.89 -34.07 16.87
CA GLY DA 69 -21.03 -35.45 16.44
C GLY DA 69 -20.23 -35.79 15.21
N LYS DA 70 -19.16 -35.06 14.95
CA LYS DA 70 -18.34 -35.25 13.76
C LYS DA 70 -17.29 -36.33 13.99
N LYS DA 72 -17.50 -39.44 14.88
CA LYS DA 72 -17.76 -40.75 14.28
C LYS DA 72 -18.11 -40.60 12.80
N LEU DA 73 -18.59 -39.42 12.43
CA LEU DA 73 -18.83 -39.14 11.01
C LEU DA 73 -17.54 -39.17 10.22
N ALA DA 74 -16.45 -38.67 10.81
CA ALA DA 74 -15.16 -38.69 10.13
C ALA DA 74 -14.68 -40.12 9.92
N LYS DA 75 -14.83 -40.99 10.92
CA LYS DA 75 -14.43 -42.38 10.76
C LYS DA 75 -15.28 -43.10 9.73
N GLU DA 76 -16.58 -42.82 9.71
CA GLU DA 76 -17.45 -43.47 8.73
C GLU DA 76 -17.12 -43.02 7.32
N VAL DA 77 -16.88 -41.71 7.13
CA VAL DA 77 -16.46 -41.20 5.82
C VAL DA 77 -15.12 -41.78 5.40
N ALA DA 78 -14.19 -41.91 6.35
CA ALA DA 78 -12.89 -42.48 6.04
C ALA DA 78 -12.96 -43.95 5.66
N GLU DA 79 -13.91 -44.69 6.25
CA GLU DA 79 -14.01 -46.10 5.91
C GLU DA 79 -14.67 -46.34 4.55
N LYS DA 80 -15.38 -45.35 4.01
CA LYS DA 80 -16.05 -45.54 2.73
C LYS DA 80 -15.09 -45.39 1.57
N LEU DA 81 -14.35 -44.30 1.52
CA LEU DA 81 -13.44 -44.03 0.42
C LEU DA 81 -12.10 -44.75 0.57
N GLY DA 82 -11.90 -45.47 1.66
CA GLY DA 82 -10.61 -46.09 1.92
C GLY DA 82 -9.50 -45.10 2.21
N LEU DA 83 -9.78 -44.10 3.04
CA LEU DA 83 -8.79 -43.10 3.41
C LEU DA 83 -8.33 -43.34 4.84
N LYS DA 84 -7.15 -42.83 5.15
CA LYS DA 84 -6.61 -42.91 6.51
C LYS DA 84 -7.30 -41.90 7.39
N HIS DA 85 -7.77 -42.34 8.56
CA HIS DA 85 -8.41 -41.45 9.52
C HIS DA 85 -7.44 -41.14 10.65
N PHE DA 86 -7.23 -39.88 10.90
CA PHE DA 86 -6.43 -39.49 12.04
C PHE DA 86 -7.34 -39.00 13.15
N PRO DA 87 -7.19 -39.51 14.37
CA PRO DA 87 -7.98 -38.96 15.49
C PRO DA 87 -7.59 -37.53 15.77
N GLU DA 88 -8.51 -36.80 16.40
CA GLU DA 88 -8.29 -35.39 16.67
C GLU DA 88 -7.10 -35.20 17.61
N ALA DA 89 -6.20 -34.29 17.23
CA ALA DA 89 -4.95 -34.09 17.96
C ALA DA 89 -5.24 -33.35 19.26
N GLY DA 90 -5.18 -34.08 20.36
CA GLY DA 90 -5.33 -33.49 21.67
C GLY DA 90 -3.98 -33.15 22.29
N ILE DA 91 -3.94 -33.18 23.61
CA ILE DA 91 -2.69 -32.96 24.32
C ILE DA 91 -1.71 -34.10 24.07
N HIS DA 92 -2.21 -35.32 23.95
CA HIS DA 92 -1.40 -36.53 23.92
C HIS DA 92 -1.25 -37.10 22.52
N TYR DA 93 -1.07 -36.26 21.50
CA TYR DA 93 -0.83 -36.79 20.17
C TYR DA 93 0.64 -37.11 19.91
N ALA DA 94 1.54 -36.21 20.30
CA ALA DA 94 2.96 -36.39 20.03
C ALA DA 94 3.52 -37.59 20.76
N ASP DA 95 3.09 -37.80 22.01
CA ASP DA 95 3.53 -38.98 22.74
C ASP DA 95 2.89 -40.26 22.20
N SER DA 96 1.77 -40.14 21.49
CA SER DA 96 1.22 -41.30 20.79
C SER DA 96 2.02 -41.63 19.55
N THR DA 97 2.58 -40.63 18.88
CA THR DA 97 3.40 -40.90 17.70
C THR DA 97 4.79 -41.41 18.05
N THR DA 98 5.37 -40.94 19.15
CA THR DA 98 6.78 -41.21 19.45
C THR DA 98 6.92 -42.11 20.66
N GLY DA 99 8.03 -42.84 20.71
CA GLY DA 99 8.35 -43.64 21.87
C GLY DA 99 7.52 -44.91 21.95
N ASP DA 100 7.07 -45.22 23.16
CA ASP DA 100 6.23 -46.39 23.39
C ASP DA 100 4.84 -46.23 22.79
N GLY DA 101 4.38 -45.00 22.59
CA GLY DA 101 3.03 -44.74 22.15
C GLY DA 101 2.03 -44.53 23.26
N LYS DA 102 2.41 -44.80 24.51
CA LYS DA 102 1.57 -44.50 25.64
C LYS DA 102 1.60 -43.02 25.95
N PRO DA 103 0.53 -42.47 26.53
CA PRO DA 103 0.55 -41.05 26.92
C PRO DA 103 1.50 -40.81 28.08
N LEU DA 104 2.34 -39.79 27.92
CA LEU DA 104 3.28 -39.39 28.96
C LEU DA 104 2.55 -38.66 30.08
N PRO DA 105 3.17 -38.57 31.27
CA PRO DA 105 2.60 -37.73 32.32
C PRO DA 105 2.53 -36.26 31.90
N VAL DA 106 1.57 -35.54 32.50
CA VAL DA 106 1.19 -34.23 31.99
C VAL DA 106 2.27 -33.17 32.22
N ARG DA 107 3.21 -33.40 33.13
CA ARG DA 107 4.29 -32.43 33.30
C ARG DA 107 5.28 -32.50 32.15
N PHE DA 108 5.32 -33.61 31.42
CA PHE DA 108 6.22 -33.76 30.29
C PHE DA 108 5.59 -33.32 28.98
N SER DA 109 4.30 -33.51 28.81
CA SER DA 109 3.60 -33.11 27.59
C SER DA 109 2.48 -32.16 27.97
N GLY DA 110 2.54 -30.94 27.45
CA GLY DA 110 1.50 -29.98 27.67
C GLY DA 110 1.73 -29.04 28.83
N ASN DA 111 1.92 -29.59 30.03
CA ASN DA 111 1.91 -28.82 31.28
C ASN DA 111 0.63 -27.98 31.38
N CYS DA 112 -0.49 -28.60 31.01
CA CYS DA 112 -1.77 -27.91 30.94
C CYS DA 112 -2.88 -28.93 31.13
N SER DA 113 -4.03 -28.44 31.57
CA SER DA 113 -5.19 -29.28 31.84
C SER DA 113 -6.40 -28.73 31.11
N LEU DA 114 -7.10 -29.61 30.40
CA LEU DA 114 -8.35 -29.21 29.75
C LEU DA 114 -9.46 -29.02 30.77
N GLU DA 115 -9.50 -29.87 31.79
CA GLU DA 115 -10.53 -29.77 32.81
C GLU DA 115 -10.36 -28.53 33.68
N LYS DA 116 -9.12 -28.07 33.86
CA LYS DA 116 -8.90 -26.81 34.56
C LYS DA 116 -9.42 -25.64 33.73
N PHE DA 117 -9.30 -25.73 32.40
CA PHE DA 117 -9.91 -24.73 31.53
C PHE DA 117 -11.42 -24.75 31.63
N TYR DA 118 -12.01 -25.94 31.73
CA TYR DA 118 -13.45 -26.05 31.89
C TYR DA 118 -13.92 -25.52 33.25
N ASP DA 119 -13.08 -25.64 34.28
CA ASP DA 119 -13.46 -25.19 35.61
C ASP DA 119 -13.06 -23.74 35.88
N ASP DA 120 -11.80 -23.38 35.61
CA ASP DA 120 -11.27 -22.05 35.89
C ASP DA 120 -10.70 -21.46 34.62
N PRO DA 121 -11.54 -20.93 33.73
CA PRO DA 121 -11.02 -20.37 32.47
C PRO DA 121 -10.27 -19.08 32.64
N LYS DA 122 -10.43 -18.39 33.77
CA LYS DA 122 -9.68 -17.18 34.07
C LYS DA 122 -8.70 -17.43 35.22
N SER DA 123 -8.04 -18.59 35.21
CA SER DA 123 -7.14 -18.96 36.27
C SER DA 123 -5.87 -18.11 36.22
N ASN DA 124 -5.22 -18.00 37.38
CA ASN DA 124 -4.13 -17.04 37.54
C ASN DA 124 -2.84 -17.50 36.87
N ASP DA 125 -2.68 -18.80 36.62
CA ASP DA 125 -1.45 -19.31 36.03
C ASP DA 125 -1.44 -19.22 34.51
N GLY DA 126 -2.50 -18.71 33.91
CA GLY DA 126 -2.58 -18.66 32.46
C GLY DA 126 -2.65 -20.02 31.81
N ASN DA 127 -3.46 -20.93 32.35
CA ASN DA 127 -3.57 -22.27 31.78
C ASN DA 127 -4.27 -22.25 30.43
N SER DA 128 -5.15 -21.29 30.19
CA SER DA 128 -6.00 -21.31 29.00
C SER DA 128 -5.18 -21.11 27.73
N TYR DA 129 -4.36 -20.06 27.68
CA TYR DA 129 -3.60 -19.82 26.47
C TYR DA 129 -2.48 -20.84 26.32
N ARG DA 130 -1.94 -21.34 27.43
CA ARG DA 130 -0.93 -22.39 27.36
C ARG DA 130 -1.50 -23.65 26.72
N LEU DA 131 -2.72 -24.03 27.13
CA LEU DA 131 -3.40 -25.18 26.54
C LEU DA 131 -3.70 -24.93 25.07
N GLN DA 132 -4.12 -23.71 24.72
CA GLN DA 132 -4.43 -23.41 23.32
C GLN DA 132 -3.20 -23.47 22.44
N ALA DA 133 -2.07 -22.96 22.94
CA ALA DA 133 -0.82 -23.00 22.18
C ALA DA 133 -0.34 -24.43 21.99
N TRP DA 134 -0.42 -25.25 23.04
CA TRP DA 134 -0.03 -26.65 22.91
C TRP DA 134 -0.94 -27.38 21.93
N LEU DA 135 -2.23 -27.07 21.93
CA LEU DA 135 -3.14 -27.70 20.99
C LEU DA 135 -2.86 -27.28 19.55
N TYR DA 136 -2.50 -26.01 19.35
CA TYR DA 136 -2.11 -25.56 18.01
C TYR DA 136 -0.86 -26.27 17.53
N ALA DA 137 0.12 -26.44 18.42
CA ALA DA 137 1.34 -27.15 18.03
C ALA DA 137 1.04 -28.62 17.72
N SER DA 138 0.17 -29.24 18.49
CA SER DA 138 -0.22 -30.62 18.23
C SER DA 138 -0.95 -30.76 16.89
N ARG DA 139 -1.81 -29.79 16.56
CA ARG DA 139 -2.49 -29.83 15.29
C ARG DA 139 -1.54 -29.58 14.12
N LEU DA 140 -0.52 -28.74 14.32
CA LEU DA 140 0.51 -28.56 13.30
C LEU DA 140 1.27 -29.85 13.04
N LEU DA 141 1.63 -30.55 14.12
CA LEU DA 141 2.32 -31.84 13.96
C LEU DA 141 1.44 -32.87 13.27
N GLN DA 142 0.14 -32.90 13.61
CA GLN DA 142 -0.77 -33.83 12.96
C GLN DA 142 -0.93 -33.51 11.48
N TYR DA 143 -0.98 -32.22 11.14
CA TYR DA 143 -1.10 -31.82 9.74
C TYR DA 143 0.15 -32.22 8.96
N ALA DA 144 1.33 -32.05 9.57
CA ALA DA 144 2.56 -32.49 8.93
C ALA DA 144 2.57 -34.00 8.71
N ASP DA 145 2.11 -34.77 9.71
CA ASP DA 145 2.05 -36.22 9.56
C ASP DA 145 1.08 -36.63 8.45
N ALA DA 146 -0.07 -35.96 8.37
CA ALA DA 146 -1.04 -36.24 7.32
C ALA DA 146 -0.48 -35.95 5.94
N LEU DA 147 0.22 -34.82 5.80
CA LEU DA 147 0.80 -34.49 4.50
C LEU DA 147 1.91 -35.46 4.14
N GLU DA 148 2.69 -35.91 5.12
CA GLU DA 148 3.72 -36.91 4.85
C GLU DA 148 3.10 -38.22 4.36
N HIS DA 149 2.02 -38.66 5.00
CA HIS DA 149 1.35 -39.88 4.57
C HIS DA 149 0.77 -39.73 3.17
N LEU DA 150 0.18 -38.57 2.88
CA LEU DA 150 -0.42 -38.34 1.57
C LEU DA 150 0.64 -38.31 0.47
N LEU DA 151 1.79 -37.68 0.73
CA LEU DA 151 2.81 -37.53 -0.29
C LEU DA 151 3.76 -38.72 -0.37
N SER DA 152 3.74 -39.63 0.61
CA SER DA 152 4.54 -40.84 0.51
C SER DA 152 3.75 -42.06 0.08
N THR DA 153 2.45 -42.10 0.35
CA THR DA 153 1.62 -43.25 -0.01
C THR DA 153 0.62 -42.96 -1.10
N GLY DA 154 0.15 -41.73 -1.21
CA GLY DA 154 -0.90 -41.41 -2.16
C GLY DA 154 -2.31 -41.68 -1.67
N GLN DA 155 -2.46 -42.15 -0.43
CA GLN DA 155 -3.77 -42.37 0.17
C GLN DA 155 -4.21 -41.12 0.90
N GLY DA 156 -5.47 -40.73 0.71
CA GLY DA 156 -5.98 -39.54 1.34
C GLY DA 156 -6.10 -39.67 2.84
N VAL DA 157 -6.11 -38.53 3.52
CA VAL DA 157 -6.17 -38.47 4.97
C VAL DA 157 -7.39 -37.65 5.38
N VAL DA 158 -8.16 -38.15 6.33
CA VAL DA 158 -9.31 -37.44 6.88
C VAL DA 158 -8.94 -36.93 8.27
N LEU DA 159 -8.99 -35.62 8.46
CA LEU DA 159 -8.59 -34.98 9.70
C LEU DA 159 -9.80 -34.37 10.40
N GLU DA 160 -9.57 -33.91 11.61
CA GLU DA 160 -10.59 -33.25 12.43
C GLU DA 160 -9.98 -32.03 13.07
N ARG DA 161 -10.49 -30.84 12.72
CA ARG DA 161 -10.10 -29.56 13.32
C ARG DA 161 -8.60 -29.30 13.14
N SER DA 162 -8.22 -29.07 11.89
CA SER DA 162 -6.82 -28.84 11.54
C SER DA 162 -6.39 -27.43 12.00
N ILE DA 163 -5.20 -27.00 11.58
CA ILE DA 163 -4.68 -25.71 12.01
C ILE DA 163 -5.45 -24.55 11.42
N TYR DA 164 -6.15 -24.75 10.31
CA TYR DA 164 -6.96 -23.69 9.73
C TYR DA 164 -8.22 -23.39 10.53
N SER DA 165 -8.54 -24.21 11.52
CA SER DA 165 -9.75 -24.07 12.32
C SER DA 165 -9.43 -24.06 13.80
N ASP DA 166 -8.40 -23.31 14.20
CA ASP DA 166 -8.05 -23.15 15.60
C ASP DA 166 -8.14 -21.71 16.08
N PHE DA 167 -8.06 -20.73 15.17
CA PHE DA 167 -8.34 -19.35 15.53
C PHE DA 167 -9.80 -19.16 15.93
N VAL DA 168 -10.69 -20.07 15.52
CA VAL DA 168 -12.06 -20.06 16.04
C VAL DA 168 -12.06 -20.28 17.55
N PHE DA 169 -11.22 -21.19 18.04
CA PHE DA 169 -11.12 -21.39 19.48
C PHE DA 169 -10.39 -20.23 20.13
N LEU DA 170 -9.43 -19.63 19.42
CA LEU DA 170 -8.73 -18.47 19.98
C LEU DA 170 -9.68 -17.30 20.19
N GLU DA 171 -10.52 -17.00 19.19
CA GLU DA 171 -11.45 -15.88 19.33
C GLU DA 171 -12.56 -16.20 20.31
N ALA DA 172 -12.95 -17.47 20.43
CA ALA DA 172 -13.90 -17.83 21.48
C ALA DA 172 -13.31 -17.59 22.87
N MET DA 173 -12.02 -17.94 23.05
CA MET DA 173 -11.37 -17.68 24.33
C MET DA 173 -11.21 -16.18 24.58
N TYR DA 174 -10.82 -15.44 23.55
CA TYR DA 174 -10.50 -14.03 23.72
C TYR DA 174 -11.75 -13.19 23.93
N ARG DA 175 -12.86 -13.56 23.29
CA ARG DA 175 -14.08 -12.75 23.39
C ARG DA 175 -14.75 -12.86 24.75
N GLN DA 176 -14.55 -13.96 25.47
CA GLN DA 176 -15.13 -14.13 26.79
C GLN DA 176 -14.28 -13.51 27.89
N GLY DA 177 -13.17 -12.88 27.53
CA GLY DA 177 -12.30 -12.30 28.54
C GLY DA 177 -11.36 -13.27 29.21
N PHE DA 178 -11.20 -14.47 28.64
CA PHE DA 178 -10.35 -15.47 29.27
C PHE DA 178 -8.87 -15.13 29.10
N ILE DA 179 -8.48 -14.69 27.91
CA ILE DA 179 -7.08 -14.38 27.61
C ILE DA 179 -6.96 -12.91 27.24
N ARG DA 180 -5.73 -12.44 27.19
CA ARG DA 180 -5.44 -11.04 26.92
C ARG DA 180 -5.14 -10.84 25.44
N LYS DA 181 -4.93 -9.60 25.05
CA LYS DA 181 -4.62 -9.30 23.65
C LYS DA 181 -3.24 -9.79 23.25
N GLN DA 182 -2.30 -9.80 24.20
CA GLN DA 182 -0.91 -10.17 23.89
C GLN DA 182 -0.79 -11.64 23.53
N CYS DA 183 -1.62 -12.49 24.15
CA CYS DA 183 -1.65 -13.90 23.75
C CYS DA 183 -2.14 -14.06 22.33
N VAL DA 184 -3.12 -13.25 21.93
CA VAL DA 184 -3.60 -13.28 20.54
C VAL DA 184 -2.50 -12.81 19.60
N ASP DA 185 -1.72 -11.80 20.01
CA ASP DA 185 -0.61 -11.34 19.20
C ASP DA 185 0.45 -12.42 19.03
N HIS DA 186 0.78 -13.13 20.11
CA HIS DA 186 1.74 -14.21 20.05
C HIS DA 186 1.26 -15.34 19.14
N TYR DA 187 -0.02 -15.71 19.25
CA TYR DA 187 -0.56 -16.76 18.39
C TYR DA 187 -0.59 -16.31 16.94
N ASN DA 188 -0.89 -15.04 16.69
CA ASN DA 188 -0.92 -14.54 15.33
C ASN DA 188 0.47 -14.54 14.72
N GLN DA 189 1.49 -14.21 15.51
CA GLN DA 189 2.87 -14.27 15.03
C GLN DA 189 3.27 -15.70 14.67
N VAL DA 190 2.97 -16.65 15.56
CA VAL DA 190 3.36 -18.04 15.32
C VAL DA 190 2.61 -18.60 14.12
N LYS DA 191 1.32 -18.30 13.99
CA LYS DA 191 0.55 -18.74 12.84
C LYS DA 191 1.06 -18.12 11.55
N LYS DA 192 1.41 -16.83 11.60
CA LYS DA 192 1.89 -16.13 10.41
C LYS DA 192 3.22 -16.71 9.94
N VAL DA 193 4.08 -17.17 10.85
CA VAL DA 193 5.33 -17.75 10.41
C VAL DA 193 5.26 -19.26 10.15
N THR DA 194 4.19 -19.94 10.55
CA THR DA 194 4.09 -21.38 10.34
C THR DA 194 3.12 -21.79 9.23
N VAL DA 195 1.89 -21.28 9.23
CA VAL DA 195 0.85 -21.81 8.35
C VAL DA 195 1.06 -21.44 6.89
N CYS DA 196 1.96 -20.50 6.59
CA CYS DA 196 2.15 -20.07 5.21
C CYS DA 196 2.89 -21.10 4.36
N GLU DA 197 3.50 -22.10 4.97
CA GLU DA 197 4.32 -23.07 4.25
C GLU DA 197 3.54 -24.28 3.78
N TYR DA 198 2.26 -24.39 4.09
CA TYR DA 198 1.48 -25.58 3.79
C TYR DA 198 0.35 -25.25 2.83
N LEU DA 199 -0.27 -26.31 2.32
CA LEU DA 199 -1.37 -26.25 1.38
C LEU DA 199 -2.69 -26.47 2.11
N PRO DA 200 -3.75 -25.79 1.69
CA PRO DA 200 -5.06 -25.98 2.32
C PRO DA 200 -5.61 -27.35 1.98
N PRO DA 201 -6.56 -27.86 2.76
CA PRO DA 201 -7.15 -29.17 2.44
C PRO DA 201 -7.98 -29.11 1.17
N HIS DA 202 -8.22 -30.30 0.61
CA HIS DA 202 -9.05 -30.37 -0.59
C HIS DA 202 -10.50 -30.05 -0.28
N VAL DA 203 -11.12 -30.85 0.60
CA VAL DA 203 -12.52 -30.72 0.96
C VAL DA 203 -12.61 -30.42 2.44
N VAL DA 204 -13.39 -29.41 2.81
CA VAL DA 204 -13.65 -29.09 4.20
C VAL DA 204 -15.14 -29.24 4.47
N ILE DA 205 -15.47 -29.99 5.51
CA ILE DA 205 -16.86 -30.34 5.85
C ILE DA 205 -17.21 -29.68 7.15
N TYR DA 206 -18.33 -28.97 7.18
CA TYR DA 206 -18.82 -28.31 8.38
C TYR DA 206 -20.14 -28.94 8.80
N VAL DA 207 -20.26 -29.26 10.08
CA VAL DA 207 -21.46 -29.84 10.64
C VAL DA 207 -22.18 -28.77 11.42
N ASP DA 208 -23.35 -28.34 10.93
CA ASP DA 208 -24.11 -27.25 11.53
C ASP DA 208 -25.00 -27.81 12.63
N VAL DA 209 -24.59 -27.62 13.88
CA VAL DA 209 -25.38 -28.03 15.04
C VAL DA 209 -25.62 -26.79 15.91
N PRO DA 210 -26.86 -26.48 16.27
CA PRO DA 210 -27.12 -25.25 17.04
C PRO DA 210 -26.60 -25.35 18.46
N VAL DA 211 -26.69 -24.22 19.16
CA VAL DA 211 -26.20 -24.12 20.53
C VAL DA 211 -27.05 -24.99 21.46
N SER DA 212 -28.37 -24.97 21.28
CA SER DA 212 -29.26 -25.69 22.19
C SER DA 212 -29.07 -27.19 22.10
N GLU DA 213 -28.94 -27.72 20.88
CA GLU DA 213 -28.70 -29.15 20.74
C GLU DA 213 -27.31 -29.54 21.23
N VAL DA 214 -26.33 -28.64 21.06
CA VAL DA 214 -25.00 -28.88 21.60
C VAL DA 214 -25.03 -28.98 23.11
N GLN DA 215 -25.78 -28.09 23.77
CA GLN DA 215 -25.85 -28.15 25.23
C GLN DA 215 -26.69 -29.32 25.70
N SER DA 216 -27.68 -29.75 24.92
CA SER DA 216 -28.41 -30.96 25.24
C SER DA 216 -27.50 -32.18 25.19
N ARG DA 217 -26.66 -32.28 24.16
CA ARG DA 217 -25.71 -33.38 24.08
C ARG DA 217 -24.66 -33.30 25.19
N ILE DA 218 -24.29 -32.08 25.59
CA ILE DA 218 -23.33 -31.89 26.67
C ILE DA 218 -23.91 -32.37 28.00
N GLN DA 219 -25.18 -32.06 28.27
CA GLN DA 219 -25.83 -32.58 29.45
C GLN DA 219 -25.98 -34.10 29.39
N LYS DA 220 -26.29 -34.64 28.21
CA LYS DA 220 -26.47 -36.08 28.09
C LYS DA 220 -25.15 -36.84 28.14
N LYS DA 221 -24.01 -36.17 27.92
CA LYS DA 221 -22.73 -36.85 27.90
C LYS DA 221 -22.36 -37.40 29.27
N GLY DA 222 -22.64 -36.66 30.33
CA GLY DA 222 -22.33 -37.10 31.67
C GLY DA 222 -20.96 -36.70 32.19
N ASN DA 223 -20.17 -36.01 31.39
CA ASN DA 223 -18.88 -35.52 31.87
C ASN DA 223 -19.11 -34.35 32.83
N PRO DA 224 -18.46 -34.33 33.98
CA PRO DA 224 -18.73 -33.26 34.95
C PRO DA 224 -18.04 -31.95 34.62
N HIS DA 225 -16.84 -32.01 34.05
CA HIS DA 225 -16.07 -30.79 33.79
C HIS DA 225 -16.64 -30.01 32.61
N GLU DA 226 -16.98 -30.70 31.53
CA GLU DA 226 -17.38 -30.02 30.30
C GLU DA 226 -18.81 -29.55 30.34
N MET DA 227 -19.57 -29.85 31.40
CA MET DA 227 -20.86 -29.22 31.61
C MET DA 227 -20.74 -27.73 31.93
N LYS DA 228 -19.62 -27.31 32.51
CA LYS DA 228 -19.52 -25.98 33.08
C LYS DA 228 -19.24 -24.88 32.05
N ILE DA 229 -19.21 -25.21 30.75
CA ILE DA 229 -18.92 -24.18 29.75
C ILE DA 229 -20.13 -23.30 29.56
N THR DA 230 -19.88 -22.00 29.40
CA THR DA 230 -20.95 -21.04 29.21
C THR DA 230 -21.52 -21.14 27.80
N SER DA 231 -22.80 -20.78 27.67
CA SER DA 231 -23.45 -20.83 26.36
C SER DA 231 -22.92 -19.75 25.43
N ALA DA 232 -22.42 -18.64 25.99
CA ALA DA 232 -21.82 -17.61 25.17
C ALA DA 232 -20.55 -18.10 24.49
N TYR DA 233 -19.83 -19.04 25.12
CA TYR DA 233 -18.64 -19.61 24.52
C TYR DA 233 -18.98 -20.42 23.27
N LEU DA 234 -20.01 -21.27 23.36
CA LEU DA 234 -20.45 -22.05 22.21
C LEU DA 234 -21.03 -21.16 21.13
N GLN DA 235 -21.77 -20.13 21.53
CA GLN DA 235 -22.30 -19.16 20.56
C GLN DA 235 -21.17 -18.43 19.85
N ASP DA 236 -20.10 -18.10 20.57
CA ASP DA 236 -18.96 -17.43 19.96
C ASP DA 236 -18.21 -18.35 19.01
N ILE DA 237 -18.09 -19.64 19.37
CA ILE DA 237 -17.49 -20.61 18.46
C ILE DA 237 -18.29 -20.68 17.16
N GLU DA 238 -19.61 -20.74 17.26
CA GLU DA 238 -20.46 -20.80 16.08
C GLU DA 238 -20.36 -19.52 15.25
N ASN DA 239 -20.31 -18.36 15.92
CA ASN DA 239 -20.25 -17.09 15.23
C ASN DA 239 -18.93 -16.92 14.48
N VAL DA 240 -17.81 -17.28 15.12
CA VAL DA 240 -16.52 -17.13 14.45
C VAL DA 240 -16.37 -18.19 13.35
N TYR DA 241 -16.98 -19.36 13.52
CA TYR DA 241 -16.98 -20.34 12.43
C TYR DA 241 -17.74 -19.83 11.21
N LYS DA 242 -18.93 -19.29 11.42
CA LYS DA 242 -19.77 -18.90 10.29
C LYS DA 242 -19.45 -17.51 9.76
N GLY DA 243 -18.61 -16.74 10.45
CA GLY DA 243 -18.36 -15.38 10.04
C GLY DA 243 -17.00 -15.12 9.42
N THR DA 244 -15.97 -15.83 9.88
CA THR DA 244 -14.61 -15.60 9.43
C THR DA 244 -13.96 -16.82 8.81
N PHE DA 245 -14.22 -18.02 9.34
CA PHE DA 245 -13.56 -19.23 8.85
C PHE DA 245 -14.09 -19.66 7.49
N LEU DA 246 -15.39 -19.93 7.42
CA LEU DA 246 -16.00 -20.32 6.15
C LEU DA 246 -15.91 -19.26 5.05
N PRO DA 247 -16.16 -17.96 5.27
CA PRO DA 247 -15.96 -17.00 4.16
C PRO DA 247 -14.53 -16.85 3.70
N GLU DA 248 -13.54 -17.21 4.51
CA GLU DA 248 -12.15 -17.13 4.08
C GLU DA 248 -11.62 -18.44 3.53
N MET DA 249 -12.25 -19.56 3.84
CA MET DA 249 -11.79 -20.85 3.37
C MET DA 249 -12.49 -21.32 2.10
N SER DA 250 -13.63 -20.75 1.76
CA SER DA 250 -14.38 -21.19 0.59
C SER DA 250 -13.70 -20.81 -0.71
N GLU DA 251 -12.66 -19.97 -0.69
CA GLU DA 251 -11.96 -19.61 -1.91
C GLU DA 251 -10.79 -20.54 -2.21
N LYS DA 252 -10.11 -21.04 -1.19
CA LYS DA 252 -8.96 -21.91 -1.40
C LYS DA 252 -9.31 -23.39 -1.37
N CYS DA 253 -10.58 -23.73 -1.12
CA CYS DA 253 -11.05 -25.11 -1.23
C CYS DA 253 -12.57 -25.07 -1.42
N GLU DA 254 -13.23 -26.20 -1.20
CA GLU DA 254 -14.67 -26.32 -1.36
C GLU DA 254 -15.30 -26.67 -0.02
N VAL DA 255 -16.19 -25.79 0.45
CA VAL DA 255 -16.88 -26.00 1.71
C VAL DA 255 -18.15 -26.80 1.45
N LEU DA 256 -18.28 -27.93 2.12
CA LEU DA 256 -19.48 -28.77 2.04
C LEU DA 256 -20.15 -28.73 3.40
N GLN DA 257 -21.17 -27.90 3.54
CA GLN DA 257 -21.80 -27.63 4.83
C GLN DA 257 -23.04 -28.50 4.99
N TYR DA 258 -23.12 -29.21 6.11
CA TYR DA 258 -24.26 -30.08 6.40
C TYR DA 258 -24.87 -29.69 7.74
N SER DA 259 -26.11 -30.11 7.94
CA SER DA 259 -26.83 -29.90 9.18
C SER DA 259 -26.67 -31.14 10.08
N ALA DA 260 -27.46 -31.20 11.14
CA ALA DA 260 -27.34 -32.31 12.09
C ALA DA 260 -27.88 -33.60 11.50
N TRP DA 261 -29.05 -33.54 10.86
CA TRP DA 261 -29.68 -34.77 10.38
C TRP DA 261 -29.02 -35.31 9.11
N GLU DA 262 -28.42 -34.44 8.31
CA GLU DA 262 -27.72 -34.91 7.12
C GLU DA 262 -26.38 -35.56 7.47
N ALA DA 263 -25.74 -35.10 8.55
CA ALA DA 263 -24.46 -35.69 8.95
C ALA DA 263 -24.64 -37.08 9.55
N GLU DA 264 -25.86 -37.45 9.93
CA GLU DA 264 -26.11 -38.80 10.40
C GLU DA 264 -25.92 -39.82 9.28
N ASP DA 265 -26.37 -39.49 8.09
CA ASP DA 265 -26.20 -40.35 6.91
C ASP DA 265 -24.98 -39.86 6.15
N ALA DA 266 -23.84 -40.52 6.38
CA ALA DA 266 -22.61 -40.14 5.72
C ALA DA 266 -22.49 -40.70 4.30
N GLU DA 267 -23.45 -41.53 3.88
CA GLU DA 267 -23.50 -41.95 2.49
C GLU DA 267 -23.72 -40.74 1.58
N LYS DA 268 -24.61 -39.82 1.98
CA LYS DA 268 -24.80 -38.59 1.24
C LYS DA 268 -23.52 -37.77 1.18
N VAL DA 269 -22.75 -37.77 2.27
CA VAL DA 269 -21.47 -37.09 2.29
C VAL DA 269 -20.51 -37.70 1.27
N VAL DA 270 -20.48 -39.04 1.18
CA VAL DA 270 -19.57 -39.69 0.24
C VAL DA 270 -19.98 -39.44 -1.21
N GLU DA 271 -21.28 -39.53 -1.53
CA GLU DA 271 -21.68 -39.25 -2.91
C GLU DA 271 -21.53 -37.78 -3.26
N ASP DA 272 -21.58 -36.88 -2.27
CA ASP DA 272 -21.25 -35.49 -2.57
C ASP DA 272 -19.76 -35.32 -2.81
N ILE DA 273 -18.93 -36.04 -2.05
CA ILE DA 273 -17.48 -35.89 -2.17
C ILE DA 273 -17.00 -36.45 -3.51
N GLN DA 274 -17.46 -37.64 -3.88
CA GLN DA 274 -16.92 -38.31 -5.05
C GLN DA 274 -17.42 -37.73 -6.37
N TYR DA 275 -18.39 -36.82 -6.34
CA TYR DA 275 -18.90 -36.16 -7.54
C TYR DA 275 -18.61 -34.66 -7.49
N LEU DA 276 -17.44 -34.30 -6.96
CA LEU DA 276 -17.03 -32.91 -6.84
C LEU DA 276 -16.05 -32.55 -7.93
N LYS DA 277 -16.18 -31.34 -8.46
CA LYS DA 277 -15.29 -30.84 -9.51
C LYS DA 277 -14.32 -29.86 -8.86
N TYR DA 278 -13.04 -30.23 -8.85
CA TYR DA 278 -12.01 -29.43 -8.20
C TYR DA 278 -11.52 -28.37 -9.19
N ASP DA 279 -11.80 -27.10 -8.88
CA ASP DA 279 -11.40 -26.00 -9.75
C ASP DA 279 -10.78 -24.82 -9.01
N LYS DA 280 -10.82 -24.79 -7.68
CA LYS DA 280 -10.19 -23.75 -6.89
C LYS DA 280 -9.02 -24.33 -6.11
N GLY DA 281 -8.30 -23.45 -5.41
CA GLY DA 281 -7.23 -23.88 -4.56
C GLY DA 281 -5.91 -24.00 -5.29
N PRO DA 282 -4.81 -23.94 -4.54
CA PRO DA 282 -3.48 -24.02 -5.16
C PRO DA 282 -3.04 -25.43 -5.52
N TRP DA 283 -3.85 -26.45 -5.23
CA TRP DA 283 -3.46 -27.82 -5.52
C TRP DA 283 -3.40 -28.10 -7.02
N LEU DA 284 -4.12 -27.33 -7.84
CA LEU DA 284 -4.03 -27.51 -9.28
C LEU DA 284 -2.72 -27.00 -9.83
N ASP DA 285 -2.20 -25.91 -9.26
CA ASP DA 285 -0.96 -25.29 -9.73
C ASP DA 285 0.25 -25.81 -8.95
N GLN DA 286 0.33 -27.14 -8.85
CA GLN DA 286 1.43 -27.80 -8.15
C GLN DA 286 2.13 -28.72 -9.14
N ASP DA 287 3.44 -28.55 -9.27
CA ASP DA 287 4.26 -29.41 -10.10
C ASP DA 287 5.04 -30.35 -9.20
N ASP DA 288 5.96 -31.11 -9.80
CA ASP DA 288 6.72 -32.09 -9.05
C ASP DA 288 7.75 -31.46 -8.13
N ARG DA 289 8.33 -30.32 -8.52
CA ARG DA 289 9.39 -29.70 -7.73
C ARG DA 289 8.84 -29.12 -6.43
N LYS DA 290 7.71 -28.42 -6.49
CA LYS DA 290 7.13 -27.84 -5.29
C LYS DA 290 6.64 -28.92 -4.34
N LEU DA 291 6.10 -30.01 -4.88
CA LEU DA 291 5.71 -31.14 -4.05
C LEU DA 291 6.92 -31.81 -3.41
N HIS DA 292 8.04 -31.87 -4.14
CA HIS DA 292 9.26 -32.42 -3.55
C HIS DA 292 9.75 -31.54 -2.41
N ASN DA 293 9.72 -30.22 -2.59
CA ASN DA 293 10.13 -29.31 -1.52
C ASN DA 293 9.22 -29.42 -0.31
N LEU DA 294 7.91 -29.55 -0.54
CA LEU DA 294 6.97 -29.70 0.57
C LEU DA 294 7.18 -31.00 1.30
N ARG DA 295 7.44 -32.09 0.57
CA ARG DA 295 7.70 -33.37 1.23
C ARG DA 295 9.00 -33.34 2.02
N MET DA 296 10.02 -32.65 1.51
CA MET DA 296 11.26 -32.51 2.27
C MET DA 296 11.07 -31.68 3.52
N LEU DA 297 10.26 -30.62 3.44
CA LEU DA 297 10.00 -29.81 4.62
C LEU DA 297 9.19 -30.59 5.66
N VAL DA 298 8.23 -31.38 5.19
CA VAL DA 298 7.30 -32.05 6.09
C VAL DA 298 8.00 -33.17 6.86
N GLN DA 299 8.90 -33.91 6.20
CA GLN DA 299 9.48 -35.11 6.79
C GLN DA 299 10.40 -34.82 7.98
N ASP DA 300 10.86 -33.57 8.15
CA ASP DA 300 11.72 -33.22 9.27
C ASP DA 300 10.85 -32.50 10.30
N LYS DA 301 10.52 -33.20 11.38
CA LYS DA 301 9.55 -32.68 12.34
C LYS DA 301 10.11 -31.52 13.15
N LEU DA 302 11.42 -31.51 13.39
CA LEU DA 302 12.03 -30.44 14.17
C LEU DA 302 11.95 -29.11 13.43
N GLU DA 303 12.18 -29.10 12.12
CA GLU DA 303 12.03 -27.87 11.37
C GLU DA 303 10.58 -27.53 11.10
N VAL DA 304 9.67 -28.49 11.27
CA VAL DA 304 8.24 -28.18 11.26
C VAL DA 304 7.86 -27.43 12.53
N LEU DA 305 8.32 -27.91 13.67
CA LEU DA 305 8.03 -27.30 14.96
C LEU DA 305 9.05 -26.25 15.36
N ASN DA 306 9.88 -25.80 14.42
CA ASN DA 306 10.92 -24.82 14.73
C ASN DA 306 10.32 -23.50 15.19
N TYR DA 307 9.27 -23.05 14.53
CA TYR DA 307 8.74 -21.71 14.77
C TYR DA 307 7.60 -21.69 15.76
N THR DA 308 7.23 -22.82 16.35
CA THR DA 308 6.19 -22.80 17.36
C THR DA 308 6.69 -22.15 18.65
N SER DA 309 7.92 -22.45 19.04
CA SER DA 309 8.51 -21.89 20.25
C SER DA 309 9.42 -20.71 19.90
N ILE DA 310 8.79 -19.63 19.46
CA ILE DA 310 9.52 -18.39 19.16
C ILE DA 310 9.97 -17.78 20.49
N PRO DA 311 11.12 -17.08 20.53
CA PRO DA 311 11.55 -16.45 21.80
C PRO DA 311 10.86 -15.10 22.04
N VAL DA 312 9.54 -15.15 22.21
CA VAL DA 312 8.75 -14.03 22.69
C VAL DA 312 8.35 -14.36 24.12
N PHE DA 313 8.64 -13.45 25.05
CA PHE DA 313 8.50 -13.72 26.47
C PHE DA 313 7.12 -13.30 26.93
N LEU DA 314 6.21 -14.26 26.94
CA LEU DA 314 4.85 -14.14 27.44
C LEU DA 314 4.72 -14.89 28.76
N PRO DA 315 3.99 -14.33 29.73
CA PRO DA 315 3.88 -15.00 31.03
C PRO DA 315 3.23 -16.38 30.98
N GLU DA 316 2.38 -16.65 30.00
CA GLU DA 316 1.71 -17.93 29.92
C GLU DA 316 2.65 -19.04 29.47
N VAL DA 317 3.52 -18.75 28.50
CA VAL DA 317 4.31 -19.80 27.87
C VAL DA 317 5.76 -19.84 28.33
N THR DA 318 6.29 -18.76 28.89
CA THR DA 318 7.68 -18.73 29.31
C THR DA 318 7.84 -19.52 30.61
N ILE DA 319 8.70 -20.52 30.58
CA ILE DA 319 9.02 -21.33 31.75
C ILE DA 319 10.43 -20.97 32.19
N GLY DA 320 10.64 -20.89 33.49
CA GLY DA 320 11.92 -20.47 34.01
C GLY DA 320 13.01 -21.52 33.82
N ALA DA 321 14.23 -21.11 34.18
CA ALA DA 321 15.39 -21.95 33.92
C ALA DA 321 15.39 -23.18 34.82
N HIS DA 322 15.13 -23.00 36.11
CA HIS DA 322 15.23 -24.11 37.07
C HIS DA 322 14.15 -25.15 36.84
N GLN DA 323 12.91 -24.70 36.62
CA GLN DA 323 11.80 -25.64 36.40
C GLN DA 323 11.99 -26.42 35.11
N SER DA 324 12.34 -25.74 34.03
CA SER DA 324 12.52 -26.42 32.75
C SER DA 324 13.73 -27.34 32.78
N ASP DA 325 14.79 -26.95 33.48
CA ASP DA 325 15.93 -27.84 33.65
C ASP DA 325 15.55 -29.09 34.42
N ARG DA 326 14.77 -28.94 35.49
CA ARG DA 326 14.33 -30.10 36.27
C ARG DA 326 13.44 -31.01 35.44
N VAL DA 327 12.54 -30.43 34.64
CA VAL DA 327 11.64 -31.23 33.82
C VAL DA 327 12.41 -31.96 32.72
N PHE DA 328 13.42 -31.32 32.14
CA PHE DA 328 14.27 -32.01 31.18
C PHE DA 328 15.03 -33.16 31.81
N GLN DA 329 15.55 -32.95 33.03
CA GLN DA 329 16.26 -34.01 33.73
C GLN DA 329 15.34 -35.20 34.01
N GLU DA 330 14.08 -34.92 34.36
CA GLU DA 330 13.14 -36.02 34.56
C GLU DA 330 12.73 -36.67 33.25
N PHE DA 331 12.69 -35.91 32.15
CA PHE DA 331 12.34 -36.48 30.86
C PHE DA 331 13.42 -37.41 30.34
N THR DA 332 14.69 -37.07 30.56
CA THR DA 332 15.79 -37.94 30.14
C THR DA 332 15.76 -39.26 30.89
N GLU DA 333 15.39 -39.23 32.18
CA GLU DA 333 15.33 -40.44 32.99
C GLU DA 333 14.21 -41.39 32.57
N LEU DA 334 13.24 -40.92 31.78
CA LEU DA 334 12.15 -41.76 31.32
C LEU DA 334 12.67 -42.89 30.45
N PRO DA 335 12.01 -44.06 30.47
CA PRO DA 335 12.50 -45.19 29.67
C PRO DA 335 12.28 -44.96 28.19
N GLY DA 336 13.29 -45.27 27.40
CA GLY DA 336 13.21 -45.06 25.97
C GLY DA 336 13.39 -43.62 25.53
N ARG DA 337 13.74 -42.72 26.43
CA ARG DA 337 13.92 -41.31 26.10
C ARG DA 337 15.33 -40.81 26.32
N LYS DA 338 16.23 -41.59 26.91
CA LYS DA 338 17.56 -41.10 27.21
C LYS DA 338 18.41 -40.96 25.97
N TYR DA 339 18.26 -41.86 25.00
CA TYR DA 339 19.09 -41.88 23.81
C TYR DA 339 18.20 -41.78 22.58
N ARG DA 340 18.80 -42.07 21.41
CA ARG DA 340 18.06 -42.03 20.17
C ARG DA 340 17.01 -43.13 20.12
N ALA DA 341 16.22 -43.12 19.05
CA ALA DA 341 15.05 -43.98 18.94
C ALA DA 341 15.38 -45.46 18.78
N GLY DA 342 16.63 -45.82 18.54
CA GLY DA 342 16.94 -47.22 18.34
C GLY DA 342 18.17 -47.71 19.07
N TYR DA 343 18.60 -46.98 20.09
CA TYR DA 343 19.85 -47.29 20.78
C TYR DA 343 19.65 -47.49 22.28
N ASN DA 344 18.42 -47.76 22.70
CA ASN DA 344 18.10 -47.83 24.13
C ASN DA 344 18.24 -49.28 24.60
N GLU DA 345 19.29 -49.56 25.37
CA GLU DA 345 19.51 -50.91 25.87
C GLU DA 345 18.50 -51.26 26.96
N ASP DA 346 18.02 -50.27 27.70
CA ASP DA 346 17.12 -50.54 28.83
C ASP DA 346 15.75 -51.05 28.40
N VAL DA 347 15.39 -50.92 27.12
CA VAL DA 347 14.13 -51.47 26.62
C VAL DA 347 14.34 -52.69 25.76
N GLY DA 348 15.58 -53.06 25.44
CA GLY DA 348 15.83 -54.28 24.70
C GLY DA 348 16.24 -54.09 23.25
N ASP DA 349 17.10 -53.11 22.99
CA ASP DA 349 17.65 -52.88 21.66
C ASP DA 349 19.05 -53.49 21.61
N LYS DA 350 19.24 -54.48 20.75
CA LYS DA 350 20.52 -55.17 20.64
C LYS DA 350 21.34 -54.59 19.50
N TRP DA 351 22.59 -55.08 19.40
CA TRP DA 351 23.55 -54.70 18.36
C TRP DA 351 23.85 -53.20 18.36
N ILE DA 352 23.86 -52.59 19.54
CA ILE DA 352 24.22 -51.18 19.65
C ILE DA 352 25.68 -50.97 19.28
N TRP DA 353 26.55 -51.93 19.62
CA TRP DA 353 27.97 -51.81 19.35
C TRP DA 353 28.30 -51.86 17.86
N LEU DA 354 27.37 -52.29 17.01
CA LEU DA 354 27.60 -52.33 15.58
C LEU DA 354 26.65 -51.40 14.81
N LYS DA 355 25.99 -50.49 15.49
CA LYS DA 355 25.11 -49.54 14.83
C LYS DA 355 25.74 -48.15 14.77
N PRO EA 2 47.88 -19.59 -3.62
CA PRO EA 2 47.39 -20.78 -4.32
C PRO EA 2 47.32 -20.60 -5.83
N PHE EA 3 48.50 -20.57 -6.45
CA PHE EA 3 48.62 -20.73 -7.90
C PHE EA 3 48.82 -22.21 -8.16
N PHE EA 4 47.72 -22.96 -8.05
CA PHE EA 4 47.77 -24.39 -8.31
C PHE EA 4 47.93 -24.61 -9.80
N ASP EA 5 49.18 -24.59 -10.27
CA ASP EA 5 49.47 -24.69 -11.69
C ASP EA 5 49.15 -26.10 -12.18
N VAL EA 6 48.04 -26.23 -12.88
CA VAL EA 6 47.61 -27.53 -13.39
C VAL EA 6 48.15 -27.78 -14.79
N GLN EA 7 48.35 -26.71 -15.57
CA GLN EA 7 48.68 -26.84 -16.98
C GLN EA 7 50.03 -27.51 -17.21
N LYS EA 8 51.05 -27.15 -16.41
CA LYS EA 8 52.34 -27.80 -16.58
C LYS EA 8 52.33 -29.21 -16.00
N LYS EA 9 51.54 -29.43 -14.94
CA LYS EA 9 51.42 -30.77 -14.37
C LYS EA 9 50.76 -31.74 -15.35
N LEU EA 10 49.72 -31.27 -16.05
CA LEU EA 10 48.99 -32.14 -16.97
C LEU EA 10 49.63 -32.17 -18.35
N GLY EA 11 50.26 -31.08 -18.77
CA GLY EA 11 50.83 -31.01 -20.09
C GLY EA 11 49.96 -30.36 -21.14
N VAL EA 12 48.80 -29.82 -20.75
CA VAL EA 12 47.95 -29.09 -21.67
C VAL EA 12 48.20 -27.60 -21.49
N ASP EA 13 47.81 -26.83 -22.50
CA ASP EA 13 47.88 -25.38 -22.44
C ASP EA 13 46.49 -24.81 -22.69
N LEU EA 14 46.10 -23.86 -21.87
CA LEU EA 14 44.79 -23.25 -21.99
C LEU EA 14 44.84 -21.79 -22.35
N ASP EA 15 45.80 -21.04 -21.82
CA ASP EA 15 45.96 -19.64 -22.18
C ASP EA 15 47.42 -19.26 -22.33
N HIS EA 16 48.29 -20.22 -22.60
CA HIS EA 16 49.72 -19.95 -22.76
C HIS EA 16 50.04 -19.34 -24.12
N TRP EA 17 49.23 -19.60 -25.14
CA TRP EA 17 49.50 -19.12 -26.48
C TRP EA 17 49.17 -17.65 -26.66
N MET EA 18 48.43 -17.06 -25.73
CA MET EA 18 47.97 -15.69 -25.84
C MET EA 18 48.80 -14.72 -25.01
N THR EA 19 49.45 -15.22 -23.95
CA THR EA 19 49.92 -14.36 -22.87
C THR EA 19 51.03 -13.39 -23.28
N ILE EA 20 51.75 -13.65 -24.38
CA ILE EA 20 52.82 -12.77 -24.81
C ILE EA 20 52.63 -12.39 -26.26
N GLN EA 21 53.30 -11.32 -26.66
CA GLN EA 21 53.17 -10.76 -28.00
C GLN EA 21 54.00 -11.51 -29.04
N SER EA 22 54.92 -12.37 -28.61
CA SER EA 22 55.84 -13.04 -29.52
C SER EA 22 55.55 -14.52 -29.69
N ALA EA 23 54.31 -14.94 -29.44
CA ALA EA 23 53.94 -16.34 -29.55
C ALA EA 23 53.61 -16.69 -31.00
N GLU EA 24 53.07 -17.87 -31.23
CA GLU EA 24 52.72 -18.32 -32.57
C GLU EA 24 51.46 -17.60 -33.04
N GLN EA 25 51.50 -17.09 -34.27
CA GLN EA 25 50.46 -16.25 -34.86
C GLN EA 25 49.95 -16.89 -36.15
N PRO EA 26 48.73 -16.55 -36.58
CA PRO EA 26 48.18 -17.16 -37.81
C PRO EA 26 48.96 -16.73 -39.05
N HIS EA 27 49.59 -17.69 -39.71
CA HIS EA 27 50.57 -17.48 -40.79
C HIS EA 27 51.61 -16.43 -40.42
N ARG EA 28 52.08 -16.49 -39.17
CA ARG EA 28 53.32 -15.86 -38.74
C ARG EA 28 53.30 -14.35 -38.94
N ILE EA 29 52.19 -13.73 -38.55
CA ILE EA 29 52.09 -12.27 -38.62
C ILE EA 29 52.84 -11.70 -37.43
N PRO EA 30 53.89 -10.93 -37.65
CA PRO EA 30 54.67 -10.41 -36.52
C PRO EA 30 54.08 -9.14 -35.95
N ALA EA 31 54.31 -8.96 -34.66
CA ALA EA 31 53.84 -7.75 -33.98
C ALA EA 31 54.80 -6.60 -34.26
N ARG EA 32 54.47 -5.43 -33.73
CA ARG EA 32 55.30 -4.26 -33.93
C ARG EA 32 56.60 -4.37 -33.15
N CYS EA 33 56.54 -4.88 -31.93
CA CYS EA 33 57.71 -4.99 -31.08
C CYS EA 33 57.97 -6.45 -30.72
N HIS EA 34 57.93 -7.34 -31.72
CA HIS EA 34 58.24 -8.74 -31.49
C HIS EA 34 59.69 -8.93 -31.07
N ALA EA 35 60.61 -8.21 -31.71
CA ALA EA 35 62.03 -8.39 -31.42
C ALA EA 35 62.38 -7.86 -30.03
N PHE EA 36 61.76 -6.76 -29.62
CA PHE EA 36 62.04 -6.21 -28.29
C PHE EA 36 61.48 -7.10 -27.20
N GLU EA 37 60.29 -7.67 -27.43
CA GLU EA 37 59.73 -8.63 -26.48
C GLU EA 37 60.60 -9.88 -26.40
N LYS EA 38 61.12 -10.34 -27.54
CA LYS EA 38 62.01 -11.49 -27.54
C LYS EA 38 63.28 -11.20 -26.74
N GLU EA 39 63.86 -10.01 -26.93
CA GLU EA 39 65.06 -9.64 -26.20
C GLU EA 39 64.81 -9.51 -24.71
N TRP EA 40 63.69 -8.89 -24.31
CA TRP EA 40 63.42 -8.74 -22.89
C TRP EA 40 63.08 -10.07 -22.24
N ILE EA 41 62.41 -10.96 -22.98
CA ILE EA 41 62.04 -12.26 -22.42
C ILE EA 41 63.30 -13.10 -22.23
N GLU EA 42 64.17 -13.12 -23.23
CA GLU EA 42 65.39 -13.92 -23.13
C GLU EA 42 66.40 -13.32 -22.16
N CYS EA 43 66.34 -12.01 -21.93
CA CYS EA 43 67.20 -11.40 -20.91
C CYS EA 43 66.83 -11.88 -19.52
N ALA EA 44 65.54 -12.02 -19.24
CA ALA EA 44 65.06 -12.20 -17.88
C ALA EA 44 64.38 -13.54 -17.65
N HIS EA 45 64.97 -14.62 -18.16
CA HIS EA 45 64.42 -15.96 -17.99
C HIS EA 45 65.20 -16.68 -16.89
N GLY EA 46 64.48 -17.17 -15.90
CA GLY EA 46 65.08 -18.02 -14.89
C GLY EA 46 65.95 -17.30 -13.87
N ILE EA 47 65.96 -15.98 -13.87
CA ILE EA 47 66.75 -15.22 -12.91
C ILE EA 47 65.90 -14.58 -11.83
N GLY EA 48 64.58 -14.69 -11.90
CA GLY EA 48 63.71 -14.11 -10.90
C GLY EA 48 63.37 -12.66 -11.21
N SER EA 49 62.37 -12.16 -10.48
CA SER EA 49 61.86 -10.82 -10.76
C SER EA 49 62.80 -9.74 -10.27
N ILE EA 50 63.47 -9.95 -9.12
CA ILE EA 50 64.37 -8.94 -8.59
C ILE EA 50 65.56 -8.73 -9.53
N ARG EA 51 66.19 -9.83 -9.92
CA ARG EA 51 67.25 -9.73 -10.91
C ARG EA 51 66.73 -9.34 -12.28
N ALA EA 52 65.43 -9.54 -12.56
CA ALA EA 52 64.87 -9.08 -13.82
C ALA EA 52 64.79 -7.56 -13.87
N GLU EA 53 64.31 -6.94 -12.79
CA GLU EA 53 64.27 -5.48 -12.76
C GLU EA 53 65.63 -4.85 -12.50
N LYS EA 54 66.60 -5.60 -12.01
CA LYS EA 54 67.90 -4.98 -11.85
C LYS EA 54 68.81 -5.17 -13.06
N GLU EA 55 68.78 -6.36 -13.67
CA GLU EA 55 69.75 -6.72 -14.70
C GLU EA 55 69.19 -6.70 -16.11
N CYS EA 56 67.94 -6.29 -16.30
CA CYS EA 56 67.37 -6.12 -17.63
C CYS EA 56 66.59 -4.82 -17.73
N LYS EA 57 67.11 -3.76 -17.11
CA LYS EA 57 66.41 -2.49 -17.13
C LYS EA 57 66.50 -1.83 -18.49
N ILE EA 58 67.65 -1.97 -19.17
CA ILE EA 58 67.85 -1.36 -20.47
C ILE EA 58 66.92 -1.98 -21.50
N GLU EA 59 66.86 -3.31 -21.54
CA GLU EA 59 66.01 -4.01 -22.49
C GLU EA 59 64.54 -3.74 -22.23
N PHE EA 60 64.14 -3.74 -20.95
CA PHE EA 60 62.74 -3.49 -20.63
C PHE EA 60 62.33 -2.06 -20.94
N GLU EA 61 63.18 -1.08 -20.64
CA GLU EA 61 62.78 0.29 -20.93
C GLU EA 61 62.80 0.57 -22.43
N ASP EA 62 63.66 -0.12 -23.19
CA ASP EA 62 63.67 0.06 -24.63
C ASP EA 62 62.41 -0.57 -25.23
N PHE EA 63 62.01 -1.74 -24.71
CA PHE EA 63 60.77 -2.36 -25.15
C PHE EA 63 59.55 -1.51 -24.82
N ARG EA 64 59.55 -0.92 -23.62
CA ARG EA 64 58.46 -0.02 -23.24
C ARG EA 64 58.43 1.23 -24.10
N GLU EA 65 59.58 1.70 -24.56
CA GLU EA 65 59.59 2.79 -25.52
C GLU EA 65 59.13 2.36 -26.89
N CYS EA 66 59.32 1.09 -27.24
CA CYS EA 66 58.71 0.60 -28.48
C CYS EA 66 57.20 0.54 -28.36
N LEU EA 67 56.69 0.24 -27.16
CA LEU EA 67 55.25 0.04 -26.99
C LEU EA 67 54.49 1.36 -27.08
N LEU EA 68 54.77 2.29 -26.18
CA LEU EA 68 53.98 3.51 -26.10
C LEU EA 68 54.58 4.66 -26.92
N ARG EA 69 55.89 4.64 -27.14
CA ARG EA 69 56.63 5.68 -27.87
C ARG EA 69 56.44 7.05 -27.21
N GLN EA 70 57.02 7.19 -26.02
CA GLN EA 70 57.00 8.49 -25.37
C GLN EA 70 58.07 9.41 -25.93
N LYS EA 71 59.32 8.94 -25.96
CA LYS EA 71 60.44 9.79 -26.34
C LYS EA 71 60.44 10.11 -27.83
N THR EA 72 59.89 9.22 -28.66
CA THR EA 72 59.82 9.47 -30.10
C THR EA 72 58.94 10.68 -30.41
N MET EA 73 57.71 10.68 -29.90
CA MET EA 73 56.86 11.85 -30.03
C MET EA 73 57.38 13.05 -29.26
N LYS EA 74 58.17 12.85 -28.20
CA LYS EA 74 58.76 14.00 -27.52
C LYS EA 74 59.76 14.71 -28.43
N ARG EA 75 60.65 13.95 -29.07
CA ARG EA 75 61.60 14.55 -30.01
C ARG EA 75 60.89 15.16 -31.20
N LEU EA 76 59.84 14.49 -31.69
CA LEU EA 76 59.07 15.04 -32.80
C LEU EA 76 58.37 16.34 -32.41
N ASN EA 77 57.91 16.43 -31.16
CA ASN EA 77 57.30 17.65 -30.67
C ASN EA 77 58.32 18.77 -30.60
N ALA EA 78 59.54 18.46 -30.16
CA ALA EA 78 60.60 19.48 -30.13
C ALA EA 78 60.91 19.99 -31.53
N ILE EA 79 61.03 19.08 -32.50
CA ILE EA 79 61.33 19.48 -33.87
C ILE EA 79 60.20 20.30 -34.46
N LYS EA 80 58.95 19.86 -34.24
CA LYS EA 80 57.80 20.57 -34.78
C LYS EA 80 57.66 21.96 -34.19
N ARG EA 81 57.84 22.08 -32.86
CA ARG EA 81 57.72 23.39 -32.21
C ARG EA 81 58.81 24.34 -32.67
N GLN EA 82 60.05 23.87 -32.78
CA GLN EA 82 61.13 24.74 -33.25
C GLN EA 82 60.93 25.15 -34.70
N ARG EA 83 60.46 24.23 -35.54
CA ARG EA 83 60.19 24.58 -36.93
C ARG EA 83 59.07 25.60 -37.04
N ASP EA 84 58.00 25.46 -36.24
CA ASP EA 84 56.92 26.44 -36.28
C ASP EA 84 57.39 27.82 -35.82
N LYS EA 85 58.19 27.87 -34.75
CA LYS EA 85 58.70 29.16 -34.28
C LYS EA 85 59.63 29.79 -35.31
N LEU EA 86 60.45 28.96 -35.98
CA LEU EA 86 61.33 29.48 -37.01
C LEU EA 86 60.56 29.99 -38.22
N ILE EA 87 59.47 29.31 -38.59
CA ILE EA 87 58.64 29.73 -39.70
C ILE EA 87 57.94 31.06 -39.37
N LYS EA 88 57.37 31.15 -38.17
CA LYS EA 88 56.67 32.36 -37.75
C LYS EA 88 57.62 33.55 -37.64
N GLU EA 89 58.82 33.31 -37.10
CA GLU EA 89 59.76 34.42 -36.91
C GLU EA 89 60.34 34.89 -38.23
N GLY EA 90 60.68 33.97 -39.13
CA GLY EA 90 61.15 34.34 -40.45
C GLY EA 90 62.61 34.06 -40.71
N LYS EA 91 63.13 32.96 -40.17
CA LYS EA 91 64.51 32.56 -40.39
C LYS EA 91 64.62 31.23 -41.13
N TYR EA 92 63.51 30.71 -41.65
CA TYR EA 92 63.50 29.38 -42.25
C TYR EA 92 62.48 29.35 -43.38
N THR EA 93 62.81 28.59 -44.43
CA THR EA 93 61.92 28.35 -45.54
C THR EA 93 61.92 26.85 -45.83
N PRO EA 94 60.77 26.20 -45.96
CA PRO EA 94 60.75 24.76 -46.18
C PRO EA 94 61.28 24.41 -47.57
N PRO EA 95 61.90 23.25 -47.72
CA PRO EA 95 62.44 22.85 -49.02
C PRO EA 95 61.33 22.42 -49.96
N PRO EA 96 61.58 22.40 -51.28
CA PRO EA 96 60.50 22.05 -52.22
C PRO EA 96 60.02 20.61 -52.11
N HIS EA 97 60.83 19.67 -51.61
CA HIS EA 97 60.38 18.29 -51.53
C HIS EA 97 59.46 18.04 -50.34
N HIS EA 98 59.37 18.99 -49.42
CA HIS EA 98 58.39 18.94 -48.33
C HIS EA 98 57.17 19.80 -48.62
N SER EA 99 57.09 20.38 -49.82
CA SER EA 99 55.99 21.27 -50.16
C SER EA 99 54.87 20.58 -50.94
N GLY EA 100 55.15 19.44 -51.58
CA GLY EA 100 54.10 18.75 -52.29
C GLY EA 100 54.51 18.01 -53.56
N GLN EA 101 55.64 18.35 -54.15
CA GLN EA 101 56.09 17.64 -55.34
C GLN EA 101 57.61 17.59 -55.37
N GLU EA 102 58.16 16.39 -55.65
CA GLU EA 102 59.58 16.29 -55.95
C GLU EA 102 59.91 15.19 -56.96
N ASP EA 103 58.95 14.71 -57.75
CA ASP EA 103 59.11 13.56 -58.65
C ASP EA 103 59.55 12.33 -57.87
N LEU EA 104 58.59 11.81 -57.07
CA LEU EA 104 58.81 10.78 -56.07
C LEU EA 104 59.53 9.56 -56.63
N ARG EA 105 60.19 8.83 -55.72
CA ARG EA 105 61.22 7.86 -56.10
C ARG EA 105 60.70 6.68 -56.92
N PRO EA 106 59.63 5.94 -56.53
CA PRO EA 106 59.42 4.74 -57.33
C PRO EA 106 58.40 4.90 -58.44
N VAL FA 5 9.90 -47.44 -31.17
CA VAL FA 5 10.52 -46.16 -31.49
C VAL FA 5 10.01 -45.68 -32.85
N ALA FA 6 9.38 -46.57 -33.61
CA ALA FA 6 8.77 -46.16 -34.87
C ALA FA 6 7.46 -45.42 -34.65
N ALA FA 7 6.70 -45.84 -33.63
CA ALA FA 7 5.46 -45.14 -33.28
C ALA FA 7 5.74 -43.73 -32.80
N PHE FA 8 6.79 -43.55 -31.99
CA PHE FA 8 7.16 -42.22 -31.53
C PHE FA 8 7.60 -41.34 -32.69
N LEU FA 9 8.34 -41.91 -33.64
CA LEU FA 9 8.76 -41.14 -34.82
C LEU FA 9 7.57 -40.73 -35.66
N LYS FA 10 6.60 -41.65 -35.83
CA LYS FA 10 5.38 -41.30 -36.57
C LYS FA 10 4.59 -40.22 -35.86
N ASN FA 11 4.49 -40.28 -34.53
CA ASN FA 11 3.76 -39.27 -33.79
C ASN FA 11 4.45 -37.90 -33.89
N VAL FA 12 5.78 -37.87 -33.74
CA VAL FA 12 6.47 -36.58 -33.76
C VAL FA 12 6.51 -36.01 -35.17
N TRP FA 13 6.50 -36.86 -36.20
CA TRP FA 13 6.38 -36.34 -37.57
C TRP FA 13 4.95 -35.89 -37.86
N ALA FA 14 3.96 -36.49 -37.19
CA ALA FA 14 2.58 -36.03 -37.37
C ALA FA 14 2.33 -34.72 -36.63
N LYS FA 15 3.05 -34.46 -35.54
CA LYS FA 15 2.75 -33.28 -34.73
C LYS FA 15 3.62 -32.08 -35.08
N GLU FA 16 4.94 -32.20 -34.91
CA GLU FA 16 5.89 -31.11 -35.20
C GLU FA 16 6.94 -31.61 -36.18
N PRO FA 17 6.67 -31.53 -37.50
CA PRO FA 17 7.67 -31.99 -38.47
C PRO FA 17 8.90 -31.10 -38.57
N VAL FA 18 8.79 -29.83 -38.16
CA VAL FA 18 9.93 -28.91 -38.25
C VAL FA 18 11.05 -29.35 -37.31
N LEU FA 19 10.70 -29.75 -36.10
CA LEU FA 19 11.71 -30.23 -35.16
C LEU FA 19 12.33 -31.53 -35.62
N VAL FA 20 11.56 -32.40 -36.27
CA VAL FA 20 12.10 -33.63 -36.81
C VAL FA 20 13.10 -33.33 -37.92
N ALA FA 21 12.75 -32.39 -38.81
CA ALA FA 21 13.65 -32.03 -39.90
C ALA FA 21 14.93 -31.37 -39.37
N SER FA 22 14.79 -30.52 -38.36
CA SER FA 22 15.96 -29.88 -37.77
C SER FA 22 16.87 -30.89 -37.07
N PHE FA 23 16.29 -31.83 -36.34
CA PHE FA 23 17.10 -32.86 -35.68
C PHE FA 23 17.80 -33.75 -36.70
N ALA FA 24 17.11 -34.10 -37.79
CA ALA FA 24 17.73 -34.90 -38.84
C ALA FA 24 18.88 -34.16 -39.51
N ILE FA 25 18.69 -32.87 -39.81
CA ILE FA 25 19.72 -32.09 -40.48
C ILE FA 25 20.93 -31.92 -39.57
N ALA FA 26 20.70 -31.63 -38.29
CA ALA FA 26 21.81 -31.48 -37.34
C ALA FA 26 22.56 -32.79 -37.14
N GLY FA 27 21.84 -33.91 -37.07
CA GLY FA 27 22.51 -35.20 -36.94
C GLY FA 27 23.33 -35.54 -38.18
N LEU FA 28 22.79 -35.21 -39.36
CA LEU FA 28 23.54 -35.40 -40.60
C LEU FA 28 24.83 -34.59 -40.60
N ALA FA 29 24.73 -33.31 -40.19
CA ALA FA 29 25.90 -32.44 -40.18
C ALA FA 29 26.91 -32.86 -39.14
N VAL FA 30 26.48 -33.47 -38.05
CA VAL FA 30 27.42 -33.96 -37.05
C VAL FA 30 28.15 -35.20 -37.56
N ILE FA 31 27.40 -36.17 -38.12
CA ILE FA 31 28.00 -37.48 -38.38
C ILE FA 31 28.61 -37.60 -39.78
N LEU FA 32 28.41 -36.63 -40.66
CA LEU FA 32 28.98 -36.78 -42.00
C LEU FA 32 30.48 -36.48 -42.14
N PRO FA 33 31.08 -35.48 -41.49
CA PRO FA 33 32.54 -35.32 -41.62
C PRO FA 33 33.36 -36.46 -41.03
N THR FA 34 32.79 -37.26 -40.15
CA THR FA 34 33.52 -38.41 -39.62
C THR FA 34 33.72 -39.47 -40.71
N LEU FA 35 32.69 -39.73 -41.49
CA LEU FA 35 32.69 -40.82 -42.47
C LEU FA 35 33.06 -40.37 -43.87
N SER FA 36 33.20 -39.08 -44.13
CA SER FA 36 33.45 -38.71 -45.52
C SER FA 36 34.95 -38.61 -45.80
N PRO FA 37 35.40 -39.05 -46.97
CA PRO FA 37 36.83 -39.04 -47.28
C PRO FA 37 37.34 -37.80 -47.99
N TYR FA 38 36.49 -36.86 -48.35
CA TYR FA 38 36.90 -35.66 -49.06
C TYR FA 38 37.38 -34.55 -48.14
N THR FA 39 37.35 -34.74 -46.82
CA THR FA 39 37.76 -33.67 -45.92
C THR FA 39 39.26 -33.46 -45.93
N LYS FA 40 40.04 -34.53 -46.12
CA LYS FA 40 41.50 -34.38 -46.20
C LYS FA 40 41.91 -33.56 -47.41
N TYR FA 41 41.15 -33.64 -48.51
CA TYR FA 41 41.44 -32.81 -49.66
C TYR FA 41 41.22 -31.34 -49.34
N SER FA 42 40.18 -31.04 -48.55
CA SER FA 42 39.95 -29.67 -48.10
C SER FA 42 41.07 -29.20 -47.19
N LEU FA 43 41.56 -30.08 -46.32
CA LEU FA 43 42.69 -29.75 -45.46
C LEU FA 43 43.93 -29.40 -46.28
N MET FA 44 44.23 -30.21 -47.29
CA MET FA 44 45.40 -29.95 -48.11
C MET FA 44 45.23 -28.71 -48.99
N ILE FA 45 44.01 -28.42 -49.43
CA ILE FA 45 43.74 -27.20 -50.18
C ILE FA 45 43.97 -25.97 -49.30
N ASN FA 46 43.50 -26.02 -48.06
CA ASN FA 46 43.74 -24.93 -47.12
C ASN FA 46 45.21 -24.78 -46.80
N ARG FA 47 45.93 -25.89 -46.69
CA ARG FA 47 47.35 -25.83 -46.39
C ARG FA 47 48.16 -25.27 -47.56
N ALA FA 48 47.74 -25.55 -48.79
CA ALA FA 48 48.48 -25.18 -49.98
C ALA FA 48 48.10 -23.82 -50.53
N THR FA 49 47.59 -22.92 -49.70
CA THR FA 49 47.24 -21.58 -50.14
C THR FA 49 48.32 -20.61 -49.67
N PRO FA 50 49.07 -19.99 -50.57
CA PRO FA 50 50.26 -19.20 -50.18
C PRO FA 50 49.99 -17.77 -49.72
N TYR FA 51 49.65 -17.62 -48.44
CA TYR FA 51 49.42 -16.29 -47.89
C TYR FA 51 50.73 -15.56 -47.61
N ASN FA 52 51.74 -16.26 -47.13
CA ASN FA 52 52.99 -15.64 -46.73
C ASN FA 52 53.97 -15.63 -47.90
N TYR FA 53 55.23 -15.31 -47.63
CA TYR FA 53 56.29 -15.43 -48.61
C TYR FA 53 57.13 -16.65 -48.30
N PRO FA 54 57.36 -17.53 -49.27
CA PRO FA 54 58.15 -18.73 -49.02
C PRO FA 54 59.65 -18.44 -48.97
N VAL FA 55 60.14 -18.05 -47.80
CA VAL FA 55 61.54 -17.62 -47.66
C VAL FA 55 62.47 -18.81 -47.88
N PRO FA 56 63.59 -18.63 -48.58
CA PRO FA 56 64.47 -19.76 -48.88
C PRO FA 56 65.50 -20.02 -47.79
N LEU FA 57 65.97 -21.26 -47.74
CA LEU FA 57 66.94 -21.68 -46.73
C LEU FA 57 68.35 -21.63 -47.31
N ARG FA 58 69.31 -21.35 -46.45
CA ARG FA 58 70.70 -21.25 -46.86
C ARG FA 58 71.24 -22.62 -47.23
N ASP FA 59 71.86 -22.71 -48.40
CA ASP FA 59 72.39 -23.97 -48.92
C ASP FA 59 73.71 -24.26 -48.23
N ASP FA 60 73.65 -25.05 -47.15
CA ASP FA 60 74.89 -25.52 -46.54
C ASP FA 60 75.57 -26.57 -47.39
N GLY FA 61 74.79 -27.42 -48.06
CA GLY FA 61 75.34 -28.46 -48.91
C GLY FA 61 74.62 -29.78 -48.81
N ASN FA 62 74.05 -30.11 -47.65
CA ASN FA 62 73.37 -31.37 -47.45
C ASN FA 62 71.89 -31.08 -47.26
N MET FA 63 71.19 -30.90 -48.38
CA MET FA 63 69.74 -30.71 -48.45
C MET FA 63 69.24 -31.02 -49.86
N PRO FA 64 69.30 -32.29 -50.29
CA PRO FA 64 68.90 -32.59 -51.67
C PRO FA 64 67.41 -32.61 -51.90
N ASP FA 65 66.60 -32.65 -50.83
CA ASP FA 65 65.16 -32.70 -50.99
C ASP FA 65 64.59 -31.34 -51.41
N VAL FA 66 65.09 -30.26 -50.82
CA VAL FA 66 64.59 -28.93 -51.17
C VAL FA 66 65.13 -28.52 -52.54
N PRO FA 67 64.29 -28.01 -53.43
CA PRO FA 67 64.76 -27.68 -54.79
C PRO FA 67 65.57 -26.40 -54.80
N SER FA 68 66.15 -26.12 -55.97
CA SER FA 68 66.85 -24.86 -56.19
C SER FA 68 66.11 -23.93 -57.13
N HIS FA 69 65.08 -24.42 -57.82
CA HIS FA 69 64.27 -23.62 -58.72
C HIS FA 69 62.80 -23.97 -58.52
N PRO FA 70 61.89 -23.04 -58.78
CA PRO FA 70 60.47 -23.39 -58.76
C PRO FA 70 60.07 -24.42 -59.81
N GLN FA 71 60.86 -24.60 -60.87
CA GLN FA 71 60.57 -25.61 -61.88
C GLN FA 71 61.41 -26.88 -61.71
N ASP FA 72 62.08 -27.04 -60.57
CA ASP FA 72 62.77 -28.28 -60.30
C ASP FA 72 61.76 -29.39 -59.99
N PRO FA 73 62.12 -30.65 -60.26
CA PRO FA 73 61.16 -31.74 -59.99
C PRO FA 73 60.87 -31.95 -58.51
N GLN FA 74 61.85 -31.80 -57.63
CA GLN FA 74 61.63 -32.10 -56.22
C GLN FA 74 60.87 -30.97 -55.55
N GLY FA 75 60.05 -31.35 -54.56
CA GLY FA 75 59.23 -30.41 -53.84
C GLY FA 75 57.76 -30.79 -53.88
N PRO FA 76 56.94 -30.09 -53.10
CA PRO FA 76 55.50 -30.38 -53.07
C PRO FA 76 54.78 -29.76 -54.25
N SER FA 77 54.23 -30.60 -55.11
CA SER FA 77 53.52 -30.14 -56.31
C SER FA 77 52.02 -30.13 -56.05
N LEU FA 78 51.28 -29.52 -56.98
CA LEU FA 78 49.85 -29.41 -56.84
C LEU FA 78 49.12 -30.01 -58.04
N GLU FA 79 49.52 -31.22 -58.44
CA GLU FA 79 48.82 -31.90 -59.52
C GLU FA 79 47.44 -32.37 -59.07
N TRP FA 80 47.33 -32.85 -57.84
CA TRP FA 80 46.06 -33.36 -57.33
C TRP FA 80 45.01 -32.26 -57.25
N LEU FA 81 45.43 -31.01 -57.05
CA LEU FA 81 44.49 -29.90 -57.05
C LEU FA 81 43.95 -29.64 -58.45
N LYS FA 82 44.75 -29.92 -59.49
CA LYS FA 82 44.21 -29.85 -60.84
C LYS FA 82 43.27 -31.02 -61.12
N ARG FA 83 43.65 -32.24 -60.74
CA ARG FA 83 42.80 -33.38 -61.10
C ARG FA 83 41.59 -33.47 -60.18
N LEU FA 84 41.82 -33.69 -58.88
CA LEU FA 84 40.78 -33.89 -57.86
C LEU FA 84 39.75 -34.95 -58.24
N SER GA 12 19.14 -23.18 102.48
CA SER GA 12 18.16 -22.36 101.78
C SER GA 12 17.61 -21.27 102.70
N LYS GA 13 16.90 -21.69 103.75
CA LYS GA 13 16.32 -20.76 104.69
C LYS GA 13 17.41 -20.14 105.56
N MET GA 14 17.39 -18.81 105.69
CA MET GA 14 18.34 -18.07 106.50
C MET GA 14 17.56 -17.12 107.39
N GLU GA 15 17.59 -17.37 108.69
CA GLU GA 15 16.88 -16.51 109.63
C GLU GA 15 17.60 -15.18 109.79
N LEU GA 16 16.83 -14.11 109.79
CA LEU GA 16 17.23 -12.73 109.89
C LEU GA 16 17.01 -12.19 111.30
N PRO GA 17 17.82 -11.24 111.74
CA PRO GA 17 17.68 -10.72 113.11
C PRO GA 17 16.45 -9.83 113.23
N ASP GA 18 16.25 -9.33 114.45
CA ASP GA 18 15.09 -8.52 114.75
C ASP GA 18 15.18 -7.17 114.05
N TYR GA 19 14.03 -6.58 113.77
CA TYR GA 19 13.99 -5.30 113.08
C TYR GA 19 13.86 -4.11 114.02
N LYS GA 20 13.48 -4.34 115.28
CA LYS GA 20 13.35 -3.24 116.23
C LYS GA 20 14.55 -3.14 117.16
N GLN GA 21 15.66 -3.79 116.85
CA GLN GA 21 16.89 -3.59 117.59
C GLN GA 21 17.77 -2.52 116.99
N TRP GA 22 17.43 -2.01 115.80
CA TRP GA 22 18.23 -0.99 115.13
C TRP GA 22 17.70 0.38 115.51
N LYS GA 23 18.50 1.16 116.23
CA LYS GA 23 18.18 2.52 116.60
C LYS GA 23 19.39 3.40 116.36
N ILE GA 24 19.15 4.68 116.07
CA ILE GA 24 20.21 5.58 115.69
C ILE GA 24 20.89 6.24 116.89
N GLU GA 25 20.48 5.92 118.11
CA GLU GA 25 21.11 6.48 119.30
C GLU GA 25 22.51 5.91 119.50
N GLY GA 26 23.44 6.76 119.91
CA GLY GA 26 24.81 6.36 120.13
C GLY GA 26 25.65 6.22 118.87
N THR GA 27 25.20 6.77 117.76
CA THR GA 27 25.83 6.65 116.45
C THR GA 27 26.00 8.05 115.89
N PRO GA 28 26.86 8.22 114.87
CA PRO GA 28 26.89 9.51 114.15
C PRO GA 28 25.59 9.88 113.48
N LEU GA 29 24.72 8.90 113.19
CA LEU GA 29 23.40 9.20 112.67
C LEU GA 29 22.58 10.02 113.66
N GLU GA 30 22.81 9.84 114.97
CA GLU GA 30 22.19 10.69 115.96
C GLU GA 30 22.65 12.14 115.81
N THR GA 31 23.94 12.35 115.53
CA THR GA 31 24.46 13.70 115.31
C THR GA 31 23.87 14.33 114.06
N VAL GA 32 23.74 13.56 112.98
CA VAL GA 32 23.13 14.06 111.77
C VAL GA 32 21.66 14.40 111.99
N GLN GA 33 20.96 13.55 112.75
CA GLN GA 33 19.56 13.85 113.07
C GLN GA 33 19.44 15.08 113.95
N GLU GA 34 20.42 15.28 114.84
CA GLU GA 34 20.42 16.49 115.67
C GLU GA 34 20.57 17.73 114.81
N LYS GA 35 21.51 17.72 113.87
CA LYS GA 35 21.69 18.86 112.97
C LYS GA 35 20.46 19.10 112.10
N LEU GA 36 19.89 18.03 111.56
CA LEU GA 36 18.73 18.14 110.69
C LEU GA 36 17.51 18.66 111.44
N ALA GA 37 17.27 18.17 112.65
CA ALA GA 37 16.15 18.66 113.44
C ALA GA 37 16.41 20.07 113.93
N ALA GA 38 17.67 20.46 114.09
CA ALA GA 38 17.98 21.85 114.40
C ALA GA 38 17.65 22.76 113.23
N ARG GA 39 17.89 22.30 112.01
CA ARG GA 39 17.51 23.10 110.84
C ARG GA 39 16.10 22.76 110.32
N GLY GA 40 15.38 21.87 110.98
CA GLY GA 40 13.98 21.64 110.66
C GLY GA 40 13.70 20.52 109.68
N LEU GA 41 14.59 19.54 109.56
CA LEU GA 41 14.37 18.40 108.68
C LEU GA 41 14.43 17.09 109.45
N ARG GA 42 13.76 16.08 108.93
CA ARG GA 42 13.67 14.77 109.55
C ARG GA 42 14.26 13.73 108.61
N ASP GA 43 15.07 12.84 109.16
CA ASP GA 43 15.71 11.78 108.40
C ASP GA 43 14.89 10.51 108.51
N PRO GA 44 14.30 10.00 107.42
CA PRO GA 44 13.45 8.82 107.53
C PRO GA 44 14.16 7.50 107.37
N TRP GA 45 15.34 7.46 106.75
CA TRP GA 45 16.03 6.21 106.44
C TRP GA 45 17.19 5.92 107.37
N GLY GA 46 17.21 6.52 108.56
CA GLY GA 46 18.34 6.32 109.46
C GLY GA 46 18.41 4.90 110.01
N ARG GA 47 17.26 4.29 110.28
CA ARG GA 47 17.23 2.95 110.84
C ARG GA 47 17.80 1.91 109.87
N ASN GA 48 17.66 2.14 108.57
CA ASN GA 48 18.17 1.18 107.59
C ASN GA 48 19.69 1.21 107.55
N GLU GA 49 20.29 2.38 107.75
CA GLU GA 49 21.73 2.52 107.74
C GLU GA 49 22.35 2.39 109.13
N ALA GA 50 21.54 2.19 110.16
CA ALA GA 50 22.06 2.07 111.52
C ALA GA 50 22.73 0.74 111.82
N TRP GA 51 22.59 -0.26 110.95
CA TRP GA 51 23.27 -1.52 111.21
C TRP GA 51 24.77 -1.44 110.98
N ARG GA 52 25.23 -0.48 110.18
CA ARG GA 52 26.66 -0.34 109.91
C ARG GA 52 27.41 0.21 111.10
N TYR GA 53 26.75 1.01 111.94
CA TYR GA 53 27.39 1.65 113.07
C TYR GA 53 27.15 0.92 114.38
N MET GA 54 26.56 -0.27 114.34
CA MET GA 54 26.20 -0.99 115.55
C MET GA 54 26.76 -2.40 115.50
N GLY GA 55 26.88 -3.00 116.68
CA GLY GA 55 27.36 -4.37 116.77
C GLY GA 55 28.86 -4.48 116.67
N GLY GA 56 29.33 -5.52 115.96
CA GLY GA 56 30.75 -5.74 115.83
C GLY GA 56 31.44 -4.75 114.91
N PHE GA 57 30.70 -4.09 114.03
CA PHE GA 57 31.31 -3.13 113.11
C PHE GA 57 31.61 -1.79 113.76
N ALA GA 58 31.12 -1.53 114.96
CA ALA GA 58 31.42 -0.28 115.63
C ALA GA 58 32.74 -0.38 116.38
N ASN GA 59 33.36 0.78 116.60
CA ASN GA 59 34.63 0.93 117.30
C ASN GA 59 35.73 0.10 116.64
N ASN GA 60 36.01 0.44 115.39
CA ASN GA 60 37.13 -0.14 114.67
C ASN GA 60 38.40 0.65 114.96
N VAL GA 61 39.52 0.22 114.37
CA VAL GA 61 40.79 0.87 114.58
C VAL GA 61 40.93 2.08 113.66
N SER GA 62 41.92 2.92 113.94
CA SER GA 62 42.30 4.01 113.06
C SER GA 62 43.48 3.57 112.20
N PHE GA 63 44.10 4.52 111.50
CA PHE GA 63 45.22 4.17 110.63
C PHE GA 63 46.45 3.77 111.42
N VAL GA 64 46.82 4.55 112.44
CA VAL GA 64 48.00 4.22 113.22
C VAL GA 64 47.78 2.99 114.08
N GLY GA 65 46.53 2.60 114.32
CA GLY GA 65 46.27 1.29 114.87
C GLY GA 65 46.35 0.18 113.86
N ALA GA 66 46.13 0.49 112.58
CA ALA GA 66 46.26 -0.51 111.53
C ALA GA 66 47.71 -0.80 111.20
N LEU GA 67 48.58 0.22 111.24
CA LEU GA 67 49.98 0.01 110.91
C LEU GA 67 50.71 -0.78 112.00
N LEU GA 68 50.30 -0.66 113.25
CA LEU GA 68 50.96 -1.33 114.36
C LEU GA 68 50.23 -2.60 114.77
N LYS GA 69 49.72 -3.35 113.80
CA LYS GA 69 49.13 -4.65 114.08
C LYS GA 69 50.23 -5.64 114.45
N GLY GA 70 50.07 -6.33 115.57
CA GLY GA 70 51.05 -7.28 116.01
C GLY GA 70 52.36 -6.69 116.46
N PHE GA 71 52.37 -5.43 116.88
CA PHE GA 71 53.61 -4.79 117.31
C PHE GA 71 54.04 -5.26 118.68
N LYS GA 72 53.09 -5.59 119.57
CA LYS GA 72 53.43 -6.03 120.91
C LYS GA 72 54.17 -7.36 120.88
N TRP GA 73 53.64 -8.33 120.13
CA TRP GA 73 54.28 -9.63 120.04
C TRP GA 73 55.60 -9.56 119.29
N GLY GA 74 55.69 -8.69 118.27
CA GLY GA 74 56.94 -8.50 117.58
C GLY GA 74 58.01 -7.90 118.47
N PHE GA 75 57.63 -6.92 119.30
CA PHE GA 75 58.57 -6.35 120.26
C PHE GA 75 59.00 -7.37 121.30
N ALA GA 76 58.07 -8.19 121.77
CA ALA GA 76 58.42 -9.22 122.75
C ALA GA 76 59.39 -10.24 122.17
N ALA GA 77 59.14 -10.69 120.94
CA ALA GA 77 60.05 -11.64 120.29
C ALA GA 77 61.40 -10.99 120.00
N PHE GA 78 61.40 -9.70 119.66
CA PHE GA 78 62.65 -8.97 119.44
C PHE GA 78 63.49 -8.90 120.71
N VAL GA 79 62.84 -8.60 121.84
CA VAL GA 79 63.56 -8.53 123.11
C VAL GA 79 64.07 -9.91 123.51
N VAL GA 80 63.28 -10.95 123.28
CA VAL GA 80 63.70 -12.32 123.59
C VAL GA 80 64.93 -12.69 122.77
N ALA GA 81 64.91 -12.39 121.46
CA ALA GA 81 66.04 -12.72 120.60
C ALA GA 81 67.28 -11.91 120.98
N VAL GA 82 67.10 -10.64 121.36
CA VAL GA 82 68.23 -9.81 121.76
C VAL GA 82 68.88 -10.34 123.03
N GLY GA 83 68.05 -10.71 124.02
CA GLY GA 83 68.60 -11.30 125.23
C GLY GA 83 69.28 -12.64 124.98
N ALA GA 84 68.71 -13.45 124.09
CA ALA GA 84 69.29 -14.74 123.77
C ALA GA 84 70.65 -14.59 123.10
N GLU GA 85 70.78 -13.66 122.16
CA GLU GA 85 72.09 -13.46 121.52
C GLU GA 85 73.07 -12.79 122.46
N TYR GA 86 72.59 -11.93 123.35
CA TYR GA 86 73.46 -11.28 124.32
C TYR GA 86 74.03 -12.26 125.33
N TYR GA 87 73.28 -13.31 125.66
CA TYR GA 87 73.81 -14.36 126.51
C TYR GA 87 74.42 -15.52 125.73
N LEU GA 88 74.29 -15.53 124.40
CA LEU GA 88 74.98 -16.52 123.58
C LEU GA 88 76.40 -16.06 123.25
N GLU GA 89 76.60 -14.75 123.07
CA GLU GA 89 77.94 -14.24 122.78
C GLU GA 89 78.88 -14.38 123.97
N SER GA 90 78.36 -14.46 125.18
CA SER GA 90 79.20 -14.63 126.36
C SER GA 90 79.32 -16.11 126.74
N MET HA 3 58.04 -17.86 -0.21
CA MET HA 3 59.41 -18.11 0.20
C MET HA 3 60.08 -19.08 -0.76
N MET HA 4 59.68 -20.35 -0.72
CA MET HA 4 60.22 -21.39 -1.58
C MET HA 4 59.35 -21.62 -2.82
N THR HA 5 58.66 -20.58 -3.28
CA THR HA 5 57.82 -20.70 -4.46
C THR HA 5 58.66 -20.96 -5.72
N GLY HA 6 59.75 -20.22 -5.87
CA GLY HA 6 60.67 -20.47 -6.96
C GLY HA 6 61.36 -21.82 -6.85
N ARG HA 7 61.46 -22.36 -5.64
CA ARG HA 7 61.93 -23.73 -5.47
C ARG HA 7 60.92 -24.73 -6.00
N GLN HA 8 59.66 -24.61 -5.60
CA GLN HA 8 58.61 -25.45 -6.18
C GLN HA 8 57.91 -24.77 -7.36
N ALA HA 9 58.70 -24.19 -8.26
CA ALA HA 9 58.18 -23.55 -9.46
C ALA HA 9 58.40 -24.35 -10.73
N ARG HA 10 59.56 -24.99 -10.89
CA ARG HA 10 59.80 -25.82 -12.07
C ARG HA 10 59.19 -27.21 -11.95
N ALA HA 11 58.83 -27.63 -10.75
CA ALA HA 11 58.25 -28.95 -10.49
C ALA HA 11 56.96 -28.76 -9.72
N PRO HA 12 55.85 -28.46 -10.41
CA PRO HA 12 54.64 -28.03 -9.72
C PRO HA 12 53.71 -29.17 -9.37
N LEU HA 13 52.88 -28.91 -8.35
CA LEU HA 13 51.75 -29.77 -7.96
C LEU HA 13 52.21 -31.18 -7.62
N GLN HA 14 53.35 -31.30 -6.98
CA GLN HA 14 53.83 -32.58 -6.46
C GLN HA 14 53.66 -32.55 -4.96
N PHE HA 15 52.85 -33.46 -4.42
CA PHE HA 15 52.68 -33.55 -2.98
C PHE HA 15 53.99 -33.95 -2.31
N LEU HA 16 54.75 -34.82 -2.95
CA LEU HA 16 55.96 -35.37 -2.38
C LEU HA 16 56.92 -35.76 -3.50
N PRO HA 17 57.97 -34.98 -3.74
CA PRO HA 17 58.87 -35.28 -4.87
C PRO HA 17 59.71 -36.52 -4.67
N ASP HA 18 60.52 -36.84 -5.67
CA ASP HA 18 61.38 -38.02 -5.61
C ASP HA 18 62.42 -37.86 -4.51
N GLU HA 19 62.92 -36.65 -4.31
CA GLU HA 19 63.95 -36.41 -3.32
C GLU HA 19 63.46 -36.57 -1.89
N ALA HA 20 62.14 -36.63 -1.67
CA ALA HA 20 61.61 -36.81 -0.32
C ALA HA 20 61.86 -38.22 0.20
N ARG HA 21 62.13 -39.18 -0.68
CA ARG HA 21 62.35 -40.55 -0.26
C ARG HA 21 63.72 -40.79 0.36
N SER HA 22 64.63 -39.82 0.26
CA SER HA 22 65.96 -39.96 0.83
C SER HA 22 65.98 -39.77 2.34
N LEU HA 23 64.91 -39.30 2.92
CA LEU HA 23 64.71 -38.96 4.33
C LEU HA 23 64.09 -40.13 5.08
N PRO HA 24 64.37 -40.26 6.38
CA PRO HA 24 63.75 -41.32 7.16
C PRO HA 24 62.27 -41.09 7.34
N PRO HA 25 61.45 -42.08 7.04
CA PRO HA 25 60.01 -41.92 7.26
C PRO HA 25 59.69 -41.90 8.74
N PRO HA 26 58.59 -41.27 9.13
CA PRO HA 26 58.22 -41.25 10.55
C PRO HA 26 57.82 -42.63 11.03
N LYS HA 27 58.03 -42.85 12.32
CA LYS HA 27 57.63 -44.12 12.91
C LYS HA 27 56.12 -44.20 13.02
N LEU HA 28 55.61 -45.43 13.05
CA LEU HA 28 54.20 -45.64 13.34
C LEU HA 28 53.87 -45.35 14.80
N THR HA 29 54.88 -45.28 15.66
CA THR HA 29 54.73 -44.86 17.04
C THR HA 29 55.18 -43.43 17.26
N ASP HA 30 54.98 -42.58 16.26
CA ASP HA 30 55.27 -41.16 16.38
C ASP HA 30 54.29 -40.54 17.36
N PRO HA 31 54.76 -39.72 18.32
CA PRO HA 31 53.80 -39.01 19.19
C PRO HA 31 52.85 -38.10 18.45
N ARG HA 32 53.29 -37.49 17.34
CA ARG HA 32 52.37 -36.66 16.55
C ARG HA 32 51.30 -37.51 15.87
N LEU HA 33 51.68 -38.66 15.33
CA LEU HA 33 50.70 -39.53 14.70
C LEU HA 33 49.72 -40.11 15.71
N ALA HA 34 50.22 -40.46 16.90
CA ALA HA 34 49.34 -40.91 17.97
C ALA HA 34 48.39 -39.80 18.41
N TYR HA 35 48.87 -38.54 18.42
CA TYR HA 35 48.01 -37.42 18.77
C TYR HA 35 46.93 -37.21 17.72
N ILE HA 36 47.27 -37.39 16.44
CA ILE HA 36 46.27 -37.26 15.38
C ILE HA 36 45.23 -38.38 15.48
N GLY HA 37 45.68 -39.59 15.81
CA GLY HA 37 44.74 -40.67 16.07
C GLY HA 37 43.83 -40.40 17.26
N PHE HA 38 44.38 -39.76 18.30
CA PHE HA 38 43.56 -39.36 19.44
C PHE HA 38 42.54 -38.29 19.04
N LEU HA 39 42.93 -37.38 18.15
CA LEU HA 39 41.98 -36.41 17.62
C LEU HA 39 40.85 -37.10 16.87
N GLY HA 40 41.18 -38.14 16.10
CA GLY HA 40 40.15 -38.92 15.43
C GLY HA 40 39.22 -39.62 16.40
N TYR HA 41 39.77 -40.13 17.50
CA TYR HA 41 38.94 -40.75 18.52
C TYR HA 41 37.99 -39.74 19.18
N CYS HA 42 38.49 -38.53 19.46
CA CYS HA 42 37.63 -37.48 20.00
C CYS HA 42 36.53 -37.11 19.02
N SER HA 43 36.86 -37.03 17.72
CA SER HA 43 35.85 -36.72 16.72
C SER HA 43 34.80 -37.83 16.64
N GLY HA 44 35.22 -39.08 16.80
CA GLY HA 44 34.25 -40.17 16.85
C GLY HA 44 33.33 -40.08 18.05
N LEU HA 45 33.88 -39.71 19.21
CA LEU HA 45 33.06 -39.51 20.39
C LEU HA 45 32.06 -38.38 20.19
N ILE HA 46 32.48 -37.30 19.55
CA ILE HA 46 31.57 -36.18 19.30
C ILE HA 46 30.50 -36.58 18.28
N ASP HA 47 30.87 -37.37 17.28
CA ASP HA 47 29.90 -37.89 16.32
C ASP HA 47 28.84 -38.75 17.00
N ASN HA 48 29.25 -39.52 18.00
CA ASN HA 48 28.28 -40.28 18.77
C ASN HA 48 27.43 -39.38 19.66
N ALA HA 49 28.05 -38.33 20.21
CA ALA HA 49 27.37 -37.52 21.22
C ALA HA 49 26.31 -36.62 20.61
N ILE HA 50 26.61 -35.98 19.48
CA ILE HA 50 25.67 -35.01 18.90
C ILE HA 50 24.44 -35.68 18.30
N ARG HA 51 24.49 -36.98 18.03
CA ARG HA 51 23.33 -37.69 17.51
C ARG HA 51 22.63 -38.51 18.59
N ARG HA 52 22.90 -38.20 19.86
CA ARG HA 52 22.21 -38.79 21.01
C ARG HA 52 22.34 -40.29 21.08
N ARG HA 53 23.46 -40.82 20.61
CA ARG HA 53 23.84 -42.21 20.75
C ARG HA 53 24.65 -42.39 22.02
N PRO HA 54 24.74 -43.62 22.54
CA PRO HA 54 25.69 -43.86 23.65
C PRO HA 54 27.11 -43.66 23.18
N VAL HA 55 27.86 -42.87 23.95
CA VAL HA 55 29.11 -42.30 23.44
C VAL HA 55 30.19 -43.37 23.32
N LEU HA 56 30.36 -44.19 24.34
CA LEU HA 56 31.47 -45.14 24.37
C LEU HA 56 31.12 -46.50 23.78
N SER HA 57 29.89 -46.70 23.33
CA SER HA 57 29.46 -48.04 22.91
C SER HA 57 28.90 -48.10 21.50
N ALA HA 58 28.23 -47.05 21.02
CA ALA HA 58 27.52 -47.13 19.75
C ALA HA 58 28.46 -46.91 18.59
N GLY HA 59 28.40 -47.81 17.61
CA GLY HA 59 29.12 -47.65 16.37
C GLY HA 59 30.62 -47.74 16.52
N LEU HA 60 31.13 -48.92 16.88
CA LEU HA 60 32.58 -49.08 17.02
C LEU HA 60 33.28 -49.07 15.67
N HIS HA 61 32.59 -49.52 14.62
CA HIS HA 61 33.17 -49.46 13.28
C HIS HA 61 33.39 -48.02 12.83
N ARG HA 62 32.48 -47.13 13.20
CA ARG HA 62 32.61 -45.72 12.85
C ARG HA 62 33.81 -45.09 13.53
N GLN HA 63 34.00 -45.37 14.82
CA GLN HA 63 35.16 -44.82 15.53
C GLN HA 63 36.46 -45.40 15.00
N PHE HA 64 36.46 -46.68 14.62
CA PHE HA 64 37.64 -47.28 14.03
C PHE HA 64 37.98 -46.63 12.69
N LEU HA 65 36.97 -46.36 11.86
CA LEU HA 65 37.22 -45.69 10.59
C LEU HA 65 37.71 -44.26 10.79
N TYR HA 66 37.17 -43.56 11.81
CA TYR HA 66 37.63 -42.22 12.14
C TYR HA 66 39.11 -42.23 12.50
N ILE HA 67 39.50 -43.14 13.39
CA ILE HA 67 40.90 -43.23 13.81
C ILE HA 67 41.81 -43.57 12.63
N THR HA 68 41.38 -44.53 11.80
CA THR HA 68 42.21 -44.97 10.68
C THR HA 68 42.40 -43.87 9.63
N SER HA 69 41.32 -43.17 9.28
CA SER HA 69 41.43 -42.09 8.30
C SER HA 69 42.30 -40.96 8.82
N PHE HA 70 42.13 -40.60 10.11
CA PHE HA 70 42.96 -39.56 10.69
C PHE HA 70 44.43 -39.96 10.67
N VAL HA 71 44.73 -41.22 11.02
CA VAL HA 71 46.11 -41.69 11.06
C VAL HA 71 46.74 -41.67 9.68
N PHE HA 72 45.99 -42.11 8.66
CA PHE HA 72 46.48 -42.14 7.28
C PHE HA 72 46.83 -40.74 6.77
N VAL HA 73 45.87 -39.81 6.88
CA VAL HA 73 46.08 -38.47 6.35
C VAL HA 73 47.17 -37.75 7.15
N GLY HA 74 47.20 -37.95 8.47
CA GLY HA 74 48.25 -37.35 9.26
C GLY HA 74 49.63 -37.88 8.96
N TYR HA 75 49.72 -39.17 8.63
CA TYR HA 75 51.02 -39.75 8.28
C TYR HA 75 51.58 -39.09 7.02
N TYR HA 76 50.74 -38.93 6.00
CA TYR HA 76 51.25 -38.28 4.79
C TYR HA 76 51.56 -36.80 5.02
N LEU HA 77 50.76 -36.12 5.84
CA LEU HA 77 51.02 -34.71 6.12
C LEU HA 77 52.32 -34.53 6.89
N LEU HA 78 52.61 -35.43 7.84
CA LEU HA 78 53.86 -35.36 8.58
C LEU HA 78 55.06 -35.63 7.68
N LYS HA 79 54.90 -36.55 6.73
CA LYS HA 79 55.97 -36.81 5.76
C LYS HA 79 56.28 -35.56 4.93
N ARG HA 80 55.23 -34.86 4.49
CA ARG HA 80 55.45 -33.62 3.75
C ARG HA 80 56.11 -32.54 4.62
N GLN HA 81 55.69 -32.41 5.88
CA GLN HA 81 56.25 -31.39 6.76
C GLN HA 81 57.74 -31.64 7.01
N ASP HA 82 58.11 -32.89 7.25
CA ASP HA 82 59.52 -33.22 7.46
C ASP HA 82 60.33 -32.97 6.19
N TYR HA 83 59.75 -33.26 5.03
CA TYR HA 83 60.45 -32.97 3.77
C TYR HA 83 60.68 -31.48 3.59
N MET HA 84 59.70 -30.65 3.95
CA MET HA 84 59.84 -29.21 3.76
C MET HA 84 60.90 -28.63 4.70
N TYR HA 85 60.95 -29.10 5.95
CA TYR HA 85 62.04 -28.66 6.83
C TYR HA 85 63.40 -29.13 6.33
N ALA HA 86 63.47 -30.35 5.80
CA ALA HA 86 64.75 -30.83 5.25
C ALA HA 86 65.21 -29.98 4.08
N VAL HA 87 64.29 -29.63 3.18
CA VAL HA 87 64.69 -28.84 2.01
C VAL HA 87 65.02 -27.41 2.42
N ARG HA 88 64.37 -26.89 3.46
CA ARG HA 88 64.73 -25.56 3.97
C ARG HA 88 66.16 -25.55 4.50
N ASP HA 89 66.52 -26.56 5.30
CA ASP HA 89 67.86 -26.59 5.86
C ASP HA 89 68.91 -26.82 4.79
N HIS HA 90 68.61 -27.68 3.80
CA HIS HA 90 69.55 -27.93 2.72
C HIS HA 90 69.80 -26.68 1.89
N ASP HA 91 68.73 -25.94 1.57
CA ASP HA 91 68.90 -24.69 0.81
C ASP HA 91 69.69 -23.66 1.61
N MET HA 92 69.41 -23.55 2.91
CA MET HA 92 70.11 -22.59 3.75
C MET HA 92 71.60 -22.90 3.82
N PHE HA 93 71.94 -24.17 3.99
CA PHE HA 93 73.35 -24.53 4.12
C PHE HA 93 74.09 -24.39 2.79
N SER HA 94 73.42 -24.70 1.68
CA SER HA 94 74.04 -24.49 0.37
C SER HA 94 74.31 -23.02 0.10
N TYR HA 95 73.37 -22.15 0.48
CA TYR HA 95 73.60 -20.72 0.31
C TYR HA 95 74.69 -20.20 1.24
N ILE HA 96 74.78 -20.74 2.45
CA ILE HA 96 75.86 -20.32 3.36
C ILE HA 96 77.21 -20.75 2.81
N LYS HA 97 77.28 -21.96 2.25
CA LYS HA 97 78.53 -22.44 1.65
C LYS HA 97 78.91 -21.65 0.40
N SER HA 98 77.93 -21.24 -0.39
CA SER HA 98 78.23 -20.57 -1.66
C SER HA 98 78.70 -19.13 -1.49
N HIS HA 99 78.44 -18.50 -0.35
CA HIS HA 99 78.69 -17.07 -0.16
C HIS HA 99 79.56 -16.88 1.08
N PRO HA 100 80.87 -17.11 0.96
CA PRO HA 100 81.74 -16.99 2.14
C PRO HA 100 82.00 -15.56 2.56
N GLU HA 101 81.80 -14.58 1.66
CA GLU HA 101 82.08 -13.19 2.01
C GLU HA 101 81.03 -12.64 2.97
N ASP HA 102 79.75 -12.91 2.70
CA ASP HA 102 78.67 -12.34 3.48
C ASP HA 102 78.48 -13.01 4.82
N PHE HA 103 79.17 -14.12 5.08
CA PHE HA 103 79.06 -14.85 6.35
C PHE HA 103 80.46 -15.06 6.90
N PRO HA 104 81.02 -14.06 7.56
CA PRO HA 104 82.39 -14.17 8.06
C PRO HA 104 82.49 -15.11 9.24
N GLU HA 105 83.71 -15.59 9.48
CA GLU HA 105 84.01 -16.46 10.62
C GLU HA 105 84.40 -15.58 11.80
N LYS HA 106 83.50 -15.45 12.75
CA LYS HA 106 83.76 -14.60 13.91
C LYS HA 106 84.74 -15.28 14.86
N ASP HA 107 85.77 -14.56 15.28
CA ASP HA 107 86.75 -15.09 16.22
C ASP HA 107 86.33 -14.67 17.63
N LYS HA 108 85.89 -15.64 18.42
CA LYS HA 108 85.41 -15.37 19.77
C LYS HA 108 86.57 -15.10 20.71
N LYS HA 109 86.37 -14.15 21.62
CA LYS HA 109 87.38 -13.78 22.60
C LYS HA 109 86.96 -14.26 23.98
N THR HA 110 87.93 -14.75 24.75
CA THR HA 110 87.65 -15.25 26.08
C THR HA 110 87.33 -14.09 27.02
N TYR HA 111 86.86 -14.43 28.21
CA TYR HA 111 86.37 -13.42 29.14
C TYR HA 111 87.50 -12.66 29.83
N ARG HA 112 88.75 -13.10 29.68
CA ARG HA 112 89.86 -12.33 30.21
C ARG HA 112 90.19 -11.11 29.36
N GLU HA 113 89.75 -11.08 28.11
CA GLU HA 113 90.04 -9.96 27.24
C GLU HA 113 88.92 -8.94 27.15
N VAL HA 114 87.67 -9.37 27.33
CA VAL HA 114 86.53 -8.47 27.17
C VAL HA 114 86.41 -7.57 28.40
N PHE HA 115 85.57 -6.55 28.31
CA PHE HA 115 85.23 -5.71 29.44
C PHE HA 115 83.73 -5.52 29.48
N GLU HA 116 83.11 -5.78 30.63
CA GLU HA 116 81.68 -5.56 30.81
C GLU HA 116 81.46 -4.68 32.02
N GLU HA 117 80.63 -3.66 31.86
CA GLU HA 117 80.36 -2.72 32.94
C GLU HA 117 79.59 -3.40 34.07
N PHE HA 118 79.99 -3.12 35.30
CA PHE HA 118 79.34 -3.67 36.48
C PHE HA 118 78.36 -2.66 37.04
N HIS HA 119 77.13 -3.10 37.28
CA HIS HA 119 76.08 -2.25 37.84
C HIS HA 119 75.65 -2.81 39.18
N PRO HA 120 76.09 -2.21 40.29
CA PRO HA 120 75.81 -2.80 41.61
C PRO HA 120 74.36 -2.66 42.01
N VAL HA 121 73.90 -3.62 42.79
CA VAL HA 121 72.54 -3.61 43.35
C VAL HA 121 72.66 -3.34 44.84
N ARG HA 122 72.12 -2.22 45.28
CA ARG HA 122 72.21 -1.82 46.68
C ARG HA 122 71.11 -0.85 47.07
N SER IA 3 26.91 31.69 85.49
CA SER IA 3 26.81 30.68 86.53
C SER IA 3 27.76 29.51 86.26
N PHE IA 4 27.25 28.51 85.55
CA PHE IA 4 28.00 27.31 85.21
C PHE IA 4 28.40 27.34 83.75
N PRO IA 5 29.63 26.90 83.44
CA PRO IA 5 30.13 27.00 82.07
C PRO IA 5 29.31 26.18 81.08
N LYS IA 6 29.16 26.73 79.88
CA LYS IA 6 28.37 26.10 78.83
C LYS IA 6 29.05 24.81 78.36
N TYR IA 7 28.24 23.78 78.10
CA TYR IA 7 28.75 22.55 77.51
C TYR IA 7 28.60 22.66 76.00
N GLU IA 8 29.65 23.14 75.34
CA GLU IA 8 29.63 23.23 73.88
C GLU IA 8 29.84 21.85 73.27
N PRO IA 9 28.93 21.36 72.45
CA PRO IA 9 29.09 20.02 71.88
C PRO IA 9 30.20 19.99 70.84
N SER IA 10 30.81 18.82 70.70
CA SER IA 10 31.85 18.57 69.72
C SER IA 10 31.42 17.47 68.77
N ARG IA 11 32.25 17.22 67.76
CA ARG IA 11 31.96 16.16 66.81
C ARG IA 11 32.06 14.79 67.45
N LEU IA 12 32.97 14.63 68.41
CA LEU IA 12 33.16 13.37 69.12
C LEU IA 12 32.63 13.43 70.55
N ALA IA 13 31.97 14.51 70.94
CA ALA IA 13 31.36 14.64 72.26
C ALA IA 13 30.04 15.37 72.06
N SER IA 14 28.94 14.63 72.06
CA SER IA 14 27.65 15.18 71.71
C SER IA 14 27.03 15.92 72.89
N LEU IA 15 26.00 16.70 72.58
CA LEU IA 15 25.16 17.31 73.61
C LEU IA 15 24.42 16.22 74.37
N PRO IA 16 24.20 16.39 75.67
CA PRO IA 16 23.51 15.35 76.44
C PRO IA 16 22.05 15.26 76.04
N THR IA 17 21.46 14.10 76.35
CA THR IA 17 20.06 13.86 76.02
C THR IA 17 19.14 14.83 76.77
N THR IA 18 19.46 15.12 78.02
CA THR IA 18 18.60 15.93 78.88
C THR IA 18 19.02 17.40 78.89
N LEU IA 19 19.79 17.85 77.91
CA LEU IA 19 20.20 19.24 77.85
C LEU IA 19 19.82 19.96 76.56
N ASP IA 20 19.19 19.28 75.60
CA ASP IA 20 18.75 19.96 74.39
C ASP IA 20 17.54 20.84 74.71
N PRO IA 21 17.42 22.01 74.08
CA PRO IA 21 16.26 22.87 74.35
C PRO IA 21 14.98 22.35 73.74
N ALA IA 22 15.06 21.57 72.66
CA ALA IA 22 13.88 21.00 72.03
C ALA IA 22 13.38 19.74 72.74
N GLU IA 23 14.14 19.22 73.71
CA GLU IA 23 13.71 18.06 74.46
C GLU IA 23 12.57 18.36 75.41
N TYR IA 24 12.23 19.62 75.62
CA TYR IA 24 11.14 20.06 76.49
C TYR IA 24 10.04 20.75 75.68
N ASP IA 25 9.69 20.15 74.53
CA ASP IA 25 8.68 20.69 73.64
C ASP IA 25 7.39 19.89 73.80
N ILE IA 26 6.30 20.60 74.09
CA ILE IA 26 5.01 19.97 74.40
C ILE IA 26 4.00 20.20 73.29
N SER IA 27 4.43 20.70 72.13
CA SER IA 27 3.53 21.05 71.05
C SER IA 27 2.84 19.81 70.50
N SER IA 28 1.62 20.02 69.98
CA SER IA 28 0.80 18.92 69.52
C SER IA 28 1.42 18.19 68.33
N GLU IA 29 2.09 18.93 67.46
CA GLU IA 29 2.66 18.31 66.26
C GLU IA 29 3.90 17.49 66.60
N THR IA 30 4.69 17.91 67.59
CA THR IA 30 5.82 17.11 68.03
C THR IA 30 5.36 15.83 68.72
N ARG IA 31 4.29 15.92 69.52
CA ARG IA 31 3.69 14.73 70.10
C ARG IA 31 3.16 13.80 69.02
N LYS IA 32 2.55 14.37 67.97
CA LYS IA 32 2.05 13.56 66.87
C LYS IA 32 3.19 12.88 66.13
N ALA IA 33 4.31 13.58 65.93
CA ALA IA 33 5.47 12.98 65.25
C ALA IA 33 6.06 11.84 66.06
N GLN IA 34 6.15 12.03 67.38
CA GLN IA 34 6.58 10.94 68.26
C GLN IA 34 5.61 9.76 68.17
N ALA IA 35 4.30 10.05 68.08
CA ALA IA 35 3.32 8.99 67.96
C ALA IA 35 3.47 8.21 66.66
N GLU IA 36 3.72 8.91 65.55
CA GLU IA 36 3.89 8.21 64.27
C GLU IA 36 5.15 7.36 64.25
N ARG IA 37 6.27 7.86 64.79
CA ARG IA 37 7.45 7.03 64.78
C ARG IA 37 7.35 5.86 65.75
N LEU IA 38 6.62 6.03 66.86
CA LEU IA 38 6.33 4.89 67.72
C LEU IA 38 5.44 3.88 67.01
N ALA IA 39 4.48 4.35 66.20
CA ALA IA 39 3.63 3.43 65.45
C ALA IA 39 4.43 2.65 64.41
N ILE IA 40 5.37 3.32 63.75
CA ILE IA 40 6.25 2.64 62.78
C ILE IA 40 7.10 1.58 63.48
N ARG IA 41 7.68 1.94 64.63
CA ARG IA 41 8.51 0.99 65.37
C ARG IA 41 7.68 -0.17 65.90
N SER IA 42 6.45 0.10 66.33
CA SER IA 42 5.58 -0.96 66.83
C SER IA 42 5.20 -1.92 65.71
N ARG IA 43 4.93 -1.39 64.51
CA ARG IA 43 4.61 -2.25 63.38
C ARG IA 43 5.80 -3.12 62.99
N LEU IA 44 7.00 -2.54 62.95
CA LEU IA 44 8.19 -3.33 62.59
C LEU IA 44 8.52 -4.36 63.66
N LYS IA 45 8.36 -4.00 64.94
CA LYS IA 45 8.59 -4.94 66.03
C LYS IA 45 7.58 -6.07 66.00
N ARG IA 46 6.32 -5.76 65.67
CA ARG IA 46 5.31 -6.81 65.54
C ARG IA 46 5.64 -7.76 64.41
N GLU IA 47 6.08 -7.23 63.26
CA GLU IA 47 6.43 -8.08 62.14
C GLU IA 47 7.62 -8.97 62.46
N TYR IA 48 8.65 -8.39 63.10
CA TYR IA 48 9.82 -9.17 63.48
C TYR IA 48 9.48 -10.26 64.47
N GLN IA 49 8.63 -9.96 65.45
CA GLN IA 49 8.30 -10.95 66.46
C GLN IA 49 7.36 -12.02 65.93
N LEU IA 50 6.51 -11.69 64.96
CA LEU IA 50 5.69 -12.71 64.33
C LEU IA 50 6.55 -13.65 63.48
N GLN IA 51 7.56 -13.11 62.80
CA GLN IA 51 8.49 -13.97 62.06
C GLN IA 51 9.44 -14.72 62.99
N TYR IA 52 9.63 -14.24 64.21
CA TYR IA 52 10.69 -14.73 65.09
C TYR IA 52 10.24 -15.90 65.96
N ASN IA 53 8.97 -15.98 66.32
CA ASN IA 53 8.49 -17.01 67.21
C ASN IA 53 7.80 -18.16 66.49
N ASP IA 54 7.96 -18.25 65.18
CA ASP IA 54 7.35 -19.33 64.40
C ASP IA 54 8.04 -20.64 64.71
N PRO IA 55 7.32 -21.66 65.19
CA PRO IA 55 7.99 -22.93 65.52
C PRO IA 55 8.44 -23.72 64.30
N SER IA 56 7.79 -23.54 63.16
CA SER IA 56 8.20 -24.25 61.95
C SER IA 56 9.38 -23.60 61.26
N ARG IA 57 9.68 -22.34 61.57
CA ARG IA 57 10.79 -21.64 60.93
C ARG IA 57 12.11 -22.12 61.51
N ARG IA 58 13.06 -22.45 60.62
CA ARG IA 58 14.40 -22.84 61.01
C ARG IA 58 15.35 -22.23 59.98
N GLY IA 59 15.91 -21.08 60.33
CA GLY IA 59 16.81 -20.37 59.43
C GLY IA 59 17.01 -18.94 59.89
N VAL IA 60 17.43 -18.11 58.94
CA VAL IA 60 17.74 -16.72 59.22
C VAL IA 60 16.51 -15.87 58.95
N VAL IA 61 16.04 -15.15 59.96
CA VAL IA 61 14.99 -14.16 59.74
C VAL IA 61 15.59 -13.01 58.92
N GLU IA 62 15.02 -12.79 57.74
CA GLU IA 62 15.63 -11.86 56.80
C GLU IA 62 15.42 -10.43 57.24
N ASP IA 63 16.49 -9.65 57.29
CA ASP IA 63 16.41 -8.23 57.59
C ASP IA 63 16.66 -7.46 56.31
N PRO IA 64 15.63 -6.86 55.70
CA PRO IA 64 15.85 -6.06 54.48
C PRO IA 64 16.69 -4.83 54.72
N ALA IA 65 16.77 -4.32 55.95
CA ALA IA 65 17.60 -3.15 56.22
C ALA IA 65 19.07 -3.47 56.06
N LEU IA 66 19.49 -4.67 56.49
CA LEU IA 66 20.87 -5.08 56.34
C LEU IA 66 21.23 -5.27 54.88
N ILE IA 67 20.32 -5.86 54.09
CA ILE IA 67 20.55 -6.03 52.66
C ILE IA 67 20.64 -4.67 51.97
N ARG IA 68 19.77 -3.75 52.36
CA ARG IA 68 19.78 -2.41 51.79
C ARG IA 68 21.08 -1.69 52.13
N TRP IA 69 21.56 -1.84 53.37
CA TRP IA 69 22.80 -1.19 53.78
C TRP IA 69 24.00 -1.77 53.04
N THR IA 70 24.08 -3.10 52.91
CA THR IA 70 25.21 -3.69 52.21
C THR IA 70 25.16 -3.44 50.71
N CYS IA 71 23.97 -3.26 50.14
CA CYS IA 71 23.91 -2.88 48.73
C CYS IA 71 24.29 -1.43 48.53
N ALA IA 72 23.86 -0.55 49.45
CA ALA IA 72 24.18 0.86 49.32
C ALA IA 72 25.65 1.13 49.53
N ARG IA 73 26.29 0.38 50.43
CA ARG IA 73 27.71 0.59 50.70
C ARG IA 73 28.60 0.05 49.59
N SER IA 74 28.14 -0.93 48.82
CA SER IA 74 29.01 -1.65 47.89
C SER IA 74 28.65 -1.43 46.43
N ALA IA 75 27.41 -1.72 46.03
CA ALA IA 75 27.04 -1.74 44.63
C ALA IA 75 26.29 -0.51 44.17
N ASN IA 76 26.10 0.48 45.02
CA ASN IA 76 25.37 1.70 44.69
C ASN IA 76 26.27 2.92 44.83
N VAL IA 77 27.52 2.78 44.41
CA VAL IA 77 28.51 3.84 44.55
C VAL IA 77 28.74 4.56 43.23
N TYR IA 78 29.13 3.82 42.19
CA TYR IA 78 29.42 4.45 40.90
C TYR IA 78 28.21 5.11 40.21
N PRO IA 79 27.01 4.50 40.11
CA PRO IA 79 25.94 5.17 39.35
C PRO IA 79 25.50 6.52 39.89
N ASN IA 80 25.68 6.78 41.17
CA ASN IA 80 25.33 8.06 41.76
C ASN IA 80 26.54 9.00 41.86
N PHE IA 81 27.66 8.62 41.25
CA PHE IA 81 28.86 9.44 41.25
C PHE IA 81 28.93 10.23 39.95
N ARG IA 82 29.14 11.54 40.06
CA ARG IA 82 29.35 12.40 38.91
C ARG IA 82 30.65 13.17 39.11
N PRO IA 83 31.59 13.10 38.16
CA PRO IA 83 32.85 13.84 38.33
C PRO IA 83 32.63 15.33 38.15
N ASN IA 84 33.07 16.10 39.13
CA ASN IA 84 32.90 17.55 39.12
C ASN IA 84 34.19 18.16 39.64
N THR IA 85 34.12 19.44 40.03
CA THR IA 85 35.31 20.13 40.54
C THR IA 85 35.76 19.54 41.87
N LYS IA 86 34.84 19.40 42.82
CA LYS IA 86 35.21 18.93 44.15
C LYS IA 86 35.64 17.47 44.13
N THR IA 87 34.90 16.63 43.41
CA THR IA 87 35.21 15.20 43.39
C THR IA 87 36.55 14.93 42.72
N SER IA 88 36.82 15.60 41.60
CA SER IA 88 38.09 15.41 40.91
C SER IA 88 39.25 16.02 41.69
N LEU IA 89 39.01 17.16 42.35
CA LEU IA 89 40.06 17.74 43.19
C LEU IA 89 40.43 16.81 44.34
N LEU IA 90 39.42 16.25 45.01
CA LEU IA 90 39.69 15.31 46.09
C LEU IA 90 40.37 14.05 45.59
N GLY IA 91 39.94 13.53 44.44
CA GLY IA 91 40.55 12.34 43.88
C GLY IA 91 41.99 12.55 43.46
N ALA IA 92 42.29 13.71 42.85
CA ALA IA 92 43.66 14.00 42.45
C ALA IA 92 44.54 14.28 43.66
N LEU IA 93 44.01 14.93 44.69
CA LEU IA 93 44.86 15.23 45.85
C LEU IA 93 45.14 13.97 46.67
N PHE IA 94 44.11 13.17 46.94
CA PHE IA 94 44.29 11.99 47.79
C PHE IA 94 44.70 10.75 47.01
N GLY IA 95 44.70 10.81 45.69
CA GLY IA 95 44.92 9.63 44.89
C GLY IA 95 46.34 9.43 44.46
N ILE IA 96 46.95 10.46 43.88
CA ILE IA 96 48.32 10.39 43.46
C ILE IA 96 49.27 11.14 44.37
N GLY IA 97 48.79 12.15 45.11
CA GLY IA 97 49.63 13.02 45.90
C GLY IA 97 50.62 12.35 46.85
N PRO IA 98 50.16 11.37 47.63
CA PRO IA 98 51.11 10.55 48.39
C PRO IA 98 52.13 9.81 47.54
N LEU IA 99 51.79 9.39 46.33
CA LEU IA 99 52.75 8.67 45.50
C LEU IA 99 53.91 9.57 45.08
N ILE IA 100 53.63 10.79 44.61
CA ILE IA 100 54.71 11.73 44.31
C ILE IA 100 55.47 12.13 45.57
N PHE IA 101 54.76 12.26 46.70
CA PHE IA 101 55.44 12.62 47.96
C PHE IA 101 56.45 11.55 48.36
N TRP IA 102 56.04 10.29 48.39
CA TRP IA 102 56.94 9.20 48.75
C TRP IA 102 58.00 8.99 47.69
N TYR IA 103 57.68 9.24 46.41
CA TYR IA 103 58.68 9.10 45.35
C TYR IA 103 59.80 10.10 45.53
N TYR IA 104 59.46 11.36 45.82
CA TYR IA 104 60.50 12.36 46.07
C TYR IA 104 61.30 12.04 47.32
N VAL IA 105 60.62 11.57 48.37
CA VAL IA 105 61.31 11.24 49.62
C VAL IA 105 62.33 10.11 49.40
N PHE IA 106 61.89 9.03 48.75
CA PHE IA 106 62.77 7.89 48.57
C PHE IA 106 63.86 8.17 47.55
N LYS IA 107 63.55 8.96 46.52
CA LYS IA 107 64.56 9.35 45.55
C LYS IA 107 65.66 10.19 46.19
N THR IA 108 65.28 11.14 47.05
CA THR IA 108 66.26 11.96 47.75
C THR IA 108 67.13 11.10 48.66
N ASP IA 109 66.51 10.21 49.43
CA ASP IA 109 67.25 9.38 50.38
C ASP IA 109 68.21 8.45 49.64
N ARG IA 110 67.74 7.79 48.59
CA ARG IA 110 68.57 6.82 47.90
C ARG IA 110 69.69 7.50 47.10
N ASP IA 111 69.41 8.66 46.51
CA ASP IA 111 70.45 9.38 45.79
C ASP IA 111 71.52 9.90 46.75
N ARG IA 112 71.10 10.38 47.92
CA ARG IA 112 72.07 10.79 48.95
C ARG IA 112 72.92 9.60 49.39
N LYS IA 113 72.30 8.43 49.56
CA LYS IA 113 73.04 7.24 49.98
C LYS IA 113 74.06 6.82 48.91
N GLU IA 114 73.69 6.92 47.63
CA GLU IA 114 74.64 6.59 46.58
C GLU IA 114 75.78 7.58 46.51
N LYS IA 115 75.50 8.87 46.70
CA LYS IA 115 76.57 9.87 46.76
C LYS IA 115 77.49 9.64 47.95
N LEU IA 116 76.97 9.06 49.04
CA LEU IA 116 77.86 8.69 50.13
C LEU IA 116 78.68 7.45 49.81
N ILE IA 117 78.05 6.45 49.19
CA ILE IA 117 78.71 5.16 48.97
C ILE IA 117 79.80 5.26 47.92
N GLN IA 118 79.53 5.96 46.81
CA GLN IA 118 80.48 6.00 45.70
C GLN IA 118 81.77 6.72 46.07
N GLU IA 119 81.67 7.82 46.81
CA GLU IA 119 82.85 8.50 47.34
C GLU IA 119 83.39 7.84 48.60
N GLY IA 120 82.74 6.82 49.12
CA GLY IA 120 83.30 6.04 50.21
C GLY IA 120 83.31 6.71 51.56
N LYS IA 121 82.34 7.58 51.83
CA LYS IA 121 82.23 8.24 53.12
C LYS IA 121 81.17 7.61 54.01
N LEU IA 122 80.64 6.45 53.63
CA LEU IA 122 79.60 5.79 54.41
C LEU IA 122 80.18 4.54 55.07
N ASP IA 123 79.79 4.32 56.32
CA ASP IA 123 80.26 3.17 57.09
C ASP IA 123 79.53 1.93 56.59
N ARG IA 124 80.24 1.07 55.88
CA ARG IA 124 79.71 -0.18 55.35
C ARG IA 124 80.73 -1.29 55.57
N THR IA 125 81.30 -1.34 56.77
CA THR IA 125 82.43 -2.21 57.04
C THR IA 125 81.98 -3.66 57.22
N PHE IA 126 81.01 -3.90 58.11
CA PHE IA 126 80.57 -5.25 58.43
C PHE IA 126 79.36 -5.69 57.61
N ASN IA 127 78.97 -4.91 56.61
CA ASN IA 127 77.75 -5.15 55.86
C ASN IA 127 78.02 -6.14 54.74
N ILE IA 128 77.55 -7.38 54.90
CA ILE IA 128 77.56 -8.36 53.83
C ILE IA 128 76.22 -9.04 53.65
N SER IA 129 75.23 -8.75 54.50
CA SER IA 129 73.89 -9.27 54.36
C SER IA 129 73.02 -8.19 53.73
N TYR IA 130 72.43 -8.50 52.59
CA TYR IA 130 71.60 -7.54 51.87
C TYR IA 130 70.47 -8.26 51.14
N VAL JA 6 -54.19 -13.39 -66.57
CA VAL JA 6 -53.41 -12.40 -65.84
C VAL JA 6 -51.93 -12.50 -66.22
N LYS JA 7 -51.20 -11.41 -66.03
CA LYS JA 7 -49.77 -11.35 -66.30
C LYS JA 7 -49.04 -11.01 -65.02
N GLN JA 8 -48.04 -11.83 -64.67
CA GLN JA 8 -47.32 -11.67 -63.43
C GLN JA 8 -45.92 -12.24 -63.61
N ASP JA 9 -45.05 -11.96 -62.65
CA ASP JA 9 -43.78 -12.66 -62.60
C ASP JA 9 -44.00 -14.07 -62.09
N MET JA 10 -43.51 -15.05 -62.83
CA MET JA 10 -43.70 -16.46 -62.54
C MET JA 10 -42.42 -17.23 -62.84
N PRO JA 11 -42.20 -18.36 -62.18
CA PRO JA 11 -41.21 -19.31 -62.65
C PRO JA 11 -41.71 -20.00 -63.91
N PRO JA 12 -40.81 -20.56 -64.73
CA PRO JA 12 -41.25 -21.32 -65.91
C PRO JA 12 -42.02 -22.59 -65.57
N VAL JA 13 -42.51 -23.29 -66.60
CA VAL JA 13 -43.35 -24.46 -66.39
C VAL JA 13 -42.57 -25.59 -65.74
N GLY JA 14 -41.37 -25.85 -66.23
CA GLY JA 14 -40.51 -26.85 -65.64
C GLY JA 14 -39.69 -26.38 -64.46
N GLY JA 15 -39.88 -25.12 -64.04
CA GLY JA 15 -39.08 -24.55 -62.98
C GLY JA 15 -37.73 -24.06 -63.49
N TYR JA 16 -37.03 -23.37 -62.61
CA TYR JA 16 -35.70 -22.89 -62.96
C TYR JA 16 -34.70 -24.04 -62.90
N GLY JA 17 -33.50 -23.76 -63.40
CA GLY JA 17 -32.46 -24.78 -63.45
C GLY JA 17 -31.81 -25.00 -62.10
N PRO JA 18 -30.85 -25.93 -62.09
CA PRO JA 18 -30.16 -26.25 -60.84
C PRO JA 18 -29.28 -25.09 -60.35
N ILE JA 19 -29.19 -24.97 -59.03
CA ILE JA 19 -28.39 -23.96 -58.36
C ILE JA 19 -27.55 -24.65 -57.30
N ASP JA 20 -26.22 -24.49 -57.38
CA ASP JA 20 -25.32 -25.14 -56.45
C ASP JA 20 -25.33 -24.47 -55.08
N TYR JA 21 -25.16 -25.27 -54.03
CA TYR JA 21 -25.03 -24.72 -52.69
C TYR JA 21 -24.02 -25.47 -51.83
N LYS JA 22 -23.20 -26.34 -52.38
CA LYS JA 22 -22.24 -27.10 -51.59
C LYS JA 22 -20.83 -26.62 -51.86
N ARG JA 23 -19.94 -26.93 -50.92
CA ARG JA 23 -18.54 -26.54 -51.06
C ARG JA 23 -17.88 -27.30 -52.19
N ASN JA 24 -17.10 -26.58 -53.00
CA ASN JA 24 -16.40 -27.17 -54.14
C ASN JA 24 -15.00 -26.58 -54.19
N LEU JA 25 -14.06 -27.21 -53.46
CA LEU JA 25 -12.65 -26.85 -53.42
C LEU JA 25 -11.86 -27.82 -54.28
N PRO JA 26 -10.94 -27.32 -55.12
CA PRO JA 26 -10.32 -28.17 -56.14
C PRO JA 26 -9.41 -29.25 -55.60
N ARG JA 27 -8.78 -29.02 -54.44
CA ARG JA 27 -7.82 -29.93 -53.81
C ARG JA 27 -6.72 -30.32 -54.80
N ARG JA 28 -6.01 -29.30 -55.27
CA ARG JA 28 -5.01 -29.45 -56.32
C ARG JA 28 -3.66 -29.81 -55.70
N GLY JA 29 -2.60 -29.72 -56.52
CA GLY JA 29 -1.26 -29.96 -56.04
C GLY JA 29 -0.82 -31.40 -56.20
N LEU JA 30 0.46 -31.63 -55.93
CA LEU JA 30 1.06 -32.95 -56.03
C LEU JA 30 1.07 -33.61 -54.66
N SER JA 31 1.63 -34.81 -54.60
CA SER JA 31 1.83 -35.46 -53.32
C SER JA 31 3.01 -34.83 -52.60
N GLY JA 32 3.11 -35.10 -51.29
CA GLY JA 32 4.21 -34.58 -50.52
C GLY JA 32 5.55 -35.16 -50.91
N TYR JA 33 5.57 -36.43 -51.33
CA TYR JA 33 6.80 -37.07 -51.74
C TYR JA 33 7.38 -36.42 -52.99
N SER JA 34 6.52 -35.98 -53.91
CA SER JA 34 7.01 -35.30 -55.11
C SER JA 34 7.66 -33.98 -54.76
N MET JA 35 7.06 -33.22 -53.83
CA MET JA 35 7.63 -31.95 -53.40
C MET JA 35 8.96 -32.14 -52.69
N PHE JA 36 9.04 -33.15 -51.82
CA PHE JA 36 10.29 -33.41 -51.12
C PHE JA 36 11.38 -33.87 -52.09
N ALA JA 37 11.02 -34.70 -53.08
CA ALA JA 37 11.99 -35.13 -54.08
C ALA JA 37 12.49 -33.97 -54.92
N VAL JA 38 11.59 -33.05 -55.29
CA VAL JA 38 11.99 -31.87 -56.05
C VAL JA 38 12.96 -31.01 -55.24
N GLY JA 39 12.66 -30.81 -53.95
CA GLY JA 39 13.54 -30.02 -53.11
C GLY JA 39 14.91 -30.65 -52.92
N ILE JA 40 14.95 -31.97 -52.69
CA ILE JA 40 16.22 -32.67 -52.51
C ILE JA 40 17.03 -32.65 -53.80
N GLY JA 41 16.37 -32.81 -54.95
CA GLY JA 41 17.08 -32.74 -56.22
C GLY JA 41 17.68 -31.38 -56.48
N ALA JA 42 16.94 -30.31 -56.18
CA ALA JA 42 17.48 -28.97 -56.31
C ALA JA 42 18.65 -28.74 -55.36
N LEU JA 43 18.54 -29.23 -54.13
CA LEU JA 43 19.62 -29.09 -53.15
C LEU JA 43 20.89 -29.78 -53.62
N LEU JA 44 20.76 -31.01 -54.13
CA LEU JA 44 21.96 -31.76 -54.55
C LEU JA 44 22.59 -31.16 -55.80
N PHE JA 45 21.76 -30.69 -56.74
CA PHE JA 45 22.29 -30.02 -57.93
C PHE JA 45 23.04 -28.74 -57.55
N GLY JA 46 22.46 -27.95 -56.64
CA GLY JA 46 23.14 -26.74 -56.19
C GLY JA 46 24.43 -27.04 -55.45
N TYR JA 47 24.44 -28.10 -54.64
CA TYR JA 47 25.64 -28.49 -53.92
C TYR JA 47 26.76 -28.89 -54.87
N TRP JA 48 26.43 -29.68 -55.90
CA TRP JA 48 27.44 -30.12 -56.86
C TRP JA 48 28.00 -28.96 -57.66
N SER JA 49 27.12 -28.07 -58.14
CA SER JA 49 27.58 -26.92 -58.93
C SER JA 49 28.42 -25.97 -58.09
N MET JA 50 28.00 -25.72 -56.84
CA MET JA 50 28.76 -24.84 -55.97
C MET JA 50 30.10 -25.45 -55.61
N MET JA 51 30.17 -26.77 -55.45
CA MET JA 51 31.44 -27.42 -55.18
C MET JA 51 32.42 -27.24 -56.34
N ARG JA 52 31.94 -27.46 -57.56
CA ARG JA 52 32.79 -27.27 -58.74
C ARG JA 52 33.31 -25.84 -58.86
N TRP JA 53 32.40 -24.87 -58.71
CA TRP JA 53 32.80 -23.48 -58.86
C TRP JA 53 33.70 -23.02 -57.72
N ASN JA 54 33.49 -23.52 -56.50
CA ASN JA 54 34.35 -23.12 -55.38
C ASN JA 54 35.75 -23.68 -55.53
N ARG JA 55 35.89 -24.91 -56.02
CA ARG JA 55 37.23 -25.45 -56.25
C ARG JA 55 37.95 -24.69 -57.37
N GLU JA 56 37.21 -24.32 -58.42
CA GLU JA 56 37.83 -23.51 -59.47
C GLU JA 56 38.26 -22.14 -58.95
N ARG JA 57 37.43 -21.53 -58.09
CA ARG JA 57 37.78 -20.23 -57.51
C ARG JA 57 39.00 -20.34 -56.62
N ARG JA 58 39.16 -21.46 -55.91
CA ARG JA 58 40.37 -21.65 -55.10
C ARG JA 58 41.61 -21.78 -55.96
N ARG JA 59 41.49 -22.46 -57.10
CA ARG JA 59 42.63 -22.54 -58.02
C ARG JA 59 43.02 -21.16 -58.55
N LEU JA 60 42.02 -20.33 -58.90
CA LEU JA 60 42.31 -18.98 -59.35
C LEU JA 60 42.93 -18.13 -58.25
N GLN JA 61 42.47 -18.30 -57.02
CA GLN JA 61 43.03 -17.57 -55.89
C GLN JA 61 44.49 -17.93 -55.66
N ILE JA 62 44.82 -19.22 -55.78
CA ILE JA 62 46.21 -19.65 -55.63
C ILE JA 62 47.07 -19.07 -56.74
N GLU JA 63 46.54 -18.99 -57.96
CA GLU JA 63 47.30 -18.39 -59.06
C GLU JA 63 47.56 -16.90 -58.81
N ASP JA 64 46.57 -16.17 -58.29
CA ASP JA 64 46.77 -14.76 -57.97
C ASP JA 64 47.80 -14.57 -56.86
N PHE JA 65 47.75 -15.43 -55.83
CA PHE JA 65 48.72 -15.32 -54.75
C PHE JA 65 50.12 -15.62 -55.25
N GLU JA 66 50.26 -16.57 -56.18
CA GLU JA 66 51.57 -16.86 -56.78
C GLU JA 66 52.10 -15.67 -57.56
N ALA JA 67 51.23 -14.98 -58.28
CA ALA JA 67 51.66 -13.76 -58.98
C ALA JA 67 52.16 -12.70 -58.00
N ARG JA 68 51.43 -12.52 -56.89
CA ARG JA 68 51.87 -11.56 -55.88
C ARG JA 68 53.21 -11.94 -55.26
N ILE JA 69 53.40 -13.23 -54.99
CA ILE JA 69 54.66 -13.72 -54.43
C ILE JA 69 55.81 -13.47 -55.41
N ALA JA 70 55.57 -13.70 -56.69
CA ALA JA 70 56.60 -13.39 -57.69
C ALA JA 70 56.89 -11.90 -57.75
N LEU JA 71 55.90 -11.05 -57.46
CA LEU JA 71 56.15 -9.61 -57.49
C LEU JA 71 56.78 -9.07 -56.21
N MET JA 72 56.75 -9.82 -55.10
CA MET JA 72 57.23 -9.30 -53.80
C MET JA 72 58.66 -8.74 -53.76
N PRO JA 73 59.71 -9.39 -54.31
CA PRO JA 73 61.07 -8.85 -54.07
C PRO JA 73 61.33 -7.47 -54.65
N LEU JA 74 60.80 -7.18 -55.83
CA LEU JA 74 61.02 -5.88 -56.44
C LEU JA 74 60.33 -4.77 -55.63
N LEU JA 75 59.10 -5.02 -55.19
CA LEU JA 75 58.39 -4.05 -54.38
C LEU JA 75 59.08 -3.85 -53.03
N GLN JA 76 59.63 -4.92 -52.46
CA GLN JA 76 60.34 -4.80 -51.19
C GLN JA 76 61.60 -3.95 -51.34
N ALA JA 77 62.34 -4.14 -52.44
CA ALA JA 77 63.55 -3.35 -52.67
C ALA JA 77 63.22 -1.87 -52.81
N GLU JA 78 62.21 -1.55 -53.63
CA GLU JA 78 61.78 -0.15 -53.77
C GLU JA 78 61.26 0.43 -52.46
N LYS JA 79 60.54 -0.36 -51.66
CA LYS JA 79 60.04 0.15 -50.39
C LYS JA 79 61.17 0.46 -49.42
N ASP JA 80 62.19 -0.41 -49.37
CA ASP JA 80 63.35 -0.15 -48.52
C ASP JA 80 64.08 1.10 -48.95
N ARG JA 81 64.29 1.26 -50.26
CA ARG JA 81 65.01 2.44 -50.74
C ARG JA 81 64.21 3.72 -50.50
N ARG JA 82 62.89 3.68 -50.71
CA ARG JA 82 62.07 4.86 -50.49
C ARG JA 82 62.04 5.26 -49.02
N VAL JA 83 61.93 4.26 -48.12
CA VAL JA 83 61.91 4.56 -46.69
C VAL JA 83 63.24 5.16 -46.25
N LEU JA 84 64.36 4.59 -46.72
CA LEU JA 84 65.66 5.13 -46.34
C LEU JA 84 65.89 6.53 -46.93
N GLN JA 85 65.43 6.76 -48.16
CA GLN JA 85 65.56 8.09 -48.75
C GLN JA 85 64.73 9.12 -48.00
N MET JA 86 63.52 8.75 -47.58
CA MET JA 86 62.69 9.69 -46.84
C MET JA 86 63.25 9.97 -45.45
N LEU JA 87 63.81 8.96 -44.81
CA LEU JA 87 64.47 9.17 -43.52
C LEU JA 87 65.70 10.06 -43.66
N ARG JA 88 66.48 9.89 -44.74
CA ARG JA 88 67.64 10.73 -44.96
C ARG JA 88 67.23 12.18 -45.27
N GLU JA 89 66.15 12.36 -46.03
CA GLU JA 89 65.65 13.70 -46.28
C GLU JA 89 65.16 14.37 -45.00
N ASN JA 90 64.51 13.60 -44.12
CA ASN JA 90 64.05 14.18 -42.86
C ASN JA 90 65.21 14.50 -41.94
N LEU JA 91 66.26 13.67 -41.95
CA LEU JA 91 67.42 13.92 -41.09
C LEU JA 91 68.22 15.12 -41.59
N GLU JA 92 68.36 15.26 -42.91
CA GLU JA 92 69.17 16.35 -43.46
C GLU JA 92 68.51 17.70 -43.22
N GLU JA 93 67.17 17.74 -43.17
CA GLU JA 93 66.48 18.97 -42.83
C GLU JA 93 66.37 19.18 -41.33
N GLU JA 94 66.62 18.15 -40.53
CA GLU JA 94 66.55 18.30 -39.09
C GLU JA 94 67.71 19.12 -38.55
N ALA JA 95 68.86 19.07 -39.23
CA ALA JA 95 70.02 19.86 -38.79
C ALA JA 95 69.79 21.35 -39.03
N THR JA 96 69.12 21.71 -40.12
CA THR JA 96 68.88 23.12 -40.43
C THR JA 96 67.96 23.77 -39.41
N ILE JA 97 66.93 23.05 -38.97
CA ILE JA 97 66.02 23.60 -37.96
C ILE JA 97 66.72 23.70 -36.62
N MET JA 98 67.42 22.63 -36.23
CA MET JA 98 68.09 22.57 -34.93
C MET JA 98 69.52 23.07 -35.08
N LYS JA 99 69.70 24.38 -34.92
CA LYS JA 99 71.04 24.95 -34.87
C LYS JA 99 71.21 25.79 -33.62
N ASP JA 100 70.15 26.50 -33.23
CA ASP JA 100 70.19 27.37 -32.06
C ASP JA 100 69.94 26.63 -30.75
N VAL JA 101 69.25 25.49 -30.78
CA VAL JA 101 68.82 24.82 -29.56
C VAL JA 101 70.00 24.13 -28.89
N PRO JA 102 70.33 24.47 -27.65
CA PRO JA 102 71.44 23.83 -26.95
C PRO JA 102 71.05 22.46 -26.41
N GLY JA 103 72.06 21.62 -26.24
CA GLY JA 103 71.82 20.28 -25.75
C GLY JA 103 71.14 19.35 -26.72
N TRP JA 104 71.25 19.64 -28.02
CA TRP JA 104 70.61 18.84 -29.06
C TRP JA 104 71.67 18.13 -29.88
N LYS JA 105 71.38 16.89 -30.27
CA LYS JA 105 72.25 16.13 -31.16
C LYS JA 105 71.39 15.52 -32.25
N VAL JA 106 71.74 15.81 -33.49
CA VAL JA 106 70.96 15.37 -34.65
C VAL JA 106 71.16 13.88 -34.87
N GLY JA 107 70.13 13.23 -35.40
CA GLY JA 107 70.20 11.81 -35.66
C GLY JA 107 70.21 10.94 -34.42
N GLU JA 108 69.79 11.47 -33.28
CA GLU JA 108 69.82 10.71 -32.05
C GLU JA 108 68.73 9.64 -32.06
N SER JA 109 69.11 8.42 -31.67
CA SER JA 109 68.15 7.33 -31.53
C SER JA 109 67.69 7.24 -30.09
N VAL JA 110 66.37 7.19 -29.90
CA VAL JA 110 65.81 7.11 -28.55
C VAL JA 110 65.90 5.72 -27.94
N PHE JA 111 66.28 4.72 -28.73
CA PHE JA 111 66.49 3.37 -28.21
C PHE JA 111 67.94 3.17 -27.85
N HIS JA 112 68.18 2.26 -26.90
CA HIS JA 112 69.52 1.99 -26.40
C HIS JA 112 70.30 1.02 -27.27
N THR JA 113 69.69 0.47 -28.32
CA THR JA 113 70.36 -0.49 -29.18
C THR JA 113 70.76 0.16 -30.50
N THR JA 114 71.61 -0.55 -31.23
CA THR JA 114 71.94 -0.21 -32.60
C THR JA 114 71.19 -1.06 -33.62
N ARG JA 115 70.23 -1.86 -33.16
CA ARG JA 115 69.40 -2.63 -34.06
C ARG JA 115 68.48 -1.69 -34.85
N TRP JA 116 68.33 -1.97 -36.13
CA TRP JA 116 67.41 -1.20 -36.96
C TRP JA 116 65.98 -1.45 -36.51
N VAL JA 117 65.22 -0.36 -36.33
CA VAL JA 117 63.83 -0.45 -35.93
C VAL JA 117 62.96 -0.03 -37.11
N THR JA 118 61.72 -0.48 -37.08
CA THR JA 118 60.77 -0.06 -38.10
C THR JA 118 60.47 1.42 -37.94
N PRO JA 119 60.51 2.20 -39.01
CA PRO JA 119 60.27 3.65 -38.87
C PRO JA 119 58.83 3.93 -38.53
N MET JA 120 58.64 4.74 -37.50
CA MET JA 120 57.31 5.15 -37.06
C MET JA 120 56.66 6.01 -38.13
N MET JA 121 55.33 6.05 -38.11
CA MET JA 121 54.59 6.81 -39.13
C MET JA 121 54.91 8.29 -39.05
N GLY JA 122 55.00 8.83 -37.83
CA GLY JA 122 55.40 10.21 -37.65
C GLY JA 122 56.88 10.47 -37.81
N GLU JA 123 57.70 9.42 -37.77
CA GLU JA 123 59.13 9.59 -38.01
C GLU JA 123 59.46 9.71 -39.48
N LEU JA 124 58.53 9.33 -40.36
CA LEU JA 124 58.71 9.38 -41.81
C LEU JA 124 58.05 10.60 -42.43
N TYR JA 125 56.78 10.83 -42.10
CA TYR JA 125 56.01 11.93 -42.65
C TYR JA 125 55.81 13.06 -41.64
N GLY JA 126 56.79 13.27 -40.76
CA GLY JA 126 56.63 14.28 -39.73
C GLY JA 126 56.72 15.69 -40.25
N LEU JA 127 57.55 15.92 -41.27
CA LEU JA 127 57.80 17.26 -41.79
C LEU JA 127 57.04 17.57 -43.06
N ARG JA 128 56.23 16.63 -43.55
CA ARG JA 128 55.53 16.81 -44.83
C ARG JA 128 54.11 17.31 -44.59
N THR JA 129 53.48 17.74 -45.69
CA THR JA 129 52.21 18.45 -45.62
C THR JA 129 51.06 17.49 -45.34
N GLY JA 130 49.92 18.08 -44.96
CA GLY JA 130 48.78 17.31 -44.49
C GLY JA 130 48.08 16.48 -45.55
N GLU JA 131 48.23 16.85 -46.82
CA GLU JA 131 47.67 16.04 -47.89
C GLU JA 131 48.35 14.67 -47.93
N GLU JA 132 49.67 14.63 -47.78
CA GLU JA 132 50.38 13.37 -47.70
C GLU JA 132 50.05 12.64 -46.41
N ILE JA 133 49.78 13.38 -45.33
CA ILE JA 133 49.38 12.75 -44.06
C ILE JA 133 48.08 11.99 -44.23
N LEU JA 134 47.07 12.64 -44.81
CA LEU JA 134 45.79 11.99 -45.03
C LEU JA 134 45.88 10.89 -46.08
N SER JA 135 46.77 11.04 -47.07
CA SER JA 135 46.91 10.03 -48.10
C SER JA 135 47.61 8.78 -47.60
N SER JA 136 48.54 8.92 -46.65
CA SER JA 136 49.30 7.77 -46.20
C SER JA 136 48.69 7.11 -44.96
N THR JA 137 48.36 7.89 -43.94
CA THR JA 137 47.88 7.29 -42.70
C THR JA 137 46.47 6.74 -42.83
N TYR JA 138 45.51 7.60 -43.13
CA TYR JA 138 44.11 7.21 -43.23
C TYR JA 138 43.70 6.88 -44.66
N GLY JA 139 44.66 6.83 -45.60
CA GLY JA 139 44.31 6.75 -47.01
C GLY JA 139 43.62 5.47 -47.39
N PHE JA 140 44.13 4.33 -46.93
CA PHE JA 140 43.54 3.05 -47.30
C PHE JA 140 42.20 2.84 -46.60
N ILE JA 141 42.11 3.22 -45.33
CA ILE JA 141 40.87 3.03 -44.58
C ILE JA 141 39.75 3.88 -45.15
N TRP JA 142 40.06 5.13 -45.50
CA TRP JA 142 39.07 6.04 -46.06
C TRP JA 142 38.73 5.77 -47.51
N TYR JA 143 39.52 4.94 -48.21
CA TYR JA 143 39.33 4.80 -49.65
C TYR JA 143 38.09 3.98 -49.97
N THR JA 144 36.96 4.68 -50.13
CA THR JA 144 35.72 4.14 -50.68
C THR JA 144 35.22 2.88 -49.98
N SER KA 2 0.85 6.30 87.78
CA SER KA 2 0.09 5.09 87.47
C SER KA 2 1.00 3.88 87.45
N GLY KA 3 0.45 2.74 87.84
CA GLY KA 3 1.17 1.48 87.89
C GLY KA 3 0.91 0.63 86.67
N TYR KA 4 0.85 -0.68 86.90
CA TYR KA 4 0.56 -1.61 85.81
C TYR KA 4 -0.88 -1.47 85.35
N THR KA 5 -1.07 -1.53 84.03
CA THR KA 5 -2.39 -1.72 83.46
C THR KA 5 -2.86 -3.15 83.75
N PRO KA 6 -4.18 -3.38 83.79
CA PRO KA 6 -4.68 -4.75 84.01
C PRO KA 6 -4.26 -5.75 82.96
N ASP KA 7 -4.14 -5.33 81.69
CA ASP KA 7 -3.56 -6.20 80.67
C ASP KA 7 -2.13 -6.56 81.02
N GLU KA 8 -1.35 -5.58 81.46
CA GLU KA 8 0.04 -5.85 81.81
C GLU KA 8 0.16 -6.74 83.02
N LYS KA 9 -0.72 -6.55 84.00
CA LYS KA 9 -0.71 -7.41 85.19
C LYS KA 9 -1.06 -8.85 84.84
N LEU KA 10 -2.09 -9.05 84.01
CA LEU KA 10 -2.45 -10.41 83.63
C LEU KA 10 -1.36 -11.07 82.80
N ARG KA 11 -0.78 -10.32 81.86
CA ARG KA 11 0.27 -10.90 81.02
C ARG KA 11 1.50 -11.23 81.84
N LEU KA 12 1.87 -10.37 82.79
CA LEU KA 12 3.02 -10.65 83.64
C LEU KA 12 2.77 -11.85 84.54
N GLN KA 13 1.56 -11.98 85.08
CA GLN KA 13 1.26 -13.13 85.94
C GLN KA 13 1.30 -14.44 85.16
N GLN KA 14 0.70 -14.47 83.97
CA GLN KA 14 0.71 -15.72 83.20
C GLN KA 14 2.11 -16.05 82.68
N LEU KA 15 2.85 -15.04 82.22
CA LEU KA 15 4.21 -15.27 81.77
C LEU KA 15 5.09 -15.75 82.90
N ARG KA 16 4.89 -15.21 84.11
CA ARG KA 16 5.68 -15.64 85.25
C ARG KA 16 5.35 -17.07 85.66
N GLU KA 17 4.06 -17.45 85.56
CA GLU KA 17 3.68 -18.83 85.85
C GLU KA 17 4.33 -19.81 84.87
N LEU KA 18 4.29 -19.47 83.58
CA LEU KA 18 4.95 -20.32 82.58
C LEU KA 18 6.46 -20.37 82.78
N ARG KA 19 7.07 -19.22 83.10
CA ARG KA 19 8.51 -19.17 83.32
C ARG KA 19 8.93 -19.99 84.53
N ARG KA 20 8.15 -19.94 85.60
CA ARG KA 20 8.48 -20.72 86.79
C ARG KA 20 8.29 -22.20 86.54
N ARG KA 21 7.28 -22.58 85.75
CA ARG KA 21 7.14 -23.98 85.36
C ARG KA 21 8.33 -24.45 84.52
N TRP KA 22 8.79 -23.60 83.59
CA TRP KA 22 9.95 -23.95 82.77
C TRP KA 22 11.21 -24.08 83.60
N LEU KA 23 11.41 -23.17 84.57
CA LEU KA 23 12.59 -23.23 85.42
C LEU KA 23 12.55 -24.45 86.33
N LYS KA 24 11.35 -24.83 86.80
CA LYS KA 24 11.23 -26.06 87.57
C LYS KA 24 11.51 -27.29 86.71
N ASP KA 25 11.20 -27.21 85.41
CA ASP KA 25 11.45 -28.33 84.50
C ASP KA 25 12.91 -28.52 84.16
N GLN KA 26 13.78 -27.58 84.50
CA GLN KA 26 15.20 -27.66 84.15
C GLN KA 26 16.02 -28.45 85.16
N GLU KA 27 15.38 -29.05 86.17
CA GLU KA 27 16.10 -29.76 87.20
C GLU KA 27 16.65 -31.08 86.68
N LEU KA 28 17.47 -31.72 87.51
CA LEU KA 28 18.10 -32.99 87.18
C LEU KA 28 17.45 -34.12 87.97
N SER KA 29 17.09 -35.18 87.29
CA SER KA 29 16.59 -36.37 87.96
C SER KA 29 17.71 -37.03 88.76
N PRO KA 30 17.40 -37.71 89.86
CA PRO KA 30 18.44 -38.38 90.64
C PRO KA 30 19.19 -39.48 89.89
N ARG KA 31 18.62 -40.07 88.84
CA ARG KA 31 19.35 -41.03 88.04
C ARG KA 31 20.20 -40.37 86.96
N GLU KA 32 19.82 -39.19 86.50
CA GLU KA 32 20.59 -38.47 85.49
C GLU KA 32 21.83 -37.83 86.12
N PRO KA 33 22.95 -37.75 85.38
CA PRO KA 33 23.16 -38.28 84.03
C PRO KA 33 23.44 -39.79 84.03
N VAL KA 34 23.07 -40.45 82.94
CA VAL KA 34 23.18 -41.91 82.85
C VAL KA 34 24.51 -42.20 82.16
N LEU KA 35 25.55 -42.42 82.96
CA LEU KA 35 26.88 -42.63 82.43
C LEU KA 35 26.98 -44.01 81.79
N PRO KA 36 27.66 -44.14 80.65
CA PRO KA 36 27.90 -45.46 80.07
C PRO KA 36 29.01 -46.18 80.83
N PRO KA 37 29.07 -47.50 80.74
CA PRO KA 37 30.14 -48.23 81.43
C PRO KA 37 31.52 -47.87 80.89
N ARG KA 38 32.49 -47.84 81.78
CA ARG KA 38 33.86 -47.44 81.44
C ARG KA 38 34.80 -48.63 81.45
N ARG KA 66 51.48 -46.83 93.49
CA ARG KA 66 51.11 -45.57 92.87
C ARG KA 66 51.02 -44.46 93.90
N HIS KA 67 52.18 -43.97 94.34
CA HIS KA 67 52.26 -42.83 95.24
C HIS KA 67 53.03 -41.66 94.66
N SER KA 68 54.25 -41.90 94.15
CA SER KA 68 55.12 -40.87 93.62
C SER KA 68 55.56 -41.20 92.21
N ILE KA 69 54.61 -41.63 91.38
CA ILE KA 69 54.89 -41.87 89.97
C ILE KA 69 55.06 -40.59 89.18
N PHE KA 70 54.73 -39.44 89.78
CA PHE KA 70 54.97 -38.16 89.13
C PHE KA 70 56.45 -37.84 89.06
N ALA KA 71 57.22 -38.22 90.09
CA ALA KA 71 58.64 -37.92 90.13
C ALA KA 71 59.48 -38.78 89.19
N PHE KA 72 58.90 -39.84 88.64
CA PHE KA 72 59.63 -40.71 87.73
C PHE KA 72 59.24 -40.45 86.28
N THR KA 73 57.94 -40.37 85.99
CA THR KA 73 57.49 -40.20 84.63
C THR KA 73 57.68 -38.79 84.11
N HIS KA 74 57.74 -37.79 85.00
CA HIS KA 74 57.83 -36.41 84.58
C HIS KA 74 59.17 -35.76 84.88
N VAL KA 75 60.02 -36.38 85.69
CA VAL KA 75 61.27 -35.75 86.08
C VAL KA 75 62.46 -36.58 85.63
N LEU KA 76 62.50 -37.84 86.07
CA LEU KA 76 63.67 -38.68 85.82
C LEU KA 76 63.78 -39.07 84.35
N ILE KA 77 62.66 -39.47 83.74
CA ILE KA 77 62.68 -39.86 82.34
C ILE KA 77 63.09 -38.71 81.41
N PRO KA 78 62.50 -37.50 81.50
CA PRO KA 78 63.01 -36.42 80.64
C PRO KA 78 64.45 -36.05 80.91
N VAL KA 79 64.90 -36.13 82.17
CA VAL KA 79 66.30 -35.84 82.48
C VAL KA 79 67.22 -36.84 81.79
N TRP KA 80 66.84 -38.12 81.80
CA TRP KA 80 67.60 -39.13 81.06
C TRP KA 80 67.62 -38.82 79.57
N ILE KA 81 66.48 -38.43 79.02
CA ILE KA 81 66.37 -38.17 77.59
C ILE KA 81 67.31 -37.04 77.17
N ILE KA 82 67.26 -35.91 77.88
CA ILE KA 82 68.11 -34.81 77.43
C ILE KA 82 69.54 -34.95 77.91
N HIS KA 83 69.83 -35.73 78.94
CA HIS KA 83 71.22 -36.01 79.24
C HIS KA 83 71.85 -36.84 78.14
N TYR KA 84 71.12 -37.84 77.64
CA TYR KA 84 71.58 -38.60 76.49
C TYR KA 84 71.75 -37.70 75.27
N TYR KA 85 70.77 -36.83 75.02
CA TYR KA 85 70.79 -35.95 73.86
C TYR KA 85 71.95 -34.96 73.92
N LEU KA 86 72.20 -34.38 75.09
CA LEU KA 86 73.27 -33.40 75.25
C LEU KA 86 74.64 -34.04 75.26
N LYS KA 87 74.79 -35.18 75.95
CA LYS KA 87 76.11 -35.78 76.09
C LYS KA 87 76.56 -36.46 74.80
N TYR KA 88 75.65 -37.15 74.11
CA TYR KA 88 76.04 -38.00 73.02
C TYR KA 88 75.60 -37.49 71.65
N HIS KA 89 74.94 -36.33 71.58
CA HIS KA 89 74.59 -35.78 70.28
C HIS KA 89 74.76 -34.27 70.14
N VAL KA 90 74.99 -33.52 71.20
CA VAL KA 90 75.15 -32.07 71.13
C VAL KA 90 76.58 -31.66 71.42
N THR KA 91 77.18 -32.23 72.47
CA THR KA 91 78.55 -31.88 72.84
C THR KA 91 79.56 -32.37 71.81
N THR KA 92 79.19 -33.35 70.97
CA THR KA 92 80.08 -33.76 69.89
C THR KA 92 80.19 -32.67 68.82
N LYS KA 93 79.12 -31.92 68.59
CA LYS KA 93 79.18 -30.81 67.66
C LYS KA 93 79.99 -29.67 68.26
N PRO KA 94 80.75 -28.92 67.45
CA PRO KA 94 81.62 -27.89 68.00
C PRO KA 94 80.86 -26.64 68.40
N TYR KA 95 81.29 -26.05 69.52
CA TYR KA 95 80.84 -24.75 70.02
C TYR KA 95 79.34 -24.70 70.30
N THR KA 96 78.71 -25.83 70.59
CA THR KA 96 77.29 -25.80 70.95
C THR KA 96 77.12 -25.38 72.39
N ILE KA 97 77.66 -26.15 73.33
CA ILE KA 97 77.69 -25.76 74.73
C ILE KA 97 78.98 -24.99 74.92
N VAL KA 98 78.87 -23.71 75.25
CA VAL KA 98 80.03 -22.87 75.52
C VAL KA 98 79.81 -22.22 76.87
N GLU KA 99 80.80 -22.34 77.75
CA GLU KA 99 80.65 -21.89 79.12
C GLU KA 99 81.72 -20.86 79.44
N LYS KA 100 81.39 -19.97 80.36
CA LYS KA 100 82.38 -19.00 80.83
C LYS KA 100 83.48 -19.74 81.57
N LYS KA 101 84.72 -19.36 81.31
CA LYS KA 101 85.83 -19.98 81.99
C LYS KA 101 85.80 -19.60 83.47
N PRO KA 102 86.17 -20.53 84.35
CA PRO KA 102 86.00 -20.29 85.79
C PRO KA 102 86.89 -19.17 86.30
N ARG KA 103 86.38 -18.47 87.31
CA ARG KA 103 87.03 -17.30 87.88
C ARG KA 103 88.25 -17.73 88.67
N ILE KA 104 89.40 -17.16 88.35
CA ILE KA 104 90.66 -17.52 88.99
C ILE KA 104 91.06 -16.38 89.94
N PHE KA 105 91.25 -16.71 91.19
CA PHE KA 105 91.63 -15.77 92.23
C PHE KA 105 93.08 -15.98 92.63
N PRO KA 106 93.73 -14.98 93.19
CA PRO KA 106 95.09 -15.18 93.71
C PRO KA 106 95.07 -16.05 94.96
N GLY KA 107 95.78 -17.17 94.89
CA GLY KA 107 95.92 -18.06 96.02
C GLY KA 107 95.40 -19.47 95.81
N ASP KA 108 94.64 -19.74 94.75
CA ASP KA 108 94.08 -21.06 94.57
C ASP KA 108 95.00 -21.94 93.70
N THR KA 109 94.52 -23.14 93.38
CA THR KA 109 95.32 -24.15 92.70
C THR KA 109 94.55 -24.67 91.49
N ILE KA 110 95.26 -24.86 90.39
CA ILE KA 110 94.65 -25.35 89.15
C ILE KA 110 94.53 -26.87 89.22
N LEU KA 111 93.34 -27.38 88.91
CA LEU KA 111 93.13 -28.83 88.94
C LEU KA 111 93.86 -29.52 87.79
N GLU KA 112 93.76 -28.95 86.59
CA GLU KA 112 94.34 -29.59 85.41
C GLU KA 112 95.86 -29.48 85.37
N THR KA 113 96.43 -28.47 86.03
CA THR KA 113 97.85 -28.19 85.97
C THR KA 113 98.59 -28.49 87.27
N GLY KA 114 97.99 -28.18 88.42
CA GLY KA 114 98.68 -28.25 89.68
C GLY KA 114 99.46 -27.01 90.05
N GLU KA 115 99.49 -26.01 89.19
CA GLU KA 115 100.23 -24.79 89.46
C GLU KA 115 99.51 -23.96 90.51
N VAL KA 116 100.27 -23.40 91.44
CA VAL KA 116 99.74 -22.49 92.45
C VAL KA 116 99.75 -21.08 91.88
N ILE KA 117 98.71 -20.31 92.19
CA ILE KA 117 98.64 -18.91 91.78
C ILE KA 117 99.30 -18.06 92.86
N PRO KA 118 100.25 -17.19 92.51
CA PRO KA 118 100.93 -16.40 93.53
C PRO KA 118 99.99 -15.44 94.21
N PRO KA 119 100.22 -15.15 95.48
CA PRO KA 119 99.28 -14.31 96.25
C PRO KA 119 99.42 -12.84 95.88
N MET KA 120 98.64 -12.01 96.57
CA MET KA 120 98.63 -10.59 96.31
C MET KA 120 99.80 -9.89 96.97
N LYS KA 121 100.05 -8.65 96.55
CA LYS KA 121 100.98 -7.78 97.23
C LYS KA 121 100.43 -7.40 98.60
N GLU KA 122 101.34 -7.20 99.56
CA GLU KA 122 100.94 -6.83 100.90
C GLU KA 122 100.29 -5.44 100.91
N PHE KA 123 99.17 -5.32 101.61
CA PHE KA 123 98.31 -4.15 101.51
C PHE KA 123 98.86 -2.99 102.34
N PRO KA 124 98.67 -1.75 101.88
CA PRO KA 124 98.90 -0.59 102.73
C PRO KA 124 97.69 -0.32 103.62
N ASP KA 125 97.66 -0.95 104.80
CA ASP KA 125 96.48 -0.95 105.65
C ASP KA 125 96.07 0.45 106.06
N GLN KA 126 94.76 0.71 106.03
CA GLN KA 126 94.21 2.05 106.20
C GLN KA 126 93.33 2.21 107.42
N HIS KA 127 92.85 1.12 108.03
CA HIS KA 127 91.90 1.22 109.12
C HIS KA 127 91.95 -0.02 110.00
N GLY LA 2 74.76 20.80 97.61
CA GLY LA 2 73.59 21.48 97.10
C GLY LA 2 73.81 22.96 96.91
N ALA LA 3 74.64 23.54 97.78
CA ALA LA 3 74.99 24.94 97.63
C ALA LA 3 75.89 25.19 96.43
N HIS LA 4 76.57 24.15 95.93
CA HIS LA 4 77.37 24.30 94.72
C HIS LA 4 76.49 24.56 93.50
N LEU LA 5 75.28 24.01 93.47
CA LEU LA 5 74.36 24.28 92.37
C LEU LA 5 73.95 25.74 92.32
N ALA LA 6 73.66 26.34 93.48
CA ALA LA 6 73.32 27.75 93.52
C ALA LA 6 74.54 28.62 93.30
N ARG LA 7 75.72 28.14 93.69
CA ARG LA 7 76.94 28.91 93.46
C ARG LA 7 77.32 28.93 92.00
N ARG LA 8 77.04 27.86 91.26
CA ARG LA 8 77.38 27.80 89.84
C ARG LA 8 76.29 28.42 88.96
N TYR LA 9 75.04 28.02 89.17
CA TYR LA 9 73.98 28.41 88.24
C TYR LA 9 73.48 29.81 88.55
N LEU LA 10 72.98 30.01 89.77
CA LEU LA 10 72.44 31.32 90.15
C LEU LA 10 73.54 32.36 90.33
N GLY LA 11 74.70 31.94 90.83
CA GLY LA 11 75.80 32.86 91.03
C GLY LA 11 76.67 32.98 89.79
N ASP LA 12 77.98 32.80 89.96
CA ASP LA 12 78.93 32.86 88.87
C ASP LA 12 79.50 31.48 88.62
N ALA LA 13 79.34 30.98 87.39
CA ALA LA 13 79.84 29.67 87.03
C ALA LA 13 81.31 29.68 86.63
N SER LA 14 81.93 30.86 86.56
CA SER LA 14 83.33 30.94 86.15
C SER LA 14 84.28 30.49 87.24
N VAL LA 15 83.81 30.42 88.49
CA VAL LA 15 84.68 30.05 89.60
C VAL LA 15 84.34 28.63 90.07
N GLU LA 16 83.07 28.28 89.99
CA GLU LA 16 82.68 26.91 90.28
C GLU LA 16 82.92 26.05 89.05
N PRO LA 17 83.80 25.05 89.12
CA PRO LA 17 84.22 24.35 87.91
C PRO LA 17 83.16 23.37 87.42
N GLU LA 18 83.11 23.21 86.11
CA GLU LA 18 82.25 22.21 85.52
C GLU LA 18 82.90 20.83 85.64
N PRO LA 19 82.18 19.83 86.14
CA PRO LA 19 82.83 18.56 86.52
C PRO LA 19 83.25 17.70 85.35
N LEU LA 20 82.71 17.93 84.16
CA LEU LA 20 82.99 17.04 83.03
C LEU LA 20 84.44 17.14 82.58
N ARG LA 21 84.94 18.36 82.39
CA ARG LA 21 86.35 18.60 82.11
C ARG LA 21 86.92 19.45 83.24
N MET LA 22 87.74 18.80 84.07
CA MET LA 22 88.32 19.39 85.27
C MET LA 22 89.42 18.45 85.72
N PRO LA 23 90.57 18.95 86.17
CA PRO LA 23 90.98 20.35 86.30
C PRO LA 23 91.76 20.87 85.10
N THR LA 24 91.87 22.20 84.99
CA THR LA 24 92.83 22.80 84.07
C THR LA 24 94.18 23.04 84.73
N PHE LA 25 94.18 23.26 86.03
CA PHE LA 25 95.40 23.54 86.76
C PHE LA 25 96.26 22.29 86.85
N PRO LA 26 97.58 22.44 86.72
CA PRO LA 26 98.47 21.28 86.80
C PRO LA 26 98.50 20.74 88.22
N PRO LA 27 98.60 19.42 88.39
CA PRO LA 27 98.63 18.86 89.74
C PRO LA 27 99.92 19.18 90.48
N ASP LA 28 101.01 19.48 89.77
CA ASP LA 28 102.24 19.92 90.41
C ASP LA 28 102.11 21.32 90.98
N TYR LA 29 101.20 22.13 90.43
CA TYR LA 29 101.06 23.53 90.79
C TYR LA 29 100.56 23.66 92.23
N GLY LA 30 101.40 24.22 93.09
CA GLY LA 30 101.07 24.40 94.49
C GLY LA 30 101.40 23.22 95.38
N PHE LA 31 101.68 22.05 94.80
CA PHE LA 31 102.00 20.85 95.58
C PHE LA 31 103.47 20.52 95.42
N PRO LA 32 104.30 20.76 96.43
CA PRO LA 32 105.69 20.27 96.36
C PRO LA 32 105.73 18.75 96.51
N GLU LA 33 106.49 18.11 95.61
CA GLU LA 33 106.75 16.66 95.54
C GLU LA 33 105.50 15.81 95.76
N ARG LA 34 104.49 15.99 94.90
CA ARG LA 34 103.25 15.25 95.03
C ARG LA 34 103.44 13.78 94.73
N LYS LA 35 102.83 12.93 95.54
CA LYS LA 35 102.99 11.48 95.46
C LYS LA 35 102.00 10.86 94.49
N GLU LA 36 102.49 9.88 93.74
CA GLU LA 36 101.68 9.20 92.73
C GLU LA 36 100.91 8.06 93.37
N ARG LA 37 99.66 7.87 92.94
CA ARG LA 37 98.81 6.83 93.48
C ARG LA 37 99.37 5.45 93.15
N GLU LA 38 99.18 4.53 94.07
CA GLU LA 38 99.75 3.19 94.00
C GLU LA 38 98.65 2.18 93.70
N MET LA 39 98.97 1.17 92.89
CA MET LA 39 98.03 0.12 92.54
C MET LA 39 98.61 -1.21 93.02
N VAL LA 40 97.80 -1.97 93.77
CA VAL LA 40 98.28 -3.21 94.35
C VAL LA 40 98.05 -4.38 93.41
N ALA LA 41 96.81 -4.56 92.95
CA ALA LA 41 96.47 -5.69 92.09
C ALA LA 41 96.98 -5.44 90.68
N THR LA 42 97.84 -6.32 90.18
CA THR LA 42 98.39 -6.14 88.86
C THR LA 42 97.35 -6.51 87.79
N GLN LA 43 97.69 -6.21 86.54
CA GLN LA 43 96.72 -6.31 85.45
C GLN LA 43 96.29 -7.75 85.21
N GLN LA 44 97.20 -8.70 85.37
CA GLN LA 44 96.86 -10.10 85.18
C GLN LA 44 95.89 -10.59 86.24
N GLU LA 45 96.04 -10.09 87.48
CA GLU LA 45 95.15 -10.50 88.56
C GLU LA 45 93.73 -10.04 88.31
N MET LA 46 93.54 -8.81 87.81
CA MET LA 46 92.20 -8.35 87.50
C MET LA 46 91.67 -9.02 86.23
N ASN LA 47 92.55 -9.45 85.33
CA ASN LA 47 92.08 -10.12 84.13
C ASN LA 47 91.57 -11.52 84.43
N ASP LA 48 92.30 -12.29 85.24
CA ASP LA 48 91.84 -13.63 85.57
C ASP LA 48 90.81 -13.68 86.69
N ALA LA 49 90.63 -12.60 87.46
CA ALA LA 49 89.50 -12.54 88.36
C ALA LA 49 88.24 -12.02 87.68
N GLN LA 50 88.35 -11.59 86.41
CA GLN LA 50 87.23 -11.18 85.57
C GLN LA 50 86.41 -10.06 86.21
N LEU LA 51 87.10 -9.07 86.75
CA LEU LA 51 86.41 -7.89 87.25
C LEU LA 51 85.85 -7.09 86.09
N VAL LA 52 84.72 -6.41 86.34
CA VAL LA 52 84.14 -5.52 85.35
C VAL LA 52 85.06 -4.34 85.12
N LEU LA 53 85.04 -3.80 83.91
CA LEU LA 53 85.98 -2.74 83.53
C LEU LA 53 85.76 -1.48 84.34
N GLN LA 54 84.51 -1.22 84.75
CA GLN LA 54 84.23 -0.07 85.61
C GLN LA 54 84.60 -0.33 87.06
N GLN LA 55 84.75 -1.59 87.46
CA GLN LA 55 85.04 -1.94 88.83
C GLN LA 55 86.53 -2.06 89.11
N ARG LA 56 87.39 -1.93 88.09
CA ARG LA 56 88.83 -2.05 88.26
C ARG LA 56 89.41 -0.71 88.68
N ASP LA 57 88.97 -0.26 89.85
CA ASP LA 57 89.37 1.03 90.39
C ASP LA 57 90.73 0.89 91.07
N TYR LA 58 91.14 1.92 91.81
CA TYR LA 58 92.49 1.92 92.37
C TYR LA 58 92.66 1.01 93.57
N CYS LA 59 91.58 0.46 94.12
CA CYS LA 59 91.71 -0.52 95.19
C CYS LA 59 90.75 -1.70 94.96
N ALA LA 60 90.86 -2.31 93.78
CA ALA LA 60 90.10 -3.51 93.47
C ALA LA 60 90.58 -4.74 94.23
N HIS LA 61 91.71 -4.66 94.94
CA HIS LA 61 92.24 -5.82 95.67
C HIS LA 61 91.32 -6.22 96.82
N TYR LA 62 90.71 -5.24 97.49
CA TYR LA 62 89.71 -5.56 98.51
C TYR LA 62 88.50 -6.24 97.89
N LEU LA 63 88.11 -5.82 96.68
CA LEU LA 63 87.02 -6.47 95.98
C LEU LA 63 87.37 -7.91 95.61
N ILE LA 64 88.62 -8.15 95.21
CA ILE LA 64 89.06 -9.51 94.91
C ILE LA 64 89.02 -10.39 96.15
N ARG LA 65 89.49 -9.85 97.27
CA ARG LA 65 89.45 -10.59 98.54
C ARG LA 65 88.02 -10.88 98.95
N PHE LA 66 87.12 -9.90 98.78
CA PHE LA 66 85.72 -10.11 99.13
C PHE LA 66 85.06 -11.12 98.21
N LEU LA 67 85.39 -11.11 96.92
CA LEU LA 67 84.82 -12.08 95.99
C LEU LA 67 85.29 -13.50 96.32
N LYS LA 68 86.56 -13.65 96.66
CA LYS LA 68 87.08 -14.94 97.09
C LYS LA 68 86.38 -15.42 98.36
N CYS LA 69 86.15 -14.50 99.31
CA CYS LA 69 85.43 -14.84 100.52
C CYS LA 69 83.99 -15.26 100.23
N LYS LA 70 83.34 -14.56 99.31
CA LYS LA 70 81.95 -14.89 98.96
C LYS LA 70 81.86 -16.23 98.25
N ARG LA 71 82.87 -16.56 97.44
CA ARG LA 71 82.88 -17.86 96.78
C ARG LA 71 83.13 -18.99 97.77
N ASP LA 72 84.09 -18.80 98.68
CA ASP LA 72 84.50 -19.88 99.56
C ASP LA 72 83.58 -20.08 100.75
N SER LA 73 82.70 -19.12 101.05
CA SER LA 73 81.83 -19.22 102.22
C SER LA 73 80.45 -19.77 101.89
N PHE LA 74 80.29 -20.37 100.71
CA PHE LA 74 79.01 -20.97 100.36
C PHE LA 74 78.73 -22.17 101.25
N PRO LA 75 77.47 -22.39 101.64
CA PRO LA 75 76.25 -21.65 101.32
C PRO LA 75 75.87 -20.52 102.26
N ASN LA 76 76.66 -20.26 103.29
CA ASN LA 76 76.26 -19.31 104.32
C ASN LA 76 76.70 -17.97 103.74
N PHE LA 77 75.76 -17.26 103.10
CA PHE LA 77 76.11 -16.03 102.39
C PHE LA 77 76.44 -14.88 103.33
N LEU LA 78 75.92 -14.90 104.56
CA LEU LA 78 76.18 -13.85 105.53
C LEU LA 78 77.41 -14.14 106.38
N ALA LA 79 78.29 -15.03 105.91
CA ALA LA 79 79.42 -15.47 106.74
C ALA LA 79 80.44 -14.36 106.93
N CYS LA 80 80.82 -13.66 105.87
CA CYS LA 80 81.81 -12.60 105.98
C CYS LA 80 81.24 -11.30 105.42
N LYS LA 81 81.19 -10.30 106.29
CA LYS LA 81 80.86 -8.94 105.93
C LYS LA 81 82.03 -8.00 106.15
N HIS LA 82 83.13 -8.50 106.72
CA HIS LA 82 84.27 -7.66 107.02
C HIS LA 82 84.99 -7.22 105.76
N GLU LA 83 85.14 -8.13 104.78
CA GLU LA 83 85.74 -7.74 103.52
C GLU LA 83 84.84 -6.80 102.73
N GLN LA 84 83.53 -6.98 102.81
CA GLN LA 84 82.61 -6.03 102.20
C GLN LA 84 82.73 -4.66 102.84
N HIS LA 85 82.82 -4.61 104.17
CA HIS LA 85 83.00 -3.33 104.86
C HIS LA 85 84.33 -2.69 104.52
N ASP LA 86 85.38 -3.49 104.39
CA ASP LA 86 86.69 -2.95 104.05
C ASP LA 86 86.71 -2.38 102.63
N TRP LA 87 86.10 -3.08 101.67
CA TRP LA 87 86.02 -2.56 100.32
C TRP LA 87 85.16 -1.31 100.25
N ASP LA 88 84.05 -1.28 101.01
CA ASP LA 88 83.22 -0.09 101.05
C ASP LA 88 83.97 1.08 101.68
N TYR LA 89 84.81 0.80 102.67
CA TYR LA 89 85.60 1.88 103.27
C TYR LA 89 86.66 2.39 102.30
N CYS LA 90 87.22 1.51 101.48
CA CYS LA 90 88.16 1.99 100.47
C CYS LA 90 87.46 2.83 99.40
N GLU LA 91 86.23 2.45 99.05
CA GLU LA 91 85.45 3.29 98.15
C GLU LA 91 85.16 4.65 98.78
N HIS LA 92 84.88 4.67 100.09
CA HIS LA 92 84.68 5.94 100.79
C HIS LA 92 85.94 6.78 100.78
N LEU LA 93 87.10 6.14 100.93
CA LEU LA 93 88.37 6.87 100.86
C LEU LA 93 88.61 7.45 99.47
N ASP LA 94 88.29 6.69 98.42
CA ASP LA 94 88.41 7.21 97.06
C ASP LA 94 87.47 8.38 96.82
N TYR LA 95 86.26 8.29 97.36
CA TYR LA 95 85.31 9.40 97.30
C TYR LA 95 85.85 10.64 98.01
N VAL LA 96 86.48 10.45 99.17
CA VAL LA 96 87.08 11.57 99.88
C VAL LA 96 88.21 12.19 99.05
N LYS LA 97 88.97 11.35 98.34
CA LYS LA 97 90.01 11.87 97.46
C LYS LA 97 89.41 12.72 96.34
N ARG LA 98 88.31 12.27 95.75
CA ARG LA 98 87.66 13.04 94.69
C ARG LA 98 87.11 14.36 95.21
N MET LA 99 86.51 14.34 96.40
CA MET LA 99 85.99 15.57 97.00
C MET LA 99 87.12 16.55 97.31
N LYS LA 100 88.25 16.04 97.80
CA LYS LA 100 89.41 16.89 98.03
C LYS LA 100 89.90 17.51 96.74
N GLU LA 101 89.91 16.75 95.65
CA GLU LA 101 90.31 17.30 94.36
C GLU LA 101 89.38 18.41 93.89
N PHE LA 102 88.06 18.20 94.07
CA PHE LA 102 87.10 19.22 93.66
C PHE LA 102 87.24 20.50 94.47
N GLU LA 103 87.38 20.37 95.79
CA GLU LA 103 87.53 21.57 96.61
C GLU LA 103 88.88 22.25 96.36
N ARG LA 104 89.91 21.47 96.04
CA ARG LA 104 91.21 22.06 95.69
C ARG LA 104 91.11 22.89 94.42
N GLU LA 105 90.43 22.36 93.39
CA GLU LA 105 90.24 23.12 92.16
C GLU LA 105 89.37 24.35 92.40
N ARG LA 106 88.34 24.23 93.24
CA ARG LA 106 87.49 25.37 93.55
C ARG LA 106 88.26 26.48 94.25
N ARG LA 107 89.11 26.12 95.22
CA ARG LA 107 89.88 27.13 95.92
C ARG LA 107 90.95 27.74 95.03
N LEU LA 108 91.52 26.96 94.11
CA LEU LA 108 92.46 27.53 93.15
C LEU LA 108 91.77 28.51 92.21
N LEU LA 109 90.54 28.21 91.80
CA LEU LA 109 89.80 29.15 90.93
C LEU LA 109 89.42 30.42 91.70
N GLN LA 110 89.09 30.29 92.99
CA GLN LA 110 88.82 31.47 93.81
C GLN LA 110 90.07 32.32 93.96
N ARG LA 111 91.23 31.68 94.12
CA ARG LA 111 92.51 32.40 94.16
C ARG LA 111 92.78 33.11 92.83
N LYS LA 112 92.44 32.46 91.72
CA LYS LA 112 92.60 33.11 90.41
C LYS LA 112 91.70 34.32 90.28
N LYS LA 113 90.47 34.24 90.80
CA LYS LA 113 89.57 35.39 90.77
C LYS LA 113 90.10 36.53 91.64
N ARG LA 114 90.67 36.21 92.80
CA ARG LA 114 91.26 37.25 93.65
C ARG LA 114 92.48 37.89 92.99
N ARG LA 115 93.31 37.09 92.32
CA ARG LA 115 94.43 37.62 91.58
C ARG LA 115 93.97 38.49 90.41
N GLU LA 116 92.87 38.09 89.77
CA GLU LA 116 92.26 38.90 88.72
C GLU LA 116 91.79 40.24 89.26
N GLN LA 117 91.19 40.23 90.46
CA GLN LA 117 90.77 41.48 91.09
C GLN LA 117 91.97 42.36 91.41
N ARG LA 118 93.08 41.76 91.82
CA ARG LA 118 94.25 42.54 92.20
C ARG LA 118 94.93 43.14 90.97
N GLU LA 119 95.00 42.39 89.87
CA GLU LA 119 95.56 42.99 88.65
C GLU LA 119 94.61 43.99 88.02
N ALA LA 120 93.30 43.87 88.26
CA ALA LA 120 92.38 44.89 87.79
C ALA LA 120 92.48 46.14 88.65
N ASP LA 121 92.68 45.97 89.95
CA ASP LA 121 92.78 47.13 90.85
C ASP LA 121 94.07 47.90 90.62
N MET LA 122 95.20 47.20 90.54
CA MET LA 122 96.43 47.89 90.17
C MET LA 122 96.47 48.32 88.71
N ALA LA 123 95.72 47.65 87.83
CA ALA LA 123 95.69 48.02 86.42
C ALA LA 123 94.37 47.60 85.77
N ALA MA 2 12.73 9.80 76.07
CA ALA MA 2 12.50 10.10 74.66
C ALA MA 2 12.61 8.85 73.79
N PHE MA 3 12.81 7.70 74.44
CA PHE MA 3 12.87 6.43 73.72
C PHE MA 3 12.27 5.35 74.63
N LEU MA 4 10.99 5.07 74.44
CA LEU MA 4 10.26 4.14 75.30
C LEU MA 4 9.57 3.07 74.45
N PRO MA 5 9.53 1.83 74.93
CA PRO MA 5 8.76 0.79 74.21
C PRO MA 5 7.25 1.04 74.23
N SER MA 6 6.67 1.18 75.42
CA SER MA 6 5.21 1.26 75.52
C SER MA 6 4.70 2.65 75.15
N ALA MA 7 5.24 3.70 75.78
CA ALA MA 7 4.81 5.06 75.53
C ALA MA 7 5.68 5.72 74.47
N ALA MA 8 5.24 6.91 74.04
CA ALA MA 8 5.94 7.65 73.00
C ALA MA 8 6.68 8.88 73.50
N TYR MA 9 6.39 9.33 74.72
CA TYR MA 9 6.97 10.57 75.22
C TYR MA 9 7.07 10.48 76.74
N LEU MA 10 7.99 11.27 77.28
CA LEU MA 10 8.23 11.29 78.71
C LEU MA 10 7.51 12.50 79.31
N THR MA 11 6.63 12.23 80.27
CA THR MA 11 5.87 13.31 80.89
C THR MA 11 6.78 14.11 81.82
N HIS MA 12 6.22 15.18 82.38
CA HIS MA 12 6.98 16.05 83.28
C HIS MA 12 7.35 15.33 84.58
N GLN MA 13 6.40 14.57 85.14
CA GLN MA 13 6.63 13.87 86.39
C GLN MA 13 7.75 12.85 86.27
N GLN MA 14 7.76 12.11 85.16
CA GLN MA 14 8.75 11.04 85.00
C GLN MA 14 10.16 11.61 84.85
N LYS MA 15 10.32 12.71 84.10
CA LYS MA 15 11.64 13.27 83.96
C LYS MA 15 12.10 13.94 85.25
N VAL MA 16 11.17 14.52 86.02
CA VAL MA 16 11.53 15.04 87.33
C VAL MA 16 12.01 13.93 88.26
N LEU MA 17 11.30 12.80 88.26
CA LEU MA 17 11.72 11.67 89.10
C LEU MA 17 13.05 11.09 88.66
N GLN MA 18 13.27 11.01 87.35
CA GLN MA 18 14.55 10.51 86.83
C GLN MA 18 15.69 11.43 87.22
N LEU MA 19 15.46 12.74 87.17
CA LEU MA 19 16.46 13.68 87.63
C LEU MA 19 16.74 13.52 89.13
N TYR MA 20 15.69 13.27 89.92
CA TYR MA 20 15.87 13.07 91.36
C TYR MA 20 16.72 11.84 91.66
N LYS MA 21 16.43 10.73 90.97
CA LYS MA 21 17.20 9.50 91.17
C LYS MA 21 18.65 9.66 90.74
N ARG MA 22 18.88 10.31 89.59
CA ARG MA 22 20.25 10.53 89.14
C ARG MA 22 21.01 11.44 90.08
N ALA MA 23 20.34 12.48 90.60
CA ALA MA 23 20.98 13.39 91.55
C ALA MA 23 21.37 12.67 92.83
N LEU MA 24 20.48 11.80 93.33
CA LEU MA 24 20.81 11.06 94.54
C LEU MA 24 21.95 10.07 94.31
N ARG MA 25 21.98 9.42 93.15
CA ARG MA 25 23.07 8.51 92.84
C ARG MA 25 24.41 9.23 92.74
N HIS MA 26 24.43 10.38 92.07
CA HIS MA 26 25.69 11.11 91.94
C HIS MA 26 26.12 11.71 93.28
N LEU MA 27 25.17 12.13 94.11
CA LEU MA 27 25.53 12.60 95.45
C LEU MA 27 26.11 11.47 96.30
N GLU MA 28 25.52 10.28 96.20
CA GLU MA 28 26.05 9.11 96.88
C GLU MA 28 27.46 8.79 96.42
N SER MA 29 27.74 9.00 95.13
CA SER MA 29 29.10 8.84 94.63
C SER MA 29 30.03 9.92 95.18
N ARG MA 30 29.52 11.15 95.36
CA ARG MA 30 30.39 12.25 95.80
C ARG MA 30 30.85 12.06 97.24
N CYS MA 31 29.95 11.74 98.15
CA CYS MA 31 30.29 11.50 99.55
C CYS MA 31 30.19 10.02 99.84
N VAL MA 32 31.32 9.41 100.19
CA VAL MA 32 31.39 7.96 100.31
C VAL MA 32 30.60 7.47 101.52
N HIS MA 33 30.75 8.15 102.64
CA HIS MA 33 30.24 7.63 103.91
C HIS MA 33 28.72 7.77 103.99
N ARG MA 34 28.11 6.85 104.73
CA ARG MA 34 26.65 6.78 104.78
C ARG MA 34 26.05 7.91 105.60
N ASP MA 35 26.77 8.37 106.62
CA ASP MA 35 26.29 9.45 107.47
C ASP MA 35 26.16 10.75 106.69
N LYS MA 36 27.24 11.14 106.02
CA LYS MA 36 27.25 12.35 105.21
C LYS MA 36 26.26 12.23 104.05
N TYR MA 37 26.17 11.05 103.45
CA TYR MA 37 25.24 10.85 102.35
C TYR MA 37 23.80 11.00 102.81
N ARG MA 38 23.47 10.46 103.98
CA ARG MA 38 22.10 10.58 104.47
C ARG MA 38 21.75 12.03 104.81
N TYR MA 39 22.71 12.76 105.39
CA TYR MA 39 22.50 14.19 105.65
C TYR MA 39 22.24 14.95 104.37
N PHE MA 40 23.08 14.76 103.36
CA PHE MA 40 22.92 15.53 102.14
C PHE MA 40 21.76 15.04 101.28
N ALA MA 41 21.36 13.77 101.43
CA ALA MA 41 20.16 13.28 100.75
C ALA MA 41 18.90 13.91 101.34
N CYS MA 42 18.86 14.06 102.67
CA CYS MA 42 17.73 14.77 103.27
C CYS MA 42 17.71 16.24 102.85
N LEU MA 43 18.90 16.85 102.75
CA LEU MA 43 18.97 18.24 102.29
C LEU MA 43 18.48 18.40 100.85
N LEU MA 44 18.88 17.47 99.96
CA LEU MA 44 18.41 17.53 98.58
C LEU MA 44 16.92 17.22 98.48
N ARG MA 45 16.41 16.34 99.34
CA ARG MA 45 14.97 16.08 99.38
C ARG MA 45 14.20 17.32 99.77
N ALA MA 46 14.68 18.07 100.76
CA ALA MA 46 14.04 19.31 101.14
C ALA MA 46 14.11 20.35 100.02
N ARG MA 47 15.26 20.42 99.33
CA ARG MA 47 15.40 21.36 98.22
C ARG MA 47 14.46 21.01 97.08
N PHE MA 48 14.22 19.71 96.84
CA PHE MA 48 13.25 19.31 95.84
C PHE MA 48 11.83 19.65 96.28
N ASP MA 49 11.51 19.41 97.55
CA ASP MA 49 10.14 19.62 98.03
C ASP MA 49 9.79 21.08 98.16
N GLU MA 50 10.79 21.97 98.21
CA GLU MA 50 10.47 23.39 98.31
C GLU MA 50 9.91 23.97 97.01
N HIS MA 51 10.10 23.29 95.87
CA HIS MA 51 9.41 23.66 94.63
C HIS MA 51 8.27 22.72 94.27
N LYS MA 52 7.80 21.90 95.22
CA LYS MA 52 6.99 20.73 94.85
C LYS MA 52 5.60 21.13 94.35
N ASN MA 53 4.91 22.01 95.07
CA ASN MA 53 3.52 22.34 94.73
C ASN MA 53 3.47 23.60 93.86
N GLU MA 54 4.08 23.48 92.69
CA GLU MA 54 4.13 24.55 91.70
C GLU MA 54 3.15 24.22 90.58
N LYS MA 55 2.14 25.06 90.40
CA LYS MA 55 1.13 24.80 89.38
C LYS MA 55 1.44 25.49 88.05
N ASP MA 56 2.36 26.45 88.03
CA ASP MA 56 2.69 27.14 86.79
C ASP MA 56 3.58 26.23 85.95
N MET MA 57 3.09 25.88 84.75
CA MET MA 57 3.77 24.87 83.95
C MET MA 57 5.09 25.39 83.38
N VAL MA 58 5.11 26.64 82.91
CA VAL MA 58 6.33 27.20 82.33
C VAL MA 58 7.36 27.50 83.41
N LYS MA 59 6.91 27.94 84.59
CA LYS MA 59 7.82 28.10 85.72
C LYS MA 59 8.42 26.75 86.13
N ALA MA 60 7.60 25.69 86.12
CA ALA MA 60 8.11 24.36 86.43
C ALA MA 60 9.10 23.90 85.36
N THR MA 61 8.85 24.25 84.10
CA THR MA 61 9.76 23.89 83.02
C THR MA 61 11.11 24.56 83.18
N GLN MA 62 11.11 25.87 83.48
CA GLN MA 62 12.39 26.55 83.66
C GLN MA 62 13.09 26.11 84.95
N LEU MA 63 12.32 25.74 85.97
CA LEU MA 63 12.92 25.19 87.19
C LEU MA 63 13.61 23.86 86.90
N LEU MA 64 12.97 22.99 86.12
CA LEU MA 64 13.59 21.72 85.75
C LEU MA 64 14.83 21.93 84.90
N ARG MA 65 14.80 22.92 83.99
CA ARG MA 65 15.98 23.23 83.19
C ARG MA 65 17.14 23.68 84.05
N GLU MA 66 16.86 24.58 85.01
CA GLU MA 66 17.93 25.07 85.88
C GLU MA 66 18.46 23.97 86.79
N ALA MA 67 17.57 23.10 87.28
CA ALA MA 67 18.01 21.97 88.10
C ALA MA 67 18.88 21.02 87.29
N GLU MA 68 18.54 20.81 86.03
CA GLU MA 68 19.34 19.93 85.17
C GLU MA 68 20.72 20.53 84.93
N LYS MA 69 20.79 21.85 84.69
CA LYS MA 69 22.10 22.49 84.53
C LYS MA 69 22.93 22.40 85.81
N GLU MA 70 22.27 22.59 86.96
CA GLU MA 70 22.94 22.47 88.25
C GLU MA 70 23.47 21.06 88.46
N PHE MA 71 22.72 20.06 88.03
CA PHE MA 71 23.21 18.69 88.11
C PHE MA 71 24.38 18.47 87.17
N TRP MA 72 24.32 19.05 85.98
CA TRP MA 72 25.37 18.81 84.99
C TRP MA 72 26.69 19.43 85.40
N HIS MA 73 26.66 20.56 86.09
CA HIS MA 73 27.91 21.13 86.57
C HIS MA 73 28.47 20.32 87.75
N GLY MA 74 27.60 19.85 88.63
CA GLY MA 74 28.04 19.21 89.85
C GLY MA 74 28.06 17.69 89.82
N GLN MA 75 28.08 17.10 88.63
CA GLN MA 75 28.08 15.65 88.52
C GLN MA 75 29.46 15.07 88.78
N HIS MA 76 29.48 13.81 89.17
CA HIS MA 76 30.72 13.07 89.36
C HIS MA 76 31.34 12.72 88.01
N PRO MA 77 32.66 12.83 87.88
CA PRO MA 77 33.32 12.35 86.66
C PRO MA 77 33.15 10.85 86.45
N GLN MA 78 33.12 10.07 87.52
CA GLN MA 78 32.83 8.65 87.44
C GLN MA 78 31.98 8.23 88.64
N PRO MA 79 30.68 8.09 88.47
CA PRO MA 79 29.83 7.72 89.61
C PRO MA 79 29.87 6.24 89.88
N TYR MA 80 29.07 5.77 90.83
CA TYR MA 80 28.99 4.35 91.10
C TYR MA 80 28.07 3.68 90.10
N ILE MA 81 28.54 2.60 89.49
CA ILE MA 81 27.74 1.79 88.59
C ILE MA 81 27.68 0.38 89.17
N PHE MA 82 26.46 -0.18 89.22
CA PHE MA 82 26.27 -1.53 89.72
C PHE MA 82 27.02 -2.53 88.84
N PRO MA 83 27.46 -3.66 89.40
CA PRO MA 83 28.29 -4.58 88.60
C PRO MA 83 27.60 -5.14 87.37
N GLU MA 84 26.30 -5.44 87.43
CA GLU MA 84 25.58 -5.91 86.28
C GLU MA 84 24.83 -4.81 85.54
N SER MA 85 24.92 -3.57 85.99
CA SER MA 85 24.34 -2.46 85.29
C SER MA 85 25.18 -2.13 84.05
N PRO MA 86 24.60 -1.45 83.05
CA PRO MA 86 25.37 -1.09 81.86
C PRO MA 86 26.57 -0.21 82.20
N GLY MA 87 27.74 -0.61 81.72
CA GLY MA 87 28.99 -0.01 82.12
C GLY MA 87 29.62 -0.64 83.35
N GLY MA 88 28.98 -1.63 83.96
CA GLY MA 88 29.49 -2.23 85.16
C GLY MA 88 30.62 -3.20 84.91
N THR MA 89 31.24 -3.65 86.00
CA THR MA 89 32.40 -4.53 85.88
C THR MA 89 32.00 -5.93 85.47
N SER MA 90 30.86 -6.40 85.96
CA SER MA 90 30.34 -7.73 85.63
C SER MA 90 29.32 -7.69 84.49
N TYR MA 91 29.13 -6.52 83.88
CA TYR MA 91 28.10 -6.38 82.86
C TYR MA 91 28.44 -7.19 81.62
N GLU MA 92 27.39 -7.80 81.04
CA GLU MA 92 27.41 -8.73 79.91
C GLU MA 92 28.58 -9.69 79.95
N ARG MA 93 28.85 -10.24 81.14
CA ARG MA 93 29.96 -11.18 81.30
C ARG MA 93 29.55 -12.59 80.92
N TYR MA 94 28.38 -13.04 81.36
CA TYR MA 94 27.97 -14.42 81.15
C TYR MA 94 27.24 -14.63 79.83
N GLU MA 95 27.38 -13.71 78.88
CA GLU MA 95 26.80 -13.94 77.56
C GLU MA 95 27.51 -15.05 76.79
N CYS MA 96 28.74 -15.37 77.15
CA CYS MA 96 29.42 -16.49 76.52
C CYS MA 96 28.93 -17.84 77.05
N TYR MA 97 28.15 -17.85 78.13
CA TYR MA 97 27.60 -19.09 78.66
C TYR MA 97 26.11 -19.22 78.42
N LYS MA 98 25.46 -18.20 77.87
CA LYS MA 98 24.03 -18.24 77.61
C LYS MA 98 23.77 -18.87 76.23
N VAL MA 99 23.98 -20.17 76.17
CA VAL MA 99 23.73 -20.93 74.94
C VAL MA 99 22.22 -21.04 74.74
N PRO MA 100 21.70 -20.80 73.54
CA PRO MA 100 20.25 -20.82 73.35
C PRO MA 100 19.68 -22.23 73.43
N GLU MA 101 18.36 -22.28 73.63
CA GLU MA 101 17.66 -23.53 73.87
C GLU MA 101 17.51 -24.40 72.63
N TRP MA 102 17.69 -23.84 71.44
CA TRP MA 102 17.53 -24.66 70.23
C TRP MA 102 18.77 -25.46 69.90
N CYS MA 103 19.88 -25.26 70.61
CA CYS MA 103 21.08 -26.05 70.36
C CYS MA 103 20.92 -27.49 70.77
N LEU MA 104 19.92 -27.80 71.61
CA LEU MA 104 19.70 -29.18 72.02
C LEU MA 104 19.09 -30.01 70.91
N ASP MA 105 18.57 -29.38 69.86
CA ASP MA 105 17.94 -30.13 68.78
C ASP MA 105 18.98 -30.91 67.98
N ASP MA 106 20.19 -30.40 67.88
CA ASP MA 106 21.27 -31.06 67.15
C ASP MA 106 22.08 -32.00 68.01
N TRP MA 107 21.67 -32.23 69.25
CA TRP MA 107 22.40 -33.13 70.14
C TRP MA 107 22.31 -34.56 69.63
N HIS MA 108 23.41 -35.29 69.77
CA HIS MA 108 23.47 -36.65 69.29
C HIS MA 108 22.63 -37.57 70.18
N PRO MA 109 21.96 -38.58 69.59
CA PRO MA 109 21.18 -39.51 70.42
C PRO MA 109 22.01 -40.33 71.39
N SER MA 110 23.33 -40.43 71.19
CA SER MA 110 24.17 -41.05 72.21
C SER MA 110 24.19 -40.22 73.49
N GLU MA 111 24.28 -38.90 73.36
CA GLU MA 111 24.27 -38.02 74.52
C GLU MA 111 22.89 -37.49 74.87
N LYS MA 112 21.90 -37.70 74.01
CA LYS MA 112 20.54 -37.33 74.37
C LYS MA 112 19.97 -38.32 75.38
N ALA MA 113 20.46 -39.56 75.37
CA ALA MA 113 19.98 -40.60 76.27
C ALA MA 113 20.53 -40.44 77.68
N MET MA 114 21.50 -39.57 77.89
CA MET MA 114 21.99 -39.32 79.25
C MET MA 114 20.97 -38.59 80.11
N TYR MA 115 20.02 -37.88 79.50
CA TYR MA 115 19.00 -37.12 80.21
C TYR MA 115 17.63 -37.47 79.63
N PRO MA 116 17.09 -38.63 79.97
CA PRO MA 116 15.83 -39.06 79.36
C PRO MA 116 14.61 -38.27 79.80
N ASP MA 117 14.45 -38.08 81.11
CA ASP MA 117 13.27 -37.38 81.63
C ASP MA 117 13.28 -35.92 81.21
N TYR MA 118 14.44 -35.28 81.22
CA TYR MA 118 14.55 -33.89 80.82
C TYR MA 118 14.21 -33.70 79.35
N PHE MA 119 14.66 -34.63 78.49
CA PHE MA 119 14.34 -34.51 77.08
C PHE MA 119 12.88 -34.84 76.80
N ALA MA 120 12.27 -35.73 77.60
CA ALA MA 120 10.83 -35.93 77.48
C ALA MA 120 10.04 -34.68 77.86
N LYS MA 121 10.47 -34.01 78.93
CA LYS MA 121 9.82 -32.76 79.33
C LYS MA 121 10.02 -31.67 78.27
N ARG MA 122 11.20 -31.60 77.67
CA ARG MA 122 11.44 -30.65 76.60
C ARG MA 122 10.56 -30.93 75.39
N GLU MA 123 10.38 -32.22 75.06
CA GLU MA 123 9.50 -32.57 73.94
C GLU MA 123 8.06 -32.17 74.23
N GLN MA 124 7.60 -32.35 75.47
CA GLN MA 124 6.23 -31.94 75.78
C GLN MA 124 6.08 -30.42 75.78
N TRP MA 125 7.14 -29.68 76.13
CA TRP MA 125 7.10 -28.23 76.00
C TRP MA 125 7.02 -27.80 74.53
N LYS MA 126 7.77 -28.48 73.67
CA LYS MA 126 7.69 -28.18 72.23
C LYS MA 126 6.30 -28.48 71.69
N LYS MA 127 5.69 -29.57 72.16
CA LYS MA 127 4.33 -29.92 71.76
C LYS MA 127 3.34 -28.84 72.19
N LEU MA 128 3.50 -28.32 73.41
CA LEU MA 128 2.66 -27.22 73.87
C LEU MA 128 2.83 -25.97 73.00
N ARG MA 129 4.08 -25.65 72.63
CA ARG MA 129 4.33 -24.48 71.80
C ARG MA 129 3.69 -24.60 70.43
N ARG MA 130 3.88 -25.73 69.77
CA ARG MA 130 3.33 -25.87 68.42
C ARG MA 130 1.84 -26.14 68.45
N GLU MA 131 1.26 -26.48 69.59
CA GLU MA 131 -0.20 -26.50 69.69
C GLU MA 131 -0.77 -25.10 69.90
N SER MA 132 -0.05 -24.23 70.60
CA SER MA 132 -0.60 -22.91 70.94
C SER MA 132 -0.30 -21.83 69.91
N TRP MA 133 0.65 -22.06 68.98
CA TRP MA 133 1.09 -21.00 68.09
C TRP MA 133 -0.03 -20.45 67.21
N GLU MA 134 -0.84 -21.33 66.63
CA GLU MA 134 -1.86 -20.91 65.68
C GLU MA 134 -2.95 -20.09 66.36
N ARG MA 135 -3.36 -20.50 67.55
CA ARG MA 135 -4.34 -19.72 68.32
C ARG MA 135 -3.77 -18.36 68.70
N GLU MA 136 -2.47 -18.31 69.04
CA GLU MA 136 -1.88 -17.04 69.42
C GLU MA 136 -1.81 -16.06 68.24
N VAL MA 137 -1.40 -16.53 67.06
CA VAL MA 137 -1.35 -15.63 65.92
C VAL MA 137 -2.75 -15.24 65.46
N LYS MA 138 -3.73 -16.15 65.61
CA LYS MA 138 -5.11 -15.80 65.28
C LYS MA 138 -5.66 -14.74 66.22
N GLN MA 139 -5.34 -14.83 67.51
CA GLN MA 139 -5.77 -13.78 68.44
C GLN MA 139 -5.06 -12.46 68.14
N LEU MA 140 -3.78 -12.52 67.75
CA LEU MA 140 -3.04 -11.29 67.48
C LEU MA 140 -3.59 -10.56 66.26
N GLN MA 141 -3.98 -11.29 65.21
CA GLN MA 141 -4.49 -10.60 64.04
C GLN MA 141 -5.92 -10.09 64.22
N GLU MA 142 -6.61 -10.45 65.30
CA GLU MA 142 -8.00 -10.07 65.50
C GLU MA 142 -8.19 -8.96 66.52
N GLU MA 143 -7.17 -8.64 67.31
CA GLU MA 143 -7.28 -7.62 68.36
C GLU MA 143 -6.77 -6.26 67.92
N THR MA 144 -5.68 -6.22 67.16
CA THR MA 144 -5.05 -4.95 66.82
C THR MA 144 -5.91 -4.17 65.83
N PRO MA 145 -5.96 -2.85 65.95
CA PRO MA 145 -6.74 -2.05 65.00
C PRO MA 145 -6.08 -1.97 63.62
N VAL MA 146 -6.75 -1.32 62.67
CA VAL MA 146 -6.20 -1.24 61.33
C VAL MA 146 -5.01 -0.29 61.32
N GLY MA 147 -4.12 -0.52 60.35
CA GLY MA 147 -2.91 0.28 60.26
C GLY MA 147 -1.81 -0.12 61.22
N GLY MA 148 -1.86 -1.33 61.76
CA GLY MA 148 -0.83 -1.82 62.65
C GLY MA 148 -1.04 -1.34 64.08
N PRO MA 149 -0.21 -1.84 65.00
CA PRO MA 149 -0.38 -1.48 66.40
C PRO MA 149 0.17 -0.09 66.70
N ARG MA 150 -0.30 0.45 67.82
CA ARG MA 150 0.12 1.78 68.23
C ARG MA 150 1.29 1.74 69.19
N THR MA 151 1.26 0.83 70.16
CA THR MA 151 2.33 0.64 71.13
C THR MA 151 2.96 -0.73 70.93
N GLU MA 152 4.02 -0.99 71.71
CA GLU MA 152 4.67 -2.30 71.75
C GLU MA 152 4.21 -3.11 72.94
N ALA MA 153 2.94 -3.00 73.32
CA ALA MA 153 2.38 -3.77 74.42
C ALA MA 153 1.53 -4.90 73.85
N LEU MA 154 1.83 -6.12 74.25
CA LEU MA 154 1.14 -7.31 73.81
C LEU MA 154 -0.05 -7.61 74.72
N PRO MA 155 -1.11 -8.18 74.19
CA PRO MA 155 -2.26 -8.55 75.02
C PRO MA 155 -1.96 -9.79 75.84
N PRO MA 156 -2.70 -10.03 76.91
CA PRO MA 156 -2.57 -11.30 77.63
C PRO MA 156 -3.46 -12.38 77.05
N ALA MA 157 -3.51 -13.55 77.68
CA ALA MA 157 -4.37 -14.64 77.22
C ALA MA 157 -5.77 -14.44 77.78
N ARG MA 158 -6.74 -14.22 76.90
CA ARG MA 158 -8.09 -13.89 77.34
C ARG MA 158 -8.90 -15.11 77.71
N LYS MA 159 -8.92 -16.12 76.84
CA LYS MA 159 -9.69 -17.33 77.10
C LYS MA 159 -8.97 -18.21 78.12
N GLN MA 160 -9.52 -19.39 78.36
CA GLN MA 160 -8.96 -20.33 79.33
C GLN MA 160 -8.41 -21.53 78.59
N GLY MA 161 -7.13 -21.81 78.78
CA GLY MA 161 -6.46 -22.86 78.06
C GLY MA 161 -5.38 -22.34 77.16
N ASP MA 162 -5.65 -21.24 76.46
CA ASP MA 162 -4.67 -20.66 75.57
C ASP MA 162 -3.62 -19.85 76.35
N LEU MA 163 -2.44 -19.79 75.79
CA LEU MA 163 -1.31 -19.09 76.37
C LEU MA 163 -1.25 -17.66 75.87
N PRO MA 164 -0.59 -16.76 76.60
CA PRO MA 164 -0.42 -15.40 76.11
C PRO MA 164 0.40 -15.39 74.83
N PRO MA 165 0.08 -14.50 73.89
CA PRO MA 165 0.74 -14.53 72.58
C PRO MA 165 2.20 -14.15 72.66
N LEU MA 166 3.01 -14.81 71.83
CA LEU MA 166 4.45 -14.59 71.72
C LEU MA 166 5.15 -14.80 73.07
N TRP MA 167 5.08 -16.03 73.56
CA TRP MA 167 5.54 -16.36 74.90
C TRP MA 167 6.82 -17.17 74.95
N TRP MA 168 7.24 -17.78 73.84
CA TRP MA 168 8.29 -18.79 73.89
C TRP MA 168 9.65 -18.19 74.22
N HIS MA 169 10.01 -17.10 73.54
CA HIS MA 169 11.34 -16.56 73.73
C HIS MA 169 11.46 -15.67 74.96
N ILE MA 170 10.35 -15.40 75.64
CA ILE MA 170 10.41 -14.74 76.94
C ILE MA 170 10.45 -15.76 78.07
N VAL MA 171 9.82 -16.92 77.89
CA VAL MA 171 9.83 -17.95 78.92
C VAL MA 171 11.14 -18.72 78.89
N THR MA 172 11.59 -19.15 77.72
CA THR MA 172 12.73 -20.04 77.62
C THR MA 172 14.06 -19.31 77.54
N ARG MA 173 14.13 -18.08 78.03
CA ARG MA 173 15.40 -17.38 78.05
C ARG MA 173 16.32 -17.99 79.11
N PRO MA 174 17.63 -17.97 78.87
CA PRO MA 174 18.56 -18.59 79.82
C PRO MA 174 18.67 -17.77 81.10
N ARG MA 175 19.10 -18.44 82.16
CA ARG MA 175 19.36 -17.78 83.42
C ARG MA 175 20.60 -16.90 83.30
N GLU MA 176 20.71 -15.92 84.21
CA GLU MA 176 21.86 -15.03 84.17
C GLU MA 176 23.13 -15.67 84.72
N ARG MA 177 23.02 -16.78 85.45
CA ARG MA 177 24.16 -17.57 85.90
C ARG MA 177 23.93 -19.01 85.48
N PRO MA 178 24.15 -19.35 84.20
CA PRO MA 178 23.87 -20.70 83.71
C PRO MA 178 24.89 -21.72 84.18
N ALA NA 41 33.42 -26.77 109.88
CA ALA NA 41 32.70 -26.82 108.60
C ALA NA 41 32.81 -25.50 107.87
N HIS NA 42 31.78 -25.16 107.10
CA HIS NA 42 31.75 -23.91 106.35
C HIS NA 42 31.24 -22.79 107.26
N ILE NA 43 31.07 -21.61 106.69
CA ILE NA 43 30.60 -20.44 107.41
C ILE NA 43 29.23 -20.08 106.90
N GLU NA 44 28.26 -19.98 107.81
CA GLU NA 44 26.92 -19.61 107.42
C GLU NA 44 26.86 -18.13 107.02
N PRO NA 45 26.01 -17.77 106.07
CA PRO NA 45 25.84 -16.35 105.74
C PRO NA 45 25.05 -15.63 106.82
N ARG NA 46 25.29 -14.33 106.93
CA ARG NA 46 24.71 -13.54 108.00
C ARG NA 46 24.03 -12.31 107.45
N TYR NA 47 23.10 -11.77 108.23
CA TYR NA 47 22.29 -10.63 107.85
C TYR NA 47 22.53 -9.51 108.86
N ARG NA 48 23.19 -8.43 108.41
CA ARG NA 48 23.40 -7.19 109.15
C ARG NA 48 24.24 -7.36 110.42
N GLN NA 49 25.00 -8.45 110.53
CA GLN NA 49 25.85 -8.67 111.69
C GLN NA 49 27.28 -8.93 111.24
N PHE NA 50 28.18 -9.00 112.21
CA PHE NA 50 29.57 -9.32 111.94
C PHE NA 50 29.70 -10.78 111.55
N PRO NA 51 30.45 -11.11 110.50
CA PRO NA 51 30.54 -12.50 110.06
C PRO NA 51 31.31 -13.38 111.02
N GLN NA 52 31.00 -14.67 110.98
CA GLN NA 52 31.70 -15.63 111.82
C GLN NA 52 33.11 -15.85 111.29
N LEU NA 53 34.09 -15.79 112.19
CA LEU NA 53 35.49 -15.97 111.85
C LEU NA 53 36.04 -17.22 112.51
N THR NA 54 36.71 -18.05 111.73
CA THR NA 54 37.49 -19.14 112.30
C THR NA 54 38.72 -18.57 113.00
N ARG NA 55 39.07 -19.16 114.14
CA ARG NA 55 40.22 -18.68 114.90
C ARG NA 55 41.54 -18.92 114.18
N SER NA 56 41.57 -19.82 113.20
CA SER NA 56 42.82 -20.14 112.51
C SER NA 56 43.35 -18.95 111.73
N GLN NA 57 42.47 -18.24 111.02
CA GLN NA 57 42.91 -17.08 110.24
C GLN NA 57 43.33 -15.94 111.15
N VAL NA 58 42.68 -15.79 112.32
CA VAL NA 58 43.07 -14.74 113.26
C VAL NA 58 44.44 -15.03 113.85
N ILE NA 59 44.68 -16.29 114.20
CA ILE NA 59 45.98 -16.69 114.73
C ILE NA 59 47.07 -16.49 113.69
N GLN NA 60 46.80 -16.88 112.44
CA GLN NA 60 47.81 -16.74 111.39
C GLN NA 60 48.08 -15.29 111.04
N ALA NA 61 47.04 -14.45 111.00
CA ALA NA 61 47.24 -13.03 110.71
C ALA NA 61 48.04 -12.34 111.80
N GLU NA 62 47.72 -12.65 113.07
CA GLU NA 62 48.49 -12.11 114.18
C GLU NA 62 49.94 -12.59 114.13
N PHE NA 63 50.14 -13.87 113.80
CA PHE NA 63 51.49 -14.42 113.69
C PHE NA 63 52.30 -13.73 112.61
N PHE NA 64 51.71 -13.53 111.43
CA PHE NA 64 52.49 -12.97 110.34
C PHE NA 64 52.78 -11.49 110.53
N SER NA 65 51.84 -10.75 111.14
CA SER NA 65 52.17 -9.38 111.55
C SER NA 65 53.28 -9.38 112.60
N ALA NA 66 53.27 -10.36 113.50
CA ALA NA 66 54.32 -10.46 114.51
C ALA NA 66 55.69 -10.73 113.89
N THR NA 67 55.76 -11.65 112.93
CA THR NA 67 57.04 -11.88 112.24
C THR NA 67 57.49 -10.67 111.46
N MET NA 68 56.55 -9.95 110.84
CA MET NA 68 56.91 -8.73 110.12
C MET NA 68 57.57 -7.72 111.06
N TRP NA 69 56.93 -7.44 112.19
CA TRP NA 69 57.46 -6.41 113.07
C TRP NA 69 58.73 -6.86 113.78
N PHE NA 70 58.83 -8.14 114.14
CA PHE NA 70 60.05 -8.63 114.77
C PHE NA 70 61.22 -8.61 113.79
N TRP NA 71 60.98 -9.01 112.55
CA TRP NA 71 62.03 -8.96 111.54
C TRP NA 71 62.48 -7.54 111.27
N ILE NA 72 61.53 -6.61 111.25
CA ILE NA 72 61.87 -5.22 110.94
C ILE NA 72 62.66 -4.59 112.09
N LEU NA 73 62.24 -4.82 113.34
CA LEU NA 73 62.98 -4.30 114.49
C LEU NA 73 64.34 -4.95 114.63
N TRP NA 74 64.43 -6.26 114.33
CA TRP NA 74 65.71 -6.96 114.38
C TRP NA 74 66.68 -6.43 113.32
N ARG NA 75 66.19 -6.19 112.11
CA ARG NA 75 67.05 -5.68 111.06
C ARG NA 75 67.45 -4.23 111.32
N PHE NA 76 66.58 -3.45 111.95
CA PHE NA 76 66.98 -2.10 112.34
C PHE NA 76 67.97 -2.12 113.51
N TRP NA 77 67.88 -3.12 114.38
CA TRP NA 77 68.85 -3.23 115.46
C TRP NA 77 70.22 -3.65 114.94
N HIS NA 78 70.26 -4.59 114.00
CA HIS NA 78 71.55 -5.09 113.54
C HIS NA 78 72.23 -4.12 112.58
N ASP NA 79 71.56 -3.78 111.48
CA ASP NA 79 72.21 -2.97 110.46
C ASP NA 79 72.31 -1.51 110.90
N SER NA 80 71.16 -0.83 111.03
CA SER NA 80 71.06 0.54 111.55
C SER NA 80 71.92 1.54 110.77
N ASP NA 81 72.32 1.21 109.55
CA ASP NA 81 73.14 2.10 108.74
C ASP NA 81 72.58 2.32 107.35
N ALA NA 82 71.75 1.41 106.84
CA ALA NA 82 71.11 1.62 105.55
C ALA NA 82 70.00 2.66 105.61
N VAL NA 83 69.61 3.10 106.81
CA VAL NA 83 68.63 4.17 106.97
C VAL NA 83 69.21 5.39 107.66
N LEU NA 84 70.40 5.31 108.25
CA LEU NA 84 71.03 6.45 108.90
C LEU NA 84 72.39 6.80 108.30
N GLY NA 85 72.77 6.16 107.21
CA GLY NA 85 74.05 6.47 106.59
C GLY NA 85 75.18 5.70 107.21
N HIS NA 86 75.88 4.90 106.42
CA HIS NA 86 76.96 4.07 106.95
C HIS NA 86 78.19 4.92 107.23
N PHE NA 87 78.71 5.58 106.20
CA PHE NA 87 79.97 6.30 106.36
C PHE NA 87 79.70 7.78 106.62
N PRO NA 88 80.50 8.40 107.48
CA PRO NA 88 80.34 9.85 107.72
C PRO NA 88 80.68 10.65 106.47
N TYR NA 89 80.00 11.77 106.32
CA TYR NA 89 80.21 12.62 105.16
C TYR NA 89 81.07 13.80 105.57
N PRO NA 90 82.33 13.86 105.15
CA PRO NA 90 83.16 15.01 105.52
C PRO NA 90 82.70 16.26 104.81
N ASP NA 91 82.90 17.40 105.47
CA ASP NA 91 82.46 18.54 104.68
C ASP NA 91 83.65 19.31 104.11
N PRO NA 92 83.53 19.73 102.86
CA PRO NA 92 84.62 20.49 102.23
C PRO NA 92 84.99 21.79 102.92
N SER NA 93 84.07 22.43 103.67
CA SER NA 93 84.29 23.81 104.08
C SER NA 93 85.34 23.97 105.16
N GLN NA 94 85.83 22.88 105.77
CA GLN NA 94 86.85 23.00 106.80
C GLN NA 94 88.16 22.32 106.42
N TRP NA 95 88.44 22.15 105.13
CA TRP NA 95 89.75 21.69 104.70
C TRP NA 95 90.76 22.82 104.91
N THR NA 96 91.84 22.52 105.63
CA THR NA 96 92.91 23.49 105.80
C THR NA 96 93.62 23.69 104.46
N ASP NA 97 94.01 24.94 104.17
CA ASP NA 97 94.62 25.27 102.90
C ASP NA 97 95.99 24.64 102.69
N GLU NA 98 96.60 24.09 103.74
CA GLU NA 98 97.93 23.50 103.59
C GLU NA 98 97.86 22.18 102.83
N GLU NA 99 96.91 21.31 103.19
CA GLU NA 99 96.83 19.98 102.58
C GLU NA 99 96.30 20.03 101.16
N LEU NA 100 95.61 21.09 100.76
CA LEU NA 100 95.17 21.26 99.39
C LEU NA 100 96.13 22.09 98.56
N GLY NA 101 97.23 22.56 99.15
CA GLY NA 101 98.31 23.19 98.41
C GLY NA 101 97.98 24.46 97.64
N ILE NA 102 97.27 25.38 98.26
CA ILE NA 102 96.95 26.67 97.64
C ILE NA 102 98.04 27.66 98.05
N PRO NA 103 98.83 28.17 97.12
CA PRO NA 103 99.91 29.10 97.47
C PRO NA 103 99.37 30.46 97.85
N PRO NA 104 99.76 30.98 99.01
CA PRO NA 104 99.16 32.23 99.52
C PRO NA 104 99.82 33.46 98.90
N ASP NA 105 99.06 34.20 98.11
CA ASP NA 105 99.50 35.48 97.56
C ASP NA 105 98.29 36.31 97.14
N ILE OA 32 13.17 -10.71 48.19
CA ILE OA 32 13.42 -9.28 48.00
C ILE OA 32 12.91 -8.86 46.62
N THR OA 33 12.71 -7.56 46.45
CA THR OA 33 12.28 -6.99 45.18
C THR OA 33 13.23 -5.87 44.78
N LYS OA 34 13.13 -5.46 43.52
CA LYS OA 34 14.07 -4.48 42.99
C LYS OA 34 13.84 -3.10 43.58
N ASP OA 35 12.58 -2.74 43.84
CA ASP OA 35 12.27 -1.39 44.31
C ASP OA 35 12.68 -1.16 45.76
N MET OA 36 12.97 -2.20 46.52
CA MET OA 36 13.46 -2.01 47.88
C MET OA 36 14.93 -1.57 47.93
N LEU OA 37 15.71 -1.91 46.91
CA LEU OA 37 17.09 -1.48 46.86
C LEU OA 37 17.16 0.02 46.58
N PRO OA 38 18.20 0.70 47.05
CA PRO OA 38 18.31 2.15 46.84
C PRO OA 38 18.56 2.50 45.38
N GLY OA 39 18.30 3.77 45.05
CA GLY OA 39 18.45 4.25 43.69
C GLY OA 39 19.19 5.56 43.59
N PRO OA 40 18.73 6.44 42.71
CA PRO OA 40 19.38 7.75 42.57
C PRO OA 40 18.83 8.79 43.54
N TYR OA 41 19.26 10.04 43.40
CA TYR OA 41 18.86 11.09 44.33
C TYR OA 41 17.39 11.45 44.14
N PRO OA 42 16.63 11.59 45.24
CA PRO OA 42 15.22 11.99 45.13
C PRO OA 42 15.07 13.46 44.80
N LYS OA 43 14.63 13.75 43.58
CA LYS OA 43 14.50 15.13 43.12
C LYS OA 43 13.10 15.70 43.39
N THR OA 44 12.07 15.05 42.83
CA THR OA 44 10.70 15.46 43.06
C THR OA 44 10.20 14.91 44.40
N PRO OA 45 9.25 15.59 45.05
CA PRO OA 45 8.74 15.09 46.34
C PRO OA 45 8.03 13.74 46.26
N GLU OA 46 7.56 13.34 45.09
CA GLU OA 46 7.02 11.98 44.94
C GLU OA 46 8.10 10.93 45.17
N GLU OA 47 9.28 11.14 44.58
CA GLU OA 47 10.42 10.26 44.85
C GLU OA 47 10.88 10.35 46.29
N ARG OA 48 10.76 11.54 46.90
CA ARG OA 48 11.13 11.68 48.31
C ARG OA 48 10.22 10.87 49.21
N ALA OA 49 8.91 10.91 48.95
CA ALA OA 49 7.97 10.12 49.75
C ALA OA 49 8.17 8.63 49.50
N ALA OA 50 8.43 8.23 48.25
CA ALA OA 50 8.70 6.83 47.97
C ALA OA 50 9.95 6.34 48.67
N ALA OA 51 11.00 7.16 48.69
CA ALA OA 51 12.23 6.79 49.39
C ALA OA 51 12.03 6.74 50.90
N ALA OA 52 11.20 7.64 51.45
CA ALA OA 52 10.96 7.61 52.88
C ALA OA 52 10.16 6.38 53.29
N LYS OA 53 9.18 5.98 52.47
CA LYS OA 53 8.45 4.76 52.78
C LYS OA 53 9.30 3.51 52.50
N LYS OA 54 10.30 3.62 51.62
CA LYS OA 54 11.20 2.49 51.38
C LYS OA 54 12.05 2.19 52.61
N TYR OA 55 12.54 3.22 53.28
CA TYR OA 55 13.48 3.06 54.39
C TYR OA 55 12.80 2.91 55.74
N ASN OA 56 11.47 2.76 55.77
CA ASN OA 56 10.69 2.57 56.99
C ASN OA 56 10.86 3.74 57.96
N MET OA 57 10.78 4.96 57.44
CA MET OA 57 10.87 6.15 58.25
C MET OA 57 9.86 7.18 57.76
N ARG OA 58 9.63 8.21 58.58
CA ARG OA 58 8.67 9.25 58.24
C ARG OA 58 9.20 10.12 57.11
N VAL OA 59 8.28 10.80 56.43
CA VAL OA 59 8.66 11.66 55.32
C VAL OA 59 9.38 12.91 55.81
N GLU OA 60 8.89 13.52 56.88
CA GLU OA 60 9.51 14.73 57.40
C GLU OA 60 10.89 14.45 58.00
N ASP OA 61 11.15 13.21 58.41
CA ASP OA 61 12.42 12.84 59.02
C ASP OA 61 13.39 12.25 58.01
N TYR OA 62 13.04 12.23 56.73
CA TYR OA 62 13.91 11.69 55.68
C TYR OA 62 14.70 12.84 55.08
N GLU OA 63 15.99 12.91 55.43
CA GLU OA 63 16.91 13.89 54.86
C GLU OA 63 18.05 13.15 54.21
N PRO OA 64 18.03 12.98 52.88
CA PRO OA 64 19.12 12.26 52.21
C PRO OA 64 20.40 13.07 52.20
N TYR OA 65 21.49 12.36 51.92
CA TYR OA 65 22.78 13.02 51.75
C TYR OA 65 22.73 13.93 50.53
N PRO OA 66 23.38 15.10 50.57
CA PRO OA 66 23.30 16.05 49.46
C PRO OA 66 23.98 15.51 48.22
N ASP OA 67 23.74 16.20 47.10
CA ASP OA 67 24.37 15.86 45.83
C ASP OA 67 25.73 16.53 45.77
N ASP OA 68 26.72 15.89 46.40
CA ASP OA 68 28.10 16.30 46.24
C ASP OA 68 28.85 15.41 45.26
N GLY OA 69 28.16 14.47 44.63
CA GLY OA 69 28.76 13.60 43.64
C GLY OA 69 29.52 12.42 44.18
N MET OA 70 29.49 12.19 45.49
CA MET OA 70 30.26 11.11 46.08
C MET OA 70 29.62 9.75 45.91
N GLY OA 71 28.36 9.69 45.50
CA GLY OA 71 27.67 8.43 45.30
C GLY OA 71 26.84 7.95 46.46
N TYR OA 72 26.56 8.81 47.45
CA TYR OA 72 25.73 8.41 48.58
C TYR OA 72 24.31 8.08 48.14
N GLY OA 73 23.77 8.86 47.20
CA GLY OA 73 22.46 8.56 46.66
C GLY OA 73 21.32 8.91 47.58
N ASP OA 74 20.28 8.09 47.58
CA ASP OA 74 19.09 8.35 48.36
C ASP OA 74 19.16 7.78 49.76
N TYR OA 75 20.34 7.37 50.21
CA TYR OA 75 20.47 6.82 51.55
C TYR OA 75 20.26 7.91 52.60
N PRO OA 76 19.53 7.62 53.66
CA PRO OA 76 19.23 8.66 54.65
C PRO OA 76 20.45 9.07 55.44
N LYS OA 77 20.42 10.29 55.96
CA LYS OA 77 21.49 10.84 56.78
C LYS OA 77 21.01 10.82 58.23
N LEU OA 78 21.41 9.80 58.97
CA LEU OA 78 21.04 9.62 60.36
C LEU OA 78 21.76 10.67 61.22
N PRO OA 79 21.28 10.92 62.45
CA PRO OA 79 21.88 12.00 63.26
C PRO OA 79 23.33 11.81 63.70
N ASP OA 80 24.00 10.73 63.30
CA ASP OA 80 25.45 10.56 63.43
C ASP OA 80 25.89 10.52 64.91
N ARG OA 81 25.35 9.56 65.63
CA ARG OA 81 25.72 9.31 67.02
C ARG OA 81 26.14 7.86 67.18
N SER OA 82 26.94 7.60 68.22
CA SER OA 82 27.43 6.25 68.45
C SER OA 82 26.32 5.36 69.00
N GLN OA 83 26.56 4.05 68.95
CA GLN OA 83 25.61 3.11 69.51
C GLN OA 83 25.70 3.01 71.02
N GLN OA 84 26.71 3.62 71.63
CA GLN OA 84 26.75 3.73 73.08
C GLN OA 84 25.72 4.74 73.59
N GLU OA 85 25.28 5.67 72.73
CA GLU OA 85 24.31 6.68 73.14
C GLU OA 85 22.91 6.10 73.35
N ARG OA 86 22.63 4.93 72.79
CA ARG OA 86 21.29 4.37 72.85
C ARG OA 86 20.95 3.93 74.26
N ASP OA 87 19.66 3.80 74.53
CA ASP OA 87 19.21 3.37 75.85
C ASP OA 87 19.56 1.90 76.03
N PRO OA 88 20.40 1.55 77.02
CA PRO OA 88 20.80 0.16 77.18
C PRO OA 88 19.78 -0.71 77.91
N TRP OA 89 18.67 -0.14 78.34
CA TRP OA 89 17.64 -0.90 79.03
C TRP OA 89 16.54 -1.37 78.09
N TYR OA 90 16.42 -0.78 76.91
CA TYR OA 90 15.43 -1.24 75.93
C TYR OA 90 15.82 -2.61 75.39
N ASP OA 91 14.84 -3.48 75.25
CA ASP OA 91 15.02 -4.80 74.66
C ASP OA 91 15.10 -4.66 73.15
N TRP OA 92 16.31 -4.45 72.64
CA TRP OA 92 16.51 -4.31 71.21
C TRP OA 92 16.34 -5.64 70.49
N ASP OA 93 16.15 -5.56 69.18
CA ASP OA 93 16.16 -6.77 68.37
C ASP OA 93 17.57 -7.33 68.25
N HIS OA 94 18.57 -6.46 68.20
CA HIS OA 94 19.97 -6.85 68.28
C HIS OA 94 20.58 -6.17 69.50
N PRO OA 95 20.74 -6.87 70.63
CA PRO OA 95 21.13 -6.18 71.87
C PRO OA 95 22.56 -5.67 71.86
N ASP OA 96 23.52 -6.46 71.38
CA ASP OA 96 24.91 -6.00 71.41
C ASP OA 96 25.18 -4.96 70.32
N LEU OA 97 24.45 -5.02 69.22
CA LEU OA 97 24.61 -4.03 68.15
C LEU OA 97 23.76 -2.79 68.39
N ARG OA 98 22.72 -2.91 69.23
CA ARG OA 98 21.81 -1.82 69.61
C ARG OA 98 21.07 -1.24 68.40
N LEU OA 99 20.30 -2.10 67.76
CA LEU OA 99 19.40 -1.68 66.68
C LEU OA 99 18.22 -2.63 66.60
N ASN OA 100 17.07 -2.09 66.23
CA ASN OA 100 15.87 -2.88 66.01
C ASN OA 100 15.86 -3.45 64.60
N TRP OA 101 14.91 -4.36 64.36
CA TRP OA 101 14.74 -4.96 63.05
C TRP OA 101 13.96 -4.01 62.14
N GLY OA 102 14.47 -3.78 60.94
CA GLY OA 102 13.82 -2.93 59.98
C GLY OA 102 14.16 -1.46 60.10
N GLU OA 103 14.91 -1.06 61.13
CA GLU OA 103 15.33 0.33 61.24
C GLU OA 103 16.38 0.63 60.18
N PRO OA 104 16.35 1.84 59.60
CA PRO OA 104 17.39 2.22 58.63
C PRO OA 104 18.74 2.35 59.33
N MET OA 105 19.76 1.76 58.71
CA MET OA 105 21.07 1.68 59.32
C MET OA 105 21.92 2.87 58.90
N HIS OA 106 22.71 3.39 59.84
CA HIS OA 106 23.59 4.51 59.55
C HIS OA 106 24.69 4.09 58.60
N TRP OA 107 25.13 5.04 57.77
CA TRP OA 107 26.14 4.76 56.75
C TRP OA 107 27.48 4.36 57.36
N ASP OA 108 27.75 4.79 58.59
CA ASP OA 108 29.00 4.51 59.28
C ASP OA 108 28.78 3.61 60.48
N LEU OA 109 27.95 2.58 60.32
CA LEU OA 109 27.69 1.67 61.43
C LEU OA 109 28.87 0.78 61.78
N ASP OA 110 29.68 0.39 60.78
CA ASP OA 110 30.87 -0.40 61.07
C ASP OA 110 31.94 0.41 61.78
N MET OA 111 31.78 1.73 61.85
CA MET OA 111 32.65 2.60 62.61
C MET OA 111 32.07 2.97 63.98
N TYR OA 112 30.75 3.00 64.11
CA TYR OA 112 30.10 3.53 65.31
C TYR OA 112 29.56 2.45 66.23
N ILE OA 113 30.01 1.21 66.08
CA ILE OA 113 29.62 0.17 67.03
C ILE OA 113 30.40 0.38 68.32
N ARG OA 114 30.01 -0.32 69.38
CA ARG OA 114 30.64 -0.14 70.68
C ARG OA 114 32.08 -0.65 70.74
N ASN OA 115 32.48 -1.49 69.79
CA ASN OA 115 33.88 -1.92 69.69
C ASN OA 115 34.81 -0.82 69.19
N ARG OA 116 34.26 0.30 68.75
CA ARG OA 116 34.99 1.30 67.98
C ARG OA 116 34.56 2.67 68.48
N VAL OA 117 34.77 3.69 67.65
CA VAL OA 117 34.64 5.11 68.01
C VAL OA 117 33.32 5.39 68.71
N ASP OA 118 33.39 6.16 69.79
CA ASP OA 118 32.25 6.50 70.63
C ASP OA 118 32.06 8.01 70.64
N THR OA 119 30.80 8.43 70.68
CA THR OA 119 30.43 9.84 70.64
C THR OA 119 29.55 10.20 71.84
N SER OA 120 29.83 9.58 72.98
CA SER OA 120 29.05 9.83 74.18
C SER OA 120 29.41 11.21 74.76
N PRO OA 121 28.47 11.86 75.45
CA PRO OA 121 28.79 13.14 76.08
C PRO OA 121 29.77 12.98 77.23
N THR OA 122 30.56 14.03 77.46
CA THR OA 122 31.66 13.99 78.39
C THR OA 122 31.44 14.96 79.56
N PRO OA 123 31.97 14.67 80.74
CA PRO OA 123 31.84 15.62 81.86
C PRO OA 123 32.55 16.94 81.63
N VAL OA 124 33.69 16.93 80.95
CA VAL OA 124 34.47 18.14 80.71
C VAL OA 124 34.38 18.46 79.23
N ASN OA 125 34.40 19.75 78.91
CA ASN OA 125 34.31 20.21 77.54
C ASN OA 125 35.53 19.76 76.74
N TRP OA 126 35.29 19.41 75.47
CA TRP OA 126 36.34 18.81 74.63
C TRP OA 126 37.50 19.78 74.42
N ASN OA 127 37.21 21.05 74.22
CA ASN OA 127 38.25 22.06 74.06
C ASN OA 127 39.06 22.20 75.34
N LEU OA 128 38.40 22.06 76.49
CA LEU OA 128 39.13 22.11 77.76
C LEU OA 128 40.08 20.93 77.89
N MET OA 129 39.67 19.74 77.49
CA MET OA 129 40.58 18.59 77.53
C MET OA 129 41.76 18.79 76.60
N CYS OA 130 41.50 19.28 75.37
CA CYS OA 130 42.59 19.47 74.42
C CYS OA 130 43.58 20.51 74.93
N LYS OA 131 43.08 21.64 75.44
CA LYS OA 131 43.95 22.68 75.95
C LYS OA 131 44.73 22.21 77.17
N HIS OA 132 44.07 21.51 78.10
CA HIS OA 132 44.75 21.05 79.30
C HIS OA 132 45.82 20.00 78.98
N LEU OA 133 45.50 19.04 78.12
CA LEU OA 133 46.48 18.01 77.77
C LEU OA 133 47.67 18.58 77.02
N PHE OA 134 47.41 19.49 76.06
CA PHE OA 134 48.52 20.09 75.33
C PHE OA 134 49.39 20.96 76.24
N GLY OA 135 48.76 21.74 77.13
CA GLY OA 135 49.53 22.55 78.05
C GLY OA 135 50.35 21.73 79.01
N PHE OA 136 49.79 20.63 79.52
CA PHE OA 136 50.52 19.74 80.41
C PHE OA 136 51.72 19.11 79.72
N VAL OA 137 51.52 18.56 78.52
CA VAL OA 137 52.61 17.88 77.82
C VAL OA 137 53.69 18.88 77.42
N ALA OA 138 53.30 20.05 76.91
CA ALA OA 138 54.28 21.05 76.50
C ALA OA 138 55.06 21.59 77.68
N PHE OA 139 54.39 21.83 78.82
CA PHE OA 139 55.09 22.30 80.01
C PHE OA 139 56.08 21.27 80.53
N MET OA 140 55.69 20.00 80.55
CA MET OA 140 56.60 18.95 81.01
C MET OA 140 57.79 18.80 80.08
N LEU OA 141 57.58 18.91 78.77
CA LEU OA 141 58.70 18.78 77.83
C LEU OA 141 59.65 19.96 77.93
N PHE OA 142 59.12 21.18 78.07
CA PHE OA 142 59.98 22.36 78.24
C PHE OA 142 60.77 22.28 79.54
N MET OA 143 60.13 21.83 80.61
CA MET OA 143 60.82 21.69 81.88
C MET OA 143 61.90 20.60 81.80
N PHE OA 144 61.62 19.53 81.05
CA PHE OA 144 62.63 18.48 80.87
C PHE OA 144 63.84 19.01 80.14
N TRP OA 145 63.62 19.82 79.09
CA TRP OA 145 64.75 20.40 78.36
C TRP OA 145 65.55 21.36 79.24
N VAL OA 146 64.85 22.23 79.97
CA VAL OA 146 65.56 23.24 80.75
C VAL OA 146 66.19 22.64 82.00
N GLY OA 147 65.77 21.45 82.41
CA GLY OA 147 66.46 20.75 83.47
C GLY OA 147 67.64 19.96 82.92
N GLU OA 148 67.52 19.48 81.68
CA GLU OA 148 68.62 18.77 81.05
C GLU OA 148 69.79 19.71 80.77
N THR OA 149 69.50 20.96 80.38
CA THR OA 149 70.58 21.91 80.18
C THR OA 149 71.17 22.42 81.49
N TYR OA 150 70.52 22.17 82.63
CA TYR OA 150 70.99 22.60 83.94
C TYR OA 150 71.08 21.38 84.85
N PRO OA 151 72.00 20.45 84.58
CA PRO OA 151 72.00 19.18 85.31
C PRO OA 151 72.57 19.34 86.71
N THR OA 152 72.22 18.38 87.56
CA THR OA 152 72.70 18.35 88.93
C THR OA 152 73.80 17.30 89.07
N TYR OA 153 74.67 17.53 90.03
CA TYR OA 153 75.77 16.62 90.31
C TYR OA 153 76.15 16.78 91.79
N GLN OA 154 77.27 16.19 92.17
CA GLN OA 154 77.79 16.32 93.52
C GLN OA 154 79.15 17.00 93.47
N PRO OA 155 79.58 17.66 94.56
CA PRO OA 155 80.91 18.28 94.56
C PRO OA 155 82.03 17.26 94.57
N VAL OA 156 82.30 16.64 93.43
CA VAL OA 156 83.24 15.53 93.32
C VAL OA 156 84.27 15.85 92.25
N GLY OA 157 85.31 15.04 92.21
CA GLY OA 157 86.28 15.07 91.14
C GLY OA 157 85.89 14.10 90.05
N PRO OA 158 86.83 13.73 89.20
CA PRO OA 158 86.57 12.69 88.19
C PRO OA 158 86.71 11.31 88.80
N LYS OA 159 86.61 10.30 87.95
CA LYS OA 159 86.87 8.92 88.34
C LYS OA 159 88.26 8.53 87.88
N GLN OA 160 89.06 8.00 88.80
CA GLN OA 160 90.47 7.74 88.54
C GLN OA 160 90.70 6.25 88.33
N TYR OA 161 91.37 5.90 87.23
CA TYR OA 161 91.65 4.52 86.87
C TYR OA 161 93.13 4.34 86.60
N PRO OA 162 93.70 3.18 86.93
CA PRO OA 162 95.14 2.97 86.77
C PRO OA 162 95.49 2.51 85.36
N TYR OA 163 96.79 2.29 85.16
CA TYR OA 163 97.35 1.73 83.93
C TYR OA 163 96.97 2.55 82.70
N ASN OA 164 97.10 3.88 82.85
CA ASN OA 164 96.78 4.87 81.82
C ASN OA 164 95.32 4.74 81.38
N ASN OA 165 94.43 4.87 82.36
CA ASN OA 165 92.98 4.79 82.17
C ASN OA 165 92.56 3.47 81.53
N LEU OA 166 93.27 2.40 81.89
CA LEU OA 166 93.03 1.03 81.39
C LEU OA 166 93.09 1.00 79.86
N TYR OA 167 94.26 1.39 79.33
CA TYR OA 167 94.42 1.48 77.88
C TYR OA 167 94.38 0.11 77.22
N LEU OA 168 95.06 -0.87 77.81
CA LEU OA 168 95.04 -2.22 77.26
C LEU OA 168 93.72 -2.91 77.55
N GLU OA 169 93.06 -2.55 78.66
CA GLU OA 169 91.82 -3.21 79.03
C GLU OA 169 90.64 -2.70 78.21
N ARG OA 170 90.72 -1.47 77.70
CA ARG OA 170 89.66 -0.90 76.88
C ARG OA 170 89.81 -1.28 75.40
N GLY OA 171 90.74 -2.15 75.07
CA GLY OA 171 90.90 -2.62 73.72
C GLY OA 171 91.95 -1.93 72.88
N GLY OA 172 92.85 -1.16 73.50
CA GLY OA 172 93.91 -0.53 72.76
C GLY OA 172 94.92 -1.53 72.24
N ASP OA 173 95.66 -1.12 71.21
CA ASP OA 173 96.62 -2.06 70.62
C ASP OA 173 97.95 -1.96 71.33
N PRO OA 174 98.52 -3.07 71.80
CA PRO OA 174 99.71 -3.01 72.66
C PRO OA 174 101.00 -2.65 71.94
N ASN OA 175 101.01 -2.59 70.61
CA ASN OA 175 102.24 -2.24 69.92
C ASN OA 175 102.56 -0.76 70.09
N LYS OA 176 101.54 0.09 70.20
CA LYS OA 176 101.75 1.52 70.39
C LYS OA 176 101.73 1.87 71.86
N GLU OA 177 102.71 2.64 72.29
CA GLU OA 177 102.74 3.10 73.67
C GLU OA 177 101.75 4.25 73.85
N PRO OA 178 100.86 4.18 74.82
CA PRO OA 178 99.85 5.24 74.98
C PRO OA 178 100.41 6.52 75.58
N GLU OA 179 99.56 7.53 75.72
CA GLU OA 179 99.95 8.75 76.39
C GLU OA 179 100.04 8.49 77.88
N PRO OA 180 101.22 8.62 78.50
CA PRO OA 180 101.34 8.27 79.92
C PRO OA 180 100.69 9.29 80.83
N VAL OA 181 99.54 8.93 81.42
CA VAL OA 181 98.87 9.78 82.40
C VAL OA 181 99.06 9.16 83.77
N VAL OA 182 99.14 10.02 84.78
CA VAL OA 182 99.39 9.60 86.15
C VAL OA 182 98.40 10.29 87.08
N HIS OA 183 97.88 9.55 88.04
CA HIS OA 183 97.00 10.09 89.06
C HIS OA 183 97.78 10.26 90.35
N TYR OA 184 97.72 11.46 90.92
CA TYR OA 184 98.49 11.79 92.10
C TYR OA 184 97.62 11.70 93.36
N GLU OA 185 98.28 11.73 94.50
CA GLU OA 185 97.62 11.55 95.79
C GLU OA 185 97.35 12.91 96.44
N ILE OA 186 96.10 13.10 96.87
CA ILE OA 186 95.68 14.35 97.48
C ILE OA 186 95.09 14.10 98.86
N THR PA 52 -0.80 -12.75 35.90
CA THR PA 52 0.29 -11.96 36.47
C THR PA 52 1.37 -12.86 37.05
N LEU PA 53 1.17 -14.17 36.96
CA LEU PA 53 2.16 -15.15 37.41
C LEU PA 53 3.19 -15.34 36.31
N ARG PA 54 3.96 -14.27 36.08
CA ARG PA 54 4.91 -14.22 35.00
C ARG PA 54 6.15 -15.02 35.36
N TRP PA 55 6.75 -15.68 34.36
CA TRP PA 55 7.99 -16.45 34.50
C TRP PA 55 7.81 -17.56 35.53
N GLN PA 56 6.96 -18.52 35.15
CA GLN PA 56 6.62 -19.67 36.00
C GLN PA 56 7.87 -20.43 36.41
N GLU PA 57 8.13 -20.45 37.71
CA GLU PA 57 9.30 -21.09 38.27
C GLU PA 57 8.91 -21.96 39.45
N ASP PA 58 9.77 -22.93 39.75
CA ASP PA 58 9.60 -23.74 40.93
C ASP PA 58 9.83 -22.90 42.18
N PRO PA 59 9.16 -23.23 43.28
CA PRO PA 59 9.49 -22.58 44.55
C PRO PA 59 10.87 -22.98 45.01
N GLU PA 60 11.48 -22.10 45.80
CA GLU PA 60 12.85 -22.31 46.24
C GLU PA 60 12.92 -23.52 47.16
N PRO PA 61 13.85 -24.46 46.93
CA PRO PA 61 13.97 -25.61 47.83
C PRO PA 61 14.42 -25.20 49.21
N GLU PA 62 13.96 -25.96 50.20
CA GLU PA 62 14.34 -25.70 51.58
C GLU PA 62 15.81 -26.03 51.81
N ASP PA 63 16.45 -25.23 52.65
CA ASP PA 63 17.86 -25.44 52.99
C ASP PA 63 17.96 -26.67 53.88
N GLU PA 64 18.31 -27.80 53.27
CA GLU PA 64 18.29 -29.08 53.97
C GLU PA 64 19.43 -29.18 54.97
N ASN PA 65 19.15 -29.84 56.09
CA ASN PA 65 20.16 -30.26 57.03
C ASN PA 65 20.30 -31.77 56.93
N LEU PA 66 21.53 -32.23 56.75
CA LEU PA 66 21.81 -33.61 56.42
C LEU PA 66 21.92 -34.49 57.66
N TYR PA 67 21.71 -33.92 58.84
CA TYR PA 67 21.73 -34.64 60.10
C TYR PA 67 20.40 -35.30 60.47
N GLU PA 68 19.31 -35.01 59.74
CA GLU PA 68 18.03 -35.64 60.07
C GLU PA 68 18.02 -37.11 59.70
N LYS PA 69 18.17 -37.42 58.42
CA LYS PA 69 18.03 -38.80 57.96
C LYS PA 69 19.17 -39.70 58.42
N ASN PA 70 20.34 -39.15 58.68
CA ASN PA 70 21.48 -39.95 59.12
C ASN PA 70 22.27 -39.09 60.11
N PRO PA 71 22.10 -39.33 61.41
CA PRO PA 71 22.71 -38.44 62.42
C PRO PA 71 24.17 -38.72 62.70
N ASP PA 72 24.73 -39.80 62.18
CA ASP PA 72 26.14 -40.14 62.36
C ASP PA 72 26.96 -39.71 61.15
N SER PA 73 26.58 -38.59 60.54
CA SER PA 73 27.15 -38.18 59.27
C SER PA 73 28.53 -37.56 59.43
N HIS PA 74 29.35 -37.75 58.41
CA HIS PA 74 30.63 -37.07 58.28
C HIS PA 74 30.57 -35.94 57.27
N GLY PA 75 29.39 -35.63 56.76
CA GLY PA 75 29.21 -34.50 55.87
C GLY PA 75 29.73 -34.69 54.48
N TYR PA 76 29.89 -35.94 54.01
CA TYR PA 76 30.37 -36.19 52.66
C TYR PA 76 29.22 -36.49 51.70
N ASP PA 77 28.40 -37.48 52.02
CA ASP PA 77 27.32 -37.88 51.12
C ASP PA 77 26.21 -38.49 51.96
N LYS PA 78 24.99 -38.44 51.41
CA LYS PA 78 23.81 -38.86 52.17
C LYS PA 78 23.78 -40.36 52.43
N ASP PA 79 24.42 -41.17 51.59
CA ASP PA 79 24.52 -42.60 51.87
C ASP PA 79 25.45 -42.81 53.06
N PRO PA 80 25.06 -43.64 54.04
CA PRO PA 80 25.96 -43.85 55.19
C PRO PA 80 27.24 -44.58 54.85
N ALA PA 81 27.17 -45.61 54.00
CA ALA PA 81 28.38 -46.35 53.63
C ALA PA 81 29.34 -45.48 52.84
N VAL PA 82 28.81 -44.69 51.90
CA VAL PA 82 29.65 -43.77 51.13
C VAL PA 82 30.23 -42.70 52.03
N ASP PA 83 29.47 -42.25 53.03
CA ASP PA 83 29.97 -41.27 54.00
C ASP PA 83 31.15 -41.82 54.77
N VAL PA 84 31.00 -43.03 55.32
CA VAL PA 84 32.05 -43.62 56.14
C VAL PA 84 33.27 -43.95 55.29
N TRP PA 85 33.06 -44.42 54.06
CA TRP PA 85 34.20 -44.77 53.23
C TRP PA 85 34.93 -43.55 52.71
N ASN PA 86 34.21 -42.48 52.40
CA ASN PA 86 34.86 -41.23 52.03
C ASN PA 86 35.66 -40.67 53.19
N MET PA 87 35.12 -40.75 54.41
CA MET PA 87 35.86 -40.33 55.59
C MET PA 87 37.13 -41.16 55.76
N ARG PA 88 37.02 -42.48 55.56
CA ARG PA 88 38.16 -43.35 55.77
C ARG PA 88 39.25 -43.10 54.73
N VAL PA 89 38.88 -42.92 53.47
CA VAL PA 89 39.90 -42.70 52.44
C VAL PA 89 40.54 -41.33 52.61
N VAL PA 90 39.77 -40.32 53.02
CA VAL PA 90 40.34 -39.00 53.23
C VAL PA 90 41.29 -39.02 54.42
N PHE PA 91 40.88 -39.62 55.53
CA PHE PA 91 41.70 -39.61 56.73
C PHE PA 91 42.88 -40.57 56.63
N PHE PA 92 42.85 -41.53 55.70
CA PHE PA 92 44.00 -42.39 55.52
C PHE PA 92 45.00 -41.80 54.54
N PHE PA 93 44.55 -41.39 53.36
CA PHE PA 93 45.45 -40.89 52.34
C PHE PA 93 45.71 -39.40 52.46
N GLY PA 94 45.22 -38.76 53.52
CA GLY PA 94 45.49 -37.37 53.75
C GLY PA 94 46.30 -37.16 55.02
N PHE PA 95 46.25 -38.12 55.93
CA PHE PA 95 47.03 -38.03 57.16
C PHE PA 95 48.03 -39.17 57.30
N SER PA 96 47.60 -40.40 57.14
CA SER PA 96 48.44 -41.56 57.41
C SER PA 96 49.32 -41.96 56.23
N ILE PA 97 49.23 -41.25 55.11
CA ILE PA 97 49.99 -41.58 53.91
C ILE PA 97 50.83 -40.42 53.44
N VAL PA 98 50.22 -39.25 53.28
CA VAL PA 98 50.91 -38.09 52.71
C VAL PA 98 51.45 -37.13 53.75
N LEU PA 99 51.10 -37.29 55.02
CA LEU PA 99 51.60 -36.41 56.06
C LEU PA 99 52.72 -37.04 56.88
N VAL PA 100 52.49 -38.22 57.46
CA VAL PA 100 53.52 -38.88 58.26
C VAL PA 100 54.67 -39.35 57.37
N LEU PA 101 54.35 -40.05 56.27
CA LEU PA 101 55.40 -40.50 55.37
C LEU PA 101 56.03 -39.34 54.61
N GLY PA 102 55.25 -38.31 54.30
CA GLY PA 102 55.82 -37.12 53.66
C GLY PA 102 56.78 -36.39 54.57
N SER PA 103 56.42 -36.25 55.85
CA SER PA 103 57.32 -35.59 56.80
C SER PA 103 58.54 -36.45 57.09
N THR PA 104 58.41 -37.78 57.10
CA THR PA 104 59.57 -38.63 57.26
C THR PA 104 60.48 -38.56 56.04
N PHE PA 105 59.90 -38.42 54.85
CA PHE PA 105 60.69 -38.25 53.63
C PHE PA 105 61.44 -36.93 53.63
N VAL PA 106 60.76 -35.84 54.02
CA VAL PA 106 61.41 -34.53 54.03
C VAL PA 106 62.46 -34.46 55.13
N ALA PA 107 62.17 -35.09 56.28
CA ALA PA 107 63.07 -35.03 57.42
C ALA PA 107 64.39 -35.71 57.14
N TYR PA 108 64.39 -36.76 56.34
CA TYR PA 108 65.59 -37.54 56.03
C TYR PA 108 66.05 -37.33 54.60
N LEU PA 109 65.95 -36.10 54.12
CA LEU PA 109 66.40 -35.80 52.76
C LEU PA 109 67.91 -35.93 52.66
N PRO PA 110 68.43 -36.39 51.53
CA PRO PA 110 69.88 -36.59 51.40
C PRO PA 110 70.64 -35.30 51.09
N ASP PA 111 70.90 -34.53 52.15
CA ASP PA 111 71.76 -33.34 52.11
C ASP PA 111 71.26 -32.32 51.10
N TYR PA 112 70.10 -31.75 51.44
CA TYR PA 112 69.43 -30.77 50.58
C TYR PA 112 70.34 -29.57 50.30
N ARG PA 113 70.65 -29.38 49.01
CA ARG PA 113 71.39 -28.23 48.49
C ARG PA 113 72.80 -28.11 49.08
N MET PA 114 73.35 -29.24 49.50
CA MET PA 114 74.79 -29.41 49.79
C MET PA 114 75.28 -28.50 50.92
N GLN PA 115 74.42 -28.19 51.89
CA GLN PA 115 74.83 -27.32 52.98
C GLN PA 115 75.85 -27.99 53.89
N GLU PA 116 75.61 -29.26 54.23
CA GLU PA 116 76.56 -29.97 55.09
C GLU PA 116 77.87 -30.27 54.36
N TRP PA 117 77.79 -30.54 53.05
CA TRP PA 117 79.01 -30.67 52.26
C TRP PA 117 79.80 -29.37 52.25
N ALA PA 118 79.11 -28.24 52.10
CA ALA PA 118 79.81 -26.96 52.08
C ALA PA 118 80.45 -26.67 53.43
N ARG PA 119 79.77 -27.06 54.52
CA ARG PA 119 80.36 -26.89 55.84
C ARG PA 119 81.62 -27.73 56.01
N ARG PA 120 81.57 -29.01 55.59
CA ARG PA 120 82.73 -29.88 55.74
C ARG PA 120 83.90 -29.42 54.87
N GLU PA 121 83.61 -28.99 53.63
CA GLU PA 121 84.66 -28.46 52.76
C GLU PA 121 85.24 -27.17 53.33
N ALA PA 122 84.41 -26.35 53.96
CA ALA PA 122 84.91 -25.12 54.57
C ALA PA 122 85.83 -25.42 55.74
N GLU PA 123 85.48 -26.41 56.57
CA GLU PA 123 86.37 -26.85 57.64
C GLU PA 123 87.72 -27.32 57.09
N ARG PA 124 87.69 -28.15 56.04
CA ARG PA 124 88.93 -28.63 55.44
C ARG PA 124 89.77 -27.50 54.87
N LEU PA 125 89.11 -26.53 54.22
CA LEU PA 125 89.84 -25.46 53.57
C LEU PA 125 90.44 -24.49 54.58
N VAL PA 126 89.69 -24.16 55.65
CA VAL PA 126 90.26 -23.26 56.65
C VAL PA 126 91.39 -23.95 57.41
N LYS PA 127 91.31 -25.27 57.59
CA LYS PA 127 92.44 -26.01 58.15
C LYS PA 127 93.66 -25.88 57.25
N TYR PA 128 93.47 -26.06 55.94
CA TYR PA 128 94.59 -26.04 55.01
C TYR PA 128 95.25 -24.67 54.94
N ARG PA 129 94.46 -23.61 54.75
CA ARG PA 129 95.09 -22.31 54.59
C ARG PA 129 95.37 -21.60 55.91
N GLU PA 130 94.95 -22.17 57.04
CA GLU PA 130 95.41 -21.65 58.32
C GLU PA 130 96.68 -22.33 58.79
N ALA PA 131 96.87 -23.61 58.43
CA ALA PA 131 98.09 -24.30 58.82
C ALA PA 131 99.32 -23.76 58.09
N HIS PA 132 99.14 -23.20 56.90
CA HIS PA 132 100.25 -22.72 56.09
C HIS PA 132 100.42 -21.21 56.15
N GLY PA 133 99.65 -20.53 56.98
CA GLY PA 133 99.79 -19.09 57.16
C GLY PA 133 99.18 -18.24 56.08
N LEU PA 134 98.49 -18.83 55.10
CA LEU PA 134 97.86 -18.08 54.05
C LEU PA 134 96.62 -17.35 54.57
N PRO PA 135 96.16 -16.32 53.87
CA PRO PA 135 94.89 -15.68 54.25
C PRO PA 135 93.72 -16.65 54.08
N LEU PA 136 92.71 -16.48 54.93
CA LEU PA 136 91.55 -17.36 54.89
C LEU PA 136 90.68 -17.10 53.67
N MET PA 137 90.64 -15.85 53.19
CA MET PA 137 89.99 -15.55 51.92
C MET PA 137 90.75 -14.42 51.25
N GLU PA 138 91.10 -14.62 49.98
CA GLU PA 138 91.75 -13.57 49.22
C GLU PA 138 90.72 -12.54 48.78
N SER PA 139 91.19 -11.33 48.49
CA SER PA 139 90.28 -10.26 48.11
C SER PA 139 89.76 -10.43 46.68
N ASN PA 140 90.55 -11.03 45.80
CA ASN PA 140 90.17 -11.21 44.40
C ASN PA 140 89.64 -12.63 44.19
N CYS PA 141 88.46 -12.74 43.59
CA CYS PA 141 87.87 -14.05 43.36
C CYS PA 141 88.61 -14.82 42.26
N PHE PA 142 89.15 -14.11 41.29
CA PHE PA 142 89.95 -14.69 40.22
C PHE PA 142 91.39 -14.23 40.35
N ASP PA 143 92.27 -14.92 39.66
CA ASP PA 143 93.69 -14.60 39.74
C ASP PA 143 93.88 -13.32 38.91
N PRO PA 144 94.45 -12.25 39.48
CA PRO PA 144 94.60 -11.01 38.70
C PRO PA 144 95.64 -11.08 37.60
N SER PA 145 96.51 -12.10 37.59
CA SER PA 145 97.50 -12.20 36.52
C SER PA 145 96.89 -12.69 35.22
N LYS PA 146 95.90 -13.56 35.27
CA LYS PA 146 95.26 -14.10 34.08
C LYS PA 146 94.12 -13.22 33.58
N ILE PA 147 93.88 -12.07 34.21
CA ILE PA 147 92.86 -11.13 33.79
C ILE PA 147 93.56 -9.97 33.11
N GLN PA 148 93.24 -9.72 31.85
CA GLN PA 148 93.81 -8.59 31.13
C GLN PA 148 92.87 -7.40 31.33
N LEU PA 149 93.39 -6.35 31.92
CA LEU PA 149 92.63 -5.12 32.11
C LEU PA 149 92.58 -4.35 30.80
N PRO PA 150 91.44 -3.75 30.46
CA PRO PA 150 91.40 -2.89 29.28
C PRO PA 150 92.25 -1.65 29.49
N GLU PA 151 92.84 -1.18 28.40
CA GLU PA 151 93.75 -0.05 28.50
C GLU PA 151 92.98 1.23 28.79
N ASP PA 152 93.50 2.02 29.73
CA ASP PA 152 92.90 3.30 30.08
C ASP PA 152 93.98 4.36 30.26
N LYS QA 28 8.99 -55.92 21.47
CA LYS QA 28 9.29 -54.58 20.98
C LYS QA 28 8.97 -53.53 22.03
N PHE QA 29 9.33 -52.28 21.74
CA PHE QA 29 9.00 -51.17 22.63
C PHE QA 29 8.44 -49.99 21.86
N TYR QA 30 8.80 -49.86 20.59
CA TYR QA 30 8.44 -48.70 19.80
C TYR QA 30 7.22 -49.00 18.94
N ILE QA 31 6.23 -48.10 18.99
CA ILE QA 31 5.04 -48.24 18.16
C ILE QA 31 5.37 -48.01 16.69
N GLN QA 32 6.33 -47.15 16.41
CA GLN QA 32 6.85 -46.94 15.07
C GLN QA 32 8.26 -47.46 15.01
N GLU QA 33 8.56 -48.27 14.01
CA GLU QA 33 9.88 -48.91 13.89
C GLU QA 33 10.93 -47.85 13.60
N PRO QA 34 11.99 -47.74 14.40
CA PRO QA 34 12.98 -46.71 14.14
C PRO QA 34 13.81 -47.07 12.92
N PRO QA 35 14.28 -46.08 12.16
CA PRO QA 35 15.11 -46.38 10.98
C PRO QA 35 16.42 -47.05 11.32
N HIS QA 36 16.94 -46.82 12.53
CA HIS QA 36 18.14 -47.49 13.02
C HIS QA 36 17.80 -48.63 13.98
N GLY QA 37 16.69 -49.33 13.73
CA GLY QA 37 16.35 -50.48 14.56
C GLY QA 37 17.32 -51.63 14.35
N SER QA 38 17.73 -51.89 13.12
CA SER QA 38 18.68 -52.92 12.77
C SER QA 38 19.89 -52.29 12.10
N PRO QA 39 21.10 -52.81 12.35
CA PRO QA 39 22.29 -52.23 11.72
C PRO QA 39 22.27 -52.41 10.20
N ASN QA 40 22.76 -51.39 9.51
CA ASN QA 40 22.88 -51.43 8.05
C ASN QA 40 24.10 -52.27 7.72
N TRP QA 41 23.88 -53.52 7.32
CA TRP QA 41 24.98 -54.46 7.16
C TRP QA 41 25.88 -54.10 5.99
N LEU QA 42 25.32 -53.48 4.95
CA LEU QA 42 26.14 -53.01 3.84
C LEU QA 42 27.10 -51.91 4.29
N LYS QA 43 26.61 -50.98 5.11
CA LYS QA 43 27.47 -49.89 5.58
C LYS QA 43 28.53 -50.41 6.55
N VAL QA 44 28.17 -51.38 7.39
CA VAL QA 44 29.14 -51.95 8.31
C VAL QA 44 30.23 -52.72 7.56
N GLY QA 45 29.82 -53.49 6.55
CA GLY QA 45 30.79 -54.19 5.73
C GLY QA 45 31.71 -53.25 4.97
N LEU QA 46 31.15 -52.18 4.40
CA LEU QA 46 31.97 -51.18 3.71
C LEU QA 46 32.91 -50.48 4.68
N THR QA 47 32.44 -50.21 5.91
CA THR QA 47 33.27 -49.53 6.90
C THR QA 47 34.47 -50.38 7.30
N LEU QA 48 34.21 -51.65 7.62
CA LEU QA 48 35.31 -52.53 8.03
C LEU QA 48 36.26 -52.81 6.87
N GLY QA 49 35.72 -52.96 5.66
CA GLY QA 49 36.58 -53.15 4.50
C GLY QA 49 37.45 -51.96 4.21
N THR QA 50 36.88 -50.75 4.32
CA THR QA 50 37.67 -49.53 4.12
C THR QA 50 38.76 -49.39 5.17
N SER QA 51 38.44 -49.66 6.43
CA SER QA 51 39.44 -49.53 7.49
C SER QA 51 40.56 -50.53 7.31
N ALA QA 52 40.23 -51.79 6.98
CA ALA QA 52 41.26 -52.79 6.75
C ALA QA 52 42.10 -52.46 5.53
N PHE QA 53 41.47 -51.97 4.46
CA PHE QA 53 42.21 -51.60 3.26
C PHE QA 53 43.17 -50.45 3.53
N LEU QA 54 42.73 -49.44 4.28
CA LEU QA 54 43.57 -48.31 4.59
C LEU QA 54 44.73 -48.71 5.49
N TRP QA 55 44.48 -49.59 6.47
CA TRP QA 55 45.57 -50.04 7.33
C TRP QA 55 46.60 -50.88 6.57
N ILE QA 56 46.13 -51.75 5.66
CA ILE QA 56 47.03 -52.55 4.85
C ILE QA 56 47.88 -51.66 3.94
N TYR QA 57 47.23 -50.67 3.32
CA TYR QA 57 47.95 -49.73 2.47
C TYR QA 57 48.99 -48.94 3.27
N LEU QA 58 48.63 -48.51 4.48
CA LEU QA 58 49.56 -47.75 5.30
C LEU QA 58 50.77 -48.58 5.70
N ILE QA 59 50.55 -49.84 6.09
CA ILE QA 59 51.66 -50.70 6.49
C ILE QA 59 52.58 -50.98 5.30
N LYS QA 60 51.99 -51.26 4.13
CA LYS QA 60 52.79 -51.52 2.94
C LYS QA 60 53.59 -50.29 2.52
N GLN QA 61 52.96 -49.10 2.60
CA GLN QA 61 53.64 -47.86 2.25
C GLN QA 61 54.78 -47.56 3.20
N HIS QA 62 54.58 -47.80 4.51
CA HIS QA 62 55.66 -47.56 5.46
C HIS QA 62 56.81 -48.53 5.24
N ASN QA 63 56.51 -49.79 4.93
CA ASN QA 63 57.58 -50.75 4.68
C ASN QA 63 58.35 -50.41 3.41
N GLU QA 64 57.66 -49.99 2.35
CA GLU QA 64 58.35 -49.57 1.14
C GLU QA 64 59.19 -48.31 1.38
N ASP QA 65 58.67 -47.37 2.16
CA ASP QA 65 59.41 -46.15 2.46
C ASP QA 65 60.67 -46.44 3.25
N VAL QA 66 60.58 -47.30 4.27
CA VAL QA 66 61.77 -47.61 5.06
C VAL QA 66 62.75 -48.45 4.24
N LEU QA 67 62.25 -49.28 3.32
CA LEU QA 67 63.14 -50.05 2.45
C LEU QA 67 63.91 -49.14 1.51
N GLU QA 68 63.24 -48.16 0.91
CA GLU QA 68 63.92 -47.23 0.02
C GLU QA 68 64.87 -46.32 0.77
N TYR QA 69 64.49 -45.90 1.98
CA TYR QA 69 65.38 -45.07 2.79
C TYR QA 69 66.64 -45.83 3.20
N LYS QA 70 66.50 -47.11 3.54
CA LYS QA 70 67.67 -47.92 3.85
C LYS QA 70 68.49 -48.21 2.60
N ARG QA 71 67.85 -48.26 1.44
CA ARG QA 71 68.58 -48.55 0.21
C ARG QA 71 69.40 -47.35 -0.26
N ARG QA 72 68.85 -46.14 -0.15
CA ARG QA 72 69.52 -44.96 -0.70
C ARG QA 72 70.73 -44.58 0.13
N ASN QA 73 70.64 -44.69 1.45
CA ASN QA 73 71.72 -44.27 2.33
C ASN QA 73 72.69 -45.40 2.69
N GLY QA 74 72.44 -46.61 2.22
CA GLY QA 74 73.29 -47.74 2.55
C GLY QA 74 73.29 -48.12 4.01
N LEU QA 75 72.15 -47.98 4.68
CA LEU QA 75 72.03 -48.32 6.10
C LEU QA 75 71.50 -49.73 6.31
N GLU QA 76 72.15 -50.71 5.69
CA GLU QA 76 71.74 -52.10 5.81
C GLU QA 76 72.93 -52.99 6.17
N ARG RA 9 36.88 -56.84 36.06
CA ARG RA 9 36.94 -56.95 37.51
C ARG RA 9 36.15 -55.83 38.17
N ASP RA 10 36.11 -55.85 39.51
CA ASP RA 10 35.32 -54.88 40.27
C ASP RA 10 36.14 -53.67 40.72
N HIS RA 11 37.43 -53.64 40.45
CA HIS RA 11 38.30 -52.54 40.85
C HIS RA 11 39.26 -52.18 39.73
N TRP RA 12 38.76 -52.14 38.49
CA TRP RA 12 39.64 -51.81 37.37
C TRP RA 12 39.80 -50.31 37.16
N ILE RA 13 38.99 -49.49 37.81
CA ILE RA 13 39.13 -48.05 37.66
C ILE RA 13 40.38 -47.56 38.36
N HIS RA 14 40.68 -48.12 39.54
CA HIS RA 14 41.76 -47.63 40.38
C HIS RA 14 43.15 -47.95 39.83
N VAL RA 15 43.26 -48.78 38.80
CA VAL RA 15 44.57 -49.11 38.26
C VAL RA 15 45.07 -48.05 37.29
N LEU RA 16 44.21 -47.12 36.88
CA LEU RA 16 44.54 -46.20 35.80
C LEU RA 16 45.67 -45.24 36.18
N VAL RA 17 45.56 -44.58 37.32
CA VAL RA 17 46.55 -43.60 37.75
C VAL RA 17 47.91 -44.23 38.07
N PRO RA 18 48.02 -45.33 38.85
CA PRO RA 18 49.35 -45.94 39.02
C PRO RA 18 49.97 -46.46 37.72
N VAL RA 19 49.16 -47.00 36.81
CA VAL RA 19 49.68 -47.40 35.50
C VAL RA 19 50.15 -46.18 34.73
N GLY RA 20 49.43 -45.06 34.86
CA GLY RA 20 49.90 -43.82 34.26
C GLY RA 20 51.22 -43.35 34.84
N PHE RA 21 51.39 -43.50 36.15
CA PHE RA 21 52.65 -43.11 36.78
C PHE RA 21 53.79 -44.00 36.34
N VAL RA 22 53.55 -45.31 36.23
CA VAL RA 22 54.58 -46.25 35.77
C VAL RA 22 54.95 -45.96 34.32
N PHE RA 23 53.95 -45.67 33.48
CA PHE RA 23 54.21 -45.36 32.08
C PHE RA 23 55.00 -44.06 31.93
N GLY RA 24 54.66 -43.05 32.73
CA GLY RA 24 55.41 -41.80 32.69
C GLY RA 24 56.84 -41.97 33.20
N TYR RA 25 57.02 -42.78 34.24
CA TYR RA 25 58.36 -43.07 34.74
C TYR RA 25 59.19 -43.80 33.69
N TYR RA 26 58.58 -44.76 32.98
CA TYR RA 26 59.31 -45.48 31.95
C TYR RA 26 59.67 -44.59 30.77
N LEU RA 27 58.76 -43.72 30.35
CA LEU RA 27 59.06 -42.77 29.29
C LEU RA 27 60.12 -41.77 29.71
N ASP RA 28 60.14 -41.40 30.99
CA ASP RA 28 61.19 -40.53 31.50
C ASP RA 28 62.54 -41.20 31.45
N ARG RA 29 62.62 -42.46 31.88
CA ARG RA 29 63.88 -43.18 31.83
C ARG RA 29 64.33 -43.44 30.40
N LYS RA 30 63.38 -43.62 29.47
CA LYS RA 30 63.73 -43.73 28.06
C LYS RA 30 64.30 -42.43 27.52
N ASN RA 31 63.69 -41.29 27.88
CA ASN RA 31 64.16 -40.02 27.35
C ASN RA 31 65.47 -39.58 27.97
N ASP RA 32 65.78 -40.07 29.18
CA ASP RA 32 67.08 -39.78 29.78
C ASP RA 32 68.23 -40.44 29.02
N GLU RA 33 67.95 -41.51 28.29
CA GLU RA 33 68.98 -42.14 27.46
C GLU RA 33 69.26 -41.33 26.20
N LYS RA 34 68.28 -40.57 25.72
CA LYS RA 34 68.45 -39.83 24.47
C LYS RA 34 69.37 -38.64 24.64
N LEU RA 35 69.48 -38.10 25.86
CA LEU RA 35 70.34 -36.97 26.16
C LEU RA 35 71.67 -37.41 26.76
N ALA RA 36 72.20 -38.54 26.30
CA ALA RA 36 73.44 -39.10 26.82
C ALA RA 36 74.63 -38.82 25.92
N ALA RA 37 74.65 -37.67 25.26
CA ALA RA 37 75.77 -37.34 24.38
C ALA RA 37 77.04 -37.06 25.18
N PHE RA 38 76.91 -36.46 26.36
CA PHE RA 38 78.06 -36.06 27.16
C PHE RA 38 78.26 -36.98 28.36
N ARG RA 39 77.78 -38.21 28.28
CA ARG RA 39 77.97 -39.16 29.36
C ARG RA 39 79.44 -39.53 29.46
N ASN RA 40 79.99 -39.40 30.67
CA ASN RA 40 81.40 -39.67 30.98
C ASN RA 40 82.34 -38.84 30.12
N LYS RA 41 81.92 -37.63 29.78
CA LYS RA 41 82.74 -36.71 29.01
C LYS RA 41 82.86 -35.32 29.65
N SER RA 42 82.14 -35.06 30.73
CA SER RA 42 82.30 -33.80 31.45
C SER RA 42 83.64 -33.77 32.16
N LEU RA 43 84.27 -32.60 32.15
CA LEU RA 43 85.58 -32.45 32.79
C LEU RA 43 85.51 -32.50 34.32
N LEU RA 44 84.31 -32.48 34.90
CA LEU RA 44 84.15 -32.56 36.33
C LEU RA 44 83.88 -33.98 36.83
N TYR RA 45 83.35 -34.86 35.98
CA TYR RA 45 83.00 -36.20 36.41
C TYR RA 45 83.55 -37.30 35.51
N LYS RA 46 84.42 -36.98 34.55
CA LYS RA 46 85.01 -38.03 33.72
C LYS RA 46 86.00 -38.84 34.52
N ARG RA 47 86.11 -40.12 34.17
CA ARG RA 47 86.99 -41.05 34.87
C ARG RA 47 87.22 -42.24 33.97
N GLU RA 48 88.14 -43.10 34.41
CA GLU RA 48 88.36 -44.36 33.71
C GLU RA 48 87.19 -45.30 33.98
N LEU RA 49 86.85 -46.09 32.97
CA LEU RA 49 85.73 -47.02 33.10
C LEU RA 49 86.11 -48.15 34.04
N LYS RA 50 85.21 -48.46 34.97
CA LYS RA 50 85.44 -49.56 35.89
C LYS RA 50 85.34 -50.89 35.15
N PRO RA 51 85.99 -51.95 35.66
CA PRO RA 51 85.78 -53.28 35.09
C PRO RA 51 84.34 -53.74 35.31
N GLN RA 52 83.87 -54.56 34.36
CA GLN RA 52 82.50 -55.10 34.35
C GLN RA 52 81.45 -53.99 34.33
N GLU RA 53 81.74 -52.90 33.61
CA GLU RA 53 80.77 -51.85 33.37
C GLU RA 53 81.09 -51.19 32.04
N GLU RA 54 80.08 -50.56 31.45
CA GLU RA 54 80.23 -49.97 30.12
C GLU RA 54 79.79 -48.52 30.10
N VAL RA 55 78.83 -48.16 30.95
CA VAL RA 55 78.30 -46.80 31.01
C VAL RA 55 78.30 -46.35 32.46
N THR RA 56 78.39 -45.04 32.66
CA THR RA 56 78.35 -44.48 34.00
C THR RA 56 76.96 -44.62 34.61
N TRP RA 57 75.93 -44.25 33.85
CA TRP RA 57 74.56 -44.28 34.33
C TRP RA 57 73.66 -44.77 33.20
N LYS RA 58 72.36 -44.74 33.44
CA LYS RA 58 71.39 -45.18 32.44
C LYS RA 58 70.40 -44.08 32.12
N MET SA 1 -7.20 -2.58 -69.33
CA MET SA 1 -7.08 -3.87 -68.66
C MET SA 1 -5.90 -3.94 -67.71
N TRP SA 2 -5.36 -5.14 -67.54
CA TRP SA 2 -4.31 -5.36 -66.55
C TRP SA 2 -2.96 -4.77 -66.98
N PHE SA 3 -2.85 -4.32 -68.22
CA PHE SA 3 -1.61 -3.71 -68.69
C PHE SA 3 -1.54 -2.21 -68.46
N GLU SA 4 -2.51 -1.63 -67.77
CA GLU SA 4 -2.49 -0.20 -67.50
C GLU SA 4 -1.67 0.16 -66.27
N VAL SA 5 -1.27 -0.82 -65.46
CA VAL SA 5 -0.33 -0.55 -64.39
C VAL SA 5 1.09 -0.45 -64.95
N LEU SA 6 1.35 -1.15 -66.05
CA LEU SA 6 2.63 -1.23 -66.75
C LEU SA 6 3.26 0.12 -67.11
N PRO SA 7 2.50 1.21 -67.31
CA PRO SA 7 3.15 2.54 -67.27
C PRO SA 7 3.94 2.80 -66.00
N GLY SA 8 3.30 2.67 -64.83
CA GLY SA 8 4.01 2.90 -63.59
C GLY SA 8 5.11 1.89 -63.33
N ILE SA 9 4.90 0.63 -63.73
CA ILE SA 9 5.92 -0.39 -63.58
C ILE SA 9 7.14 -0.08 -64.45
N ALA SA 10 6.91 0.37 -65.69
CA ALA SA 10 8.02 0.77 -66.55
C ALA SA 10 8.72 2.03 -66.05
N VAL SA 11 7.97 2.95 -65.43
CA VAL SA 11 8.61 4.12 -64.83
C VAL SA 11 9.51 3.72 -63.67
N MET SA 12 9.04 2.78 -62.84
CA MET SA 12 9.92 2.22 -61.80
C MET SA 12 11.12 1.51 -62.40
N GLY SA 13 10.93 0.84 -63.54
CA GLY SA 13 12.02 0.16 -64.20
C GLY SA 13 13.12 1.11 -64.66
N VAL SA 14 12.73 2.22 -65.29
CA VAL SA 14 13.76 3.17 -65.71
C VAL SA 14 14.34 3.93 -64.51
N CYS SA 15 13.54 4.16 -63.47
CA CYS SA 15 14.05 4.86 -62.29
C CYS SA 15 15.05 4.00 -61.54
N LEU SA 16 14.94 2.68 -61.61
CA LEU SA 16 15.96 1.80 -61.06
C LEU SA 16 17.09 1.52 -62.04
N PHE SA 17 16.84 1.69 -63.35
CA PHE SA 17 17.90 1.65 -64.34
C PHE SA 17 18.86 2.82 -64.21
N ILE SA 18 18.36 3.99 -63.78
CA ILE SA 18 19.18 5.20 -63.76
C ILE SA 18 20.41 5.10 -62.85
N PRO SA 19 20.30 4.71 -61.56
CA PRO SA 19 21.48 4.87 -60.69
C PRO SA 19 22.62 3.92 -61.00
N GLY SA 20 22.33 2.67 -61.37
CA GLY SA 20 23.40 1.75 -61.68
C GLY SA 20 24.17 2.13 -62.93
N MET SA 21 23.45 2.54 -63.99
CA MET SA 21 24.10 3.02 -65.20
C MET SA 21 24.85 4.32 -64.94
N ALA SA 22 24.33 5.19 -64.06
CA ALA SA 22 25.03 6.42 -63.73
C ALA SA 22 26.34 6.14 -63.00
N THR SA 23 26.32 5.21 -62.05
CA THR SA 23 27.56 4.85 -61.35
C THR SA 23 28.55 4.20 -62.29
N ALA SA 24 28.07 3.35 -63.21
CA ALA SA 24 28.97 2.73 -64.18
C ALA SA 24 29.63 3.76 -65.08
N ARG SA 25 28.85 4.73 -65.58
CA ARG SA 25 29.42 5.75 -66.46
C ARG SA 25 30.36 6.68 -65.70
N ILE SA 26 30.01 7.05 -64.46
CA ILE SA 26 30.87 7.93 -63.67
C ILE SA 26 32.18 7.24 -63.31
N HIS SA 27 32.11 5.95 -62.94
CA HIS SA 27 33.33 5.19 -62.69
C HIS SA 27 34.17 5.04 -63.95
N ARG SA 28 33.53 4.86 -65.11
CA ARG SA 28 34.29 4.73 -66.35
C ARG SA 28 34.83 6.06 -66.86
N PHE SA 29 34.31 7.19 -66.39
CA PHE SA 29 34.84 8.48 -66.83
C PHE SA 29 35.97 8.96 -65.93
N SER SA 30 35.76 8.99 -64.63
CA SER SA 30 36.73 9.54 -63.69
C SER SA 30 37.90 8.61 -63.43
N ASN SA 31 38.06 7.54 -64.20
CA ASN SA 31 39.18 6.61 -64.06
C ASN SA 31 39.81 6.31 -65.41
N GLY SA 32 39.81 7.29 -66.31
CA GLY SA 32 40.53 7.18 -67.57
C GLY SA 32 40.02 6.15 -68.54
N GLY SA 33 38.72 5.91 -68.58
CA GLY SA 33 38.18 4.95 -69.52
C GLY SA 33 38.24 3.51 -69.08
N ARG SA 34 38.54 3.25 -67.81
CA ARG SA 34 38.62 1.88 -67.31
C ARG SA 34 37.78 1.75 -66.06
N GLU SA 35 37.68 0.52 -65.56
CA GLU SA 35 36.92 0.24 -64.35
C GLU SA 35 37.63 0.83 -63.14
N LYS SA 36 36.86 1.16 -62.11
CA LYS SA 36 37.45 1.67 -60.88
C LYS SA 36 38.20 0.55 -60.16
N ARG SA 37 39.37 0.86 -59.63
CA ARG SA 37 40.14 -0.12 -58.90
C ARG SA 37 39.47 -0.45 -57.58
N VAL SA 38 39.49 -1.73 -57.22
CA VAL SA 38 38.92 -2.21 -55.97
C VAL SA 38 40.08 -2.58 -55.06
N ALA SA 39 40.24 -1.82 -53.97
CA ALA SA 39 41.31 -2.03 -53.02
C ALA SA 39 40.70 -2.58 -51.74
N HIS SA 40 40.52 -3.90 -51.69
CA HIS SA 40 39.97 -4.54 -50.50
C HIS SA 40 41.01 -4.66 -49.40
N TYR SA 41 42.24 -5.01 -49.76
CA TYR SA 41 43.31 -5.20 -48.80
C TYR SA 41 44.47 -4.28 -49.15
N SER SA 42 45.39 -4.14 -48.17
CA SER SA 42 46.41 -3.10 -48.25
C SER SA 42 47.44 -3.34 -49.34
N TYR SA 43 47.58 -4.58 -49.81
CA TYR SA 43 48.48 -4.83 -50.94
C TYR SA 43 47.99 -4.14 -52.19
N GLN SA 44 46.69 -4.19 -52.45
CA GLN SA 44 46.12 -3.50 -53.60
C GLN SA 44 46.25 -1.99 -53.45
N TRP SA 45 46.12 -1.48 -52.23
CA TRP SA 45 46.30 -0.05 -52.00
C TRP SA 45 47.75 0.37 -52.26
N TYR SA 46 48.71 -0.46 -51.82
CA TYR SA 46 50.11 -0.14 -52.04
C TYR SA 46 50.41 -0.16 -53.53
N LEU SA 47 49.84 -1.12 -54.25
CA LEU SA 47 50.03 -1.16 -55.70
C LEU SA 47 49.40 0.04 -56.38
N MET SA 48 48.22 0.48 -55.90
CA MET SA 48 47.56 1.63 -56.49
C MET SA 48 48.37 2.91 -56.27
N GLU SA 49 48.93 3.09 -55.07
CA GLU SA 49 49.80 4.23 -54.85
C GLU SA 49 51.14 4.09 -55.55
N ARG SA 50 51.57 2.87 -55.83
CA ARG SA 50 52.75 2.67 -56.66
C ARG SA 50 52.51 3.18 -58.07
N ASP SA 51 51.35 2.86 -58.64
CA ASP SA 51 50.98 3.42 -59.95
C ASP SA 51 50.82 4.93 -59.88
N ARG SA 52 50.25 5.43 -58.79
CA ARG SA 52 50.11 6.87 -58.58
C ARG SA 52 51.47 7.56 -58.53
N ARG SA 53 52.50 6.87 -58.05
CA ARG SA 53 53.83 7.47 -58.00
C ARG SA 53 54.58 7.33 -59.31
N VAL SA 54 54.41 6.21 -60.03
CA VAL SA 54 55.20 6.05 -61.25
C VAL SA 54 54.60 6.89 -62.38
N SER SA 55 53.28 7.16 -62.30
CA SER SA 55 52.59 7.85 -63.39
C SER SA 55 53.14 9.25 -63.62
N GLY SA 56 53.52 9.95 -62.57
CA GLY SA 56 54.11 11.26 -62.70
C GLY SA 56 53.11 12.37 -62.92
N VAL SA 57 51.83 12.04 -63.01
CA VAL SA 57 50.77 13.02 -63.17
C VAL SA 57 49.97 13.18 -61.88
N ASN SA 58 50.33 12.41 -60.83
CA ASN SA 58 49.55 12.29 -59.59
C ASN SA 58 48.12 11.81 -59.89
N ARG SA 59 48.00 10.94 -60.90
CA ARG SA 59 46.72 10.39 -61.29
C ARG SA 59 46.98 8.96 -61.74
N TYR SA 60 46.52 7.98 -60.96
CA TYR SA 60 46.95 6.61 -61.12
C TYR SA 60 46.35 5.94 -62.36
N TYR SA 61 45.24 6.44 -62.88
CA TYR SA 61 44.66 5.82 -64.07
C TYR SA 61 45.43 6.13 -65.33
N VAL SA 62 46.29 7.15 -65.34
CA VAL SA 62 47.24 7.34 -66.43
C VAL SA 62 48.27 6.23 -66.28
N SER SA 63 48.21 5.24 -67.15
CA SER SA 63 48.98 4.02 -66.99
C SER SA 63 50.16 4.02 -67.93
N LYS SA 64 51.36 3.85 -67.38
CA LYS SA 64 52.59 3.81 -68.14
C LYS SA 64 52.93 2.37 -68.48
N GLY SA 65 53.08 2.09 -69.77
CA GLY SA 65 53.41 0.76 -70.23
C GLY SA 65 54.90 0.49 -70.15
N LEU SA 66 55.35 -0.46 -70.95
CA LEU SA 66 56.77 -0.78 -71.00
C LEU SA 66 57.55 0.15 -71.91
N GLU SA 67 56.88 1.07 -72.61
CA GLU SA 67 57.57 2.07 -73.39
C GLU SA 67 58.21 3.15 -72.53
N ASN SA 68 57.85 3.23 -71.25
CA ASN SA 68 58.49 4.20 -70.36
C ASN SA 68 59.96 3.85 -70.12
N ILE SA 69 60.27 2.57 -69.97
CA ILE SA 69 61.63 2.15 -69.68
C ILE SA 69 62.47 2.24 -70.94
N ASP SA 70 63.79 2.19 -70.77
CA ASP SA 70 64.71 2.27 -71.89
C ASP SA 70 64.81 0.93 -72.61
#